data_8RH5
#
_entry.id   8RH5
#
_cell.length_a   1.00
_cell.length_b   1.00
_cell.length_c   1.00
_cell.angle_alpha   90.00
_cell.angle_beta   90.00
_cell.angle_gamma   90.00
#
_symmetry.space_group_name_H-M   'P 1'
#
loop_
_entity.id
_entity.type
_entity.pdbx_description
1 polymer 'Oxiplasma meridianum archaellum'
2 branched alpha-D-mannopyranose-(1-6)-alpha-D-mannopyranose-(1-3)-[L-glycero-alpha-D-galacto-heptopyranose-(1-2)]6-deoxy-6-sulfo-beta-D-galacto-heptopyranose-(1-4)-beta-D-glucopyranose-(1-3)-beta-D-galactopyranose
3 branched L-glycero-alpha-D-galacto-heptopyranose-(1-2)-[alpha-D-mannopyranose-(1-3)]6-deoxy-6-sulfo-beta-D-galacto-heptopyranose-(1-4)-beta-D-glucopyranose-(1-3)-beta-D-galactopyranose
4 branched alpha-D-mannopyranose-(1-3)-6-deoxy-6-sulfo-beta-D-galacto-heptopyranose-(1-4)-beta-D-glucopyranose-(1-3)-beta-D-galactopyranose
5 non-polymer beta-D-galactopyranose
#
_entity_poly.entity_id   1
_entity_poly.type   'polypeptide(L)'
_entity_poly.pdbx_seq_one_letter_code
;ETGIGTLIIFIAMVLVAAVAATVLINTAGSLQQRATSTGSQTTNQVSTGLIVQSIYGMDNNRSNPESGSLNWTAIYVTLN
TGSSPVDLSNVSLSLEYQGQLASLKYTPATTNASFAVDTNGTSNVFSVLNAGVGYKNSTATFKNVELKNVTKSTNFAIVV
IRDPSNSLTSSHPVLTTGSEVVILVNTSAVFGGMKQGQAVTGQINPSVGSPGIIQFTTPSAFTETVMELQ
;
_entity_poly.pdbx_strand_id   Z,V,A,B,C,D,E,F,G,H,I,J,K,L,M,N,O,P,Q,R,S,T,U,W,X,Y,a,b,c,d,e,f,g
#
# COMPACT_ATOMS: atom_id res chain seq x y z
N GLU A 1 -14.42 14.84 -14.02
CA GLU A 1 -13.00 14.85 -14.49
C GLU A 1 -12.10 14.25 -13.41
N THR A 2 -12.34 12.96 -13.13
CA THR A 2 -11.70 12.24 -12.03
C THR A 2 -10.25 11.89 -12.39
N GLY A 3 -9.93 11.96 -13.68
CA GLY A 3 -8.61 11.59 -14.21
C GLY A 3 -7.51 12.56 -13.80
N ILE A 4 -7.88 13.84 -13.60
CA ILE A 4 -6.95 14.91 -13.29
C ILE A 4 -6.39 14.72 -11.89
N GLY A 5 -7.28 14.52 -10.91
CA GLY A 5 -6.93 14.37 -9.51
C GLY A 5 -6.16 13.09 -9.22
N THR A 6 -6.39 12.06 -10.05
CA THR A 6 -5.76 10.76 -9.94
C THR A 6 -4.26 10.87 -10.23
N LEU A 7 -3.92 11.67 -11.25
CA LEU A 7 -2.56 11.83 -11.75
C LEU A 7 -1.72 12.64 -10.77
N ILE A 8 -2.34 13.62 -10.11
CA ILE A 8 -1.68 14.53 -9.18
C ILE A 8 -1.23 13.76 -7.94
N ILE A 9 -2.13 12.91 -7.40
CA ILE A 9 -1.88 12.14 -6.20
C ILE A 9 -0.89 11.02 -6.50
N PHE A 10 -0.93 10.50 -7.74
CA PHE A 10 -0.04 9.43 -8.20
C PHE A 10 1.43 9.82 -8.05
N ILE A 11 1.75 11.08 -8.40
CA ILE A 11 3.10 11.62 -8.32
C ILE A 11 3.58 11.62 -6.88
N ALA A 12 2.69 11.99 -5.95
CA ALA A 12 2.98 12.07 -4.52
C ALA A 12 3.23 10.69 -3.93
N MET A 13 2.51 9.68 -4.43
CA MET A 13 2.58 8.30 -3.95
C MET A 13 3.95 7.70 -4.28
N VAL A 14 4.50 8.08 -5.44
CA VAL A 14 5.77 7.59 -5.96
C VAL A 14 6.91 8.16 -5.12
N LEU A 15 6.79 9.44 -4.75
CA LEU A 15 7.82 10.18 -4.03
C LEU A 15 7.95 9.69 -2.60
N VAL A 16 6.81 9.30 -1.99
CA VAL A 16 6.76 8.82 -0.61
C VAL A 16 7.42 7.44 -0.51
N ALA A 17 7.20 6.61 -1.54
CA ALA A 17 7.73 5.25 -1.61
C ALA A 17 9.26 5.26 -1.73
N ALA A 18 9.79 6.32 -2.36
CA ALA A 18 11.22 6.51 -2.56
C ALA A 18 11.91 6.85 -1.24
N VAL A 19 11.20 7.57 -0.37
CA VAL A 19 11.70 8.04 0.92
C VAL A 19 11.95 6.84 1.84
N ALA A 20 10.94 5.95 1.93
CA ALA A 20 10.98 4.77 2.79
C ALA A 20 12.03 3.77 2.32
N ALA A 21 12.28 3.78 1.00
CA ALA A 21 13.29 2.94 0.37
C ALA A 21 14.70 3.39 0.78
N THR A 22 14.88 4.71 0.86
CA THR A 22 16.16 5.34 1.13
C THR A 22 16.60 5.06 2.57
N VAL A 23 15.64 5.04 3.50
CA VAL A 23 15.87 4.84 4.92
C VAL A 23 16.47 3.45 5.15
N LEU A 24 15.90 2.44 4.48
CA LEU A 24 16.26 1.04 4.68
C LEU A 24 17.66 0.75 4.13
N ILE A 25 18.02 1.41 3.02
CA ILE A 25 19.30 1.21 2.36
C ILE A 25 20.41 1.86 3.19
N ASN A 26 20.15 3.08 3.69
CA ASN A 26 21.12 3.87 4.43
C ASN A 26 21.45 3.22 5.77
N THR A 27 20.44 2.61 6.40
CA THR A 27 20.58 1.97 7.71
C THR A 27 21.38 0.68 7.60
N ALA A 28 21.14 -0.07 6.51
CA ALA A 28 21.79 -1.36 6.26
C ALA A 28 23.27 -1.16 5.97
N GLY A 29 23.60 -0.05 5.29
CA GLY A 29 24.98 0.32 4.95
C GLY A 29 25.78 0.73 6.18
N SER A 30 25.10 1.36 7.14
CA SER A 30 25.71 1.83 8.38
C SER A 30 26.02 0.66 9.32
N LEU A 31 25.11 -0.33 9.33
CA LEU A 31 25.21 -1.50 10.20
C LEU A 31 26.23 -2.50 9.65
N GLN A 32 26.48 -2.42 8.34
CA GLN A 32 27.38 -3.33 7.63
C GLN A 32 28.81 -3.16 8.13
N GLN A 33 29.24 -1.90 8.28
CA GLN A 33 30.62 -1.54 8.58
C GLN A 33 30.94 -1.87 10.04
N ARG A 34 29.94 -1.72 10.92
CA ARG A 34 30.08 -1.98 12.34
C ARG A 34 30.21 -3.48 12.58
N ALA A 35 29.39 -4.28 11.89
CA ALA A 35 29.33 -5.72 12.07
C ALA A 35 30.59 -6.39 11.52
N THR A 36 31.16 -5.82 10.45
CA THR A 36 32.34 -6.35 9.79
C THR A 36 33.58 -6.10 10.66
N SER A 37 33.67 -4.88 11.22
CA SER A 37 34.82 -4.44 12.00
C SER A 37 34.88 -5.15 13.34
N THR A 38 33.71 -5.41 13.94
CA THR A 38 33.58 -6.03 15.25
C THR A 38 34.09 -7.48 15.19
N GLY A 39 33.75 -8.18 14.09
CA GLY A 39 34.15 -9.56 13.87
C GLY A 39 35.66 -9.74 13.77
N SER A 40 36.32 -8.81 13.05
CA SER A 40 37.75 -8.85 12.78
C SER A 40 38.54 -8.46 14.03
N GLN A 41 38.00 -7.52 14.81
CA GLN A 41 38.63 -7.02 16.02
C GLN A 41 38.61 -8.08 17.12
N THR A 42 37.52 -8.85 17.17
CA THR A 42 37.33 -9.91 18.16
C THR A 42 38.24 -11.09 17.85
N THR A 43 38.42 -11.38 16.56
CA THR A 43 39.27 -12.47 16.07
C THR A 43 40.72 -12.22 16.49
N ASN A 44 41.15 -10.95 16.41
CA ASN A 44 42.48 -10.53 16.81
C ASN A 44 42.62 -10.60 18.33
N GLN A 45 41.56 -10.23 19.05
CA GLN A 45 41.55 -10.10 20.50
C GLN A 45 41.74 -11.46 21.17
N VAL A 46 41.07 -12.49 20.62
CA VAL A 46 41.03 -13.83 21.19
C VAL A 46 42.38 -14.53 20.95
N SER A 47 42.94 -14.34 19.75
CA SER A 47 44.09 -15.11 19.28
C SER A 47 45.42 -14.56 19.81
N THR A 48 45.44 -13.28 20.19
CA THR A 48 46.66 -12.59 20.58
C THR A 48 46.91 -12.78 22.07
N GLY A 49 48.19 -12.94 22.43
CA GLY A 49 48.62 -13.08 23.83
C GLY A 49 50.15 -13.09 23.97
N LEU A 50 50.61 -12.90 25.21
CA LEU A 50 52.02 -12.92 25.57
C LEU A 50 52.26 -14.03 26.59
N ILE A 51 53.46 -14.64 26.53
CA ILE A 51 53.85 -15.72 27.42
C ILE A 51 55.24 -15.45 27.99
N VAL A 52 55.40 -15.77 29.28
CA VAL A 52 56.65 -15.63 30.01
C VAL A 52 57.38 -16.98 29.96
N GLN A 53 58.65 -16.93 29.54
CA GLN A 53 59.47 -18.12 29.38
C GLN A 53 60.15 -18.47 30.71
N SER A 54 61.04 -17.59 31.17
CA SER A 54 61.81 -17.78 32.39
C SER A 54 62.22 -16.43 32.99
N ILE A 55 62.43 -16.42 34.32
CA ILE A 55 62.81 -15.23 35.06
C ILE A 55 64.10 -15.51 35.84
N TYR A 56 65.06 -14.58 35.74
CA TYR A 56 66.34 -14.65 36.42
C TYR A 56 66.56 -13.39 37.25
N GLY A 57 67.34 -13.54 38.34
CA GLY A 57 67.68 -12.44 39.23
C GLY A 57 69.17 -12.45 39.60
N MET A 58 69.71 -11.26 39.87
CA MET A 58 71.11 -11.06 40.19
C MET A 58 71.25 -10.48 41.60
N ASP A 59 72.19 -11.04 42.37
CA ASP A 59 72.48 -10.61 43.74
C ASP A 59 73.45 -9.44 43.71
N ASN A 60 73.34 -8.55 44.71
CA ASN A 60 74.10 -7.32 44.76
C ASN A 60 75.46 -7.53 45.43
N ASN A 61 75.53 -8.52 46.32
CA ASN A 61 76.76 -8.83 47.05
C ASN A 61 77.49 -9.97 46.36
N ARG A 62 78.67 -9.65 45.81
CA ARG A 62 79.48 -10.58 45.03
C ARG A 62 80.34 -11.43 45.97
N SER A 63 80.89 -10.78 47.02
CA SER A 63 81.81 -11.40 47.96
C SER A 63 81.09 -12.47 48.80
N ASN A 64 79.91 -12.12 49.31
CA ASN A 64 79.10 -13.01 50.13
C ASN A 64 77.63 -12.87 49.72
N PRO A 65 77.09 -13.78 48.87
CA PRO A 65 75.72 -13.66 48.37
C PRO A 65 74.64 -14.04 49.37
N GLU A 66 75.06 -14.50 50.56
CA GLU A 66 74.17 -14.99 51.60
C GLU A 66 73.44 -13.83 52.26
N SER A 67 74.11 -12.67 52.36
CA SER A 67 73.59 -11.48 53.03
C SER A 67 73.26 -10.39 52.01
N GLY A 68 72.97 -10.82 50.76
CA GLY A 68 72.69 -9.91 49.67
C GLY A 68 71.21 -9.86 49.30
N SER A 69 70.88 -8.94 48.38
CA SER A 69 69.54 -8.77 47.85
C SER A 69 69.58 -8.61 46.33
N LEU A 70 68.44 -8.84 45.68
CA LEU A 70 68.32 -8.79 44.23
C LEU A 70 68.24 -7.34 43.77
N ASN A 71 69.18 -6.94 42.89
CA ASN A 71 69.27 -5.58 42.39
C ASN A 71 68.68 -5.48 40.98
N TRP A 72 68.78 -6.56 40.21
CA TRP A 72 68.28 -6.62 38.85
C TRP A 72 67.50 -7.91 38.61
N THR A 73 66.46 -7.82 37.76
CA THR A 73 65.61 -8.94 37.40
C THR A 73 65.39 -8.92 35.89
N ALA A 74 65.49 -10.10 35.27
CA ALA A 74 65.34 -10.26 33.82
C ALA A 74 64.20 -11.25 33.52
N ILE A 75 63.32 -10.85 32.59
CA ILE A 75 62.14 -11.62 32.22
C ILE A 75 62.15 -11.85 30.72
N TYR A 76 62.07 -13.13 30.32
CA TYR A 76 62.03 -13.55 28.93
C TYR A 76 60.57 -13.63 28.45
N VAL A 77 60.28 -12.95 27.34
CA VAL A 77 58.93 -12.79 26.83
C VAL A 77 58.90 -13.10 25.33
N THR A 78 57.91 -13.91 24.92
CA THR A 78 57.60 -14.20 23.52
C THR A 78 56.11 -14.03 23.28
N LEU A 79 55.72 -14.06 21.99
CA LEU A 79 54.31 -14.08 21.59
C LEU A 79 53.78 -15.50 21.66
N ASN A 80 52.45 -15.62 21.73
CA ASN A 80 51.73 -16.89 21.62
C ASN A 80 51.67 -17.29 20.15
N THR A 81 51.35 -18.57 19.91
CA THR A 81 51.31 -19.14 18.57
C THR A 81 50.10 -18.64 17.81
N GLY A 82 50.35 -18.08 16.62
CA GLY A 82 49.32 -17.54 15.74
C GLY A 82 48.72 -16.24 16.27
N SER A 83 49.59 -15.37 16.79
CA SER A 83 49.17 -14.11 17.39
C SER A 83 49.54 -12.94 16.49
N SER A 84 48.72 -11.87 16.58
CA SER A 84 48.95 -10.62 15.88
C SER A 84 50.08 -9.84 16.56
N PRO A 85 50.83 -8.97 15.84
CA PRO A 85 51.91 -8.19 16.43
C PRO A 85 51.48 -7.29 17.59
N VAL A 86 52.38 -7.16 18.58
CA VAL A 86 52.13 -6.39 19.79
C VAL A 86 53.20 -5.30 19.91
N ASP A 87 52.74 -4.05 20.07
CA ASP A 87 53.61 -2.92 20.34
C ASP A 87 53.87 -2.84 21.85
N LEU A 88 55.16 -2.83 22.21
CA LEU A 88 55.60 -2.92 23.59
C LEU A 88 55.51 -1.56 24.28
N SER A 89 55.29 -0.49 23.49
CA SER A 89 55.16 0.87 24.01
C SER A 89 53.78 1.08 24.65
N ASN A 90 52.80 0.26 24.24
CA ASN A 90 51.44 0.32 24.76
C ASN A 90 51.21 -0.81 25.78
N VAL A 91 52.31 -1.32 26.34
CA VAL A 91 52.28 -2.44 27.30
C VAL A 91 52.61 -1.90 28.68
N SER A 92 51.76 -2.28 29.66
CA SER A 92 51.95 -1.93 31.06
C SER A 92 52.27 -3.18 31.88
N LEU A 93 53.25 -3.04 32.78
CA LEU A 93 53.70 -4.14 33.64
C LEU A 93 53.36 -3.80 35.09
N SER A 94 52.65 -4.73 35.74
CA SER A 94 52.25 -4.62 37.13
C SER A 94 53.02 -5.64 37.97
N LEU A 95 53.40 -5.23 39.19
CA LEU A 95 54.11 -6.08 40.14
C LEU A 95 53.65 -5.74 41.56
N GLU A 96 53.59 -6.78 42.41
CA GLU A 96 53.22 -6.65 43.81
C GLU A 96 54.28 -7.32 44.68
N TYR A 97 54.80 -6.56 45.65
CA TYR A 97 55.82 -7.01 46.58
C TYR A 97 55.73 -6.22 47.88
N GLN A 98 55.46 -6.94 48.99
CA GLN A 98 55.50 -6.45 50.36
C GLN A 98 54.65 -5.19 50.52
N GLY A 99 53.42 -5.23 49.99
CA GLY A 99 52.46 -4.15 50.12
C GLY A 99 52.83 -2.93 49.28
N GLN A 100 53.47 -3.17 48.13
CA GLN A 100 53.81 -2.14 47.17
C GLN A 100 53.40 -2.62 45.77
N LEU A 101 52.47 -1.90 45.17
CA LEU A 101 51.91 -2.24 43.86
C LEU A 101 52.48 -1.29 42.80
N ALA A 102 53.41 -1.81 42.00
CA ALA A 102 54.12 -1.05 40.99
C ALA A 102 53.41 -1.13 39.65
N SER A 103 53.57 -0.08 38.84
CA SER A 103 53.07 -0.03 37.47
C SER A 103 54.13 0.64 36.58
N LEU A 104 54.79 -0.17 35.76
CA LEU A 104 55.95 0.27 34.97
C LEU A 104 55.57 0.41 33.50
N LYS A 105 56.25 1.34 32.82
CA LYS A 105 55.90 1.75 31.47
C LYS A 105 57.17 2.14 30.71
N TYR A 106 57.22 1.76 29.42
CA TYR A 106 58.33 2.08 28.52
C TYR A 106 57.98 3.34 27.72
N THR A 107 58.98 4.23 27.59
CA THR A 107 58.84 5.46 26.82
C THR A 107 59.73 5.37 25.58
N PRO A 108 59.17 5.44 24.36
CA PRO A 108 59.97 5.41 23.12
C PRO A 108 60.67 6.72 22.84
N ALA A 109 61.95 6.63 22.44
CA ALA A 109 62.80 7.77 22.13
C ALA A 109 63.87 7.37 21.11
N THR A 110 64.42 8.37 20.42
CA THR A 110 65.51 8.18 19.47
C THR A 110 66.83 8.04 20.21
N THR A 111 67.04 8.90 21.22
CA THR A 111 68.23 8.90 22.06
C THR A 111 67.82 8.87 23.52
N ASN A 112 68.72 8.30 24.36
CA ASN A 112 68.56 8.16 25.80
C ASN A 112 67.34 7.30 26.12
N ALA A 113 67.17 6.22 25.35
CA ALA A 113 66.08 5.28 25.53
C ALA A 113 66.64 3.97 26.09
N SER A 114 65.89 3.37 27.02
CA SER A 114 66.25 2.10 27.64
C SER A 114 66.01 0.95 26.66
N PHE A 115 66.95 0.80 25.71
CA PHE A 115 66.84 -0.14 24.61
C PHE A 115 68.24 -0.59 24.19
N ALA A 116 68.37 -1.89 23.90
CA ALA A 116 69.63 -2.48 23.48
C ALA A 116 69.36 -3.65 22.53
N VAL A 117 70.27 -3.83 21.55
CA VAL A 117 70.22 -4.92 20.60
C VAL A 117 71.39 -5.86 20.88
N ASP A 118 71.06 -7.15 21.05
CA ASP A 118 72.04 -8.19 21.38
C ASP A 118 71.63 -9.48 20.67
N THR A 119 71.66 -9.44 19.33
CA THR A 119 71.16 -10.51 18.49
C THR A 119 72.31 -11.36 17.94
N ASN A 120 73.54 -10.81 17.98
CA ASN A 120 74.72 -11.48 17.50
C ASN A 120 75.20 -12.52 18.52
N GLY A 121 74.72 -12.40 19.76
CA GLY A 121 75.10 -13.28 20.85
C GLY A 121 75.96 -12.55 21.89
N THR A 122 75.94 -13.07 23.12
CA THR A 122 76.65 -12.46 24.24
C THR A 122 77.19 -13.54 25.18
N SER A 123 78.30 -13.21 25.86
CA SER A 123 78.89 -14.05 26.89
C SER A 123 78.23 -13.77 28.24
N ASN A 124 77.63 -12.58 28.37
CA ASN A 124 76.89 -12.17 29.56
C ASN A 124 75.74 -11.26 29.16
N VAL A 125 74.54 -11.58 29.67
CA VAL A 125 73.33 -10.81 29.40
C VAL A 125 73.37 -9.52 30.23
N PHE A 126 73.86 -9.62 31.47
CA PHE A 126 73.87 -8.53 32.43
C PHE A 126 75.01 -7.54 32.14
N SER A 127 75.65 -7.68 30.97
CA SER A 127 76.73 -6.80 30.54
C SER A 127 76.19 -5.64 29.71
N VAL A 128 74.87 -5.67 29.42
CA VAL A 128 74.21 -4.67 28.59
C VAL A 128 73.90 -3.42 29.41
N LEU A 129 74.24 -3.45 30.71
CA LEU A 129 74.03 -2.34 31.62
C LEU A 129 75.05 -1.23 31.32
N ASN A 130 76.18 -1.62 30.72
CA ASN A 130 77.28 -0.71 30.42
C ASN A 130 77.21 -0.23 28.97
N ALA A 131 76.17 -0.67 28.24
CA ALA A 131 76.01 -0.36 26.83
C ALA A 131 75.56 1.08 26.64
N GLY A 132 76.09 1.72 25.59
CA GLY A 132 75.82 3.12 25.27
C GLY A 132 74.45 3.32 24.64
N VAL A 133 73.75 4.38 25.06
CA VAL A 133 72.42 4.70 24.58
C VAL A 133 72.38 6.12 24.03
N GLY A 134 73.23 7.00 24.57
CA GLY A 134 73.26 8.41 24.18
C GLY A 134 74.61 9.07 24.43
N TYR A 135 74.67 10.38 24.18
CA TYR A 135 75.88 11.18 24.31
C TYR A 135 75.71 12.18 25.46
N LYS A 136 76.79 12.36 26.23
CA LYS A 136 76.82 13.28 27.36
C LYS A 136 76.88 14.72 26.84
N ASN A 137 77.76 14.96 25.86
CA ASN A 137 77.93 16.24 25.21
C ASN A 137 77.87 16.07 23.70
N SER A 138 77.85 17.20 22.98
CA SER A 138 77.84 17.21 21.52
C SER A 138 79.23 16.92 20.96
N THR A 139 80.25 16.98 21.84
CA THR A 139 81.65 16.81 21.48
C THR A 139 82.06 15.34 21.62
N ALA A 140 81.14 14.50 22.12
CA ALA A 140 81.39 13.09 22.40
C ALA A 140 81.59 12.32 21.09
N THR A 141 82.60 11.45 21.10
CA THR A 141 82.99 10.65 19.94
C THR A 141 82.11 9.41 19.84
N PHE A 142 81.82 8.79 20.99
CA PHE A 142 81.02 7.58 21.07
C PHE A 142 79.90 7.74 22.09
N LYS A 143 78.94 6.81 22.08
CA LYS A 143 77.83 6.78 23.01
C LYS A 143 78.34 6.41 24.40
N ASN A 144 78.32 7.40 25.31
CA ASN A 144 78.99 7.31 26.59
C ASN A 144 78.00 7.38 27.74
N VAL A 145 76.70 7.52 27.41
CA VAL A 145 75.62 7.40 28.39
C VAL A 145 75.24 5.93 28.48
N GLU A 146 75.36 5.38 29.70
CA GLU A 146 75.13 3.95 29.94
C GLU A 146 73.65 3.68 30.18
N LEU A 147 73.28 2.40 30.10
CA LEU A 147 71.90 1.94 30.18
C LEU A 147 71.38 2.02 31.62
N LYS A 148 72.31 2.01 32.59
CA LYS A 148 72.00 2.09 34.02
C LYS A 148 71.41 3.44 34.36
N ASN A 149 71.87 4.48 33.65
CA ASN A 149 71.61 5.88 33.98
C ASN A 149 70.18 6.28 33.60
N VAL A 150 69.56 5.51 32.69
CA VAL A 150 68.25 5.85 32.15
C VAL A 150 67.17 4.92 32.71
N THR A 151 67.60 3.79 33.31
CA THR A 151 66.68 2.83 33.91
C THR A 151 66.53 3.14 35.40
N LYS A 152 65.32 3.60 35.77
CA LYS A 152 65.05 4.08 37.12
C LYS A 152 63.90 3.28 37.75
N SER A 153 63.02 3.97 38.48
CA SER A 153 62.04 3.34 39.35
C SER A 153 60.66 3.25 38.68
N THR A 154 60.51 3.89 37.52
CA THR A 154 59.21 4.03 36.86
C THR A 154 59.18 3.27 35.54
N ASN A 155 60.36 2.92 35.01
CA ASN A 155 60.48 2.38 33.67
C ASN A 155 61.24 1.06 33.67
N PHE A 156 61.17 0.33 32.54
CA PHE A 156 61.92 -0.88 32.30
C PHE A 156 62.68 -0.78 30.98
N ALA A 157 63.67 -1.67 30.79
CA ALA A 157 64.51 -1.72 29.60
C ALA A 157 64.16 -2.94 28.75
N ILE A 158 64.33 -2.79 27.43
CA ILE A 158 64.08 -3.85 26.47
C ILE A 158 65.40 -4.24 25.81
N VAL A 159 65.72 -5.54 25.87
CA VAL A 159 66.90 -6.11 25.23
C VAL A 159 66.44 -7.18 24.24
N VAL A 160 66.85 -7.00 22.97
CA VAL A 160 66.43 -7.86 21.87
C VAL A 160 67.36 -9.06 21.80
N ILE A 161 66.77 -10.25 21.68
CA ILE A 161 67.49 -11.51 21.57
C ILE A 161 67.38 -12.03 20.13
N ARG A 162 66.14 -12.10 19.62
CA ARG A 162 65.86 -12.54 18.26
C ARG A 162 64.89 -11.57 17.60
N ASP A 163 65.16 -11.24 16.33
CA ASP A 163 64.23 -10.54 15.46
C ASP A 163 64.50 -10.94 14.00
N PRO A 164 63.77 -11.94 13.45
CA PRO A 164 63.93 -12.35 12.05
C PRO A 164 63.36 -11.35 11.05
N SER A 165 62.41 -10.52 11.50
CA SER A 165 61.66 -9.62 10.64
C SER A 165 62.23 -8.19 10.70
N ASN A 166 63.08 -7.94 11.70
CA ASN A 166 63.70 -6.65 11.97
C ASN A 166 62.62 -5.61 12.30
N SER A 167 61.75 -5.96 13.25
CA SER A 167 60.56 -5.17 13.58
C SER A 167 60.78 -4.36 14.85
N LEU A 168 61.89 -4.62 15.55
CA LEU A 168 62.16 -4.02 16.85
C LEU A 168 63.18 -2.89 16.72
N THR A 169 62.74 -1.67 17.06
CA THR A 169 63.57 -0.50 17.16
C THR A 169 63.24 0.25 18.46
N SER A 170 64.05 1.25 18.80
CA SER A 170 63.90 2.05 20.01
C SER A 170 62.66 2.93 19.93
N SER A 171 62.34 3.40 18.71
CA SER A 171 61.19 4.25 18.46
C SER A 171 59.91 3.42 18.36
N HIS A 172 60.02 2.25 17.70
CA HIS A 172 58.88 1.36 17.50
C HIS A 172 59.27 -0.07 17.89
N PRO A 173 59.09 -0.47 19.18
CA PRO A 173 59.34 -1.84 19.61
C PRO A 173 58.15 -2.76 19.36
N VAL A 174 58.03 -3.25 18.13
CA VAL A 174 56.94 -4.11 17.71
C VAL A 174 57.43 -5.55 17.72
N LEU A 175 56.76 -6.38 18.54
CA LEU A 175 57.08 -7.79 18.69
C LEU A 175 56.26 -8.60 17.69
N THR A 176 56.98 -9.38 16.86
CA THR A 176 56.37 -10.16 15.79
C THR A 176 56.60 -11.66 16.03
N THR A 177 56.24 -12.47 15.03
CA THR A 177 56.32 -13.92 15.10
C THR A 177 57.78 -14.36 15.00
N GLY A 178 58.23 -15.11 16.03
CA GLY A 178 59.56 -15.68 16.07
C GLY A 178 60.57 -14.83 16.83
N SER A 179 60.11 -13.68 17.36
CA SER A 179 60.96 -12.73 18.05
C SER A 179 60.92 -12.98 19.57
N GLU A 180 62.01 -12.59 20.25
CA GLU A 180 62.19 -12.79 21.68
C GLU A 180 62.92 -11.59 22.28
N VAL A 181 62.42 -11.12 23.42
CA VAL A 181 62.99 -9.97 24.12
C VAL A 181 63.19 -10.30 25.60
N VAL A 182 64.10 -9.56 26.24
CA VAL A 182 64.32 -9.59 27.67
C VAL A 182 63.93 -8.24 28.27
N ILE A 183 63.08 -8.28 29.30
CA ILE A 183 62.68 -7.09 30.04
C ILE A 183 63.48 -7.02 31.34
N LEU A 184 64.23 -5.93 31.51
CA LEU A 184 65.06 -5.69 32.68
C LEU A 184 64.40 -4.65 33.58
N VAL A 185 64.31 -4.99 34.88
CA VAL A 185 63.72 -4.13 35.89
C VAL A 185 64.78 -3.83 36.95
N ASN A 186 64.97 -2.53 37.24
CA ASN A 186 65.85 -2.09 38.31
C ASN A 186 65.15 -2.31 39.65
N THR A 187 65.43 -3.46 40.26
CA THR A 187 64.75 -3.94 41.45
C THR A 187 65.17 -3.12 42.68
N SER A 188 66.41 -2.60 42.65
CA SER A 188 66.98 -1.82 43.72
C SER A 188 66.37 -0.41 43.77
N ALA A 189 65.75 0.01 42.64
CA ALA A 189 65.16 1.33 42.52
C ALA A 189 63.66 1.28 42.82
N VAL A 190 63.01 0.17 42.44
CA VAL A 190 61.57 0.02 42.54
C VAL A 190 61.19 -0.38 43.96
N PHE A 191 61.76 -1.50 44.44
CA PHE A 191 61.38 -2.10 45.71
C PHE A 191 62.46 -1.89 46.77
N GLY A 192 63.68 -1.56 46.31
CA GLY A 192 64.82 -1.38 47.20
C GLY A 192 65.47 -2.72 47.56
N GLY A 193 65.44 -3.67 46.63
CA GLY A 193 66.03 -4.98 46.78
C GLY A 193 65.03 -6.00 47.32
N MET A 194 64.85 -7.10 46.58
CA MET A 194 64.01 -8.21 46.99
C MET A 194 64.78 -9.11 47.94
N LYS A 195 64.06 -9.63 48.95
CA LYS A 195 64.65 -10.38 50.05
C LYS A 195 64.24 -11.85 49.98
N GLN A 196 64.80 -12.65 50.90
CA GLN A 196 64.65 -14.10 50.93
C GLN A 196 63.26 -14.48 51.41
N GLY A 197 62.66 -15.47 50.73
CA GLY A 197 61.40 -16.08 51.12
C GLY A 197 60.21 -15.11 51.04
N GLN A 198 60.11 -14.41 49.91
CA GLN A 198 59.06 -13.42 49.68
C GLN A 198 58.33 -13.75 48.38
N ALA A 199 57.01 -13.54 48.39
CA ALA A 199 56.13 -13.85 47.27
C ALA A 199 56.02 -12.63 46.34
N VAL A 200 56.16 -12.89 45.04
CA VAL A 200 56.06 -11.88 43.99
C VAL A 200 54.97 -12.33 43.00
N THR A 201 54.04 -11.41 42.73
CA THR A 201 52.92 -11.65 41.81
C THR A 201 52.73 -10.42 40.93
N GLY A 202 52.54 -10.65 39.62
CA GLY A 202 52.35 -9.58 38.66
C GLY A 202 51.82 -10.06 37.30
N GLN A 203 51.66 -9.10 36.38
CA GLN A 203 51.10 -9.34 35.06
C GLN A 203 51.77 -8.41 34.03
N ILE A 204 51.86 -8.90 32.79
CA ILE A 204 52.24 -8.09 31.63
C ILE A 204 50.99 -7.93 30.76
N ASN A 205 50.43 -6.71 30.76
CA ASN A 205 49.17 -6.43 30.11
C ASN A 205 49.40 -5.72 28.78
N PRO A 206 49.04 -6.35 27.63
CA PRO A 206 49.00 -5.65 26.34
C PRO A 206 47.71 -4.84 26.18
N SER A 207 47.67 -4.00 25.15
CA SER A 207 46.51 -3.20 24.81
C SER A 207 45.39 -4.09 24.29
N VAL A 208 45.75 -5.04 23.42
CA VAL A 208 44.83 -6.03 22.87
C VAL A 208 45.44 -7.41 23.08
N GLY A 209 44.67 -8.29 23.73
CA GLY A 209 45.05 -9.69 23.90
C GLY A 209 45.02 -10.15 25.36
N SER A 210 45.52 -11.37 25.59
CA SER A 210 45.56 -12.00 26.91
C SER A 210 46.89 -11.74 27.59
N PRO A 211 46.91 -11.45 28.91
CA PRO A 211 48.14 -11.10 29.62
C PRO A 211 49.05 -12.28 29.96
N GLY A 212 50.34 -11.99 30.16
CA GLY A 212 51.32 -12.93 30.66
C GLY A 212 51.42 -12.86 32.19
N ILE A 213 51.58 -14.03 32.82
CA ILE A 213 51.47 -14.16 34.27
C ILE A 213 52.86 -14.33 34.88
N ILE A 214 53.12 -13.55 35.94
CA ILE A 214 54.33 -13.65 36.74
C ILE A 214 53.92 -14.00 38.17
N GLN A 215 54.44 -15.15 38.66
CA GLN A 215 54.21 -15.60 40.03
C GLN A 215 55.34 -16.53 40.46
N PHE A 216 56.08 -16.11 41.49
CA PHE A 216 57.19 -16.88 42.07
C PHE A 216 57.43 -16.44 43.51
N THR A 217 58.07 -17.35 44.27
CA THR A 217 58.59 -17.06 45.61
C THR A 217 60.11 -17.09 45.54
N THR A 218 60.75 -16.06 46.11
CA THR A 218 62.19 -15.92 46.17
C THR A 218 62.78 -17.02 47.05
N PRO A 219 63.96 -17.61 46.69
CA PRO A 219 64.56 -18.70 47.47
C PRO A 219 64.83 -18.36 48.93
N SER A 220 64.87 -19.41 49.77
CA SER A 220 65.02 -19.29 51.21
C SER A 220 66.38 -18.73 51.58
N ALA A 221 67.41 -19.11 50.81
CA ALA A 221 68.76 -18.60 50.98
C ALA A 221 69.41 -18.40 49.61
N PHE A 222 69.95 -17.20 49.39
CA PHE A 222 70.69 -16.86 48.18
C PHE A 222 72.12 -17.37 48.32
N THR A 223 72.44 -18.40 47.52
CA THR A 223 73.71 -19.12 47.64
C THR A 223 74.65 -18.74 46.50
N GLU A 224 74.08 -18.26 45.38
CA GLU A 224 74.85 -17.91 44.19
C GLU A 224 74.45 -16.51 43.71
N THR A 225 75.26 -15.97 42.78
CA THR A 225 75.14 -14.61 42.28
C THR A 225 73.90 -14.47 41.40
N VAL A 226 73.76 -15.36 40.42
CA VAL A 226 72.63 -15.36 39.50
C VAL A 226 71.79 -16.62 39.75
N MET A 227 70.48 -16.40 39.95
CA MET A 227 69.54 -17.45 40.31
C MET A 227 68.34 -17.43 39.36
N GLU A 228 67.80 -18.62 39.09
CA GLU A 228 66.55 -18.80 38.37
C GLU A 228 65.39 -18.74 39.36
N LEU A 229 64.38 -17.93 39.03
CA LEU A 229 63.28 -17.65 39.93
C LEU A 229 62.02 -18.39 39.48
N GLN A 230 61.69 -18.27 38.19
CA GLN A 230 60.50 -18.90 37.60
C GLN A 230 60.93 -19.69 36.36
N GLU B 1 -30.74 24.73 -26.48
CA GLU B 1 -31.08 24.06 -25.19
C GLU B 1 -29.81 23.47 -24.57
N THR B 2 -29.93 23.03 -23.30
CA THR B 2 -28.84 22.51 -22.49
C THR B 2 -28.43 21.12 -23.00
N GLY B 3 -29.34 20.46 -23.72
CA GLY B 3 -29.16 19.10 -24.21
C GLY B 3 -27.99 18.95 -25.18
N ILE B 4 -27.77 19.98 -26.01
CA ILE B 4 -26.74 19.99 -27.04
C ILE B 4 -25.37 20.12 -26.37
N GLY B 5 -25.26 21.06 -25.42
CA GLY B 5 -24.02 21.37 -24.74
C GLY B 5 -23.53 20.25 -23.82
N THR B 6 -24.48 19.47 -23.28
CA THR B 6 -24.21 18.37 -22.37
C THR B 6 -23.49 17.24 -23.11
N LEU B 7 -23.92 16.98 -24.35
CA LEU B 7 -23.43 15.87 -25.16
C LEU B 7 -21.99 16.12 -25.61
N ILE B 8 -21.67 17.39 -25.90
CA ILE B 8 -20.36 17.80 -26.41
C ILE B 8 -19.29 17.58 -25.33
N ILE B 9 -19.61 18.00 -24.09
CA ILE B 9 -18.69 17.91 -22.96
C ILE B 9 -18.56 16.45 -22.53
N PHE B 10 -19.63 15.66 -22.71
CA PHE B 10 -19.67 14.25 -22.38
C PHE B 10 -18.59 13.47 -23.12
N ILE B 11 -18.42 13.77 -24.42
CA ILE B 11 -17.45 13.13 -25.29
C ILE B 11 -16.04 13.43 -24.78
N ALA B 12 -15.81 14.69 -24.35
CA ALA B 12 -14.53 15.16 -23.87
C ALA B 12 -14.16 14.50 -22.54
N MET B 13 -15.17 14.25 -21.69
CA MET B 13 -15.00 13.65 -20.37
C MET B 13 -14.53 12.21 -20.48
N VAL B 14 -15.04 11.50 -21.49
CA VAL B 14 -14.76 10.09 -21.74
C VAL B 14 -13.31 9.94 -22.21
N LEU B 15 -12.87 10.87 -23.08
CA LEU B 15 -11.55 10.85 -23.69
C LEU B 15 -10.46 11.15 -22.66
N VAL B 16 -10.77 12.02 -21.70
CA VAL B 16 -9.84 12.45 -20.66
C VAL B 16 -9.60 11.30 -19.68
N ALA B 17 -10.68 10.56 -19.37
CA ALA B 17 -10.64 9.45 -18.42
C ALA B 17 -9.84 8.27 -18.97
N ALA B 18 -9.79 8.15 -20.30
CA ALA B 18 -9.05 7.11 -21.00
C ALA B 18 -7.55 7.35 -20.90
N VAL B 19 -7.15 8.63 -20.87
CA VAL B 19 -5.76 9.05 -20.84
C VAL B 19 -5.12 8.64 -19.51
N ALA B 20 -5.83 8.93 -18.40
CA ALA B 20 -5.35 8.66 -17.06
C ALA B 20 -5.29 7.15 -16.79
N ALA B 21 -6.16 6.40 -17.47
CA ALA B 21 -6.21 4.95 -17.40
C ALA B 21 -4.96 4.34 -18.04
N THR B 22 -4.52 4.94 -19.15
CA THR B 22 -3.40 4.47 -19.95
C THR B 22 -2.09 4.62 -19.19
N VAL B 23 -1.97 5.71 -18.41
CA VAL B 23 -0.77 6.06 -17.65
C VAL B 23 -0.52 4.98 -16.60
N LEU B 24 -1.58 4.56 -15.89
CA LEU B 24 -1.51 3.64 -14.77
C LEU B 24 -1.12 2.24 -15.23
N ILE B 25 -1.60 1.84 -16.42
CA ILE B 25 -1.35 0.53 -17.00
C ILE B 25 0.09 0.44 -17.48
N ASN B 26 0.55 1.50 -18.17
CA ASN B 26 1.87 1.56 -18.79
C ASN B 26 2.97 1.57 -17.73
N THR B 27 2.72 2.26 -16.60
CA THR B 27 3.67 2.40 -15.51
C THR B 27 3.82 1.07 -14.77
N ALA B 28 2.69 0.37 -14.58
CA ALA B 28 2.66 -0.90 -13.87
C ALA B 28 3.36 -2.00 -14.66
N GLY B 29 3.25 -1.92 -16.00
CA GLY B 29 3.89 -2.85 -16.91
C GLY B 29 5.41 -2.69 -16.93
N SER B 30 5.88 -1.44 -16.77
CA SER B 30 7.29 -1.10 -16.77
C SER B 30 7.96 -1.55 -15.48
N LEU B 31 7.23 -1.41 -14.35
CA LEU B 31 7.73 -1.75 -13.03
C LEU B 31 7.67 -3.26 -12.79
N GLN B 32 6.87 -3.96 -13.60
CA GLN B 32 6.66 -5.40 -13.50
C GLN B 32 7.94 -6.15 -13.85
N GLN B 33 8.58 -5.73 -14.96
CA GLN B 33 9.72 -6.41 -15.54
C GLN B 33 10.97 -6.18 -14.69
N ARG B 34 11.07 -5.00 -14.08
CA ARG B 34 12.21 -4.61 -13.26
C ARG B 34 12.21 -5.41 -11.95
N ALA B 35 11.01 -5.53 -11.34
CA ALA B 35 10.84 -6.19 -10.05
C ALA B 35 11.06 -7.70 -10.16
N THR B 36 10.70 -8.27 -11.32
CA THR B 36 10.83 -9.69 -11.59
C THR B 36 12.29 -10.05 -11.79
N SER B 37 13.02 -9.20 -12.54
CA SER B 37 14.41 -9.43 -12.90
C SER B 37 15.32 -9.27 -11.69
N THR B 38 14.98 -8.33 -10.80
CA THR B 38 15.76 -8.02 -9.61
C THR B 38 15.74 -9.20 -8.64
N GLY B 39 14.56 -9.83 -8.50
CA GLY B 39 14.36 -10.97 -7.62
C GLY B 39 15.17 -12.20 -8.05
N SER B 40 15.20 -12.45 -9.36
CA SER B 40 15.85 -13.61 -9.95
C SER B 40 17.37 -13.47 -9.91
N GLN B 41 17.86 -12.23 -10.09
CA GLN B 41 19.29 -11.92 -10.14
C GLN B 41 19.90 -12.03 -8.74
N THR B 42 19.12 -11.64 -7.71
CA THR B 42 19.57 -11.64 -6.33
C THR B 42 19.66 -13.07 -5.80
N THR B 43 18.72 -13.92 -6.24
CA THR B 43 18.66 -15.32 -5.84
C THR B 43 19.90 -16.06 -6.33
N ASN B 44 20.35 -15.72 -7.55
CA ASN B 44 21.54 -16.29 -8.16
C ASN B 44 22.80 -15.73 -7.48
N GLN B 45 22.72 -14.48 -7.00
CA GLN B 45 23.85 -13.77 -6.43
C GLN B 45 24.25 -14.36 -5.09
N VAL B 46 23.27 -14.75 -4.28
CA VAL B 46 23.48 -15.22 -2.92
C VAL B 46 23.97 -16.67 -2.95
N SER B 47 23.37 -17.49 -3.82
CA SER B 47 23.56 -18.93 -3.84
C SER B 47 24.92 -19.31 -4.42
N THR B 48 25.39 -18.54 -5.41
CA THR B 48 26.60 -18.84 -6.16
C THR B 48 27.84 -18.46 -5.34
N GLY B 49 28.88 -19.29 -5.46
CA GLY B 49 30.16 -19.06 -4.79
C GLY B 49 31.21 -20.09 -5.19
N LEU B 50 32.49 -19.74 -4.96
CA LEU B 50 33.63 -20.60 -5.23
C LEU B 50 34.33 -20.93 -3.91
N ILE B 51 34.90 -22.14 -3.84
CA ILE B 51 35.61 -22.61 -2.65
C ILE B 51 36.95 -23.22 -3.05
N VAL B 52 37.97 -22.93 -2.23
CA VAL B 52 39.33 -23.43 -2.41
C VAL B 52 39.48 -24.70 -1.58
N GLN B 53 39.99 -25.75 -2.23
CA GLN B 53 40.15 -27.06 -1.61
C GLN B 53 41.52 -27.15 -0.93
N SER B 54 42.59 -27.13 -1.74
CA SER B 54 43.96 -27.26 -1.26
C SER B 54 44.92 -26.55 -2.20
N ILE B 55 46.05 -26.09 -1.64
CA ILE B 55 47.09 -25.39 -2.37
C ILE B 55 48.41 -26.15 -2.19
N TYR B 56 49.08 -26.42 -3.32
CA TYR B 56 50.36 -27.10 -3.36
C TYR B 56 51.41 -26.22 -4.06
N GLY B 57 52.67 -26.37 -3.63
CA GLY B 57 53.80 -25.65 -4.20
C GLY B 57 54.95 -26.58 -4.58
N MET B 58 55.80 -26.12 -5.50
CA MET B 58 56.93 -26.88 -6.01
C MET B 58 58.21 -26.07 -5.89
N ASP B 59 59.24 -26.68 -5.29
CA ASP B 59 60.55 -26.08 -5.10
C ASP B 59 61.34 -26.14 -6.42
N ASN B 60 62.24 -25.17 -6.62
CA ASN B 60 62.96 -25.01 -7.87
C ASN B 60 64.28 -25.78 -7.86
N ASN B 61 64.71 -26.21 -6.66
CA ASN B 61 65.95 -26.96 -6.49
C ASN B 61 65.61 -28.40 -6.09
N ARG B 62 66.14 -29.35 -6.87
CA ARG B 62 65.89 -30.77 -6.67
C ARG B 62 67.02 -31.39 -5.85
N SER B 63 68.26 -30.95 -6.12
CA SER B 63 69.46 -31.48 -5.50
C SER B 63 69.50 -31.14 -4.00
N ASN B 64 69.17 -29.88 -3.68
CA ASN B 64 69.11 -29.39 -2.31
C ASN B 64 67.91 -28.45 -2.17
N PRO B 65 66.74 -28.92 -1.68
CA PRO B 65 65.54 -28.11 -1.58
C PRO B 65 65.56 -27.06 -0.47
N GLU B 66 66.62 -27.08 0.34
CA GLU B 66 66.77 -26.22 1.51
C GLU B 66 67.05 -24.78 1.08
N SER B 67 67.83 -24.63 0.00
CA SER B 67 68.24 -23.33 -0.52
C SER B 67 67.44 -22.98 -1.78
N GLY B 68 66.22 -23.53 -1.88
CA GLY B 68 65.36 -23.34 -3.04
C GLY B 68 64.19 -22.39 -2.76
N SER B 69 63.45 -22.09 -3.82
CA SER B 69 62.26 -21.24 -3.78
C SER B 69 61.16 -21.87 -4.63
N LEU B 70 59.91 -21.42 -4.40
CA LEU B 70 58.74 -21.93 -5.10
C LEU B 70 58.64 -21.29 -6.48
N ASN B 71 58.58 -22.14 -7.51
CA ASN B 71 58.52 -21.68 -8.90
C ASN B 71 57.13 -21.86 -9.49
N TRP B 72 56.36 -22.82 -8.94
CA TRP B 72 55.01 -23.10 -9.39
C TRP B 72 54.08 -23.34 -8.19
N THR B 73 52.82 -22.91 -8.35
CA THR B 73 51.78 -23.05 -7.32
C THR B 73 50.50 -23.54 -7.98
N ALA B 74 49.84 -24.52 -7.33
CA ALA B 74 48.62 -25.13 -7.83
C ALA B 74 47.49 -24.99 -6.81
N ILE B 75 46.34 -24.51 -7.28
CA ILE B 75 45.18 -24.24 -6.43
C ILE B 75 43.99 -25.05 -6.96
N TYR B 76 43.40 -25.85 -6.07
CA TYR B 76 42.24 -26.68 -6.36
C TYR B 76 40.96 -25.89 -6.04
N VAL B 77 40.08 -25.77 -7.05
CA VAL B 77 38.89 -24.93 -6.97
C VAL B 77 37.66 -25.75 -7.39
N THR B 78 36.60 -25.66 -6.59
CA THR B 78 35.29 -26.23 -6.88
C THR B 78 34.20 -25.18 -6.65
N LEU B 79 32.99 -25.47 -7.14
CA LEU B 79 31.81 -24.66 -6.88
C LEU B 79 31.21 -25.03 -5.52
N ASN B 80 30.40 -24.12 -4.98
CA ASN B 80 29.64 -24.35 -3.75
C ASN B 80 28.39 -25.15 -4.09
N THR B 81 27.74 -25.69 -3.05
CA THR B 81 26.56 -26.54 -3.20
C THR B 81 25.35 -25.68 -3.56
N GLY B 82 24.68 -26.07 -4.65
CA GLY B 82 23.50 -25.40 -5.17
C GLY B 82 23.84 -24.03 -5.78
N SER B 83 24.86 -24.01 -6.64
CA SER B 83 25.37 -22.79 -7.25
C SER B 83 25.13 -22.79 -8.75
N SER B 84 24.91 -21.58 -9.29
CA SER B 84 24.78 -21.34 -10.72
C SER B 84 26.15 -21.44 -11.39
N PRO B 85 26.24 -21.82 -12.69
CA PRO B 85 27.53 -21.91 -13.39
C PRO B 85 28.33 -20.62 -13.42
N VAL B 86 29.66 -20.76 -13.36
CA VAL B 86 30.60 -19.65 -13.34
C VAL B 86 31.54 -19.78 -14.53
N ASP B 87 31.67 -18.68 -15.29
CA ASP B 87 32.62 -18.57 -16.38
C ASP B 87 33.95 -18.05 -15.82
N LEU B 88 35.03 -18.78 -16.12
CA LEU B 88 36.35 -18.53 -15.54
C LEU B 88 37.07 -17.41 -16.28
N SER B 89 36.53 -17.01 -17.44
CA SER B 89 37.11 -15.95 -18.26
C SER B 89 36.84 -14.58 -17.65
N ASN B 90 35.79 -14.47 -16.83
CA ASN B 90 35.40 -13.24 -16.18
C ASN B 90 35.84 -13.24 -14.71
N VAL B 91 36.73 -14.19 -14.36
CA VAL B 91 37.23 -14.38 -13.02
C VAL B 91 38.60 -13.69 -12.90
N SER B 92 38.77 -12.89 -11.85
CA SER B 92 40.02 -12.22 -11.54
C SER B 92 40.60 -12.78 -10.24
N LEU B 93 41.92 -12.99 -10.25
CA LEU B 93 42.65 -13.55 -9.12
C LEU B 93 43.61 -12.48 -8.55
N SER B 94 43.47 -12.23 -7.24
CA SER B 94 44.30 -11.28 -6.52
C SER B 94 45.26 -12.02 -5.59
N LEU B 95 46.49 -11.51 -5.49
CA LEU B 95 47.53 -12.06 -4.62
C LEU B 95 48.38 -10.92 -4.05
N GLU B 96 48.74 -11.05 -2.77
CA GLU B 96 49.56 -10.08 -2.07
C GLU B 96 50.77 -10.80 -1.44
N TYR B 97 51.97 -10.33 -1.80
CA TYR B 97 53.22 -10.90 -1.33
C TYR B 97 54.32 -9.83 -1.33
N GLN B 98 54.85 -9.56 -0.14
CA GLN B 98 56.02 -8.72 0.10
C GLN B 98 55.89 -7.36 -0.59
N GLY B 99 54.74 -6.70 -0.37
CA GLY B 99 54.48 -5.37 -0.89
C GLY B 99 54.29 -5.35 -2.41
N GLN B 100 53.60 -6.38 -2.92
CA GLN B 100 53.28 -6.49 -4.34
C GLN B 100 51.89 -7.10 -4.47
N LEU B 101 50.96 -6.32 -5.04
CA LEU B 101 49.58 -6.72 -5.22
C LEU B 101 49.34 -7.05 -6.69
N ALA B 102 49.14 -8.35 -6.97
CA ALA B 102 49.00 -8.87 -8.32
C ALA B 102 47.52 -9.02 -8.67
N SER B 103 47.21 -8.89 -9.97
CA SER B 103 45.88 -9.14 -10.51
C SER B 103 46.02 -9.95 -11.80
N LEU B 104 45.66 -11.24 -11.73
CA LEU B 104 45.87 -12.18 -12.81
C LEU B 104 44.54 -12.49 -13.51
N LYS B 105 44.62 -12.74 -14.82
CA LYS B 105 43.45 -12.88 -15.68
C LYS B 105 43.72 -13.91 -16.77
N TYR B 106 42.71 -14.75 -17.05
CA TYR B 106 42.78 -15.75 -18.11
C TYR B 106 42.20 -15.17 -19.40
N THR B 107 42.89 -15.44 -20.52
CA THR B 107 42.46 -15.00 -21.85
C THR B 107 42.04 -16.22 -22.66
N PRO B 108 40.77 -16.32 -23.10
CA PRO B 108 40.30 -17.44 -23.92
C PRO B 108 40.76 -17.34 -25.37
N ALA B 109 41.17 -18.48 -25.93
CA ALA B 109 41.66 -18.60 -27.30
C ALA B 109 41.43 -20.01 -27.82
N THR B 110 41.39 -20.15 -29.15
CA THR B 110 41.25 -21.43 -29.83
C THR B 110 42.59 -22.17 -29.80
N THR B 111 43.66 -21.44 -30.12
CA THR B 111 45.02 -21.96 -30.10
C THR B 111 45.90 -21.03 -29.27
N ASN B 112 46.98 -21.62 -28.70
CA ASN B 112 47.98 -20.94 -27.89
C ASN B 112 47.34 -20.40 -26.60
N ALA B 113 46.44 -21.20 -26.02
CA ALA B 113 45.77 -20.86 -24.77
C ALA B 113 46.29 -21.75 -23.65
N SER B 114 46.46 -21.15 -22.46
CA SER B 114 46.93 -21.86 -21.28
C SER B 114 45.80 -22.73 -20.71
N PHE B 115 45.62 -23.90 -21.34
CA PHE B 115 44.53 -24.81 -21.05
C PHE B 115 44.98 -26.24 -21.32
N ALA B 116 44.61 -27.16 -20.42
CA ALA B 116 44.94 -28.57 -20.52
C ALA B 116 43.81 -29.42 -19.95
N VAL B 117 43.57 -30.57 -20.60
CA VAL B 117 42.56 -31.53 -20.18
C VAL B 117 43.27 -32.75 -19.60
N ASP B 118 42.90 -33.11 -18.36
CA ASP B 118 43.49 -34.23 -17.64
C ASP B 118 42.41 -34.90 -16.79
N THR B 119 41.43 -35.50 -17.47
CA THR B 119 40.26 -36.10 -16.83
C THR B 119 40.42 -37.61 -16.70
N ASN B 120 41.37 -38.17 -17.47
CA ASN B 120 41.59 -39.61 -17.54
C ASN B 120 42.54 -40.06 -16.43
N GLY B 121 43.19 -39.09 -15.77
CA GLY B 121 44.11 -39.36 -14.68
C GLY B 121 45.57 -39.11 -15.09
N THR B 122 46.42 -38.84 -14.10
CA THR B 122 47.82 -38.54 -14.32
C THR B 122 48.67 -39.06 -13.15
N SER B 123 49.92 -39.41 -13.48
CA SER B 123 50.91 -39.85 -12.49
C SER B 123 51.59 -38.64 -11.86
N ASN B 124 51.60 -37.51 -12.59
CA ASN B 124 52.14 -36.26 -12.10
C ASN B 124 51.30 -35.10 -12.64
N VAL B 125 50.89 -34.21 -11.73
CA VAL B 125 50.08 -33.03 -12.07
C VAL B 125 50.98 -31.99 -12.71
N PHE B 126 52.22 -31.88 -12.21
CA PHE B 126 53.19 -30.87 -12.65
C PHE B 126 53.89 -31.30 -13.94
N SER B 127 53.32 -32.28 -14.64
CA SER B 127 53.86 -32.77 -15.90
C SER B 127 53.08 -32.21 -17.09
N VAL B 128 52.07 -31.38 -16.80
CA VAL B 128 51.21 -30.77 -17.81
C VAL B 128 51.85 -29.50 -18.37
N LEU B 129 53.05 -29.18 -17.87
CA LEU B 129 53.82 -28.03 -18.31
C LEU B 129 54.44 -28.29 -19.68
N ASN B 130 54.64 -29.58 -19.99
CA ASN B 130 55.27 -30.01 -21.23
C ASN B 130 54.21 -30.35 -22.29
N ALA B 131 52.93 -30.18 -21.92
CA ALA B 131 51.80 -30.51 -22.80
C ALA B 131 51.66 -29.45 -23.90
N GLY B 132 51.32 -29.94 -25.11
CA GLY B 132 51.17 -29.10 -26.29
C GLY B 132 49.86 -28.31 -26.27
N VAL B 133 49.95 -27.04 -26.68
CA VAL B 133 48.81 -26.14 -26.71
C VAL B 133 48.62 -25.58 -28.12
N GLY B 134 49.71 -25.48 -28.88
CA GLY B 134 49.69 -24.93 -30.23
C GLY B 134 50.86 -25.41 -31.08
N TYR B 135 50.99 -24.82 -32.28
CA TYR B 135 52.03 -25.16 -33.24
C TYR B 135 52.95 -23.95 -33.44
N LYS B 136 54.24 -24.24 -33.63
CA LYS B 136 55.26 -23.22 -33.90
C LYS B 136 54.98 -22.54 -35.22
N ASN B 137 54.80 -23.36 -36.27
CA ASN B 137 54.49 -22.92 -37.62
C ASN B 137 53.47 -23.88 -38.24
N SER B 138 53.35 -23.83 -39.58
CA SER B 138 52.38 -24.63 -40.31
C SER B 138 52.93 -26.03 -40.60
N THR B 139 54.25 -26.21 -40.43
CA THR B 139 54.94 -27.42 -40.83
C THR B 139 54.94 -28.45 -39.70
N ALA B 140 54.41 -28.07 -38.53
CA ALA B 140 54.36 -28.92 -37.36
C ALA B 140 53.31 -30.02 -37.54
N THR B 141 53.72 -31.26 -37.28
CA THR B 141 52.85 -32.43 -37.36
C THR B 141 52.04 -32.56 -36.08
N PHE B 142 52.69 -32.32 -34.94
CA PHE B 142 52.07 -32.39 -33.62
C PHE B 142 52.22 -31.04 -32.91
N LYS B 143 51.46 -30.86 -31.82
CA LYS B 143 51.49 -29.66 -31.01
C LYS B 143 52.81 -29.60 -30.25
N ASN B 144 53.63 -28.60 -30.56
CA ASN B 144 55.01 -28.52 -30.11
C ASN B 144 55.26 -27.25 -29.30
N VAL B 145 54.21 -26.44 -29.11
CA VAL B 145 54.26 -25.30 -28.21
C VAL B 145 53.78 -25.75 -26.83
N GLU B 146 54.68 -25.63 -25.84
CA GLU B 146 54.44 -26.12 -24.50
C GLU B 146 53.67 -25.09 -23.68
N LEU B 147 53.14 -25.54 -22.54
CA LEU B 147 52.29 -24.75 -21.66
C LEU B 147 53.12 -23.74 -20.87
N LYS B 148 54.43 -23.99 -20.75
CA LYS B 148 55.37 -23.13 -20.04
C LYS B 148 55.54 -21.81 -20.80
N ASN B 149 55.47 -21.88 -22.14
CA ASN B 149 55.86 -20.80 -23.03
C ASN B 149 54.77 -19.74 -23.12
N VAL B 150 53.58 -20.06 -22.63
CA VAL B 150 52.42 -19.16 -22.72
C VAL B 150 52.08 -18.60 -21.34
N THR B 151 52.38 -19.37 -20.28
CA THR B 151 52.08 -18.97 -18.90
C THR B 151 53.19 -18.05 -18.41
N LYS B 152 52.82 -16.79 -18.13
CA LYS B 152 53.77 -15.73 -17.79
C LYS B 152 53.40 -15.10 -16.45
N SER B 153 53.53 -13.77 -16.37
CA SER B 153 53.45 -13.03 -15.11
C SER B 153 52.11 -12.30 -14.96
N THR B 154 51.24 -12.43 -15.97
CA THR B 154 49.99 -11.70 -16.01
C THR B 154 48.80 -12.65 -16.06
N ASN B 155 49.04 -13.92 -16.40
CA ASN B 155 48.00 -14.89 -16.67
C ASN B 155 48.20 -16.15 -15.83
N PHE B 156 47.14 -16.96 -15.73
CA PHE B 156 47.17 -18.27 -15.10
C PHE B 156 46.64 -19.33 -16.06
N ALA B 157 46.99 -20.60 -15.79
CA ALA B 157 46.58 -21.73 -16.59
C ALA B 157 45.46 -22.50 -15.89
N ILE B 158 44.60 -23.15 -16.69
CA ILE B 158 43.50 -23.96 -16.20
C ILE B 158 43.74 -25.42 -16.62
N VAL B 159 43.76 -26.31 -15.63
CA VAL B 159 43.88 -27.74 -15.84
C VAL B 159 42.63 -28.43 -15.27
N VAL B 160 41.94 -29.18 -16.13
CA VAL B 160 40.68 -29.84 -15.78
C VAL B 160 40.99 -31.19 -15.14
N ILE B 161 40.34 -31.45 -14.01
CA ILE B 161 40.46 -32.71 -13.28
C ILE B 161 39.18 -33.52 -13.47
N ARG B 162 38.03 -32.89 -13.18
CA ARG B 162 36.73 -33.51 -13.36
C ARG B 162 35.85 -32.62 -14.21
N ASP B 163 35.13 -33.25 -15.16
CA ASP B 163 34.17 -32.57 -16.02
C ASP B 163 33.08 -33.57 -16.44
N PRO B 164 31.99 -33.71 -15.65
CA PRO B 164 30.95 -34.71 -15.94
C PRO B 164 30.07 -34.40 -17.14
N SER B 165 29.86 -33.11 -17.43
CA SER B 165 28.90 -32.67 -18.43
C SER B 165 29.57 -32.08 -19.66
N ASN B 166 30.92 -32.03 -19.64
CA ASN B 166 31.75 -31.52 -20.73
C ASN B 166 31.41 -30.06 -21.00
N SER B 167 31.67 -29.20 -20.01
CA SER B 167 31.31 -27.79 -20.06
C SER B 167 32.55 -26.90 -20.14
N LEU B 168 33.73 -27.51 -19.95
CA LEU B 168 34.99 -26.78 -19.92
C LEU B 168 35.73 -26.94 -21.24
N THR B 169 35.96 -25.81 -21.91
CA THR B 169 36.74 -25.73 -23.14
C THR B 169 37.72 -24.56 -23.03
N SER B 170 38.67 -24.49 -23.98
CA SER B 170 39.67 -23.43 -24.03
C SER B 170 39.04 -22.09 -24.40
N SER B 171 37.98 -22.14 -25.21
CA SER B 171 37.24 -20.96 -25.66
C SER B 171 36.22 -20.54 -24.61
N HIS B 172 35.53 -21.54 -24.01
CA HIS B 172 34.50 -21.31 -23.01
C HIS B 172 34.76 -22.18 -21.78
N PRO B 173 35.54 -21.69 -20.78
CA PRO B 173 35.75 -22.43 -19.53
C PRO B 173 34.66 -22.18 -18.50
N VAL B 174 33.55 -22.92 -18.64
CA VAL B 174 32.40 -22.79 -17.77
C VAL B 174 32.42 -23.92 -16.75
N LEU B 175 32.44 -23.55 -15.47
CA LEU B 175 32.47 -24.48 -14.35
C LEU B 175 31.05 -24.79 -13.91
N THR B 176 30.71 -26.08 -13.88
CA THR B 176 29.38 -26.56 -13.55
C THR B 176 29.42 -27.43 -12.29
N THR B 177 28.28 -28.05 -11.97
CA THR B 177 28.11 -28.88 -10.78
C THR B 177 28.85 -30.20 -10.96
N GLY B 178 29.79 -30.47 -10.05
CA GLY B 178 30.53 -31.73 -10.01
C GLY B 178 31.90 -31.64 -10.67
N SER B 179 32.24 -30.44 -11.18
CA SER B 179 33.49 -30.21 -11.89
C SER B 179 34.56 -29.67 -10.95
N GLU B 180 35.83 -29.91 -11.31
CA GLU B 180 36.99 -29.50 -10.52
C GLU B 180 38.12 -29.10 -11.46
N VAL B 181 38.77 -27.97 -11.14
CA VAL B 181 39.87 -27.43 -11.93
C VAL B 181 41.06 -27.12 -11.02
N VAL B 182 42.25 -27.08 -11.63
CA VAL B 182 43.49 -26.65 -10.98
C VAL B 182 43.99 -25.39 -11.69
N ILE B 183 44.23 -24.34 -10.89
CA ILE B 183 44.78 -23.09 -11.38
C ILE B 183 46.29 -23.07 -11.09
N LEU B 184 47.08 -22.96 -12.17
CA LEU B 184 48.53 -22.91 -12.08
C LEU B 184 49.02 -21.49 -12.25
N VAL B 185 49.89 -21.05 -11.32
CA VAL B 185 50.48 -19.72 -11.33
C VAL B 185 51.99 -19.87 -11.40
N ASN B 186 52.60 -19.20 -12.38
CA ASN B 186 54.06 -19.12 -12.52
C ASN B 186 54.58 -18.13 -11.48
N THR B 187 55.05 -18.68 -10.35
CA THR B 187 55.44 -17.93 -9.18
C THR B 187 56.78 -17.21 -9.42
N SER B 188 57.62 -17.80 -10.27
CA SER B 188 58.94 -17.26 -10.61
C SER B 188 58.81 -16.08 -11.57
N ALA B 189 57.63 -15.93 -12.19
CA ALA B 189 57.35 -14.85 -13.12
C ALA B 189 56.71 -13.66 -12.41
N VAL B 190 55.77 -13.95 -11.49
CA VAL B 190 54.97 -12.94 -10.84
C VAL B 190 55.78 -12.28 -9.73
N PHE B 191 56.29 -13.08 -8.79
CA PHE B 191 56.95 -12.58 -7.60
C PHE B 191 58.45 -12.80 -7.67
N GLY B 192 58.88 -13.75 -8.51
CA GLY B 192 60.29 -14.11 -8.66
C GLY B 192 60.73 -15.10 -7.58
N GLY B 193 59.83 -16.02 -7.21
CA GLY B 193 60.09 -17.05 -6.24
C GLY B 193 59.66 -16.63 -4.83
N MET B 194 58.83 -17.48 -4.20
CA MET B 194 58.39 -17.28 -2.82
C MET B 194 59.43 -17.87 -1.86
N LYS B 195 59.63 -17.19 -0.74
CA LYS B 195 60.69 -17.51 0.21
C LYS B 195 60.09 -18.04 1.51
N GLN B 196 60.97 -18.47 2.43
CA GLN B 196 60.60 -19.13 3.68
C GLN B 196 60.03 -18.12 4.67
N GLY B 197 58.94 -18.52 5.33
CA GLY B 197 58.32 -17.78 6.41
C GLY B 197 57.73 -16.46 5.97
N GLN B 198 56.94 -16.50 4.88
CA GLN B 198 56.31 -15.32 4.31
C GLN B 198 54.81 -15.55 4.21
N ALA B 199 54.03 -14.47 4.41
CA ALA B 199 52.57 -14.52 4.41
C ALA B 199 52.04 -14.22 3.01
N VAL B 200 51.07 -15.03 2.57
CA VAL B 200 50.41 -14.89 1.28
C VAL B 200 48.91 -14.77 1.53
N THR B 201 48.31 -13.69 0.98
CA THR B 201 46.90 -13.40 1.13
C THR B 201 46.33 -13.01 -0.23
N GLY B 202 45.15 -13.56 -0.57
CA GLY B 202 44.50 -13.29 -1.84
C GLY B 202 43.06 -13.79 -1.90
N GLN B 203 42.42 -13.53 -3.05
CA GLN B 203 41.02 -13.87 -3.31
C GLN B 203 40.83 -14.27 -4.77
N ILE B 204 39.84 -15.14 -5.01
CA ILE B 204 39.37 -15.48 -6.34
C ILE B 204 37.97 -14.88 -6.51
N ASN B 205 37.89 -13.80 -7.31
CA ASN B 205 36.67 -13.02 -7.44
C ASN B 205 35.94 -13.39 -8.72
N PRO B 206 34.71 -13.95 -8.63
CA PRO B 206 33.84 -14.10 -9.81
C PRO B 206 33.07 -12.80 -10.10
N SER B 207 32.41 -12.77 -11.25
CA SER B 207 31.58 -11.64 -11.66
C SER B 207 30.31 -11.59 -10.82
N VAL B 208 29.68 -12.76 -10.62
CA VAL B 208 28.50 -12.93 -9.78
C VAL B 208 28.78 -14.05 -8.79
N GLY B 209 28.66 -13.73 -7.49
CA GLY B 209 28.78 -14.71 -6.42
C GLY B 209 29.73 -14.26 -5.32
N SER B 210 30.04 -15.19 -4.41
CA SER B 210 30.91 -14.96 -3.26
C SER B 210 32.31 -15.49 -3.54
N PRO B 211 33.38 -14.76 -3.15
CA PRO B 211 34.76 -15.14 -3.48
C PRO B 211 35.34 -16.28 -2.63
N GLY B 212 36.35 -16.95 -3.18
CA GLY B 212 37.15 -17.94 -2.47
C GLY B 212 38.40 -17.32 -1.86
N ILE B 213 38.73 -17.73 -0.63
CA ILE B 213 39.75 -17.07 0.17
C ILE B 213 41.04 -17.90 0.14
N ILE B 214 42.16 -17.20 -0.09
CA ILE B 214 43.50 -17.76 -0.04
C ILE B 214 44.27 -17.05 1.06
N GLN B 215 44.72 -17.82 2.06
CA GLN B 215 45.52 -17.31 3.17
C GLN B 215 46.37 -18.44 3.75
N PHE B 216 47.69 -18.31 3.61
CA PHE B 216 48.66 -19.27 4.13
C PHE B 216 50.00 -18.58 4.40
N THR B 217 50.79 -19.19 5.29
CA THR B 217 52.17 -18.82 5.53
C THR B 217 53.07 -19.94 5.04
N THR B 218 54.11 -19.58 4.27
CA THR B 218 55.08 -20.52 3.71
C THR B 218 55.89 -21.13 4.85
N PRO B 219 56.23 -22.44 4.76
CA PRO B 219 57.00 -23.13 5.81
C PRO B 219 58.36 -22.47 6.12
N SER B 220 58.84 -22.69 7.35
CA SER B 220 60.06 -22.10 7.86
C SER B 220 61.29 -22.63 7.12
N ALA B 221 61.23 -23.91 6.71
CA ALA B 221 62.27 -24.54 5.92
C ALA B 221 61.64 -25.52 4.93
N PHE B 222 62.04 -25.37 3.65
CA PHE B 222 61.61 -26.28 2.59
C PHE B 222 62.50 -27.52 2.63
N THR B 223 61.87 -28.68 2.87
CA THR B 223 62.58 -29.93 3.10
C THR B 223 62.33 -30.92 1.96
N GLU B 224 61.19 -30.78 1.28
CA GLU B 224 60.81 -31.64 0.17
C GLU B 224 60.47 -30.80 -1.06
N THR B 225 60.37 -31.48 -2.21
CA THR B 225 60.19 -30.85 -3.51
C THR B 225 58.77 -30.29 -3.65
N VAL B 226 57.77 -31.14 -3.39
CA VAL B 226 56.37 -30.74 -3.43
C VAL B 226 55.83 -30.70 -2.00
N MET B 227 55.24 -29.54 -1.65
CA MET B 227 54.76 -29.27 -0.30
C MET B 227 53.30 -28.83 -0.35
N GLU B 228 52.56 -29.16 0.72
CA GLU B 228 51.20 -28.69 0.93
C GLU B 228 51.25 -27.39 1.74
N LEU B 229 50.57 -26.36 1.23
CA LEU B 229 50.61 -25.02 1.82
C LEU B 229 49.33 -24.75 2.60
N GLN B 230 48.19 -25.05 1.98
CA GLN B 230 46.88 -24.84 2.59
C GLN B 230 46.04 -26.12 2.45
N GLU C 1 -112.68 93.51 -77.45
CA GLU C 1 -111.52 94.09 -76.73
C GLU C 1 -110.57 92.97 -76.30
N THR C 2 -109.36 93.36 -75.84
CA THR C 2 -108.28 92.47 -75.46
C THR C 2 -108.61 91.75 -74.15
N GLY C 3 -109.55 92.32 -73.37
CA GLY C 3 -109.94 91.82 -72.07
C GLY C 3 -110.55 90.42 -72.11
N ILE C 4 -111.31 90.14 -73.17
CA ILE C 4 -112.02 88.88 -73.35
C ILE C 4 -111.01 87.77 -73.66
N GLY C 5 -110.09 88.06 -74.59
CA GLY C 5 -109.10 87.11 -75.06
C GLY C 5 -108.07 86.73 -74.01
N THR C 6 -107.79 87.67 -73.10
CA THR C 6 -106.81 87.50 -72.03
C THR C 6 -107.30 86.47 -71.02
N LEU C 7 -108.61 86.50 -70.73
CA LEU C 7 -109.23 85.65 -69.71
C LEU C 7 -109.28 84.19 -70.17
N ILE C 8 -109.49 83.99 -71.48
CA ILE C 8 -109.64 82.66 -72.08
C ILE C 8 -108.32 81.91 -72.00
N ILE C 9 -107.22 82.60 -72.35
CA ILE C 9 -105.88 82.03 -72.38
C ILE C 9 -105.38 81.80 -70.94
N PHE C 10 -105.84 82.66 -70.02
CA PHE C 10 -105.50 82.59 -68.60
C PHE C 10 -105.90 81.25 -67.99
N ILE C 11 -107.12 80.78 -68.34
CA ILE C 11 -107.68 79.53 -67.86
C ILE C 11 -106.81 78.36 -68.36
N ALA C 12 -106.36 78.45 -69.61
CA ALA C 12 -105.56 77.43 -70.26
C ALA C 12 -104.16 77.35 -69.64
N MET C 13 -103.63 78.50 -69.23
CA MET C 13 -102.29 78.61 -68.64
C MET C 13 -102.24 77.92 -67.28
N VAL C 14 -103.34 78.03 -66.53
CA VAL C 14 -103.46 77.50 -65.18
C VAL C 14 -103.52 75.97 -65.25
N LEU C 15 -104.26 75.45 -66.25
CA LEU C 15 -104.49 74.03 -66.42
C LEU C 15 -103.21 73.30 -66.86
N VAL C 16 -102.39 73.99 -67.67
CA VAL C 16 -101.14 73.44 -68.19
C VAL C 16 -100.11 73.32 -67.08
N ALA C 17 -100.08 74.32 -66.18
CA ALA C 17 -99.13 74.39 -65.07
C ALA C 17 -99.42 73.31 -64.04
N ALA C 18 -100.69 72.88 -63.95
CA ALA C 18 -101.14 71.85 -63.04
C ALA C 18 -100.64 70.47 -63.48
N VAL C 19 -100.53 70.28 -64.81
CA VAL C 19 -100.14 69.03 -65.43
C VAL C 19 -98.67 68.73 -65.08
N ALA C 20 -97.80 69.73 -65.25
CA ALA C 20 -96.37 69.62 -65.03
C ALA C 20 -96.06 69.41 -63.54
N ALA C 21 -96.94 69.94 -62.68
CA ALA C 21 -96.85 69.80 -61.24
C ALA C 21 -97.12 68.36 -60.83
N THR C 22 -98.07 67.72 -61.51
CA THR C 22 -98.54 66.37 -61.22
C THR C 22 -97.45 65.34 -61.55
N VAL C 23 -96.70 65.60 -62.63
CA VAL C 23 -95.64 64.72 -63.12
C VAL C 23 -94.54 64.61 -62.07
N LEU C 24 -94.15 65.75 -61.49
CA LEU C 24 -93.02 65.85 -60.58
C LEU C 24 -93.34 65.15 -59.25
N ILE C 25 -94.60 65.24 -58.82
CA ILE C 25 -95.04 64.66 -57.55
C ILE C 25 -95.13 63.14 -57.68
N ASN C 26 -95.68 62.66 -58.81
CA ASN C 26 -95.92 61.25 -59.07
C ASN C 26 -94.60 60.49 -59.22
N THR C 27 -93.61 61.14 -59.84
CA THR C 27 -92.31 60.55 -60.11
C THR C 27 -91.52 60.41 -58.80
N ALA C 28 -91.62 61.43 -57.94
CA ALA C 28 -90.91 61.49 -56.67
C ALA C 28 -91.47 60.45 -55.70
N GLY C 29 -92.78 60.19 -55.78
CA GLY C 29 -93.47 59.21 -54.97
C GLY C 29 -93.09 57.78 -55.34
N SER C 30 -92.83 57.56 -56.64
CA SER C 30 -92.46 56.26 -57.19
C SER C 30 -91.02 55.92 -56.81
N LEU C 31 -90.14 56.93 -56.82
CA LEU C 31 -88.72 56.76 -56.53
C LEU C 31 -88.48 56.66 -55.03
N GLN C 32 -89.46 57.12 -54.23
CA GLN C 32 -89.38 57.14 -52.78
C GLN C 32 -89.37 55.71 -52.24
N GLN C 33 -90.26 54.86 -52.76
CA GLN C 33 -90.49 53.52 -52.25
C GLN C 33 -89.35 52.59 -52.64
N ARG C 34 -88.76 52.83 -53.82
CA ARG C 34 -87.66 52.03 -54.36
C ARG C 34 -86.39 52.28 -53.54
N ALA C 35 -86.12 53.56 -53.23
CA ALA C 35 -84.91 53.97 -52.54
C ALA C 35 -84.93 53.52 -51.09
N THR C 36 -86.13 53.47 -50.48
CA THR C 36 -86.33 53.08 -49.09
C THR C 36 -86.11 51.57 -48.94
N SER C 37 -86.65 50.80 -49.91
CA SER C 37 -86.62 49.35 -49.89
C SER C 37 -85.21 48.82 -50.16
N THR C 38 -84.47 49.53 -51.02
CA THR C 38 -83.11 49.15 -51.43
C THR C 38 -82.16 49.26 -50.24
N GLY C 39 -82.34 50.32 -49.44
CA GLY C 39 -81.52 50.59 -48.27
C GLY C 39 -81.68 49.55 -47.18
N SER C 40 -82.93 49.11 -46.96
CA SER C 40 -83.29 48.17 -45.91
C SER C 40 -82.84 46.76 -46.27
N GLN C 41 -82.92 46.42 -47.56
CA GLN C 41 -82.58 45.10 -48.07
C GLN C 41 -81.08 44.87 -48.04
N THR C 42 -80.30 45.94 -48.29
CA THR C 42 -78.85 45.90 -48.34
C THR C 42 -78.28 45.75 -46.93
N THR C 43 -78.94 46.40 -45.96
CA THR C 43 -78.54 46.37 -44.55
C THR C 43 -78.67 44.94 -44.00
N ASN C 44 -79.72 44.25 -44.43
CA ASN C 44 -79.97 42.86 -44.05
C ASN C 44 -78.99 41.93 -44.77
N GLN C 45 -78.57 42.30 -45.98
CA GLN C 45 -77.74 41.49 -46.85
C GLN C 45 -76.33 41.38 -46.28
N VAL C 46 -75.81 42.49 -45.75
CA VAL C 46 -74.43 42.59 -45.29
C VAL C 46 -74.29 41.90 -43.93
N SER C 47 -75.27 42.13 -43.05
CA SER C 47 -75.20 41.72 -41.65
C SER C 47 -75.40 40.22 -41.48
N THR C 48 -76.23 39.62 -42.33
CA THR C 48 -76.63 38.21 -42.21
C THR C 48 -75.51 37.32 -42.75
N GLY C 49 -75.31 36.18 -42.08
CA GLY C 49 -74.34 35.17 -42.49
C GLY C 49 -74.41 33.91 -41.61
N LEU C 50 -73.86 32.82 -42.14
CA LEU C 50 -73.78 31.54 -41.45
C LEU C 50 -72.32 31.17 -41.21
N ILE C 51 -72.06 30.48 -40.09
CA ILE C 51 -70.72 30.06 -39.71
C ILE C 51 -70.73 28.58 -39.32
N VAL C 52 -69.67 27.88 -39.74
CA VAL C 52 -69.46 26.47 -39.44
C VAL C 52 -68.59 26.36 -38.19
N GLN C 53 -69.05 25.55 -37.22
CA GLN C 53 -68.39 25.38 -35.94
C GLN C 53 -67.36 24.26 -36.04
N SER C 54 -67.85 23.02 -36.23
CA SER C 54 -67.02 21.82 -36.28
C SER C 54 -67.68 20.75 -37.14
N ILE C 55 -66.84 19.91 -37.75
CA ILE C 55 -67.28 18.81 -38.60
C ILE C 55 -66.74 17.50 -38.05
N TYR C 56 -67.64 16.51 -37.89
CA TYR C 56 -67.31 15.18 -37.40
C TYR C 56 -67.71 14.13 -38.43
N GLY C 57 -66.96 13.01 -38.45
CA GLY C 57 -67.22 11.89 -39.34
C GLY C 57 -67.24 10.56 -38.59
N MET C 58 -67.91 9.57 -39.19
CA MET C 58 -68.08 8.24 -38.60
C MET C 58 -67.64 7.18 -39.59
N ASP C 59 -66.77 6.27 -39.12
CA ASP C 59 -66.25 5.16 -39.91
C ASP C 59 -67.30 4.04 -39.97
N ASN C 60 -67.27 3.27 -41.06
CA ASN C 60 -68.29 2.26 -41.35
C ASN C 60 -67.90 0.90 -40.78
N ASN C 61 -66.62 0.76 -40.39
CA ASN C 61 -66.11 -0.49 -39.83
C ASN C 61 -65.79 -0.25 -38.35
N ARG C 62 -66.36 -1.11 -37.49
CA ARG C 62 -66.21 -1.02 -36.05
C ARG C 62 -65.10 -1.96 -35.59
N SER C 63 -65.04 -3.15 -36.20
CA SER C 63 -64.10 -4.21 -35.84
C SER C 63 -62.67 -3.79 -36.16
N ASN C 64 -62.46 -3.20 -37.35
CA ASN C 64 -61.17 -2.71 -37.80
C ASN C 64 -61.38 -1.40 -38.56
N PRO C 65 -61.21 -0.22 -37.91
CA PRO C 65 -61.47 1.08 -38.56
C PRO C 65 -60.41 1.51 -39.57
N GLU C 66 -59.34 0.70 -39.69
CA GLU C 66 -58.20 1.01 -40.54
C GLU C 66 -58.57 0.83 -42.01
N SER C 67 -59.41 -0.17 -42.29
CA SER C 67 -59.83 -0.52 -43.64
C SER C 67 -61.26 -0.05 -43.90
N GLY C 68 -61.67 0.99 -43.19
CA GLY C 68 -63.02 1.52 -43.27
C GLY C 68 -63.09 2.84 -44.03
N SER C 69 -64.33 3.32 -44.24
CA SER C 69 -64.62 4.58 -44.91
C SER C 69 -65.73 5.32 -44.15
N LEU C 70 -65.85 6.62 -44.41
CA LEU C 70 -66.83 7.47 -43.74
C LEU C 70 -68.19 7.29 -44.39
N ASN C 71 -69.19 6.95 -43.56
CA ASN C 71 -70.55 6.68 -44.03
C ASN C 71 -71.50 7.82 -43.65
N TRP C 72 -71.15 8.57 -42.59
CA TRP C 72 -71.94 9.70 -42.14
C TRP C 72 -71.04 10.87 -41.74
N THR C 73 -71.54 12.09 -41.99
CA THR C 73 -70.83 13.33 -41.69
C THR C 73 -71.80 14.32 -41.02
N ALA C 74 -71.33 14.97 -39.95
CA ALA C 74 -72.13 15.91 -39.17
C ALA C 74 -71.45 17.28 -39.14
N ILE C 75 -72.23 18.32 -39.46
CA ILE C 75 -71.74 19.70 -39.55
C ILE C 75 -72.54 20.57 -38.58
N TYR C 76 -71.83 21.26 -37.68
CA TYR C 76 -72.41 22.16 -36.70
C TYR C 76 -72.47 23.58 -37.29
N VAL C 77 -73.67 24.16 -37.29
CA VAL C 77 -73.94 25.44 -37.96
C VAL C 77 -74.67 26.37 -36.98
N THR C 78 -74.17 27.62 -36.90
CA THR C 78 -74.80 28.70 -36.15
C THR C 78 -74.90 29.95 -37.04
N LEU C 79 -75.69 30.93 -36.59
CA LEU C 79 -75.77 32.24 -37.22
C LEU C 79 -74.62 33.12 -36.74
N ASN C 80 -74.33 34.17 -37.52
CA ASN C 80 -73.36 35.19 -37.17
C ASN C 80 -74.00 36.18 -36.19
N THR C 81 -73.17 37.00 -35.54
CA THR C 81 -73.61 37.96 -34.54
C THR C 81 -74.31 39.14 -35.22
N GLY C 82 -75.53 39.43 -34.75
CA GLY C 82 -76.36 40.50 -35.27
C GLY C 82 -76.88 40.20 -36.67
N SER C 83 -77.45 39.01 -36.85
CA SER C 83 -77.91 38.53 -38.15
C SER C 83 -79.43 38.37 -38.14
N SER C 84 -80.03 38.59 -39.31
CA SER C 84 -81.45 38.36 -39.55
C SER C 84 -81.72 36.86 -39.67
N PRO C 85 -82.93 36.36 -39.33
CA PRO C 85 -83.27 34.94 -39.43
C PRO C 85 -83.10 34.35 -40.83
N VAL C 86 -82.68 33.08 -40.88
CA VAL C 86 -82.43 32.35 -42.11
C VAL C 86 -83.32 31.12 -42.14
N ASP C 87 -84.04 30.95 -43.26
CA ASP C 87 -84.83 29.76 -43.53
C ASP C 87 -83.95 28.72 -44.22
N LEU C 88 -83.92 27.51 -43.66
CA LEU C 88 -83.01 26.45 -44.09
C LEU C 88 -83.56 25.71 -45.30
N SER C 89 -84.83 25.97 -45.65
CA SER C 89 -85.49 25.35 -46.79
C SER C 89 -85.00 25.96 -48.11
N ASN C 90 -84.50 27.21 -48.03
CA ASN C 90 -84.00 27.94 -49.19
C ASN C 90 -82.48 27.90 -49.22
N VAL C 91 -81.89 27.02 -48.41
CA VAL C 91 -80.44 26.88 -48.28
C VAL C 91 -79.98 25.70 -49.14
N SER C 92 -78.94 25.95 -49.94
CA SER C 92 -78.31 24.93 -50.79
C SER C 92 -76.89 24.65 -50.29
N LEU C 93 -76.54 23.36 -50.27
CA LEU C 93 -75.24 22.89 -49.81
C LEU C 93 -74.47 22.29 -50.98
N SER C 94 -73.24 22.81 -51.20
CA SER C 94 -72.35 22.35 -52.25
C SER C 94 -71.18 21.58 -51.63
N LEU C 95 -70.75 20.51 -52.31
CA LEU C 95 -69.63 19.68 -51.90
C LEU C 95 -68.88 19.20 -53.13
N GLU C 96 -67.54 19.18 -53.03
CA GLU C 96 -66.66 18.72 -54.11
C GLU C 96 -65.72 17.64 -53.56
N TYR C 97 -65.75 16.47 -54.19
CA TYR C 97 -64.95 15.32 -53.80
C TYR C 97 -64.68 14.43 -55.02
N GLN C 98 -63.39 14.28 -55.35
CA GLN C 98 -62.86 13.36 -56.34
C GLN C 98 -63.59 13.49 -57.67
N GLY C 99 -63.71 14.73 -58.17
CA GLY C 99 -64.31 15.04 -59.45
C GLY C 99 -65.82 14.80 -59.47
N GLN C 100 -66.48 15.17 -58.37
CA GLN C 100 -67.93 15.08 -58.22
C GLN C 100 -68.41 16.28 -57.43
N LEU C 101 -69.23 17.12 -58.09
CA LEU C 101 -69.77 18.33 -57.48
C LEU C 101 -71.24 18.11 -57.15
N ALA C 102 -71.53 18.03 -55.84
CA ALA C 102 -72.86 17.74 -55.33
C ALA C 102 -73.59 19.02 -54.97
N SER C 103 -74.93 18.98 -55.08
CA SER C 103 -75.80 20.07 -54.64
C SER C 103 -76.99 19.48 -53.89
N LEU C 104 -77.00 19.66 -52.57
CA LEU C 104 -77.96 19.03 -51.68
C LEU C 104 -78.98 20.06 -51.20
N LYS C 105 -80.21 19.60 -50.98
CA LYS C 105 -81.35 20.46 -50.70
C LYS C 105 -82.31 19.75 -49.73
N TYR C 106 -82.83 20.51 -48.76
CA TYR C 106 -83.82 20.02 -47.80
C TYR C 106 -85.22 20.31 -48.32
N THR C 107 -86.10 19.31 -48.16
CA THR C 107 -87.51 19.42 -48.56
C THR C 107 -88.38 19.42 -47.30
N PRO C 108 -89.15 20.51 -47.04
CA PRO C 108 -90.03 20.56 -45.87
C PRO C 108 -91.32 19.74 -46.07
N ALA C 109 -91.71 19.04 -45.00
CA ALA C 109 -92.89 18.19 -44.98
C ALA C 109 -93.43 18.07 -43.55
N THR C 110 -94.72 17.73 -43.44
CA THR C 110 -95.37 17.50 -42.16
C THR C 110 -94.97 16.12 -41.62
N THR C 111 -95.00 15.11 -42.50
CA THR C 111 -94.61 13.75 -42.19
C THR C 111 -93.58 13.27 -43.21
N ASN C 112 -92.74 12.31 -42.78
CA ASN C 112 -91.70 11.69 -43.59
C ASN C 112 -90.63 12.72 -44.00
N ALA C 113 -90.31 13.62 -43.06
CA ALA C 113 -89.31 14.65 -43.28
C ALA C 113 -88.06 14.33 -42.46
N SER C 114 -86.88 14.57 -43.06
CA SER C 114 -85.61 14.34 -42.40
C SER C 114 -85.34 15.44 -41.37
N PHE C 115 -85.97 15.28 -40.20
CA PHE C 115 -85.96 16.27 -39.13
C PHE C 115 -86.07 15.55 -37.78
N ALA C 116 -85.27 16.02 -36.81
CA ALA C 116 -85.26 15.47 -35.46
C ALA C 116 -84.99 16.59 -34.45
N VAL C 117 -85.65 16.48 -33.29
CA VAL C 117 -85.50 17.42 -32.19
C VAL C 117 -84.73 16.72 -31.07
N ASP C 118 -83.63 17.36 -30.64
CA ASP C 118 -82.75 16.84 -29.60
C ASP C 118 -82.21 18.00 -28.77
N THR C 119 -83.12 18.66 -28.04
CA THR C 119 -82.81 19.87 -27.28
C THR C 119 -82.59 19.53 -25.80
N ASN C 120 -83.07 18.34 -25.39
CA ASN C 120 -83.05 17.91 -24.01
C ASN C 120 -81.71 17.24 -23.68
N GLY C 121 -80.92 16.94 -24.72
CA GLY C 121 -79.62 16.31 -24.57
C GLY C 121 -79.64 14.85 -25.03
N THR C 122 -78.45 14.35 -25.40
CA THR C 122 -78.29 13.00 -25.91
C THR C 122 -76.93 12.43 -25.49
N SER C 123 -76.89 11.10 -25.33
CA SER C 123 -75.67 10.37 -25.01
C SER C 123 -74.89 10.06 -26.31
N ASN C 124 -75.62 10.02 -27.42
CA ASN C 124 -75.04 9.82 -28.75
C ASN C 124 -75.82 10.62 -29.78
N VAL C 125 -75.07 11.40 -30.58
CA VAL C 125 -75.64 12.24 -31.64
C VAL C 125 -76.03 11.36 -32.82
N PHE C 126 -75.21 10.32 -33.10
CA PHE C 126 -75.40 9.44 -34.24
C PHE C 126 -76.44 8.36 -33.94
N SER C 127 -77.26 8.58 -32.89
CA SER C 127 -78.31 7.65 -32.50
C SER C 127 -79.68 8.15 -32.97
N VAL C 128 -79.69 9.31 -33.65
CA VAL C 128 -80.91 9.94 -34.13
C VAL C 128 -81.30 9.35 -35.50
N LEU C 129 -80.50 8.39 -35.98
CA LEU C 129 -80.73 7.71 -37.24
C LEU C 129 -81.88 6.71 -37.09
N ASN C 130 -82.11 6.25 -35.85
CA ASN C 130 -83.11 5.25 -35.53
C ASN C 130 -84.41 5.92 -35.07
N ALA C 131 -84.41 7.27 -35.04
CA ALA C 131 -85.55 8.05 -34.57
C ALA C 131 -86.67 8.04 -35.61
N GLY C 132 -87.92 7.97 -35.11
CA GLY C 132 -89.11 7.91 -35.93
C GLY C 132 -89.47 9.27 -36.52
N VAL C 133 -89.86 9.26 -37.81
CA VAL C 133 -90.23 10.47 -38.53
C VAL C 133 -91.64 10.35 -39.09
N GLY C 134 -92.08 9.11 -39.36
CA GLY C 134 -93.40 8.84 -39.92
C GLY C 134 -93.89 7.43 -39.63
N TYR C 135 -95.02 7.07 -40.25
CA TYR C 135 -95.65 5.78 -40.08
C TYR C 135 -95.63 5.02 -41.41
N LYS C 136 -95.46 3.69 -41.31
CA LYS C 136 -95.46 2.80 -42.46
C LYS C 136 -96.83 2.81 -43.12
N ASN C 137 -97.86 2.59 -42.30
CA ASN C 137 -99.25 2.57 -42.72
C ASN C 137 -100.11 3.22 -41.64
N SER C 138 -101.42 2.98 -41.69
CA SER C 138 -102.38 3.59 -40.77
C SER C 138 -102.48 2.80 -39.46
N THR C 139 -101.96 1.57 -39.47
CA THR C 139 -102.13 0.62 -38.38
C THR C 139 -101.01 0.77 -37.35
N ALA C 140 -100.04 1.66 -37.63
CA ALA C 140 -98.91 1.90 -36.75
C ALA C 140 -99.34 2.70 -35.53
N THR C 141 -98.94 2.20 -34.35
CA THR C 141 -99.24 2.83 -33.07
C THR C 141 -98.22 3.94 -32.80
N PHE C 142 -96.94 3.66 -33.11
CA PHE C 142 -95.85 4.60 -32.94
C PHE C 142 -95.15 4.84 -34.28
N LYS C 143 -94.32 5.89 -34.33
CA LYS C 143 -93.55 6.25 -35.51
C LYS C 143 -92.47 5.21 -35.73
N ASN C 144 -92.58 4.49 -36.86
CA ASN C 144 -91.76 3.30 -37.12
C ASN C 144 -90.94 3.47 -38.40
N VAL C 145 -91.06 4.64 -39.04
CA VAL C 145 -90.21 4.99 -40.17
C VAL C 145 -89.00 5.75 -39.63
N GLU C 146 -87.82 5.19 -39.86
CA GLU C 146 -86.57 5.71 -39.32
C GLU C 146 -86.01 6.81 -40.22
N LEU C 147 -85.04 7.56 -39.67
CA LEU C 147 -84.44 8.72 -40.31
C LEU C 147 -83.49 8.29 -41.43
N LYS C 148 -83.01 7.04 -41.36
CA LYS C 148 -82.11 6.46 -42.34
C LYS C 148 -82.81 6.28 -43.68
N ASN C 149 -84.11 5.97 -43.63
CA ASN C 149 -84.88 5.51 -44.76
C ASN C 149 -85.30 6.67 -45.66
N VAL C 150 -85.15 7.91 -45.15
CA VAL C 150 -85.56 9.10 -45.89
C VAL C 150 -84.34 9.90 -46.36
N THR C 151 -83.22 9.78 -45.63
CA THR C 151 -81.98 10.48 -45.96
C THR C 151 -81.23 9.70 -47.03
N LYS C 152 -81.08 10.31 -48.21
CA LYS C 152 -80.53 9.65 -49.38
C LYS C 152 -79.35 10.45 -49.94
N SER C 153 -79.27 10.54 -51.27
CA SER C 153 -78.10 11.06 -51.97
C SER C 153 -78.33 12.48 -52.50
N THR C 154 -79.54 13.02 -52.26
CA THR C 154 -79.94 14.31 -52.80
C THR C 154 -80.28 15.29 -51.69
N ASN C 155 -80.51 14.77 -50.48
CA ASN C 155 -81.02 15.57 -49.37
C ASN C 155 -80.15 15.42 -48.14
N PHE C 156 -80.32 16.35 -47.19
CA PHE C 156 -79.67 16.30 -45.88
C PHE C 156 -80.72 16.39 -44.77
N ALA C 157 -80.33 15.95 -43.57
CA ALA C 157 -81.18 15.96 -42.39
C ALA C 157 -80.80 17.10 -41.46
N ILE C 158 -81.79 17.61 -40.71
CA ILE C 158 -81.60 18.68 -39.74
C ILE C 158 -81.90 18.13 -38.35
N VAL C 159 -80.92 18.26 -37.44
CA VAL C 159 -81.07 17.88 -36.04
C VAL C 159 -80.83 19.12 -35.18
N VAL C 160 -81.83 19.44 -34.35
CA VAL C 160 -81.82 20.63 -33.52
C VAL C 160 -81.09 20.33 -32.21
N ILE C 161 -80.17 21.22 -31.83
CA ILE C 161 -79.41 21.12 -30.60
C ILE C 161 -79.92 22.16 -29.61
N ARG C 162 -79.97 23.43 -30.06
CA ARG C 162 -80.47 24.54 -29.27
C ARG C 162 -81.57 25.27 -30.05
N ASP C 163 -82.65 25.62 -29.34
CA ASP C 163 -83.76 26.39 -29.88
C ASP C 163 -84.43 27.15 -28.75
N PRO C 164 -83.98 28.40 -28.44
CA PRO C 164 -84.50 29.16 -27.30
C PRO C 164 -85.91 29.73 -27.50
N SER C 165 -86.26 30.02 -28.76
CA SER C 165 -87.49 30.74 -29.08
C SER C 165 -88.51 29.84 -29.78
N ASN C 166 -88.13 28.58 -30.02
CA ASN C 166 -88.96 27.56 -30.66
C ASN C 166 -89.35 28.02 -32.06
N SER C 167 -88.34 28.16 -32.93
CA SER C 167 -88.52 28.70 -34.28
C SER C 167 -88.29 27.62 -35.33
N LEU C 168 -87.77 26.46 -34.90
CA LEU C 168 -87.41 25.38 -35.80
C LEU C 168 -88.48 24.28 -35.77
N THR C 169 -89.09 24.05 -36.93
CA THR C 169 -90.07 22.98 -37.15
C THR C 169 -89.72 22.25 -38.45
N SER C 170 -90.38 21.10 -38.67
CA SER C 170 -90.17 20.28 -39.85
C SER C 170 -90.73 20.97 -41.10
N SER C 171 -91.81 21.76 -40.91
CA SER C 171 -92.45 22.50 -41.98
C SER C 171 -91.73 23.83 -42.23
N HIS C 172 -91.32 24.50 -41.14
CA HIS C 172 -90.65 25.78 -41.19
C HIS C 172 -89.37 25.74 -40.35
N PRO C 173 -88.20 25.35 -40.92
CA PRO C 173 -86.94 25.37 -40.20
C PRO C 173 -86.24 26.73 -40.28
N VAL C 174 -86.66 27.64 -39.39
CA VAL C 174 -86.13 29.00 -39.33
C VAL C 174 -85.13 29.09 -38.20
N LEU C 175 -83.90 29.47 -38.55
CA LEU C 175 -82.79 29.60 -37.61
C LEU C 175 -82.74 31.04 -37.10
N THR C 176 -82.77 31.19 -35.77
CA THR C 176 -82.81 32.48 -35.10
C THR C 176 -81.56 32.65 -34.22
N THR C 177 -81.55 33.73 -33.44
CA THR C 177 -80.43 34.10 -32.58
C THR C 177 -80.38 33.15 -31.38
N GLY C 178 -79.23 32.48 -31.22
CA GLY C 178 -78.97 31.60 -30.09
C GLY C 178 -79.24 30.13 -30.39
N SER C 179 -79.66 29.83 -31.62
CA SER C 179 -80.02 28.48 -32.04
C SER C 179 -78.83 27.80 -32.72
N GLU C 180 -78.83 26.46 -32.68
CA GLU C 180 -77.77 25.62 -33.22
C GLU C 180 -78.37 24.35 -33.80
N VAL C 181 -77.92 23.99 -35.02
CA VAL C 181 -78.39 22.79 -35.72
C VAL C 181 -77.20 21.95 -36.17
N VAL C 182 -77.46 20.66 -36.40
CA VAL C 182 -76.51 19.73 -36.99
C VAL C 182 -77.09 19.24 -38.32
N ILE C 183 -76.28 19.38 -39.38
CA ILE C 183 -76.63 18.90 -40.71
C ILE C 183 -75.94 17.55 -40.93
N LEU C 184 -76.76 16.51 -41.18
CA LEU C 184 -76.28 15.16 -41.43
C LEU C 184 -76.35 14.85 -42.92
N VAL C 185 -75.24 14.34 -43.46
CA VAL C 185 -75.11 13.96 -44.85
C VAL C 185 -74.76 12.48 -44.92
N ASN C 186 -75.56 11.73 -45.70
CA ASN C 186 -75.30 10.33 -45.99
C ASN C 186 -74.18 10.25 -47.01
N THR C 187 -72.96 10.03 -46.52
CA THR C 187 -71.74 10.07 -47.31
C THR C 187 -71.63 8.85 -48.21
N SER C 188 -72.20 7.72 -47.76
CA SER C 188 -72.18 6.46 -48.48
C SER C 188 -73.16 6.48 -49.66
N ALA C 189 -74.09 7.46 -49.66
CA ALA C 189 -75.08 7.62 -50.70
C ALA C 189 -74.60 8.60 -51.76
N VAL C 190 -73.97 9.70 -51.33
CA VAL C 190 -73.58 10.80 -52.20
C VAL C 190 -72.31 10.42 -52.95
N PHE C 191 -71.24 10.07 -52.21
CA PHE C 191 -69.93 9.84 -52.79
C PHE C 191 -69.58 8.35 -52.79
N GLY C 192 -70.26 7.58 -51.91
CA GLY C 192 -70.01 6.16 -51.76
C GLY C 192 -68.83 5.88 -50.83
N GLY C 193 -68.70 6.71 -49.79
CA GLY C 193 -67.66 6.58 -48.78
C GLY C 193 -66.44 7.43 -49.11
N MET C 194 -66.04 8.27 -48.15
CA MET C 194 -64.84 9.08 -48.26
C MET C 194 -63.62 8.27 -47.80
N LYS C 195 -62.50 8.48 -48.49
CA LYS C 195 -61.29 7.69 -48.30
C LYS C 195 -60.19 8.54 -47.67
N GLN C 196 -59.06 7.89 -47.37
CA GLN C 196 -57.95 8.48 -46.64
C GLN C 196 -57.16 9.44 -47.53
N GLY C 197 -56.81 10.60 -46.96
CA GLY C 197 -55.96 11.59 -47.58
C GLY C 197 -56.58 12.22 -48.83
N GLN C 198 -57.83 12.67 -48.69
CA GLN C 198 -58.58 13.28 -49.77
C GLN C 198 -59.08 14.65 -49.33
N ALA C 199 -59.12 15.61 -50.28
CA ALA C 199 -59.51 16.98 -50.03
C ALA C 199 -61.02 17.15 -50.28
N VAL C 200 -61.68 17.83 -49.34
CA VAL C 200 -63.10 18.14 -49.41
C VAL C 200 -63.27 19.65 -49.30
N THR C 201 -63.98 20.22 -50.29
CA THR C 201 -64.23 21.66 -50.38
C THR C 201 -65.70 21.88 -50.71
N GLY C 202 -66.34 22.83 -50.00
CA GLY C 202 -67.74 23.15 -50.19
C GLY C 202 -68.19 24.43 -49.50
N GLN C 203 -69.47 24.77 -49.69
CA GLN C 203 -70.08 25.98 -49.15
C GLN C 203 -71.53 25.70 -48.76
N ILE C 204 -72.00 26.46 -47.75
CA ILE C 204 -73.41 26.50 -47.38
C ILE C 204 -73.96 27.86 -47.77
N ASN C 205 -74.78 27.88 -48.83
CA ASN C 205 -75.25 29.12 -49.44
C ASN C 205 -76.68 29.41 -49.00
N PRO C 206 -76.91 30.53 -48.26
CA PRO C 206 -78.27 31.02 -48.01
C PRO C 206 -78.79 31.86 -49.18
N SER C 207 -80.08 32.18 -49.14
CA SER C 207 -80.72 33.02 -50.15
C SER C 207 -80.25 34.47 -50.00
N VAL C 208 -80.22 34.95 -48.74
CA VAL C 208 -79.73 36.27 -48.39
C VAL C 208 -78.67 36.11 -47.31
N GLY C 209 -77.46 36.64 -47.58
CA GLY C 209 -76.38 36.67 -46.62
C GLY C 209 -75.06 36.12 -47.18
N SER C 210 -74.08 35.95 -46.28
CA SER C 210 -72.75 35.47 -46.63
C SER C 210 -72.63 33.98 -46.30
N PRO C 211 -71.98 33.16 -47.18
CA PRO C 211 -71.92 31.71 -46.98
C PRO C 211 -70.92 31.23 -45.94
N GLY C 212 -71.15 30.02 -45.43
CA GLY C 212 -70.23 29.31 -44.55
C GLY C 212 -69.32 28.37 -45.34
N ILE C 213 -68.04 28.33 -44.96
CA ILE C 213 -67.00 27.68 -45.74
C ILE C 213 -66.67 26.32 -45.11
N ILE C 214 -66.61 25.29 -45.96
CA ILE C 214 -66.18 23.95 -45.59
C ILE C 214 -64.92 23.61 -46.40
N GLN C 215 -63.82 23.35 -45.67
CA GLN C 215 -62.55 22.96 -46.28
C GLN C 215 -61.73 22.15 -45.27
N PHE C 216 -61.52 20.86 -45.59
CA PHE C 216 -60.74 19.95 -44.78
C PHE C 216 -60.14 18.84 -45.64
N THR C 217 -59.04 18.25 -45.14
CA THR C 217 -58.44 17.06 -45.70
C THR C 217 -58.65 15.90 -44.72
N THR C 218 -59.13 14.76 -45.25
CA THR C 218 -59.38 13.56 -44.47
C THR C 218 -58.06 13.00 -43.95
N PRO C 219 -58.00 12.47 -42.70
CA PRO C 219 -56.77 11.92 -42.13
C PRO C 219 -56.13 10.80 -42.96
N SER C 220 -54.81 10.64 -42.78
CA SER C 220 -54.00 9.70 -43.54
C SER C 220 -54.36 8.26 -43.21
N ALA C 221 -54.75 8.03 -41.94
CA ALA C 221 -55.21 6.73 -41.48
C ALA C 221 -56.31 6.91 -40.44
N PHE C 222 -57.44 6.22 -40.66
CA PHE C 222 -58.55 6.20 -39.73
C PHE C 222 -58.25 5.19 -38.62
N THR C 223 -58.17 5.69 -37.38
CA THR C 223 -57.73 4.90 -36.24
C THR C 223 -58.86 4.69 -35.24
N GLU C 224 -59.83 5.62 -35.23
CA GLU C 224 -60.98 5.55 -34.34
C GLU C 224 -62.27 5.66 -35.14
N THR C 225 -63.40 5.34 -34.48
CA THR C 225 -64.71 5.25 -35.10
C THR C 225 -65.23 6.64 -35.45
N VAL C 226 -65.24 7.55 -34.46
CA VAL C 226 -65.67 8.92 -34.66
C VAL C 226 -64.44 9.83 -34.61
N MET C 227 -64.28 10.65 -35.65
CA MET C 227 -63.12 11.52 -35.83
C MET C 227 -63.58 12.96 -36.06
N GLU C 228 -62.74 13.90 -35.60
CA GLU C 228 -62.91 15.32 -35.87
C GLU C 228 -62.15 15.67 -37.15
N LEU C 229 -62.85 16.33 -38.08
CA LEU C 229 -62.31 16.64 -39.40
C LEU C 229 -61.90 18.11 -39.47
N GLN C 230 -62.80 19.00 -39.02
CA GLN C 230 -62.58 20.43 -39.03
C GLN C 230 -62.90 21.01 -37.65
N GLU D 1 -104.91 90.05 -80.70
CA GLU D 1 -105.27 89.35 -79.43
C GLU D 1 -104.00 88.75 -78.81
N THR D 2 -104.14 88.30 -77.55
CA THR D 2 -103.05 87.77 -76.74
C THR D 2 -102.62 86.40 -77.25
N GLY D 3 -103.51 85.73 -78.01
CA GLY D 3 -103.31 84.39 -78.52
C GLY D 3 -102.12 84.27 -79.48
N ILE D 4 -101.91 85.31 -80.29
CA ILE D 4 -100.86 85.35 -81.30
C ILE D 4 -99.50 85.49 -80.61
N GLY D 5 -99.40 86.41 -79.64
CA GLY D 5 -98.18 86.72 -78.93
C GLY D 5 -97.69 85.58 -78.04
N THR D 6 -98.64 84.79 -77.52
CA THR D 6 -98.37 83.68 -76.63
C THR D 6 -97.64 82.56 -77.38
N LEU D 7 -98.04 82.32 -78.63
CA LEU D 7 -97.54 81.24 -79.45
C LEU D 7 -96.10 81.51 -79.88
N ILE D 8 -95.78 82.78 -80.14
CA ILE D 8 -94.47 83.20 -80.63
C ILE D 8 -93.41 82.99 -79.54
N ILE D 9 -93.75 83.38 -78.31
CA ILE D 9 -92.86 83.28 -77.16
C ILE D 9 -92.70 81.81 -76.75
N PHE D 10 -93.76 81.02 -76.97
CA PHE D 10 -93.80 79.59 -76.65
C PHE D 10 -92.70 78.83 -77.40
N ILE D 11 -92.52 79.17 -78.69
CA ILE D 11 -91.53 78.56 -79.56
C ILE D 11 -90.12 78.86 -79.02
N ALA D 12 -89.92 80.11 -78.57
CA ALA D 12 -88.65 80.59 -78.06
C ALA D 12 -88.28 79.91 -76.74
N MET D 13 -89.31 79.62 -75.91
CA MET D 13 -89.14 79.01 -74.61
C MET D 13 -88.66 77.57 -74.73
N VAL D 14 -89.15 76.88 -75.78
CA VAL D 14 -88.85 75.48 -76.03
C VAL D 14 -87.39 75.35 -76.50
N LEU D 15 -86.96 76.30 -77.33
CA LEU D 15 -85.62 76.30 -77.93
C LEU D 15 -84.55 76.60 -76.89
N VAL D 16 -84.88 77.45 -75.91
CA VAL D 16 -83.97 77.86 -74.85
C VAL D 16 -83.73 76.69 -73.89
N ALA D 17 -84.80 75.94 -73.60
CA ALA D 17 -84.77 74.82 -72.67
C ALA D 17 -83.95 73.65 -73.23
N ALA D 18 -83.88 73.57 -74.56
CA ALA D 18 -83.13 72.54 -75.28
C ALA D 18 -81.62 72.79 -75.16
N VAL D 19 -81.24 74.07 -75.09
CA VAL D 19 -79.85 74.52 -75.04
C VAL D 19 -79.23 74.08 -73.71
N ALA D 20 -79.95 74.34 -72.61
CA ALA D 20 -79.49 74.05 -71.25
C ALA D 20 -79.41 72.54 -71.01
N ALA D 21 -80.26 71.79 -71.72
CA ALA D 21 -80.30 70.34 -71.67
C ALA D 21 -79.04 69.75 -72.31
N THR D 22 -78.59 70.38 -73.40
CA THR D 22 -77.46 69.94 -74.21
C THR D 22 -76.15 70.10 -73.42
N VAL D 23 -76.06 71.18 -72.62
CA VAL D 23 -74.88 71.50 -71.84
C VAL D 23 -74.62 70.41 -70.80
N LEU D 24 -75.70 69.97 -70.13
CA LEU D 24 -75.62 69.03 -69.02
C LEU D 24 -75.21 67.64 -69.50
N ILE D 25 -75.67 67.26 -70.70
CA ILE D 25 -75.41 65.96 -71.29
C ILE D 25 -73.96 65.90 -71.77
N ASN D 26 -73.50 66.97 -72.42
CA ASN D 26 -72.17 67.05 -73.02
C ASN D 26 -71.09 67.05 -71.95
N THR D 27 -71.36 67.72 -70.82
CA THR D 27 -70.42 67.86 -69.72
C THR D 27 -70.27 66.52 -68.99
N ALA D 28 -71.39 65.80 -68.84
CA ALA D 28 -71.42 64.52 -68.14
C ALA D 28 -70.70 63.44 -68.95
N GLY D 29 -70.78 63.54 -70.28
CA GLY D 29 -70.13 62.63 -71.21
C GLY D 29 -68.61 62.81 -71.21
N SER D 30 -68.16 64.06 -71.01
CA SER D 30 -66.75 64.42 -70.99
C SER D 30 -66.10 63.95 -69.70
N LEU D 31 -66.83 64.06 -68.58
CA LEU D 31 -66.35 63.70 -67.26
C LEU D 31 -66.39 62.18 -67.05
N GLN D 32 -67.19 61.49 -67.88
CA GLN D 32 -67.38 60.05 -67.81
C GLN D 32 -66.08 59.33 -68.16
N GLN D 33 -65.44 59.77 -69.25
CA GLN D 33 -64.28 59.10 -69.82
C GLN D 33 -63.04 59.33 -68.96
N ARG D 34 -62.97 60.51 -68.32
CA ARG D 34 -61.84 60.89 -67.47
C ARG D 34 -61.86 60.07 -66.19
N ALA D 35 -63.05 59.92 -65.60
CA ALA D 35 -63.23 59.24 -64.32
C ALA D 35 -63.00 57.74 -64.45
N THR D 36 -63.34 57.18 -65.63
CA THR D 36 -63.19 55.76 -65.93
C THR D 36 -61.72 55.42 -66.11
N SER D 37 -60.99 56.29 -66.84
CA SER D 37 -59.60 56.08 -67.18
C SER D 37 -58.69 56.23 -65.96
N THR D 38 -59.06 57.15 -65.05
CA THR D 38 -58.29 57.45 -63.85
C THR D 38 -58.32 56.26 -62.90
N GLY D 39 -59.48 55.60 -62.80
CA GLY D 39 -59.70 54.45 -61.94
C GLY D 39 -58.88 53.24 -62.37
N SER D 40 -58.82 53.01 -63.69
CA SER D 40 -58.15 51.86 -64.28
C SER D 40 -56.63 52.02 -64.23
N GLN D 41 -56.15 53.26 -64.38
CA GLN D 41 -54.73 53.58 -64.41
C GLN D 41 -54.14 53.46 -63.01
N THR D 42 -54.92 53.83 -61.99
CA THR D 42 -54.50 53.81 -60.58
C THR D 42 -54.40 52.38 -60.09
N THR D 43 -55.32 51.52 -60.54
CA THR D 43 -55.38 50.11 -60.18
C THR D 43 -54.13 49.39 -60.67
N ASN D 44 -53.66 49.77 -61.87
CA ASN D 44 -52.46 49.21 -62.48
C ASN D 44 -51.21 49.77 -61.78
N GLN D 45 -51.31 51.01 -61.27
CA GLN D 45 -50.20 51.73 -60.68
C GLN D 45 -49.80 51.11 -59.33
N VAL D 46 -50.80 50.71 -58.55
CA VAL D 46 -50.60 50.20 -57.20
C VAL D 46 -50.08 48.76 -57.25
N SER D 47 -50.67 47.95 -58.13
CA SER D 47 -50.46 46.51 -58.18
C SER D 47 -49.09 46.15 -58.76
N THR D 48 -48.62 46.95 -59.73
CA THR D 48 -47.39 46.68 -60.47
C THR D 48 -46.18 47.06 -59.62
N GLY D 49 -45.11 46.24 -59.74
CA GLY D 49 -43.86 46.47 -59.05
C GLY D 49 -42.79 45.45 -59.45
N LEU D 50 -41.52 45.81 -59.21
CA LEU D 50 -40.36 44.96 -59.48
C LEU D 50 -39.67 44.62 -58.16
N ILE D 51 -39.10 43.41 -58.10
CA ILE D 51 -38.39 42.93 -56.91
C ILE D 51 -37.03 42.35 -57.30
N VAL D 52 -36.02 42.64 -56.47
CA VAL D 52 -34.67 42.15 -56.64
C VAL D 52 -34.51 40.86 -55.83
N GLN D 53 -33.98 39.82 -56.49
CA GLN D 53 -33.82 38.51 -55.89
C GLN D 53 -32.46 38.42 -55.20
N SER D 54 -31.38 38.47 -55.99
CA SER D 54 -30.02 38.33 -55.51
C SER D 54 -29.05 39.07 -56.42
N ILE D 55 -27.93 39.53 -55.84
CA ILE D 55 -26.89 40.26 -56.54
C ILE D 55 -25.56 39.52 -56.36
N TYR D 56 -24.88 39.27 -57.49
CA TYR D 56 -23.59 38.60 -57.52
C TYR D 56 -22.54 39.50 -58.18
N GLY D 57 -21.29 39.35 -57.75
CA GLY D 57 -20.16 40.09 -58.29
C GLY D 57 -18.99 39.19 -58.66
N MET D 58 -18.13 39.67 -59.57
CA MET D 58 -16.99 38.92 -60.08
C MET D 58 -15.72 39.76 -59.93
N ASP D 59 -14.69 39.14 -59.33
CA ASP D 59 -13.39 39.76 -59.12
C ASP D 59 -12.59 39.72 -60.43
N ASN D 60 -11.69 40.70 -60.59
CA ASN D 60 -10.96 40.90 -61.84
C ASN D 60 -9.63 40.14 -61.81
N ASN D 61 -9.20 39.69 -60.62
CA ASN D 61 -7.97 38.95 -60.46
C ASN D 61 -8.30 37.50 -60.08
N ARG D 62 -7.75 36.56 -60.87
CA ARG D 62 -7.98 35.14 -60.70
C ARG D 62 -6.85 34.52 -59.88
N SER D 63 -5.62 34.97 -60.13
CA SER D 63 -4.42 34.45 -59.49
C SER D 63 -4.41 34.76 -58.00
N ASN D 64 -4.75 36.02 -57.66
CA ASN D 64 -4.83 36.47 -56.29
C ASN D 64 -6.04 37.41 -56.14
N PRO D 65 -7.20 36.90 -55.67
CA PRO D 65 -8.43 37.71 -55.58
C PRO D 65 -8.43 38.73 -54.43
N GLU D 66 -7.38 38.72 -53.61
CA GLU D 66 -7.25 39.54 -52.43
C GLU D 66 -6.97 41.00 -52.82
N SER D 67 -6.20 41.18 -53.91
CA SER D 67 -5.79 42.49 -54.39
C SER D 67 -6.58 42.86 -55.64
N GLY D 68 -7.79 42.30 -55.77
CA GLY D 68 -8.64 42.51 -56.94
C GLY D 68 -9.81 43.43 -56.66
N SER D 69 -10.55 43.75 -57.73
CA SER D 69 -11.74 44.57 -57.68
C SER D 69 -12.84 43.96 -58.56
N LEU D 70 -14.09 44.40 -58.34
CA LEU D 70 -15.24 43.88 -59.06
C LEU D 70 -15.33 44.54 -60.42
N ASN D 71 -15.37 43.71 -61.48
CA ASN D 71 -15.41 44.20 -62.86
C ASN D 71 -16.80 44.01 -63.46
N TRP D 72 -17.57 43.05 -62.94
CA TRP D 72 -18.92 42.76 -63.41
C TRP D 72 -19.85 42.48 -62.24
N THR D 73 -21.12 42.90 -62.39
CA THR D 73 -22.16 42.73 -61.39
C THR D 73 -23.44 42.24 -62.08
N ALA D 74 -24.08 41.25 -61.45
CA ALA D 74 -25.30 40.63 -61.97
C ALA D 74 -26.44 40.75 -60.97
N ILE D 75 -27.59 41.23 -61.44
CA ILE D 75 -28.77 41.47 -60.60
C ILE D 75 -29.94 40.66 -61.16
N TYR D 76 -30.53 39.83 -60.29
CA TYR D 76 -31.68 39.00 -60.61
C TYR D 76 -32.96 39.77 -60.30
N VAL D 77 -33.84 39.90 -61.31
CA VAL D 77 -35.05 40.71 -61.23
C VAL D 77 -36.25 39.89 -61.69
N THR D 78 -37.33 39.96 -60.88
CA THR D 78 -38.62 39.38 -61.21
C THR D 78 -39.73 40.42 -60.97
N LEU D 79 -40.93 40.13 -61.48
CA LEU D 79 -42.12 40.93 -61.22
C LEU D 79 -42.73 40.52 -59.88
N ASN D 80 -43.55 41.41 -59.33
CA ASN D 80 -44.33 41.16 -58.12
C ASN D 80 -45.57 40.34 -58.49
N THR D 81 -46.23 39.77 -57.46
CA THR D 81 -47.39 38.92 -57.65
C THR D 81 -48.61 39.77 -58.01
N GLY D 82 -49.26 39.39 -59.12
CA GLY D 82 -50.44 40.08 -59.63
C GLY D 82 -50.11 41.45 -60.20
N SER D 83 -49.08 41.49 -61.06
CA SER D 83 -48.56 42.73 -61.64
C SER D 83 -48.80 42.76 -63.14
N SER D 84 -49.02 43.97 -63.66
CA SER D 84 -49.13 44.24 -65.09
C SER D 84 -47.75 44.16 -65.74
N PRO D 85 -47.64 43.81 -67.06
CA PRO D 85 -46.35 43.74 -67.74
C PRO D 85 -45.56 45.05 -67.73
N VAL D 86 -44.22 44.92 -67.67
CA VAL D 86 -43.31 46.04 -67.61
C VAL D 86 -42.34 45.94 -68.79
N ASP D 87 -42.23 47.05 -69.53
CA ASP D 87 -41.25 47.20 -70.61
C ASP D 87 -39.94 47.72 -70.02
N LEU D 88 -38.85 47.00 -70.31
CA LEU D 88 -37.54 47.26 -69.72
C LEU D 88 -36.81 48.40 -70.43
N SER D 89 -37.35 48.81 -71.59
CA SER D 89 -36.76 49.89 -72.38
C SER D 89 -37.06 51.25 -71.74
N ASN D 90 -38.13 51.32 -70.94
CA ASN D 90 -38.54 52.54 -70.27
C ASN D 90 -38.11 52.52 -68.80
N VAL D 91 -37.21 51.57 -68.46
CA VAL D 91 -36.72 51.37 -67.10
C VAL D 91 -35.36 52.06 -66.96
N SER D 92 -35.22 52.85 -65.90
CA SER D 92 -33.98 53.52 -65.55
C SER D 92 -33.41 52.95 -64.27
N LEU D 93 -32.08 52.75 -64.25
CA LEU D 93 -31.37 52.18 -63.12
C LEU D 93 -30.43 53.23 -62.53
N SER D 94 -30.58 53.48 -61.22
CA SER D 94 -29.76 54.42 -60.47
C SER D 94 -28.81 53.66 -59.54
N LEU D 95 -27.58 54.18 -59.42
CA LEU D 95 -26.55 53.63 -58.55
C LEU D 95 -25.73 54.76 -57.94
N GLU D 96 -25.38 54.61 -56.66
CA GLU D 96 -24.58 55.58 -55.93
C GLU D 96 -23.37 54.87 -55.30
N TYR D 97 -22.18 55.35 -55.64
CA TYR D 97 -20.92 54.78 -55.16
C TYR D 97 -19.83 55.86 -55.13
N GLN D 98 -19.32 56.12 -53.92
CA GLN D 98 -18.16 56.97 -53.65
C GLN D 98 -18.30 58.34 -54.32
N GLY D 99 -19.45 58.99 -54.11
CA GLY D 99 -19.72 60.33 -54.61
C GLY D 99 -19.88 60.36 -56.12
N GLN D 100 -20.57 59.35 -56.67
CA GLN D 100 -20.87 59.25 -58.09
C GLN D 100 -22.25 58.63 -58.25
N LEU D 101 -23.18 59.42 -58.81
CA LEU D 101 -24.55 59.00 -59.01
C LEU D 101 -24.77 58.69 -60.50
N ALA D 102 -24.94 57.40 -60.80
CA ALA D 102 -25.07 56.91 -62.17
C ALA D 102 -26.55 56.75 -62.54
N SER D 103 -26.84 56.89 -63.83
CA SER D 103 -28.15 56.63 -64.40
C SER D 103 -28.00 55.85 -65.70
N LEU D 104 -28.35 54.57 -65.66
CA LEU D 104 -28.11 53.64 -66.76
C LEU D 104 -29.44 53.33 -67.47
N LYS D 105 -29.34 53.11 -68.79
CA LYS D 105 -30.50 52.97 -69.66
C LYS D 105 -30.19 51.97 -70.77
N TYR D 106 -31.19 51.12 -71.08
CA TYR D 106 -31.10 50.14 -72.15
C TYR D 106 -31.67 50.75 -73.44
N THR D 107 -30.98 50.49 -74.56
CA THR D 107 -31.38 50.96 -75.87
C THR D 107 -31.78 49.74 -76.72
N PRO D 108 -33.06 49.65 -77.18
CA PRO D 108 -33.50 48.54 -78.03
C PRO D 108 -33.01 48.66 -79.47
N ALA D 109 -32.58 47.54 -80.04
CA ALA D 109 -32.08 47.45 -81.40
C ALA D 109 -32.29 46.04 -81.96
N THR D 110 -32.31 45.94 -83.29
CA THR D 110 -32.44 44.66 -83.98
C THR D 110 -31.09 43.93 -83.96
N THR D 111 -30.02 44.68 -84.26
CA THR D 111 -28.64 44.18 -84.23
C THR D 111 -27.78 45.09 -83.36
N ASN D 112 -26.71 44.51 -82.80
CA ASN D 112 -25.74 45.19 -81.95
C ASN D 112 -26.39 45.70 -80.67
N ALA D 113 -27.29 44.88 -80.10
CA ALA D 113 -27.99 45.18 -78.87
C ALA D 113 -27.47 44.27 -77.76
N SER D 114 -27.31 44.86 -76.55
CA SER D 114 -26.85 44.13 -75.38
C SER D 114 -27.97 43.24 -74.84
N PHE D 115 -28.14 42.08 -75.50
CA PHE D 115 -29.23 41.15 -75.23
C PHE D 115 -28.75 39.73 -75.52
N ALA D 116 -29.12 38.80 -74.64
CA ALA D 116 -28.77 37.39 -74.77
C ALA D 116 -29.90 36.51 -74.23
N VAL D 117 -30.13 35.38 -74.90
CA VAL D 117 -31.14 34.40 -74.50
C VAL D 117 -30.43 33.18 -73.94
N ASP D 118 -30.81 32.79 -72.72
CA ASP D 118 -30.22 31.66 -72.01
C ASP D 118 -31.30 30.96 -71.18
N THR D 119 -32.27 30.37 -71.89
CA THR D 119 -33.43 29.75 -71.27
C THR D 119 -33.26 28.24 -71.17
N ASN D 120 -32.30 27.70 -71.93
CA ASN D 120 -32.06 26.26 -72.03
C ASN D 120 -31.12 25.80 -70.91
N GLY D 121 -30.49 26.77 -70.22
CA GLY D 121 -29.57 26.49 -69.13
C GLY D 121 -28.13 26.75 -69.52
N THR D 122 -27.29 27.03 -68.51
CA THR D 122 -25.88 27.35 -68.71
C THR D 122 -25.04 26.80 -67.54
N SER D 123 -23.78 26.47 -67.86
CA SER D 123 -22.80 26.02 -66.88
C SER D 123 -22.14 27.23 -66.20
N ASN D 124 -22.14 28.37 -66.91
CA ASN D 124 -21.61 29.62 -66.40
C ASN D 124 -22.45 30.78 -66.93
N VAL D 125 -22.89 31.65 -66.02
CA VAL D 125 -23.70 32.82 -66.34
C VAL D 125 -22.80 33.89 -66.95
N PHE D 126 -21.56 34.01 -66.43
CA PHE D 126 -20.62 35.03 -66.83
C PHE D 126 -19.89 34.64 -68.13
N SER D 127 -20.44 33.66 -68.85
CA SER D 127 -19.88 33.20 -70.11
C SER D 127 -20.66 33.76 -71.31
N VAL D 128 -21.67 34.59 -71.01
CA VAL D 128 -22.53 35.19 -72.02
C VAL D 128 -21.89 36.49 -72.55
N LEU D 129 -20.70 36.81 -72.03
CA LEU D 129 -19.94 37.98 -72.43
C LEU D 129 -19.30 37.75 -73.80
N ASN D 130 -19.09 36.47 -74.15
CA ASN D 130 -18.43 36.07 -75.37
C ASN D 130 -19.48 35.74 -76.45
N ALA D 131 -20.76 35.88 -76.10
CA ALA D 131 -21.87 35.56 -77.00
C ALA D 131 -22.01 36.63 -78.08
N GLY D 132 -22.33 36.18 -79.30
CA GLY D 132 -22.48 37.03 -80.47
C GLY D 132 -23.79 37.81 -80.46
N VAL D 133 -23.71 39.09 -80.84
CA VAL D 133 -24.87 39.98 -80.87
C VAL D 133 -25.05 40.56 -82.27
N GLY D 134 -23.94 40.68 -83.01
CA GLY D 134 -23.95 41.26 -84.35
C GLY D 134 -22.76 40.80 -85.19
N TYR D 135 -22.63 41.41 -86.38
CA TYR D 135 -21.58 41.10 -87.34
C TYR D 135 -20.67 42.32 -87.50
N LYS D 136 -19.37 42.06 -87.68
CA LYS D 136 -18.36 43.08 -87.91
C LYS D 136 -18.64 43.78 -89.23
N ASN D 137 -18.79 42.98 -90.29
CA ASN D 137 -19.08 43.44 -91.64
C ASN D 137 -20.09 42.49 -92.29
N SER D 138 -20.18 42.55 -93.63
CA SER D 138 -21.14 41.77 -94.40
C SER D 138 -20.58 40.37 -94.70
N THR D 139 -19.26 40.20 -94.51
CA THR D 139 -18.55 39.00 -94.94
C THR D 139 -18.54 37.95 -93.82
N ALA D 140 -19.10 38.31 -92.66
CA ALA D 140 -19.16 37.44 -91.49
C ALA D 140 -20.20 36.34 -91.70
N THR D 141 -19.77 35.09 -91.45
CA THR D 141 -20.63 33.92 -91.58
C THR D 141 -21.46 33.75 -90.31
N PHE D 142 -20.82 33.98 -89.15
CA PHE D 142 -21.45 33.88 -87.84
C PHE D 142 -21.32 35.22 -87.11
N LYS D 143 -22.11 35.37 -86.03
CA LYS D 143 -22.10 36.56 -85.19
C LYS D 143 -20.78 36.61 -84.41
N ASN D 144 -19.98 37.63 -84.70
CA ASN D 144 -18.60 37.71 -84.23
C ASN D 144 -18.37 38.97 -83.39
N VAL D 145 -19.43 39.77 -83.20
CA VAL D 145 -19.40 40.90 -82.29
C VAL D 145 -19.89 40.41 -80.92
N GLU D 146 -19.01 40.52 -79.91
CA GLU D 146 -19.26 40.00 -78.58
C GLU D 146 -20.05 41.01 -77.75
N LEU D 147 -20.59 40.54 -76.62
CA LEU D 147 -21.45 41.29 -75.74
C LEU D 147 -20.65 42.31 -74.93
N LYS D 148 -19.34 42.06 -74.80
CA LYS D 148 -18.42 42.92 -74.06
C LYS D 148 -18.25 44.26 -74.79
N ASN D 149 -18.30 44.21 -76.13
CA ASN D 149 -17.91 45.31 -77.00
C ASN D 149 -19.01 46.36 -77.09
N VAL D 150 -20.21 46.02 -76.62
CA VAL D 150 -21.36 46.91 -76.70
C VAL D 150 -21.74 47.44 -75.31
N THR D 151 -21.44 46.66 -74.26
CA THR D 151 -21.75 47.02 -72.89
C THR D 151 -20.66 47.96 -72.36
N LYS D 152 -21.06 49.20 -72.07
CA LYS D 152 -20.12 50.26 -71.70
C LYS D 152 -20.51 50.86 -70.35
N SER D 153 -20.39 52.20 -70.25
CA SER D 153 -20.49 52.92 -68.98
C SER D 153 -21.84 53.62 -68.82
N THR D 154 -22.70 53.51 -69.86
CA THR D 154 -23.96 54.23 -69.90
C THR D 154 -25.14 53.27 -69.97
N ASN D 155 -24.88 52.00 -70.34
CA ASN D 155 -25.91 51.02 -70.63
C ASN D 155 -25.70 49.75 -69.82
N PHE D 156 -26.76 48.94 -69.74
CA PHE D 156 -26.73 47.61 -69.13
C PHE D 156 -27.23 46.56 -70.13
N ALA D 157 -26.88 45.30 -69.87
CA ALA D 157 -27.26 44.17 -70.69
C ALA D 157 -28.38 43.38 -70.02
N ILE D 158 -29.23 42.74 -70.85
CA ILE D 158 -30.33 41.90 -70.39
C ILE D 158 -30.06 40.46 -70.83
N VAL D 159 -30.05 39.54 -69.85
CA VAL D 159 -29.91 38.11 -70.10
C VAL D 159 -31.15 37.42 -69.55
N VAL D 160 -31.83 36.67 -70.43
CA VAL D 160 -33.08 35.99 -70.11
C VAL D 160 -32.77 34.63 -69.49
N ILE D 161 -33.44 34.34 -68.36
CA ILE D 161 -33.31 33.08 -67.66
C ILE D 161 -34.57 32.25 -67.88
N ARG D 162 -35.74 32.86 -67.60
CA ARG D 162 -37.03 32.23 -67.80
C ARG D 162 -37.92 33.14 -68.66
N ASP D 163 -38.62 32.52 -69.61
CA ASP D 163 -39.57 33.20 -70.49
C ASP D 163 -40.63 32.20 -70.93
N PRO D 164 -41.74 32.04 -70.16
CA PRO D 164 -42.77 31.03 -70.47
C PRO D 164 -43.64 31.35 -71.69
N SER D 165 -43.85 32.65 -71.94
CA SER D 165 -44.81 33.10 -72.94
C SER D 165 -44.12 33.72 -74.17
N ASN D 166 -42.78 33.78 -74.13
CA ASN D 166 -41.94 34.32 -75.19
C ASN D 166 -42.30 35.78 -75.45
N SER D 167 -42.06 36.62 -74.42
CA SER D 167 -42.43 38.03 -74.45
C SER D 167 -41.19 38.93 -74.52
N LEU D 168 -40.02 38.33 -74.32
CA LEU D 168 -38.76 39.07 -74.26
C LEU D 168 -38.00 38.94 -75.57
N THR D 169 -37.77 40.08 -76.23
CA THR D 169 -36.97 40.19 -77.43
C THR D 169 -36.02 41.38 -77.30
N SER D 170 -35.06 41.47 -78.23
CA SER D 170 -34.06 42.53 -78.25
C SER D 170 -34.70 43.88 -78.61
N SER D 171 -35.75 43.83 -79.43
CA SER D 171 -36.50 45.01 -79.86
C SER D 171 -37.54 45.40 -78.81
N HIS D 172 -38.22 44.39 -78.24
CA HIS D 172 -39.26 44.60 -77.26
C HIS D 172 -39.01 43.70 -76.04
N PRO D 173 -38.25 44.19 -75.02
CA PRO D 173 -38.04 43.41 -73.78
C PRO D 173 -39.15 43.64 -72.76
N VAL D 174 -40.25 42.89 -72.93
CA VAL D 174 -41.42 43.00 -72.07
C VAL D 174 -41.40 41.84 -71.08
N LEU D 175 -41.39 42.19 -69.78
CA LEU D 175 -41.36 41.24 -68.68
C LEU D 175 -42.80 40.91 -68.27
N THR D 176 -43.12 39.61 -68.25
CA THR D 176 -44.46 39.12 -67.95
C THR D 176 -44.41 38.23 -66.71
N THR D 177 -45.56 37.59 -66.41
CA THR D 177 -45.72 36.73 -65.25
C THR D 177 -44.97 35.43 -65.44
N GLY D 178 -44.05 35.14 -64.52
CA GLY D 178 -43.29 33.90 -64.49
C GLY D 178 -41.91 34.01 -65.14
N SER D 179 -41.58 35.22 -65.63
CA SER D 179 -40.32 35.47 -66.31
C SER D 179 -39.27 36.01 -65.35
N GLU D 180 -37.99 35.80 -65.69
CA GLU D 180 -36.84 36.19 -64.89
C GLU D 180 -35.71 36.62 -65.80
N VAL D 181 -35.08 37.76 -65.46
CA VAL D 181 -33.97 38.32 -66.22
C VAL D 181 -32.79 38.63 -65.29
N VAL D 182 -31.59 38.69 -65.88
CA VAL D 182 -30.38 39.12 -65.21
C VAL D 182 -29.88 40.40 -65.89
N ILE D 183 -29.66 41.44 -65.08
CA ILE D 183 -29.12 42.70 -65.53
C ILE D 183 -27.61 42.73 -65.22
N LEU D 184 -26.81 42.87 -66.27
CA LEU D 184 -25.36 42.92 -66.18
C LEU D 184 -24.88 44.37 -66.32
N VAL D 185 -24.03 44.79 -65.37
CA VAL D 185 -23.45 46.12 -65.35
C VAL D 185 -21.93 45.99 -65.41
N ASN D 186 -21.31 46.69 -66.36
CA ASN D 186 -19.87 46.78 -66.48
C ASN D 186 -19.36 47.76 -65.42
N THR D 187 -18.90 47.19 -64.30
CA THR D 187 -18.53 47.93 -63.10
C THR D 187 -17.20 48.66 -63.31
N SER D 188 -16.34 48.09 -64.17
CA SER D 188 -15.03 48.65 -64.49
C SER D 188 -15.15 49.85 -65.42
N ALA D 189 -16.32 50.00 -66.05
CA ALA D 189 -16.60 51.10 -66.97
C ALA D 189 -17.26 52.27 -66.24
N VAL D 190 -18.21 51.94 -65.35
CA VAL D 190 -19.04 52.94 -64.68
C VAL D 190 -18.25 53.60 -63.55
N PHE D 191 -17.74 52.77 -62.62
CA PHE D 191 -17.10 53.26 -61.40
C PHE D 191 -15.58 53.05 -61.46
N GLY D 192 -15.14 52.12 -62.32
CA GLY D 192 -13.74 51.78 -62.45
C GLY D 192 -13.29 50.77 -61.39
N GLY D 193 -14.19 49.83 -61.06
CA GLY D 193 -13.93 48.79 -60.08
C GLY D 193 -14.37 49.18 -58.68
N MET D 194 -15.20 48.32 -58.07
CA MET D 194 -15.67 48.49 -56.71
C MET D 194 -14.64 47.88 -55.75
N LYS D 195 -14.45 48.55 -54.60
CA LYS D 195 -13.41 48.22 -53.65
C LYS D 195 -14.02 47.67 -52.36
N GLN D 196 -13.14 47.23 -51.44
CA GLN D 196 -13.51 46.54 -50.21
C GLN D 196 -14.11 47.52 -49.21
N GLY D 197 -15.21 47.10 -48.57
CA GLY D 197 -15.84 47.81 -47.47
C GLY D 197 -16.45 49.15 -47.91
N GLN D 198 -17.23 49.11 -49.00
CA GLN D 198 -17.86 50.29 -49.57
C GLN D 198 -19.36 50.05 -49.69
N ALA D 199 -20.14 51.11 -49.47
CA ALA D 199 -21.59 51.05 -49.50
C ALA D 199 -22.11 51.38 -50.90
N VAL D 200 -23.07 50.56 -51.36
CA VAL D 200 -23.72 50.72 -52.65
C VAL D 200 -25.23 50.82 -52.43
N THR D 201 -25.83 51.90 -52.96
CA THR D 201 -27.25 52.17 -52.82
C THR D 201 -27.81 52.59 -54.18
N GLY D 202 -28.97 52.03 -54.55
CA GLY D 202 -29.61 52.32 -55.83
C GLY D 202 -31.04 51.81 -55.91
N GLN D 203 -31.68 52.09 -57.06
CA GLN D 203 -33.06 51.73 -57.34
C GLN D 203 -33.23 51.36 -58.81
N ILE D 204 -34.21 50.48 -59.08
CA ILE D 204 -34.66 50.16 -60.43
C ILE D 204 -36.05 50.75 -60.59
N ASN D 205 -36.14 51.84 -61.37
CA ASN D 205 -37.37 52.62 -61.51
C ASN D 205 -38.08 52.26 -62.81
N PRO D 206 -39.30 51.69 -62.75
CA PRO D 206 -40.16 51.56 -63.93
C PRO D 206 -40.93 52.85 -64.21
N SER D 207 -41.58 52.90 -65.37
CA SER D 207 -42.42 54.02 -65.77
C SER D 207 -43.71 54.04 -64.94
N VAL D 208 -44.32 52.86 -64.78
CA VAL D 208 -45.50 52.67 -63.96
C VAL D 208 -45.23 51.54 -62.97
N GLY D 209 -45.38 51.82 -61.68
CA GLY D 209 -45.25 50.82 -60.63
C GLY D 209 -44.33 51.27 -59.49
N SER D 210 -44.02 50.32 -58.60
CA SER D 210 -43.17 50.55 -57.44
C SER D 210 -41.75 50.04 -57.71
N PRO D 211 -40.69 50.77 -57.29
CA PRO D 211 -39.32 50.40 -57.62
C PRO D 211 -38.73 49.26 -56.78
N GLY D 212 -37.70 48.61 -57.32
CA GLY D 212 -36.90 47.61 -56.62
C GLY D 212 -35.66 48.23 -56.00
N ILE D 213 -35.35 47.81 -54.76
CA ILE D 213 -34.34 48.46 -53.93
C ILE D 213 -33.04 47.64 -53.97
N ILE D 214 -31.93 48.36 -54.17
CA ILE D 214 -30.58 47.80 -54.11
C ILE D 214 -29.83 48.51 -52.99
N GLN D 215 -29.39 47.72 -51.98
CA GLN D 215 -28.60 48.22 -50.87
C GLN D 215 -27.75 47.08 -50.30
N PHE D 216 -26.43 47.24 -50.42
CA PHE D 216 -25.47 46.28 -49.91
C PHE D 216 -24.13 46.96 -49.61
N THR D 217 -23.35 46.35 -48.72
CA THR D 217 -21.98 46.74 -48.45
C THR D 217 -21.05 45.63 -48.96
N THR D 218 -20.02 46.02 -49.71
CA THR D 218 -19.03 45.10 -50.27
C THR D 218 -18.23 44.47 -49.14
N PRO D 219 -17.87 43.16 -49.25
CA PRO D 219 -17.10 42.47 -48.19
C PRO D 219 -15.76 43.14 -47.86
N SER D 220 -15.29 42.89 -46.63
CA SER D 220 -14.08 43.49 -46.09
C SER D 220 -12.84 42.98 -46.82
N ALA D 221 -12.88 41.72 -47.25
CA ALA D 221 -11.82 41.11 -48.04
C ALA D 221 -12.42 40.14 -49.06
N PHE D 222 -12.02 40.31 -50.33
CA PHE D 222 -12.42 39.43 -51.41
C PHE D 222 -11.52 38.19 -51.38
N THR D 223 -12.14 37.02 -51.18
CA THR D 223 -11.43 35.77 -50.96
C THR D 223 -11.65 34.80 -52.12
N GLU D 224 -12.79 34.94 -52.81
CA GLU D 224 -13.15 34.10 -53.93
C GLU D 224 -13.48 34.95 -55.15
N THR D 225 -13.56 34.30 -56.33
CA THR D 225 -13.72 34.95 -57.62
C THR D 225 -15.14 35.50 -57.76
N VAL D 226 -16.14 34.63 -57.53
CA VAL D 226 -17.54 35.02 -57.58
C VAL D 226 -18.10 35.04 -56.16
N MET D 227 -18.71 36.18 -55.79
CA MET D 227 -19.21 36.42 -54.44
C MET D 227 -20.67 36.85 -54.50
N GLU D 228 -21.42 36.49 -53.45
CA GLU D 228 -22.79 36.94 -53.24
C GLU D 228 -22.76 38.22 -52.42
N LEU D 229 -23.44 39.26 -52.91
CA LEU D 229 -23.42 40.58 -52.30
C LEU D 229 -24.71 40.83 -51.53
N GLN D 230 -25.85 40.53 -52.16
CA GLN D 230 -27.17 40.72 -51.57
C GLN D 230 -27.99 39.42 -51.74
N GLU E 1 -99.24 92.49 -73.92
CA GLU E 1 -98.84 91.16 -74.45
C GLU E 1 -98.02 90.42 -73.40
N THR E 2 -97.79 89.12 -73.65
CA THR E 2 -97.11 88.21 -72.74
C THR E 2 -95.61 88.52 -72.69
N GLY E 3 -95.11 89.22 -73.72
CA GLY E 3 -93.70 89.55 -73.88
C GLY E 3 -93.15 90.43 -72.76
N ILE E 4 -93.99 91.36 -72.28
CA ILE E 4 -93.63 92.32 -71.25
C ILE E 4 -93.48 91.61 -69.91
N GLY E 5 -94.47 90.77 -69.58
CA GLY E 5 -94.54 90.06 -68.31
C GLY E 5 -93.44 89.01 -68.15
N THR E 6 -93.00 88.44 -69.27
CA THR E 6 -91.99 87.39 -69.31
C THR E 6 -90.63 87.96 -68.90
N LEU E 7 -90.34 89.19 -69.35
CA LEU E 7 -89.06 89.85 -69.15
C LEU E 7 -88.88 90.26 -67.67
N ILE E 8 -89.99 90.66 -67.03
CA ILE E 8 -89.99 91.15 -65.65
C ILE E 8 -89.64 90.00 -64.70
N ILE E 9 -90.27 88.83 -64.93
CA ILE E 9 -90.09 87.66 -64.09
C ILE E 9 -88.71 87.06 -64.33
N PHE E 10 -88.19 87.21 -65.56
CA PHE E 10 -86.88 86.71 -65.97
C PHE E 10 -85.78 87.33 -65.11
N ILE E 11 -85.87 88.64 -64.85
CA ILE E 11 -84.91 89.38 -64.05
C ILE E 11 -84.91 88.84 -62.61
N ALA E 12 -86.10 88.54 -62.10
CA ALA E 12 -86.30 88.05 -60.74
C ALA E 12 -85.73 86.64 -60.57
N MET E 13 -85.84 85.83 -61.64
CA MET E 13 -85.39 84.44 -61.64
C MET E 13 -83.87 84.37 -61.56
N VAL E 14 -83.19 85.33 -62.21
CA VAL E 14 -81.74 85.39 -62.29
C VAL E 14 -81.18 85.78 -60.92
N LEU E 15 -81.86 86.71 -60.24
CA LEU E 15 -81.43 87.25 -58.96
C LEU E 15 -81.57 86.22 -57.85
N VAL E 16 -82.60 85.37 -57.95
CA VAL E 16 -82.90 84.33 -56.96
C VAL E 16 -81.85 83.22 -57.04
N ALA E 17 -81.44 82.89 -58.27
CA ALA E 17 -80.48 81.82 -58.53
C ALA E 17 -79.09 82.20 -58.05
N ALA E 18 -78.81 83.51 -58.00
CA ALA E 18 -77.53 84.05 -57.55
C ALA E 18 -77.40 83.91 -56.03
N VAL E 19 -78.53 84.00 -55.33
CA VAL E 19 -78.60 83.94 -53.88
C VAL E 19 -78.20 82.55 -53.40
N ALA E 20 -78.78 81.51 -54.02
CA ALA E 20 -78.57 80.12 -53.66
C ALA E 20 -77.14 79.68 -53.98
N ALA E 21 -76.54 80.33 -54.99
CA ALA E 21 -75.17 80.09 -55.42
C ALA E 21 -74.20 80.61 -54.35
N THR E 22 -74.54 81.76 -53.74
CA THR E 22 -73.72 82.44 -52.77
C THR E 22 -73.62 81.64 -51.47
N VAL E 23 -74.74 80.98 -51.11
CA VAL E 23 -74.85 80.20 -49.88
C VAL E 23 -73.87 79.03 -49.92
N LEU E 24 -73.82 78.34 -51.07
CA LEU E 24 -73.05 77.12 -51.25
C LEU E 24 -71.55 77.40 -51.22
N ILE E 25 -71.15 78.57 -51.77
CA ILE E 25 -69.76 78.97 -51.86
C ILE E 25 -69.26 79.38 -50.46
N ASN E 26 -70.08 80.15 -49.74
CA ASN E 26 -69.73 80.70 -48.44
C ASN E 26 -69.59 79.60 -47.39
N THR E 27 -70.45 78.58 -47.49
CA THR E 27 -70.49 77.46 -46.55
C THR E 27 -69.26 76.57 -46.75
N ALA E 28 -68.88 76.37 -48.02
CA ALA E 28 -67.76 75.51 -48.40
C ALA E 28 -66.43 76.15 -47.98
N GLY E 29 -66.37 77.49 -48.04
CA GLY E 29 -65.21 78.26 -47.64
C GLY E 29 -64.98 78.23 -46.13
N SER E 30 -66.09 78.18 -45.37
CA SER E 30 -66.06 78.15 -43.91
C SER E 30 -65.62 76.78 -43.41
N LEU E 31 -66.06 75.72 -44.09
CA LEU E 31 -65.77 74.34 -43.73
C LEU E 31 -64.36 73.94 -44.17
N GLN E 32 -63.80 74.71 -45.12
CA GLN E 32 -62.47 74.46 -45.68
C GLN E 32 -61.39 74.67 -44.62
N GLN E 33 -61.51 75.78 -43.88
CA GLN E 33 -60.49 76.21 -42.93
C GLN E 33 -60.50 75.35 -41.68
N ARG E 34 -61.69 74.86 -41.30
CA ARG E 34 -61.88 74.04 -40.12
C ARG E 34 -61.27 72.65 -40.36
N ALA E 35 -61.50 72.09 -41.54
CA ALA E 35 -61.08 70.74 -41.90
C ALA E 35 -59.56 70.67 -42.08
N THR E 36 -58.97 71.78 -42.55
CA THR E 36 -57.54 71.89 -42.79
C THR E 36 -56.80 71.98 -41.46
N SER E 37 -57.34 72.77 -40.52
CA SER E 37 -56.73 73.04 -39.22
C SER E 37 -56.80 71.81 -38.32
N THR E 38 -57.90 71.04 -38.43
CA THR E 38 -58.14 69.86 -37.63
C THR E 38 -57.13 68.77 -37.96
N GLY E 39 -56.83 68.62 -39.26
CA GLY E 39 -55.89 67.63 -39.76
C GLY E 39 -54.46 67.88 -39.29
N SER E 40 -54.06 69.16 -39.30
CA SER E 40 -52.71 69.58 -38.94
C SER E 40 -52.47 69.48 -37.44
N GLN E 41 -53.50 69.77 -36.65
CA GLN E 41 -53.44 69.78 -35.19
C GLN E 41 -53.35 68.36 -34.65
N THR E 42 -54.04 67.42 -35.33
CA THR E 42 -54.10 66.02 -34.92
C THR E 42 -52.77 65.33 -35.21
N THR E 43 -52.13 65.72 -36.32
CA THR E 43 -50.85 65.18 -36.75
C THR E 43 -49.77 65.53 -35.72
N ASN E 44 -49.84 66.74 -35.18
CA ASN E 44 -48.92 67.23 -34.16
C ASN E 44 -49.22 66.56 -32.82
N GLN E 45 -50.50 66.22 -32.59
CA GLN E 45 -50.98 65.68 -31.33
C GLN E 45 -50.46 64.26 -31.11
N VAL E 46 -50.44 63.47 -32.19
CA VAL E 46 -50.08 62.05 -32.13
C VAL E 46 -48.57 61.90 -32.02
N SER E 47 -47.83 62.70 -32.79
CA SER E 47 -46.38 62.55 -32.96
C SER E 47 -45.62 63.03 -31.74
N THR E 48 -46.12 64.07 -31.07
CA THR E 48 -45.44 64.72 -29.96
C THR E 48 -45.60 63.89 -28.68
N GLY E 49 -44.52 63.85 -27.88
CA GLY E 49 -44.50 63.16 -26.60
C GLY E 49 -43.20 63.38 -25.84
N LEU E 50 -43.25 63.14 -24.52
CA LEU E 50 -42.10 63.26 -23.63
C LEU E 50 -41.77 61.88 -23.06
N ILE E 51 -40.47 61.64 -22.82
CA ILE E 51 -39.98 60.38 -22.28
C ILE E 51 -39.02 60.64 -21.12
N VAL E 52 -39.13 59.81 -20.08
CA VAL E 52 -38.30 59.86 -18.89
C VAL E 52 -37.14 58.90 -19.08
N GLN E 53 -35.92 59.40 -18.85
CA GLN E 53 -34.70 58.62 -19.04
C GLN E 53 -34.35 57.88 -17.75
N SER E 54 -34.01 58.64 -16.69
CA SER E 54 -33.59 58.08 -15.42
C SER E 54 -33.92 59.05 -14.28
N ILE E 55 -34.15 58.48 -13.08
CA ILE E 55 -34.47 59.23 -11.88
C ILE E 55 -33.44 58.91 -10.80
N TYR E 56 -32.87 59.97 -10.21
CA TYR E 56 -31.89 59.86 -9.13
C TYR E 56 -32.40 60.60 -7.89
N GLY E 57 -31.98 60.10 -6.72
CA GLY E 57 -32.33 60.68 -5.43
C GLY E 57 -31.09 60.90 -4.55
N MET E 58 -31.22 61.82 -3.59
CA MET E 58 -30.15 62.19 -2.68
C MET E 58 -30.63 62.10 -1.24
N ASP E 59 -29.85 61.39 -0.40
CA ASP E 59 -30.13 61.21 1.01
C ASP E 59 -29.72 62.46 1.78
N ASN E 60 -30.39 62.72 2.90
CA ASN E 60 -30.21 63.95 3.67
C ASN E 60 -29.16 63.78 4.75
N ASN E 61 -28.77 62.52 5.03
CA ASN E 61 -27.76 62.22 6.03
C ASN E 61 -26.51 61.68 5.34
N ARG E 62 -25.36 62.32 5.62
CA ARG E 62 -24.09 61.98 5.01
C ARG E 62 -23.31 61.04 5.93
N SER E 63 -23.39 61.30 7.25
CA SER E 63 -22.66 60.56 8.26
C SER E 63 -23.15 59.12 8.35
N ASN E 64 -24.49 58.95 8.35
CA ASN E 64 -25.13 57.65 8.39
C ASN E 64 -26.35 57.67 7.47
N PRO E 65 -26.24 57.18 6.20
CA PRO E 65 -27.34 57.24 5.25
C PRO E 65 -28.48 56.24 5.51
N GLU E 66 -28.29 55.39 6.52
CA GLU E 66 -29.21 54.32 6.86
C GLU E 66 -30.47 54.88 7.51
N SER E 67 -30.30 55.94 8.31
CA SER E 67 -31.38 56.57 9.04
C SER E 67 -31.78 57.90 8.39
N GLY E 68 -31.54 58.00 7.08
CA GLY E 68 -31.80 59.22 6.32
C GLY E 68 -33.04 59.10 5.43
N SER E 69 -33.38 60.23 4.80
CA SER E 69 -34.50 60.33 3.86
C SER E 69 -34.08 61.16 2.65
N LEU E 70 -34.85 61.05 1.56
CA LEU E 70 -34.56 61.74 0.32
C LEU E 70 -35.04 63.19 0.41
N ASN E 71 -34.11 64.13 0.16
CA ASN E 71 -34.40 65.55 0.25
C ASN E 71 -34.51 66.18 -1.14
N TRP E 72 -33.85 65.57 -2.14
CA TRP E 72 -33.87 66.05 -3.51
C TRP E 72 -34.01 64.88 -4.49
N THR E 73 -34.72 65.15 -5.60
CA THR E 73 -34.97 64.18 -6.65
C THR E 73 -34.73 64.83 -8.01
N ALA E 74 -34.04 64.12 -8.91
CA ALA E 74 -33.69 64.60 -10.23
C ALA E 74 -34.24 63.66 -11.30
N ILE E 75 -34.93 64.23 -12.29
CA ILE E 75 -35.58 63.48 -13.36
C ILE E 75 -35.04 63.97 -14.70
N TYR E 76 -34.52 63.03 -15.50
CA TYR E 76 -33.98 63.29 -16.83
C TYR E 76 -35.09 63.13 -17.86
N VAL E 77 -35.30 64.17 -18.68
CA VAL E 77 -36.42 64.25 -19.61
C VAL E 77 -35.89 64.65 -20.99
N THR E 78 -36.33 63.90 -22.02
CA THR E 78 -36.08 64.19 -23.42
C THR E 78 -37.39 64.14 -24.21
N LEU E 79 -37.36 64.65 -25.44
CA LEU E 79 -38.47 64.54 -26.38
C LEU E 79 -38.41 63.18 -27.09
N ASN E 80 -39.56 62.77 -27.65
CA ASN E 80 -39.68 61.57 -28.47
C ASN E 80 -39.18 61.88 -29.87
N THR E 81 -38.94 60.83 -30.66
CA THR E 81 -38.40 60.94 -32.01
C THR E 81 -39.48 61.45 -32.97
N GLY E 82 -39.15 62.53 -33.69
CA GLY E 82 -40.03 63.17 -34.64
C GLY E 82 -41.19 63.90 -33.95
N SER E 83 -40.85 64.72 -32.95
CA SER E 83 -41.82 65.42 -32.13
C SER E 83 -41.71 66.93 -32.34
N SER E 84 -42.86 67.62 -32.22
CA SER E 84 -42.95 69.06 -32.26
C SER E 84 -42.43 69.64 -30.95
N PRO E 85 -41.89 70.88 -30.93
CA PRO E 85 -41.40 71.51 -29.69
C PRO E 85 -42.44 71.64 -28.59
N VAL E 86 -41.97 71.50 -27.34
CA VAL E 86 -42.82 71.56 -26.15
C VAL E 86 -42.31 72.68 -25.25
N ASP E 87 -43.25 73.55 -24.84
CA ASP E 87 -42.99 74.59 -23.86
C ASP E 87 -43.22 74.03 -22.46
N LEU E 88 -42.22 74.19 -21.59
CA LEU E 88 -42.20 73.58 -20.26
C LEU E 88 -43.00 74.41 -19.26
N SER E 89 -43.39 75.63 -19.66
CA SER E 89 -44.16 76.52 -18.82
C SER E 89 -45.62 76.09 -18.74
N ASN E 90 -46.08 75.34 -19.75
CA ASN E 90 -47.44 74.84 -19.83
C ASN E 90 -47.49 73.36 -19.43
N VAL E 91 -46.40 72.88 -18.83
CA VAL E 91 -46.26 71.49 -18.41
C VAL E 91 -46.58 71.39 -16.92
N SER E 92 -47.44 70.42 -16.57
CA SER E 92 -47.82 70.12 -15.20
C SER E 92 -47.28 68.74 -14.80
N LEU E 93 -46.74 68.66 -13.57
CA LEU E 93 -46.16 67.44 -13.03
C LEU E 93 -47.01 66.95 -11.85
N SER E 94 -47.45 65.69 -11.94
CA SER E 94 -48.24 65.03 -10.91
C SER E 94 -47.39 63.98 -10.19
N LEU E 95 -47.59 63.87 -8.87
CA LEU E 95 -46.90 62.90 -8.02
C LEU E 95 -47.85 62.42 -6.93
N GLU E 96 -47.79 61.11 -6.64
CA GLU E 96 -48.60 60.48 -5.61
C GLU E 96 -47.69 59.73 -4.65
N TYR E 97 -47.79 60.07 -3.36
CA TYR E 97 -46.99 59.49 -2.29
C TYR E 97 -47.73 59.55 -0.97
N GLN E 98 -48.02 58.37 -0.40
CA GLN E 98 -48.55 58.16 0.94
C GLN E 98 -49.81 59.01 1.16
N GLY E 99 -50.75 58.91 0.22
CA GLY E 99 -52.04 59.59 0.32
C GLY E 99 -51.92 61.11 0.17
N GLN E 100 -51.05 61.55 -0.75
CA GLN E 100 -50.86 62.95 -1.05
C GLN E 100 -50.60 63.08 -2.56
N LEU E 101 -51.52 63.77 -3.24
CA LEU E 101 -51.46 63.98 -4.68
C LEU E 101 -51.02 65.42 -4.96
N ALA E 102 -49.79 65.56 -5.47
CA ALA E 102 -49.17 66.86 -5.72
C ALA E 102 -49.34 67.25 -7.19
N SER E 103 -49.40 68.57 -7.42
CA SER E 103 -49.42 69.15 -8.76
C SER E 103 -48.46 70.34 -8.81
N LEU E 104 -47.32 70.14 -9.49
CA LEU E 104 -46.23 71.11 -9.51
C LEU E 104 -46.19 71.82 -10.86
N LYS E 105 -45.77 73.09 -10.82
CA LYS E 105 -45.83 73.98 -11.96
C LYS E 105 -44.64 74.95 -11.94
N TYR E 106 -44.06 75.19 -13.12
CA TYR E 106 -42.96 76.12 -13.29
C TYR E 106 -43.51 77.50 -13.68
N THR E 107 -42.94 78.55 -13.06
CA THR E 107 -43.31 79.93 -13.34
C THR E 107 -42.14 80.62 -14.04
N PRO E 108 -42.32 81.12 -15.28
CA PRO E 108 -41.26 81.83 -16.01
C PRO E 108 -41.07 83.26 -15.50
N ALA E 109 -39.80 83.67 -15.38
CA ALA E 109 -39.40 84.99 -14.91
C ALA E 109 -38.04 85.35 -15.49
N THR E 110 -37.76 86.67 -15.54
CA THR E 110 -36.48 87.20 -15.98
C THR E 110 -35.44 87.03 -14.88
N THR E 111 -35.84 87.39 -13.64
CA THR E 111 -35.01 87.24 -12.46
C THR E 111 -35.77 86.46 -11.39
N ASN E 112 -35.01 85.79 -10.51
CA ASN E 112 -35.51 85.00 -9.39
C ASN E 112 -36.34 83.81 -9.89
N ALA E 113 -35.87 83.19 -10.98
CA ALA E 113 -36.50 82.03 -11.57
C ALA E 113 -35.65 80.78 -11.32
N SER E 114 -36.32 79.67 -11.02
CA SER E 114 -35.67 78.40 -10.77
C SER E 114 -35.18 77.79 -12.09
N PHE E 115 -34.03 78.29 -12.55
CA PHE E 115 -33.46 77.95 -13.84
C PHE E 115 -31.93 78.05 -13.76
N ALA E 116 -31.25 77.07 -14.37
CA ALA E 116 -29.80 77.00 -14.40
C ALA E 116 -29.34 76.40 -15.73
N VAL E 117 -28.22 76.93 -16.24
CA VAL E 117 -27.59 76.45 -17.47
C VAL E 117 -26.31 75.71 -17.10
N ASP E 118 -26.21 74.47 -17.59
CA ASP E 118 -25.07 73.60 -17.32
C ASP E 118 -24.79 72.73 -18.55
N THR E 119 -24.38 73.39 -19.63
CA THR E 119 -24.18 72.75 -20.93
C THR E 119 -22.70 72.44 -21.15
N ASN E 120 -21.84 73.10 -20.37
CA ASN E 120 -20.39 72.99 -20.52
C ASN E 120 -19.85 71.79 -19.73
N GLY E 121 -20.69 71.21 -18.88
CA GLY E 121 -20.33 70.06 -18.07
C GLY E 121 -20.16 70.43 -16.60
N THR E 122 -20.33 69.43 -15.72
CA THR E 122 -20.24 69.61 -14.28
C THR E 122 -19.67 68.36 -13.62
N SER E 123 -18.97 68.58 -12.49
CA SER E 123 -18.43 67.51 -11.67
C SER E 123 -19.48 66.98 -10.71
N ASN E 124 -20.49 67.82 -10.41
CA ASN E 124 -21.62 67.45 -9.57
C ASN E 124 -22.88 68.16 -10.07
N VAL E 125 -23.94 67.38 -10.27
CA VAL E 125 -25.23 67.88 -10.74
C VAL E 125 -25.94 68.59 -9.59
N PHE E 126 -25.79 68.03 -8.37
CA PHE E 126 -26.47 68.53 -7.18
C PHE E 126 -25.73 69.73 -6.58
N SER E 127 -24.84 70.36 -7.37
CA SER E 127 -24.09 71.52 -6.95
C SER E 127 -24.68 72.80 -7.54
N VAL E 128 -25.77 72.66 -8.30
CA VAL E 128 -26.44 73.77 -8.97
C VAL E 128 -27.44 74.42 -8.01
N LEU E 129 -27.50 73.91 -6.77
CA LEU E 129 -28.37 74.42 -5.73
C LEU E 129 -27.80 75.73 -5.17
N ASN E 130 -26.47 75.90 -5.30
CA ASN E 130 -25.75 77.04 -4.78
C ASN E 130 -25.57 78.11 -5.87
N ALA E 131 -26.09 77.83 -7.06
CA ALA E 131 -25.96 78.71 -8.22
C ALA E 131 -26.87 79.93 -8.07
N GLY E 132 -26.35 81.09 -8.50
CA GLY E 132 -27.06 82.37 -8.40
C GLY E 132 -28.14 82.50 -9.47
N VAL E 133 -29.29 83.04 -9.05
CA VAL E 133 -30.45 83.23 -9.94
C VAL E 133 -30.86 84.70 -9.95
N GLY E 134 -30.60 85.41 -8.84
CA GLY E 134 -30.98 86.80 -8.69
C GLY E 134 -30.11 87.54 -7.66
N TYR E 135 -30.50 88.78 -7.37
CA TYR E 135 -29.80 89.65 -6.44
C TYR E 135 -30.72 89.95 -5.24
N LYS E 136 -30.09 90.04 -4.05
CA LYS E 136 -30.78 90.36 -2.80
C LYS E 136 -31.35 91.77 -2.88
N ASN E 137 -30.47 92.72 -3.25
CA ASN E 137 -30.82 94.13 -3.40
C ASN E 137 -30.08 94.69 -4.62
N SER E 138 -29.99 96.02 -4.69
CA SER E 138 -29.38 96.72 -5.81
C SER E 138 -27.87 96.83 -5.64
N THR E 139 -27.39 96.57 -4.42
CA THR E 139 -25.99 96.80 -4.05
C THR E 139 -25.14 95.56 -4.33
N ALA E 140 -25.79 94.47 -4.76
CA ALA E 140 -25.11 93.21 -5.06
C ALA E 140 -24.31 93.32 -6.35
N THR E 141 -23.04 92.91 -6.27
CA THR E 141 -22.13 92.91 -7.41
C THR E 141 -22.34 91.66 -8.25
N PHE E 142 -22.56 90.52 -7.58
CA PHE E 142 -22.80 89.24 -8.22
C PHE E 142 -24.14 88.67 -7.75
N LYS E 143 -24.64 87.66 -8.46
CA LYS E 143 -25.88 86.97 -8.15
C LYS E 143 -25.69 86.15 -6.87
N ASN E 144 -26.41 86.54 -5.81
CA ASN E 144 -26.19 86.04 -4.47
C ASN E 144 -27.45 85.35 -3.92
N VAL E 145 -28.51 85.31 -4.73
CA VAL E 145 -29.71 84.55 -4.41
C VAL E 145 -29.56 83.15 -5.01
N GLU E 146 -29.57 82.13 -4.14
CA GLU E 146 -29.31 80.75 -4.52
C GLU E 146 -30.60 80.08 -5.02
N LEU E 147 -30.43 78.92 -5.67
CA LEU E 147 -31.50 78.18 -6.31
C LEU E 147 -32.37 77.48 -5.27
N LYS E 148 -31.81 77.27 -4.07
CA LYS E 148 -32.49 76.62 -2.96
C LYS E 148 -33.62 77.50 -2.43
N ASN E 149 -33.41 78.82 -2.49
CA ASN E 149 -34.24 79.80 -1.82
C ASN E 149 -35.53 80.07 -2.60
N VAL E 150 -35.58 79.61 -3.87
CA VAL E 150 -36.72 79.85 -4.74
C VAL E 150 -37.50 78.55 -4.96
N THR E 151 -36.82 77.41 -4.88
CA THR E 151 -37.43 76.10 -5.09
C THR E 151 -38.10 75.65 -3.79
N LYS E 152 -39.44 75.53 -3.84
CA LYS E 152 -40.25 75.26 -2.67
C LYS E 152 -41.12 74.02 -2.89
N SER E 153 -42.38 74.08 -2.42
CA SER E 153 -43.25 72.92 -2.34
C SER E 153 -44.30 72.91 -3.45
N THR E 154 -44.28 73.95 -4.30
CA THR E 154 -45.29 74.14 -5.33
C THR E 154 -44.67 74.13 -6.73
N ASN E 155 -43.35 74.32 -6.79
CA ASN E 155 -42.64 74.52 -8.05
C ASN E 155 -41.48 73.55 -8.19
N PHE E 156 -40.98 73.41 -9.44
CA PHE E 156 -39.79 72.64 -9.75
C PHE E 156 -38.79 73.51 -10.50
N ALA E 157 -37.52 73.08 -10.50
CA ALA E 157 -36.43 73.77 -11.17
C ALA E 157 -36.05 73.05 -12.46
N ILE E 158 -35.56 73.82 -13.44
CA ILE E 158 -35.10 73.29 -14.71
C ILE E 158 -33.60 73.54 -14.85
N VAL E 159 -32.85 72.45 -15.09
CA VAL E 159 -31.42 72.50 -15.32
C VAL E 159 -31.14 71.92 -16.71
N VAL E 160 -30.48 72.73 -17.56
CA VAL E 160 -30.22 72.37 -18.94
C VAL E 160 -28.91 71.58 -19.00
N ILE E 161 -28.95 70.44 -19.72
CA ILE E 161 -27.80 69.58 -19.94
C ILE E 161 -27.32 69.75 -21.38
N ARG E 162 -28.24 69.59 -22.33
CA ARG E 162 -27.96 69.75 -23.75
C ARG E 162 -28.94 70.75 -24.36
N ASP E 163 -28.41 71.65 -25.20
CA ASP E 163 -29.19 72.64 -25.94
C ASP E 163 -28.44 72.99 -27.22
N PRO E 164 -28.68 72.25 -28.33
CA PRO E 164 -27.95 72.47 -29.59
C PRO E 164 -28.32 73.74 -30.33
N SER E 165 -29.58 74.18 -30.21
CA SER E 165 -30.12 75.26 -31.01
C SER E 165 -30.38 76.52 -30.18
N ASN E 166 -30.10 76.45 -28.87
CA ASN E 166 -30.24 77.53 -27.91
C ASN E 166 -31.70 77.98 -27.87
N SER E 167 -32.59 77.07 -27.41
CA SER E 167 -34.02 77.29 -27.41
C SER E 167 -34.55 77.43 -25.98
N LEU E 168 -33.70 77.11 -24.99
CA LEU E 168 -34.09 77.09 -23.59
C LEU E 168 -33.58 78.35 -22.89
N THR E 169 -34.54 79.13 -22.37
CA THR E 169 -34.28 80.32 -21.56
C THR E 169 -35.17 80.29 -20.33
N SER E 170 -34.89 81.19 -19.37
CA SER E 170 -35.65 81.31 -18.13
C SER E 170 -37.05 81.86 -18.40
N SER E 171 -37.17 82.71 -19.42
CA SER E 171 -38.43 83.31 -19.82
C SER E 171 -39.21 82.36 -20.73
N HIS E 172 -38.50 81.70 -21.65
CA HIS E 172 -39.10 80.79 -22.61
C HIS E 172 -38.35 79.45 -22.60
N PRO E 173 -38.74 78.48 -21.74
CA PRO E 173 -38.12 77.15 -21.75
C PRO E 173 -38.76 76.20 -22.77
N VAL E 174 -38.30 76.31 -24.03
CA VAL E 174 -38.83 75.52 -25.13
C VAL E 174 -37.84 74.39 -25.43
N LEU E 175 -38.36 73.15 -25.32
CA LEU E 175 -37.58 71.94 -25.55
C LEU E 175 -37.69 71.54 -27.02
N THR E 176 -36.53 71.38 -27.67
CA THR E 176 -36.45 71.07 -29.09
C THR E 176 -35.75 69.73 -29.29
N THR E 177 -35.48 69.39 -30.56
CA THR E 177 -34.87 68.12 -30.95
C THR E 177 -33.39 68.13 -30.57
N GLY E 178 -33.00 67.14 -29.75
CA GLY E 178 -31.62 66.93 -29.36
C GLY E 178 -31.29 67.54 -28.00
N SER E 179 -32.28 68.15 -27.35
CA SER E 179 -32.10 68.82 -26.07
C SER E 179 -32.47 67.89 -24.92
N GLU E 180 -31.89 68.17 -23.74
CA GLU E 180 -32.08 67.37 -22.54
C GLU E 180 -32.07 68.28 -21.32
N VAL E 181 -33.04 68.07 -20.41
CA VAL E 181 -33.19 68.85 -19.19
C VAL E 181 -33.29 67.92 -17.98
N VAL E 182 -32.96 68.47 -16.81
CA VAL E 182 -33.14 67.81 -15.52
C VAL E 182 -34.15 68.63 -14.70
N ILE E 183 -35.19 67.94 -14.22
CA ILE E 183 -36.20 68.54 -13.35
C ILE E 183 -35.87 68.18 -11.91
N LEU E 184 -35.66 69.21 -11.09
CA LEU E 184 -35.34 69.06 -9.67
C LEU E 184 -36.57 69.37 -8.83
N VAL E 185 -36.89 68.45 -7.90
CA VAL E 185 -38.02 68.57 -7.00
C VAL E 185 -37.48 68.56 -5.55
N ASN E 186 -37.86 69.57 -4.78
CA ASN E 186 -37.56 69.65 -3.36
C ASN E 186 -38.50 68.69 -2.61
N THR E 187 -37.98 67.50 -2.32
CA THR E 187 -38.75 66.39 -1.77
C THR E 187 -39.08 66.65 -0.30
N SER E 188 -38.19 67.39 0.38
CA SER E 188 -38.35 67.71 1.79
C SER E 188 -39.40 68.80 2.00
N ALA E 189 -39.77 69.49 0.91
CA ALA E 189 -40.76 70.55 0.93
C ALA E 189 -42.15 70.00 0.61
N VAL E 190 -42.21 69.11 -0.40
CA VAL E 190 -43.46 68.61 -0.94
C VAL E 190 -44.04 67.54 0.00
N PHE E 191 -43.24 66.50 0.27
CA PHE E 191 -43.70 65.33 1.00
C PHE E 191 -43.10 65.31 2.41
N GLY E 192 -41.98 66.01 2.59
CA GLY E 192 -41.27 66.05 3.86
C GLY E 192 -40.33 64.86 4.02
N GLY E 193 -39.72 64.44 2.90
CA GLY E 193 -38.78 63.33 2.88
C GLY E 193 -39.45 62.01 2.54
N MET E 194 -38.93 61.33 1.52
CA MET E 194 -39.38 60.01 1.11
C MET E 194 -38.67 58.95 1.94
N LYS E 195 -39.42 57.89 2.30
CA LYS E 195 -38.95 56.86 3.21
C LYS E 195 -38.75 55.53 2.47
N GLN E 196 -38.23 54.54 3.20
CA GLN E 196 -37.83 53.25 2.66
C GLN E 196 -39.06 52.40 2.34
N GLY E 197 -39.01 51.75 1.16
CA GLY E 197 -40.02 50.79 0.73
C GLY E 197 -41.39 51.40 0.50
N GLN E 198 -41.41 52.51 -0.26
CA GLN E 198 -42.63 53.25 -0.55
C GLN E 198 -42.78 53.40 -2.07
N ALA E 199 -44.03 53.35 -2.54
CA ALA E 199 -44.35 53.42 -3.96
C ALA E 199 -44.61 54.87 -4.37
N VAL E 200 -44.01 55.26 -5.50
CA VAL E 200 -44.17 56.59 -6.08
C VAL E 200 -44.69 56.43 -7.51
N THR E 201 -45.80 57.12 -7.80
CA THR E 201 -46.46 57.08 -9.10
C THR E 201 -46.82 58.50 -9.53
N GLY E 202 -46.54 58.83 -10.79
CA GLY E 202 -46.81 60.15 -11.33
C GLY E 202 -46.69 60.24 -12.85
N GLN E 203 -46.96 61.44 -13.38
CA GLN E 203 -46.95 61.71 -14.81
C GLN E 203 -46.44 63.13 -15.07
N ILE E 204 -45.82 63.32 -16.23
CA ILE E 204 -45.46 64.64 -16.75
C ILE E 204 -46.37 64.93 -17.94
N ASN E 205 -47.32 65.85 -17.74
CA ASN E 205 -48.37 66.13 -18.71
C ASN E 205 -48.04 67.40 -19.49
N PRO E 206 -47.81 67.31 -20.83
CA PRO E 206 -47.76 68.50 -21.68
C PRO E 206 -49.16 68.97 -22.09
N SER E 207 -49.22 70.15 -22.70
CA SER E 207 -50.46 70.72 -23.21
C SER E 207 -50.93 69.94 -24.44
N VAL E 208 -49.98 69.67 -25.35
CA VAL E 208 -50.22 68.87 -26.54
C VAL E 208 -49.19 67.74 -26.58
N GLY E 209 -49.68 66.50 -26.64
CA GLY E 209 -48.83 65.33 -26.80
C GLY E 209 -49.17 64.22 -25.79
N SER E 210 -48.30 63.21 -25.75
CA SER E 210 -48.44 62.05 -24.87
C SER E 210 -47.55 62.20 -23.64
N PRO E 211 -48.02 61.85 -22.42
CA PRO E 211 -47.27 62.07 -21.19
C PRO E 211 -46.14 61.07 -20.93
N GLY E 212 -45.17 61.48 -20.10
CA GLY E 212 -44.10 60.62 -19.61
C GLY E 212 -44.46 60.04 -18.24
N ILE E 213 -44.13 58.75 -18.05
CA ILE E 213 -44.60 57.97 -16.92
C ILE E 213 -43.48 57.86 -15.89
N ILE E 214 -43.84 58.10 -14.62
CA ILE E 214 -42.97 57.92 -13.47
C ILE E 214 -43.60 56.87 -12.56
N GLN E 215 -42.87 55.77 -12.34
CA GLN E 215 -43.29 54.68 -11.46
C GLN E 215 -42.06 53.94 -10.94
N PHE E 216 -41.84 54.03 -9.62
CA PHE E 216 -40.73 53.37 -8.94
C PHE E 216 -41.09 53.11 -7.48
N THR E 217 -40.42 52.12 -6.89
CA THR E 217 -40.45 51.85 -5.46
C THR E 217 -39.09 52.17 -4.87
N THR E 218 -39.09 52.93 -3.76
CA THR E 218 -37.89 53.33 -3.05
C THR E 218 -37.21 52.10 -2.45
N PRO E 219 -35.86 52.02 -2.45
CA PRO E 219 -35.14 50.87 -1.89
C PRO E 219 -35.46 50.57 -0.43
N SER E 220 -35.28 49.30 -0.04
CA SER E 220 -35.61 48.79 1.28
C SER E 220 -34.70 49.41 2.35
N ALA E 221 -33.44 49.68 1.98
CA ALA E 221 -32.48 50.34 2.84
C ALA E 221 -31.57 51.25 2.01
N PHE E 222 -31.47 52.52 2.45
CA PHE E 222 -30.58 53.49 1.83
C PHE E 222 -29.16 53.27 2.37
N THR E 223 -28.24 52.95 1.47
CA THR E 223 -26.89 52.54 1.83
C THR E 223 -25.86 53.58 1.36
N GLU E 224 -26.21 54.31 0.30
CA GLU E 224 -25.33 55.34 -0.27
C GLU E 224 -26.08 56.67 -0.35
N THR E 225 -25.32 57.75 -0.60
CA THR E 225 -25.82 59.12 -0.58
C THR E 225 -26.69 59.38 -1.81
N VAL E 226 -26.16 59.08 -3.00
CA VAL E 226 -26.89 59.24 -4.25
C VAL E 226 -27.23 57.85 -4.79
N MET E 227 -28.53 57.65 -5.08
CA MET E 227 -29.07 56.37 -5.50
C MET E 227 -29.85 56.53 -6.79
N GLU E 228 -29.85 55.47 -7.61
CA GLU E 228 -30.67 55.39 -8.81
C GLU E 228 -31.99 54.72 -8.45
N LEU E 229 -33.10 55.37 -8.84
CA LEU E 229 -34.43 54.94 -8.47
C LEU E 229 -35.11 54.25 -9.65
N GLN E 230 -35.04 54.89 -10.83
CA GLN E 230 -35.64 54.37 -12.05
C GLN E 230 -34.60 54.41 -13.18
N GLU F 1 -100.98 85.84 -67.78
CA GLU F 1 -99.53 86.18 -67.74
C GLU F 1 -98.75 85.00 -67.15
N THR F 2 -97.41 85.08 -67.27
CA THR F 2 -96.48 84.04 -66.86
C THR F 2 -96.41 83.97 -65.33
N GLY F 3 -96.80 85.07 -64.66
CA GLY F 3 -96.73 85.21 -63.22
C GLY F 3 -97.58 84.20 -62.46
N ILE F 4 -98.75 83.87 -63.02
CA ILE F 4 -99.72 82.96 -62.41
C ILE F 4 -99.18 81.53 -62.47
N GLY F 5 -98.66 81.14 -63.65
CA GLY F 5 -98.17 79.79 -63.91
C GLY F 5 -96.90 79.45 -63.13
N THR F 6 -96.10 80.48 -62.85
CA THR F 6 -94.82 80.35 -62.15
C THR F 6 -95.07 79.96 -60.69
N LEU F 7 -96.12 80.54 -60.08
CA LEU F 7 -96.43 80.37 -58.67
C LEU F 7 -96.98 78.97 -58.40
N ILE F 8 -97.73 78.42 -59.36
CA ILE F 8 -98.39 77.12 -59.24
C ILE F 8 -97.33 76.01 -59.22
N ILE F 9 -96.34 76.12 -60.13
CA ILE F 9 -95.28 75.13 -60.27
C ILE F 9 -94.30 75.24 -59.09
N PHE F 10 -94.17 76.46 -58.55
CA PHE F 10 -93.30 76.75 -57.42
C PHE F 10 -93.70 75.93 -56.19
N ILE F 11 -95.02 75.84 -55.94
CA ILE F 11 -95.59 75.11 -54.82
C ILE F 11 -95.25 73.63 -54.96
N ALA F 12 -95.35 73.11 -56.20
CA ALA F 12 -95.11 71.72 -56.52
C ALA F 12 -93.63 71.36 -56.34
N MET F 13 -92.74 72.30 -56.66
CA MET F 13 -91.29 72.12 -56.59
C MET F 13 -90.84 71.97 -55.14
N VAL F 14 -91.49 72.71 -54.23
CA VAL F 14 -91.17 72.74 -52.81
C VAL F 14 -91.57 71.40 -52.18
N LEU F 15 -92.74 70.88 -52.59
CA LEU F 15 -93.31 69.66 -52.04
C LEU F 15 -92.50 68.43 -52.45
N VAL F 16 -91.95 68.46 -53.68
CA VAL F 16 -91.17 67.37 -54.23
C VAL F 16 -89.83 67.26 -53.51
N ALA F 17 -89.23 68.42 -53.20
CA ALA F 17 -87.92 68.52 -52.56
C ALA F 17 -87.98 68.03 -51.11
N ALA F 18 -89.17 68.15 -50.50
CA ALA F 18 -89.42 67.71 -49.13
C ALA F 18 -89.44 66.19 -49.05
N VAL F 19 -89.91 65.53 -50.12
CA VAL F 19 -90.08 64.09 -50.21
C VAL F 19 -88.70 63.42 -50.18
N ALA F 20 -87.78 63.94 -51.02
CA ALA F 20 -86.44 63.39 -51.18
C ALA F 20 -85.61 63.60 -49.91
N ALA F 21 -85.93 64.67 -49.17
CA ALA F 21 -85.30 65.00 -47.90
C ALA F 21 -85.67 63.98 -46.83
N THR F 22 -86.93 63.53 -46.86
CA THR F 22 -87.52 62.62 -45.89
C THR F 22 -86.89 61.23 -46.02
N VAL F 23 -86.60 60.82 -47.26
CA VAL F 23 -86.05 59.51 -47.59
C VAL F 23 -84.66 59.37 -46.96
N LEU F 24 -83.84 60.42 -47.08
CA LEU F 24 -82.45 60.41 -46.66
C LEU F 24 -82.33 60.37 -45.14
N ILE F 25 -83.27 61.04 -44.44
CA ILE F 25 -83.28 61.12 -42.98
C ILE F 25 -83.73 59.78 -42.40
N ASN F 26 -84.77 59.19 -43.00
CA ASN F 26 -85.38 57.95 -42.52
C ASN F 26 -84.43 56.77 -42.68
N THR F 27 -83.66 56.77 -43.79
CA THR F 27 -82.72 55.70 -44.10
C THR F 27 -81.52 55.74 -43.16
N ALA F 28 -81.06 56.96 -42.85
CA ALA F 28 -79.90 57.19 -41.99
C ALA F 28 -80.23 56.80 -40.54
N GLY F 29 -81.49 57.02 -40.14
CA GLY F 29 -81.97 56.68 -38.81
C GLY F 29 -82.08 55.16 -38.60
N SER F 30 -82.42 54.45 -39.69
CA SER F 30 -82.57 53.00 -39.68
C SER F 30 -81.21 52.31 -39.61
N LEU F 31 -80.23 52.88 -40.31
CA LEU F 31 -78.88 52.33 -40.40
C LEU F 31 -78.08 52.66 -39.14
N GLN F 32 -78.53 53.68 -38.39
CA GLN F 32 -77.88 54.16 -37.18
C GLN F 32 -77.94 53.09 -36.09
N GLN F 33 -79.12 52.49 -35.91
CA GLN F 33 -79.41 51.58 -34.81
C GLN F 33 -78.74 50.23 -35.05
N ARG F 34 -78.64 49.83 -36.33
CA ARG F 34 -78.05 48.56 -36.74
C ARG F 34 -76.54 48.59 -36.51
N ALA F 35 -75.90 49.72 -36.89
CA ALA F 35 -74.45 49.88 -36.83
C ALA F 35 -73.98 49.99 -35.38
N THR F 36 -74.82 50.57 -34.52
CA THR F 36 -74.52 50.77 -33.10
C THR F 36 -74.58 49.43 -32.37
N SER F 37 -75.61 48.62 -32.69
CA SER F 37 -75.88 47.35 -32.04
C SER F 37 -74.83 46.30 -32.44
N THR F 38 -74.38 46.36 -33.69
CA THR F 38 -73.41 45.42 -34.25
C THR F 38 -72.06 45.57 -33.56
N GLY F 39 -71.68 46.83 -33.30
CA GLY F 39 -70.41 47.17 -32.65
C GLY F 39 -70.35 46.67 -31.21
N SER F 40 -71.46 46.83 -30.48
CA SER F 40 -71.55 46.48 -29.06
C SER F 40 -71.59 44.97 -28.87
N GLN F 41 -72.25 44.27 -29.80
CA GLN F 41 -72.44 42.82 -29.74
C GLN F 41 -71.12 42.10 -30.04
N THR F 42 -70.32 42.67 -30.94
CA THR F 42 -69.05 42.10 -31.37
C THR F 42 -68.01 42.24 -30.27
N THR F 43 -68.06 43.38 -29.54
CA THR F 43 -67.15 43.67 -28.45
C THR F 43 -67.34 42.67 -27.32
N ASN F 44 -68.60 42.28 -27.07
CA ASN F 44 -68.95 41.30 -26.06
C ASN F 44 -68.56 39.89 -26.53
N GLN F 45 -68.61 39.68 -27.85
CA GLN F 45 -68.37 38.37 -28.46
C GLN F 45 -66.91 37.95 -28.33
N VAL F 46 -66.00 38.92 -28.52
CA VAL F 46 -64.57 38.68 -28.55
C VAL F 46 -64.04 38.48 -27.14
N SER F 47 -64.51 39.32 -26.20
CA SER F 47 -63.97 39.42 -24.85
C SER F 47 -64.39 38.23 -23.99
N THR F 48 -65.61 37.72 -24.21
CA THR F 48 -66.20 36.68 -23.39
C THR F 48 -65.62 35.32 -23.75
N GLY F 49 -65.41 34.47 -22.73
CA GLY F 49 -64.90 33.12 -22.90
C GLY F 49 -64.88 32.34 -21.58
N LEU F 50 -64.83 31.01 -21.70
CA LEU F 50 -64.76 30.10 -20.57
C LEU F 50 -63.43 29.34 -20.61
N ILE F 51 -62.90 29.02 -19.43
CA ILE F 51 -61.64 28.31 -19.29
C ILE F 51 -61.79 27.16 -18.30
N VAL F 52 -61.16 26.02 -18.63
CA VAL F 52 -61.15 24.82 -17.82
C VAL F 52 -59.89 24.85 -16.95
N GLN F 53 -60.09 24.62 -15.64
CA GLN F 53 -59.01 24.67 -14.67
C GLN F 53 -58.37 23.29 -14.53
N SER F 54 -59.15 22.33 -14.00
CA SER F 54 -58.67 20.97 -13.76
C SER F 54 -59.83 19.98 -13.82
N ILE F 55 -59.51 18.73 -14.19
CA ILE F 55 -60.47 17.65 -14.31
C ILE F 55 -60.03 16.50 -13.41
N TYR F 56 -60.98 16.01 -12.59
CA TYR F 56 -60.77 14.90 -11.68
C TYR F 56 -61.76 13.78 -11.97
N GLY F 57 -61.33 12.54 -11.70
CA GLY F 57 -62.15 11.35 -11.89
C GLY F 57 -62.16 10.46 -10.65
N MET F 58 -63.20 9.62 -10.54
CA MET F 58 -63.38 8.74 -9.39
C MET F 58 -63.62 7.31 -9.89
N ASP F 59 -62.85 6.37 -9.33
CA ASP F 59 -62.93 4.95 -9.65
C ASP F 59 -64.12 4.33 -8.92
N ASN F 60 -64.69 3.28 -9.52
CA ASN F 60 -65.92 2.66 -9.03
C ASN F 60 -65.63 1.53 -8.05
N ASN F 61 -64.37 1.07 -8.02
CA ASN F 61 -63.94 0.01 -7.12
C ASN F 61 -63.01 0.59 -6.06
N ARG F 62 -63.35 0.34 -4.79
CA ARG F 62 -62.62 0.85 -3.64
C ARG F 62 -61.64 -0.22 -3.13
N SER F 63 -62.08 -1.48 -3.16
CA SER F 63 -61.31 -2.61 -2.65
C SER F 63 -60.08 -2.86 -3.51
N ASN F 64 -60.27 -2.83 -4.84
CA ASN F 64 -59.20 -3.00 -5.80
C ASN F 64 -59.41 -2.04 -6.97
N PRO F 65 -58.75 -0.86 -6.98
CA PRO F 65 -58.97 0.14 -8.03
C PRO F 65 -58.34 -0.20 -9.39
N GLU F 66 -57.61 -1.32 -9.44
CA GLU F 66 -56.87 -1.75 -10.62
C GLU F 66 -57.82 -2.28 -11.68
N SER F 67 -58.90 -2.94 -11.23
CA SER F 67 -59.89 -3.55 -12.12
C SER F 67 -61.17 -2.71 -12.15
N GLY F 68 -61.03 -1.41 -11.89
CA GLY F 68 -62.17 -0.50 -11.81
C GLY F 68 -62.26 0.42 -13.03
N SER F 69 -63.35 1.19 -13.07
CA SER F 69 -63.61 2.18 -14.11
C SER F 69 -64.14 3.47 -13.48
N LEU F 70 -64.08 4.56 -14.25
CA LEU F 70 -64.50 5.88 -13.79
C LEU F 70 -66.02 5.99 -13.87
N ASN F 71 -66.65 6.32 -12.73
CA ASN F 71 -68.10 6.42 -12.63
C ASN F 71 -68.55 7.88 -12.56
N TRP F 72 -67.66 8.76 -12.08
CA TRP F 72 -67.95 10.19 -11.97
C TRP F 72 -66.74 11.02 -12.41
N THR F 73 -67.02 12.18 -13.02
CA THR F 73 -66.01 13.10 -13.51
C THR F 73 -66.41 14.53 -13.11
N ALA F 74 -65.42 15.30 -12.62
CA ALA F 74 -65.62 16.66 -12.15
C ALA F 74 -64.72 17.62 -12.92
N ILE F 75 -65.32 18.70 -13.44
CA ILE F 75 -64.64 19.69 -14.26
C ILE F 75 -64.78 21.07 -13.60
N TYR F 76 -63.64 21.71 -13.34
CA TYR F 76 -63.57 23.05 -12.75
C TYR F 76 -63.57 24.09 -13.86
N VAL F 77 -64.52 25.03 -13.79
CA VAL F 77 -64.76 26.01 -14.84
C VAL F 77 -64.82 27.42 -14.22
N THR F 78 -64.09 28.35 -14.85
CA THR F 78 -64.12 29.77 -14.52
C THR F 78 -64.29 30.59 -15.79
N LEU F 79 -64.62 31.89 -15.62
CA LEU F 79 -64.67 32.85 -16.71
C LEU F 79 -63.27 33.36 -17.01
N ASN F 80 -63.11 33.92 -18.23
CA ASN F 80 -61.88 34.58 -18.65
C ASN F 80 -61.86 36.00 -18.08
N THR F 81 -60.68 36.63 -18.14
CA THR F 81 -60.48 37.96 -17.58
C THR F 81 -61.12 39.02 -18.48
N GLY F 82 -61.97 39.86 -17.87
CA GLY F 82 -62.69 40.92 -18.56
C GLY F 82 -63.78 40.37 -19.48
N SER F 83 -64.60 39.46 -18.93
CA SER F 83 -65.64 38.78 -19.69
C SER F 83 -67.02 39.18 -19.19
N SER F 84 -67.99 39.19 -20.12
CA SER F 84 -69.40 39.42 -19.83
C SER F 84 -69.99 38.17 -19.18
N PRO F 85 -71.04 38.29 -18.33
CA PRO F 85 -71.67 37.13 -17.69
C PRO F 85 -72.22 36.09 -18.66
N VAL F 86 -72.13 34.81 -18.26
CA VAL F 86 -72.55 33.67 -19.06
C VAL F 86 -73.62 32.90 -18.29
N ASP F 87 -74.75 32.63 -18.96
CA ASP F 87 -75.81 31.79 -18.43
C ASP F 87 -75.51 30.33 -18.82
N LEU F 88 -75.52 29.46 -17.80
CA LEU F 88 -75.10 28.07 -17.96
C LEU F 88 -76.23 27.21 -18.52
N SER F 89 -77.45 27.77 -18.56
CA SER F 89 -78.63 27.09 -19.07
C SER F 89 -78.60 27.00 -20.60
N ASN F 90 -77.86 27.93 -21.23
CA ASN F 90 -77.73 28.00 -22.68
C ASN F 90 -76.39 27.41 -23.12
N VAL F 91 -75.72 26.70 -22.20
CA VAL F 91 -74.41 26.11 -22.44
C VAL F 91 -74.59 24.63 -22.77
N SER F 92 -73.94 24.21 -23.86
CA SER F 92 -73.92 22.82 -24.30
C SER F 92 -72.52 22.23 -24.16
N LEU F 93 -72.47 20.98 -23.67
CA LEU F 93 -71.22 20.27 -23.43
C LEU F 93 -71.13 19.08 -24.38
N SER F 94 -70.03 19.02 -25.13
CA SER F 94 -69.75 17.94 -26.07
C SER F 94 -68.61 17.08 -25.53
N LEU F 95 -68.73 15.75 -25.76
CA LEU F 95 -67.74 14.77 -25.35
C LEU F 95 -67.66 13.66 -26.41
N GLU F 96 -66.43 13.20 -26.68
CA GLU F 96 -66.18 12.13 -27.64
C GLU F 96 -65.35 11.05 -26.97
N TYR F 97 -65.88 9.81 -26.97
CA TYR F 97 -65.24 8.66 -26.36
C TYR F 97 -65.68 7.38 -27.07
N GLN F 98 -64.69 6.68 -27.65
CA GLN F 98 -64.81 5.35 -28.23
C GLN F 98 -65.98 5.27 -29.22
N GLY F 99 -66.01 6.24 -30.15
CA GLY F 99 -67.01 6.28 -31.21
C GLY F 99 -68.41 6.60 -30.71
N GLN F 100 -68.47 7.54 -29.74
CA GLN F 100 -69.73 8.02 -29.18
C GLN F 100 -69.59 9.50 -28.89
N LEU F 101 -70.40 10.32 -29.60
CA LEU F 101 -70.39 11.76 -29.48
C LEU F 101 -71.61 12.20 -28.68
N ALA F 102 -71.36 12.69 -27.44
CA ALA F 102 -72.41 13.07 -26.52
C ALA F 102 -72.64 14.57 -26.57
N SER F 103 -73.89 14.98 -26.27
CA SER F 103 -74.27 16.38 -26.13
C SER F 103 -75.15 16.54 -24.89
N LEU F 104 -74.57 17.15 -23.84
CA LEU F 104 -75.21 17.24 -22.53
C LEU F 104 -75.70 18.67 -22.31
N LYS F 105 -76.81 18.79 -21.56
CA LYS F 105 -77.54 20.02 -21.38
C LYS F 105 -78.14 20.08 -19.98
N TYR F 106 -78.06 21.26 -19.35
CA TYR F 106 -78.65 21.50 -18.04
C TYR F 106 -80.06 22.08 -18.20
N THR F 107 -80.99 21.58 -17.39
CA THR F 107 -82.37 22.04 -17.38
C THR F 107 -82.64 22.78 -16.06
N PRO F 108 -83.00 24.09 -16.10
CA PRO F 108 -83.31 24.85 -14.89
C PRO F 108 -84.70 24.52 -14.33
N ALA F 109 -84.77 24.40 -13.00
CA ALA F 109 -85.99 24.10 -12.27
C ALA F 109 -85.92 24.66 -10.85
N THR F 110 -87.09 24.86 -10.24
CA THR F 110 -87.21 25.32 -8.86
C THR F 110 -86.92 24.16 -7.90
N THR F 111 -87.52 23.00 -8.20
CA THR F 111 -87.32 21.78 -7.44
C THR F 111 -86.92 20.65 -8.39
N ASN F 112 -86.19 19.66 -7.84
CA ASN F 112 -85.72 18.47 -8.53
C ASN F 112 -84.73 18.85 -9.65
N ALA F 113 -83.87 19.83 -9.35
CA ALA F 113 -82.85 20.30 -10.27
C ALA F 113 -81.48 19.85 -9.77
N SER F 114 -80.61 19.44 -10.72
CA SER F 114 -79.26 19.00 -10.42
C SER F 114 -78.38 20.22 -10.11
N PHE F 115 -78.50 20.70 -8.86
CA PHE F 115 -77.85 21.91 -8.39
C PHE F 115 -77.56 21.78 -6.90
N ALA F 116 -76.36 22.24 -6.50
CA ALA F 116 -75.91 22.21 -5.11
C ALA F 116 -75.04 23.42 -4.81
N VAL F 117 -75.19 23.96 -3.60
CA VAL F 117 -74.41 25.10 -3.11
C VAL F 117 -73.41 24.59 -2.08
N ASP F 118 -72.13 24.90 -2.30
CA ASP F 118 -71.04 24.48 -1.44
C ASP F 118 -69.98 25.58 -1.39
N THR F 119 -70.36 26.73 -0.83
CA THR F 119 -69.51 27.92 -0.79
C THR F 119 -68.81 28.05 0.57
N ASN F 120 -69.32 27.32 1.57
CA ASN F 120 -68.82 27.40 2.93
C ASN F 120 -67.64 26.46 3.13
N GLY F 121 -67.42 25.56 2.16
CA GLY F 121 -66.32 24.60 2.21
C GLY F 121 -66.83 23.18 2.47
N THR F 122 -66.03 22.19 2.02
CA THR F 122 -66.37 20.79 2.15
C THR F 122 -65.11 19.95 2.38
N SER F 123 -65.28 18.83 3.10
CA SER F 123 -64.23 17.86 3.34
C SER F 123 -64.12 16.89 2.17
N ASN F 124 -65.23 16.72 1.44
CA ASN F 124 -65.28 15.90 0.24
C ASN F 124 -66.23 16.53 -0.78
N VAL F 125 -65.73 16.68 -2.02
CA VAL F 125 -66.48 17.25 -3.12
C VAL F 125 -67.49 16.22 -3.63
N PHE F 126 -67.09 14.94 -3.64
CA PHE F 126 -67.90 13.85 -4.16
C PHE F 126 -68.93 13.38 -3.13
N SER F 127 -69.19 14.21 -2.11
CA SER F 127 -70.17 13.90 -1.08
C SER F 127 -71.46 14.68 -1.31
N VAL F 128 -71.51 15.46 -2.40
CA VAL F 128 -72.66 16.28 -2.75
C VAL F 128 -73.68 15.45 -3.54
N LEU F 129 -73.36 14.17 -3.74
CA LEU F 129 -74.23 13.23 -4.45
C LEU F 129 -75.39 12.83 -3.56
N ASN F 130 -75.19 12.91 -2.24
CA ASN F 130 -76.16 12.52 -1.24
C ASN F 130 -77.00 13.72 -0.78
N ALA F 131 -76.71 14.89 -1.35
CA ALA F 131 -77.37 16.14 -0.98
C ALA F 131 -78.79 16.18 -1.54
N GLY F 132 -79.70 16.73 -0.73
CA GLY F 132 -81.12 16.83 -1.08
C GLY F 132 -81.40 17.95 -2.08
N VAL F 133 -82.26 17.65 -3.06
CA VAL F 133 -82.63 18.59 -4.11
C VAL F 133 -84.14 18.81 -4.13
N GLY F 134 -84.90 17.79 -3.69
CA GLY F 134 -86.35 17.83 -3.68
C GLY F 134 -86.96 16.87 -2.66
N TYR F 135 -88.30 16.76 -2.71
CA TYR F 135 -89.06 15.91 -1.82
C TYR F 135 -89.74 14.80 -2.62
N LYS F 136 -89.82 13.61 -2.00
CA LYS F 136 -90.47 12.43 -2.57
C LYS F 136 -91.96 12.71 -2.76
N ASN F 137 -92.60 13.16 -1.67
CA ASN F 137 -94.01 13.51 -1.63
C ASN F 137 -94.19 14.75 -0.76
N SER F 138 -95.43 14.99 -0.32
CA SER F 138 -95.80 16.17 0.45
C SER F 138 -95.53 15.96 1.94
N THR F 139 -95.31 14.69 2.33
CA THR F 139 -95.23 14.29 3.73
C THR F 139 -93.78 14.38 4.24
N ALA F 140 -92.85 14.72 3.33
CA ALA F 140 -91.44 14.81 3.64
C ALA F 140 -91.16 16.07 4.45
N THR F 141 -90.43 15.89 5.57
CA THR F 141 -90.05 16.98 6.46
C THR F 141 -88.80 17.67 5.91
N PHE F 142 -87.85 16.87 5.40
CA PHE F 142 -86.61 17.35 4.84
C PHE F 142 -86.48 16.87 3.39
N LYS F 143 -85.53 17.47 2.65
CA LYS F 143 -85.25 17.11 1.27
C LYS F 143 -84.59 15.74 1.23
N ASN F 144 -85.29 14.76 0.63
CA ASN F 144 -84.93 13.36 0.70
C ASN F 144 -84.67 12.78 -0.69
N VAL F 145 -84.79 13.63 -1.73
CA VAL F 145 -84.42 13.25 -3.08
C VAL F 145 -82.97 13.66 -3.29
N GLU F 146 -82.11 12.68 -3.58
CA GLU F 146 -80.67 12.87 -3.69
C GLU F 146 -80.31 13.32 -5.11
N LEU F 147 -79.07 13.81 -5.25
CA LEU F 147 -78.55 14.40 -6.48
C LEU F 147 -78.24 13.31 -7.51
N LYS F 148 -78.05 12.07 -7.02
CA LYS F 148 -77.76 10.92 -7.85
C LYS F 148 -78.97 10.56 -8.71
N ASN F 149 -80.17 10.78 -8.16
CA ASN F 149 -81.42 10.26 -8.71
C ASN F 149 -81.91 11.12 -9.87
N VAL F 150 -81.31 12.31 -10.04
CA VAL F 150 -81.71 13.25 -11.08
C VAL F 150 -80.65 13.35 -12.18
N THR F 151 -79.38 13.10 -11.81
CA THR F 151 -78.28 13.16 -12.75
C THR F 151 -78.19 11.84 -13.53
N LYS F 152 -78.42 11.92 -14.84
CA LYS F 152 -78.53 10.76 -15.70
C LYS F 152 -77.54 10.85 -16.86
N SER F 153 -77.98 10.45 -18.06
CA SER F 153 -77.11 10.25 -19.22
C SER F 153 -77.23 11.39 -20.22
N THR F 154 -78.11 12.37 -19.93
CA THR F 154 -78.41 13.45 -20.85
C THR F 154 -78.07 14.81 -20.24
N ASN F 155 -77.89 14.85 -18.92
CA ASN F 155 -77.74 16.10 -18.18
C ASN F 155 -76.48 16.06 -17.31
N PHE F 156 -76.06 17.26 -16.87
CA PHE F 156 -74.96 17.43 -15.92
C PHE F 156 -75.43 18.25 -14.72
N ALA F 157 -74.69 18.14 -13.61
CA ALA F 157 -74.98 18.85 -12.37
C ALA F 157 -74.02 20.02 -12.19
N ILE F 158 -74.50 21.07 -11.50
CA ILE F 158 -73.71 22.25 -11.20
C ILE F 158 -73.54 22.36 -9.69
N VAL F 159 -72.27 22.43 -9.26
CA VAL F 159 -71.91 22.61 -7.86
C VAL F 159 -71.10 23.90 -7.74
N VAL F 160 -71.59 24.82 -6.89
CA VAL F 160 -71.00 26.14 -6.72
C VAL F 160 -69.89 26.05 -5.67
N ILE F 161 -68.72 26.62 -6.01
CA ILE F 161 -67.56 26.68 -5.12
C ILE F 161 -67.41 28.11 -4.60
N ARG F 162 -67.36 29.08 -5.53
CA ARG F 162 -67.26 30.48 -5.21
C ARG F 162 -68.40 31.25 -5.89
N ASP F 163 -69.01 32.18 -5.13
CA ASP F 163 -70.06 33.06 -5.63
C ASP F 163 -70.04 34.36 -4.81
N PRO F 164 -69.24 35.38 -5.23
CA PRO F 164 -69.09 36.62 -4.47
C PRO F 164 -70.32 37.54 -4.49
N SER F 165 -71.07 37.51 -5.58
CA SER F 165 -72.15 38.46 -5.82
C SER F 165 -73.53 37.81 -5.74
N ASN F 166 -73.55 36.49 -5.49
CA ASN F 166 -74.75 35.68 -5.35
C ASN F 166 -75.58 35.75 -6.65
N SER F 167 -74.99 35.22 -7.72
CA SER F 167 -75.57 35.30 -9.06
C SER F 167 -76.03 33.92 -9.54
N LEU F 168 -75.64 32.86 -8.81
CA LEU F 168 -75.90 31.49 -9.19
C LEU F 168 -77.07 30.94 -8.38
N THR F 169 -78.13 30.56 -9.09
CA THR F 169 -79.31 29.90 -8.53
C THR F 169 -79.68 28.70 -9.41
N SER F 170 -80.59 27.86 -8.90
CA SER F 170 -81.07 26.68 -9.60
C SER F 170 -81.92 27.06 -10.81
N SER F 171 -82.64 28.18 -10.69
CA SER F 171 -83.49 28.70 -11.75
C SER F 171 -82.67 29.51 -12.76
N HIS F 172 -81.73 30.33 -12.24
CA HIS F 172 -80.88 31.18 -13.06
C HIS F 172 -79.41 30.97 -12.68
N PRO F 173 -78.68 30.03 -13.32
CA PRO F 173 -77.26 29.83 -13.07
C PRO F 173 -76.39 30.75 -13.93
N VAL F 174 -76.21 31.98 -13.46
CA VAL F 174 -75.44 33.00 -14.17
C VAL F 174 -74.06 33.11 -13.52
N LEU F 175 -73.02 32.87 -14.33
CA LEU F 175 -71.64 32.91 -13.91
C LEU F 175 -71.09 34.33 -14.12
N THR F 176 -70.54 34.91 -13.04
CA THR F 176 -70.04 36.28 -13.05
C THR F 176 -68.54 36.28 -12.72
N THR F 177 -67.99 37.49 -12.54
CA THR F 177 -66.56 37.69 -12.28
C THR F 177 -66.24 37.26 -10.85
N GLY F 178 -65.30 36.31 -10.74
CA GLY F 178 -64.79 35.83 -9.46
C GLY F 178 -65.46 34.54 -8.99
N SER F 179 -66.39 34.02 -9.79
CA SER F 179 -67.16 32.83 -9.45
C SER F 179 -66.52 31.58 -10.06
N GLU F 180 -66.77 30.43 -9.42
CA GLU F 180 -66.22 29.14 -9.81
C GLU F 180 -67.26 28.05 -9.57
N VAL F 181 -67.42 27.17 -10.57
CA VAL F 181 -68.37 26.06 -10.51
C VAL F 181 -67.67 24.75 -10.86
N VAL F 182 -68.26 23.63 -10.41
CA VAL F 182 -67.85 22.28 -10.75
C VAL F 182 -69.00 21.62 -11.51
N ILE F 183 -68.68 21.09 -12.70
CA ILE F 183 -69.63 20.34 -13.52
C ILE F 183 -69.39 18.85 -13.31
N LEU F 184 -70.44 18.16 -12.83
CA LEU F 184 -70.39 16.73 -12.58
C LEU F 184 -71.12 15.98 -13.68
N VAL F 185 -70.44 14.96 -14.23
CA VAL F 185 -70.98 14.11 -15.29
C VAL F 185 -71.01 12.67 -14.79
N ASN F 186 -72.19 12.05 -14.88
CA ASN F 186 -72.37 10.63 -14.58
C ASN F 186 -71.79 9.82 -15.74
N THR F 187 -70.55 9.34 -15.56
CA THR F 187 -69.77 8.69 -16.60
C THR F 187 -70.29 7.28 -16.85
N SER F 188 -70.86 6.66 -15.81
CA SER F 188 -71.40 5.31 -15.87
C SER F 188 -72.74 5.29 -16.60
N ALA F 189 -73.35 6.47 -16.77
CA ALA F 189 -74.63 6.61 -17.45
C ALA F 189 -74.42 6.93 -18.93
N VAL F 190 -73.45 7.81 -19.21
CA VAL F 190 -73.23 8.34 -20.56
C VAL F 190 -72.49 7.29 -21.39
N PHE F 191 -71.31 6.86 -20.90
CA PHE F 191 -70.42 5.99 -21.67
C PHE F 191 -70.42 4.58 -21.09
N GLY F 192 -70.83 4.44 -19.83
CA GLY F 192 -70.84 3.17 -19.13
C GLY F 192 -69.48 2.82 -18.55
N GLY F 193 -68.77 3.85 -18.07
CA GLY F 193 -67.46 3.69 -17.44
C GLY F 193 -66.33 3.89 -18.45
N MET F 194 -65.41 4.80 -18.11
CA MET F 194 -64.21 5.05 -18.90
C MET F 194 -63.12 4.07 -18.49
N LYS F 195 -62.35 3.62 -19.49
CA LYS F 195 -61.36 2.56 -19.32
C LYS F 195 -59.95 3.12 -19.47
N GLN F 196 -58.95 2.25 -19.23
CA GLN F 196 -57.54 2.61 -19.18
C GLN F 196 -57.01 2.87 -20.60
N GLY F 197 -56.23 3.95 -20.73
CA GLY F 197 -55.50 4.30 -21.94
C GLY F 197 -56.42 4.65 -23.10
N GLN F 198 -57.39 5.54 -22.83
CA GLN F 198 -58.37 5.97 -23.81
C GLN F 198 -58.35 7.50 -23.90
N ALA F 199 -58.57 8.01 -25.13
CA ALA F 199 -58.54 9.44 -25.41
C ALA F 199 -59.94 10.03 -25.28
N VAL F 200 -60.00 11.19 -24.59
CA VAL F 200 -61.23 11.93 -24.38
C VAL F 200 -61.04 13.35 -24.93
N THR F 201 -61.94 13.77 -25.82
CA THR F 201 -61.90 15.08 -26.45
C THR F 201 -63.30 15.69 -26.43
N GLY F 202 -63.38 16.98 -26.07
CA GLY F 202 -64.65 17.69 -25.98
C GLY F 202 -64.49 19.20 -25.83
N GLN F 203 -65.64 19.89 -25.78
CA GLN F 203 -65.72 21.34 -25.69
C GLN F 203 -66.90 21.76 -24.82
N ILE F 204 -66.78 22.92 -24.17
CA ILE F 204 -67.86 23.58 -23.47
C ILE F 204 -68.23 24.84 -24.26
N ASN F 205 -69.38 24.78 -24.95
CA ASN F 205 -69.78 25.82 -25.88
C ASN F 205 -70.82 26.75 -25.22
N PRO F 206 -70.50 28.04 -25.03
CA PRO F 206 -71.51 29.04 -24.65
C PRO F 206 -72.26 29.56 -25.88
N SER F 207 -73.34 30.31 -25.62
CA SER F 207 -74.13 30.94 -26.67
C SER F 207 -73.35 32.08 -27.32
N VAL F 208 -72.72 32.91 -26.47
CA VAL F 208 -71.86 34.00 -26.90
C VAL F 208 -70.51 33.86 -26.21
N GLY F 209 -69.44 33.78 -27.01
CA GLY F 209 -68.08 33.75 -26.50
C GLY F 209 -67.24 32.63 -27.12
N SER F 210 -66.05 32.43 -26.55
CA SER F 210 -65.10 31.41 -27.00
C SER F 210 -65.18 30.18 -26.10
N PRO F 211 -65.11 28.95 -26.66
CA PRO F 211 -65.29 27.72 -25.87
C PRO F 211 -64.07 27.30 -25.05
N GLY F 212 -64.33 26.49 -24.01
CA GLY F 212 -63.30 25.85 -23.21
C GLY F 212 -63.01 24.44 -23.71
N ILE F 213 -61.72 24.08 -23.73
CA ILE F 213 -61.25 22.87 -24.40
C ILE F 213 -60.98 21.79 -23.35
N ILE F 214 -61.48 20.57 -23.64
CA ILE F 214 -61.23 19.38 -22.85
C ILE F 214 -60.51 18.37 -23.74
N GLN F 215 -59.28 17.99 -23.32
CA GLN F 215 -58.47 17.00 -24.02
C GLN F 215 -57.52 16.34 -23.02
N PHE F 216 -57.71 15.03 -22.80
CA PHE F 216 -56.88 14.23 -21.92
C PHE F 216 -56.93 12.77 -22.33
N THR F 217 -55.88 12.02 -21.94
CA THR F 217 -55.82 10.58 -22.06
C THR F 217 -55.85 9.98 -20.65
N THR F 218 -56.72 8.98 -20.46
CA THR F 218 -56.88 8.28 -19.20
C THR F 218 -55.61 7.50 -18.88
N PRO F 219 -55.18 7.43 -17.59
CA PRO F 219 -53.97 6.71 -17.20
C PRO F 219 -53.96 5.23 -17.60
N SER F 220 -52.74 4.68 -17.76
CA SER F 220 -52.52 3.31 -18.21
C SER F 220 -53.01 2.30 -17.18
N ALA F 221 -52.90 2.66 -15.90
CA ALA F 221 -53.39 1.85 -14.79
C ALA F 221 -53.92 2.75 -13.68
N PHE F 222 -55.16 2.48 -13.25
CA PHE F 222 -55.77 3.17 -12.13
C PHE F 222 -55.26 2.56 -10.82
N THR F 223 -54.59 3.38 -10.01
CA THR F 223 -53.91 2.92 -8.82
C THR F 223 -54.56 3.48 -7.55
N GLU F 224 -55.22 4.63 -7.69
CA GLU F 224 -55.90 5.29 -6.58
C GLU F 224 -57.36 5.57 -6.95
N THR F 225 -58.15 5.92 -5.92
CA THR F 225 -59.60 6.10 -6.04
C THR F 225 -59.91 7.38 -6.81
N VAL F 226 -59.34 8.51 -6.37
CA VAL F 226 -59.50 9.79 -7.03
C VAL F 226 -58.20 10.16 -7.73
N MET F 227 -58.31 10.47 -9.03
CA MET F 227 -57.17 10.75 -9.89
C MET F 227 -57.35 12.09 -10.59
N GLU F 228 -56.23 12.76 -10.86
CA GLU F 228 -56.20 13.97 -11.67
C GLU F 228 -55.96 13.58 -13.13
N LEU F 229 -56.83 14.09 -14.02
CA LEU F 229 -56.81 13.72 -15.43
C LEU F 229 -56.17 14.84 -16.26
N GLN F 230 -56.60 16.08 -16.02
CA GLN F 230 -56.11 17.24 -16.72
C GLN F 230 -55.73 18.33 -15.70
N GLU G 1 -95.90 78.95 -71.25
CA GLU G 1 -95.83 78.90 -69.76
C GLU G 1 -94.59 78.14 -69.32
N THR G 2 -94.30 78.21 -68.01
CA THR G 2 -93.11 77.63 -67.39
C THR G 2 -93.23 76.11 -67.33
N GLY G 3 -94.47 75.60 -67.43
CA GLY G 3 -94.78 74.18 -67.33
C GLY G 3 -94.13 73.33 -68.42
N ILE G 4 -94.05 73.90 -69.63
CA ILE G 4 -93.52 73.22 -70.81
C ILE G 4 -91.99 73.07 -70.66
N GLY G 5 -91.33 74.17 -70.27
CA GLY G 5 -89.88 74.24 -70.15
C GLY G 5 -89.33 73.38 -69.02
N THR G 6 -90.14 73.20 -67.96
CA THR G 6 -89.77 72.44 -66.78
C THR G 6 -89.65 70.95 -67.13
N LEU G 7 -90.57 70.47 -67.98
CA LEU G 7 -90.68 69.06 -68.33
C LEU G 7 -89.51 68.63 -69.22
N ILE G 8 -89.05 69.54 -70.10
CA ILE G 8 -88.00 69.28 -71.07
C ILE G 8 -86.66 69.08 -70.34
N ILE G 9 -86.38 69.96 -69.36
CA ILE G 9 -85.14 69.94 -68.60
C ILE G 9 -85.16 68.74 -67.64
N PHE G 10 -86.35 68.35 -67.18
CA PHE G 10 -86.56 67.23 -66.26
C PHE G 10 -86.05 65.93 -66.88
N ILE G 11 -86.33 65.72 -68.17
CA ILE G 11 -85.93 64.54 -68.91
C ILE G 11 -84.40 64.48 -68.98
N ALA G 12 -83.78 65.64 -69.21
CA ALA G 12 -82.33 65.78 -69.35
C ALA G 12 -81.63 65.49 -68.02
N MET G 13 -82.26 65.90 -66.91
CA MET G 13 -81.72 65.76 -65.56
C MET G 13 -81.64 64.28 -65.17
N VAL G 14 -82.64 63.50 -65.61
CA VAL G 14 -82.77 62.08 -65.30
C VAL G 14 -81.69 61.30 -66.03
N LEU G 15 -81.43 61.68 -67.30
CA LEU G 15 -80.50 61.01 -68.17
C LEU G 15 -79.05 61.23 -67.71
N VAL G 16 -78.77 62.43 -67.17
CA VAL G 16 -77.45 62.81 -66.70
C VAL G 16 -77.09 62.03 -65.44
N ALA G 17 -78.09 61.85 -64.55
CA ALA G 17 -77.92 61.18 -63.27
C ALA G 17 -77.66 59.67 -63.47
N ALA G 18 -78.16 59.13 -64.58
CA ALA G 18 -77.99 57.73 -64.94
C ALA G 18 -76.56 57.44 -65.37
N VAL G 19 -75.92 58.45 -65.99
CA VAL G 19 -74.57 58.35 -66.53
C VAL G 19 -73.57 58.20 -65.38
N ALA G 20 -73.71 59.06 -64.35
CA ALA G 20 -72.82 59.10 -63.20
C ALA G 20 -72.97 57.84 -62.35
N ALA G 21 -74.17 57.24 -62.38
CA ALA G 21 -74.49 56.01 -61.69
C ALA G 21 -73.75 54.84 -62.32
N THR G 22 -73.65 54.86 -63.66
CA THR G 22 -73.06 53.79 -64.46
C THR G 22 -71.56 53.72 -64.23
N VAL G 23 -70.92 54.90 -64.05
CA VAL G 23 -69.49 55.03 -63.86
C VAL G 23 -69.07 54.33 -62.57
N LEU G 24 -69.84 54.56 -61.49
CA LEU G 24 -69.53 54.08 -60.15
C LEU G 24 -69.65 52.57 -60.06
N ILE G 25 -70.64 52.00 -60.78
CA ILE G 25 -70.91 50.57 -60.78
C ILE G 25 -69.82 49.84 -61.56
N ASN G 26 -69.45 50.39 -62.73
CA ASN G 26 -68.49 49.79 -63.65
C ASN G 26 -67.08 49.76 -63.03
N THR G 27 -66.74 50.82 -62.30
CA THR G 27 -65.43 50.97 -61.67
C THR G 27 -65.28 49.99 -60.52
N ALA G 28 -66.36 49.82 -59.74
CA ALA G 28 -66.39 48.95 -58.57
C ALA G 28 -66.30 47.48 -58.99
N GLY G 29 -66.89 47.16 -60.14
CA GLY G 29 -66.87 45.81 -60.71
C GLY G 29 -65.48 45.42 -61.21
N SER G 30 -64.74 46.42 -61.73
CA SER G 30 -63.39 46.23 -62.26
C SER G 30 -62.39 46.02 -61.12
N LEU G 31 -62.58 46.76 -60.02
CA LEU G 31 -61.69 46.72 -58.87
C LEU G 31 -61.97 45.49 -58.01
N GLN G 32 -63.16 44.89 -58.18
CA GLN G 32 -63.60 43.72 -57.44
C GLN G 32 -62.74 42.51 -57.78
N GLN G 33 -62.51 42.30 -59.07
CA GLN G 33 -61.85 41.11 -59.59
C GLN G 33 -60.35 41.15 -59.31
N ARG G 34 -59.77 42.36 -59.31
CA ARG G 34 -58.36 42.58 -59.07
C ARG G 34 -58.02 42.30 -57.61
N ALA G 35 -58.88 42.80 -56.70
CA ALA G 35 -58.67 42.70 -55.26
C ALA G 35 -58.84 41.27 -54.78
N THR G 36 -59.73 40.51 -55.43
CA THR G 36 -60.02 39.13 -55.10
C THR G 36 -58.86 38.23 -55.51
N SER G 37 -58.31 38.49 -56.72
CA SER G 37 -57.26 37.69 -57.31
C SER G 37 -55.93 37.90 -56.59
N THR G 38 -55.69 39.14 -56.12
CA THR G 38 -54.47 39.54 -55.45
C THR G 38 -54.35 38.82 -54.10
N GLY G 39 -55.49 38.71 -53.40
CA GLY G 39 -55.57 38.06 -52.10
C GLY G 39 -55.27 36.57 -52.16
N SER G 40 -55.80 35.91 -53.20
CA SER G 40 -55.69 34.47 -53.38
C SER G 40 -54.28 34.08 -53.82
N GLN G 41 -53.65 34.95 -54.64
CA GLN G 41 -52.33 34.70 -55.20
C GLN G 41 -51.25 34.86 -54.12
N THR G 42 -51.48 35.80 -53.19
CA THR G 42 -50.54 36.11 -52.12
C THR G 42 -50.55 34.99 -51.08
N THR G 43 -51.74 34.41 -50.83
CA THR G 43 -51.94 33.33 -49.88
C THR G 43 -51.17 32.09 -50.33
N ASN G 44 -51.16 31.84 -51.65
CA ASN G 44 -50.45 30.73 -52.26
C ASN G 44 -48.94 31.00 -52.25
N GLN G 45 -48.57 32.29 -52.34
CA GLN G 45 -47.18 32.71 -52.47
C GLN G 45 -46.42 32.49 -51.17
N VAL G 46 -47.08 32.75 -50.03
CA VAL G 46 -46.47 32.70 -48.71
C VAL G 46 -46.32 31.25 -48.26
N SER G 47 -47.38 30.46 -48.49
CA SER G 47 -47.51 29.11 -47.95
C SER G 47 -46.60 28.12 -48.66
N THR G 48 -46.40 28.32 -49.98
CA THR G 48 -45.66 27.39 -50.83
C THR G 48 -44.16 27.56 -50.62
N GLY G 49 -43.43 26.43 -50.65
CA GLY G 49 -41.98 26.41 -50.52
C GLY G 49 -41.41 25.00 -50.70
N LEU G 50 -40.11 24.95 -51.02
CA LEU G 50 -39.37 23.71 -51.18
C LEU G 50 -38.30 23.60 -50.10
N ILE G 51 -38.01 22.36 -49.68
CA ILE G 51 -37.01 22.09 -48.65
C ILE G 51 -36.08 20.97 -49.10
N VAL G 52 -34.79 21.14 -48.80
CA VAL G 52 -33.74 20.18 -49.11
C VAL G 52 -33.56 19.27 -47.89
N GLN G 53 -33.57 17.95 -48.14
CA GLN G 53 -33.46 16.95 -47.09
C GLN G 53 -31.99 16.62 -46.84
N SER G 54 -31.34 16.00 -47.84
CA SER G 54 -29.95 15.57 -47.75
C SER G 54 -29.30 15.56 -49.13
N ILE G 55 -27.97 15.75 -49.14
CA ILE G 55 -27.17 15.77 -50.36
C ILE G 55 -26.07 14.71 -50.25
N TYR G 56 -25.97 13.86 -51.28
CA TYR G 56 -24.97 12.81 -51.37
C TYR G 56 -24.12 13.01 -52.64
N GLY G 57 -22.86 12.56 -52.55
CA GLY G 57 -21.91 12.63 -53.65
C GLY G 57 -21.22 11.28 -53.90
N MET G 58 -20.72 11.11 -55.12
CA MET G 58 -20.07 9.87 -55.54
C MET G 58 -18.70 10.19 -56.14
N ASP G 59 -17.67 9.49 -55.65
CA ASP G 59 -16.29 9.63 -56.10
C ASP G 59 -16.11 8.88 -57.41
N ASN G 60 -15.17 9.35 -58.24
CA ASN G 60 -14.97 8.84 -59.59
C ASN G 60 -13.94 7.71 -59.61
N ASN G 61 -13.19 7.57 -58.52
CA ASN G 61 -12.17 6.53 -58.39
C ASN G 61 -12.62 5.52 -57.34
N ARG G 62 -12.64 4.24 -57.75
CA ARG G 62 -13.08 3.14 -56.90
C ARG G 62 -11.88 2.47 -56.24
N SER G 63 -10.78 2.34 -57.00
CA SER G 63 -9.57 1.66 -56.56
C SER G 63 -8.89 2.44 -55.44
N ASN G 64 -8.79 3.77 -55.61
CA ASN G 64 -8.22 4.67 -54.61
C ASN G 64 -9.04 5.96 -54.56
N PRO G 65 -9.99 6.09 -53.62
CA PRO G 65 -10.88 7.27 -53.56
C PRO G 65 -10.20 8.54 -53.04
N GLU G 66 -8.94 8.42 -52.63
CA GLU G 66 -8.17 9.50 -52.02
C GLU G 66 -7.78 10.53 -53.08
N SER G 67 -7.48 10.05 -54.30
CA SER G 67 -7.04 10.88 -55.40
C SER G 67 -8.17 11.07 -56.42
N GLY G 68 -9.42 10.97 -55.94
CA GLY G 68 -10.59 11.05 -56.80
C GLY G 68 -11.33 12.37 -56.63
N SER G 69 -12.36 12.55 -57.48
CA SER G 69 -13.23 13.72 -57.48
C SER G 69 -14.69 13.28 -57.64
N LEU G 70 -15.61 14.19 -57.30
CA LEU G 70 -17.04 13.91 -57.36
C LEU G 70 -17.54 14.05 -58.79
N ASN G 71 -18.17 12.99 -59.32
CA ASN G 71 -18.65 12.96 -60.69
C ASN G 71 -20.18 13.09 -60.74
N TRP G 72 -20.85 12.70 -59.65
CA TRP G 72 -22.30 12.78 -59.55
C TRP G 72 -22.72 13.28 -58.16
N THR G 73 -23.83 14.04 -58.13
CA THR G 73 -24.39 14.61 -56.91
C THR G 73 -25.90 14.40 -56.91
N ALA G 74 -26.44 13.98 -55.77
CA ALA G 74 -27.86 13.69 -55.60
C ALA G 74 -28.44 14.54 -54.47
N ILE G 75 -29.57 15.22 -54.76
CA ILE G 75 -30.22 16.13 -53.83
C ILE G 75 -31.66 15.66 -53.61
N TYR G 76 -32.01 15.44 -52.34
CA TYR G 76 -33.34 15.02 -51.92
C TYR G 76 -34.21 16.25 -51.65
N VAL G 77 -35.37 16.33 -52.32
CA VAL G 77 -36.23 17.51 -52.28
C VAL G 77 -37.66 17.07 -51.97
N THR G 78 -38.28 17.79 -51.01
CA THR G 78 -39.69 17.64 -50.67
C THR G 78 -40.36 19.02 -50.62
N LEU G 79 -41.70 19.02 -50.59
CA LEU G 79 -42.48 20.23 -50.39
C LEU G 79 -42.57 20.55 -48.90
N ASN G 80 -42.90 21.81 -48.59
CA ASN G 80 -43.15 22.27 -47.23
C ASN G 80 -44.58 21.88 -46.84
N THR G 81 -44.87 21.97 -45.53
CA THR G 81 -46.17 21.59 -44.98
C THR G 81 -47.22 22.63 -45.33
N GLY G 82 -48.32 22.17 -45.93
CA GLY G 82 -49.44 23.01 -46.34
C GLY G 82 -49.08 23.90 -47.53
N SER G 83 -48.50 23.27 -48.57
CA SER G 83 -48.02 23.97 -49.74
C SER G 83 -48.82 23.58 -50.98
N SER G 84 -48.97 24.53 -51.89
CA SER G 84 -49.59 24.33 -53.20
C SER G 84 -48.63 23.55 -54.11
N PRO G 85 -49.14 22.77 -55.09
CA PRO G 85 -48.28 22.01 -56.01
C PRO G 85 -47.29 22.87 -56.80
N VAL G 86 -46.11 22.30 -57.06
CA VAL G 86 -45.02 22.96 -57.77
C VAL G 86 -44.67 22.14 -59.00
N ASP G 87 -44.63 22.81 -60.16
CA ASP G 87 -44.16 22.23 -61.40
C ASP G 87 -42.64 22.41 -61.50
N LEU G 88 -41.93 21.30 -61.74
CA LEU G 88 -40.48 21.25 -61.71
C LEU G 88 -39.88 21.74 -63.02
N SER G 89 -40.73 21.91 -64.05
CA SER G 89 -40.30 22.37 -65.36
C SER G 89 -40.03 23.88 -65.35
N ASN G 90 -40.64 24.59 -64.39
CA ASN G 90 -40.48 26.03 -64.24
C ASN G 90 -39.51 26.34 -63.10
N VAL G 91 -38.78 25.31 -62.65
CA VAL G 91 -37.84 25.42 -61.54
C VAL G 91 -36.43 25.58 -62.11
N SER G 92 -35.70 26.58 -61.58
CA SER G 92 -34.31 26.84 -61.94
C SER G 92 -33.40 26.56 -60.74
N LEU G 93 -32.26 25.92 -61.02
CA LEU G 93 -31.28 25.54 -60.00
C LEU G 93 -29.99 26.33 -60.23
N SER G 94 -29.56 27.02 -59.18
CA SER G 94 -28.32 27.81 -59.18
C SER G 94 -27.26 27.12 -58.33
N LEU G 95 -26.01 27.18 -58.79
CA LEU G 95 -24.86 26.62 -58.09
C LEU G 95 -23.64 27.52 -58.31
N GLU G 96 -22.84 27.69 -57.25
CA GLU G 96 -21.62 28.50 -57.28
C GLU G 96 -20.46 27.66 -56.77
N TYR G 97 -19.41 27.53 -57.60
CA TYR G 97 -18.23 26.75 -57.29
C TYR G 97 -17.03 27.31 -58.05
N GLN G 98 -16.02 27.75 -57.29
CA GLN G 98 -14.71 28.17 -57.76
C GLN G 98 -14.81 29.19 -58.89
N GLY G 99 -15.61 30.23 -58.67
CA GLY G 99 -15.77 31.33 -59.62
C GLY G 99 -16.52 30.91 -60.88
N GLN G 100 -17.56 30.08 -60.70
CA GLN G 100 -18.42 29.63 -61.78
C GLN G 100 -19.84 29.53 -61.25
N LEU G 101 -20.73 30.36 -61.83
CA LEU G 101 -22.13 30.43 -61.44
C LEU G 101 -22.98 29.74 -62.51
N ALA G 102 -23.54 28.57 -62.14
CA ALA G 102 -24.31 27.73 -63.04
C ALA G 102 -25.80 27.99 -62.87
N SER G 103 -26.55 27.78 -63.96
CA SER G 103 -28.01 27.84 -63.97
C SER G 103 -28.55 26.68 -64.77
N LEU G 104 -29.11 25.68 -64.06
CA LEU G 104 -29.55 24.43 -64.65
C LEU G 104 -31.07 24.39 -64.75
N LYS G 105 -31.57 23.71 -65.80
CA LYS G 105 -32.97 23.73 -66.17
C LYS G 105 -33.36 22.36 -66.75
N TYR G 106 -34.56 21.88 -66.36
CA TYR G 106 -35.12 20.64 -66.87
C TYR G 106 -36.02 20.93 -68.07
N THR G 107 -35.89 20.09 -69.10
CA THR G 107 -36.69 20.19 -70.31
C THR G 107 -37.64 18.99 -70.39
N PRO G 108 -38.98 19.21 -70.38
CA PRO G 108 -39.95 18.11 -70.49
C PRO G 108 -40.07 17.57 -71.91
N ALA G 109 -40.15 16.24 -72.02
CA ALA G 109 -40.27 15.53 -73.27
C ALA G 109 -40.99 14.19 -73.06
N THR G 110 -41.56 13.66 -74.14
CA THR G 110 -42.22 12.36 -74.14
C THR G 110 -41.16 11.25 -74.17
N THR G 111 -40.17 11.42 -75.05
CA THR G 111 -39.05 10.50 -75.18
C THR G 111 -37.73 11.28 -75.09
N ASN G 112 -36.67 10.58 -74.66
CA ASN G 112 -35.32 11.11 -74.51
C ASN G 112 -35.28 12.21 -73.46
N ALA G 113 -36.03 12.00 -72.36
CA ALA G 113 -36.09 12.94 -71.25
C ALA G 113 -35.37 12.34 -70.05
N SER G 114 -34.63 13.19 -69.32
CA SER G 114 -33.90 12.80 -68.13
C SER G 114 -34.87 12.60 -66.97
N PHE G 115 -35.53 11.44 -66.96
CA PHE G 115 -36.59 11.10 -66.02
C PHE G 115 -36.57 9.59 -65.77
N ALA G 116 -36.75 9.21 -64.50
CA ALA G 116 -36.79 7.82 -64.08
C ALA G 116 -37.76 7.64 -62.92
N VAL G 117 -38.47 6.51 -62.92
CA VAL G 117 -39.42 6.14 -61.87
C VAL G 117 -38.81 5.01 -61.05
N ASP G 118 -38.74 5.23 -59.72
CA ASP G 118 -38.18 4.27 -58.80
C ASP G 118 -38.95 4.32 -57.47
N THR G 119 -40.23 3.92 -57.53
CA THR G 119 -41.15 4.01 -56.42
C THR G 119 -41.27 2.67 -55.70
N ASN G 120 -40.83 1.59 -56.38
CA ASN G 120 -40.97 0.23 -55.89
C ASN G 120 -39.78 -0.14 -55.00
N GLY G 121 -38.74 0.71 -55.02
CA GLY G 121 -37.54 0.50 -54.23
C GLY G 121 -36.34 0.08 -55.08
N THR G 122 -35.14 0.36 -54.57
CA THR G 122 -33.90 0.07 -55.27
C THR G 122 -32.80 -0.31 -54.28
N SER G 123 -31.87 -1.16 -54.74
CA SER G 123 -30.70 -1.56 -53.98
C SER G 123 -29.58 -0.54 -54.14
N ASN G 124 -29.62 0.22 -55.25
CA ASN G 124 -28.68 1.30 -55.51
C ASN G 124 -29.40 2.43 -56.25
N VAL G 125 -29.24 3.65 -55.73
CA VAL G 125 -29.85 4.85 -56.30
C VAL G 125 -29.05 5.26 -57.54
N PHE G 126 -27.73 5.09 -57.49
CA PHE G 126 -26.83 5.51 -58.56
C PHE G 126 -26.78 4.47 -59.68
N SER G 127 -27.78 3.57 -59.71
CA SER G 127 -27.88 2.54 -60.74
C SER G 127 -28.92 2.91 -61.79
N VAL G 128 -29.54 4.10 -61.62
CA VAL G 128 -30.59 4.59 -62.51
C VAL G 128 -29.95 5.31 -63.71
N LEU G 129 -28.62 5.34 -63.75
CA LEU G 129 -27.85 5.95 -64.83
C LEU G 129 -27.88 5.06 -66.06
N ASN G 130 -28.10 3.76 -65.84
CA ASN G 130 -28.10 2.75 -66.90
C ASN G 130 -29.52 2.48 -67.37
N ALA G 131 -30.50 3.19 -66.79
CA ALA G 131 -31.92 3.00 -67.10
C ALA G 131 -32.25 3.62 -68.46
N GLY G 132 -33.13 2.92 -69.19
CA GLY G 132 -33.54 3.32 -70.53
C GLY G 132 -34.55 4.47 -70.50
N VAL G 133 -34.36 5.44 -71.40
CA VAL G 133 -35.21 6.61 -71.51
C VAL G 133 -35.81 6.71 -72.91
N GLY G 134 -35.10 6.18 -73.92
CA GLY G 134 -35.53 6.23 -75.31
C GLY G 134 -34.90 5.13 -76.15
N TYR G 135 -35.13 5.22 -77.47
CA TYR G 135 -34.64 4.24 -78.44
C TYR G 135 -33.64 4.92 -79.38
N LYS G 136 -32.61 4.16 -79.77
CA LYS G 136 -31.58 4.61 -80.71
C LYS G 136 -32.21 4.88 -82.07
N ASN G 137 -32.96 3.88 -82.57
CA ASN G 137 -33.66 3.95 -83.84
C ASN G 137 -35.01 3.25 -83.69
N SER G 138 -35.63 2.89 -84.83
CA SER G 138 -36.95 2.29 -84.87
C SER G 138 -36.87 0.77 -84.67
N THR G 139 -35.65 0.22 -84.80
CA THR G 139 -35.44 -1.22 -84.83
C THR G 139 -35.21 -1.76 -83.41
N ALA G 140 -35.17 -0.86 -82.42
CA ALA G 140 -34.93 -1.21 -81.03
C ALA G 140 -36.17 -1.86 -80.43
N THR G 141 -35.96 -3.02 -79.79
CA THR G 141 -37.02 -3.78 -79.13
C THR G 141 -37.29 -3.20 -77.74
N PHE G 142 -36.20 -2.84 -77.03
CA PHE G 142 -36.26 -2.26 -75.71
C PHE G 142 -35.57 -0.89 -75.71
N LYS G 143 -35.80 -0.12 -74.64
CA LYS G 143 -35.21 1.19 -74.45
C LYS G 143 -33.71 1.03 -74.18
N ASN G 144 -32.89 1.54 -75.11
CA ASN G 144 -31.46 1.26 -75.13
C ASN G 144 -30.65 2.57 -75.03
N VAL G 145 -31.35 3.70 -74.92
CA VAL G 145 -30.72 4.99 -74.65
C VAL G 145 -30.71 5.19 -73.14
N GLU G 146 -29.50 5.31 -72.58
CA GLU G 146 -29.29 5.40 -71.15
C GLU G 146 -29.44 6.84 -70.66
N LEU G 147 -29.58 7.00 -69.34
CA LEU G 147 -29.83 8.27 -68.68
C LEU G 147 -28.58 9.14 -68.67
N LYS G 148 -27.41 8.50 -68.81
CA LYS G 148 -26.11 9.16 -68.83
C LYS G 148 -25.96 10.03 -70.09
N ASN G 149 -26.56 9.55 -71.19
CA ASN G 149 -26.33 10.06 -72.53
C ASN G 149 -27.13 11.35 -72.77
N VAL G 150 -28.09 11.65 -71.88
CA VAL G 150 -28.95 12.81 -72.02
C VAL G 150 -28.62 13.87 -70.96
N THR G 151 -28.10 13.44 -69.81
CA THR G 151 -27.74 14.33 -68.72
C THR G 151 -26.36 14.92 -68.99
N LYS G 152 -26.33 16.25 -69.18
CA LYS G 152 -25.12 16.95 -69.60
C LYS G 152 -24.80 18.08 -68.61
N SER G 153 -24.37 19.24 -69.14
CA SER G 153 -23.81 20.32 -68.35
C SER G 153 -24.79 21.47 -68.16
N THR G 154 -26.00 21.34 -68.74
CA THR G 154 -26.99 22.40 -68.75
C THR G 154 -28.28 21.95 -68.06
N ASN G 155 -28.45 20.64 -67.88
CA ASN G 155 -29.70 20.06 -67.41
C ASN G 155 -29.45 19.14 -66.20
N PHE G 156 -30.54 18.85 -65.49
CA PHE G 156 -30.54 17.88 -64.38
C PHE G 156 -31.61 16.81 -64.63
N ALA G 157 -31.45 15.68 -63.94
CA ALA G 157 -32.37 14.55 -64.04
C ALA G 157 -33.26 14.49 -62.81
N ILE G 158 -34.48 13.96 -62.99
CA ILE G 158 -35.45 13.77 -61.91
C ILE G 158 -35.70 12.29 -61.73
N VAL G 159 -35.50 11.80 -60.49
CA VAL G 159 -35.76 10.43 -60.11
C VAL G 159 -36.80 10.45 -58.98
N VAL G 160 -37.92 9.74 -59.21
CA VAL G 160 -39.05 9.72 -58.29
C VAL G 160 -38.81 8.63 -57.25
N ILE G 161 -39.01 8.99 -55.97
CA ILE G 161 -38.88 8.06 -54.85
C ILE G 161 -40.27 7.73 -54.32
N ARG G 162 -41.06 8.77 -54.02
CA ARG G 162 -42.43 8.63 -53.55
C ARG G 162 -43.37 9.45 -54.44
N ASP G 163 -44.51 8.83 -54.79
CA ASP G 163 -45.57 9.48 -55.56
C ASP G 163 -46.91 8.83 -55.20
N PRO G 164 -47.62 9.34 -54.16
CA PRO G 164 -48.87 8.73 -53.70
C PRO G 164 -50.07 8.92 -54.63
N SER G 165 -50.09 10.04 -55.36
CA SER G 165 -51.26 10.44 -56.15
C SER G 165 -50.99 10.32 -57.66
N ASN G 166 -49.78 9.91 -58.02
CA ASN G 166 -49.34 9.72 -59.40
C ASN G 166 -49.45 11.03 -60.17
N SER G 167 -48.64 12.02 -59.74
CA SER G 167 -48.69 13.37 -60.29
C SER G 167 -47.43 13.68 -61.09
N LEU G 168 -46.42 12.81 -60.98
CA LEU G 168 -45.12 13.03 -61.60
C LEU G 168 -45.01 12.20 -62.87
N THR G 169 -44.82 12.90 -64.01
CA THR G 169 -44.57 12.31 -65.31
C THR G 169 -43.41 13.04 -65.98
N SER G 170 -42.91 12.46 -67.09
CA SER G 170 -41.81 13.02 -67.85
C SER G 170 -42.24 14.31 -68.57
N SER G 171 -43.52 14.35 -68.96
CA SER G 171 -44.10 15.51 -69.65
C SER G 171 -44.53 16.56 -68.63
N HIS G 172 -45.12 16.12 -67.52
CA HIS G 172 -45.61 17.01 -66.48
C HIS G 172 -45.09 16.55 -65.11
N PRO G 173 -43.90 17.04 -64.66
CA PRO G 173 -43.38 16.72 -63.34
C PRO G 173 -43.91 17.66 -62.25
N VAL G 174 -45.11 17.34 -61.76
CA VAL G 174 -45.79 18.14 -60.74
C VAL G 174 -45.62 17.46 -59.38
N LEU G 175 -45.01 18.20 -58.44
CA LEU G 175 -44.74 17.73 -57.10
C LEU G 175 -45.93 18.09 -56.20
N THR G 176 -46.48 17.08 -55.52
CA THR G 176 -47.65 17.23 -54.67
C THR G 176 -47.31 16.86 -53.22
N THR G 177 -48.34 16.81 -52.37
CA THR G 177 -48.20 16.53 -50.95
C THR G 177 -47.88 15.04 -50.75
N GLY G 178 -46.74 14.78 -50.09
CA GLY G 178 -46.33 13.44 -49.73
C GLY G 178 -45.34 12.82 -50.72
N SER G 179 -44.98 13.59 -51.75
CA SER G 179 -44.07 13.12 -52.81
C SER G 179 -42.64 13.55 -52.52
N GLU G 180 -41.69 12.78 -53.08
CA GLU G 180 -40.26 12.99 -52.88
C GLU G 180 -39.52 12.65 -54.18
N VAL G 181 -38.59 13.53 -54.57
CA VAL G 181 -37.78 13.37 -55.77
C VAL G 181 -36.30 13.52 -55.44
N VAL G 182 -35.46 12.95 -56.30
CA VAL G 182 -34.01 13.11 -56.26
C VAL G 182 -33.57 13.82 -57.55
N ILE G 183 -32.82 14.92 -57.38
CA ILE G 183 -32.25 15.68 -58.48
C ILE G 183 -30.79 15.27 -58.65
N LEU G 184 -30.47 14.74 -59.84
CA LEU G 184 -29.12 14.30 -60.17
C LEU G 184 -28.45 15.34 -61.08
N VAL G 185 -27.22 15.72 -60.69
CA VAL G 185 -26.41 16.68 -61.42
C VAL G 185 -25.10 16.00 -61.83
N ASN G 186 -24.80 16.07 -63.14
CA ASN G 186 -23.54 15.60 -63.68
C ASN G 186 -22.46 16.62 -63.34
N THR G 187 -21.70 16.33 -62.27
CA THR G 187 -20.74 17.25 -61.69
C THR G 187 -19.49 17.34 -62.56
N SER G 188 -19.19 16.25 -63.28
CA SER G 188 -18.03 16.16 -64.16
C SER G 188 -18.26 16.94 -65.45
N ALA G 189 -19.53 17.28 -65.73
CA ALA G 189 -19.91 18.01 -66.92
C ALA G 189 -19.96 19.52 -66.63
N VAL G 190 -20.51 19.88 -65.47
CA VAL G 190 -20.78 21.27 -65.10
C VAL G 190 -19.48 21.93 -64.66
N PHE G 191 -18.82 21.34 -63.64
CA PHE G 191 -17.66 21.95 -63.01
C PHE G 191 -16.38 21.21 -63.38
N GLY G 192 -16.52 19.95 -63.82
CA GLY G 192 -15.40 19.11 -64.18
C GLY G 192 -14.78 18.42 -62.95
N GLY G 193 -15.65 18.05 -62.00
CA GLY G 193 -15.25 17.36 -60.78
C GLY G 193 -15.00 18.35 -59.63
N MET G 194 -15.68 18.09 -58.50
CA MET G 194 -15.51 18.86 -57.28
C MET G 194 -14.33 18.29 -56.49
N LYS G 195 -13.56 19.19 -55.85
CA LYS G 195 -12.32 18.85 -55.19
C LYS G 195 -12.46 19.02 -53.67
N GLN G 196 -11.40 18.63 -52.95
CA GLN G 196 -11.38 18.57 -51.50
C GLN G 196 -11.30 19.99 -50.90
N GLY G 197 -12.12 20.22 -49.86
CA GLY G 197 -12.10 21.44 -49.08
C GLY G 197 -12.53 22.67 -49.86
N GLN G 198 -13.66 22.55 -50.57
CA GLN G 198 -14.20 23.62 -51.39
C GLN G 198 -15.64 23.90 -50.97
N ALA G 199 -16.03 25.19 -51.04
CA ALA G 199 -17.35 25.65 -50.62
C ALA G 199 -18.31 25.65 -51.82
N VAL G 200 -19.52 25.11 -51.59
CA VAL G 200 -20.58 25.06 -52.57
C VAL G 200 -21.81 25.77 -52.00
N THR G 201 -22.33 26.74 -52.77
CA THR G 201 -23.48 27.53 -52.38
C THR G 201 -24.44 27.63 -53.57
N GLY G 202 -25.73 27.44 -53.31
CA GLY G 202 -26.76 27.49 -54.34
C GLY G 202 -28.18 27.53 -53.79
N GLN G 203 -29.15 27.60 -54.72
CA GLN G 203 -30.57 27.71 -54.40
C GLN G 203 -31.39 26.95 -55.45
N ILE G 204 -32.55 26.45 -55.01
CA ILE G 204 -33.57 25.87 -55.89
C ILE G 204 -34.76 26.83 -55.91
N ASN G 205 -34.92 27.55 -57.03
CA ASN G 205 -35.90 28.62 -57.15
C ASN G 205 -37.12 28.13 -57.90
N PRO G 206 -38.32 28.08 -57.26
CA PRO G 206 -39.59 27.87 -57.96
C PRO G 206 -40.11 29.18 -58.55
N SER G 207 -41.15 29.08 -59.39
CA SER G 207 -41.82 30.22 -59.99
C SER G 207 -42.62 30.98 -58.93
N VAL G 208 -43.35 30.22 -58.10
CA VAL G 208 -44.13 30.76 -56.98
C VAL G 208 -43.71 29.99 -55.73
N GLY G 209 -43.27 30.74 -54.70
CA GLY G 209 -42.94 30.19 -53.40
C GLY G 209 -41.57 30.62 -52.90
N SER G 210 -41.13 29.98 -51.79
CA SER G 210 -39.87 30.27 -51.15
C SER G 210 -38.82 29.21 -51.55
N PRO G 211 -37.56 29.61 -51.81
CA PRO G 211 -36.54 28.68 -52.31
C PRO G 211 -35.92 27.77 -51.25
N GLY G 212 -35.36 26.65 -51.72
CA GLY G 212 -34.58 25.74 -50.90
C GLY G 212 -33.09 26.04 -50.99
N ILE G 213 -32.40 25.97 -49.84
CA ILE G 213 -31.04 26.46 -49.69
C ILE G 213 -30.07 25.27 -49.72
N ILE G 214 -29.01 25.43 -50.53
CA ILE G 214 -27.89 24.48 -50.61
C ILE G 214 -26.62 25.20 -50.17
N GLN G 215 -25.99 24.69 -49.10
CA GLN G 215 -24.74 25.23 -48.58
C GLN G 215 -23.99 24.12 -47.83
N PHE G 216 -22.83 23.74 -48.37
CA PHE G 216 -21.97 22.73 -47.78
C PHE G 216 -20.52 22.96 -48.21
N THR G 217 -19.59 22.44 -47.39
CA THR G 217 -18.18 22.37 -47.72
C THR G 217 -17.79 20.90 -47.91
N THR G 218 -17.08 20.62 -49.02
CA THR G 218 -16.62 19.29 -49.36
C THR G 218 -15.59 18.82 -48.34
N PRO G 219 -15.60 17.52 -47.95
CA PRO G 219 -14.63 17.00 -46.96
C PRO G 219 -13.17 17.21 -47.35
N SER G 220 -12.29 17.24 -46.32
CA SER G 220 -10.87 17.51 -46.47
C SER G 220 -10.17 16.39 -47.22
N ALA G 221 -10.65 15.15 -47.00
CA ALA G 221 -10.15 13.97 -47.70
C ALA G 221 -11.30 13.00 -47.97
N PHE G 222 -11.42 12.58 -49.24
CA PHE G 222 -12.39 11.59 -49.66
C PHE G 222 -11.85 10.20 -49.33
N THR G 223 -12.57 9.47 -48.48
CA THR G 223 -12.10 8.20 -47.93
C THR G 223 -12.97 7.05 -48.43
N GLU G 224 -14.23 7.35 -48.75
CA GLU G 224 -15.19 6.35 -49.24
C GLU G 224 -15.79 6.82 -50.57
N THR G 225 -16.47 5.87 -51.25
CA THR G 225 -17.00 6.06 -52.60
C THR G 225 -18.20 7.01 -52.56
N VAL G 226 -19.19 6.69 -51.70
CA VAL G 226 -20.38 7.51 -51.53
C VAL G 226 -20.29 8.20 -50.16
N MET G 227 -20.45 9.54 -50.18
CA MET G 227 -20.29 10.38 -49.01
C MET G 227 -21.53 11.25 -48.85
N GLU G 228 -21.85 11.57 -47.57
CA GLU G 228 -22.90 12.52 -47.22
C GLU G 228 -22.26 13.91 -47.09
N LEU G 229 -22.85 14.88 -47.79
CA LEU G 229 -22.31 16.23 -47.86
C LEU G 229 -23.10 17.18 -46.95
N GLN G 230 -24.43 17.10 -47.04
CA GLN G 230 -25.33 17.94 -46.25
C GLN G 230 -26.40 17.06 -45.60
N GLU H 1 -87.54 81.30 -68.20
CA GLU H 1 -87.68 79.82 -68.16
C GLU H 1 -86.68 79.23 -67.16
N THR H 2 -86.85 77.94 -66.86
CA THR H 2 -86.07 77.20 -65.88
C THR H 2 -84.65 76.96 -66.39
N GLY H 3 -84.47 77.04 -67.72
CA GLY H 3 -83.21 76.77 -68.39
C GLY H 3 -82.08 77.72 -67.98
N ILE H 4 -82.44 78.99 -67.75
CA ILE H 4 -81.50 80.04 -67.41
C ILE H 4 -80.98 79.83 -65.99
N GLY H 5 -81.91 79.55 -65.06
CA GLY H 5 -81.62 79.39 -63.64
C GLY H 5 -80.79 78.13 -63.34
N THR H 6 -80.97 77.10 -64.18
CA THR H 6 -80.30 75.82 -64.03
C THR H 6 -78.81 75.97 -64.31
N LEU H 7 -78.47 76.79 -65.31
CA LEU H 7 -77.11 76.97 -65.79
C LEU H 7 -76.27 77.75 -64.77
N ILE H 8 -76.92 78.72 -64.09
CA ILE H 8 -76.26 79.61 -63.13
C ILE H 8 -75.81 78.81 -61.91
N ILE H 9 -76.71 77.94 -61.41
CA ILE H 9 -76.47 77.12 -60.22
C ILE H 9 -75.45 76.03 -60.54
N PHE H 10 -75.45 75.57 -61.81
CA PHE H 10 -74.56 74.53 -62.31
C PHE H 10 -73.09 74.95 -62.15
N ILE H 11 -72.80 76.22 -62.48
CA ILE H 11 -71.46 76.80 -62.40
C ILE H 11 -71.00 76.80 -60.94
N ALA H 12 -71.92 77.14 -60.03
CA ALA H 12 -71.66 77.24 -58.60
C ALA H 12 -71.37 75.87 -58.00
N MET H 13 -72.07 74.83 -58.50
CA MET H 13 -71.97 73.46 -58.02
C MET H 13 -70.59 72.89 -58.34
N VAL H 14 -70.06 73.26 -59.51
CA VAL H 14 -68.78 72.77 -60.02
C VAL H 14 -67.64 73.37 -59.17
N LEU H 15 -67.78 74.65 -58.82
CA LEU H 15 -66.77 75.41 -58.08
C LEU H 15 -66.67 74.93 -56.64
N VAL H 16 -67.81 74.52 -56.06
CA VAL H 16 -67.89 74.06 -54.68
C VAL H 16 -67.22 72.69 -54.55
N ALA H 17 -67.43 71.84 -55.56
CA ALA H 17 -66.90 70.47 -55.59
C ALA H 17 -65.38 70.46 -55.73
N ALA H 18 -64.83 71.52 -56.35
CA ALA H 18 -63.40 71.69 -56.55
C ALA H 18 -62.71 72.03 -55.23
N VAL H 19 -63.42 72.75 -54.35
CA VAL H 19 -62.90 73.22 -53.07
C VAL H 19 -62.65 72.02 -52.16
N ALA H 20 -63.63 71.12 -52.07
CA ALA H 20 -63.59 69.95 -51.21
C ALA H 20 -62.53 68.95 -51.69
N ALA H 21 -62.28 68.95 -53.00
CA ALA H 21 -61.27 68.12 -53.63
C ALA H 21 -59.88 68.57 -53.22
N THR H 22 -59.69 69.90 -53.12
CA THR H 22 -58.42 70.54 -52.83
C THR H 22 -57.99 70.23 -51.39
N VAL H 23 -58.97 70.19 -50.48
CA VAL H 23 -58.75 69.96 -49.05
C VAL H 23 -58.14 68.57 -48.85
N LEU H 24 -58.70 67.57 -49.54
CA LEU H 24 -58.34 66.17 -49.36
C LEU H 24 -56.94 65.88 -49.88
N ILE H 25 -56.55 66.58 -50.97
CA ILE H 25 -55.26 66.40 -51.62
C ILE H 25 -54.17 67.05 -50.76
N ASN H 26 -54.45 68.26 -50.25
CA ASN H 26 -53.50 69.05 -49.48
C ASN H 26 -53.19 68.39 -48.14
N THR H 27 -54.21 67.77 -47.52
CA THR H 27 -54.09 67.13 -46.22
C THR H 27 -53.27 65.84 -46.34
N ALA H 28 -53.49 65.10 -47.43
CA ALA H 28 -52.82 63.83 -47.70
C ALA H 28 -51.33 64.06 -47.99
N GLY H 29 -51.03 65.18 -48.64
CA GLY H 29 -49.66 65.58 -48.98
C GLY H 29 -48.86 65.98 -47.73
N SER H 30 -49.55 66.58 -46.76
CA SER H 30 -48.95 67.04 -45.51
C SER H 30 -48.64 65.85 -44.60
N LEU H 31 -49.53 64.85 -44.60
CA LEU H 31 -49.42 63.67 -43.75
C LEU H 31 -48.42 62.67 -44.34
N GLN H 32 -48.14 62.82 -45.65
CA GLN H 32 -47.25 61.94 -46.39
C GLN H 32 -45.81 62.09 -45.87
N GLN H 33 -45.38 63.35 -45.70
CA GLN H 33 -44.00 63.69 -45.38
C GLN H 33 -43.69 63.36 -43.92
N ARG H 34 -44.70 63.49 -43.05
CA ARG H 34 -44.57 63.23 -41.63
C ARG H 34 -44.41 61.73 -41.38
N ALA H 35 -45.22 60.92 -42.08
CA ALA H 35 -45.27 59.48 -41.91
C ALA H 35 -43.99 58.81 -42.45
N THR H 36 -43.42 59.41 -43.51
CA THR H 36 -42.22 58.91 -44.16
C THR H 36 -41.01 59.17 -43.26
N SER H 37 -40.95 60.38 -42.67
CA SER H 37 -39.83 60.82 -41.86
C SER H 37 -39.79 60.09 -40.52
N THR H 38 -40.97 59.77 -39.97
CA THR H 38 -41.12 59.10 -38.68
C THR H 38 -40.58 57.67 -38.78
N GLY H 39 -40.86 57.00 -39.90
CA GLY H 39 -40.44 55.63 -40.15
C GLY H 39 -38.92 55.50 -40.26
N SER H 40 -38.29 56.46 -40.95
CA SER H 40 -36.86 56.46 -41.20
C SER H 40 -36.06 56.80 -39.95
N GLN H 41 -36.62 57.70 -39.11
CA GLN H 41 -35.97 58.16 -37.90
C GLN H 41 -35.98 57.07 -36.82
N THR H 42 -37.06 56.28 -36.79
CA THR H 42 -37.25 55.22 -35.81
C THR H 42 -36.32 54.05 -36.13
N THR H 43 -36.11 53.78 -37.42
CA THR H 43 -35.25 52.70 -37.90
C THR H 43 -33.80 52.96 -37.48
N ASN H 44 -33.40 54.24 -37.54
CA ASN H 44 -32.07 54.67 -37.14
C ASN H 44 -31.94 54.65 -35.61
N GLN H 45 -33.05 54.88 -34.91
CA GLN H 45 -33.08 55.01 -33.47
C GLN H 45 -32.83 53.66 -32.80
N VAL H 46 -33.42 52.59 -33.37
CA VAL H 46 -33.39 51.26 -32.79
C VAL H 46 -32.01 50.62 -33.05
N SER H 47 -31.50 50.80 -34.27
CA SER H 47 -30.31 50.10 -34.75
C SER H 47 -29.03 50.64 -34.13
N THR H 48 -29.00 51.96 -33.88
CA THR H 48 -27.81 52.66 -33.42
C THR H 48 -27.61 52.42 -31.93
N GLY H 49 -26.34 52.27 -31.52
CA GLY H 49 -25.95 52.09 -30.13
C GLY H 49 -24.43 52.07 -29.94
N LEU H 50 -24.00 52.33 -28.70
CA LEU H 50 -22.60 52.31 -28.32
C LEU H 50 -22.36 51.19 -27.31
N ILE H 51 -21.16 50.59 -27.36
CA ILE H 51 -20.78 49.50 -26.47
C ILE H 51 -19.40 49.77 -25.87
N VAL H 52 -19.26 49.44 -24.58
CA VAL H 52 -18.03 49.59 -23.82
C VAL H 52 -17.27 48.27 -23.89
N GLN H 53 -15.98 48.35 -24.25
CA GLN H 53 -15.13 47.18 -24.41
C GLN H 53 -14.46 46.83 -23.08
N SER H 54 -13.58 47.72 -22.61
CA SER H 54 -12.81 47.52 -21.39
C SER H 54 -12.44 48.86 -20.75
N ILE H 55 -12.28 48.85 -19.42
CA ILE H 55 -11.93 50.03 -18.64
C ILE H 55 -10.64 49.74 -17.87
N TYR H 56 -9.68 50.66 -17.98
CA TYR H 56 -8.40 50.58 -17.29
C TYR H 56 -8.20 51.82 -16.42
N GLY H 57 -7.45 51.63 -15.32
CA GLY H 57 -7.12 52.69 -14.38
C GLY H 57 -5.63 52.74 -14.07
N MET H 58 -5.17 53.92 -13.62
CA MET H 58 -3.76 54.15 -13.33
C MET H 58 -3.63 54.73 -11.92
N ASP H 59 -2.75 54.12 -11.11
CA ASP H 59 -2.48 54.52 -9.74
C ASP H 59 -1.53 55.73 -9.76
N ASN H 60 -1.63 56.58 -8.72
CA ASN H 60 -0.90 57.85 -8.67
C ASN H 60 0.44 57.68 -7.97
N ASN H 61 0.63 56.55 -7.28
CA ASN H 61 1.87 56.26 -6.57
C ASN H 61 2.58 55.11 -7.27
N ARG H 62 3.85 55.35 -7.63
CA ARG H 62 4.68 54.39 -8.35
C ARG H 62 5.55 53.60 -7.37
N SER H 63 6.06 54.30 -6.34
CA SER H 63 6.96 53.73 -5.35
C SER H 63 6.25 52.69 -4.50
N ASN H 64 5.03 53.01 -4.06
CA ASN H 64 4.20 52.12 -3.27
C ASN H 64 2.73 52.27 -3.72
N PRO H 65 2.23 51.38 -4.61
CA PRO H 65 0.87 51.51 -5.15
C PRO H 65 -0.24 51.13 -4.17
N GLU H 66 0.15 50.65 -2.98
CA GLU H 66 -0.77 50.16 -1.96
C GLU H 66 -1.51 51.33 -1.31
N SER H 67 -0.81 52.46 -1.14
CA SER H 67 -1.34 53.64 -0.49
C SER H 67 -1.68 54.72 -1.53
N GLY H 68 -1.98 54.28 -2.76
CA GLY H 68 -2.25 55.18 -3.87
C GLY H 68 -3.73 55.22 -4.24
N SER H 69 -4.06 56.12 -5.18
CA SER H 69 -5.41 56.29 -5.71
C SER H 69 -5.35 56.46 -7.22
N LEU H 70 -6.49 56.27 -7.88
CA LEU H 70 -6.59 56.34 -9.33
C LEU H 70 -6.67 57.81 -9.77
N ASN H 71 -5.76 58.22 -10.65
CA ASN H 71 -5.67 59.59 -11.12
C ASN H 71 -6.19 59.72 -12.56
N TRP H 72 -6.13 58.61 -13.32
CA TRP H 72 -6.61 58.57 -14.70
C TRP H 72 -7.37 57.28 -14.97
N THR H 73 -8.39 57.38 -15.84
CA THR H 73 -9.23 56.27 -16.24
C THR H 73 -9.44 56.30 -17.75
N ALA H 74 -9.33 55.13 -18.39
CA ALA H 74 -9.44 54.99 -19.83
C ALA H 74 -10.55 54.00 -20.18
N ILE H 75 -11.45 54.41 -21.08
CA ILE H 75 -12.62 53.63 -21.48
C ILE H 75 -12.57 53.41 -22.99
N TYR H 76 -12.62 52.13 -23.39
CA TYR H 76 -12.62 51.72 -24.79
C TYR H 76 -14.06 51.63 -25.29
N VAL H 77 -14.35 52.36 -26.39
CA VAL H 77 -15.71 52.50 -26.92
C VAL H 77 -15.71 52.19 -28.41
N THR H 78 -16.68 51.35 -28.82
CA THR H 78 -16.95 51.05 -30.23
C THR H 78 -18.44 51.20 -30.51
N LEU H 79 -18.80 51.22 -31.80
CA LEU H 79 -20.19 51.20 -32.23
C LEU H 79 -20.71 49.76 -32.24
N ASN H 80 -22.04 49.64 -32.22
CA ASN H 80 -22.73 48.36 -32.36
C ASN H 80 -22.79 47.97 -33.83
N THR H 81 -23.11 46.70 -34.10
CA THR H 81 -23.16 46.16 -35.45
C THR H 81 -24.39 46.67 -36.19
N GLY H 82 -24.15 47.24 -37.38
CA GLY H 82 -25.19 47.80 -38.23
C GLY H 82 -25.80 49.08 -37.64
N SER H 83 -24.90 50.00 -37.24
CA SER H 83 -25.30 51.24 -36.59
C SER H 83 -24.97 52.44 -37.47
N SER H 84 -25.80 53.49 -37.34
CA SER H 84 -25.60 54.77 -38.00
C SER H 84 -24.48 55.54 -37.28
N PRO H 85 -23.74 56.43 -37.97
CA PRO H 85 -22.67 57.22 -37.34
C PRO H 85 -23.12 58.07 -36.15
N VAL H 86 -22.23 58.21 -35.16
CA VAL H 86 -22.49 58.95 -33.94
C VAL H 86 -21.45 60.06 -33.80
N ASP H 87 -21.94 61.29 -33.58
CA ASP H 87 -21.09 62.43 -33.28
C ASP H 87 -20.85 62.50 -31.77
N LEU H 88 -19.58 62.56 -31.39
CA LEU H 88 -19.16 62.47 -30.00
C LEU H 88 -19.29 63.82 -29.28
N SER H 89 -19.54 64.88 -30.05
CA SER H 89 -19.70 66.23 -29.51
C SER H 89 -21.07 66.40 -28.85
N ASN H 90 -22.04 65.56 -29.25
CA ASN H 90 -23.39 65.59 -28.72
C ASN H 90 -23.59 64.46 -27.71
N VAL H 91 -22.48 63.85 -27.28
CA VAL H 91 -22.48 62.73 -26.34
C VAL H 91 -22.19 63.26 -24.94
N SER H 92 -23.02 62.84 -23.98
CA SER H 92 -22.85 63.17 -22.57
C SER H 92 -22.52 61.92 -21.76
N LEU H 93 -21.57 62.06 -20.83
CA LEU H 93 -21.09 60.97 -20.00
C LEU H 93 -21.47 61.25 -18.54
N SER H 94 -22.16 60.28 -17.93
CA SER H 94 -22.60 60.33 -16.55
C SER H 94 -21.77 59.36 -15.71
N LEU H 95 -21.44 59.77 -14.48
CA LEU H 95 -20.70 58.97 -13.52
C LEU H 95 -21.20 59.25 -12.11
N GLU H 96 -21.30 58.19 -11.30
CA GLU H 96 -21.75 58.27 -9.92
C GLU H 96 -20.70 57.61 -9.01
N TYR H 97 -20.21 58.40 -8.04
CA TYR H 97 -19.19 57.95 -7.10
C TYR H 97 -19.32 58.71 -5.79
N GLN H 98 -19.58 57.97 -4.70
CA GLN H 98 -19.57 58.44 -3.32
C GLN H 98 -20.42 59.71 -3.16
N GLY H 99 -21.66 59.64 -3.65
CA GLY H 99 -22.62 60.72 -3.51
C GLY H 99 -22.26 61.96 -4.34
N GLN H 100 -21.76 61.71 -5.56
CA GLN H 100 -21.41 62.76 -6.50
C GLN H 100 -21.75 62.28 -7.91
N LEU H 101 -22.71 62.99 -8.54
CA LEU H 101 -23.18 62.65 -9.87
C LEU H 101 -22.60 63.66 -10.87
N ALA H 102 -21.68 63.17 -11.71
CA ALA H 102 -20.96 64.00 -12.67
C ALA H 102 -21.61 63.91 -14.05
N SER H 103 -21.47 65.01 -14.82
CA SER H 103 -21.91 65.06 -16.21
C SER H 103 -20.83 65.74 -17.05
N LEU H 104 -20.12 64.93 -17.86
CA LEU H 104 -18.96 65.38 -18.60
C LEU H 104 -19.30 65.53 -20.08
N LYS H 105 -18.65 66.50 -20.73
CA LYS H 105 -18.98 66.91 -22.08
C LYS H 105 -17.70 67.34 -22.82
N TYR H 106 -17.60 66.94 -24.10
CA TYR H 106 -16.50 67.30 -24.97
C TYR H 106 -16.85 68.57 -25.74
N THR H 107 -15.88 69.49 -25.84
CA THR H 107 -16.02 70.72 -26.59
C THR H 107 -15.12 70.68 -27.82
N PRO H 108 -15.68 70.76 -29.05
CA PRO H 108 -14.87 70.76 -30.27
C PRO H 108 -14.20 72.11 -30.53
N ALA H 109 -12.93 72.05 -30.96
CA ALA H 109 -12.11 73.22 -31.26
C ALA H 109 -11.04 72.85 -32.30
N THR H 110 -10.54 73.88 -33.00
CA THR H 110 -9.47 73.74 -33.97
C THR H 110 -8.13 73.59 -33.24
N THR H 111 -7.92 74.46 -32.24
CA THR H 111 -6.73 74.43 -31.40
C THR H 111 -7.15 74.39 -29.92
N ASN H 112 -6.26 73.82 -29.09
CA ASN H 112 -6.42 73.70 -27.64
C ASN H 112 -7.61 72.79 -27.31
N ALA H 113 -7.76 71.71 -28.11
CA ALA H 113 -8.81 70.72 -27.91
C ALA H 113 -8.21 69.42 -27.39
N SER H 114 -8.93 68.79 -26.45
CA SER H 114 -8.51 67.53 -25.85
C SER H 114 -8.73 66.38 -26.84
N PHE H 115 -7.78 66.26 -27.78
CA PHE H 115 -7.87 65.32 -28.89
C PHE H 115 -6.45 64.89 -29.29
N ALA H 116 -6.31 63.58 -29.56
CA ALA H 116 -5.04 62.99 -29.97
C ALA H 116 -5.28 61.86 -30.95
N VAL H 117 -4.37 61.74 -31.94
CA VAL H 117 -4.41 60.70 -32.95
C VAL H 117 -3.28 59.72 -32.67
N ASP H 118 -3.65 58.42 -32.55
CA ASP H 118 -2.71 57.36 -32.25
C ASP H 118 -3.13 56.09 -32.99
N THR H 119 -3.06 56.14 -34.33
CA THR H 119 -3.54 55.08 -35.20
C THR H 119 -2.37 54.22 -35.67
N ASN H 120 -1.15 54.73 -35.54
CA ASN H 120 0.06 54.08 -36.02
C ASN H 120 0.60 53.12 -34.98
N GLY H 121 0.07 53.19 -33.75
CA GLY H 121 0.47 52.33 -32.65
C GLY H 121 1.30 53.09 -31.61
N THR H 122 1.28 52.57 -30.37
CA THR H 122 1.98 53.18 -29.25
C THR H 122 2.50 52.10 -28.30
N SER H 123 3.61 52.43 -27.62
CA SER H 123 4.20 51.57 -26.59
C SER H 123 3.53 51.81 -25.25
N ASN H 124 2.94 53.01 -25.09
CA ASN H 124 2.19 53.37 -23.89
C ASN H 124 1.02 54.27 -24.29
N VAL H 125 -0.18 53.90 -23.81
CA VAL H 125 -1.40 54.64 -24.08
C VAL H 125 -1.43 55.90 -23.20
N PHE H 126 -0.93 55.77 -21.97
CA PHE H 126 -0.95 56.85 -20.98
C PHE H 126 0.20 57.84 -21.21
N SER H 127 0.80 57.79 -22.40
CA SER H 127 1.90 58.68 -22.78
C SER H 127 1.40 59.81 -23.68
N VAL H 128 0.09 59.82 -23.96
CA VAL H 128 -0.53 60.80 -24.84
C VAL H 128 -0.90 62.05 -24.04
N LEU H 129 -0.57 62.05 -22.73
CA LEU H 129 -0.82 63.15 -21.84
C LEU H 129 0.19 64.28 -22.09
N ASN H 130 1.35 63.90 -22.65
CA ASN H 130 2.45 64.82 -22.91
C ASN H 130 2.39 65.31 -24.36
N ALA H 131 1.40 64.86 -25.11
CA ALA H 131 1.24 65.20 -26.52
C ALA H 131 0.74 66.63 -26.68
N GLY H 132 1.27 67.31 -27.70
CA GLY H 132 0.95 68.70 -28.00
C GLY H 132 -0.41 68.86 -28.66
N VAL H 133 -1.17 69.88 -28.22
CA VAL H 133 -2.50 70.15 -28.74
C VAL H 133 -2.57 71.58 -29.28
N GLY H 134 -1.74 72.47 -28.72
CA GLY H 134 -1.71 73.88 -29.12
C GLY H 134 -0.39 74.55 -28.81
N TYR H 135 -0.35 75.88 -29.00
CA TYR H 135 0.83 76.70 -28.78
C TYR H 135 0.56 77.67 -27.63
N LYS H 136 1.60 77.93 -26.84
CA LYS H 136 1.57 78.87 -25.73
C LYS H 136 1.32 80.29 -26.26
N ASN H 137 2.15 80.68 -27.23
CA ASN H 137 2.09 81.98 -27.89
C ASN H 137 2.37 81.80 -29.39
N SER H 138 2.71 82.90 -30.06
CA SER H 138 2.94 82.92 -31.50
C SER H 138 4.38 82.52 -31.82
N THR H 139 5.25 82.54 -30.81
CA THR H 139 6.69 82.37 -30.97
C THR H 139 7.09 80.89 -30.90
N ALA H 140 6.09 80.03 -30.62
CA ALA H 140 6.31 78.59 -30.50
C ALA H 140 6.53 77.96 -31.86
N THR H 141 7.61 77.17 -31.96
CA THR H 141 7.98 76.46 -33.18
C THR H 141 7.17 75.17 -33.29
N PHE H 142 7.02 74.48 -32.16
CA PHE H 142 6.27 73.23 -32.07
C PHE H 142 5.15 73.38 -31.04
N LYS H 143 4.20 72.43 -31.07
CA LYS H 143 3.07 72.39 -30.14
C LYS H 143 3.59 72.03 -28.75
N ASN H 144 3.44 72.99 -27.81
CA ASN H 144 4.07 72.91 -26.51
C ASN H 144 3.03 72.95 -25.39
N VAL H 145 1.74 73.02 -25.77
CA VAL H 145 0.64 72.89 -24.82
C VAL H 145 0.25 71.41 -24.76
N GLU H 146 0.38 70.83 -23.56
CA GLU H 146 0.16 69.41 -23.34
C GLU H 146 -1.33 69.12 -23.11
N LEU H 147 -1.68 67.83 -23.20
CA LEU H 147 -3.06 67.35 -23.12
C LEU H 147 -3.56 67.40 -21.67
N LYS H 148 -2.62 67.42 -20.72
CA LYS H 148 -2.92 67.47 -19.29
C LYS H 148 -3.53 68.81 -18.93
N ASN H 149 -3.09 69.87 -19.62
CA ASN H 149 -3.35 71.26 -19.25
C ASN H 149 -4.76 71.68 -19.68
N VAL H 150 -5.41 70.87 -20.53
CA VAL H 150 -6.73 71.19 -21.06
C VAL H 150 -7.79 70.27 -20.46
N THR H 151 -7.38 69.05 -20.08
CA THR H 151 -8.29 68.07 -19.50
C THR H 151 -8.47 68.35 -18.01
N LYS H 152 -9.70 68.72 -17.63
CA LYS H 152 -10.01 69.17 -16.28
C LYS H 152 -11.13 68.32 -15.68
N SER H 153 -12.05 68.97 -14.96
CA SER H 153 -13.05 68.31 -14.13
C SER H 153 -14.43 68.30 -14.78
N THR H 154 -14.52 68.91 -15.97
CA THR H 154 -15.81 69.07 -16.65
C THR H 154 -15.81 68.39 -18.02
N ASN H 155 -14.61 68.06 -18.52
CA ASN H 155 -14.46 67.56 -19.88
C ASN H 155 -13.68 66.25 -19.89
N PHE H 156 -13.76 65.53 -21.02
CA PHE H 156 -12.99 64.33 -21.28
C PHE H 156 -12.22 64.48 -22.59
N ALA H 157 -11.17 63.65 -22.75
CA ALA H 157 -10.32 63.63 -23.93
C ALA H 157 -10.66 62.44 -24.81
N ILE H 158 -10.44 62.60 -26.13
CA ILE H 158 -10.67 61.56 -27.12
C ILE H 158 -9.32 61.19 -27.75
N VAL H 159 -8.98 59.90 -27.68
CA VAL H 159 -7.79 59.34 -28.31
C VAL H 159 -8.22 58.27 -29.31
N VAL H 160 -7.81 58.45 -30.57
CA VAL H 160 -8.20 57.59 -31.67
C VAL H 160 -7.23 56.40 -31.73
N ILE H 161 -7.79 55.19 -31.83
CA ILE H 161 -7.03 53.96 -31.95
C ILE H 161 -7.15 53.44 -33.38
N ARG H 162 -8.39 53.30 -33.87
CA ARG H 162 -8.67 52.88 -35.24
C ARG H 162 -9.57 53.89 -35.92
N ASP H 163 -9.24 54.20 -37.18
CA ASP H 163 -10.03 55.09 -38.02
C ASP H 163 -9.81 54.70 -39.49
N PRO H 164 -10.63 53.77 -40.04
CA PRO H 164 -10.42 53.28 -41.41
C PRO H 164 -10.80 54.27 -42.52
N SER H 165 -11.77 55.14 -42.24
CA SER H 165 -12.35 56.02 -43.25
C SER H 165 -11.98 57.48 -43.03
N ASN H 166 -11.21 57.74 -41.96
CA ASN H 166 -10.74 59.07 -41.58
C ASN H 166 -11.92 60.01 -41.33
N SER H 167 -12.71 59.68 -40.32
CA SER H 167 -13.95 60.39 -40.00
C SER H 167 -13.82 61.17 -38.69
N LEU H 168 -12.73 60.92 -37.95
CA LEU H 168 -12.51 61.52 -36.63
C LEU H 168 -11.53 62.66 -36.74
N THR H 169 -12.00 63.87 -36.37
CA THR H 169 -11.19 65.07 -36.28
C THR H 169 -11.51 65.80 -34.97
N SER H 170 -10.68 66.80 -34.64
CA SER H 170 -10.83 67.58 -33.42
C SER H 170 -12.07 68.47 -33.50
N SER H 171 -12.40 68.91 -34.71
CA SER H 171 -13.56 69.76 -34.97
C SER H 171 -14.83 68.90 -35.11
N HIS H 172 -14.70 67.77 -35.79
CA HIS H 172 -15.82 66.85 -36.04
C HIS H 172 -15.42 65.43 -35.66
N PRO H 173 -15.64 65.01 -34.39
CA PRO H 173 -15.36 63.63 -33.98
C PRO H 173 -16.54 62.69 -34.25
N VAL H 174 -16.61 62.21 -35.49
CA VAL H 174 -17.70 61.33 -35.93
C VAL H 174 -17.18 59.89 -35.95
N LEU H 175 -17.85 59.03 -35.18
CA LEU H 175 -17.50 57.62 -35.05
C LEU H 175 -18.29 56.82 -36.09
N THR H 176 -17.54 56.04 -36.90
CA THR H 176 -18.11 55.26 -37.99
C THR H 176 -17.85 53.77 -37.76
N THR H 177 -18.18 52.95 -38.78
CA THR H 177 -18.06 51.51 -38.72
C THR H 177 -16.59 51.11 -38.80
N GLY H 178 -16.12 50.39 -37.79
CA GLY H 178 -14.78 49.84 -37.74
C GLY H 178 -13.80 50.71 -36.94
N SER H 179 -14.31 51.81 -36.38
CA SER H 179 -13.49 52.77 -35.63
C SER H 179 -13.55 52.48 -34.14
N GLU H 180 -12.51 52.90 -33.42
CA GLU H 180 -12.35 52.68 -31.99
C GLU H 180 -11.67 53.89 -31.36
N VAL H 181 -12.22 54.34 -30.23
CA VAL H 181 -11.69 55.50 -29.49
C VAL H 181 -11.49 55.13 -28.02
N VAL H 182 -10.62 55.88 -27.35
CA VAL H 182 -10.40 55.80 -25.91
C VAL H 182 -10.79 57.15 -25.31
N ILE H 183 -11.67 57.09 -24.30
CA ILE H 183 -12.10 58.26 -23.54
C ILE H 183 -11.30 58.31 -22.23
N LEU H 184 -10.56 59.42 -22.06
CA LEU H 184 -9.75 59.64 -20.87
C LEU H 184 -10.45 60.64 -19.94
N VAL H 185 -10.55 60.26 -18.66
CA VAL H 185 -11.16 61.08 -17.63
C VAL H 185 -10.11 61.35 -16.54
N ASN H 186 -9.92 62.64 -16.23
CA ASN H 186 -9.06 63.07 -15.13
C ASN H 186 -9.81 62.83 -13.82
N THR H 187 -9.48 61.70 -13.17
CA THR H 187 -10.18 61.19 -12.01
C THR H 187 -9.83 62.03 -10.78
N SER H 188 -8.62 62.59 -10.76
CA SER H 188 -8.11 63.40 -9.66
C SER H 188 -8.74 64.79 -9.68
N ALA H 189 -9.36 65.16 -10.82
CA ALA H 189 -10.01 66.45 -10.99
C ALA H 189 -11.49 66.36 -10.64
N VAL H 190 -12.14 65.27 -11.09
CA VAL H 190 -13.58 65.09 -10.97
C VAL H 190 -13.93 64.68 -9.54
N PHE H 191 -13.34 63.58 -9.07
CA PHE H 191 -13.70 62.97 -7.79
C PHE H 191 -12.61 63.21 -6.75
N GLY H 192 -11.39 63.49 -7.23
CA GLY H 192 -10.24 63.69 -6.36
C GLY H 192 -9.59 62.37 -5.95
N GLY H 193 -9.59 61.41 -6.89
CA GLY H 193 -8.99 60.10 -6.68
C GLY H 193 -10.00 59.07 -6.19
N MET H 194 -10.09 57.96 -6.91
CA MET H 194 -10.93 56.83 -6.54
C MET H 194 -10.19 55.93 -5.56
N LYS H 195 -10.93 55.39 -4.59
CA LYS H 195 -10.37 54.63 -3.48
C LYS H 195 -10.77 53.16 -3.59
N GLN H 196 -10.22 52.35 -2.67
CA GLN H 196 -10.35 50.91 -2.66
C GLN H 196 -11.75 50.50 -2.22
N GLY H 197 -12.33 49.53 -2.95
CA GLY H 197 -13.59 48.89 -2.61
C GLY H 197 -14.78 49.85 -2.70
N GLN H 198 -14.87 50.57 -3.82
CA GLN H 198 -15.93 51.54 -4.06
C GLN H 198 -16.63 51.22 -5.38
N ALA H 199 -17.94 51.46 -5.40
CA ALA H 199 -18.78 51.16 -6.56
C ALA H 199 -18.87 52.38 -7.47
N VAL H 200 -18.72 52.13 -8.79
CA VAL H 200 -18.81 53.14 -9.82
C VAL H 200 -19.88 52.70 -10.82
N THR H 201 -20.84 53.61 -11.07
CA THR H 201 -21.95 53.37 -11.98
C THR H 201 -22.14 54.60 -12.87
N GLY H 202 -22.33 54.36 -14.18
CA GLY H 202 -22.51 55.44 -15.14
C GLY H 202 -23.00 54.95 -16.50
N GLN H 203 -23.20 55.91 -17.41
CA GLN H 203 -23.70 55.67 -18.76
C GLN H 203 -23.06 56.64 -19.74
N ILE H 204 -22.94 56.19 -21.01
CA ILE H 204 -22.54 57.02 -22.13
C ILE H 204 -23.77 57.21 -23.02
N ASN H 205 -24.34 58.42 -22.98
CA ASN H 205 -25.61 58.70 -23.64
C ASN H 205 -25.36 59.44 -24.96
N PRO H 206 -25.71 58.83 -26.12
CA PRO H 206 -25.75 59.55 -27.39
C PRO H 206 -27.06 60.33 -27.56
N SER H 207 -27.12 61.19 -28.59
CA SER H 207 -28.31 61.95 -28.92
C SER H 207 -29.38 61.02 -29.50
N VAL H 208 -28.96 60.14 -30.42
CA VAL H 208 -29.82 59.12 -31.02
C VAL H 208 -29.15 57.77 -30.83
N GLY H 209 -29.88 56.83 -30.21
CA GLY H 209 -29.44 55.46 -30.04
C GLY H 209 -29.56 54.96 -28.61
N SER H 210 -28.97 53.77 -28.36
CA SER H 210 -29.00 53.11 -27.06
C SER H 210 -27.68 53.34 -26.33
N PRO H 211 -27.70 53.60 -25.00
CA PRO H 211 -26.47 53.94 -24.26
C PRO H 211 -25.58 52.75 -23.91
N GLY H 212 -24.29 53.05 -23.67
CA GLY H 212 -23.32 52.09 -23.16
C GLY H 212 -23.22 52.16 -21.64
N ILE H 213 -23.12 50.99 -20.99
CA ILE H 213 -23.25 50.85 -19.55
C ILE H 213 -21.86 50.70 -18.93
N ILE H 214 -21.62 51.48 -17.86
CA ILE H 214 -20.42 51.40 -17.05
C ILE H 214 -20.83 51.01 -15.63
N GLN H 215 -20.33 49.86 -15.16
CA GLN H 215 -20.58 49.36 -13.81
C GLN H 215 -19.43 48.45 -13.38
N PHE H 216 -18.69 48.89 -12.36
CA PHE H 216 -17.58 48.14 -11.79
C PHE H 216 -17.35 48.55 -10.33
N THR H 217 -16.73 47.63 -9.58
CA THR H 217 -16.25 47.89 -8.23
C THR H 217 -14.72 47.89 -8.25
N THR H 218 -14.13 48.92 -7.63
CA THR H 218 -12.68 49.07 -7.55
C THR H 218 -12.10 47.97 -6.67
N PRO H 219 -10.90 47.41 -7.02
CA PRO H 219 -10.29 46.34 -6.23
C PRO H 219 -10.05 46.69 -4.77
N SER H 220 -9.99 45.64 -3.92
CA SER H 220 -9.86 45.77 -2.48
C SER H 220 -8.49 46.34 -2.09
N ALA H 221 -7.47 46.00 -2.89
CA ALA H 221 -6.13 46.52 -2.71
C ALA H 221 -5.46 46.71 -4.07
N PHE H 222 -4.93 47.92 -4.29
CA PHE H 222 -4.17 48.25 -5.50
C PHE H 222 -2.74 47.73 -5.33
N THR H 223 -2.35 46.81 -6.22
CA THR H 223 -1.08 46.09 -6.11
C THR H 223 -0.14 46.48 -7.25
N GLU H 224 -0.71 46.89 -8.39
CA GLU H 224 0.05 47.28 -9.57
C GLU H 224 -0.37 48.67 -10.02
N THR H 225 0.44 49.26 -10.92
CA THR H 225 0.29 50.64 -11.37
C THR H 225 -0.92 50.76 -12.29
N VAL H 226 -0.98 49.92 -13.32
CA VAL H 226 -2.11 49.89 -14.26
C VAL H 226 -2.93 48.62 -14.00
N MET H 227 -4.24 48.81 -13.80
CA MET H 227 -5.16 47.75 -13.44
C MET H 227 -6.35 47.74 -14.40
N GLU H 228 -6.90 46.54 -14.62
CA GLU H 228 -8.12 46.34 -15.38
C GLU H 228 -9.30 46.37 -14.41
N LEU H 229 -10.30 47.20 -14.71
CA LEU H 229 -11.44 47.43 -13.84
C LEU H 229 -12.66 46.67 -14.35
N GLN H 230 -12.93 46.80 -15.66
CA GLN H 230 -14.07 46.16 -16.30
C GLN H 230 -13.59 45.44 -17.57
N GLU I 1 -88.01 78.26 -59.50
CA GLU I 1 -86.62 78.05 -60.03
C GLU I 1 -85.93 76.94 -59.22
N THR I 2 -84.78 76.49 -59.72
CA THR I 2 -84.00 75.39 -59.17
C THR I 2 -83.33 75.82 -57.86
N GLY I 3 -83.19 77.13 -57.66
CA GLY I 3 -82.51 77.72 -56.51
C GLY I 3 -83.18 77.39 -55.18
N ILE I 4 -84.51 77.33 -55.19
CA ILE I 4 -85.32 77.10 -54.00
C ILE I 4 -85.17 75.64 -53.57
N GLY I 5 -85.27 74.72 -54.54
CA GLY I 5 -85.23 73.29 -54.31
C GLY I 5 -83.85 72.80 -53.85
N THR I 6 -82.80 73.49 -54.29
CA THR I 6 -81.41 73.16 -53.97
C THR I 6 -81.13 73.40 -52.50
N LEU I 7 -81.69 74.49 -51.95
CA LEU I 7 -81.45 74.93 -50.58
C LEU I 7 -82.12 73.98 -49.58
N ILE I 8 -83.29 73.46 -49.94
CA ILE I 8 -84.10 72.60 -49.08
C ILE I 8 -83.38 71.27 -48.87
N ILE I 9 -82.85 70.70 -49.96
CA ILE I 9 -82.17 69.40 -49.94
C ILE I 9 -80.81 69.56 -49.26
N PHE I 10 -80.20 70.74 -49.37
CA PHE I 10 -78.91 71.07 -48.78
C PHE I 10 -78.96 70.92 -47.27
N ILE I 11 -80.05 71.39 -46.64
CA ILE I 11 -80.25 71.33 -45.20
C ILE I 11 -80.33 69.87 -44.75
N ALA I 12 -81.02 69.05 -45.56
CA ALA I 12 -81.23 67.63 -45.28
C ALA I 12 -79.92 66.85 -45.37
N MET I 13 -79.06 67.26 -46.31
CA MET I 13 -77.78 66.60 -46.58
C MET I 13 -76.83 66.79 -45.41
N VAL I 14 -76.89 67.97 -44.78
CA VAL I 14 -76.03 68.36 -43.67
C VAL I 14 -76.41 67.56 -42.43
N LEU I 15 -77.72 67.37 -42.22
CA LEU I 15 -78.27 66.71 -41.05
C LEU I 15 -77.98 65.21 -41.09
N VAL I 16 -77.97 64.63 -42.29
CA VAL I 16 -77.74 63.21 -42.50
C VAL I 16 -76.26 62.88 -42.21
N ALA I 17 -75.36 63.78 -42.63
CA ALA I 17 -73.92 63.60 -42.49
C ALA I 17 -73.49 63.69 -41.03
N ALA I 18 -74.28 64.42 -40.22
CA ALA I 18 -74.05 64.59 -38.79
C ALA I 18 -74.35 63.30 -38.03
N VAL I 19 -75.35 62.54 -38.53
CA VAL I 19 -75.83 61.31 -37.92
C VAL I 19 -74.74 60.25 -37.98
N ALA I 20 -74.15 60.08 -39.18
CA ALA I 20 -73.13 59.08 -39.45
C ALA I 20 -71.84 59.38 -38.69
N ALA I 21 -71.60 60.68 -38.45
CA ALA I 21 -70.45 61.17 -37.69
C ALA I 21 -70.59 60.77 -36.22
N THR I 22 -71.81 60.82 -35.70
CA THR I 22 -72.12 60.56 -34.30
C THR I 22 -71.92 59.09 -33.97
N VAL I 23 -72.25 58.21 -34.93
CA VAL I 23 -72.16 56.77 -34.78
C VAL I 23 -70.70 56.35 -34.56
N LEU I 24 -69.80 56.93 -35.37
CA LEU I 24 -68.39 56.57 -35.39
C LEU I 24 -67.69 57.00 -34.11
N ILE I 25 -68.10 58.15 -33.56
CA ILE I 25 -67.51 58.72 -32.35
C ILE I 25 -67.95 57.91 -31.14
N ASN I 26 -69.24 57.57 -31.08
CA ASN I 26 -69.87 56.87 -29.96
C ASN I 26 -69.33 55.44 -29.84
N THR I 27 -69.08 54.80 -30.99
CA THR I 27 -68.61 53.43 -31.05
C THR I 27 -67.15 53.34 -30.59
N ALA I 28 -66.36 54.34 -31.00
CA ALA I 28 -64.94 54.41 -30.68
C ALA I 28 -64.72 54.68 -29.20
N GLY I 29 -65.63 55.46 -28.59
CA GLY I 29 -65.60 55.79 -27.18
C GLY I 29 -65.94 54.58 -26.30
N SER I 30 -66.83 53.71 -26.81
CA SER I 30 -67.27 52.51 -26.12
C SER I 30 -66.18 51.44 -26.13
N LEU I 31 -65.47 51.35 -27.26
CA LEU I 31 -64.41 50.35 -27.47
C LEU I 31 -63.13 50.78 -26.76
N GLN I 32 -63.01 52.08 -26.45
CA GLN I 32 -61.84 52.66 -25.81
C GLN I 32 -61.68 52.12 -24.39
N GLN I 33 -62.79 52.09 -23.64
CA GLN I 33 -62.80 51.77 -22.23
C GLN I 33 -62.59 50.27 -22.01
N ARG I 34 -63.09 49.46 -22.96
CA ARG I 34 -63.00 48.01 -22.91
C ARG I 34 -61.56 47.57 -23.15
N ALA I 35 -60.91 48.19 -24.15
CA ALA I 35 -59.56 47.83 -24.57
C ALA I 35 -58.53 48.24 -23.52
N THR I 36 -58.81 49.34 -22.81
CA THR I 36 -57.93 49.88 -21.77
C THR I 36 -57.97 48.99 -20.53
N SER I 37 -59.19 48.54 -20.17
CA SER I 37 -59.43 47.75 -18.98
C SER I 37 -58.89 46.33 -19.13
N THR I 38 -58.97 45.79 -20.35
CA THR I 38 -58.54 44.43 -20.68
C THR I 38 -57.02 44.32 -20.54
N GLY I 39 -56.30 45.36 -20.98
CA GLY I 39 -54.86 45.43 -20.94
C GLY I 39 -54.31 45.46 -19.51
N SER I 40 -54.98 46.24 -18.64
CA SER I 40 -54.57 46.45 -17.26
C SER I 40 -54.85 45.21 -16.41
N GLN I 41 -55.96 44.52 -16.71
CA GLN I 41 -56.40 43.35 -15.97
C GLN I 41 -55.51 42.15 -16.26
N THR I 42 -55.03 42.06 -17.51
CA THR I 42 -54.20 40.95 -17.98
C THR I 42 -52.80 41.08 -17.39
N THR I 43 -52.30 42.32 -17.26
CA THR I 43 -50.99 42.63 -16.72
C THR I 43 -50.92 42.20 -15.24
N ASN I 44 -52.03 42.40 -14.52
CA ASN I 44 -52.15 42.00 -13.13
C ASN I 44 -52.29 40.49 -13.01
N GLN I 45 -52.90 39.86 -14.02
CA GLN I 45 -53.22 38.44 -14.02
C GLN I 45 -51.95 37.60 -14.14
N VAL I 46 -51.01 38.05 -14.98
CA VAL I 46 -49.80 37.31 -15.31
C VAL I 46 -48.80 37.43 -14.15
N SER I 47 -48.67 38.64 -13.61
CA SER I 47 -47.62 38.99 -12.65
C SER I 47 -47.89 38.40 -11.27
N THR I 48 -49.18 38.32 -10.89
CA THR I 48 -49.60 37.90 -9.56
C THR I 48 -49.51 36.38 -9.44
N GLY I 49 -49.10 35.91 -8.25
CA GLY I 49 -49.00 34.50 -7.93
C GLY I 49 -48.62 34.25 -6.47
N LEU I 50 -48.91 33.03 -5.99
CA LEU I 50 -48.58 32.60 -4.64
C LEU I 50 -47.57 31.45 -4.71
N ILE I 51 -46.69 31.38 -3.71
CA ILE I 51 -45.67 30.34 -3.63
C ILE I 51 -45.64 29.73 -2.23
N VAL I 52 -45.46 28.40 -2.19
CA VAL I 52 -45.38 27.63 -0.96
C VAL I 52 -43.91 27.50 -0.58
N GLN I 53 -43.60 27.81 0.68
CA GLN I 53 -42.23 27.80 1.20
C GLN I 53 -41.91 26.41 1.74
N SER I 54 -42.58 26.02 2.83
CA SER I 54 -42.36 24.76 3.52
C SER I 54 -43.62 24.28 4.23
N ILE I 55 -43.74 22.96 4.37
CA ILE I 55 -44.89 22.32 5.01
C ILE I 55 -44.38 21.46 6.17
N TYR I 56 -44.99 21.66 7.35
CA TYR I 56 -44.67 20.93 8.57
C TYR I 56 -45.92 20.21 9.08
N GLY I 57 -45.69 19.06 9.75
CA GLY I 57 -46.75 18.25 10.35
C GLY I 57 -46.44 17.89 11.79
N MET I 58 -47.49 17.58 12.56
CA MET I 58 -47.40 17.26 13.97
C MET I 58 -48.11 15.93 14.24
N ASP I 59 -47.40 15.02 14.92
CA ASP I 59 -47.90 13.71 15.31
C ASP I 59 -48.79 13.85 16.53
N ASN I 60 -49.77 12.93 16.66
CA ASN I 60 -50.80 13.01 17.69
C ASN I 60 -50.39 12.24 18.94
N ASN I 61 -49.34 11.42 18.82
CA ASN I 61 -48.83 10.63 19.94
C ASN I 61 -47.45 11.15 20.33
N ARG I 62 -47.30 11.49 21.61
CA ARG I 62 -46.08 12.05 22.16
C ARG I 62 -45.23 10.94 22.79
N SER I 63 -45.90 9.99 23.46
CA SER I 63 -45.25 8.90 24.18
C SER I 63 -44.55 7.95 23.21
N ASN I 64 -45.24 7.61 22.12
CA ASN I 64 -44.70 6.75 21.08
C ASN I 64 -45.18 7.26 19.71
N PRO I 65 -44.34 8.05 19.00
CA PRO I 65 -44.74 8.65 17.71
C PRO I 65 -44.80 7.67 16.54
N GLU I 66 -44.40 6.42 16.79
CA GLU I 66 -44.30 5.38 15.78
C GLU I 66 -45.70 4.91 15.36
N SER I 67 -46.62 4.86 16.34
CA SER I 67 -47.98 4.39 16.13
C SER I 67 -48.95 5.56 16.10
N GLY I 68 -48.46 6.74 15.70
CA GLY I 68 -49.24 7.97 15.67
C GLY I 68 -49.62 8.40 14.26
N SER I 69 -50.44 9.45 14.18
CA SER I 69 -50.88 10.05 12.93
C SER I 69 -50.83 11.57 13.04
N LEU I 70 -50.86 12.24 11.88
CA LEU I 70 -50.76 13.70 11.82
C LEU I 70 -52.12 14.31 12.12
N ASN I 71 -52.15 15.21 13.11
CA ASN I 71 -53.38 15.85 13.56
C ASN I 71 -53.45 17.30 13.09
N TRP I 72 -52.28 17.91 12.86
CA TRP I 72 -52.18 19.29 12.41
C TRP I 72 -51.11 19.44 11.33
N THR I 73 -51.36 20.35 10.37
CA THR I 73 -50.47 20.63 9.26
C THR I 73 -50.35 22.14 9.08
N ALA I 74 -49.12 22.62 8.88
CA ALA I 74 -48.82 24.04 8.73
C ALA I 74 -48.12 24.29 7.40
N ILE I 75 -48.64 25.27 6.64
CA ILE I 75 -48.14 25.61 5.31
C ILE I 75 -47.72 27.08 5.31
N TYR I 76 -46.45 27.32 4.92
CA TYR I 76 -45.88 28.66 4.82
C TYR I 76 -46.10 29.20 3.41
N VAL I 77 -46.72 30.39 3.32
CA VAL I 77 -47.14 30.98 2.05
C VAL I 77 -46.65 32.42 1.97
N THR I 78 -46.05 32.76 0.82
CA THR I 78 -45.65 34.12 0.48
C THR I 78 -46.14 34.48 -0.92
N LEU I 79 -46.09 35.77 -1.26
CA LEU I 79 -46.36 36.25 -2.60
C LEU I 79 -45.13 36.10 -3.48
N ASN I 80 -45.36 36.12 -4.80
CA ASN I 80 -44.30 36.11 -5.80
C ASN I 80 -43.75 37.53 -5.95
N THR I 81 -42.59 37.64 -6.60
CA THR I 81 -41.89 38.91 -6.78
C THR I 81 -42.61 39.76 -7.84
N GLY I 82 -42.94 40.99 -7.46
CA GLY I 82 -43.63 41.95 -8.30
C GLY I 82 -45.08 41.56 -8.54
N SER I 83 -45.79 41.24 -7.45
CA SER I 83 -47.17 40.76 -7.51
C SER I 83 -48.12 41.78 -6.87
N SER I 84 -49.35 41.83 -7.39
CA SER I 84 -50.43 42.63 -6.85
C SER I 84 -50.98 41.97 -5.58
N PRO I 85 -51.54 42.74 -4.61
CA PRO I 85 -52.09 42.17 -3.38
C PRO I 85 -53.19 41.12 -3.60
N VAL I 86 -53.21 40.13 -2.71
CA VAL I 86 -54.16 39.01 -2.77
C VAL I 86 -54.96 38.98 -1.47
N ASP I 87 -56.29 38.93 -1.60
CA ASP I 87 -57.21 38.75 -0.49
C ASP I 87 -57.40 37.26 -0.26
N LEU I 88 -57.19 36.82 1.00
CA LEU I 88 -57.17 35.42 1.36
C LEU I 88 -58.59 34.89 1.59
N SER I 89 -59.58 35.80 1.63
CA SER I 89 -60.97 35.45 1.84
C SER I 89 -61.58 34.86 0.55
N ASN I 90 -60.98 35.19 -0.60
CA ASN I 90 -61.43 34.72 -1.89
C ASN I 90 -60.53 33.58 -2.38
N VAL I 91 -59.72 33.03 -1.47
CA VAL I 91 -58.78 31.97 -1.78
C VAL I 91 -59.39 30.63 -1.36
N SER I 92 -59.33 29.65 -2.28
CA SER I 92 -59.79 28.30 -2.03
C SER I 92 -58.61 27.32 -2.04
N LEU I 93 -58.62 26.39 -1.09
CA LEU I 93 -57.57 25.40 -0.91
C LEU I 93 -58.12 24.00 -1.22
N SER I 94 -57.46 23.31 -2.15
CA SER I 94 -57.81 21.95 -2.55
C SER I 94 -56.77 20.97 -2.01
N LEU I 95 -57.24 19.79 -1.59
CA LEU I 95 -56.41 18.71 -1.08
C LEU I 95 -56.99 17.36 -1.51
N GLU I 96 -56.11 16.43 -1.88
CA GLU I 96 -56.50 15.09 -2.30
C GLU I 96 -55.71 14.07 -1.47
N TYR I 97 -56.45 13.18 -0.78
CA TYR I 97 -55.88 12.15 0.08
C TYR I 97 -56.83 10.96 0.16
N GLN I 98 -56.33 9.80 -0.30
CA GLN I 98 -56.96 8.49 -0.17
C GLN I 98 -58.41 8.51 -0.66
N GLY I 99 -58.61 9.05 -1.87
CA GLY I 99 -59.91 9.09 -2.51
C GLY I 99 -60.88 10.04 -1.83
N GLN I 100 -60.36 11.20 -1.40
CA GLN I 100 -61.14 12.26 -0.79
C GLN I 100 -60.60 13.61 -1.25
N LEU I 101 -61.43 14.36 -1.98
CA LEU I 101 -61.07 15.66 -2.52
C LEU I 101 -61.74 16.76 -1.69
N ALA I 102 -60.93 17.49 -0.93
CA ALA I 102 -61.40 18.52 -0.02
C ALA I 102 -61.31 19.90 -0.67
N SER I 103 -62.21 20.79 -0.24
CA SER I 103 -62.19 22.20 -0.65
C SER I 103 -62.44 23.07 0.58
N LEU I 104 -61.38 23.74 1.06
CA LEU I 104 -61.41 24.49 2.29
C LEU I 104 -61.44 25.99 2.01
N LYS I 105 -62.12 26.74 2.90
CA LYS I 105 -62.43 28.15 2.69
C LYS I 105 -62.40 28.87 4.04
N TYR I 106 -61.82 30.09 4.03
CA TYR I 106 -61.76 30.96 5.20
C TYR I 106 -62.96 31.90 5.19
N THR I 107 -63.57 32.08 6.37
CA THR I 107 -64.70 32.97 6.56
C THR I 107 -64.25 34.16 7.43
N PRO I 108 -64.31 35.41 6.91
CA PRO I 108 -63.94 36.59 7.69
C PRO I 108 -65.01 36.99 8.70
N ALA I 109 -64.57 37.37 9.91
CA ALA I 109 -65.43 37.78 11.00
C ALA I 109 -64.68 38.72 11.94
N THR I 110 -65.44 39.53 12.70
CA THR I 110 -64.88 40.43 13.70
C THR I 110 -64.50 39.64 14.95
N THR I 111 -65.40 38.74 15.38
CA THR I 111 -65.17 37.86 16.52
C THR I 111 -65.43 36.41 16.10
N ASN I 112 -64.78 35.48 16.81
CA ASN I 112 -64.89 34.04 16.60
C ASN I 112 -64.37 33.64 15.22
N ALA I 113 -63.27 34.29 14.80
CA ALA I 113 -62.63 34.02 13.52
C ALA I 113 -61.30 33.31 13.75
N SER I 114 -61.00 32.32 12.90
CA SER I 114 -59.77 31.56 12.97
C SER I 114 -58.60 32.40 12.45
N PHE I 115 -58.10 33.28 13.33
CA PHE I 115 -57.09 34.26 13.01
C PHE I 115 -56.25 34.54 14.25
N ALA I 116 -54.93 34.64 14.06
CA ALA I 116 -53.98 34.93 15.13
C ALA I 116 -52.82 35.77 14.60
N VAL I 117 -52.35 36.70 15.44
CA VAL I 117 -51.23 37.58 15.13
C VAL I 117 -50.03 37.12 15.96
N ASP I 118 -48.91 36.86 15.27
CA ASP I 118 -47.68 36.39 15.89
C ASP I 118 -46.48 36.98 15.15
N THR I 119 -46.35 38.32 15.23
CA THR I 119 -45.33 39.05 14.50
C THR I 119 -44.13 39.38 15.39
N ASN I 120 -44.34 39.25 16.71
CA ASN I 120 -43.33 39.61 17.71
C ASN I 120 -42.40 38.43 17.97
N GLY I 121 -42.78 37.25 17.46
CA GLY I 121 -41.99 36.03 17.63
C GLY I 121 -42.63 35.06 18.62
N THR I 122 -42.31 33.77 18.46
CA THR I 122 -42.86 32.71 19.29
C THR I 122 -41.82 31.60 19.51
N SER I 123 -41.93 30.93 20.66
CA SER I 123 -41.09 29.79 21.01
C SER I 123 -41.67 28.51 20.41
N ASN I 124 -42.99 28.52 20.17
CA ASN I 124 -43.69 27.41 19.54
C ASN I 124 -44.81 27.96 18.64
N VAL I 125 -44.84 27.49 17.39
CA VAL I 125 -45.83 27.90 16.40
C VAL I 125 -47.15 27.19 16.70
N PHE I 126 -47.07 25.93 17.16
CA PHE I 126 -48.23 25.10 17.42
C PHE I 126 -48.84 25.40 18.80
N SER I 127 -48.48 26.56 19.37
CA SER I 127 -49.00 26.99 20.65
C SER I 127 -50.08 28.06 20.47
N VAL I 128 -50.40 28.39 19.21
CA VAL I 128 -51.39 29.39 18.87
C VAL I 128 -52.79 28.77 18.86
N LEU I 129 -52.85 27.47 19.16
CA LEU I 129 -54.11 26.73 19.20
C LEU I 129 -54.88 27.09 20.48
N ASN I 130 -54.15 27.55 21.50
CA ASN I 130 -54.71 27.89 22.80
C ASN I 130 -55.00 29.38 22.90
N ALA I 131 -54.73 30.12 21.80
CA ALA I 131 -54.90 31.56 21.74
C ALA I 131 -56.38 31.91 21.65
N GLY I 132 -56.76 33.00 22.35
CA GLY I 132 -58.14 33.47 22.41
C GLY I 132 -58.55 34.20 21.13
N VAL I 133 -59.77 33.93 20.68
CA VAL I 133 -60.32 34.52 19.46
C VAL I 133 -61.63 35.25 19.78
N GLY I 134 -62.34 34.78 20.81
CA GLY I 134 -63.63 35.34 21.20
C GLY I 134 -63.97 35.08 22.67
N TYR I 135 -65.20 35.43 23.05
CA TYR I 135 -65.71 35.27 24.40
C TYR I 135 -66.87 34.28 24.40
N LYS I 136 -66.94 33.48 25.48
CA LYS I 136 -68.00 32.50 25.69
C LYS I 136 -69.34 33.21 25.82
N ASN I 137 -69.38 34.20 26.73
CA ASN I 137 -70.54 35.02 27.00
C ASN I 137 -70.10 36.46 27.24
N SER I 138 -70.98 37.27 27.85
CA SER I 138 -70.74 38.68 28.09
C SER I 138 -69.94 38.90 29.38
N THR I 139 -69.86 37.85 30.21
CA THR I 139 -69.31 37.95 31.56
C THR I 139 -67.80 37.67 31.55
N ALA I 140 -67.27 37.32 30.37
CA ALA I 140 -65.86 37.00 30.19
C ALA I 140 -65.01 38.28 30.25
N THR I 141 -63.96 38.23 31.08
CA THR I 141 -63.02 39.34 31.25
C THR I 141 -61.99 39.31 30.13
N PHE I 142 -61.52 38.10 29.78
CA PHE I 142 -60.54 37.89 28.74
C PHE I 142 -61.10 36.93 27.69
N LYS I 143 -60.44 36.87 26.53
CA LYS I 143 -60.81 35.99 25.43
C LYS I 143 -60.53 34.54 25.82
N ASN I 144 -61.60 33.75 25.94
CA ASN I 144 -61.54 32.42 26.52
C ASN I 144 -62.00 31.35 25.53
N VAL I 145 -62.35 31.78 24.30
CA VAL I 145 -62.63 30.87 23.21
C VAL I 145 -61.34 30.64 22.43
N GLU I 146 -60.90 29.37 22.39
CA GLU I 146 -59.63 28.99 21.81
C GLU I 146 -59.77 28.77 20.30
N LEU I 147 -58.62 28.71 19.62
CA LEU I 147 -58.53 28.62 18.17
C LEU I 147 -58.90 27.22 17.69
N LYS I 148 -58.80 26.24 18.60
CA LYS I 148 -59.11 24.84 18.33
C LYS I 148 -60.62 24.66 18.08
N ASN I 149 -61.42 25.47 18.79
CA ASN I 149 -62.86 25.29 18.90
C ASN I 149 -63.58 25.82 17.67
N VAL I 150 -62.86 26.59 16.83
CA VAL I 150 -63.45 27.21 15.64
C VAL I 150 -62.92 26.54 14.37
N THR I 151 -61.70 25.98 14.44
CA THR I 151 -61.07 25.33 13.29
C THR I 151 -61.59 23.89 13.20
N LYS I 152 -62.29 23.61 12.11
CA LYS I 152 -63.00 22.34 11.93
C LYS I 152 -62.56 21.68 10.62
N SER I 153 -63.52 21.08 9.90
CA SER I 153 -63.25 20.21 8.76
C SER I 153 -63.52 20.91 7.43
N THR I 154 -63.96 22.17 7.49
CA THR I 154 -64.39 22.91 6.30
C THR I 154 -63.54 24.17 6.12
N ASN I 155 -62.84 24.59 7.19
CA ASN I 155 -62.15 25.87 7.22
C ASN I 155 -60.68 25.69 7.62
N PHE I 156 -59.88 26.71 7.36
CA PHE I 156 -58.49 26.79 7.79
C PHE I 156 -58.25 28.08 8.57
N ALA I 157 -57.16 28.09 9.35
CA ALA I 157 -56.78 29.22 10.18
C ALA I 157 -55.60 29.96 9.54
N ILE I 158 -55.53 31.28 9.80
CA ILE I 158 -54.45 32.13 9.31
C ILE I 158 -53.66 32.67 10.51
N VAL I 159 -52.35 32.42 10.49
CA VAL I 159 -51.43 32.93 11.50
C VAL I 159 -50.39 33.79 10.80
N VAL I 160 -50.29 35.05 11.25
CA VAL I 160 -49.41 36.05 10.65
C VAL I 160 -48.02 35.92 11.28
N ILE I 161 -47.00 35.89 10.41
CA ILE I 161 -45.60 35.82 10.82
C ILE I 161 -44.95 37.19 10.58
N ARG I 162 -45.08 37.70 9.34
CA ARG I 162 -44.56 39.00 8.96
C ARG I 162 -45.68 39.85 8.36
N ASP I 163 -45.72 41.12 8.76
CA ASP I 163 -46.67 42.11 8.25
C ASP I 163 -46.04 43.50 8.36
N PRO I 164 -45.29 43.96 7.32
CA PRO I 164 -44.59 45.24 7.39
C PRO I 164 -45.48 46.48 7.30
N SER I 165 -46.62 46.36 6.59
CA SER I 165 -47.46 47.49 6.26
C SER I 165 -48.80 47.44 7.02
N ASN I 166 -49.00 46.39 7.81
CA ASN I 166 -50.19 46.16 8.63
C ASN I 166 -51.42 46.08 7.72
N SER I 167 -51.45 45.05 6.88
CA SER I 167 -52.49 44.88 5.87
C SER I 167 -53.38 43.68 6.20
N LEU I 168 -52.96 42.87 7.18
CA LEU I 168 -53.64 41.64 7.53
C LEU I 168 -54.46 41.85 8.80
N THR I 169 -55.79 41.66 8.67
CA THR I 169 -56.75 41.69 9.76
C THR I 169 -57.69 40.49 9.64
N SER I 170 -58.47 40.26 10.71
CA SER I 170 -59.43 39.16 10.77
C SER I 170 -60.59 39.39 9.81
N SER I 171 -60.94 40.67 9.59
CA SER I 171 -62.01 41.07 8.70
C SER I 171 -61.51 41.15 7.27
N HIS I 172 -60.29 41.68 7.08
CA HIS I 172 -59.69 41.85 5.77
C HIS I 172 -58.28 41.27 5.77
N PRO I 173 -58.09 39.97 5.45
CA PRO I 173 -56.76 39.37 5.34
C PRO I 173 -56.13 39.57 3.96
N VAL I 174 -55.53 40.74 3.76
CA VAL I 174 -54.91 41.11 2.50
C VAL I 174 -53.39 40.92 2.61
N LEU I 175 -52.85 40.08 1.74
CA LEU I 175 -51.43 39.76 1.70
C LEU I 175 -50.73 40.72 0.74
N THR I 176 -49.69 41.39 1.25
CA THR I 176 -48.95 42.40 0.50
C THR I 176 -47.49 41.98 0.36
N THR I 177 -46.66 42.88 -0.18
CA THR I 177 -45.25 42.65 -0.45
C THR I 177 -44.47 42.63 0.87
N GLY I 178 -43.80 41.50 1.12
CA GLY I 178 -42.92 41.33 2.28
C GLY I 178 -43.61 40.62 3.44
N SER I 179 -44.88 40.22 3.25
CA SER I 179 -45.67 39.58 4.29
C SER I 179 -45.60 38.06 4.15
N GLU I 180 -45.83 37.36 5.27
CA GLU I 180 -45.77 35.91 5.35
C GLU I 180 -46.82 35.41 6.33
N VAL I 181 -47.55 34.36 5.92
CA VAL I 181 -48.61 33.76 6.73
C VAL I 181 -48.40 32.24 6.81
N VAL I 182 -48.99 31.65 7.86
CA VAL I 182 -49.05 30.21 8.04
C VAL I 182 -50.52 29.79 8.02
N ILE I 183 -50.83 28.81 7.15
CA ILE I 183 -52.16 28.22 7.04
C ILE I 183 -52.17 26.90 7.82
N LEU I 184 -53.06 26.84 8.82
CA LEU I 184 -53.22 25.67 9.67
C LEU I 184 -54.48 24.90 9.26
N VAL I 185 -54.31 23.58 9.06
CA VAL I 185 -55.39 22.69 8.68
C VAL I 185 -55.52 21.61 9.76
N ASN I 186 -56.74 21.46 10.28
CA ASN I 186 -57.07 20.39 11.22
C ASN I 186 -57.21 19.09 10.43
N THR I 187 -56.13 18.29 10.45
CA THR I 187 -55.99 17.09 9.64
C THR I 187 -56.85 15.97 10.20
N SER I 188 -57.07 15.99 11.51
CA SER I 188 -57.87 14.98 12.21
C SER I 188 -59.36 15.19 11.97
N ALA I 189 -59.72 16.39 11.47
CA ALA I 189 -61.10 16.74 11.19
C ALA I 189 -61.45 16.44 9.73
N VAL I 190 -60.51 16.77 8.82
CA VAL I 190 -60.74 16.69 7.38
C VAL I 190 -60.63 15.24 6.93
N PHE I 191 -59.48 14.61 7.21
CA PHE I 191 -59.17 13.28 6.70
C PHE I 191 -59.25 12.23 7.81
N GLY I 192 -59.13 12.69 9.07
CA GLY I 192 -59.13 11.81 10.23
C GLY I 192 -57.76 11.21 10.50
N GLY I 193 -56.72 12.02 10.26
CA GLY I 193 -55.33 11.63 10.49
C GLY I 193 -54.69 11.06 9.23
N MET I 194 -53.53 11.63 8.86
CA MET I 194 -52.73 11.16 7.74
C MET I 194 -51.80 10.04 8.22
N LYS I 195 -51.61 9.03 7.36
CA LYS I 195 -50.89 7.82 7.69
C LYS I 195 -49.57 7.75 6.93
N GLN I 196 -48.77 6.71 7.23
CA GLN I 196 -47.43 6.54 6.72
C GLN I 196 -47.46 6.09 5.26
N GLY I 197 -46.58 6.71 4.45
CA GLY I 197 -46.36 6.35 3.06
C GLY I 197 -47.57 6.60 2.18
N GLN I 198 -48.13 7.80 2.28
CA GLN I 198 -49.31 8.21 1.53
C GLN I 198 -49.01 9.50 0.76
N ALA I 199 -49.58 9.61 -0.44
CA ALA I 199 -49.37 10.75 -1.33
C ALA I 199 -50.43 11.81 -1.09
N VAL I 200 -49.97 13.07 -1.00
CA VAL I 200 -50.83 14.24 -0.82
C VAL I 200 -50.57 15.21 -1.96
N THR I 201 -51.64 15.61 -2.65
CA THR I 201 -51.58 16.51 -3.78
C THR I 201 -52.69 17.57 -3.65
N GLY I 202 -52.34 18.83 -3.88
CA GLY I 202 -53.29 19.93 -3.77
C GLY I 202 -52.77 21.24 -4.36
N GLN I 203 -53.62 22.27 -4.30
CA GLN I 203 -53.35 23.59 -4.86
C GLN I 203 -53.97 24.67 -3.96
N ILE I 204 -53.34 25.86 -3.96
CA ILE I 204 -53.89 27.07 -3.35
C ILE I 204 -54.27 28.02 -4.49
N ASN I 205 -55.58 28.16 -4.72
CA ASN I 205 -56.10 28.90 -5.87
C ASN I 205 -56.56 30.29 -5.43
N PRO I 206 -55.92 31.37 -5.92
CA PRO I 206 -56.45 32.73 -5.77
C PRO I 206 -57.51 33.04 -6.83
N SER I 207 -58.20 34.16 -6.66
CA SER I 207 -59.20 34.64 -7.60
C SER I 207 -58.52 35.14 -8.88
N VAL I 208 -57.45 35.91 -8.70
CA VAL I 208 -56.63 36.42 -9.80
C VAL I 208 -55.17 36.04 -9.51
N GLY I 209 -54.56 35.32 -10.46
CA GLY I 209 -53.15 34.97 -10.40
C GLY I 209 -52.89 33.49 -10.65
N SER I 210 -51.64 33.07 -10.41
CA SER I 210 -51.18 31.70 -10.60
C SER I 210 -51.16 30.95 -9.27
N PRO I 211 -51.59 29.67 -9.22
CA PRO I 211 -51.69 28.94 -7.96
C PRO I 211 -50.37 28.40 -7.41
N GLY I 212 -50.35 28.14 -6.09
CA GLY I 212 -49.25 27.49 -5.42
C GLY I 212 -49.49 25.99 -5.30
N ILE I 213 -48.43 25.20 -5.52
CA ILE I 213 -48.53 23.75 -5.68
C ILE I 213 -48.09 23.07 -4.38
N ILE I 214 -48.91 22.10 -3.95
CA ILE I 214 -48.63 21.23 -2.81
C ILE I 214 -48.55 19.79 -3.33
N GLN I 215 -47.38 19.16 -3.14
CA GLN I 215 -47.15 17.77 -3.51
C GLN I 215 -46.04 17.18 -2.65
N PHE I 216 -46.39 16.21 -1.82
CA PHE I 216 -45.48 15.51 -0.94
C PHE I 216 -45.99 14.11 -0.63
N THR I 217 -45.05 13.21 -0.27
CA THR I 217 -45.36 11.89 0.26
C THR I 217 -44.94 11.85 1.73
N THR I 218 -45.86 11.35 2.58
CA THR I 218 -45.64 11.23 4.02
C THR I 218 -44.54 10.20 4.27
N PRO I 219 -43.66 10.43 5.29
CA PRO I 219 -42.57 9.49 5.59
C PRO I 219 -43.04 8.07 5.91
N SER I 220 -42.14 7.10 5.69
CA SER I 220 -42.41 5.67 5.84
C SER I 220 -42.66 5.32 7.30
N ALA I 221 -41.95 6.02 8.22
CA ALA I 221 -42.12 5.86 9.65
C ALA I 221 -41.95 7.21 10.34
N PHE I 222 -42.94 7.56 11.18
CA PHE I 222 -42.89 8.77 11.99
C PHE I 222 -42.04 8.48 13.23
N THR I 223 -40.95 9.23 13.37
CA THR I 223 -39.95 8.99 14.40
C THR I 223 -39.91 10.14 15.42
N GLU I 224 -40.30 11.33 14.97
CA GLU I 224 -40.33 12.52 15.82
C GLU I 224 -41.71 13.16 15.79
N THR I 225 -41.94 14.10 16.73
CA THR I 225 -43.23 14.73 16.95
C THR I 225 -43.55 15.70 15.81
N VAL I 226 -42.62 16.62 15.52
CA VAL I 226 -42.76 17.58 14.44
C VAL I 226 -41.80 17.20 13.31
N MET I 227 -42.36 17.07 12.10
CA MET I 227 -41.63 16.61 10.93
C MET I 227 -41.80 17.61 9.79
N GLU I 228 -40.77 17.71 8.94
CA GLU I 228 -40.80 18.47 7.71
C GLU I 228 -41.26 17.56 6.58
N LEU I 229 -42.28 18.01 5.83
CA LEU I 229 -42.91 17.21 4.79
C LEU I 229 -42.43 17.67 3.41
N GLN I 230 -42.46 18.99 3.19
CA GLN I 230 -42.05 19.59 1.93
C GLN I 230 -41.08 20.75 2.20
N GLU J 1 -86.40 69.26 -60.77
CA GLU J 1 -85.76 69.70 -59.49
C GLU J 1 -84.64 68.73 -59.12
N THR J 2 -83.83 69.13 -58.13
CA THR J 2 -82.65 68.41 -57.67
C THR J 2 -83.06 67.14 -56.92
N GLY J 3 -84.30 67.11 -56.42
CA GLY J 3 -84.84 66.02 -55.62
C GLY J 3 -84.87 64.68 -56.36
N ILE J 4 -85.17 64.74 -57.67
CA ILE J 4 -85.31 63.56 -58.52
C ILE J 4 -83.93 62.94 -58.74
N GLY J 5 -82.95 63.78 -59.09
CA GLY J 5 -81.60 63.37 -59.42
C GLY J 5 -80.83 62.80 -58.23
N THR J 6 -81.17 63.28 -57.02
CA THR J 6 -80.53 62.89 -55.78
C THR J 6 -80.88 61.43 -55.45
N LEU J 7 -82.14 61.06 -55.71
CA LEU J 7 -82.67 59.75 -55.35
C LEU J 7 -82.08 58.66 -56.25
N ILE J 8 -81.83 59.00 -57.52
CA ILE J 8 -81.34 58.07 -58.54
C ILE J 8 -79.90 57.66 -58.19
N ILE J 9 -79.08 58.65 -57.83
CA ILE J 9 -77.66 58.44 -57.51
C ILE J 9 -77.54 57.73 -56.16
N PHE J 10 -78.51 57.97 -55.26
CA PHE J 10 -78.55 57.37 -53.94
C PHE J 10 -78.62 55.85 -54.02
N ILE J 11 -79.44 55.34 -54.95
CA ILE J 11 -79.63 53.92 -55.18
C ILE J 11 -78.32 53.29 -55.63
N ALA J 12 -77.59 54.01 -56.51
CA ALA J 12 -76.34 53.57 -57.09
C ALA J 12 -75.24 53.51 -56.03
N MET J 13 -75.27 54.46 -55.09
CA MET J 13 -74.27 54.59 -54.03
C MET J 13 -74.36 53.41 -53.06
N VAL J 14 -75.59 52.95 -52.81
CA VAL J 14 -75.88 51.87 -51.88
C VAL J 14 -75.38 50.54 -52.47
N LEU J 15 -75.58 50.36 -53.78
CA LEU J 15 -75.24 49.14 -54.49
C LEU J 15 -73.72 48.97 -54.60
N VAL J 16 -73.00 50.10 -54.74
CA VAL J 16 -71.55 50.12 -54.89
C VAL J 16 -70.89 49.74 -53.57
N ALA J 17 -71.46 50.23 -52.45
CA ALA J 17 -70.95 50.01 -51.12
C ALA J 17 -71.11 48.55 -50.69
N ALA J 18 -72.12 47.88 -51.26
CA ALA J 18 -72.41 46.47 -50.98
C ALA J 18 -71.35 45.57 -51.63
N VAL J 19 -70.82 46.00 -52.78
CA VAL J 19 -69.85 45.26 -53.58
C VAL J 19 -68.53 45.15 -52.80
N ALA J 20 -68.07 46.30 -52.27
CA ALA J 20 -66.81 46.40 -51.56
C ALA J 20 -66.86 45.64 -50.23
N ALA J 21 -68.08 45.54 -49.66
CA ALA J 21 -68.34 44.82 -48.43
C ALA J 21 -68.18 43.32 -48.66
N THR J 22 -68.62 42.85 -49.83
CA THR J 22 -68.65 41.44 -50.21
C THR J 22 -67.22 40.92 -50.40
N VAL J 23 -66.34 41.78 -50.94
CA VAL J 23 -64.95 41.44 -51.24
C VAL J 23 -64.21 41.12 -49.95
N LEU J 24 -64.42 41.95 -48.92
CA LEU J 24 -63.70 41.89 -47.65
C LEU J 24 -64.10 40.64 -46.86
N ILE J 25 -65.38 40.25 -46.96
CA ILE J 25 -65.93 39.10 -46.24
C ILE J 25 -65.43 37.81 -46.89
N ASN J 26 -65.45 37.77 -48.23
CA ASN J 26 -65.09 36.59 -49.02
C ASN J 26 -63.60 36.27 -48.88
N THR J 27 -62.77 37.32 -48.81
CA THR J 27 -61.33 37.19 -48.72
C THR J 27 -60.93 36.67 -47.34
N ALA J 28 -61.62 37.17 -46.29
CA ALA J 28 -61.35 36.81 -44.90
C ALA J 28 -61.76 35.36 -44.64
N GLY J 29 -62.82 34.90 -45.31
CA GLY J 29 -63.30 33.54 -45.20
C GLY J 29 -62.36 32.53 -45.85
N SER J 30 -61.69 32.95 -46.94
CA SER J 30 -60.75 32.13 -47.68
C SER J 30 -59.44 31.97 -46.91
N LEU J 31 -59.01 33.05 -46.24
CA LEU J 31 -57.77 33.09 -45.49
C LEU J 31 -57.93 32.39 -44.14
N GLN J 32 -59.18 32.24 -43.68
CA GLN J 32 -59.52 31.64 -42.40
C GLN J 32 -59.15 30.16 -42.40
N GLN J 33 -59.50 29.45 -43.48
CA GLN J 33 -59.38 28.01 -43.57
C GLN J 33 -57.92 27.61 -43.77
N ARG J 34 -57.16 28.46 -44.47
CA ARG J 34 -55.74 28.22 -44.76
C ARG J 34 -54.92 28.35 -43.48
N ALA J 35 -55.21 29.39 -42.68
CA ALA J 35 -54.47 29.71 -41.47
C ALA J 35 -54.72 28.69 -40.38
N THR J 36 -55.95 28.14 -40.36
CA THR J 36 -56.36 27.14 -39.37
C THR J 36 -55.68 25.80 -39.66
N SER J 37 -55.62 25.43 -40.94
CA SER J 37 -55.09 24.15 -41.39
C SER J 37 -53.57 24.11 -41.24
N THR J 38 -52.92 25.26 -41.47
CA THR J 38 -51.47 25.39 -41.41
C THR J 38 -50.98 25.18 -39.97
N GLY J 39 -51.73 25.73 -39.00
CA GLY J 39 -51.42 25.63 -37.59
C GLY J 39 -51.49 24.20 -37.06
N SER J 40 -52.52 23.47 -37.50
CA SER J 40 -52.80 22.10 -37.06
C SER J 40 -51.80 21.12 -37.65
N GLN J 41 -51.39 21.37 -38.90
CA GLN J 41 -50.48 20.50 -39.64
C GLN J 41 -49.06 20.61 -39.10
N THR J 42 -48.68 21.82 -38.66
CA THR J 42 -47.36 22.11 -38.14
C THR J 42 -47.18 21.49 -36.76
N THR J 43 -48.27 21.50 -35.97
CA THR J 43 -48.28 20.94 -34.62
C THR J 43 -48.04 19.44 -34.66
N ASN J 44 -48.63 18.78 -35.68
CA ASN J 44 -48.46 17.35 -35.91
C ASN J 44 -47.06 17.05 -36.44
N GLN J 45 -46.49 18.01 -37.19
CA GLN J 45 -45.22 17.84 -37.88
C GLN J 45 -44.07 17.80 -36.87
N VAL J 46 -44.14 18.65 -35.85
CA VAL J 46 -43.07 18.83 -34.87
C VAL J 46 -43.08 17.67 -33.88
N SER J 47 -44.28 17.27 -33.43
CA SER J 47 -44.46 16.34 -32.34
C SER J 47 -44.15 14.89 -32.76
N THR J 48 -44.45 14.57 -34.02
CA THR J 48 -44.34 13.20 -34.54
C THR J 48 -42.88 12.89 -34.86
N GLY J 49 -42.48 11.64 -34.59
CA GLY J 49 -41.14 11.13 -34.87
C GLY J 49 -41.01 9.65 -34.57
N LEU J 50 -39.98 9.03 -35.17
CA LEU J 50 -39.65 7.62 -34.97
C LEU J 50 -38.28 7.51 -34.31
N ILE J 51 -38.11 6.47 -33.47
CA ILE J 51 -36.87 6.22 -32.75
C ILE J 51 -36.46 4.76 -32.91
N VAL J 52 -35.15 4.55 -33.08
CA VAL J 52 -34.54 3.22 -33.21
C VAL J 52 -34.08 2.78 -31.83
N GLN J 53 -34.47 1.55 -31.45
CA GLN J 53 -34.16 0.99 -30.14
C GLN J 53 -32.82 0.26 -30.20
N SER J 54 -32.78 -0.84 -30.96
CA SER J 54 -31.60 -1.69 -31.06
C SER J 54 -31.57 -2.39 -32.42
N ILE J 55 -30.35 -2.70 -32.89
CA ILE J 55 -30.13 -3.38 -34.16
C ILE J 55 -29.33 -4.66 -33.90
N TYR J 56 -29.83 -5.78 -34.44
CA TYR J 56 -29.20 -7.08 -34.33
C TYR J 56 -28.91 -7.65 -35.72
N GLY J 57 -27.84 -8.45 -35.82
CA GLY J 57 -27.43 -9.11 -37.04
C GLY J 57 -27.19 -10.60 -36.85
N MET J 58 -27.27 -11.36 -37.96
CA MET J 58 -27.12 -12.81 -37.95
C MET J 58 -26.08 -13.22 -38.98
N ASP J 59 -25.11 -14.03 -38.53
CA ASP J 59 -24.04 -14.55 -39.37
C ASP J 59 -24.56 -15.71 -40.20
N ASN J 60 -23.96 -15.92 -41.38
CA ASN J 60 -24.43 -16.89 -42.36
C ASN J 60 -23.76 -18.25 -42.18
N ASN J 61 -22.68 -18.27 -41.38
CA ASN J 61 -21.94 -19.50 -41.10
C ASN J 61 -22.13 -19.87 -39.63
N ARG J 62 -22.59 -21.11 -39.40
CA ARG J 62 -22.87 -21.63 -38.07
C ARG J 62 -21.68 -22.42 -37.54
N SER J 63 -21.03 -23.18 -38.44
CA SER J 63 -19.92 -24.06 -38.12
C SER J 63 -18.69 -23.25 -37.69
N ASN J 64 -18.40 -22.18 -38.44
CA ASN J 64 -17.29 -21.28 -38.15
C ASN J 64 -17.73 -19.84 -38.46
N PRO J 65 -18.18 -19.06 -37.44
CA PRO J 65 -18.69 -17.70 -37.67
C PRO J 65 -17.61 -16.65 -37.98
N GLU J 66 -16.34 -17.08 -37.93
CA GLU J 66 -15.19 -16.21 -38.10
C GLU J 66 -15.05 -15.81 -39.57
N SER J 67 -15.38 -16.74 -40.47
CA SER J 67 -15.25 -16.55 -41.91
C SER J 67 -16.62 -16.33 -42.54
N GLY J 68 -17.57 -15.80 -41.75
CA GLY J 68 -18.94 -15.58 -42.17
C GLY J 68 -19.26 -14.11 -42.43
N SER J 69 -20.48 -13.88 -42.94
CA SER J 69 -21.00 -12.55 -43.20
C SER J 69 -22.46 -12.46 -42.74
N LEU J 70 -22.95 -11.24 -42.59
CA LEU J 70 -24.31 -10.99 -42.12
C LEU J 70 -25.30 -11.16 -43.28
N ASN J 71 -26.29 -12.03 -43.08
CA ASN J 71 -27.28 -12.34 -44.09
C ASN J 71 -28.63 -11.70 -43.78
N TRP J 72 -28.88 -11.43 -42.48
CA TRP J 72 -30.12 -10.82 -42.02
C TRP J 72 -29.82 -9.77 -40.95
N THR J 73 -30.63 -8.70 -40.94
CA THR J 73 -30.53 -7.60 -40.00
C THR J 73 -31.92 -7.23 -39.49
N ALA J 74 -32.02 -7.02 -38.17
CA ALA J 74 -33.29 -6.70 -37.51
C ALA J 74 -33.17 -5.37 -36.77
N ILE J 75 -34.15 -4.48 -37.00
CA ILE J 75 -34.17 -3.14 -36.43
C ILE J 75 -35.46 -2.97 -35.62
N TYR J 76 -35.31 -2.60 -34.35
CA TYR J 76 -36.43 -2.35 -33.44
C TYR J 76 -36.80 -0.87 -33.50
N VAL J 77 -38.09 -0.61 -33.79
CA VAL J 77 -38.60 0.73 -34.05
C VAL J 77 -39.85 0.98 -33.18
N THR J 78 -39.86 2.14 -32.51
CA THR J 78 -41.01 2.63 -31.76
C THR J 78 -41.29 4.08 -32.15
N LEU J 79 -42.48 4.58 -31.74
CA LEU J 79 -42.84 5.98 -31.89
C LEU J 79 -42.25 6.79 -30.73
N ASN J 80 -42.15 8.11 -30.94
CA ASN J 80 -41.74 9.05 -29.92
C ASN J 80 -42.93 9.36 -29.01
N THR J 81 -42.65 9.97 -27.85
CA THR J 81 -43.66 10.29 -26.86
C THR J 81 -44.51 11.47 -27.32
N GLY J 82 -45.84 11.25 -27.32
CA GLY J 82 -46.83 12.25 -27.72
C GLY J 82 -46.80 12.49 -29.24
N SER J 83 -46.82 11.39 -30.00
CA SER J 83 -46.71 11.44 -31.45
C SER J 83 -48.02 10.96 -32.10
N SER J 84 -48.31 11.54 -33.27
CA SER J 84 -49.43 11.15 -34.11
C SER J 84 -49.11 9.83 -34.81
N PRO J 85 -50.12 8.99 -35.16
CA PRO J 85 -49.88 7.72 -35.84
C PRO J 85 -49.14 7.84 -37.17
N VAL J 86 -48.32 6.84 -37.47
CA VAL J 86 -47.49 6.79 -38.68
C VAL J 86 -47.84 5.52 -39.46
N ASP J 87 -48.12 5.72 -40.76
CA ASP J 87 -48.33 4.61 -41.69
C ASP J 87 -46.98 4.20 -42.27
N LEU J 88 -46.69 2.90 -42.18
CA LEU J 88 -45.38 2.35 -42.54
C LEU J 88 -45.27 2.12 -44.05
N SER J 89 -46.41 2.23 -44.75
CA SER J 89 -46.47 2.04 -46.19
C SER J 89 -45.89 3.25 -46.93
N ASN J 90 -45.90 4.42 -46.27
CA ASN J 90 -45.39 5.66 -46.83
C ASN J 90 -44.00 5.96 -46.25
N VAL J 91 -43.39 4.96 -45.62
CA VAL J 91 -42.08 5.09 -44.98
C VAL J 91 -41.02 4.53 -45.93
N SER J 92 -39.95 5.32 -46.13
CA SER J 92 -38.81 4.92 -46.93
C SER J 92 -37.57 4.76 -46.05
N LEU J 93 -36.80 3.71 -46.32
CA LEU J 93 -35.60 3.37 -45.56
C LEU J 93 -34.37 3.52 -46.46
N SER J 94 -33.41 4.31 -45.99
CA SER J 94 -32.16 4.56 -46.69
C SER J 94 -31.01 3.87 -45.95
N LEU J 95 -30.07 3.31 -46.72
CA LEU J 95 -28.88 2.65 -46.20
C LEU J 95 -27.69 2.92 -47.13
N GLU J 96 -26.52 3.14 -46.52
CA GLU J 96 -25.28 3.39 -47.24
C GLU J 96 -24.21 2.42 -46.75
N TYR J 97 -23.65 1.66 -47.71
CA TYR J 97 -22.63 0.65 -47.43
C TYR J 97 -21.74 0.46 -48.66
N GLN J 98 -20.44 0.75 -48.48
CA GLN J 98 -19.37 0.47 -49.44
C GLN J 98 -19.71 1.01 -50.82
N GLY J 99 -20.11 2.29 -50.88
CA GLY J 99 -20.40 2.98 -52.12
C GLY J 99 -21.67 2.46 -52.81
N GLN J 100 -22.70 2.18 -52.00
CA GLN J 100 -23.99 1.73 -52.48
C GLN J 100 -25.07 2.33 -51.60
N LEU J 101 -25.92 3.17 -52.19
CA LEU J 101 -26.99 3.86 -51.50
C LEU J 101 -28.33 3.21 -51.86
N ALA J 102 -28.92 2.51 -50.88
CA ALA J 102 -30.15 1.75 -51.07
C ALA J 102 -31.35 2.57 -50.62
N SER J 103 -32.50 2.30 -51.25
CA SER J 103 -33.78 2.87 -50.87
C SER J 103 -34.85 1.77 -50.88
N LEU J 104 -35.27 1.35 -49.68
CA LEU J 104 -36.16 0.22 -49.51
C LEU J 104 -37.57 0.69 -49.15
N LYS J 105 -38.57 -0.07 -49.61
CA LYS J 105 -39.97 0.32 -49.53
C LYS J 105 -40.84 -0.92 -49.31
N TYR J 106 -41.85 -0.79 -48.44
CA TYR J 106 -42.81 -1.84 -48.16
C TYR J 106 -44.03 -1.67 -49.06
N THR J 107 -44.52 -2.79 -49.61
CA THR J 107 -45.70 -2.82 -50.46
C THR J 107 -46.83 -3.54 -49.72
N PRO J 108 -47.96 -2.87 -49.44
CA PRO J 108 -49.10 -3.52 -48.78
C PRO J 108 -49.90 -4.43 -49.72
N ALA J 109 -50.29 -5.59 -49.19
CA ALA J 109 -51.06 -6.60 -49.92
C ALA J 109 -51.89 -7.43 -48.94
N THR J 110 -52.96 -8.06 -49.46
CA THR J 110 -53.81 -8.95 -48.70
C THR J 110 -53.11 -10.30 -48.53
N THR J 111 -52.56 -10.81 -49.64
CA THR J 111 -51.80 -12.06 -49.65
C THR J 111 -50.43 -11.81 -50.29
N ASN J 112 -49.45 -12.66 -49.90
CA ASN J 112 -48.08 -12.64 -50.39
C ASN J 112 -47.39 -11.33 -49.99
N ALA J 113 -47.67 -10.88 -48.77
CA ALA J 113 -47.06 -9.67 -48.22
C ALA J 113 -46.07 -10.04 -47.12
N SER J 114 -44.94 -9.32 -47.09
CA SER J 114 -43.90 -9.54 -46.11
C SER J 114 -44.33 -8.96 -44.75
N PHE J 115 -45.16 -9.74 -44.05
CA PHE J 115 -45.79 -9.34 -42.80
C PHE J 115 -46.00 -10.57 -41.92
N ALA J 116 -45.74 -10.41 -40.62
CA ALA J 116 -45.89 -11.47 -39.64
C ALA J 116 -46.33 -10.88 -38.29
N VAL J 117 -47.20 -11.62 -37.60
CA VAL J 117 -47.70 -11.25 -36.28
C VAL J 117 -47.07 -12.17 -35.25
N ASP J 118 -46.43 -11.56 -34.23
CA ASP J 118 -45.75 -12.29 -33.17
C ASP J 118 -45.90 -11.52 -31.86
N THR J 119 -47.15 -11.44 -31.38
CA THR J 119 -47.49 -10.65 -30.20
C THR J 119 -47.60 -11.55 -28.97
N ASN J 120 -47.72 -12.86 -29.20
CA ASN J 120 -47.92 -13.84 -28.14
C ASN J 120 -46.59 -14.28 -27.55
N GLY J 121 -45.48 -13.93 -28.23
CA GLY J 121 -44.14 -14.27 -27.79
C GLY J 121 -43.51 -15.35 -28.67
N THR J 122 -42.18 -15.37 -28.70
CA THR J 122 -41.41 -16.30 -29.51
C THR J 122 -40.11 -16.69 -28.81
N SER J 123 -39.65 -17.92 -29.09
CA SER J 123 -38.39 -18.44 -28.58
C SER J 123 -37.24 -17.99 -29.48
N ASN J 124 -37.55 -17.69 -30.74
CA ASN J 124 -36.60 -17.17 -31.71
C ASN J 124 -37.30 -16.18 -32.64
N VAL J 125 -36.69 -15.00 -32.79
CA VAL J 125 -37.20 -13.93 -33.63
C VAL J 125 -36.92 -14.27 -35.09
N PHE J 126 -35.74 -14.88 -35.35
CA PHE J 126 -35.28 -15.20 -36.69
C PHE J 126 -35.92 -16.50 -37.20
N SER J 127 -37.00 -16.93 -36.55
CA SER J 127 -37.73 -18.14 -36.94
C SER J 127 -39.00 -17.78 -37.72
N VAL J 128 -39.23 -16.48 -37.92
CA VAL J 128 -40.41 -15.98 -38.61
C VAL J 128 -40.19 -15.99 -40.12
N LEU J 129 -39.00 -16.45 -40.54
CA LEU J 129 -38.62 -16.55 -41.94
C LEU J 129 -39.33 -17.73 -42.59
N ASN J 130 -39.71 -18.72 -41.77
CA ASN J 130 -40.36 -19.95 -42.22
C ASN J 130 -41.88 -19.83 -42.11
N ALA J 131 -42.36 -18.67 -41.65
CA ALA J 131 -43.78 -18.42 -41.44
C ALA J 131 -44.50 -18.22 -42.77
N GLY J 132 -45.72 -18.77 -42.85
CA GLY J 132 -46.54 -18.71 -44.05
C GLY J 132 -47.18 -17.34 -44.25
N VAL J 133 -47.17 -16.88 -45.51
CA VAL J 133 -47.73 -15.58 -45.87
C VAL J 133 -48.81 -15.75 -46.96
N GLY J 134 -48.68 -16.80 -47.77
CA GLY J 134 -49.61 -17.07 -48.86
C GLY J 134 -49.63 -18.55 -49.27
N TYR J 135 -50.35 -18.83 -50.36
CA TYR J 135 -50.51 -20.18 -50.90
C TYR J 135 -49.85 -20.26 -52.26
N LYS J 136 -49.25 -21.43 -52.55
CA LYS J 136 -48.61 -21.71 -53.84
C LYS J 136 -49.67 -21.70 -54.95
N ASN J 137 -50.74 -22.48 -54.72
CA ASN J 137 -51.86 -22.61 -55.63
C ASN J 137 -53.16 -22.68 -54.82
N SER J 138 -54.24 -23.15 -55.46
CA SER J 138 -55.56 -23.21 -54.85
C SER J 138 -55.72 -24.49 -54.03
N THR J 139 -54.82 -25.46 -54.24
CA THR J 139 -54.94 -26.80 -53.68
C THR J 139 -54.29 -26.87 -52.29
N ALA J 140 -53.65 -25.77 -51.87
CA ALA J 140 -52.96 -25.70 -50.60
C ALA J 140 -53.96 -25.62 -49.45
N THR J 141 -53.76 -26.48 -48.45
CA THR J 141 -54.59 -26.55 -47.25
C THR J 141 -54.15 -25.48 -46.26
N PHE J 142 -52.82 -25.31 -46.12
CA PHE J 142 -52.22 -24.34 -45.23
C PHE J 142 -51.32 -23.40 -46.03
N LYS J 143 -50.93 -22.28 -45.40
CA LYS J 143 -50.04 -21.29 -45.98
C LYS J 143 -48.64 -21.88 -46.10
N ASN J 144 -48.17 -22.05 -47.34
CA ASN J 144 -46.97 -22.80 -47.63
C ASN J 144 -45.93 -21.92 -48.35
N VAL J 145 -46.27 -20.65 -48.57
CA VAL J 145 -45.33 -19.67 -49.09
C VAL J 145 -44.67 -18.98 -47.89
N GLU J 146 -43.33 -19.12 -47.81
CA GLU J 146 -42.56 -18.64 -46.68
C GLU J 146 -42.20 -17.17 -46.87
N LEU J 147 -41.75 -16.53 -45.78
CA LEU J 147 -41.45 -15.11 -45.71
C LEU J 147 -40.14 -14.80 -46.42
N LYS J 148 -39.29 -15.82 -46.59
CA LYS J 148 -38.01 -15.72 -47.27
C LYS J 148 -38.21 -15.45 -48.75
N ASN J 149 -39.28 -16.01 -49.32
CA ASN J 149 -39.49 -16.09 -50.76
C ASN J 149 -40.02 -14.77 -51.31
N VAL J 150 -40.46 -13.87 -50.41
CA VAL J 150 -41.04 -12.59 -50.80
C VAL J 150 -40.10 -11.43 -50.47
N THR J 151 -39.26 -11.62 -49.44
CA THR J 151 -38.31 -10.60 -49.00
C THR J 151 -37.07 -10.67 -49.88
N LYS J 152 -36.84 -9.59 -50.64
CA LYS J 152 -35.78 -9.54 -51.65
C LYS J 152 -34.87 -8.34 -51.39
N SER J 153 -34.45 -7.67 -52.47
CA SER J 153 -33.40 -6.67 -52.44
C SER J 153 -33.96 -5.25 -52.51
N THR J 154 -35.29 -5.13 -52.61
CA THR J 154 -35.95 -3.85 -52.81
C THR J 154 -36.92 -3.54 -51.67
N ASN J 155 -37.27 -4.57 -50.88
CA ASN J 155 -38.32 -4.46 -49.88
C ASN J 155 -37.82 -4.95 -48.52
N PHE J 156 -38.56 -4.58 -47.47
CA PHE J 156 -38.32 -5.05 -46.11
C PHE J 156 -39.59 -5.68 -45.54
N ALA J 157 -39.42 -6.49 -44.49
CA ALA J 157 -40.51 -7.18 -43.82
C ALA J 157 -40.83 -6.49 -42.50
N ILE J 158 -42.10 -6.59 -42.07
CA ILE J 158 -42.58 -6.04 -40.82
C ILE J 158 -43.04 -7.18 -39.92
N VAL J 159 -42.45 -7.25 -38.71
CA VAL J 159 -42.83 -8.23 -37.70
C VAL J 159 -43.29 -7.46 -36.46
N VAL J 160 -44.54 -7.76 -36.02
CA VAL J 160 -45.18 -7.06 -34.92
C VAL J 160 -44.78 -7.75 -33.61
N ILE J 161 -44.36 -6.94 -32.63
CA ILE J 161 -43.99 -7.41 -31.30
C ILE J 161 -45.08 -7.02 -30.31
N ARG J 162 -45.45 -5.73 -30.30
CA ARG J 162 -46.51 -5.21 -29.45
C ARG J 162 -47.54 -4.46 -30.31
N ASP J 163 -48.82 -4.70 -30.02
CA ASP J 163 -49.94 -4.02 -30.67
C ASP J 163 -51.12 -3.99 -29.70
N PRO J 164 -51.23 -2.93 -28.84
CA PRO J 164 -52.29 -2.85 -27.83
C PRO J 164 -53.69 -2.58 -28.37
N SER J 165 -53.77 -1.85 -29.49
CA SER J 165 -55.04 -1.35 -30.01
C SER J 165 -55.43 -2.05 -31.31
N ASN J 166 -54.59 -2.97 -31.79
CA ASN J 166 -54.79 -3.76 -32.99
C ASN J 166 -54.91 -2.83 -34.20
N SER J 167 -53.82 -2.11 -34.50
CA SER J 167 -53.79 -1.10 -35.54
C SER J 167 -52.93 -1.54 -36.72
N LEU J 168 -52.17 -2.63 -36.52
CA LEU J 168 -51.22 -3.11 -37.51
C LEU J 168 -51.81 -4.31 -38.26
N THR J 169 -51.94 -4.15 -39.59
CA THR J 169 -52.37 -5.19 -40.50
C THR J 169 -51.45 -5.20 -41.73
N SER J 170 -51.58 -6.25 -42.55
CA SER J 170 -50.78 -6.41 -43.76
C SER J 170 -51.18 -5.38 -44.83
N SER J 171 -52.47 -5.00 -44.81
CA SER J 171 -53.02 -4.02 -45.75
C SER J 171 -52.77 -2.60 -45.24
N HIS J 172 -52.94 -2.41 -43.92
CA HIS J 172 -52.77 -1.11 -43.29
C HIS J 172 -51.85 -1.23 -42.07
N PRO J 173 -50.51 -1.09 -42.24
CA PRO J 173 -49.58 -1.11 -41.11
C PRO J 173 -49.42 0.26 -40.45
N VAL J 174 -50.36 0.59 -39.55
CA VAL J 174 -50.39 1.86 -38.86
C VAL J 174 -49.83 1.67 -37.45
N LEU J 175 -48.75 2.41 -37.14
CA LEU J 175 -48.08 2.35 -35.86
C LEU J 175 -48.69 3.40 -34.93
N THR J 176 -49.12 2.94 -33.75
CA THR J 176 -49.80 3.78 -32.76
C THR J 176 -48.99 3.81 -31.46
N THR J 177 -49.57 4.42 -30.43
CA THR J 177 -48.94 4.61 -29.13
C THR J 177 -48.89 3.27 -28.39
N GLY J 178 -47.67 2.85 -28.03
CA GLY J 178 -47.44 1.65 -27.24
C GLY J 178 -47.08 0.44 -28.09
N SER J 179 -47.01 0.62 -29.41
CA SER J 179 -46.73 -0.46 -30.36
C SER J 179 -45.24 -0.51 -30.69
N GLU J 180 -44.78 -1.69 -31.10
CA GLU J 180 -43.39 -1.96 -31.42
C GLU J 180 -43.32 -2.96 -32.58
N VAL J 181 -42.46 -2.66 -33.56
CA VAL J 181 -42.27 -3.49 -34.74
C VAL J 181 -40.78 -3.77 -34.94
N VAL J 182 -40.49 -4.87 -35.67
CA VAL J 182 -39.15 -5.24 -36.11
C VAL J 182 -39.12 -5.20 -37.63
N ILE J 183 -38.16 -4.46 -38.18
CA ILE J 183 -37.93 -4.37 -39.62
C ILE J 183 -36.79 -5.31 -39.98
N LEU J 184 -37.09 -6.28 -40.86
CA LEU J 184 -36.12 -7.25 -41.33
C LEU J 184 -35.66 -6.90 -42.74
N VAL J 185 -34.33 -6.87 -42.93
CA VAL J 185 -33.70 -6.56 -44.20
C VAL J 185 -32.85 -7.77 -44.61
N ASN J 186 -33.09 -8.26 -45.84
CA ASN J 186 -32.28 -9.31 -46.44
C ASN J 186 -30.97 -8.69 -46.92
N THR J 187 -29.93 -8.85 -46.09
CA THR J 187 -28.64 -8.20 -46.26
C THR J 187 -27.86 -8.86 -47.39
N SER J 188 -28.10 -10.17 -47.60
CA SER J 188 -27.45 -10.95 -48.64
C SER J 188 -28.00 -10.63 -50.02
N ALA J 189 -29.18 -9.97 -50.06
CA ALA J 189 -29.84 -9.59 -51.29
C ALA J 189 -29.45 -8.17 -51.70
N VAL J 190 -29.40 -7.27 -50.71
CA VAL J 190 -29.20 -5.83 -50.94
C VAL J 190 -27.72 -5.57 -51.22
N PHE J 191 -26.85 -5.97 -50.28
CA PHE J 191 -25.43 -5.65 -50.33
C PHE J 191 -24.60 -6.88 -50.68
N GLY J 192 -25.17 -8.07 -50.45
CA GLY J 192 -24.49 -9.34 -50.69
C GLY J 192 -23.59 -9.73 -49.52
N GLY J 193 -24.06 -9.43 -48.30
CA GLY J 193 -23.35 -9.76 -47.07
C GLY J 193 -22.47 -8.61 -46.60
N MET J 194 -22.67 -8.21 -45.34
CA MET J 194 -21.86 -7.19 -44.69
C MET J 194 -20.61 -7.84 -44.08
N LYS J 195 -19.48 -7.12 -44.16
CA LYS J 195 -18.18 -7.64 -43.79
C LYS J 195 -17.66 -6.94 -42.53
N GLN J 196 -16.51 -7.40 -42.03
CA GLN J 196 -15.92 -6.97 -40.78
C GLN J 196 -15.33 -5.57 -40.93
N GLY J 197 -15.57 -4.72 -39.91
CA GLY J 197 -14.98 -3.40 -39.78
C GLY J 197 -15.42 -2.45 -40.88
N GLN J 198 -16.73 -2.38 -41.11
CA GLN J 198 -17.33 -1.53 -42.13
C GLN J 198 -18.39 -0.62 -41.50
N ALA J 199 -18.48 0.61 -42.02
CA ALA J 199 -19.40 1.62 -41.51
C ALA J 199 -20.73 1.56 -42.25
N VAL J 200 -21.82 1.61 -41.48
CA VAL J 200 -23.19 1.60 -42.01
C VAL J 200 -23.90 2.86 -41.49
N THR J 201 -24.46 3.63 -42.43
CA THR J 201 -25.17 4.86 -42.12
C THR J 201 -26.48 4.90 -42.92
N GLY J 202 -27.57 5.28 -42.24
CA GLY J 202 -28.88 5.35 -42.87
C GLY J 202 -29.92 6.07 -42.01
N GLN J 203 -31.14 6.18 -42.56
CA GLN J 203 -32.26 6.87 -41.95
C GLN J 203 -33.57 6.16 -42.27
N ILE J 204 -34.54 6.29 -41.35
CA ILE J 204 -35.91 5.85 -41.57
C ILE J 204 -36.78 7.11 -41.67
N ASN J 205 -37.22 7.41 -42.89
CA ASN J 205 -37.91 8.66 -43.20
C ASN J 205 -39.42 8.42 -43.28
N PRO J 206 -40.23 9.02 -42.38
CA PRO J 206 -41.68 9.06 -42.54
C PRO J 206 -42.12 10.19 -43.47
N SER J 207 -43.40 10.18 -43.84
CA SER J 207 -43.99 11.22 -44.67
C SER J 207 -44.13 12.52 -43.88
N VAL J 208 -44.61 12.41 -42.64
CA VAL J 208 -44.73 13.52 -41.71
C VAL J 208 -44.02 13.14 -40.42
N GLY J 209 -43.05 13.97 -40.01
CA GLY J 209 -42.35 13.80 -38.74
C GLY J 209 -40.83 13.86 -38.88
N SER J 210 -40.15 13.52 -37.78
CA SER J 210 -38.69 13.53 -37.70
C SER J 210 -38.14 12.10 -37.88
N PRO J 211 -37.04 11.91 -38.64
CA PRO J 211 -36.53 10.57 -38.93
C PRO J 211 -35.74 9.91 -37.80
N GLY J 212 -35.66 8.58 -37.85
CA GLY J 212 -34.84 7.77 -36.96
C GLY J 212 -33.47 7.48 -37.60
N ILE J 213 -32.42 7.55 -36.77
CA ILE J 213 -31.04 7.54 -37.24
C ILE J 213 -30.44 6.15 -37.03
N ILE J 214 -29.78 5.63 -38.07
CA ILE J 214 -29.03 4.39 -38.03
C ILE J 214 -27.57 4.70 -38.33
N GLN J 215 -26.69 4.40 -37.37
CA GLN J 215 -25.25 4.58 -37.52
C GLN J 215 -24.52 3.61 -36.60
N PHE J 216 -23.77 2.68 -37.21
CA PHE J 216 -22.98 1.68 -36.50
C PHE J 216 -21.81 1.21 -37.37
N THR J 217 -20.77 0.71 -36.70
CA THR J 217 -19.65 0.04 -37.35
C THR J 217 -19.70 -1.44 -36.97
N THR J 218 -19.58 -2.31 -37.98
CA THR J 218 -19.59 -3.76 -37.81
C THR J 218 -18.36 -4.19 -37.02
N PRO J 219 -18.47 -5.19 -36.11
CA PRO J 219 -17.33 -5.66 -35.32
C PRO J 219 -16.13 -6.13 -36.15
N SER J 220 -14.94 -6.07 -35.52
CA SER J 220 -13.68 -6.39 -36.17
C SER J 220 -13.59 -7.88 -36.50
N ALA J 221 -14.19 -8.71 -35.64
CA ALA J 221 -14.28 -10.15 -35.85
C ALA J 221 -15.61 -10.67 -35.33
N PHE J 222 -16.32 -11.42 -36.19
CA PHE J 222 -17.56 -12.08 -35.84
C PHE J 222 -17.24 -13.38 -35.10
N THR J 223 -17.69 -13.46 -33.84
CA THR J 223 -17.32 -14.55 -32.95
C THR J 223 -18.55 -15.42 -32.61
N GLU J 224 -19.74 -14.82 -32.68
CA GLU J 224 -20.99 -15.50 -32.38
C GLU J 224 -21.96 -15.33 -33.55
N THR J 225 -23.04 -16.13 -33.53
CA THR J 225 -24.01 -16.23 -34.60
C THR J 225 -24.88 -14.96 -34.65
N VAL J 226 -25.47 -14.61 -33.52
CA VAL J 226 -26.28 -13.40 -33.40
C VAL J 226 -25.52 -12.37 -32.57
N MET J 227 -25.38 -11.16 -33.13
CA MET J 227 -24.60 -10.09 -32.54
C MET J 227 -25.45 -8.82 -32.44
N GLU J 228 -25.15 -8.02 -31.41
CA GLU J 228 -25.74 -6.69 -31.24
C GLU J 228 -24.84 -5.66 -31.92
N LEU J 229 -25.43 -4.84 -32.78
CA LEU J 229 -24.70 -3.88 -33.60
C LEU J 229 -24.82 -2.47 -33.01
N GLN J 230 -26.07 -2.09 -32.69
CA GLN J 230 -26.37 -0.77 -32.14
C GLN J 230 -27.25 -0.94 -30.89
N GLU K 1 -77.16 69.33 -61.64
CA GLU K 1 -77.59 68.09 -60.91
C GLU K 1 -76.42 67.56 -60.08
N THR K 2 -76.72 66.59 -59.21
CA THR K 2 -75.79 66.01 -58.26
C THR K 2 -74.78 65.12 -58.98
N GLY K 3 -75.14 64.67 -60.20
CA GLY K 3 -74.35 63.76 -61.01
C GLY K 3 -72.98 64.33 -61.39
N ILE K 4 -72.93 65.63 -61.66
CA ILE K 4 -71.73 66.33 -62.10
C ILE K 4 -70.75 66.43 -60.94
N GLY K 5 -71.26 66.84 -59.76
CA GLY K 5 -70.46 67.07 -58.57
C GLY K 5 -69.87 65.79 -57.99
N THR K 6 -70.59 64.67 -58.18
CA THR K 6 -70.20 63.36 -57.67
C THR K 6 -68.95 62.86 -58.40
N LEU K 7 -68.88 63.11 -59.71
CA LEU K 7 -67.81 62.62 -60.57
C LEU K 7 -66.50 63.35 -60.28
N ILE K 8 -66.60 64.65 -59.95
CA ILE K 8 -65.44 65.51 -59.72
C ILE K 8 -64.72 65.06 -58.44
N ILE K 9 -65.50 64.80 -57.38
CA ILE K 9 -64.98 64.40 -56.08
C ILE K 9 -64.44 62.97 -56.15
N PHE K 10 -65.04 62.15 -57.02
CA PHE K 10 -64.67 60.76 -57.23
C PHE K 10 -63.20 60.66 -57.69
N ILE K 11 -62.82 61.54 -58.62
CA ILE K 11 -61.46 61.59 -59.18
C ILE K 11 -60.47 61.91 -58.06
N ALA K 12 -60.85 62.86 -57.18
CA ALA K 12 -60.02 63.32 -56.08
C ALA K 12 -59.82 62.22 -55.04
N MET K 13 -60.86 61.41 -54.82
CA MET K 13 -60.87 60.34 -53.83
C MET K 13 -59.88 59.23 -54.23
N VAL K 14 -59.80 58.97 -55.55
CA VAL K 14 -58.96 57.92 -56.11
C VAL K 14 -57.49 58.31 -55.97
N LEU K 15 -57.20 59.61 -56.20
CA LEU K 15 -55.85 60.14 -56.20
C LEU K 15 -55.28 60.18 -54.78
N VAL K 16 -56.15 60.43 -53.78
CA VAL K 16 -55.77 60.53 -52.38
C VAL K 16 -55.40 59.14 -51.85
N ALA K 17 -56.17 58.12 -52.28
CA ALA K 17 -56.01 56.74 -51.84
C ALA K 17 -54.71 56.14 -52.38
N ALA K 18 -54.25 56.65 -53.53
CA ALA K 18 -53.02 56.22 -54.17
C ALA K 18 -51.80 56.71 -53.40
N VAL K 19 -51.92 57.89 -52.77
CA VAL K 19 -50.85 58.54 -52.03
C VAL K 19 -50.51 57.71 -50.79
N ALA K 20 -51.55 57.31 -50.03
CA ALA K 20 -51.41 56.57 -48.79
C ALA K 20 -50.87 55.16 -49.05
N ALA K 21 -51.17 54.63 -50.25
CA ALA K 21 -50.71 53.32 -50.70
C ALA K 21 -49.20 53.36 -50.94
N THR K 22 -48.72 54.48 -51.49
CA THR K 22 -47.33 54.67 -51.88
C THR K 22 -46.43 54.74 -50.64
N VAL K 23 -46.95 55.36 -49.57
CA VAL K 23 -46.22 55.56 -48.32
C VAL K 23 -45.90 54.20 -47.69
N LEU K 24 -46.89 53.30 -47.67
CA LEU K 24 -46.79 52.01 -47.01
C LEU K 24 -45.81 51.09 -47.72
N ILE K 25 -45.76 51.19 -49.05
CA ILE K 25 -44.91 50.35 -49.89
C ILE K 25 -43.45 50.81 -49.74
N ASN K 26 -43.24 52.13 -49.77
CA ASN K 26 -41.92 52.74 -49.73
C ASN K 26 -41.24 52.51 -48.38
N THR K 27 -42.03 52.55 -47.31
CA THR K 27 -41.55 52.38 -45.94
C THR K 27 -41.13 50.93 -45.70
N ALA K 28 -41.92 49.99 -46.24
CA ALA K 28 -41.70 48.56 -46.09
C ALA K 28 -40.45 48.12 -46.85
N GLY K 29 -40.20 48.78 -48.00
CA GLY K 29 -39.03 48.51 -48.82
C GLY K 29 -37.74 48.99 -48.17
N SER K 30 -37.83 50.10 -47.42
CA SER K 30 -36.70 50.70 -46.72
C SER K 30 -36.31 49.86 -45.51
N LEU K 31 -37.31 49.31 -44.81
CA LEU K 31 -37.12 48.53 -43.60
C LEU K 31 -36.68 47.10 -43.94
N GLN K 32 -36.92 46.68 -45.19
CA GLN K 32 -36.60 45.35 -45.69
C GLN K 32 -35.09 45.15 -45.71
N GLN K 33 -34.37 46.15 -46.25
CA GLN K 33 -32.94 46.05 -46.50
C GLN K 33 -32.15 46.14 -45.20
N ARG K 34 -32.67 46.91 -44.24
CA ARG K 34 -32.03 47.12 -42.94
C ARG K 34 -32.12 45.83 -42.12
N ALA K 35 -33.29 45.19 -42.13
CA ALA K 35 -33.57 44.00 -41.33
C ALA K 35 -32.79 42.79 -41.85
N THR K 36 -32.59 42.75 -43.17
CA THR K 36 -31.88 41.66 -43.84
C THR K 36 -30.39 41.75 -43.53
N SER K 37 -29.85 42.98 -43.57
CA SER K 37 -28.42 43.24 -43.39
C SER K 37 -28.00 43.03 -41.94
N THR K 38 -28.91 43.37 -41.00
CA THR K 38 -28.66 43.27 -39.56
C THR K 38 -28.52 41.80 -39.15
N GLY K 39 -29.36 40.94 -39.75
CA GLY K 39 -29.38 39.52 -39.47
C GLY K 39 -28.09 38.82 -39.92
N SER K 40 -27.61 39.21 -41.10
CA SER K 40 -26.44 38.60 -41.73
C SER K 40 -25.15 39.03 -41.03
N GLN K 41 -25.12 40.29 -40.56
CA GLN K 41 -23.96 40.88 -39.91
C GLN K 41 -23.76 40.30 -38.52
N THR K 42 -24.87 40.00 -37.83
CA THR K 42 -24.88 39.47 -36.47
C THR K 42 -24.42 38.01 -36.47
N THR K 43 -24.82 37.26 -37.52
CA THR K 43 -24.48 35.86 -37.69
C THR K 43 -22.97 35.70 -37.86
N ASN K 44 -22.35 36.65 -38.58
CA ASN K 44 -20.91 36.69 -38.80
C ASN K 44 -20.19 37.14 -37.54
N GLN K 45 -20.85 37.98 -36.73
CA GLN K 45 -20.28 38.59 -35.54
C GLN K 45 -20.07 37.54 -34.44
N VAL K 46 -21.04 36.64 -34.30
CA VAL K 46 -21.06 35.66 -33.22
C VAL K 46 -20.08 34.52 -33.54
N SER K 47 -20.08 34.08 -34.79
CA SER K 47 -19.37 32.88 -35.22
C SER K 47 -17.86 33.10 -35.31
N THR K 48 -17.44 34.32 -35.68
CA THR K 48 -16.05 34.66 -35.92
C THR K 48 -15.32 34.88 -34.59
N GLY K 49 -14.06 34.44 -34.54
CA GLY K 49 -13.19 34.60 -33.38
C GLY K 49 -11.78 34.11 -33.65
N LEU K 50 -10.83 34.59 -32.81
CA LEU K 50 -9.43 34.20 -32.87
C LEU K 50 -9.06 33.47 -31.58
N ILE K 51 -8.13 32.51 -31.69
CA ILE K 51 -7.66 31.73 -30.57
C ILE K 51 -6.14 31.67 -30.56
N VAL K 52 -5.57 31.77 -29.35
CA VAL K 52 -4.14 31.71 -29.12
C VAL K 52 -3.76 30.26 -28.79
N GLN K 53 -2.74 29.75 -29.49
CA GLN K 53 -2.30 28.37 -29.35
C GLN K 53 -1.25 28.28 -28.24
N SER K 54 -0.08 28.89 -28.49
CA SER K 54 1.06 28.85 -27.57
C SER K 54 1.92 30.10 -27.72
N ILE K 55 2.59 30.48 -26.64
CA ILE K 55 3.46 31.65 -26.59
C ILE K 55 4.86 31.20 -26.15
N TYR K 56 5.87 31.61 -26.94
CA TYR K 56 7.27 31.32 -26.67
C TYR K 56 8.07 32.61 -26.53
N GLY K 57 9.13 32.55 -25.72
CA GLY K 57 10.03 33.68 -25.48
C GLY K 57 11.49 33.29 -25.65
N MET K 58 12.34 34.29 -25.92
CA MET K 58 13.76 34.09 -26.16
C MET K 58 14.57 35.02 -25.26
N ASP K 59 15.54 34.45 -24.53
CA ASP K 59 16.42 35.17 -23.64
C ASP K 59 17.51 35.87 -24.45
N ASN K 60 18.02 36.99 -23.92
CA ASN K 60 18.95 37.85 -24.63
C ASN K 60 20.40 37.46 -24.33
N ASN K 61 20.60 36.64 -23.30
CA ASN K 61 21.93 36.18 -22.91
C ASN K 61 22.04 34.67 -23.20
N ARG K 62 23.07 34.32 -23.96
CA ARG K 62 23.32 32.94 -24.39
C ARG K 62 24.33 32.28 -23.45
N SER K 63 25.34 33.05 -23.01
CA SER K 63 26.42 32.57 -22.17
C SER K 63 25.92 32.20 -20.78
N ASN K 64 25.07 33.07 -20.21
CA ASN K 64 24.45 32.85 -18.91
C ASN K 64 23.01 33.35 -18.96
N PRO K 65 22.00 32.47 -19.18
CA PRO K 65 20.61 32.88 -19.31
C PRO K 65 19.93 33.28 -18.00
N GLU K 66 20.66 33.13 -16.88
CA GLU K 66 20.14 33.37 -15.54
C GLU K 66 19.99 34.87 -15.30
N SER K 67 20.92 35.66 -15.86
CA SER K 67 20.96 37.10 -15.68
C SER K 67 20.47 37.81 -16.95
N GLY K 68 19.62 37.12 -17.72
CA GLY K 68 19.12 37.62 -18.99
C GLY K 68 17.66 38.07 -18.90
N SER K 69 17.18 38.66 -20.01
CA SER K 69 15.81 39.11 -20.17
C SER K 69 15.29 38.72 -21.55
N LEU K 70 13.96 38.74 -21.71
CA LEU K 70 13.30 38.35 -22.95
C LEU K 70 13.37 39.52 -23.95
N ASN K 71 13.92 39.24 -25.13
CA ASN K 71 14.09 40.25 -26.17
C ASN K 71 13.08 40.06 -27.30
N TRP K 72 12.59 38.83 -27.48
CA TRP K 72 11.61 38.50 -28.51
C TRP K 72 10.55 37.55 -27.96
N THR K 73 9.32 37.72 -28.46
CA THR K 73 8.16 36.92 -28.06
C THR K 73 7.38 36.52 -29.32
N ALA K 74 6.98 35.23 -29.36
CA ALA K 74 6.26 34.67 -30.49
C ALA K 74 4.92 34.09 -30.04
N ILE K 75 3.85 34.47 -30.74
CA ILE K 75 2.48 34.08 -30.42
C ILE K 75 1.87 33.36 -31.62
N TYR K 76 1.39 32.12 -31.38
CA TYR K 76 0.74 31.30 -32.39
C TYR K 76 -0.76 31.56 -32.37
N VAL K 77 -1.30 31.94 -33.54
CA VAL K 77 -2.70 32.37 -33.68
C VAL K 77 -3.36 31.59 -34.81
N THR K 78 -4.56 31.07 -34.54
CA THR K 78 -5.43 30.44 -35.51
C THR K 78 -6.84 31.02 -35.40
N LEU K 79 -7.68 30.72 -36.41
CA LEU K 79 -9.10 31.06 -36.39
C LEU K 79 -9.88 29.99 -35.61
N ASN K 80 -11.08 30.37 -35.17
CA ASN K 80 -12.02 29.45 -34.52
C ASN K 80 -12.73 28.64 -35.60
N THR K 81 -13.40 27.56 -35.17
CA THR K 81 -14.10 26.64 -36.07
C THR K 81 -15.39 27.29 -36.58
N GLY K 82 -15.53 27.30 -37.91
CA GLY K 82 -16.68 27.88 -38.59
C GLY K 82 -16.71 29.40 -38.50
N SER K 83 -15.57 30.02 -38.81
CA SER K 83 -15.39 31.46 -38.69
C SER K 83 -15.20 32.09 -40.06
N SER K 84 -15.67 33.34 -40.20
CA SER K 84 -15.47 34.16 -41.38
C SER K 84 -14.03 34.67 -41.42
N PRO K 85 -13.45 34.95 -42.62
CA PRO K 85 -12.07 35.46 -42.71
C PRO K 85 -11.83 36.77 -41.96
N VAL K 86 -10.61 36.91 -41.43
CA VAL K 86 -10.20 38.06 -40.64
C VAL K 86 -8.97 38.70 -41.31
N ASP K 87 -9.05 40.01 -41.53
CA ASP K 87 -7.94 40.81 -42.02
C ASP K 87 -7.11 41.28 -40.83
N LEU K 88 -5.80 41.02 -40.88
CA LEU K 88 -4.89 41.26 -39.77
C LEU K 88 -4.44 42.71 -39.72
N SER K 89 -4.75 43.47 -40.78
CA SER K 89 -4.39 44.89 -40.88
C SER K 89 -5.30 45.74 -40.01
N ASN K 90 -6.50 45.22 -39.71
CA ASN K 90 -7.49 45.91 -38.90
C ASN K 90 -7.49 45.34 -37.47
N VAL K 91 -6.46 44.56 -37.14
CA VAL K 91 -6.33 43.90 -35.86
C VAL K 91 -5.39 44.72 -34.97
N SER K 92 -5.84 44.98 -33.73
CA SER K 92 -5.05 45.68 -32.73
C SER K 92 -4.69 44.75 -31.58
N LEU K 93 -3.44 44.85 -31.12
CA LEU K 93 -2.91 44.01 -30.05
C LEU K 93 -2.61 44.87 -28.83
N SER K 94 -3.19 44.47 -27.69
CA SER K 94 -3.01 45.14 -26.41
C SER K 94 -2.14 44.28 -25.49
N LEU K 95 -1.27 44.94 -24.72
CA LEU K 95 -0.38 44.30 -23.76
C LEU K 95 -0.21 45.20 -22.53
N GLU K 96 -0.20 44.58 -21.35
CA GLU K 96 -0.03 45.28 -20.08
C GLU K 96 1.12 44.64 -19.31
N TYR K 97 2.13 45.46 -18.96
CA TYR K 97 3.32 45.02 -18.25
C TYR K 97 3.89 46.18 -17.44
N GLN K 98 3.93 46.00 -16.11
CA GLN K 98 4.60 46.87 -15.15
C GLN K 98 4.18 48.32 -15.32
N GLY K 99 2.86 48.55 -15.38
CA GLY K 99 2.29 49.88 -15.47
C GLY K 99 2.55 50.54 -16.82
N GLN K 100 2.44 49.75 -17.89
CA GLN K 100 2.61 50.21 -19.26
C GLN K 100 1.62 49.46 -20.15
N LEU K 101 0.68 50.19 -20.74
CA LEU K 101 -0.35 49.63 -21.60
C LEU K 101 -0.03 49.96 -23.06
N ALA K 102 0.35 48.92 -23.81
CA ALA K 102 0.78 49.05 -25.20
C ALA K 102 -0.38 48.76 -26.14
N SER K 103 -0.33 49.39 -27.32
CA SER K 103 -1.26 49.14 -28.41
C SER K 103 -0.49 49.05 -29.72
N LEU K 104 -0.36 47.83 -30.25
CA LEU K 104 0.48 47.55 -31.41
C LEU K 104 -0.39 47.31 -32.64
N LYS K 105 0.14 47.69 -33.81
CA LYS K 105 -0.61 47.72 -35.06
C LYS K 105 0.32 47.39 -36.22
N TYR K 106 -0.19 46.57 -37.16
CA TYR K 106 0.53 46.20 -38.37
C TYR K 106 0.17 47.16 -39.50
N THR K 107 1.18 47.57 -40.26
CA THR K 107 1.02 48.46 -41.40
C THR K 107 1.33 47.69 -42.69
N PRO K 108 0.35 47.53 -43.62
CA PRO K 108 0.58 46.84 -44.88
C PRO K 108 1.35 47.69 -45.89
N ALA K 109 2.30 47.03 -46.58
CA ALA K 109 3.16 47.66 -47.58
C ALA K 109 3.61 46.61 -48.60
N THR K 110 4.00 47.09 -49.79
CA THR K 110 4.53 46.25 -50.85
C THR K 110 5.98 45.89 -50.54
N THR K 111 6.77 46.90 -50.12
CA THR K 111 8.16 46.74 -49.73
C THR K 111 8.37 47.34 -48.34
N ASN K 112 9.37 46.82 -47.63
CA ASN K 112 9.77 47.24 -46.30
C ASN K 112 8.66 46.99 -45.28
N ALA K 113 7.99 45.85 -45.43
CA ALA K 113 6.91 45.42 -44.54
C ALA K 113 7.39 44.26 -43.68
N SER K 114 6.99 44.27 -42.40
CA SER K 114 7.34 43.22 -41.45
C SER K 114 6.50 41.98 -41.72
N PHE K 115 6.93 41.21 -42.73
CA PHE K 115 6.22 40.05 -43.24
C PHE K 115 7.22 39.03 -43.77
N ALA K 116 6.98 37.76 -43.47
CA ALA K 116 7.82 36.65 -43.90
C ALA K 116 6.97 35.41 -44.18
N VAL K 117 7.35 34.66 -45.22
CA VAL K 117 6.69 33.42 -45.60
C VAL K 117 7.60 32.26 -45.24
N ASP K 118 7.05 31.31 -44.46
CA ASP K 118 7.78 30.13 -44.01
C ASP K 118 6.83 28.94 -43.95
N THR K 119 6.37 28.52 -45.14
CA THR K 119 5.38 27.47 -45.27
C THR K 119 6.04 26.13 -45.61
N ASN K 120 7.29 26.19 -46.07
CA ASN K 120 8.03 25.03 -46.53
C ASN K 120 8.73 24.33 -45.35
N GLY K 121 8.77 25.01 -44.20
CA GLY K 121 9.39 24.49 -42.99
C GLY K 121 10.69 25.20 -42.67
N THR K 122 11.07 25.18 -41.38
CA THR K 122 12.27 25.84 -40.89
C THR K 122 12.89 25.03 -39.74
N SER K 123 14.22 25.13 -39.63
CA SER K 123 14.98 24.53 -38.53
C SER K 123 14.97 25.43 -37.31
N ASN K 124 14.77 26.74 -37.53
CA ASN K 124 14.65 27.73 -36.48
C ASN K 124 13.64 28.80 -36.88
N VAL K 125 12.68 29.06 -35.98
CA VAL K 125 11.64 30.06 -36.19
C VAL K 125 12.24 31.46 -36.00
N PHE K 126 13.15 31.58 -35.04
CA PHE K 126 13.76 32.86 -34.67
C PHE K 126 14.90 33.22 -35.61
N SER K 127 14.95 32.57 -36.79
CA SER K 127 15.96 32.83 -37.79
C SER K 127 15.40 33.68 -38.93
N VAL K 128 14.11 34.06 -38.81
CA VAL K 128 13.42 34.86 -39.81
C VAL K 128 13.69 36.34 -39.59
N LEU K 129 14.49 36.66 -38.57
CA LEU K 129 14.86 38.02 -38.22
C LEU K 129 15.90 38.55 -39.22
N ASN K 130 16.63 37.62 -39.85
CA ASN K 130 17.70 37.93 -40.79
C ASN K 130 17.19 37.89 -42.23
N ALA K 131 15.88 37.60 -42.39
CA ALA K 131 15.25 37.47 -43.69
C ALA K 131 15.05 38.85 -44.33
N GLY K 132 15.26 38.91 -45.65
CA GLY K 132 15.15 40.13 -46.43
C GLY K 132 13.70 40.53 -46.68
N VAL K 133 13.42 41.84 -46.55
CA VAL K 133 12.09 42.39 -46.74
C VAL K 133 12.11 43.47 -47.82
N GLY K 134 13.26 44.14 -47.97
CA GLY K 134 13.42 45.21 -48.94
C GLY K 134 14.88 45.43 -49.35
N TYR K 135 15.11 46.51 -50.10
CA TYR K 135 16.42 46.88 -50.61
C TYR K 135 16.85 48.21 -50.00
N LYS K 136 18.16 48.32 -49.73
CA LYS K 136 18.77 49.53 -49.18
C LYS K 136 18.64 50.67 -50.20
N ASN K 137 19.07 50.39 -51.43
CA ASN K 137 19.01 51.32 -52.55
C ASN K 137 18.63 50.56 -53.82
N SER K 138 18.90 51.17 -54.99
CA SER K 138 18.54 50.62 -56.27
C SER K 138 19.60 49.65 -56.78
N THR K 139 20.79 49.70 -56.16
CA THR K 139 21.97 48.98 -56.62
C THR K 139 22.03 47.57 -56.02
N ALA K 140 21.09 47.27 -55.12
CA ALA K 140 21.03 45.99 -54.43
C ALA K 140 20.53 44.90 -55.39
N THR K 141 21.28 43.78 -55.42
CA THR K 141 20.97 42.63 -56.25
C THR K 141 19.93 41.75 -55.55
N PHE K 142 20.10 41.60 -54.22
CA PHE K 142 19.21 40.81 -53.39
C PHE K 142 18.65 41.67 -52.27
N LYS K 143 17.59 41.18 -51.60
CA LYS K 143 16.96 41.86 -50.49
C LYS K 143 17.91 41.84 -49.28
N ASN K 144 18.35 43.03 -48.87
CA ASN K 144 19.42 43.18 -47.90
C ASN K 144 18.95 43.97 -46.67
N VAL K 145 17.67 44.36 -46.67
CA VAL K 145 17.05 44.96 -45.49
C VAL K 145 16.40 43.84 -44.68
N GLU K 146 16.87 43.69 -43.43
CA GLU K 146 16.46 42.60 -42.56
C GLU K 146 15.17 42.96 -41.82
N LEU K 147 14.54 41.94 -41.22
CA LEU K 147 13.25 42.03 -40.56
C LEU K 147 13.39 42.74 -39.21
N LYS K 148 14.62 42.75 -38.66
CA LYS K 148 14.94 43.38 -37.38
C LYS K 148 14.83 44.89 -37.51
N ASN K 149 15.16 45.42 -38.68
CA ASN K 149 15.38 46.85 -38.91
C ASN K 149 14.04 47.58 -39.08
N VAL K 150 12.94 46.82 -39.26
CA VAL K 150 11.63 47.39 -39.50
C VAL K 150 10.72 47.17 -38.27
N THR K 151 10.98 46.09 -37.52
CA THR K 151 10.20 45.76 -36.34
C THR K 151 10.69 46.57 -35.15
N LYS K 152 9.82 47.45 -34.64
CA LYS K 152 10.18 48.41 -33.61
C LYS K 152 9.25 48.27 -32.40
N SER K 153 8.85 49.42 -31.83
CA SER K 153 8.17 49.47 -30.55
C SER K 153 6.67 49.75 -30.71
N THR K 154 6.23 49.91 -31.98
CA THR K 154 4.85 50.29 -32.26
C THR K 154 4.16 49.24 -33.13
N ASN K 155 4.95 48.34 -33.74
CA ASN K 155 4.43 47.40 -34.73
C ASN K 155 4.85 45.98 -34.37
N PHE K 156 4.17 45.00 -34.99
CA PHE K 156 4.50 43.59 -34.89
C PHE K 156 4.69 43.00 -36.28
N ALA K 157 5.38 41.85 -36.33
CA ALA K 157 5.67 41.14 -37.57
C ALA K 157 4.76 39.91 -37.71
N ILE K 158 4.45 39.54 -38.96
CA ILE K 158 3.63 38.38 -39.27
C ILE K 158 4.50 37.36 -40.03
N VAL K 159 4.56 36.13 -39.49
CA VAL K 159 5.26 35.02 -40.11
C VAL K 159 4.24 33.91 -40.37
N VAL K 160 4.14 33.49 -41.63
CA VAL K 160 3.16 32.50 -42.07
C VAL K 160 3.76 31.10 -41.87
N ILE K 161 2.95 30.22 -41.26
CA ILE K 161 3.32 28.83 -41.03
C ILE K 161 2.54 27.94 -41.99
N ARG K 162 1.21 28.11 -42.00
CA ARG K 162 0.32 27.37 -42.89
C ARG K 162 -0.55 28.36 -43.68
N ASP K 163 -0.70 28.08 -44.98
CA ASP K 163 -1.54 28.85 -45.87
C ASP K 163 -2.02 27.94 -47.01
N PRO K 164 -3.17 27.24 -46.84
CA PRO K 164 -3.65 26.27 -47.85
C PRO K 164 -4.20 26.90 -49.12
N SER K 165 -4.78 28.11 -49.00
CA SER K 165 -5.52 28.73 -50.10
C SER K 165 -4.78 29.95 -50.66
N ASN K 166 -3.62 30.27 -50.08
CA ASN K 166 -2.76 31.37 -50.48
C ASN K 166 -3.52 32.69 -50.35
N SER K 167 -3.88 33.04 -49.11
CA SER K 167 -4.71 34.20 -48.81
C SER K 167 -3.90 35.27 -48.09
N LEU K 168 -2.69 34.92 -47.65
CA LEU K 168 -1.85 35.80 -46.85
C LEU K 168 -0.75 36.41 -47.72
N THR K 169 -0.78 37.75 -47.82
CA THR K 169 0.23 38.55 -48.51
C THR K 169 0.64 39.73 -47.61
N SER K 170 1.72 40.41 -48.00
CA SER K 170 2.24 41.56 -47.28
C SER K 170 1.29 42.76 -47.39
N SER K 171 0.60 42.85 -48.53
CA SER K 171 -0.36 43.92 -48.79
C SER K 171 -1.71 43.58 -48.18
N HIS K 172 -2.12 42.31 -48.30
CA HIS K 172 -3.41 41.84 -47.80
C HIS K 172 -3.21 40.58 -46.95
N PRO K 173 -2.98 40.72 -45.62
CA PRO K 173 -2.86 39.56 -44.73
C PRO K 173 -4.22 39.08 -44.22
N VAL K 174 -4.89 38.26 -45.04
CA VAL K 174 -6.21 37.74 -44.73
C VAL K 174 -6.07 36.29 -44.25
N LEU K 175 -6.54 36.03 -43.02
CA LEU K 175 -6.48 34.73 -42.38
C LEU K 175 -7.76 33.97 -42.71
N THR K 176 -7.59 32.75 -43.25
CA THR K 176 -8.69 31.91 -43.68
C THR K 176 -8.69 30.60 -42.89
N THR K 177 -9.57 29.66 -43.30
CA THR K 177 -9.74 28.38 -42.64
C THR K 177 -8.55 27.47 -42.95
N GLY K 178 -7.87 27.02 -41.88
CA GLY K 178 -6.77 26.07 -41.98
C GLY K 178 -5.41 26.75 -41.96
N SER K 179 -5.39 28.09 -41.84
CA SER K 179 -4.16 28.87 -41.85
C SER K 179 -3.68 29.14 -40.43
N GLU K 180 -2.37 29.38 -40.30
CA GLU K 180 -1.71 29.61 -39.02
C GLU K 180 -0.58 30.63 -39.21
N VAL K 181 -0.52 31.60 -38.29
CA VAL K 181 0.48 32.66 -38.33
C VAL K 181 1.17 32.77 -36.96
N VAL K 182 2.39 33.34 -36.98
CA VAL K 182 3.14 33.68 -35.77
C VAL K 182 3.32 35.20 -35.74
N ILE K 183 2.93 35.80 -34.60
CA ILE K 183 3.10 37.23 -34.36
C ILE K 183 4.34 37.42 -33.50
N LEU K 184 5.31 38.18 -34.04
CA LEU K 184 6.56 38.49 -33.36
C LEU K 184 6.52 39.92 -32.82
N VAL K 185 6.86 40.05 -31.53
CA VAL K 185 6.91 41.33 -30.84
C VAL K 185 8.33 41.56 -30.33
N ASN K 186 8.90 42.71 -30.68
CA ASN K 186 10.20 43.16 -30.19
C ASN K 186 10.01 43.65 -28.75
N THR K 187 10.32 42.77 -27.79
CA THR K 187 10.06 42.97 -26.39
C THR K 187 11.05 43.98 -25.80
N SER K 188 12.25 44.03 -26.38
CA SER K 188 13.31 44.93 -25.94
C SER K 188 13.04 46.38 -26.40
N ALA K 189 12.11 46.53 -27.34
CA ALA K 189 11.74 47.83 -27.89
C ALA K 189 10.54 48.39 -27.14
N VAL K 190 9.55 47.53 -26.85
CA VAL K 190 8.28 47.93 -26.28
C VAL K 190 8.45 48.18 -24.78
N PHE K 191 8.92 47.17 -24.05
CA PHE K 191 8.99 47.21 -22.60
C PHE K 191 10.44 47.38 -22.12
N GLY K 192 11.39 47.01 -22.98
CA GLY K 192 12.81 47.07 -22.66
C GLY K 192 13.27 45.82 -21.91
N GLY K 193 12.70 44.67 -22.28
CA GLY K 193 13.03 43.39 -21.69
C GLY K 193 12.10 43.02 -20.54
N MET K 194 11.50 41.83 -20.63
CA MET K 194 10.65 41.28 -19.58
C MET K 194 11.53 40.56 -18.55
N LYS K 195 11.14 40.68 -17.28
CA LYS K 195 11.92 40.20 -16.15
C LYS K 195 11.22 39.02 -15.47
N GLN K 196 11.90 38.43 -14.48
CA GLN K 196 11.48 37.21 -13.80
C GLN K 196 10.31 37.52 -12.86
N GLY K 197 9.31 36.63 -12.88
CA GLY K 197 8.18 36.64 -11.97
C GLY K 197 7.30 37.87 -12.13
N GLN K 198 6.91 38.16 -13.38
CA GLN K 198 6.09 39.30 -13.72
C GLN K 198 4.86 38.83 -14.51
N ALA K 199 3.73 39.50 -14.28
CA ALA K 199 2.46 39.16 -14.89
C ALA K 199 2.27 39.94 -16.19
N VAL K 200 1.82 39.22 -17.23
CA VAL K 200 1.54 39.79 -18.55
C VAL K 200 0.10 39.46 -18.92
N THR K 201 -0.67 40.51 -19.25
CA THR K 201 -2.07 40.39 -19.60
C THR K 201 -2.35 41.23 -20.85
N GLY K 202 -3.08 40.65 -21.81
CA GLY K 202 -3.41 41.33 -23.06
C GLY K 202 -4.49 40.61 -23.87
N GLN K 203 -4.83 41.22 -25.01
CA GLN K 203 -5.88 40.75 -25.91
C GLN K 203 -5.49 41.01 -27.37
N ILE K 204 -5.98 40.16 -28.27
CA ILE K 204 -5.90 40.37 -29.71
C ILE K 204 -7.31 40.67 -30.22
N ASN K 205 -7.55 41.94 -30.56
CA ASN K 205 -8.88 42.42 -30.89
C ASN K 205 -9.04 42.53 -32.41
N PRO K 206 -9.95 41.74 -33.03
CA PRO K 206 -10.34 41.96 -34.43
C PRO K 206 -11.41 43.04 -34.55
N SER K 207 -11.69 43.46 -35.78
CA SER K 207 -12.73 44.44 -36.08
C SER K 207 -14.11 43.82 -35.87
N VAL K 208 -14.29 42.60 -36.37
CA VAL K 208 -15.51 41.82 -36.19
C VAL K 208 -15.13 40.46 -35.62
N GLY K 209 -15.73 40.12 -34.46
CA GLY K 209 -15.55 38.81 -33.84
C GLY K 209 -15.19 38.91 -32.35
N SER K 210 -14.82 37.75 -31.79
CA SER K 210 -14.47 37.62 -30.38
C SER K 210 -12.94 37.59 -30.22
N PRO K 211 -12.37 38.28 -29.21
CA PRO K 211 -10.91 38.38 -29.07
C PRO K 211 -10.23 37.14 -28.49
N GLY K 212 -8.92 37.02 -28.76
CA GLY K 212 -8.05 36.01 -28.18
C GLY K 212 -7.34 36.55 -26.94
N ILE K 213 -7.24 35.70 -25.91
CA ILE K 213 -6.80 36.12 -24.58
C ILE K 213 -5.35 35.70 -24.37
N ILE K 214 -4.54 36.65 -23.87
CA ILE K 214 -3.17 36.42 -23.47
C ILE K 214 -3.04 36.70 -21.97
N GLN K 215 -2.65 35.68 -21.21
CA GLN K 215 -2.43 35.79 -19.77
C GLN K 215 -1.43 34.73 -19.32
N PHE K 216 -0.27 35.19 -18.85
CA PHE K 216 0.79 34.34 -18.35
C PHE K 216 1.66 35.10 -17.34
N THR K 217 2.33 34.33 -16.47
CA THR K 217 3.35 34.84 -15.57
C THR K 217 4.71 34.28 -16.01
N THR K 218 5.70 35.16 -16.12
CA THR K 218 7.06 34.81 -16.51
C THR K 218 7.69 33.93 -15.44
N PRO K 219 8.49 32.91 -15.81
CA PRO K 219 9.14 32.02 -14.84
C PRO K 219 10.01 32.74 -13.81
N SER K 220 10.18 32.08 -12.64
CA SER K 220 10.90 32.63 -11.50
C SER K 220 12.39 32.77 -11.81
N ALA K 221 12.92 31.83 -12.61
CA ALA K 221 14.29 31.86 -13.08
C ALA K 221 14.38 31.33 -14.50
N PHE K 222 15.03 32.13 -15.38
CA PHE K 222 15.28 31.73 -16.75
C PHE K 222 16.51 30.82 -16.79
N THR K 223 16.31 29.58 -17.25
CA THR K 223 17.33 28.55 -17.19
C THR K 223 17.80 28.15 -18.59
N GLU K 224 16.91 28.33 -19.58
CA GLU K 224 17.20 28.00 -20.97
C GLU K 224 16.95 29.22 -21.87
N THR K 225 17.43 29.13 -23.12
CA THR K 225 17.41 30.23 -24.07
C THR K 225 15.99 30.47 -24.57
N VAL K 226 15.33 29.41 -25.05
CA VAL K 226 13.95 29.47 -25.53
C VAL K 226 13.06 28.76 -24.52
N MET K 227 12.02 29.46 -24.06
CA MET K 227 11.11 28.98 -23.03
C MET K 227 9.66 29.08 -23.52
N GLU K 228 8.83 28.14 -23.02
CA GLU K 228 7.39 28.17 -23.24
C GLU K 228 6.74 28.94 -22.09
N LEU K 229 5.90 29.92 -22.44
CA LEU K 229 5.28 30.82 -21.48
C LEU K 229 3.83 30.42 -21.24
N GLN K 230 3.09 30.20 -22.33
CA GLN K 230 1.69 29.83 -22.28
C GLN K 230 1.45 28.60 -23.18
N GLU L 1 -74.70 69.86 -52.67
CA GLU L 1 -73.72 69.00 -53.41
C GLU L 1 -73.02 68.06 -52.43
N THR L 2 -72.29 67.08 -52.98
CA THR L 2 -71.61 66.04 -52.24
C THR L 2 -70.40 66.60 -51.50
N GLY L 3 -69.91 67.77 -51.96
CA GLY L 3 -68.72 68.42 -51.43
C GLY L 3 -68.85 68.82 -49.96
N ILE L 4 -70.05 69.25 -49.57
CA ILE L 4 -70.35 69.73 -48.22
C ILE L 4 -70.35 68.55 -47.25
N GLY L 5 -71.02 67.45 -47.64
CA GLY L 5 -71.19 66.27 -46.81
C GLY L 5 -69.88 65.52 -46.59
N THR L 6 -68.98 65.59 -47.58
CA THR L 6 -67.69 64.90 -47.55
C THR L 6 -66.79 65.51 -46.47
N LEU L 7 -66.84 66.84 -46.33
CA LEU L 7 -65.98 67.59 -45.43
C LEU L 7 -66.37 67.35 -43.98
N ILE L 8 -67.68 67.20 -43.72
CA ILE L 8 -68.23 67.03 -42.38
C ILE L 8 -67.79 65.67 -41.81
N ILE L 9 -67.88 64.63 -42.63
CA ILE L 9 -67.54 63.26 -42.23
C ILE L 9 -66.01 63.13 -42.10
N PHE L 10 -65.27 63.91 -42.90
CA PHE L 10 -63.82 63.93 -42.90
C PHE L 10 -63.27 64.32 -41.51
N ILE L 11 -63.90 65.34 -40.90
CA ILE L 11 -63.52 65.85 -39.59
C ILE L 11 -63.71 64.75 -38.54
N ALA L 12 -64.83 64.01 -38.67
CA ALA L 12 -65.21 62.95 -37.74
C ALA L 12 -64.24 61.76 -37.84
N MET L 13 -63.76 61.48 -39.06
CA MET L 13 -62.87 60.36 -39.35
C MET L 13 -61.51 60.58 -38.69
N VAL L 14 -61.06 61.84 -38.67
CA VAL L 14 -59.76 62.25 -38.14
C VAL L 14 -59.77 62.10 -36.62
N LEU L 15 -60.90 62.49 -36.00
CA LEU L 15 -61.07 62.50 -34.55
C LEU L 15 -61.13 61.08 -34.00
N VAL L 16 -61.73 60.16 -34.77
CA VAL L 16 -61.90 58.76 -34.39
C VAL L 16 -60.56 58.04 -34.41
N ALA L 17 -59.73 58.37 -35.42
CA ALA L 17 -58.43 57.75 -35.62
C ALA L 17 -57.44 58.16 -34.53
N ALA L 18 -57.66 59.35 -33.94
CA ALA L 18 -56.84 59.89 -32.87
C ALA L 18 -57.09 59.13 -31.56
N VAL L 19 -58.34 58.66 -31.38
CA VAL L 19 -58.77 57.98 -30.17
C VAL L 19 -58.06 56.62 -30.07
N ALA L 20 -58.04 55.87 -31.17
CA ALA L 20 -57.46 54.54 -31.24
C ALA L 20 -55.94 54.60 -31.10
N ALA L 21 -55.35 55.72 -31.53
CA ALA L 21 -53.93 55.98 -31.42
C ALA L 21 -53.53 56.18 -29.95
N THR L 22 -54.41 56.85 -29.19
CA THR L 22 -54.18 57.20 -27.80
C THR L 22 -54.17 55.95 -26.92
N VAL L 23 -55.05 54.99 -27.25
CA VAL L 23 -55.21 53.75 -26.50
C VAL L 23 -53.91 52.94 -26.55
N LEU L 24 -53.31 52.85 -27.75
CA LEU L 24 -52.14 52.01 -28.00
C LEU L 24 -50.90 52.57 -27.29
N ILE L 25 -50.80 53.91 -27.22
CA ILE L 25 -49.67 54.59 -26.60
C ILE L 25 -49.75 54.45 -25.08
N ASN L 26 -50.96 54.64 -24.53
CA ASN L 26 -51.21 54.63 -23.08
C ASN L 26 -50.98 53.23 -22.51
N THR L 27 -51.36 52.20 -23.26
CA THR L 27 -51.26 50.81 -22.84
C THR L 27 -49.80 50.37 -22.82
N ALA L 28 -49.03 50.82 -23.83
CA ALA L 28 -47.63 50.48 -24.00
C ALA L 28 -46.78 51.14 -22.91
N GLY L 29 -47.18 52.34 -22.49
CA GLY L 29 -46.52 53.09 -21.42
C GLY L 29 -46.73 52.45 -20.05
N SER L 30 -47.91 51.85 -19.85
CA SER L 30 -48.27 51.19 -18.61
C SER L 30 -47.54 49.86 -18.45
N LEU L 31 -47.37 49.14 -19.57
CA LEU L 31 -46.72 47.84 -19.60
C LEU L 31 -45.21 47.97 -19.54
N GLN L 32 -44.70 49.17 -19.89
CA GLN L 32 -43.28 49.48 -19.93
C GLN L 32 -42.69 49.42 -18.53
N GLN L 33 -43.38 50.04 -17.56
CA GLN L 33 -42.88 50.24 -16.21
C GLN L 33 -42.93 48.93 -15.43
N ARG L 34 -43.94 48.09 -15.73
CA ARG L 34 -44.14 46.81 -15.06
C ARG L 34 -43.03 45.83 -15.49
N ALA L 35 -42.73 45.80 -16.78
CA ALA L 35 -41.77 44.87 -17.36
C ALA L 35 -40.34 45.21 -16.94
N THR L 36 -40.08 46.50 -16.75
CA THR L 36 -38.76 47.00 -16.34
C THR L 36 -38.50 46.65 -14.88
N SER L 37 -39.52 46.83 -14.04
CA SER L 37 -39.43 46.62 -12.60
C SER L 37 -39.31 45.14 -12.25
N THR L 38 -39.99 44.29 -13.04
CA THR L 38 -40.02 42.85 -12.84
C THR L 38 -38.64 42.25 -13.09
N GLY L 39 -37.96 42.76 -14.13
CA GLY L 39 -36.64 42.30 -14.51
C GLY L 39 -35.57 42.61 -13.47
N SER L 40 -35.65 43.82 -12.88
CA SER L 40 -34.69 44.31 -11.91
C SER L 40 -34.85 43.62 -10.57
N GLN L 41 -36.11 43.32 -10.20
CA GLN L 41 -36.46 42.71 -8.92
C GLN L 41 -36.04 41.24 -8.90
N THR L 42 -36.13 40.57 -10.06
CA THR L 42 -35.81 39.15 -10.20
C THR L 42 -34.29 38.96 -10.15
N THR L 43 -33.55 39.92 -10.72
CA THR L 43 -32.09 39.89 -10.76
C THR L 43 -31.54 39.98 -9.34
N ASN L 44 -32.18 40.79 -8.50
CA ASN L 44 -31.81 40.97 -7.10
C ASN L 44 -32.21 39.73 -6.29
N GLN L 45 -33.30 39.07 -6.71
CA GLN L 45 -33.89 37.95 -6.00
C GLN L 45 -32.98 36.72 -6.08
N VAL L 46 -32.39 36.50 -7.25
CA VAL L 46 -31.59 35.31 -7.53
C VAL L 46 -30.22 35.43 -6.89
N SER L 47 -29.62 36.63 -6.99
CA SER L 47 -28.23 36.88 -6.62
C SER L 47 -28.04 36.92 -5.11
N THR L 48 -29.05 37.44 -4.39
CA THR L 48 -28.98 37.67 -2.95
C THR L 48 -29.18 36.35 -2.20
N GLY L 49 -28.43 36.19 -1.10
CA GLY L 49 -28.52 35.04 -0.22
C GLY L 49 -27.63 35.18 1.02
N LEU L 50 -27.96 34.38 2.05
CA LEU L 50 -27.22 34.33 3.30
C LEU L 50 -26.60 32.95 3.47
N ILE L 51 -25.42 32.91 4.11
CA ILE L 51 -24.69 31.67 4.34
C ILE L 51 -24.24 31.59 5.80
N VAL L 52 -24.35 30.39 6.38
CA VAL L 52 -23.94 30.10 7.74
C VAL L 52 -22.51 29.58 7.72
N GLN L 53 -21.66 30.17 8.57
CA GLN L 53 -20.24 29.83 8.63
C GLN L 53 -20.02 28.69 9.62
N SER L 54 -20.27 28.97 10.91
CA SER L 54 -20.06 28.01 11.99
C SER L 54 -21.01 28.29 13.15
N ILE L 55 -21.34 27.23 13.89
CA ILE L 55 -22.23 27.29 15.05
C ILE L 55 -21.49 26.76 16.27
N TYR L 56 -21.53 27.55 17.36
CA TYR L 56 -20.91 27.20 18.64
C TYR L 56 -21.96 27.19 19.74
N GLY L 57 -21.73 26.33 20.75
CA GLY L 57 -22.61 26.21 21.90
C GLY L 57 -21.82 26.27 23.22
N MET L 58 -22.53 26.64 24.30
CA MET L 58 -21.94 26.80 25.62
C MET L 58 -22.74 25.98 26.64
N ASP L 59 -22.02 25.17 27.42
CA ASP L 59 -22.60 24.33 28.47
C ASP L 59 -22.88 25.18 29.70
N ASN L 60 -23.89 24.78 30.49
CA ASN L 60 -24.37 25.56 31.61
C ASN L 60 -23.67 25.17 32.92
N ASN L 61 -22.96 24.02 32.88
CA ASN L 61 -22.22 23.54 34.05
C ASN L 61 -20.73 23.63 33.76
N ARG L 62 -20.01 24.30 34.66
CA ARG L 62 -18.57 24.53 34.54
C ARG L 62 -17.80 23.47 35.33
N SER L 63 -18.33 23.11 36.50
CA SER L 63 -17.69 22.18 37.42
C SER L 63 -17.67 20.77 36.82
N ASN L 64 -18.79 20.35 36.24
CA ASN L 64 -18.92 19.06 35.59
C ASN L 64 -19.77 19.22 34.33
N PRO L 65 -19.15 19.36 33.12
CA PRO L 65 -19.90 19.59 31.89
C PRO L 65 -20.63 18.38 31.33
N GLU L 66 -20.44 17.22 31.99
CA GLU L 66 -20.98 15.94 31.56
C GLU L 66 -22.49 15.90 31.81
N SER L 67 -22.92 16.51 32.91
CA SER L 67 -24.32 16.52 33.33
C SER L 67 -24.96 17.88 33.05
N GLY L 68 -24.42 18.60 32.05
CA GLY L 68 -24.86 19.93 31.70
C GLY L 68 -25.68 19.96 30.41
N SER L 69 -26.23 21.16 30.11
CA SER L 69 -27.00 21.41 28.90
C SER L 69 -26.58 22.76 28.30
N LEU L 70 -26.92 22.97 27.03
CA LEU L 70 -26.56 24.18 26.30
C LEU L 70 -27.52 25.30 26.67
N ASN L 71 -26.96 26.43 27.13
CA ASN L 71 -27.75 27.57 27.56
C ASN L 71 -27.67 28.72 26.55
N TRP L 72 -26.59 28.75 25.75
CA TRP L 72 -26.40 29.77 24.72
C TRP L 72 -25.85 29.14 23.44
N THR L 73 -26.26 29.70 22.30
CA THR L 73 -25.85 29.25 20.97
C THR L 73 -25.50 30.47 20.12
N ALA L 74 -24.38 30.37 19.39
CA ALA L 74 -23.87 31.45 18.55
C ALA L 74 -23.74 30.97 17.11
N ILE L 75 -24.29 31.76 16.18
CA ILE L 75 -24.30 31.43 14.75
C ILE L 75 -23.62 32.56 13.97
N TYR L 76 -22.60 32.19 13.19
CA TYR L 76 -21.85 33.10 12.35
C TYR L 76 -22.50 33.18 10.97
N VAL L 77 -22.83 34.41 10.53
CA VAL L 77 -23.60 34.65 9.32
C VAL L 77 -22.88 35.70 8.47
N THR L 78 -22.74 35.40 7.17
CA THR L 78 -22.22 36.33 6.17
C THR L 78 -23.16 36.34 4.96
N LEU L 79 -22.96 37.34 4.08
CA LEU L 79 -23.65 37.41 2.80
C LEU L 79 -22.94 36.54 1.77
N ASN L 80 -23.67 36.19 0.70
CA ASN L 80 -23.13 35.47 -0.43
C ASN L 80 -22.39 36.46 -1.35
N THR L 81 -21.60 35.92 -2.28
CA THR L 81 -20.78 36.72 -3.19
C THR L 81 -21.67 37.36 -4.26
N GLY L 82 -21.55 38.69 -4.39
CA GLY L 82 -22.30 39.47 -5.35
C GLY L 82 -23.77 39.58 -4.97
N SER L 83 -24.04 39.92 -3.70
CA SER L 83 -25.38 39.99 -3.15
C SER L 83 -25.75 41.42 -2.80
N SER L 84 -27.05 41.73 -2.92
CA SER L 84 -27.64 42.99 -2.51
C SER L 84 -27.74 43.04 -0.99
N PRO L 85 -27.69 44.24 -0.35
CA PRO L 85 -27.81 44.36 1.11
C PRO L 85 -29.09 43.77 1.69
N VAL L 86 -28.97 43.20 2.90
CA VAL L 86 -30.07 42.56 3.61
C VAL L 86 -30.28 43.25 4.95
N ASP L 87 -31.53 43.64 5.23
CA ASP L 87 -31.93 44.18 6.51
C ASP L 87 -32.33 43.04 7.43
N LEU L 88 -31.72 43.00 8.63
CA LEU L 88 -31.85 41.90 9.56
C LEU L 88 -33.15 42.01 10.38
N SER L 89 -33.81 43.18 10.29
CA SER L 89 -35.05 43.44 11.01
C SER L 89 -36.23 42.72 10.35
N ASN L 90 -36.08 42.41 9.06
CA ASN L 90 -37.11 41.71 8.28
C ASN L 90 -36.75 40.24 8.12
N VAL L 91 -35.78 39.77 8.91
CA VAL L 91 -35.28 38.41 8.86
C VAL L 91 -35.94 37.60 9.98
N SER L 92 -36.48 36.42 9.61
CA SER L 92 -37.07 35.49 10.55
C SER L 92 -36.22 34.22 10.64
N LEU L 93 -36.05 33.72 11.88
CA LEU L 93 -35.26 32.54 12.17
C LEU L 93 -36.17 31.43 12.68
N SER L 94 -36.09 30.26 12.01
CA SER L 94 -36.85 29.08 12.37
C SER L 94 -35.93 28.02 12.97
N LEU L 95 -36.43 27.31 13.99
CA LEU L 95 -35.71 26.24 14.66
C LEU L 95 -36.69 25.14 15.07
N GLU L 96 -36.25 23.88 14.91
CA GLU L 96 -37.05 22.71 15.26
C GLU L 96 -36.23 21.83 16.20
N TYR L 97 -36.81 21.55 17.38
CA TYR L 97 -36.17 20.73 18.41
C TYR L 97 -37.23 20.06 19.27
N GLN L 98 -37.22 18.71 19.26
CA GLN L 98 -38.00 17.85 20.12
C GLN L 98 -39.49 18.22 20.10
N GLY L 99 -40.04 18.35 18.89
CA GLY L 99 -41.45 18.64 18.69
C GLY L 99 -41.84 20.06 19.12
N GLN L 100 -40.96 21.02 18.81
CA GLN L 100 -41.19 22.42 19.10
C GLN L 100 -40.59 23.25 17.96
N LEU L 101 -41.47 23.96 17.24
CA LEU L 101 -41.08 24.78 16.10
C LEU L 101 -41.12 26.25 16.50
N ALA L 102 -39.93 26.86 16.59
CA ALA L 102 -39.76 28.22 17.05
C ALA L 102 -39.66 29.17 15.86
N SER L 103 -40.09 30.42 16.07
CA SER L 103 -39.95 31.50 15.11
C SER L 103 -39.49 32.77 15.84
N LEU L 104 -38.22 33.12 15.64
CA LEU L 104 -37.57 34.20 16.38
C LEU L 104 -37.41 35.44 15.47
N LYS L 105 -37.49 36.62 16.09
CA LYS L 105 -37.55 37.89 15.38
C LYS L 105 -36.83 38.96 16.20
N TYR L 106 -36.06 39.81 15.49
CA TYR L 106 -35.36 40.94 16.09
C TYR L 106 -36.22 42.20 16.00
N THR L 107 -36.25 42.96 17.09
CA THR L 107 -36.99 44.21 17.17
C THR L 107 -36.00 45.37 17.26
N PRO L 108 -35.99 46.31 16.28
CA PRO L 108 -35.09 47.47 16.33
C PRO L 108 -35.56 48.54 17.30
N ALA L 109 -34.60 49.11 18.05
CA ALA L 109 -34.84 50.15 19.03
C ALA L 109 -33.59 51.01 19.21
N THR L 110 -33.79 52.23 19.70
CA THR L 110 -32.71 53.17 20.00
C THR L 110 -32.02 52.75 21.31
N THR L 111 -32.84 52.45 22.32
CA THR L 111 -32.37 51.97 23.62
C THR L 111 -33.08 50.67 23.98
N ASN L 112 -32.41 49.85 24.81
CA ASN L 112 -32.89 48.57 25.31
C ASN L 112 -33.07 47.57 24.16
N ALA L 113 -32.13 47.61 23.21
CA ALA L 113 -32.13 46.71 22.07
C ALA L 113 -31.00 45.69 22.21
N SER L 114 -31.30 44.44 21.82
CA SER L 114 -30.33 43.36 21.88
C SER L 114 -29.32 43.50 20.74
N PHE L 115 -28.34 44.38 20.96
CA PHE L 115 -27.35 44.76 19.96
C PHE L 115 -26.05 45.13 20.68
N ALA L 116 -24.92 44.68 20.09
CA ALA L 116 -23.59 44.94 20.62
C ALA L 116 -22.59 45.08 19.46
N VAL L 117 -21.64 46.00 19.64
CA VAL L 117 -20.57 46.25 18.68
C VAL L 117 -19.27 45.70 19.25
N ASP L 118 -18.61 44.84 18.47
CA ASP L 118 -17.35 44.21 18.86
C ASP L 118 -16.46 44.04 17.63
N THR L 119 -16.03 45.18 17.07
CA THR L 119 -15.26 45.21 15.83
C THR L 119 -13.77 45.36 16.12
N ASN L 120 -13.44 45.78 17.36
CA ASN L 120 -12.07 46.05 17.77
C ASN L 120 -11.38 44.78 18.24
N GLY L 121 -12.18 43.72 18.46
CA GLY L 121 -11.67 42.43 18.91
C GLY L 121 -12.05 42.15 20.37
N THR L 122 -12.10 40.86 20.71
CA THR L 122 -12.48 40.41 22.04
C THR L 122 -11.71 39.15 22.43
N SER L 123 -11.48 38.98 23.74
CA SER L 123 -10.84 37.81 24.30
C SER L 123 -11.87 36.70 24.53
N ASN L 124 -13.14 37.10 24.67
CA ASN L 124 -14.25 36.18 24.83
C ASN L 124 -15.48 36.76 24.14
N VAL L 125 -16.11 35.94 23.28
CA VAL L 125 -17.31 36.31 22.54
C VAL L 125 -18.51 36.27 23.48
N PHE L 126 -18.53 35.30 24.40
CA PHE L 126 -19.63 35.07 25.32
C PHE L 126 -19.56 36.02 26.52
N SER L 127 -18.76 37.09 26.40
CA SER L 127 -18.62 38.09 27.45
C SER L 127 -19.42 39.34 27.13
N VAL L 128 -20.14 39.32 26.00
CA VAL L 128 -20.95 40.44 25.53
C VAL L 128 -22.33 40.40 26.18
N LEU L 129 -22.56 39.39 27.04
CA LEU L 129 -23.80 39.21 27.76
C LEU L 129 -23.90 40.22 28.89
N ASN L 130 -22.74 40.71 29.36
CA ASN L 130 -22.64 41.64 30.48
C ASN L 130 -22.55 43.08 29.97
N ALA L 131 -22.59 43.25 28.64
CA ALA L 131 -22.46 44.56 27.99
C ALA L 131 -23.74 45.36 28.18
N GLY L 132 -23.57 46.67 28.39
CA GLY L 132 -24.67 47.60 28.62
C GLY L 132 -25.40 47.96 27.32
N VAL L 133 -26.73 48.00 27.40
CA VAL L 133 -27.58 48.31 26.26
C VAL L 133 -28.47 49.52 26.57
N GLY L 134 -28.79 49.72 27.86
CA GLY L 134 -29.65 50.80 28.29
C GLY L 134 -29.43 51.18 29.76
N TYR L 135 -30.29 52.06 30.26
CA TYR L 135 -30.23 52.56 31.63
C TYR L 135 -31.47 52.10 32.40
N LYS L 136 -31.28 51.80 33.69
CA LYS L 136 -32.35 51.39 34.60
C LYS L 136 -33.33 52.54 34.77
N ASN L 137 -32.79 53.72 35.11
CA ASN L 137 -33.55 54.95 35.32
C ASN L 137 -32.75 56.12 34.74
N SER L 138 -33.11 57.34 35.17
CA SER L 138 -32.50 58.56 34.67
C SER L 138 -31.23 58.90 35.45
N THR L 139 -31.05 58.25 36.60
CA THR L 139 -29.99 58.57 37.55
C THR L 139 -28.71 57.80 37.24
N ALA L 140 -28.78 56.90 36.24
CA ALA L 140 -27.66 56.06 35.85
C ALA L 140 -26.63 56.88 35.09
N THR L 141 -25.37 56.75 35.52
CA THR L 141 -24.23 57.43 34.91
C THR L 141 -23.76 56.67 33.68
N PHE L 142 -23.74 55.33 33.80
CA PHE L 142 -23.33 54.43 32.72
C PHE L 142 -24.46 53.45 32.42
N LYS L 143 -24.34 52.77 31.26
CA LYS L 143 -25.31 51.77 30.83
C LYS L 143 -25.20 50.54 31.73
N ASN L 144 -26.28 50.27 32.47
CA ASN L 144 -26.27 49.28 33.55
C ASN L 144 -27.31 48.19 33.29
N VAL L 145 -28.02 48.28 32.16
CA VAL L 145 -28.92 47.22 31.71
C VAL L 145 -28.12 46.29 30.80
N GLU L 146 -28.01 45.02 31.20
CA GLU L 146 -27.19 44.03 30.52
C GLU L 146 -27.98 43.40 29.37
N LEU L 147 -27.24 42.69 28.49
CA LEU L 147 -27.76 42.10 27.27
C LEU L 147 -28.58 40.85 27.59
N LYS L 148 -28.33 40.25 28.77
CA LYS L 148 -29.02 39.06 29.24
C LYS L 148 -30.49 39.37 29.53
N ASN L 149 -30.75 40.60 30.00
CA ASN L 149 -32.03 40.99 30.58
C ASN L 149 -33.05 41.30 29.48
N VAL L 150 -32.58 41.43 28.23
CA VAL L 150 -33.44 41.78 27.11
C VAL L 150 -33.64 40.58 26.18
N THR L 151 -32.64 39.69 26.14
CA THR L 151 -32.68 38.51 25.29
C THR L 151 -33.48 37.41 25.99
N LYS L 152 -34.62 37.05 25.37
CA LYS L 152 -35.58 36.13 25.98
C LYS L 152 -35.85 34.96 25.03
N SER L 153 -37.13 34.54 24.95
CA SER L 153 -37.53 33.31 24.30
C SER L 153 -38.16 33.57 22.92
N THR L 154 -38.27 34.85 22.55
CA THR L 154 -38.95 35.24 21.32
C THR L 154 -38.00 35.98 20.37
N ASN L 155 -36.87 36.45 20.90
CA ASN L 155 -35.97 37.32 20.17
C ASN L 155 -34.54 36.77 20.19
N PHE L 156 -33.71 37.30 19.27
CA PHE L 156 -32.28 37.00 19.22
C PHE L 156 -31.48 38.31 19.26
N ALA L 157 -30.20 38.19 19.61
CA ALA L 157 -29.28 39.32 19.71
C ALA L 157 -28.33 39.32 18.50
N ILE L 158 -27.88 40.53 18.12
CA ILE L 158 -26.94 40.72 17.03
C ILE L 158 -25.65 41.30 17.59
N VAL L 159 -24.54 40.61 17.32
CA VAL L 159 -23.20 41.06 17.71
C VAL L 159 -22.37 41.21 16.43
N VAL L 160 -21.83 42.42 16.23
CA VAL L 160 -21.08 42.77 15.03
C VAL L 160 -19.62 42.37 15.23
N ILE L 161 -19.06 41.68 14.22
CA ILE L 161 -17.66 41.25 14.21
C ILE L 161 -16.89 42.13 13.22
N ARG L 162 -17.39 42.21 11.98
CA ARG L 162 -16.80 43.03 10.93
C ARG L 162 -17.87 43.97 10.36
N ASP L 163 -17.47 45.24 10.14
CA ASP L 163 -18.32 46.25 9.53
C ASP L 163 -17.42 47.28 8.83
N PRO L 164 -17.07 47.06 7.54
CA PRO L 164 -16.15 47.95 6.83
C PRO L 164 -16.72 49.32 6.46
N SER L 165 -18.03 49.38 6.22
CA SER L 165 -18.68 50.56 5.68
C SER L 165 -19.57 51.25 6.71
N ASN L 166 -19.65 50.68 7.92
CA ASN L 166 -20.44 51.18 9.04
C ASN L 166 -21.92 51.25 8.65
N SER L 167 -22.50 50.08 8.39
CA SER L 167 -23.87 49.96 7.90
C SER L 167 -24.78 49.35 8.97
N LEU L 168 -24.19 48.81 10.04
CA LEU L 168 -24.91 48.11 11.08
C LEU L 168 -25.10 49.02 12.30
N THR L 169 -26.37 49.27 12.63
CA THR L 169 -26.78 50.02 13.81
C THR L 169 -27.91 49.28 14.50
N SER L 170 -28.24 49.70 15.74
CA SER L 170 -29.30 49.11 16.55
C SER L 170 -30.67 49.41 15.94
N SER L 171 -30.79 50.58 15.31
CA SER L 171 -32.03 51.02 14.66
C SER L 171 -32.15 50.42 13.26
N HIS L 172 -31.01 50.39 12.52
CA HIS L 172 -30.97 49.88 11.17
C HIS L 172 -29.83 48.87 11.03
N PRO L 173 -30.07 47.56 11.28
CA PRO L 173 -29.05 46.52 11.08
C PRO L 173 -29.01 46.00 9.65
N VAL L 174 -28.30 46.74 8.79
CA VAL L 174 -28.18 46.42 7.37
C VAL L 174 -26.82 45.76 7.13
N LEU L 175 -26.87 44.53 6.60
CA LEU L 175 -25.70 43.73 6.32
C LEU L 175 -25.25 43.99 4.88
N THR L 176 -23.97 44.37 4.72
CA THR L 176 -23.40 44.74 3.44
C THR L 176 -22.25 43.79 3.09
N THR L 177 -21.53 44.11 2.00
CA THR L 177 -20.44 43.30 1.50
C THR L 177 -19.22 43.45 2.40
N GLY L 178 -18.76 42.31 2.93
CA GLY L 178 -17.55 42.23 3.74
C GLY L 178 -17.84 42.24 5.24
N SER L 179 -19.12 42.30 5.61
CA SER L 179 -19.56 42.36 7.00
C SER L 179 -19.88 40.97 7.54
N GLU L 180 -19.78 40.81 8.86
CA GLU L 180 -20.00 39.56 9.55
C GLU L 180 -20.65 39.83 10.91
N VAL L 181 -21.69 39.05 11.23
CA VAL L 181 -22.43 39.17 12.47
C VAL L 181 -22.53 37.80 13.16
N VAL L 182 -22.75 37.84 14.48
CA VAL L 182 -23.05 36.68 15.29
C VAL L 182 -24.45 36.82 15.88
N ILE L 183 -25.29 35.79 15.65
CA ILE L 183 -26.63 35.73 16.18
C ILE L 183 -26.61 34.85 17.44
N LEU L 184 -27.02 35.45 18.57
CA LEU L 184 -27.07 34.76 19.85
C LEU L 184 -28.52 34.41 20.19
N VAL L 185 -28.73 33.15 20.56
CA VAL L 185 -30.03 32.62 20.94
C VAL L 185 -29.94 32.09 22.37
N ASN L 186 -30.85 32.57 23.22
CA ASN L 186 -31.01 32.07 24.59
C ASN L 186 -31.72 30.72 24.54
N THR L 187 -30.92 29.65 24.60
CA THR L 187 -31.36 28.28 24.40
C THR L 187 -32.15 27.80 25.61
N SER L 188 -31.81 28.33 26.79
CA SER L 188 -32.45 27.98 28.05
C SER L 188 -33.84 28.62 28.17
N ALA L 189 -34.11 29.62 27.32
CA ALA L 189 -35.38 30.33 27.30
C ALA L 189 -36.33 29.70 26.29
N VAL L 190 -35.80 29.35 25.11
CA VAL L 190 -36.58 28.88 23.98
C VAL L 190 -36.98 27.42 24.21
N PHE L 191 -35.99 26.55 24.40
CA PHE L 191 -36.19 25.11 24.48
C PHE L 191 -36.04 24.61 25.91
N GLY L 192 -35.33 25.39 26.74
CA GLY L 192 -35.06 25.01 28.12
C GLY L 192 -33.85 24.08 28.23
N GLY L 193 -32.84 24.33 27.38
CA GLY L 193 -31.60 23.58 27.36
C GLY L 193 -31.65 22.42 26.37
N MET L 194 -30.66 22.38 25.47
CA MET L 194 -30.49 21.31 24.51
C MET L 194 -29.71 20.16 25.14
N LYS L 195 -30.10 18.92 24.80
CA LYS L 195 -29.57 17.73 25.43
C LYS L 195 -28.73 16.93 24.44
N GLN L 196 -28.11 15.85 24.93
CA GLN L 196 -27.15 15.04 24.21
C GLN L 196 -27.87 14.18 23.17
N GLY L 197 -27.28 14.12 21.95
CA GLY L 197 -27.72 13.26 20.87
C GLY L 197 -29.10 13.61 20.35
N GLN L 198 -29.30 14.91 20.06
CA GLN L 198 -30.56 15.42 19.56
C GLN L 198 -30.34 16.19 18.26
N ALA L 199 -31.30 16.09 17.34
CA ALA L 199 -31.23 16.70 16.02
C ALA L 199 -31.85 18.09 16.05
N VAL L 200 -31.14 19.05 15.44
CA VAL L 200 -31.58 20.44 15.32
C VAL L 200 -31.60 20.81 13.83
N THR L 201 -32.76 21.30 13.37
CA THR L 201 -32.98 21.69 11.99
C THR L 201 -33.67 23.06 11.96
N GLY L 202 -33.18 23.95 11.09
CA GLY L 202 -33.76 25.28 10.96
C GLY L 202 -33.25 26.04 9.74
N GLN L 203 -33.77 27.27 9.57
CA GLN L 203 -33.46 28.14 8.43
C GLN L 203 -33.43 29.60 8.89
N ILE L 204 -32.61 30.40 8.19
CA ILE L 204 -32.61 31.86 8.33
C ILE L 204 -33.19 32.44 7.05
N ASN L 205 -34.43 32.96 7.15
CA ASN L 205 -35.19 33.40 6.00
C ASN L 205 -35.14 34.93 5.88
N PRO L 206 -34.54 35.48 4.80
CA PRO L 206 -34.67 36.90 4.48
C PRO L 206 -35.96 37.19 3.73
N SER L 207 -36.27 38.49 3.57
CA SER L 207 -37.44 38.94 2.84
C SER L 207 -37.24 38.70 1.34
N VAL L 208 -36.05 39.05 0.84
CA VAL L 208 -35.65 38.82 -0.54
C VAL L 208 -34.32 38.06 -0.53
N GLY L 209 -34.30 36.90 -1.21
CA GLY L 209 -33.09 36.11 -1.38
C GLY L 209 -33.29 34.64 -1.01
N SER L 210 -32.16 33.91 -0.97
CA SER L 210 -32.13 32.49 -0.67
C SER L 210 -31.72 32.28 0.79
N PRO L 211 -32.37 31.33 1.53
CA PRO L 211 -32.10 31.15 2.96
C PRO L 211 -30.81 30.39 3.30
N GLY L 212 -30.32 30.61 4.52
CA GLY L 212 -29.20 29.87 5.09
C GLY L 212 -29.69 28.68 5.91
N ILE L 213 -29.00 27.54 5.79
CA ILE L 213 -29.46 26.27 6.32
C ILE L 213 -28.71 25.95 7.61
N ILE L 214 -29.47 25.54 8.63
CA ILE L 214 -28.94 25.07 9.90
C ILE L 214 -29.38 23.61 10.09
N GLN L 215 -28.40 22.70 10.19
CA GLN L 215 -28.64 21.29 10.43
C GLN L 215 -27.43 20.67 11.11
N PHE L 216 -27.63 20.22 12.36
CA PHE L 216 -26.60 19.58 13.15
C PHE L 216 -27.23 18.65 14.19
N THR L 217 -26.43 17.65 14.63
CA THR L 217 -26.77 16.79 15.75
C THR L 217 -25.83 17.09 16.90
N THR L 218 -26.41 17.28 18.10
CA THR L 218 -25.66 17.58 19.32
C THR L 218 -24.80 16.38 19.70
N PRO L 219 -23.55 16.58 20.21
CA PRO L 219 -22.66 15.49 20.58
C PRO L 219 -23.25 14.53 21.61
N SER L 220 -22.74 13.28 21.60
CA SER L 220 -23.23 12.20 22.43
C SER L 220 -22.93 12.46 23.91
N ALA L 221 -21.79 13.12 24.17
CA ALA L 221 -21.40 13.53 25.51
C ALA L 221 -20.68 14.88 25.46
N PHE L 222 -21.16 15.81 26.30
CA PHE L 222 -20.52 17.11 26.44
C PHE L 222 -19.34 16.99 27.38
N THR L 223 -18.14 17.30 26.87
CA THR L 223 -16.89 17.06 27.58
C THR L 223 -16.21 18.38 27.92
N GLU L 224 -16.48 19.43 27.13
CA GLU L 224 -15.91 20.75 27.32
C GLU L 224 -17.01 21.81 27.39
N THR L 225 -16.64 23.01 27.84
CA THR L 225 -17.57 24.10 28.11
C THR L 225 -18.10 24.68 26.81
N VAL L 226 -17.20 25.04 25.89
CA VAL L 226 -17.56 25.57 24.59
C VAL L 226 -17.23 24.52 23.53
N MET L 227 -18.24 24.20 22.70
CA MET L 227 -18.16 23.14 21.71
C MET L 227 -18.56 23.69 20.34
N GLU L 228 -17.96 23.12 19.29
CA GLU L 228 -18.33 23.39 17.90
C GLU L 228 -19.39 22.37 17.47
N LEU L 229 -20.50 22.88 16.92
CA LEU L 229 -21.64 22.06 16.57
C LEU L 229 -21.67 21.83 15.06
N GLN L 230 -21.51 22.92 14.29
CA GLN L 230 -21.53 22.87 12.83
C GLN L 230 -20.30 23.62 12.30
N GLU M 1 -75.77 60.94 -50.18
CA GLU M 1 -74.60 61.53 -49.47
C GLU M 1 -73.65 60.41 -49.04
N THR M 2 -72.45 60.81 -48.59
CA THR M 2 -71.36 59.91 -48.22
C THR M 2 -71.69 59.20 -46.89
N GLY M 3 -72.61 59.78 -46.11
CA GLY M 3 -72.99 59.30 -44.80
C GLY M 3 -73.61 57.90 -44.82
N ILE M 4 -74.39 57.61 -45.88
CA ILE M 4 -75.10 56.36 -46.03
C ILE M 4 -74.10 55.23 -46.34
N GLY M 5 -73.18 55.51 -47.28
CA GLY M 5 -72.20 54.55 -47.76
C GLY M 5 -71.15 54.18 -46.71
N THR M 6 -70.86 55.13 -45.80
CA THR M 6 -69.88 54.97 -44.75
C THR M 6 -70.37 53.94 -43.72
N LEU M 7 -71.67 53.98 -43.42
CA LEU M 7 -72.28 53.15 -42.40
C LEU M 7 -72.35 51.68 -42.84
N ILE M 8 -72.57 51.46 -44.14
CA ILE M 8 -72.73 50.13 -44.73
C ILE M 8 -71.40 49.38 -44.66
N ILE M 9 -70.31 50.06 -45.01
CA ILE M 9 -68.97 49.49 -45.05
C ILE M 9 -68.46 49.28 -43.62
N PHE M 10 -68.91 50.14 -42.69
CA PHE M 10 -68.54 50.08 -41.28
C PHE M 10 -68.96 48.75 -40.66
N ILE M 11 -70.18 48.29 -40.99
CA ILE M 11 -70.74 47.04 -40.50
C ILE M 11 -69.87 45.86 -40.99
N ALA M 12 -69.44 45.94 -42.25
CA ALA M 12 -68.65 44.90 -42.90
C ALA M 12 -67.25 44.82 -42.28
N MET M 13 -66.70 45.98 -41.89
CA MET M 13 -65.36 46.09 -41.33
C MET M 13 -65.30 45.42 -39.95
N VAL M 14 -66.39 45.54 -39.19
CA VAL M 14 -66.51 45.01 -37.83
C VAL M 14 -66.57 43.49 -37.89
N LEU M 15 -67.31 42.96 -38.87
CA LEU M 15 -67.55 41.53 -39.03
C LEU M 15 -66.28 40.81 -39.48
N VAL M 16 -65.46 41.48 -40.29
CA VAL M 16 -64.23 40.93 -40.83
C VAL M 16 -63.19 40.81 -39.72
N ALA M 17 -63.14 41.82 -38.83
CA ALA M 17 -62.19 41.89 -37.73
C ALA M 17 -62.47 40.82 -36.68
N ALA M 18 -63.74 40.40 -36.59
CA ALA M 18 -64.18 39.38 -35.65
C ALA M 18 -63.69 38.00 -36.09
N VAL M 19 -63.59 37.80 -37.42
CA VAL M 19 -63.21 36.53 -38.03
C VAL M 19 -61.74 36.23 -37.70
N ALA M 20 -60.88 37.23 -37.89
CA ALA M 20 -59.44 37.11 -37.68
C ALA M 20 -59.13 36.91 -36.19
N ALA M 21 -59.99 37.46 -35.33
CA ALA M 21 -59.88 37.34 -33.88
C ALA M 21 -60.16 35.89 -33.45
N THR M 22 -61.12 35.25 -34.12
CA THR M 22 -61.59 33.90 -33.81
C THR M 22 -60.51 32.88 -34.15
N VAL M 23 -59.76 33.12 -35.23
CA VAL M 23 -58.72 32.23 -35.72
C VAL M 23 -57.61 32.12 -34.68
N LEU M 24 -57.20 33.27 -34.11
CA LEU M 24 -56.06 33.37 -33.21
C LEU M 24 -56.37 32.70 -31.88
N ILE M 25 -57.63 32.78 -31.43
CA ILE M 25 -58.07 32.23 -30.16
C ILE M 25 -58.16 30.70 -30.28
N ASN M 26 -58.72 30.21 -31.40
CA ASN M 26 -58.97 28.80 -31.64
C ASN M 26 -57.65 28.04 -31.78
N THR M 27 -56.66 28.68 -32.44
CA THR M 27 -55.36 28.08 -32.70
C THR M 27 -54.57 27.95 -31.40
N ALA M 28 -54.66 28.98 -30.54
CA ALA M 28 -53.94 29.04 -29.27
C ALA M 28 -54.49 28.00 -28.29
N GLY M 29 -55.81 27.76 -28.36
CA GLY M 29 -56.49 26.78 -27.54
C GLY M 29 -56.12 25.34 -27.90
N SER M 30 -55.87 25.11 -29.20
CA SER M 30 -55.50 23.82 -29.74
C SER M 30 -54.06 23.46 -29.37
N LEU M 31 -53.18 24.48 -29.40
CA LEU M 31 -51.76 24.31 -29.12
C LEU M 31 -51.51 24.23 -27.62
N GLN M 32 -52.48 24.69 -26.82
CA GLN M 32 -52.39 24.72 -25.37
C GLN M 32 -52.36 23.30 -24.80
N GLN M 33 -53.27 22.45 -25.32
CA GLN M 33 -53.51 21.11 -24.79
C GLN M 33 -52.37 20.18 -25.19
N ARG M 34 -51.79 20.40 -26.37
CA ARG M 34 -50.71 19.60 -26.90
C ARG M 34 -49.42 19.85 -26.11
N ALA M 35 -49.15 21.12 -25.82
CA ALA M 35 -47.92 21.54 -25.13
C ALA M 35 -47.93 21.11 -23.68
N THR M 36 -49.12 21.07 -23.07
CA THR M 36 -49.32 20.68 -21.67
C THR M 36 -49.11 19.17 -21.52
N SER M 37 -49.65 18.40 -22.46
CA SER M 37 -49.62 16.94 -22.42
C SER M 37 -48.22 16.42 -22.71
N THR M 38 -47.48 17.10 -23.58
CA THR M 38 -46.14 16.72 -23.99
C THR M 38 -45.17 16.85 -22.82
N GLY M 39 -45.34 17.91 -22.02
CA GLY M 39 -44.51 18.20 -20.87
C GLY M 39 -44.67 17.15 -19.77
N SER M 40 -45.92 16.73 -19.53
CA SER M 40 -46.27 15.80 -18.47
C SER M 40 -45.83 14.38 -18.82
N GLN M 41 -45.91 14.03 -20.11
CA GLN M 41 -45.59 12.70 -20.60
C GLN M 41 -44.08 12.47 -20.59
N THR M 42 -43.31 13.54 -20.85
CA THR M 42 -41.86 13.49 -20.92
C THR M 42 -41.28 13.35 -19.51
N THR M 43 -41.92 14.01 -18.53
CA THR M 43 -41.52 13.99 -17.13
C THR M 43 -41.63 12.58 -16.57
N ASN M 44 -42.70 11.87 -16.99
CA ASN M 44 -42.95 10.49 -16.59
C ASN M 44 -41.99 9.54 -17.30
N GLN M 45 -41.57 9.92 -18.52
CA GLN M 45 -40.75 9.09 -19.39
C GLN M 45 -39.34 8.98 -18.84
N VAL M 46 -38.80 10.09 -18.32
CA VAL M 46 -37.42 10.20 -17.87
C VAL M 46 -37.27 9.52 -16.51
N SER M 47 -38.24 9.76 -15.62
CA SER M 47 -38.17 9.37 -14.21
C SER M 47 -38.36 7.86 -14.03
N THR M 48 -39.21 7.26 -14.87
CA THR M 48 -39.60 5.86 -14.74
C THR M 48 -38.50 4.95 -15.29
N GLY M 49 -38.30 3.81 -14.60
CA GLY M 49 -37.33 2.80 -14.99
C GLY M 49 -37.40 1.55 -14.11
N LEU M 50 -36.86 0.45 -14.64
CA LEU M 50 -36.78 -0.83 -13.94
C LEU M 50 -35.32 -1.19 -13.71
N ILE M 51 -35.06 -1.88 -12.59
CA ILE M 51 -33.71 -2.30 -12.21
C ILE M 51 -33.71 -3.77 -11.80
N VAL M 52 -32.66 -4.49 -12.22
CA VAL M 52 -32.46 -5.90 -11.92
C VAL M 52 -31.58 -5.98 -10.68
N GLN M 53 -32.04 -6.78 -9.69
CA GLN M 53 -31.36 -6.94 -8.41
C GLN M 53 -30.34 -8.08 -8.51
N SER M 54 -30.83 -9.31 -8.68
CA SER M 54 -30.01 -10.51 -8.73
C SER M 54 -30.67 -11.60 -9.58
N ILE M 55 -29.84 -12.45 -10.18
CA ILE M 55 -30.30 -13.56 -11.03
C ILE M 55 -29.75 -14.87 -10.46
N TYR M 56 -30.66 -15.84 -10.28
CA TYR M 56 -30.33 -17.17 -9.79
C TYR M 56 -30.74 -18.23 -10.81
N GLY M 57 -30.00 -19.34 -10.82
CA GLY M 57 -30.27 -20.48 -11.70
C GLY M 57 -30.29 -21.80 -10.93
N MET M 58 -30.97 -22.79 -11.52
CA MET M 58 -31.14 -24.11 -10.91
C MET M 58 -30.71 -25.20 -11.91
N ASP M 59 -29.84 -26.10 -11.43
CA ASP M 59 -29.32 -27.22 -12.21
C ASP M 59 -30.38 -28.33 -12.26
N ASN M 60 -30.37 -29.11 -13.34
CA ASN M 60 -31.38 -30.12 -13.61
C ASN M 60 -30.99 -31.48 -13.04
N ASN M 61 -29.71 -31.63 -12.66
CA ASN M 61 -29.20 -32.86 -12.07
C ASN M 61 -28.86 -32.62 -10.61
N ARG M 62 -29.43 -33.46 -9.74
CA ARG M 62 -29.27 -33.36 -8.29
C ARG M 62 -28.16 -34.31 -7.83
N SER M 63 -28.11 -35.50 -8.44
CA SER M 63 -27.16 -36.55 -8.07
C SER M 63 -25.73 -36.14 -8.42
N ASN M 64 -25.56 -35.56 -9.61
CA ASN M 64 -24.26 -35.07 -10.08
C ASN M 64 -24.47 -33.78 -10.86
N PRO M 65 -24.28 -32.60 -10.21
CA PRO M 65 -24.55 -31.31 -10.86
C PRO M 65 -23.50 -30.89 -11.89
N GLU M 66 -22.43 -31.69 -12.01
CA GLU M 66 -21.30 -31.41 -12.87
C GLU M 66 -21.67 -31.59 -14.34
N SER M 67 -22.52 -32.60 -14.61
CA SER M 67 -22.95 -32.96 -15.95
C SER M 67 -24.38 -32.48 -16.20
N GLY M 68 -24.79 -31.43 -15.49
CA GLY M 68 -26.14 -30.89 -15.57
C GLY M 68 -26.21 -29.58 -16.34
N SER M 69 -27.45 -29.10 -16.55
CA SER M 69 -27.75 -27.85 -17.22
C SER M 69 -28.84 -27.10 -16.46
N LEU M 70 -28.96 -25.80 -16.74
CA LEU M 70 -29.92 -24.93 -16.06
C LEU M 70 -31.31 -25.12 -16.70
N ASN M 71 -32.29 -25.46 -15.85
CA ASN M 71 -33.65 -25.71 -16.31
C ASN M 71 -34.59 -24.56 -15.93
N TRP M 72 -34.23 -23.81 -14.89
CA TRP M 72 -35.03 -22.67 -14.43
C TRP M 72 -34.11 -21.50 -14.06
N THR M 73 -34.60 -20.28 -14.31
CA THR M 73 -33.90 -19.04 -14.02
C THR M 73 -34.85 -18.06 -13.36
N ALA M 74 -34.38 -17.39 -12.30
CA ALA M 74 -35.16 -16.44 -11.53
C ALA M 74 -34.48 -15.07 -11.51
N ILE M 75 -35.25 -14.03 -11.84
CA ILE M 75 -34.76 -12.66 -11.94
C ILE M 75 -35.55 -11.77 -10.98
N TYR M 76 -34.82 -11.08 -10.09
CA TYR M 76 -35.39 -10.15 -9.11
C TYR M 76 -35.46 -8.75 -9.72
N VAL M 77 -36.66 -8.16 -9.71
CA VAL M 77 -36.92 -6.89 -10.38
C VAL M 77 -37.64 -5.95 -9.42
N THR M 78 -37.14 -4.70 -9.35
CA THR M 78 -37.76 -3.61 -8.61
C THR M 78 -37.86 -2.38 -9.50
N LEU M 79 -38.64 -1.39 -9.05
CA LEU M 79 -38.72 -0.08 -9.70
C LEU M 79 -37.57 0.80 -9.23
N ASN M 80 -37.29 1.84 -10.02
CA ASN M 80 -36.30 2.87 -9.69
C ASN M 80 -36.93 3.86 -8.72
N THR M 81 -36.10 4.69 -8.09
CA THR M 81 -36.52 5.66 -7.09
C THR M 81 -37.23 6.84 -7.77
N GLY M 82 -38.44 7.13 -7.30
CA GLY M 82 -39.28 8.20 -7.82
C GLY M 82 -39.80 7.90 -9.21
N SER M 83 -40.37 6.70 -9.37
CA SER M 83 -40.85 6.21 -10.65
C SER M 83 -42.37 6.05 -10.64
N SER M 84 -42.99 6.27 -11.81
CA SER M 84 -44.40 6.04 -12.03
C SER M 84 -44.67 4.53 -12.14
N PRO M 85 -45.89 4.06 -11.78
CA PRO M 85 -46.22 2.63 -11.86
C PRO M 85 -46.08 2.03 -13.26
N VAL M 86 -45.67 0.75 -13.30
CA VAL M 86 -45.43 0.02 -14.53
C VAL M 86 -46.32 -1.22 -14.54
N ASP M 87 -47.06 -1.39 -15.64
CA ASP M 87 -47.85 -2.59 -15.89
C ASP M 87 -46.98 -3.63 -16.58
N LEU M 88 -46.95 -4.85 -16.02
CA LEU M 88 -46.05 -5.91 -16.45
C LEU M 88 -46.60 -6.65 -17.65
N SER M 89 -47.88 -6.39 -17.99
CA SER M 89 -48.55 -7.02 -19.12
C SER M 89 -48.07 -6.42 -20.44
N ASN M 90 -47.57 -5.18 -20.38
CA ASN M 90 -47.08 -4.46 -21.55
C ASN M 90 -45.55 -4.50 -21.59
N VAL M 91 -44.96 -5.38 -20.77
CA VAL M 91 -43.51 -5.52 -20.67
C VAL M 91 -43.06 -6.71 -21.52
N SER M 92 -42.03 -6.48 -22.33
CA SER M 92 -41.42 -7.50 -23.16
C SER M 92 -39.99 -7.78 -22.68
N LEU M 93 -39.63 -9.08 -22.66
CA LEU M 93 -38.34 -9.55 -22.20
C LEU M 93 -37.58 -10.16 -23.37
N SER M 94 -36.36 -9.65 -23.61
CA SER M 94 -35.47 -10.12 -24.65
C SER M 94 -34.30 -10.89 -24.04
N LEU M 95 -33.88 -11.96 -24.71
CA LEU M 95 -32.75 -12.79 -24.31
C LEU M 95 -32.01 -13.29 -25.54
N GLU M 96 -30.67 -13.32 -25.45
CA GLU M 96 -29.81 -13.78 -26.53
C GLU M 96 -28.87 -14.86 -25.98
N TYR M 97 -28.92 -16.04 -26.61
CA TYR M 97 -28.10 -17.19 -26.21
C TYR M 97 -27.85 -18.08 -27.42
N GLN M 98 -26.56 -18.25 -27.76
CA GLN M 98 -26.05 -19.19 -28.75
C GLN M 98 -26.80 -19.06 -30.08
N GLY M 99 -26.90 -17.82 -30.57
CA GLY M 99 -27.52 -17.53 -31.86
C GLY M 99 -29.03 -17.76 -31.86
N GLN M 100 -29.68 -17.37 -30.76
CA GLN M 100 -31.13 -17.46 -30.61
C GLN M 100 -31.61 -16.25 -29.82
N LEU M 101 -32.42 -15.41 -30.47
CA LEU M 101 -32.95 -14.20 -29.88
C LEU M 101 -34.42 -14.41 -29.52
N ALA M 102 -34.70 -14.47 -28.23
CA ALA M 102 -36.03 -14.76 -27.70
C ALA M 102 -36.75 -13.46 -27.34
N SER M 103 -38.09 -13.50 -27.43
CA SER M 103 -38.96 -12.42 -27.01
C SER M 103 -40.14 -12.99 -26.23
N LEU M 104 -40.13 -12.80 -24.91
CA LEU M 104 -41.08 -13.42 -24.00
C LEU M 104 -42.10 -12.37 -23.53
N LYS M 105 -43.34 -12.83 -23.29
CA LYS M 105 -44.47 -11.96 -23.01
C LYS M 105 -45.41 -12.66 -22.03
N TYR M 106 -45.93 -11.88 -21.07
CA TYR M 106 -46.91 -12.36 -20.09
C TYR M 106 -48.32 -12.08 -20.60
N THR M 107 -49.21 -13.07 -20.43
CA THR M 107 -50.61 -12.96 -20.81
C THR M 107 -51.47 -12.95 -19.55
N PRO M 108 -52.24 -11.85 -19.28
CA PRO M 108 -53.11 -11.78 -18.11
C PRO M 108 -54.39 -12.59 -18.29
N ALA M 109 -54.77 -13.29 -17.21
CA ALA M 109 -55.97 -14.14 -17.17
C ALA M 109 -56.48 -14.24 -15.74
N THR M 110 -57.77 -14.57 -15.61
CA THR M 110 -58.42 -14.80 -14.32
C THR M 110 -58.02 -16.17 -13.78
N THR M 111 -58.07 -17.18 -14.65
CA THR M 111 -57.67 -18.55 -14.32
C THR M 111 -56.65 -19.04 -15.35
N ASN M 112 -55.81 -19.99 -14.92
CA ASN M 112 -54.78 -20.63 -15.72
C ASN M 112 -53.73 -19.61 -16.16
N ALA M 113 -53.37 -18.70 -15.24
CA ALA M 113 -52.37 -17.68 -15.47
C ALA M 113 -51.12 -17.99 -14.66
N SER M 114 -49.96 -17.76 -15.26
CA SER M 114 -48.67 -17.99 -14.62
C SER M 114 -48.39 -16.88 -13.60
N PHE M 115 -49.01 -17.03 -12.43
CA PHE M 115 -48.99 -16.03 -11.37
C PHE M 115 -49.08 -16.73 -10.01
N ALA M 116 -48.28 -16.26 -9.05
CA ALA M 116 -48.25 -16.79 -7.70
C ALA M 116 -47.98 -15.67 -6.69
N VAL M 117 -48.64 -15.77 -5.53
CA VAL M 117 -48.47 -14.81 -4.44
C VAL M 117 -47.68 -15.50 -3.32
N ASP M 118 -46.58 -14.86 -2.90
CA ASP M 118 -45.70 -15.38 -1.88
C ASP M 118 -45.14 -14.21 -1.06
N THR M 119 -46.04 -13.54 -0.33
CA THR M 119 -45.72 -12.33 0.42
C THR M 119 -45.51 -12.66 1.90
N ASN M 120 -45.97 -13.84 2.33
CA ASN M 120 -45.93 -14.26 3.72
C ASN M 120 -44.60 -14.93 4.04
N GLY M 121 -43.82 -15.24 2.99
CA GLY M 121 -42.52 -15.87 3.14
C GLY M 121 -42.55 -17.33 2.70
N THR M 122 -41.36 -17.84 2.31
CA THR M 122 -41.21 -19.21 1.82
C THR M 122 -39.85 -19.77 2.23
N SER M 123 -39.81 -21.09 2.40
CA SER M 123 -38.59 -21.83 2.71
C SER M 123 -37.84 -22.15 1.42
N ASN M 124 -38.56 -22.21 0.30
CA ASN M 124 -38.00 -22.42 -1.02
C ASN M 124 -38.77 -21.62 -2.05
N VAL M 125 -38.04 -20.85 -2.87
CA VAL M 125 -38.62 -20.03 -3.93
C VAL M 125 -39.02 -20.92 -5.10
N PHE M 126 -38.21 -21.96 -5.37
CA PHE M 126 -38.41 -22.85 -6.50
C PHE M 126 -39.46 -23.92 -6.18
N SER M 127 -40.26 -23.70 -5.13
CA SER M 127 -41.31 -24.62 -4.73
C SER M 127 -42.68 -24.12 -5.18
N VAL M 128 -42.69 -22.96 -5.87
CA VAL M 128 -43.91 -22.33 -6.35
C VAL M 128 -44.33 -22.93 -7.70
N LEU M 129 -43.53 -23.90 -8.19
CA LEU M 129 -43.78 -24.59 -9.44
C LEU M 129 -44.93 -25.58 -9.27
N ASN M 130 -45.15 -26.03 -8.02
CA ASN M 130 -46.15 -27.02 -7.69
C ASN M 130 -47.43 -26.34 -7.22
N ALA M 131 -47.44 -25.00 -7.21
CA ALA M 131 -48.56 -24.20 -6.73
C ALA M 131 -49.69 -24.23 -7.76
N GLY M 132 -50.93 -24.28 -7.25
CA GLY M 132 -52.14 -24.35 -8.07
C GLY M 132 -52.50 -22.99 -8.67
N VAL M 133 -52.90 -23.00 -9.94
CA VAL M 133 -53.27 -21.80 -10.67
C VAL M 133 -54.69 -21.92 -11.22
N GLY M 134 -55.13 -23.16 -11.47
CA GLY M 134 -56.45 -23.44 -12.03
C GLY M 134 -56.96 -24.84 -11.71
N TYR M 135 -58.09 -25.20 -12.32
CA TYR M 135 -58.73 -26.50 -12.13
C TYR M 135 -58.72 -27.26 -13.46
N LYS M 136 -58.55 -28.60 -13.35
CA LYS M 136 -58.56 -29.50 -14.48
C LYS M 136 -59.94 -29.49 -15.14
N ASN M 137 -60.97 -29.70 -14.31
CA ASN M 137 -62.36 -29.72 -14.71
C ASN M 137 -63.20 -29.04 -13.63
N SER M 138 -64.52 -29.29 -13.66
CA SER M 138 -65.47 -28.67 -12.75
C SER M 138 -65.56 -29.44 -11.43
N THR M 139 -65.03 -30.68 -11.43
CA THR M 139 -65.20 -31.62 -10.33
C THR M 139 -64.08 -31.45 -9.30
N ALA M 140 -63.11 -30.57 -9.60
CA ALA M 140 -61.96 -30.32 -8.74
C ALA M 140 -62.38 -29.52 -7.52
N THR M 141 -61.98 -30.00 -6.35
CA THR M 141 -62.26 -29.35 -5.07
C THR M 141 -61.24 -28.25 -4.81
N PHE M 142 -59.96 -28.54 -5.14
CA PHE M 142 -58.86 -27.61 -4.97
C PHE M 142 -58.18 -27.38 -6.33
N LYS M 143 -57.34 -26.33 -6.40
CA LYS M 143 -56.58 -25.99 -7.58
C LYS M 143 -55.50 -27.04 -7.81
N ASN M 144 -55.62 -27.77 -8.92
CA ASN M 144 -54.82 -28.96 -9.18
C ASN M 144 -54.01 -28.81 -10.47
N VAL M 145 -54.12 -27.64 -11.13
CA VAL M 145 -53.29 -27.30 -12.27
C VAL M 145 -52.07 -26.54 -11.75
N GLU M 146 -50.88 -27.10 -11.98
CA GLU M 146 -49.64 -26.58 -11.44
C GLU M 146 -49.08 -25.50 -12.36
N LEU M 147 -48.11 -24.75 -11.84
CA LEU M 147 -47.51 -23.59 -12.50
C LEU M 147 -46.56 -24.03 -13.61
N LYS M 148 -46.09 -25.28 -13.53
CA LYS M 148 -45.19 -25.88 -14.52
C LYS M 148 -45.91 -26.07 -15.86
N ASN M 149 -47.22 -26.37 -15.78
CA ASN M 149 -48.00 -26.84 -16.90
C ASN M 149 -48.42 -25.68 -17.81
N VAL M 150 -48.26 -24.45 -17.32
CA VAL M 150 -48.66 -23.25 -18.06
C VAL M 150 -47.45 -22.47 -18.55
N THR M 151 -46.32 -22.59 -17.83
CA THR M 151 -45.09 -21.89 -18.17
C THR M 151 -44.35 -22.69 -19.24
N LYS M 152 -44.22 -22.08 -20.43
CA LYS M 152 -43.67 -22.77 -21.60
C LYS M 152 -42.50 -21.97 -22.18
N SER M 153 -42.42 -21.89 -23.51
CA SER M 153 -41.26 -21.39 -24.22
C SER M 153 -41.50 -19.97 -24.76
N THR M 154 -42.70 -19.42 -24.52
CA THR M 154 -43.09 -18.14 -25.08
C THR M 154 -43.42 -17.14 -23.97
N ASN M 155 -43.65 -17.65 -22.75
CA ASN M 155 -44.15 -16.84 -21.64
C ASN M 155 -43.25 -16.98 -20.42
N PHE M 156 -43.41 -16.05 -19.47
CA PHE M 156 -42.75 -16.08 -18.17
C PHE M 156 -43.80 -15.98 -17.06
N ALA M 157 -43.39 -16.40 -15.85
CA ALA M 157 -44.24 -16.38 -14.67
C ALA M 157 -43.85 -15.23 -13.76
N ILE M 158 -44.83 -14.72 -13.00
CA ILE M 158 -44.62 -13.64 -12.04
C ILE M 158 -44.92 -14.17 -10.64
N VAL M 159 -43.92 -14.04 -9.74
CA VAL M 159 -44.06 -14.41 -8.34
C VAL M 159 -43.82 -13.16 -7.49
N VAL M 160 -44.81 -12.82 -6.65
CA VAL M 160 -44.78 -11.63 -5.84
C VAL M 160 -44.05 -11.93 -4.53
N ILE M 161 -43.11 -11.03 -4.17
CA ILE M 161 -42.34 -11.12 -2.94
C ILE M 161 -42.84 -10.06 -1.95
N ARG M 162 -42.89 -8.81 -2.42
CA ARG M 162 -43.39 -7.69 -1.63
C ARG M 162 -44.49 -6.96 -2.41
N ASP M 163 -45.56 -6.61 -1.69
CA ASP M 163 -46.67 -5.84 -2.23
C ASP M 163 -47.32 -5.05 -1.10
N PRO M 164 -46.85 -3.81 -0.80
CA PRO M 164 -47.37 -3.03 0.33
C PRO M 164 -48.79 -2.46 0.14
N SER M 165 -49.15 -2.18 -1.12
CA SER M 165 -50.38 -1.46 -1.43
C SER M 165 -51.41 -2.35 -2.12
N ASN M 166 -51.04 -3.63 -2.35
CA ASN M 166 -51.87 -4.64 -2.97
C ASN M 166 -52.28 -4.20 -4.38
N SER M 167 -51.27 -4.06 -5.26
CA SER M 167 -51.46 -3.54 -6.60
C SER M 167 -51.25 -4.63 -7.65
N LEU M 168 -50.73 -5.79 -7.22
CA LEU M 168 -50.38 -6.88 -8.11
C LEU M 168 -51.45 -7.97 -8.05
N THR M 169 -52.07 -8.22 -9.21
CA THR M 169 -53.05 -9.28 -9.41
C THR M 169 -52.72 -10.03 -10.71
N SER M 170 -53.38 -11.18 -10.91
CA SER M 170 -53.20 -12.01 -12.09
C SER M 170 -53.77 -11.32 -13.33
N SER M 171 -54.83 -10.54 -13.14
CA SER M 171 -55.48 -9.81 -14.21
C SER M 171 -54.76 -8.48 -14.47
N HIS M 172 -54.34 -7.80 -13.40
CA HIS M 172 -53.66 -6.52 -13.48
C HIS M 172 -52.37 -6.55 -12.65
N PRO M 173 -51.22 -6.96 -13.23
CA PRO M 173 -49.94 -6.93 -12.51
C PRO M 173 -49.25 -5.58 -12.61
N VAL M 174 -49.65 -4.66 -11.73
CA VAL M 174 -49.12 -3.30 -11.70
C VAL M 174 -48.10 -3.20 -10.55
N LEU M 175 -46.87 -2.83 -10.93
CA LEU M 175 -45.75 -2.70 -10.01
C LEU M 175 -45.71 -1.25 -9.50
N THR M 176 -45.71 -1.09 -8.17
CA THR M 176 -45.74 0.20 -7.52
C THR M 176 -44.49 0.38 -6.65
N THR M 177 -44.46 1.48 -5.88
CA THR M 177 -43.34 1.84 -5.03
C THR M 177 -43.28 0.91 -3.82
N GLY M 178 -42.14 0.22 -3.67
CA GLY M 178 -41.87 -0.65 -2.53
C GLY M 178 -42.15 -2.12 -2.81
N SER M 179 -42.58 -2.42 -4.04
CA SER M 179 -42.94 -3.77 -4.44
C SER M 179 -41.76 -4.47 -5.13
N GLU M 180 -41.77 -5.81 -5.07
CA GLU M 180 -40.71 -6.65 -5.62
C GLU M 180 -41.32 -7.92 -6.18
N VAL M 181 -40.89 -8.30 -7.39
CA VAL M 181 -41.37 -9.49 -8.08
C VAL M 181 -40.18 -10.35 -8.55
N VAL M 182 -40.45 -11.64 -8.75
CA VAL M 182 -39.51 -12.58 -9.34
C VAL M 182 -40.10 -13.08 -10.66
N ILE M 183 -39.30 -12.96 -11.73
CA ILE M 183 -39.66 -13.44 -13.06
C ILE M 183 -38.98 -14.80 -13.27
N LEU M 184 -39.80 -15.84 -13.50
CA LEU M 184 -39.34 -17.19 -13.74
C LEU M 184 -39.42 -17.52 -15.22
N VAL M 185 -38.31 -18.03 -15.76
CA VAL M 185 -38.20 -18.42 -17.17
C VAL M 185 -37.86 -19.91 -17.23
N ASN M 186 -38.67 -20.67 -17.98
CA ASN M 186 -38.42 -22.07 -18.26
C ASN M 186 -37.30 -22.17 -19.30
N THR M 187 -36.08 -22.39 -18.81
CA THR M 187 -34.86 -22.36 -19.61
C THR M 187 -34.76 -23.59 -20.50
N SER M 188 -35.34 -24.70 -20.04
CA SER M 188 -35.33 -25.97 -20.75
C SER M 188 -36.33 -25.95 -21.91
N ALA M 189 -37.24 -24.97 -21.91
CA ALA M 189 -38.25 -24.81 -22.94
C ALA M 189 -37.76 -23.86 -24.03
N VAL M 190 -37.13 -22.75 -23.60
CA VAL M 190 -36.74 -21.67 -24.49
C VAL M 190 -35.48 -22.06 -25.26
N PHE M 191 -34.41 -22.40 -24.52
CA PHE M 191 -33.10 -22.64 -25.11
C PHE M 191 -32.76 -24.14 -25.09
N GLY M 192 -33.43 -24.89 -24.21
CA GLY M 192 -33.19 -26.32 -24.05
C GLY M 192 -32.00 -26.59 -23.12
N GLY M 193 -31.87 -25.75 -22.09
CA GLY M 193 -30.81 -25.87 -21.09
C GLY M 193 -29.59 -25.03 -21.44
N MET M 194 -29.17 -24.19 -20.48
CA MET M 194 -27.98 -23.38 -20.61
C MET M 194 -26.76 -24.18 -20.16
N LYS M 195 -25.64 -23.99 -20.86
CA LYS M 195 -24.43 -24.78 -20.67
C LYS M 195 -23.32 -23.93 -20.06
N GLN M 196 -22.19 -24.59 -19.75
CA GLN M 196 -21.07 -24.00 -19.04
C GLN M 196 -20.30 -23.04 -19.96
N GLY M 197 -19.93 -21.88 -19.40
CA GLY M 197 -19.08 -20.90 -20.04
C GLY M 197 -19.71 -20.27 -21.29
N GLN M 198 -20.95 -19.82 -21.14
CA GLN M 198 -21.72 -19.21 -22.22
C GLN M 198 -22.21 -17.83 -21.79
N ALA M 199 -22.24 -16.90 -22.74
CA ALA M 199 -22.64 -15.52 -22.50
C ALA M 199 -24.14 -15.35 -22.74
N VAL M 200 -24.79 -14.65 -21.80
CA VAL M 200 -26.21 -14.34 -21.87
C VAL M 200 -26.38 -12.82 -21.77
N THR M 201 -27.09 -12.25 -22.75
CA THR M 201 -27.34 -10.83 -22.85
C THR M 201 -28.82 -10.59 -23.18
N GLY M 202 -29.44 -9.64 -22.46
CA GLY M 202 -30.85 -9.32 -22.66
C GLY M 202 -31.27 -8.03 -21.97
N GLN M 203 -32.56 -7.69 -22.14
CA GLN M 203 -33.16 -6.47 -21.61
C GLN M 203 -34.61 -6.73 -21.20
N ILE M 204 -35.07 -5.97 -20.20
CA ILE M 204 -36.48 -5.92 -19.82
C ILE M 204 -37.02 -4.56 -20.22
N ASN M 205 -37.85 -4.55 -21.28
CA ASN M 205 -38.32 -3.31 -21.89
C ASN M 205 -39.76 -3.01 -21.43
N PRO M 206 -39.98 -1.89 -20.70
CA PRO M 206 -41.33 -1.39 -20.45
C PRO M 206 -41.85 -0.56 -21.62
N SER M 207 -43.15 -0.23 -21.58
CA SER M 207 -43.79 0.60 -22.58
C SER M 207 -43.32 2.04 -22.45
N VAL M 208 -43.26 2.54 -21.20
CA VAL M 208 -42.77 3.87 -20.88
C VAL M 208 -41.70 3.71 -19.80
N GLY M 209 -40.50 4.23 -20.09
CA GLY M 209 -39.40 4.26 -19.13
C GLY M 209 -38.09 3.72 -19.70
N SER M 210 -37.10 3.54 -18.81
CA SER M 210 -35.78 3.05 -19.16
C SER M 210 -35.66 1.56 -18.82
N PRO M 211 -35.01 0.74 -19.69
CA PRO M 211 -34.97 -0.71 -19.50
C PRO M 211 -33.95 -1.19 -18.45
N GLY M 212 -34.19 -2.40 -17.93
CA GLY M 212 -33.26 -3.09 -17.04
C GLY M 212 -32.37 -4.05 -17.83
N ILE M 213 -31.08 -4.09 -17.47
CA ILE M 213 -30.05 -4.75 -18.24
C ILE M 213 -29.72 -6.10 -17.61
N ILE M 214 -29.66 -7.14 -18.45
CA ILE M 214 -29.24 -8.48 -18.07
C ILE M 214 -27.99 -8.83 -18.88
N GLN M 215 -26.88 -9.09 -18.17
CA GLN M 215 -25.61 -9.49 -18.78
C GLN M 215 -24.80 -10.29 -17.77
N PHE M 216 -24.59 -11.59 -18.09
CA PHE M 216 -23.80 -12.49 -17.27
C PHE M 216 -23.21 -13.60 -18.13
N THR M 217 -22.12 -14.20 -17.62
CA THR M 217 -21.53 -15.41 -18.19
C THR M 217 -21.73 -16.55 -17.19
N THR M 218 -22.21 -17.69 -17.71
CA THR M 218 -22.46 -18.89 -16.91
C THR M 218 -21.14 -19.45 -16.40
N PRO M 219 -21.08 -19.97 -15.15
CA PRO M 219 -19.84 -20.51 -14.58
C PRO M 219 -19.21 -21.63 -15.41
N SER M 220 -17.90 -21.80 -15.25
CA SER M 220 -17.09 -22.75 -16.00
C SER M 220 -17.46 -24.19 -15.65
N ALA M 221 -17.83 -24.41 -14.38
CA ALA M 221 -18.29 -25.70 -13.89
C ALA M 221 -19.39 -25.51 -12.85
N PHE M 222 -20.52 -26.20 -13.05
CA PHE M 222 -21.61 -26.20 -12.11
C PHE M 222 -21.31 -27.20 -11.00
N THR M 223 -21.22 -26.69 -9.76
CA THR M 223 -20.77 -27.47 -8.62
C THR M 223 -21.90 -27.67 -7.60
N GLU M 224 -22.86 -26.73 -7.60
CA GLU M 224 -24.00 -26.79 -6.69
C GLU M 224 -25.31 -26.68 -7.49
N THR M 225 -26.43 -26.99 -6.81
CA THR M 225 -27.75 -27.09 -7.41
C THR M 225 -28.27 -25.70 -7.78
N VAL M 226 -28.26 -24.78 -6.80
CA VAL M 226 -28.68 -23.40 -7.01
C VAL M 226 -27.45 -22.50 -6.97
N MET M 227 -27.30 -21.69 -8.02
CA MET M 227 -26.14 -20.84 -8.22
C MET M 227 -26.59 -19.39 -8.45
N GLU M 228 -25.74 -18.44 -8.02
CA GLU M 228 -25.91 -17.03 -8.30
C GLU M 228 -25.16 -16.70 -9.59
N LEU M 229 -25.86 -16.05 -10.52
CA LEU M 229 -25.34 -15.75 -11.85
C LEU M 229 -24.92 -14.28 -11.94
N GLN M 230 -25.82 -13.39 -11.49
CA GLN M 230 -25.59 -11.95 -11.51
C GLN M 230 -25.91 -11.36 -10.13
N GLU N 1 -67.84 57.38 -53.61
CA GLU N 1 -68.18 56.70 -52.32
C GLU N 1 -66.92 56.10 -51.71
N THR N 2 -67.05 55.66 -50.45
CA THR N 2 -65.95 55.13 -49.63
C THR N 2 -65.53 53.74 -50.14
N GLY N 3 -66.44 53.08 -50.88
CA GLY N 3 -66.25 51.73 -51.38
C GLY N 3 -65.07 51.60 -52.34
N ILE N 4 -64.85 52.64 -53.16
CA ILE N 4 -63.82 52.65 -54.18
C ILE N 4 -62.45 52.78 -53.51
N GLY N 5 -62.35 53.72 -52.54
CA GLY N 5 -61.11 54.04 -51.86
C GLY N 5 -60.63 52.91 -50.95
N THR N 6 -61.57 52.12 -50.42
CA THR N 6 -61.31 51.02 -49.52
C THR N 6 -60.58 49.89 -50.25
N LEU N 7 -61.00 49.64 -51.51
CA LEU N 7 -60.49 48.54 -52.32
C LEU N 7 -59.06 48.80 -52.76
N ILE N 8 -58.74 50.07 -53.04
CA ILE N 8 -57.43 50.49 -53.54
C ILE N 8 -56.37 50.27 -52.45
N ILE N 9 -56.69 50.67 -51.22
CA ILE N 9 -55.79 50.59 -50.08
C ILE N 9 -55.64 49.13 -49.65
N PHE N 10 -56.71 48.33 -49.86
CA PHE N 10 -56.74 46.91 -49.53
C PHE N 10 -55.65 46.14 -50.28
N ILE N 11 -55.49 46.47 -51.57
CA ILE N 11 -54.50 45.84 -52.44
C ILE N 11 -53.09 46.14 -51.92
N ALA N 12 -52.88 47.38 -51.48
CA ALA N 12 -51.60 47.86 -50.98
C ALA N 12 -51.23 47.19 -49.66
N MET N 13 -52.24 46.93 -48.82
CA MET N 13 -52.08 46.33 -47.51
C MET N 13 -51.60 44.88 -47.63
N VAL N 14 -52.11 44.18 -48.65
CA VAL N 14 -51.81 42.78 -48.90
C VAL N 14 -50.37 42.64 -49.37
N LEU N 15 -49.92 43.58 -50.22
CA LEU N 15 -48.60 43.56 -50.83
C LEU N 15 -47.52 43.86 -49.80
N VAL N 16 -47.84 44.73 -48.82
CA VAL N 16 -46.92 45.15 -47.78
C VAL N 16 -46.68 43.99 -46.80
N ALA N 17 -47.75 43.24 -46.50
CA ALA N 17 -47.71 42.12 -45.56
C ALA N 17 -46.90 40.95 -46.12
N ALA N 18 -46.85 40.85 -47.45
CA ALA N 18 -46.11 39.81 -48.16
C ALA N 18 -44.60 40.06 -48.05
N VAL N 19 -44.21 41.35 -48.00
CA VAL N 19 -42.82 41.77 -47.96
C VAL N 19 -42.19 41.35 -46.63
N ALA N 20 -42.89 41.63 -45.53
CA ALA N 20 -42.43 41.34 -44.17
C ALA N 20 -42.36 39.84 -43.92
N ALA N 21 -43.22 39.08 -44.62
CA ALA N 21 -43.26 37.63 -44.56
C ALA N 21 -42.01 37.03 -45.19
N THR N 22 -41.56 37.66 -46.30
CA THR N 22 -40.44 37.20 -47.11
C THR N 22 -39.12 37.36 -46.33
N VAL N 23 -39.03 38.44 -45.54
CA VAL N 23 -37.84 38.77 -44.77
C VAL N 23 -37.58 37.68 -43.72
N LEU N 24 -38.65 37.26 -43.03
CA LEU N 24 -38.57 36.33 -41.92
C LEU N 24 -38.17 34.93 -42.39
N ILE N 25 -38.65 34.54 -43.58
CA ILE N 25 -38.39 33.23 -44.16
C ILE N 25 -36.94 33.16 -44.65
N ASN N 26 -36.48 34.23 -45.32
CA ASN N 26 -35.16 34.30 -45.93
C ASN N 26 -34.07 34.31 -44.86
N THR N 27 -34.33 34.99 -43.73
CA THR N 27 -33.39 35.13 -42.64
C THR N 27 -33.22 33.79 -41.91
N ALA N 28 -34.35 33.08 -41.72
CA ALA N 28 -34.39 31.81 -41.03
C ALA N 28 -33.68 30.72 -41.83
N GLY N 29 -33.78 30.81 -43.16
CA GLY N 29 -33.13 29.88 -44.08
C GLY N 29 -31.61 30.06 -44.10
N SER N 30 -31.15 31.30 -43.91
CA SER N 30 -29.74 31.66 -43.91
C SER N 30 -29.08 31.19 -42.61
N LEU N 31 -29.81 31.31 -41.50
CA LEU N 31 -29.32 30.97 -40.17
C LEU N 31 -29.37 29.45 -39.95
N GLN N 32 -30.17 28.75 -40.76
CA GLN N 32 -30.37 27.32 -40.67
C GLN N 32 -29.08 26.59 -41.03
N GLN N 33 -28.43 27.01 -42.13
CA GLN N 33 -27.29 26.33 -42.70
C GLN N 33 -26.04 26.56 -41.86
N ARG N 34 -25.96 27.75 -41.23
CA ARG N 34 -24.82 28.14 -40.40
C ARG N 34 -24.84 27.33 -39.10
N ALA N 35 -26.02 27.18 -38.50
CA ALA N 35 -26.19 26.52 -37.21
C ALA N 35 -25.97 25.01 -37.34
N THR N 36 -26.33 24.46 -38.50
CA THR N 36 -26.19 23.03 -38.78
C THR N 36 -24.72 22.67 -38.98
N SER N 37 -24.00 23.53 -39.71
CA SER N 37 -22.60 23.32 -40.07
C SER N 37 -21.69 23.47 -38.85
N THR N 38 -22.05 24.41 -37.95
CA THR N 38 -21.27 24.72 -36.75
C THR N 38 -21.29 23.52 -35.80
N GLY N 39 -22.47 22.88 -35.68
CA GLY N 39 -22.66 21.74 -34.81
C GLY N 39 -21.85 20.52 -35.24
N SER N 40 -21.81 20.27 -36.56
CA SER N 40 -21.15 19.12 -37.14
C SER N 40 -19.63 19.27 -37.10
N GLN N 41 -19.15 20.51 -37.26
CA GLN N 41 -17.72 20.82 -37.30
C GLN N 41 -17.12 20.71 -35.90
N THR N 42 -17.90 21.08 -34.88
CA THR N 42 -17.47 21.09 -33.48
C THR N 42 -17.37 19.65 -32.97
N THR N 43 -18.30 18.79 -33.42
CA THR N 43 -18.36 17.39 -33.03
C THR N 43 -17.11 16.66 -33.53
N ASN N 44 -16.66 17.02 -34.74
CA ASN N 44 -15.46 16.46 -35.35
C ASN N 44 -14.21 17.01 -34.66
N GLN N 45 -14.30 18.26 -34.16
CA GLN N 45 -13.18 18.99 -33.59
C GLN N 45 -12.77 18.37 -32.25
N VAL N 46 -13.77 17.98 -31.44
CA VAL N 46 -13.56 17.49 -30.08
C VAL N 46 -13.06 16.05 -30.13
N SER N 47 -13.65 15.23 -30.99
CA SER N 47 -13.45 13.79 -31.03
C SER N 47 -12.08 13.42 -31.62
N THR N 48 -11.61 14.21 -32.60
CA THR N 48 -10.40 13.92 -33.34
C THR N 48 -9.17 14.30 -32.52
N GLY N 49 -8.11 13.47 -32.63
CA GLY N 49 -6.85 13.70 -31.95
C GLY N 49 -5.79 12.68 -32.36
N LEU N 50 -4.52 13.03 -32.12
CA LEU N 50 -3.37 12.18 -32.39
C LEU N 50 -2.67 11.84 -31.07
N ILE N 51 -2.09 10.64 -31.00
CA ILE N 51 -1.39 10.16 -29.81
C ILE N 51 -0.04 9.56 -30.21
N VAL N 52 0.97 9.86 -29.38
CA VAL N 52 2.34 9.37 -29.56
C VAL N 52 2.49 8.09 -28.74
N GLN N 53 3.00 7.04 -29.39
CA GLN N 53 3.17 5.72 -28.78
C GLN N 53 4.53 5.63 -28.10
N SER N 54 5.60 5.67 -28.90
CA SER N 54 6.97 5.54 -28.42
C SER N 54 7.94 6.26 -29.34
N ILE N 55 9.06 6.72 -28.77
CA ILE N 55 10.11 7.43 -29.49
C ILE N 55 11.42 6.69 -29.32
N TYR N 56 12.10 6.42 -30.44
CA TYR N 56 13.39 5.75 -30.48
C TYR N 56 14.43 6.65 -31.16
N GLY N 57 15.69 6.48 -30.73
CA GLY N 57 16.82 7.23 -31.29
C GLY N 57 17.98 6.30 -31.67
N MET N 58 18.83 6.79 -32.58
CA MET N 58 19.96 6.02 -33.09
C MET N 58 21.24 6.85 -32.95
N ASP N 59 22.27 6.23 -32.36
CA ASP N 59 23.58 6.84 -32.16
C ASP N 59 24.37 6.79 -33.47
N ASN N 60 25.27 7.77 -33.65
CA ASN N 60 26.00 7.94 -34.90
C ASN N 60 27.33 7.18 -34.88
N ASN N 61 27.75 6.74 -33.69
CA ASN N 61 28.99 5.99 -33.52
C ASN N 61 28.65 4.55 -33.14
N ARG N 62 29.19 3.61 -33.91
CA ARG N 62 28.96 2.19 -33.73
C ARG N 62 30.09 1.56 -32.91
N SER N 63 31.32 2.01 -33.17
CA SER N 63 32.52 1.49 -32.54
C SER N 63 32.55 1.82 -31.05
N ASN N 64 32.21 3.07 -30.72
CA ASN N 64 32.14 3.54 -29.35
C ASN N 64 30.94 4.49 -29.20
N PRO N 65 29.78 3.99 -28.72
CA PRO N 65 28.56 4.81 -28.63
C PRO N 65 28.56 5.84 -27.50
N GLU N 66 29.63 5.83 -26.68
CA GLU N 66 29.77 6.67 -25.51
C GLU N 66 30.04 8.12 -25.92
N SER N 67 30.82 8.27 -27.00
CA SER N 67 31.22 9.58 -27.50
C SER N 67 30.43 9.95 -28.76
N GLY N 68 29.22 9.40 -28.88
CA GLY N 68 28.37 9.58 -30.04
C GLY N 68 27.19 10.52 -29.76
N SER N 69 26.45 10.84 -30.83
CA SER N 69 25.26 11.67 -30.78
C SER N 69 24.16 11.05 -31.65
N LEU N 70 22.91 11.49 -31.42
CA LEU N 70 21.75 10.97 -32.12
C LEU N 70 21.65 11.63 -33.51
N ASN N 71 21.61 10.79 -34.55
CA ASN N 71 21.56 11.26 -35.92
C ASN N 71 20.16 11.07 -36.52
N TRP N 72 19.40 10.11 -35.98
CA TRP N 72 18.05 9.83 -36.44
C TRP N 72 17.11 9.58 -35.26
N THR N 73 15.85 10.00 -35.41
CA THR N 73 14.81 9.84 -34.40
C THR N 73 13.53 9.35 -35.07
N ALA N 74 12.87 8.37 -34.43
CA ALA N 74 11.66 7.75 -34.95
C ALA N 74 10.53 7.88 -33.93
N ILE N 75 9.37 8.36 -34.40
CA ILE N 75 8.21 8.62 -33.56
C ILE N 75 7.03 7.81 -34.09
N TYR N 76 6.44 6.98 -33.21
CA TYR N 76 5.27 6.16 -33.52
C TYR N 76 3.99 6.94 -33.21
N VAL N 77 3.12 7.05 -34.22
CA VAL N 77 1.93 7.89 -34.14
C VAL N 77 0.71 7.07 -34.58
N THR N 78 -0.37 7.15 -33.77
CA THR N 78 -1.67 6.58 -34.08
C THR N 78 -2.76 7.62 -33.84
N LEU N 79 -3.97 7.33 -34.34
CA LEU N 79 -5.15 8.13 -34.08
C LEU N 79 -5.75 7.74 -32.73
N ASN N 80 -6.58 8.64 -32.18
CA ASN N 80 -7.34 8.41 -30.97
C ASN N 80 -8.59 7.60 -31.32
N THR N 81 -9.24 7.04 -30.29
CA THR N 81 -10.42 6.19 -30.45
C THR N 81 -11.63 7.04 -30.81
N GLY N 82 -12.30 6.66 -31.92
CA GLY N 82 -13.47 7.34 -32.43
C GLY N 82 -13.13 8.71 -33.01
N SER N 83 -12.11 8.73 -33.88
CA SER N 83 -11.60 9.96 -34.47
C SER N 83 -11.85 9.98 -35.98
N SER N 84 -12.06 11.19 -36.51
CA SER N 84 -12.18 11.45 -37.93
C SER N 84 -10.81 11.36 -38.59
N PRO N 85 -10.71 10.99 -39.90
CA PRO N 85 -9.42 10.90 -40.60
C PRO N 85 -8.62 12.21 -40.61
N VAL N 86 -7.29 12.07 -40.54
CA VAL N 86 -6.36 13.19 -40.50
C VAL N 86 -5.40 13.07 -41.70
N ASP N 87 -5.28 14.18 -42.45
CA ASP N 87 -4.32 14.31 -43.52
C ASP N 87 -3.01 14.84 -42.95
N LEU N 88 -1.91 14.11 -43.25
CA LEU N 88 -0.60 14.36 -42.65
C LEU N 88 0.13 15.48 -43.39
N SER N 89 -0.41 15.91 -44.55
CA SER N 89 0.16 16.97 -45.36
C SER N 89 -0.12 18.34 -44.74
N ASN N 90 -1.18 18.42 -43.92
CA ASN N 90 -1.58 19.65 -43.26
C ASN N 90 -1.14 19.63 -41.79
N VAL N 91 -0.25 18.69 -41.45
CA VAL N 91 0.25 18.50 -40.10
C VAL N 91 1.61 19.18 -39.97
N SER N 92 1.77 19.97 -38.91
CA SER N 92 3.02 20.65 -38.59
C SER N 92 3.59 20.09 -37.29
N LEU N 93 4.92 19.88 -37.30
CA LEU N 93 5.65 19.32 -36.16
C LEU N 93 6.59 20.38 -35.58
N SER N 94 6.45 20.62 -34.27
CA SER N 94 7.27 21.57 -33.54
C SER N 94 8.22 20.82 -32.61
N LEU N 95 9.45 21.34 -32.49
CA LEU N 95 10.49 20.78 -31.63
C LEU N 95 11.32 21.92 -31.03
N GLU N 96 11.68 21.78 -29.76
CA GLU N 96 12.50 22.75 -29.04
C GLU N 96 13.70 22.04 -28.42
N TYR N 97 14.90 22.51 -28.77
CA TYR N 97 16.15 21.94 -28.30
C TYR N 97 17.24 23.01 -28.28
N GLN N 98 17.77 23.29 -27.08
CA GLN N 98 18.94 24.13 -26.82
C GLN N 98 18.79 25.49 -27.51
N GLY N 99 17.65 26.14 -27.28
CA GLY N 99 17.38 27.48 -27.80
C GLY N 99 17.21 27.51 -29.32
N GLN N 100 16.52 26.49 -29.85
CA GLN N 100 16.21 26.38 -31.26
C GLN N 100 14.82 25.77 -31.40
N LEU N 101 13.89 26.56 -31.98
CA LEU N 101 12.52 26.14 -32.16
C LEU N 101 12.29 25.82 -33.64
N ALA N 102 12.10 24.53 -33.93
CA ALA N 102 11.96 24.03 -35.29
C ALA N 102 10.48 23.86 -35.65
N SER N 103 10.19 24.00 -36.95
CA SER N 103 8.87 23.74 -37.50
C SER N 103 9.01 22.95 -38.80
N LEU N 104 8.65 21.66 -38.74
CA LEU N 104 8.87 20.72 -39.83
C LEU N 104 7.55 20.42 -40.53
N LYS N 105 7.63 20.18 -41.85
CA LYS N 105 6.47 20.05 -42.71
C LYS N 105 6.76 19.03 -43.81
N TYR N 106 5.76 18.19 -44.10
CA TYR N 106 5.82 17.19 -45.17
C TYR N 106 5.25 17.79 -46.46
N THR N 107 5.95 17.53 -47.58
CA THR N 107 5.53 17.97 -48.90
C THR N 107 5.12 16.76 -49.73
N PRO N 108 3.85 16.66 -50.18
CA PRO N 108 3.40 15.54 -51.02
C PRO N 108 3.87 15.66 -52.47
N ALA N 109 4.29 14.52 -53.03
CA ALA N 109 4.78 14.42 -54.39
C ALA N 109 4.56 13.01 -54.93
N THR N 110 4.52 12.89 -56.26
CA THR N 110 4.40 11.60 -56.94
C THR N 110 5.73 10.88 -56.92
N THR N 111 6.81 11.61 -57.23
CA THR N 111 8.17 11.11 -57.20
C THR N 111 9.05 12.03 -56.35
N ASN N 112 10.12 11.45 -55.80
CA ASN N 112 11.11 12.13 -54.97
C ASN N 112 10.46 12.65 -53.67
N ALA N 113 9.56 11.83 -53.10
CA ALA N 113 8.88 12.15 -51.86
C ALA N 113 9.40 11.25 -50.75
N SER N 114 9.56 11.85 -49.55
CA SER N 114 10.03 11.14 -48.38
C SER N 114 8.91 10.25 -47.82
N PHE N 115 8.73 9.09 -48.46
CA PHE N 115 7.65 8.16 -48.17
C PHE N 115 8.11 6.74 -48.46
N ALA N 116 7.74 5.81 -47.56
CA ALA N 116 8.08 4.40 -47.68
C ALA N 116 6.95 3.54 -47.13
N VAL N 117 6.71 2.40 -47.79
CA VAL N 117 5.70 1.43 -47.37
C VAL N 117 6.42 0.21 -46.81
N ASP N 118 6.03 -0.16 -45.57
CA ASP N 118 6.63 -1.29 -44.86
C ASP N 118 5.55 -1.98 -44.02
N THR N 119 4.57 -2.57 -44.71
CA THR N 119 3.41 -3.18 -44.09
C THR N 119 3.57 -4.69 -43.97
N ASN N 120 4.53 -5.24 -44.73
CA ASN N 120 4.76 -6.67 -44.82
C ASN N 120 5.70 -7.13 -43.70
N GLY N 121 6.35 -6.17 -43.03
CA GLY N 121 7.27 -6.44 -41.95
C GLY N 121 8.72 -6.18 -42.34
N THR N 122 9.56 -5.91 -41.34
CA THR N 122 10.97 -5.60 -41.55
C THR N 122 11.81 -6.13 -40.39
N SER N 123 13.06 -6.47 -40.70
CA SER N 123 14.05 -6.91 -39.72
C SER N 123 14.73 -5.71 -39.06
N ASN N 124 14.73 -4.57 -39.79
CA ASN N 124 15.26 -3.31 -39.29
C ASN N 124 14.42 -2.16 -39.84
N VAL N 125 14.00 -1.27 -38.92
CA VAL N 125 13.19 -0.11 -39.25
C VAL N 125 14.10 0.96 -39.87
N PHE N 126 15.33 1.06 -39.36
CA PHE N 126 16.28 2.08 -39.78
C PHE N 126 16.99 1.67 -41.07
N SER N 127 16.43 0.69 -41.79
CA SER N 127 16.99 0.22 -43.05
C SER N 127 16.21 0.78 -44.24
N VAL N 128 15.19 1.61 -43.95
CA VAL N 128 14.33 2.21 -44.97
C VAL N 128 14.98 3.48 -45.50
N LEU N 129 16.17 3.82 -45.00
CA LEU N 129 16.93 4.98 -45.41
C LEU N 129 17.56 4.73 -46.78
N ASN N 130 17.77 3.44 -47.10
CA ASN N 130 18.41 3.03 -48.35
C ASN N 130 17.36 2.69 -49.42
N ALA N 131 16.07 2.85 -49.06
CA ALA N 131 14.96 2.53 -49.94
C ALA N 131 14.82 3.58 -51.03
N GLY N 132 14.49 3.12 -52.25
CA GLY N 132 14.33 3.96 -53.42
C GLY N 132 13.03 4.75 -53.41
N VAL N 133 13.10 6.02 -53.79
CA VAL N 133 11.96 6.91 -53.84
C VAL N 133 11.77 7.48 -55.24
N GLY N 134 12.88 7.60 -55.99
CA GLY N 134 12.86 8.16 -57.33
C GLY N 134 14.04 7.69 -58.18
N TYR N 135 14.17 8.29 -59.37
CA TYR N 135 15.21 7.97 -60.33
C TYR N 135 16.13 9.18 -60.52
N LYS N 136 17.42 8.90 -60.70
CA LYS N 136 18.44 9.92 -60.95
C LYS N 136 18.16 10.62 -62.27
N ASN N 137 17.98 9.80 -63.32
CA ASN N 137 17.68 10.25 -64.68
C ASN N 137 16.68 9.30 -65.31
N SER N 138 16.57 9.35 -66.65
CA SER N 138 15.61 8.56 -67.40
C SER N 138 16.15 7.17 -67.69
N THR N 139 17.47 6.98 -67.52
CA THR N 139 18.18 5.79 -67.93
C THR N 139 18.18 4.73 -66.80
N ALA N 140 17.63 5.11 -65.64
CA ALA N 140 17.58 4.25 -64.47
C ALA N 140 16.54 3.16 -64.66
N THR N 141 16.96 1.91 -64.41
CA THR N 141 16.10 0.74 -64.51
C THR N 141 15.27 0.58 -63.23
N PHE N 142 15.92 0.83 -62.08
CA PHE N 142 15.30 0.74 -60.78
C PHE N 142 15.44 2.08 -60.05
N LYS N 143 14.66 2.24 -58.97
CA LYS N 143 14.69 3.44 -58.14
C LYS N 143 16.00 3.49 -57.37
N ASN N 144 16.81 4.51 -57.68
CA ASN N 144 18.19 4.59 -57.21
C ASN N 144 18.43 5.85 -56.38
N VAL N 145 17.38 6.65 -56.20
CA VAL N 145 17.42 7.79 -55.29
C VAL N 145 16.94 7.33 -53.92
N GLU N 146 17.82 7.45 -52.92
CA GLU N 146 17.58 6.93 -51.59
C GLU N 146 16.80 7.96 -50.76
N LEU N 147 16.26 7.50 -49.62
CA LEU N 147 15.41 8.27 -48.73
C LEU N 147 16.22 9.29 -47.94
N LYS N 148 17.53 9.04 -47.81
CA LYS N 148 18.47 9.90 -47.11
C LYS N 148 18.63 11.22 -47.84
N ASN N 149 18.58 11.16 -49.17
CA ASN N 149 18.97 12.25 -50.06
C ASN N 149 17.88 13.31 -50.16
N VAL N 150 16.67 12.98 -49.67
CA VAL N 150 15.53 13.88 -49.75
C VAL N 150 15.16 14.41 -48.36
N THR N 151 15.46 13.64 -47.32
CA THR N 151 15.17 14.02 -45.94
C THR N 151 16.26 14.95 -45.43
N LYS N 152 15.88 16.20 -45.14
CA LYS N 152 16.82 17.26 -44.79
C LYS N 152 16.44 17.89 -43.44
N SER N 153 16.56 19.21 -43.35
CA SER N 153 16.47 19.94 -42.09
C SER N 153 15.13 20.66 -41.95
N THR N 154 14.27 20.54 -42.96
CA THR N 154 13.00 21.27 -43.00
C THR N 154 11.82 20.31 -43.06
N ASN N 155 12.08 19.05 -43.42
CA ASN N 155 11.04 18.07 -43.69
C ASN N 155 11.25 16.79 -42.87
N PHE N 156 10.18 15.99 -42.78
CA PHE N 156 10.21 14.67 -42.16
C PHE N 156 9.70 13.62 -43.14
N ALA N 157 10.05 12.35 -42.87
CA ALA N 157 9.65 11.21 -43.69
C ALA N 157 8.53 10.43 -43.00
N ILE N 158 7.68 9.79 -43.81
CA ILE N 158 6.59 8.97 -43.34
C ILE N 158 6.84 7.52 -43.77
N VAL N 159 6.85 6.61 -42.78
CA VAL N 159 6.98 5.18 -43.01
C VAL N 159 5.74 4.49 -42.44
N VAL N 160 5.05 3.74 -43.32
CA VAL N 160 3.79 3.08 -42.98
C VAL N 160 4.11 1.72 -42.35
N ILE N 161 3.44 1.44 -41.22
CA ILE N 161 3.57 0.17 -40.50
C ILE N 161 2.30 -0.64 -40.71
N ARG N 162 1.15 -0.02 -40.42
CA ARG N 162 -0.16 -0.65 -40.61
C ARG N 162 -1.04 0.26 -41.47
N ASP N 163 -1.75 -0.36 -42.42
CA ASP N 163 -2.70 0.31 -43.28
C ASP N 163 -3.78 -0.69 -43.72
N PRO N 164 -4.88 -0.84 -42.94
CA PRO N 164 -5.91 -1.85 -43.23
C PRO N 164 -6.79 -1.52 -44.45
N SER N 165 -7.00 -0.24 -44.71
CA SER N 165 -7.97 0.21 -45.71
C SER N 165 -7.28 0.82 -46.94
N ASN N 166 -5.93 0.87 -46.91
CA ASN N 166 -5.11 1.39 -47.99
C ASN N 166 -5.45 2.86 -48.25
N SER N 167 -5.20 3.71 -47.25
CA SER N 167 -5.57 5.11 -47.29
C SER N 167 -4.33 6.00 -47.37
N LEU N 168 -3.15 5.41 -47.17
CA LEU N 168 -1.90 6.14 -47.11
C LEU N 168 -1.14 5.98 -48.44
N THR N 169 -0.91 7.13 -49.10
CA THR N 169 -0.12 7.23 -50.33
C THR N 169 0.84 8.41 -50.20
N SER N 170 1.79 8.49 -51.14
CA SER N 170 2.79 9.55 -51.18
C SER N 170 2.16 10.89 -51.54
N SER N 171 1.10 10.83 -52.36
CA SER N 171 0.37 12.01 -52.79
C SER N 171 -0.67 12.42 -51.74
N HIS N 172 -1.34 11.42 -51.16
CA HIS N 172 -2.39 11.64 -50.17
C HIS N 172 -2.13 10.76 -48.95
N PRO N 173 -1.37 11.24 -47.93
CA PRO N 173 -1.15 10.48 -46.70
C PRO N 173 -2.26 10.73 -45.66
N VAL N 174 -3.35 9.99 -45.82
CA VAL N 174 -4.52 10.10 -44.95
C VAL N 174 -4.50 8.95 -43.95
N LEU N 175 -4.48 9.31 -42.65
CA LEU N 175 -4.45 8.37 -41.55
C LEU N 175 -5.88 8.06 -41.12
N THR N 176 -6.20 6.76 -41.09
CA THR N 176 -7.54 6.27 -40.78
C THR N 176 -7.50 5.39 -39.53
N THR N 177 -8.64 4.76 -39.22
CA THR N 177 -8.81 3.93 -38.04
C THR N 177 -8.06 2.61 -38.23
N GLY N 178 -7.12 2.33 -37.31
CA GLY N 178 -6.38 1.08 -37.29
C GLY N 178 -5.01 1.18 -37.94
N SER N 179 -4.67 2.38 -38.43
CA SER N 179 -3.42 2.62 -39.13
C SER N 179 -2.36 3.17 -38.18
N GLU N 180 -1.08 2.94 -38.54
CA GLU N 180 0.07 3.34 -37.74
C GLU N 180 1.21 3.76 -38.67
N VAL N 181 1.84 4.89 -38.34
CA VAL N 181 2.95 5.45 -39.11
C VAL N 181 4.13 5.75 -38.19
N VAL N 182 5.33 5.80 -38.79
CA VAL N 182 6.55 6.24 -38.13
C VAL N 182 7.05 7.50 -38.82
N ILE N 183 7.28 8.55 -38.02
CA ILE N 183 7.83 9.81 -38.49
C ILE N 183 9.33 9.82 -38.19
N LEU N 184 10.14 9.96 -39.26
CA LEU N 184 11.58 10.01 -39.17
C LEU N 184 12.06 11.44 -39.33
N VAL N 185 12.93 11.87 -38.39
CA VAL N 185 13.51 13.20 -38.38
C VAL N 185 15.03 13.05 -38.44
N ASN N 186 15.64 13.74 -39.42
CA ASN N 186 17.09 13.84 -39.55
C ASN N 186 17.61 14.81 -38.49
N THR N 187 18.08 14.26 -37.37
CA THR N 187 18.46 15.00 -36.18
C THR N 187 19.78 15.73 -36.42
N SER N 188 20.64 15.14 -37.27
CA SER N 188 21.95 15.70 -37.59
C SER N 188 21.83 16.89 -38.54
N ALA N 189 20.65 17.04 -39.17
CA ALA N 189 20.38 18.13 -40.10
C ALA N 189 19.72 19.30 -39.37
N VAL N 190 18.78 19.00 -38.47
CA VAL N 190 17.96 20.00 -37.80
C VAL N 190 18.76 20.66 -36.69
N PHE N 191 19.27 19.85 -35.75
CA PHE N 191 19.93 20.34 -34.54
C PHE N 191 21.43 20.13 -34.61
N GLY N 192 21.87 19.19 -35.46
CA GLY N 192 23.27 18.84 -35.60
C GLY N 192 23.72 17.84 -34.53
N GLY N 193 22.82 16.91 -34.18
CA GLY N 193 23.08 15.88 -33.21
C GLY N 193 22.64 16.28 -31.81
N MET N 194 21.82 15.43 -31.19
CA MET N 194 21.36 15.60 -29.81
C MET N 194 22.40 15.01 -28.85
N LYS N 195 22.60 15.68 -27.72
CA LYS N 195 23.65 15.36 -26.77
C LYS N 195 23.04 14.81 -25.47
N GLN N 196 23.92 14.38 -24.55
CA GLN N 196 23.55 13.71 -23.32
C GLN N 196 22.96 14.70 -22.32
N GLY N 197 21.88 14.29 -21.66
CA GLY N 197 21.24 15.02 -20.57
C GLY N 197 20.65 16.36 -21.02
N GLN N 198 19.85 16.31 -22.10
CA GLN N 198 19.23 17.49 -22.68
C GLN N 198 17.72 17.25 -22.79
N ALA N 199 16.95 18.32 -22.57
CA ALA N 199 15.49 18.27 -22.59
C ALA N 199 14.97 18.59 -23.98
N VAL N 200 14.00 17.77 -24.44
CA VAL N 200 13.35 17.92 -25.73
C VAL N 200 11.85 18.03 -25.50
N THR N 201 11.24 19.11 -26.02
CA THR N 201 9.82 19.39 -25.89
C THR N 201 9.26 19.80 -27.25
N GLY N 202 8.10 19.24 -27.60
CA GLY N 202 7.45 19.52 -28.87
C GLY N 202 6.01 19.01 -28.95
N GLN N 203 5.37 19.28 -30.09
CA GLN N 203 3.98 18.94 -30.36
C GLN N 203 3.80 18.55 -31.82
N ILE N 204 2.81 17.67 -32.08
CA ILE N 204 2.36 17.35 -33.42
C ILE N 204 0.96 17.94 -33.59
N ASN N 205 0.87 19.01 -34.38
CA ASN N 205 -0.34 19.80 -34.51
C ASN N 205 -1.08 19.44 -35.80
N PRO N 206 -2.30 18.87 -35.73
CA PRO N 206 -3.17 18.72 -36.91
C PRO N 206 -3.93 20.02 -37.18
N SER N 207 -4.60 20.06 -38.35
CA SER N 207 -5.43 21.19 -38.75
C SER N 207 -6.70 21.22 -37.91
N VAL N 208 -7.32 20.04 -37.73
CA VAL N 208 -8.51 19.87 -36.90
C VAL N 208 -8.22 18.73 -35.91
N GLY N 209 -8.37 19.04 -34.62
CA GLY N 209 -8.24 18.05 -33.56
C GLY N 209 -7.29 18.51 -32.44
N SER N 210 -6.99 17.56 -31.54
CA SER N 210 -6.13 17.79 -30.38
C SER N 210 -4.72 17.27 -30.66
N PRO N 211 -3.65 18.01 -30.26
CA PRO N 211 -2.28 17.62 -30.59
C PRO N 211 -1.70 16.49 -29.73
N GLY N 212 -0.67 15.83 -30.29
CA GLY N 212 0.13 14.84 -29.58
C GLY N 212 1.37 15.46 -28.97
N ILE N 213 1.70 15.04 -27.74
CA ILE N 213 2.71 15.70 -26.92
C ILE N 213 4.00 14.87 -26.95
N ILE N 214 5.12 15.58 -27.17
CA ILE N 214 6.46 15.02 -27.12
C ILE N 214 7.23 15.72 -26.00
N GLN N 215 7.67 14.95 -25.00
CA GLN N 215 8.46 15.45 -23.89
C GLN N 215 9.31 14.32 -23.31
N PHE N 216 10.64 14.46 -23.44
CA PHE N 216 11.60 13.51 -22.93
C PHE N 216 12.94 14.20 -22.65
N THR N 217 13.72 13.58 -21.76
CA THR N 217 15.10 13.96 -21.50
C THR N 217 16.02 12.85 -22.01
N THR N 218 17.05 13.23 -22.76
CA THR N 218 18.02 12.30 -23.32
C THR N 218 18.84 11.67 -22.19
N PRO N 219 19.19 10.36 -22.29
CA PRO N 219 19.96 9.67 -21.23
C PRO N 219 21.30 10.34 -20.92
N SER N 220 21.78 10.10 -19.69
CA SER N 220 22.99 10.70 -19.17
C SER N 220 24.23 10.18 -19.89
N ALA N 221 24.17 8.92 -20.32
CA ALA N 221 25.23 8.29 -21.10
C ALA N 221 24.62 7.32 -22.11
N PHE N 222 25.01 7.48 -23.39
CA PHE N 222 24.60 6.58 -24.45
C PHE N 222 25.49 5.34 -24.42
N THR N 223 24.87 4.17 -24.20
CA THR N 223 25.59 2.93 -23.97
C THR N 223 25.35 1.95 -25.13
N GLU N 224 24.20 2.09 -25.81
CA GLU N 224 23.82 1.23 -26.93
C GLU N 224 23.49 2.08 -28.15
N THR N 225 23.41 1.41 -29.31
CA THR N 225 23.24 2.05 -30.61
C THR N 225 21.82 2.60 -30.75
N VAL N 226 20.82 1.75 -30.50
CA VAL N 226 19.42 2.14 -30.55
C VAL N 226 18.87 2.17 -29.12
N MET N 227 18.27 3.31 -28.76
CA MET N 227 17.78 3.57 -27.41
C MET N 227 16.32 4.01 -27.46
N GLU N 228 15.58 3.66 -26.41
CA GLU N 228 14.21 4.13 -26.19
C GLU N 228 14.25 5.42 -25.38
N LEU N 229 13.58 6.45 -25.87
CA LEU N 229 13.60 7.77 -25.29
C LEU N 229 12.32 8.03 -24.50
N GLN N 230 11.17 7.74 -25.13
CA GLN N 230 9.86 7.94 -24.53
C GLN N 230 9.03 6.66 -24.68
N GLU O 1 -61.88 60.06 -46.87
CA GLU O 1 -61.50 58.71 -47.39
C GLU O 1 -60.67 57.97 -46.33
N THR O 2 -60.46 56.67 -46.57
CA THR O 2 -59.77 55.76 -45.67
C THR O 2 -58.27 56.07 -45.62
N GLY O 3 -57.77 56.74 -46.66
CA GLY O 3 -56.37 57.07 -46.83
C GLY O 3 -55.81 57.96 -45.72
N ILE O 4 -56.63 58.90 -45.24
CA ILE O 4 -56.24 59.87 -44.23
C ILE O 4 -56.11 59.16 -42.88
N GLY O 5 -57.10 58.33 -42.54
CA GLY O 5 -57.17 57.63 -41.27
C GLY O 5 -56.07 56.58 -41.10
N THR O 6 -55.64 55.99 -42.22
CA THR O 6 -54.64 54.95 -42.26
C THR O 6 -53.27 55.51 -41.86
N LEU O 7 -52.98 56.74 -42.32
CA LEU O 7 -51.69 57.38 -42.12
C LEU O 7 -51.50 57.80 -40.67
N ILE O 8 -52.60 58.22 -40.01
CA ILE O 8 -52.60 58.72 -38.64
C ILE O 8 -52.25 57.58 -37.68
N ILE O 9 -52.89 56.41 -37.89
CA ILE O 9 -52.71 55.24 -37.05
C ILE O 9 -51.33 54.62 -37.29
N PHE O 10 -50.82 54.77 -38.53
CA PHE O 10 -49.52 54.26 -38.94
C PHE O 10 -48.40 54.86 -38.09
N ILE O 11 -48.49 56.18 -37.84
CA ILE O 11 -47.53 56.93 -37.05
C ILE O 11 -47.51 56.40 -35.62
N ALA O 12 -48.71 56.11 -35.09
CA ALA O 12 -48.90 55.63 -33.72
C ALA O 12 -48.34 54.22 -33.55
N MET O 13 -48.45 53.40 -34.60
CA MET O 13 -48.02 52.01 -34.60
C MET O 13 -46.50 51.92 -34.53
N VAL O 14 -45.82 52.88 -35.19
CA VAL O 14 -44.36 52.93 -35.27
C VAL O 14 -43.79 53.32 -33.91
N LEU O 15 -44.47 54.27 -33.24
CA LEU O 15 -44.03 54.82 -31.97
C LEU O 15 -44.16 53.79 -30.85
N VAL O 16 -45.21 52.95 -30.93
CA VAL O 16 -45.51 51.93 -29.93
C VAL O 16 -44.46 50.81 -30.01
N ALA O 17 -44.06 50.45 -31.24
CA ALA O 17 -43.11 49.38 -31.50
C ALA O 17 -41.70 49.76 -31.03
N ALA O 18 -41.42 51.07 -31.00
CA ALA O 18 -40.14 51.60 -30.55
C ALA O 18 -39.99 51.47 -29.04
N VAL O 19 -41.13 51.57 -28.32
CA VAL O 19 -41.18 51.53 -26.87
C VAL O 19 -40.79 50.14 -26.38
N ALA O 20 -41.39 49.10 -26.99
CA ALA O 20 -41.17 47.71 -26.61
C ALA O 20 -39.75 47.26 -26.94
N ALA O 21 -39.16 47.89 -27.98
CA ALA O 21 -37.79 47.64 -28.40
C ALA O 21 -36.81 48.16 -27.34
N THR O 22 -37.13 49.31 -26.74
CA THR O 22 -36.30 50.01 -25.78
C THR O 22 -36.21 49.21 -24.48
N VAL O 23 -37.33 48.57 -24.10
CA VAL O 23 -37.43 47.79 -22.86
C VAL O 23 -36.47 46.61 -22.90
N LEU O 24 -36.43 45.91 -24.05
CA LEU O 24 -35.67 44.68 -24.22
C LEU O 24 -34.16 44.96 -24.21
N ILE O 25 -33.76 46.11 -24.77
CA ILE O 25 -32.36 46.51 -24.86
C ILE O 25 -31.85 46.93 -23.48
N ASN O 26 -32.66 47.71 -22.76
CA ASN O 26 -32.31 48.27 -21.46
C ASN O 26 -32.17 47.18 -20.41
N THR O 27 -33.03 46.16 -20.49
CA THR O 27 -33.07 45.05 -19.54
C THR O 27 -31.85 44.15 -19.74
N ALA O 28 -31.48 43.92 -21.01
CA ALA O 28 -30.37 43.07 -21.40
C ALA O 28 -29.04 43.70 -20.99
N GLY O 29 -28.97 45.04 -21.05
CA GLY O 29 -27.80 45.81 -20.66
C GLY O 29 -27.56 45.78 -19.15
N SER O 30 -28.66 45.75 -18.40
CA SER O 30 -28.63 45.73 -16.94
C SER O 30 -28.18 44.36 -16.42
N LEU O 31 -28.64 43.30 -17.10
CA LEU O 31 -28.36 41.93 -16.72
C LEU O 31 -26.95 41.52 -17.16
N GLN O 32 -26.39 42.26 -18.12
CA GLN O 32 -25.07 42.00 -18.70
C GLN O 32 -23.99 42.21 -17.63
N GLN O 33 -24.09 43.33 -16.90
CA GLN O 33 -23.06 43.77 -15.98
C GLN O 33 -23.07 42.91 -14.71
N ARG O 34 -24.26 42.44 -14.32
CA ARG O 34 -24.45 41.62 -13.13
C ARG O 34 -23.84 40.23 -13.36
N ALA O 35 -24.10 39.66 -14.54
CA ALA O 35 -23.68 38.31 -14.89
C ALA O 35 -22.16 38.23 -15.08
N THR O 36 -21.56 39.33 -15.56
CA THR O 36 -20.13 39.42 -15.81
C THR O 36 -19.39 39.52 -14.47
N SER O 37 -19.92 40.32 -13.55
CA SER O 37 -19.30 40.60 -12.26
C SER O 37 -19.38 39.38 -11.34
N THR O 38 -20.48 38.62 -11.44
CA THR O 38 -20.73 37.45 -10.62
C THR O 38 -19.72 36.34 -10.96
N GLY O 39 -19.43 36.18 -12.26
CA GLY O 39 -18.50 35.19 -12.76
C GLY O 39 -17.07 35.42 -12.29
N SER O 40 -16.65 36.70 -12.31
CA SER O 40 -15.30 37.11 -11.98
C SER O 40 -15.05 37.02 -10.47
N GLN O 41 -16.09 37.33 -9.68
CA GLN O 41 -16.01 37.35 -8.22
C GLN O 41 -15.93 35.93 -7.67
N THR O 42 -16.63 34.99 -8.33
CA THR O 42 -16.70 33.60 -7.91
C THR O 42 -15.37 32.90 -8.21
N THR O 43 -14.73 33.27 -9.32
CA THR O 43 -13.46 32.72 -9.75
C THR O 43 -12.37 33.07 -8.75
N ASN O 44 -12.43 34.30 -8.21
CA ASN O 44 -11.51 34.78 -7.19
C ASN O 44 -11.80 34.12 -5.85
N GLN O 45 -13.08 33.80 -5.60
CA GLN O 45 -13.55 33.26 -4.33
C GLN O 45 -13.04 31.84 -4.11
N VAL O 46 -13.03 31.04 -5.17
CA VAL O 46 -12.69 29.62 -5.11
C VAL O 46 -11.17 29.45 -5.00
N SER O 47 -10.43 30.24 -5.79
CA SER O 47 -9.00 30.09 -5.97
C SER O 47 -8.21 30.57 -4.75
N THR O 48 -8.71 31.62 -4.09
CA THR O 48 -8.02 32.28 -2.98
C THR O 48 -8.17 31.46 -1.71
N GLY O 49 -7.09 31.43 -0.91
CA GLY O 49 -7.06 30.74 0.38
C GLY O 49 -5.76 30.96 1.13
N LEU O 50 -5.80 30.73 2.45
CA LEU O 50 -4.64 30.83 3.33
C LEU O 50 -4.32 29.47 3.90
N ILE O 51 -3.03 29.22 4.15
CA ILE O 51 -2.54 27.97 4.70
C ILE O 51 -1.56 28.23 5.85
N VAL O 52 -1.69 27.40 6.90
CA VAL O 52 -0.84 27.47 8.08
C VAL O 52 0.32 26.49 7.89
N GLN O 53 1.54 26.98 8.12
CA GLN O 53 2.75 26.21 7.92
C GLN O 53 3.10 25.46 9.21
N SER O 54 3.46 26.22 10.25
CA SER O 54 3.88 25.67 11.54
C SER O 54 3.56 26.65 12.67
N ILE O 55 3.33 26.09 13.87
CA ILE O 55 3.02 26.86 15.07
C ILE O 55 4.06 26.54 16.14
N TYR O 56 4.63 27.60 16.73
CA TYR O 56 5.62 27.51 17.79
C TYR O 56 5.13 28.25 19.04
N GLY O 57 5.55 27.75 20.21
CA GLY O 57 5.22 28.36 21.50
C GLY O 57 6.45 28.57 22.37
N MET O 58 6.34 29.50 23.32
CA MET O 58 7.43 29.87 24.22
C MET O 58 6.96 29.80 25.67
N ASP O 59 7.73 29.09 26.50
CA ASP O 59 7.46 28.91 27.92
C ASP O 59 7.89 30.18 28.68
N ASN O 60 7.22 30.45 29.79
CA ASN O 60 7.40 31.68 30.55
C ASN O 60 8.47 31.52 31.63
N ASN O 61 8.85 30.26 31.92
CA ASN O 61 9.86 29.97 32.91
C ASN O 61 11.10 29.41 32.21
N ARG O 62 12.26 30.04 32.49
CA ARG O 62 13.53 29.68 31.88
C ARG O 62 14.31 28.75 32.80
N SER O 63 14.24 29.02 34.12
CA SER O 63 14.97 28.28 35.14
C SER O 63 14.46 26.85 35.24
N ASN O 64 13.13 26.68 35.24
CA ASN O 64 12.48 25.39 35.29
C ASN O 64 11.25 25.41 34.39
N PRO O 65 11.34 24.92 33.13
CA PRO O 65 10.23 24.96 32.18
C PRO O 65 9.10 23.98 32.44
N GLU O 66 9.29 23.13 33.47
CA GLU O 66 8.36 22.06 33.82
C GLU O 66 7.11 22.65 34.47
N SER O 67 7.30 23.71 35.26
CA SER O 67 6.22 24.36 35.99
C SER O 67 5.82 25.68 35.33
N GLY O 68 6.06 25.78 34.02
CA GLY O 68 5.81 26.98 33.25
C GLY O 68 4.57 26.87 32.37
N SER O 69 4.22 28.00 31.73
CA SER O 69 3.10 28.10 30.81
C SER O 69 3.52 28.91 29.58
N LEU O 70 2.74 28.80 28.50
CA LEU O 70 3.03 29.47 27.24
C LEU O 70 2.55 30.92 27.32
N ASN O 71 3.49 31.86 27.06
CA ASN O 71 3.20 33.29 27.15
C ASN O 71 3.10 33.91 25.75
N TRP O 72 3.75 33.28 24.76
CA TRP O 72 3.72 33.76 23.38
C TRP O 72 3.56 32.58 22.42
N THR O 73 2.86 32.84 21.30
CA THR O 73 2.59 31.85 20.26
C THR O 73 2.83 32.50 18.89
N ALA O 74 3.51 31.77 18.00
CA ALA O 74 3.85 32.25 16.67
C ALA O 74 3.30 31.30 15.61
N ILE O 75 2.60 31.87 14.62
CA ILE O 75 1.94 31.11 13.56
C ILE O 75 2.47 31.58 12.21
N TYR O 76 2.99 30.63 11.42
CA TYR O 76 3.51 30.87 10.08
C TYR O 76 2.40 30.71 9.06
N VAL O 77 2.18 31.76 8.24
CA VAL O 77 1.07 31.83 7.30
C VAL O 77 1.59 32.21 5.92
N THR O 78 1.13 31.46 4.90
CA THR O 78 1.39 31.75 3.50
C THR O 78 0.06 31.69 2.72
N LEU O 79 0.09 32.19 1.48
CA LEU O 79 -1.02 32.08 0.55
C LEU O 79 -0.98 30.71 -0.15
N ASN O 80 -2.14 30.31 -0.70
CA ASN O 80 -2.27 29.11 -1.51
C ASN O 80 -1.77 29.40 -2.91
N THR O 81 -1.55 28.34 -3.69
CA THR O 81 -1.02 28.43 -5.05
C THR O 81 -2.10 28.95 -6.00
N GLY O 82 -1.76 30.01 -6.74
CA GLY O 82 -2.65 30.66 -7.69
C GLY O 82 -3.79 31.40 -7.00
N SER O 83 -3.44 32.21 -6.00
CA SER O 83 -4.40 32.94 -5.19
C SER O 83 -4.28 34.44 -5.41
N SER O 84 -5.42 35.13 -5.29
CA SER O 84 -5.51 36.58 -5.34
C SER O 84 -4.98 37.17 -4.04
N PRO O 85 -4.43 38.42 -4.03
CA PRO O 85 -3.92 39.05 -2.81
C PRO O 85 -4.96 39.19 -1.69
N VAL O 86 -4.49 39.06 -0.45
CA VAL O 86 -5.32 39.13 0.74
C VAL O 86 -4.81 40.25 1.64
N ASP O 87 -5.73 41.14 2.04
CA ASP O 87 -5.45 42.19 3.01
C ASP O 87 -5.69 41.64 4.41
N LEU O 88 -4.67 41.79 5.28
CA LEU O 88 -4.65 41.19 6.61
C LEU O 88 -5.45 42.04 7.61
N SER O 89 -5.83 43.25 7.20
CA SER O 89 -6.58 44.17 8.04
C SER O 89 -8.06 43.74 8.13
N ASN O 90 -8.52 42.98 7.13
CA ASN O 90 -9.88 42.49 7.06
C ASN O 90 -9.94 41.02 7.48
N VAL O 91 -8.86 40.54 8.09
CA VAL O 91 -8.73 39.15 8.51
C VAL O 91 -9.04 39.05 10.00
N SER O 92 -9.90 38.10 10.36
CA SER O 92 -10.25 37.82 11.74
C SER O 92 -9.74 36.44 12.15
N LEU O 93 -9.20 36.36 13.37
CA LEU O 93 -8.62 35.14 13.92
C LEU O 93 -9.47 34.67 15.10
N SER O 94 -9.91 33.41 15.03
CA SER O 94 -10.70 32.77 16.07
C SER O 94 -9.86 31.72 16.79
N LEU O 95 -10.04 31.63 18.12
CA LEU O 95 -9.36 30.66 18.96
C LEU O 95 -10.30 30.18 20.06
N GLU O 96 -10.24 28.88 20.37
CA GLU O 96 -11.06 28.26 21.41
C GLU O 96 -10.15 27.51 22.37
N TYR O 97 -10.24 27.87 23.67
CA TYR O 97 -9.43 27.28 24.72
C TYR O 97 -10.17 27.37 26.05
N GLN O 98 -10.45 26.18 26.64
CA GLN O 98 -10.99 26.00 27.97
C GLN O 98 -12.24 26.86 28.20
N GLY O 99 -13.19 26.76 27.27
CA GLY O 99 -14.47 27.45 27.36
C GLY O 99 -14.34 28.96 27.21
N GLN O 100 -13.48 29.38 26.28
CA GLN O 100 -13.26 30.78 25.96
C GLN O 100 -13.02 30.90 24.45
N LEU O 101 -13.94 31.59 23.77
CA LEU O 101 -13.88 31.79 22.33
C LEU O 101 -13.44 33.23 22.04
N ALA O 102 -12.22 33.35 21.51
CA ALA O 102 -11.59 34.64 21.25
C ALA O 102 -11.76 35.03 19.78
N SER O 103 -11.81 36.34 19.53
CA SER O 103 -11.84 36.91 18.19
C SER O 103 -10.87 38.09 18.13
N LEU O 104 -9.73 37.88 17.45
CA LEU O 104 -8.64 38.84 17.42
C LEU O 104 -8.60 39.54 16.06
N LYS O 105 -8.17 40.81 16.08
CA LYS O 105 -8.23 41.70 14.93
C LYS O 105 -7.04 42.65 14.94
N TYR O 106 -6.46 42.88 13.76
CA TYR O 106 -5.35 43.80 13.56
C TYR O 106 -5.90 45.18 13.17
N THR O 107 -5.32 46.22 13.78
CA THR O 107 -5.68 47.61 13.49
C THR O 107 -4.51 48.30 12.78
N PRO O 108 -4.70 48.77 11.53
CA PRO O 108 -3.63 49.48 10.80
C PRO O 108 -3.43 50.91 11.29
N ALA O 109 -2.16 51.30 11.40
CA ALA O 109 -1.76 52.63 11.85
C ALA O 109 -0.38 52.99 11.27
N THR O 110 -0.10 54.30 11.21
CA THR O 110 1.17 54.82 10.75
C THR O 110 2.22 54.65 11.85
N THR O 111 1.84 55.01 13.08
CA THR O 111 2.68 54.87 14.27
C THR O 111 1.92 54.11 15.34
N ASN O 112 2.68 53.44 16.22
CA ASN O 112 2.17 52.66 17.35
C ASN O 112 1.34 51.48 16.86
N ALA O 113 1.80 50.84 15.78
CA ALA O 113 1.15 49.68 15.19
C ALA O 113 1.99 48.44 15.46
N SER O 114 1.32 47.32 15.77
CA SER O 114 1.97 46.05 16.03
C SER O 114 2.44 45.43 14.72
N PHE O 115 3.59 45.92 14.24
CA PHE O 115 4.15 45.57 12.95
C PHE O 115 5.68 45.65 13.02
N ALA O 116 6.35 44.66 12.41
CA ALA O 116 7.80 44.58 12.37
C ALA O 116 8.26 43.97 11.05
N VAL O 117 9.38 44.48 10.52
CA VAL O 117 9.98 44.00 9.29
C VAL O 117 11.26 43.24 9.67
N ASP O 118 11.35 41.99 9.19
CA ASP O 118 12.49 41.12 9.46
C ASP O 118 12.75 40.25 8.24
N THR O 119 13.17 40.89 7.14
CA THR O 119 13.35 40.23 5.85
C THR O 119 14.83 39.91 5.62
N ASN O 120 15.71 40.58 6.39
CA ASN O 120 17.15 40.46 6.24
C ASN O 120 17.69 39.27 7.02
N GLY O 121 16.84 38.69 7.89
CA GLY O 121 17.20 37.55 8.70
C GLY O 121 17.38 37.92 10.18
N THR O 122 17.21 36.94 11.06
CA THR O 122 17.31 37.13 12.50
C THR O 122 17.88 35.87 13.17
N SER O 123 18.58 36.09 14.29
CA SER O 123 19.12 35.03 15.12
C SER O 123 18.07 34.51 16.08
N ASN O 124 17.08 35.37 16.39
CA ASN O 124 15.95 35.01 17.24
C ASN O 124 14.70 35.73 16.73
N VAL O 125 13.62 34.95 16.55
CA VAL O 125 12.33 35.46 16.09
C VAL O 125 11.63 36.18 17.24
N PHE O 126 11.79 35.64 18.46
CA PHE O 126 11.12 36.15 19.64
C PHE O 126 11.87 37.35 20.23
N SER O 127 12.75 37.96 19.42
CA SER O 127 13.52 39.13 19.84
C SER O 127 12.93 40.40 19.24
N VAL O 128 11.84 40.26 18.48
CA VAL O 128 11.17 41.38 17.82
C VAL O 128 10.19 42.04 18.77
N LEU O 129 10.12 41.53 20.02
CA LEU O 129 9.26 42.07 21.05
C LEU O 129 9.85 43.37 21.61
N ASN O 130 11.17 43.53 21.46
CA ASN O 130 11.91 44.68 21.97
C ASN O 130 12.08 45.73 20.88
N ALA O 131 11.56 45.45 19.68
CA ALA O 131 11.70 46.32 18.52
C ALA O 131 10.79 47.54 18.66
N GLY O 132 11.30 48.69 18.23
CA GLY O 132 10.62 49.97 18.31
C GLY O 132 9.53 50.11 17.25
N VAL O 133 8.38 50.65 17.67
CA VAL O 133 7.23 50.85 16.79
C VAL O 133 6.82 52.33 16.77
N GLY O 134 7.10 53.04 17.87
CA GLY O 134 6.73 54.44 18.01
C GLY O 134 7.61 55.17 19.02
N TYR O 135 7.22 56.43 19.31
CA TYR O 135 7.93 57.30 20.23
C TYR O 135 7.03 57.60 21.43
N LYS O 136 7.66 57.71 22.61
CA LYS O 136 6.99 58.04 23.86
C LYS O 136 6.43 59.45 23.77
N ASN O 137 7.29 60.39 23.40
CA ASN O 137 6.96 61.80 23.24
C ASN O 137 7.70 62.36 22.01
N SER O 138 7.79 63.69 21.92
CA SER O 138 8.40 64.37 20.79
C SER O 138 9.91 64.47 20.95
N THR O 139 10.40 64.21 22.17
CA THR O 139 11.80 64.44 22.55
C THR O 139 12.65 63.20 22.27
N ALA O 140 11.99 62.11 21.84
CA ALA O 140 12.65 60.84 21.56
C ALA O 140 13.45 60.93 20.25
N THR O 141 14.72 60.51 20.33
CA THR O 141 15.63 60.49 19.19
C THR O 141 15.39 59.24 18.36
N PHE O 142 15.17 58.11 19.04
CA PHE O 142 14.92 56.82 18.41
C PHE O 142 13.58 56.27 18.90
N LYS O 143 13.07 55.25 18.18
CA LYS O 143 11.83 54.57 18.53
C LYS O 143 12.02 53.77 19.81
N ASN O 144 11.30 54.17 20.86
CA ASN O 144 11.52 53.67 22.21
C ASN O 144 10.28 53.00 22.77
N VAL O 145 9.20 52.96 21.97
CA VAL O 145 8.00 52.21 22.29
C VAL O 145 8.14 50.80 21.70
N GLU O 146 8.13 49.79 22.59
CA GLU O 146 8.38 48.41 22.22
C GLU O 146 7.08 47.75 21.73
N LEU O 147 7.24 46.58 21.09
CA LEU O 147 6.16 45.84 20.46
C LEU O 147 5.29 45.15 21.51
N LYS O 148 5.85 44.94 22.71
CA LYS O 148 5.18 44.31 23.85
C LYS O 148 4.06 45.20 24.36
N ASN O 149 4.28 46.52 24.28
CA ASN O 149 3.45 47.52 24.96
C ASN O 149 2.16 47.79 24.17
N VAL O 150 2.10 47.32 22.93
CA VAL O 150 0.96 47.55 22.05
C VAL O 150 0.16 46.26 21.84
N THR O 151 0.84 45.11 21.93
CA THR O 151 0.22 43.81 21.73
C THR O 151 -0.45 43.38 23.04
N LYS O 152 -1.78 43.26 23.00
CA LYS O 152 -2.60 43.01 24.18
C LYS O 152 -3.46 41.78 23.97
N SER O 153 -4.72 41.84 24.45
CA SER O 153 -5.60 40.69 24.55
C SER O 153 -6.66 40.69 23.44
N THR O 154 -6.64 41.71 22.58
CA THR O 154 -7.66 41.90 21.56
C THR O 154 -7.04 41.88 20.15
N ASN O 155 -5.72 42.06 20.08
CA ASN O 155 -5.02 42.25 18.81
C ASN O 155 -3.85 41.26 18.68
N PHE O 156 -3.38 41.11 17.43
CA PHE O 156 -2.19 40.33 17.13
C PHE O 156 -1.19 41.19 16.35
N ALA O 157 0.08 40.75 16.35
CA ALA O 157 1.16 41.42 15.67
C ALA O 157 1.53 40.69 14.39
N ILE O 158 2.03 41.44 13.40
CA ILE O 158 2.47 40.91 12.12
C ILE O 158 3.98 41.14 11.98
N VAL O 159 4.72 40.05 11.75
CA VAL O 159 6.15 40.09 11.50
C VAL O 159 6.41 39.49 10.11
N VAL O 160 7.07 40.28 9.26
CA VAL O 160 7.33 39.91 7.87
C VAL O 160 8.63 39.11 7.81
N ILE O 161 8.57 37.98 7.10
CA ILE O 161 9.72 37.10 6.89
C ILE O 161 10.19 37.25 5.45
N ARG O 162 9.26 37.09 4.49
CA ARG O 162 9.54 37.24 3.07
C ARG O 162 8.57 38.24 2.47
N ASP O 163 9.10 39.13 1.61
CA ASP O 163 8.32 40.11 0.87
C ASP O 163 9.05 40.45 -0.42
N PRO O 164 8.80 39.71 -1.53
CA PRO O 164 9.53 39.91 -2.78
C PRO O 164 9.16 41.18 -3.55
N SER O 165 7.91 41.63 -3.41
CA SER O 165 7.36 42.70 -4.21
C SER O 165 7.12 43.98 -3.40
N ASN O 166 7.42 43.91 -2.09
CA ASN O 166 7.28 45.00 -1.14
C ASN O 166 5.82 45.47 -1.09
N SER O 167 4.94 44.57 -0.62
CA SER O 167 3.50 44.80 -0.60
C SER O 167 2.99 44.95 0.82
N LEU O 168 3.84 44.63 1.81
CA LEU O 168 3.46 44.62 3.21
C LEU O 168 3.98 45.89 3.90
N THR O 169 3.03 46.68 4.42
CA THR O 169 3.31 47.87 5.22
C THR O 169 2.41 47.86 6.46
N SER O 170 2.71 48.77 7.39
CA SER O 170 1.97 48.89 8.65
C SER O 170 0.57 49.45 8.38
N SER O 171 0.44 50.30 7.35
CA SER O 171 -0.82 50.90 6.96
C SER O 171 -1.61 49.96 6.06
N HIS O 172 -0.91 49.28 5.14
CA HIS O 172 -1.52 48.36 4.19
C HIS O 172 -0.78 47.03 4.20
N PRO O 173 -1.17 46.06 5.06
CA PRO O 173 -0.56 44.73 5.07
C PRO O 173 -1.21 43.78 4.07
N VAL O 174 -0.77 43.87 2.80
CA VAL O 174 -1.30 43.08 1.71
C VAL O 174 -0.33 41.93 1.43
N LEU O 175 -0.84 40.70 1.53
CA LEU O 175 -0.08 39.48 1.32
C LEU O 175 -0.21 39.07 -0.15
N THR O 176 0.95 38.89 -0.81
CA THR O 176 1.02 38.57 -2.23
C THR O 176 1.70 37.22 -2.42
N THR O 177 1.97 36.87 -3.69
CA THR O 177 2.57 35.60 -4.07
C THR O 177 4.05 35.60 -3.70
N GLY O 178 4.44 34.61 -2.87
CA GLY O 178 5.82 34.40 -2.49
C GLY O 178 6.17 35.02 -1.13
N SER O 179 5.18 35.64 -0.49
CA SER O 179 5.37 36.32 0.79
C SER O 179 5.00 35.40 1.95
N GLU O 180 5.60 35.68 3.12
CA GLU O 180 5.41 34.89 4.33
C GLU O 180 5.43 35.82 5.55
N VAL O 181 4.46 35.62 6.46
CA VAL O 181 4.33 36.41 7.67
C VAL O 181 4.23 35.50 8.89
N VAL O 182 4.57 36.05 10.06
CA VAL O 182 4.38 35.40 11.35
C VAL O 182 3.40 36.23 12.17
N ILE O 183 2.35 35.56 12.66
CA ILE O 183 1.35 36.17 13.53
C ILE O 183 1.68 35.83 14.98
N LEU O 184 1.91 36.86 15.80
CA LEU O 184 2.23 36.72 17.20
C LEU O 184 1.00 37.05 18.05
N VAL O 185 0.69 36.13 18.98
CA VAL O 185 -0.42 36.27 19.90
C VAL O 185 0.11 36.26 21.33
N ASN O 186 -0.25 37.30 22.10
CA ASN O 186 0.06 37.37 23.52
C ASN O 186 -0.88 36.43 24.28
N THR O 187 -0.37 35.23 24.58
CA THR O 187 -1.15 34.14 25.14
C THR O 187 -1.46 34.41 26.61
N SER O 188 -0.57 35.14 27.29
CA SER O 188 -0.71 35.49 28.69
C SER O 188 -1.76 36.58 28.89
N ALA O 189 -2.13 37.26 27.80
CA ALA O 189 -3.11 38.34 27.82
C ALA O 189 -4.50 37.79 27.51
N VAL O 190 -4.58 36.90 26.51
CA VAL O 190 -5.84 36.40 25.98
C VAL O 190 -6.41 35.34 26.93
N PHE O 191 -5.62 34.29 27.20
CA PHE O 191 -6.09 33.14 27.96
C PHE O 191 -5.48 33.12 29.36
N GLY O 192 -4.35 33.83 29.53
CA GLY O 192 -3.63 33.86 30.79
C GLY O 192 -2.71 32.67 30.96
N GLY O 193 -2.10 32.23 29.84
CA GLY O 193 -1.16 31.12 29.82
C GLY O 193 -1.86 29.79 29.50
N MET O 194 -1.34 29.10 28.48
CA MET O 194 -1.81 27.78 28.09
C MET O 194 -1.10 26.72 28.92
N LYS O 195 -1.84 25.67 29.28
CA LYS O 195 -1.38 24.65 30.21
C LYS O 195 -1.19 23.32 29.47
N GLN O 196 -0.67 22.32 30.21
CA GLN O 196 -0.29 21.02 29.68
C GLN O 196 -1.53 20.19 29.37
N GLY O 197 -1.49 19.52 28.20
CA GLY O 197 -2.50 18.57 27.78
C GLY O 197 -3.87 19.19 27.55
N GLN O 198 -3.89 20.29 26.79
CA GLN O 198 -5.12 21.03 26.50
C GLN O 198 -5.26 21.18 24.99
N ALA O 199 -6.51 21.12 24.52
CA ALA O 199 -6.85 21.19 23.10
C ALA O 199 -7.09 22.64 22.68
N VAL O 200 -6.51 23.01 21.54
CA VAL O 200 -6.66 24.34 20.95
C VAL O 200 -7.18 24.17 19.52
N THR O 201 -8.30 24.86 19.23
CA THR O 201 -8.96 24.82 17.94
C THR O 201 -9.31 26.24 17.50
N GLY O 202 -9.04 26.56 16.24
CA GLY O 202 -9.30 27.88 15.70
C GLY O 202 -9.19 27.94 14.17
N GLN O 203 -9.46 29.14 13.62
CA GLN O 203 -9.45 29.41 12.19
C GLN O 203 -8.95 30.82 11.92
N ILE O 204 -8.33 30.99 10.75
CA ILE O 204 -7.95 32.30 10.21
C ILE O 204 -8.86 32.60 9.03
N ASN O 205 -9.82 33.52 9.23
CA ASN O 205 -10.86 33.80 8.26
C ASN O 205 -10.55 35.06 7.47
N PRO O 206 -10.32 34.97 6.14
CA PRO O 206 -10.26 36.14 5.27
C PRO O 206 -11.66 36.61 4.87
N SER O 207 -11.71 37.79 4.25
CA SER O 207 -12.95 38.36 3.74
C SER O 207 -13.44 37.59 2.52
N VAL O 208 -12.50 37.29 1.61
CA VAL O 208 -12.74 36.49 0.42
C VAL O 208 -11.72 35.35 0.38
N GLY O 209 -12.22 34.12 0.33
CA GLY O 209 -11.39 32.93 0.19
C GLY O 209 -11.72 31.84 1.21
N SER O 210 -10.85 30.82 1.25
CA SER O 210 -11.01 29.67 2.14
C SER O 210 -10.10 29.83 3.36
N PRO O 211 -10.58 29.48 4.59
CA PRO O 211 -9.81 29.71 5.81
C PRO O 211 -8.69 28.70 6.07
N GLY O 212 -7.71 29.12 6.89
CA GLY O 212 -6.65 28.26 7.39
C GLY O 212 -7.00 27.69 8.76
N ILE O 213 -6.68 26.40 8.95
CA ILE O 213 -7.14 25.64 10.10
C ILE O 213 -6.02 25.52 11.13
N ILE O 214 -6.37 25.78 12.40
CA ILE O 214 -5.49 25.60 13.55
C ILE O 214 -6.12 24.56 14.47
N GLN O 215 -5.39 23.45 14.68
CA GLN O 215 -5.82 22.38 15.58
C GLN O 215 -4.59 21.63 16.10
N PHE O 216 -4.37 21.73 17.42
CA PHE O 216 -3.26 21.07 18.09
C PHE O 216 -3.61 20.83 19.56
N THR O 217 -2.94 19.83 20.16
CA THR O 217 -2.98 19.58 21.59
C THR O 217 -1.60 19.90 22.17
N THR O 218 -1.59 20.66 23.27
CA THR O 218 -0.38 21.06 23.97
C THR O 218 0.29 19.83 24.58
N PRO O 219 1.65 19.74 24.58
CA PRO O 219 2.36 18.59 25.13
C PRO O 219 2.04 18.31 26.61
N SER O 220 2.23 17.04 27.00
CA SER O 220 1.90 16.55 28.34
C SER O 220 2.82 17.16 29.39
N ALA O 221 4.07 17.42 29.00
CA ALA O 221 5.04 18.08 29.85
C ALA O 221 5.94 18.99 29.02
N PHE O 222 6.07 20.25 29.44
CA PHE O 222 6.96 21.21 28.81
C PHE O 222 8.37 20.98 29.34
N THR O 223 9.29 20.64 28.43
CA THR O 223 10.65 20.24 28.78
C THR O 223 11.67 21.26 28.31
N GLU O 224 11.33 22.00 27.24
CA GLU O 224 12.20 23.01 26.66
C GLU O 224 11.46 24.35 26.57
N THR O 225 12.23 25.41 26.31
CA THR O 225 11.75 26.79 26.31
C THR O 225 10.87 27.04 25.10
N VAL O 226 11.39 26.74 23.90
CA VAL O 226 10.65 26.89 22.65
C VAL O 226 10.30 25.49 22.13
N MET O 227 9.00 25.30 21.86
CA MET O 227 8.44 24.02 21.44
C MET O 227 7.65 24.18 20.15
N GLU O 228 7.65 23.12 19.34
CA GLU O 228 6.82 23.01 18.15
C GLU O 228 5.49 22.36 18.52
N LEU O 229 4.39 23.02 18.14
CA LEU O 229 3.05 22.60 18.52
C LEU O 229 2.37 21.91 17.34
N GLN O 230 2.44 22.53 16.17
CA GLN O 230 1.82 22.02 14.95
C GLN O 230 2.85 22.04 13.81
N GLU P 1 -63.81 53.47 -40.44
CA GLU P 1 -62.35 53.79 -40.41
C GLU P 1 -61.57 52.62 -39.82
N THR P 2 -60.24 52.69 -39.95
CA THR P 2 -59.31 51.64 -39.53
C THR P 2 -59.22 51.58 -38.00
N GLY P 3 -59.60 52.69 -37.35
CA GLY P 3 -59.52 52.85 -35.90
C GLY P 3 -60.37 51.84 -35.13
N ILE P 4 -61.55 51.51 -35.68
CA ILE P 4 -62.51 50.61 -35.06
C ILE P 4 -61.98 49.18 -35.10
N GLY P 5 -61.48 48.78 -36.28
CA GLY P 5 -61.00 47.43 -36.55
C GLY P 5 -59.73 47.08 -35.77
N THR P 6 -58.91 48.11 -35.51
CA THR P 6 -57.64 47.97 -34.80
C THR P 6 -57.88 47.60 -33.34
N LEU P 7 -58.91 48.19 -32.73
CA LEU P 7 -59.22 48.04 -31.32
C LEU P 7 -59.76 46.63 -31.04
N ILE P 8 -60.53 46.08 -31.98
CA ILE P 8 -61.18 44.79 -31.85
C ILE P 8 -60.13 43.68 -31.83
N ILE P 9 -59.16 43.77 -32.74
CA ILE P 9 -58.10 42.78 -32.89
C ILE P 9 -57.12 42.88 -31.72
N PHE P 10 -56.96 44.12 -31.19
CA PHE P 10 -56.09 44.41 -30.06
C PHE P 10 -56.49 43.60 -28.83
N ILE P 11 -57.80 43.52 -28.57
CA ILE P 11 -58.36 42.79 -27.44
C ILE P 11 -58.04 41.31 -27.57
N ALA P 12 -58.15 40.78 -28.80
CA ALA P 12 -57.92 39.39 -29.12
C ALA P 12 -56.45 39.01 -28.95
N MET P 13 -55.55 39.96 -29.28
CA MET P 13 -54.11 39.77 -29.22
C MET P 13 -53.64 39.63 -27.77
N VAL P 14 -54.28 40.38 -26.87
CA VAL P 14 -53.95 40.41 -25.45
C VAL P 14 -54.36 39.09 -24.80
N LEU P 15 -55.52 38.56 -25.20
CA LEU P 15 -56.11 37.36 -24.63
C LEU P 15 -55.30 36.12 -25.04
N VAL P 16 -54.76 36.14 -26.27
CA VAL P 16 -53.99 35.03 -26.83
C VAL P 16 -52.64 34.93 -26.12
N ALA P 17 -52.04 36.08 -25.82
CA ALA P 17 -50.73 36.18 -25.19
C ALA P 17 -50.78 35.70 -23.74
N ALA P 18 -51.95 35.82 -23.11
CA ALA P 18 -52.20 35.40 -21.74
C ALA P 18 -52.23 33.88 -21.64
N VAL P 19 -52.72 33.22 -22.70
CA VAL P 19 -52.88 31.78 -22.77
C VAL P 19 -51.51 31.10 -22.77
N ALA P 20 -50.60 31.60 -23.62
CA ALA P 20 -49.27 31.05 -23.77
C ALA P 20 -48.43 31.27 -22.51
N ALA P 21 -48.73 32.34 -21.78
CA ALA P 21 -48.09 32.68 -20.52
C ALA P 21 -48.46 31.67 -19.44
N THR P 22 -49.73 31.23 -19.46
CA THR P 22 -50.30 30.32 -18.47
C THR P 22 -49.69 28.93 -18.60
N VAL P 23 -49.41 28.51 -19.84
CA VAL P 23 -48.87 27.20 -20.16
C VAL P 23 -47.48 27.06 -19.53
N LEU P 24 -46.65 28.09 -19.68
CA LEU P 24 -45.25 28.09 -19.27
C LEU P 24 -45.13 28.05 -17.74
N ILE P 25 -46.05 28.73 -17.05
CA ILE P 25 -46.06 28.83 -15.59
C ILE P 25 -46.51 27.49 -14.99
N ASN P 26 -47.56 26.90 -15.58
CA ASN P 26 -48.17 25.67 -15.08
C ASN P 26 -47.22 24.49 -15.25
N THR P 27 -46.47 24.47 -16.35
CA THR P 27 -45.54 23.39 -16.68
C THR P 27 -44.34 23.43 -15.74
N ALA P 28 -43.86 24.65 -15.44
CA ALA P 28 -42.69 24.87 -14.59
C ALA P 28 -43.01 24.50 -13.14
N GLY P 29 -44.26 24.73 -12.72
CA GLY P 29 -44.74 24.40 -11.39
C GLY P 29 -44.86 22.89 -11.18
N SER P 30 -45.21 22.17 -12.24
CA SER P 30 -45.38 20.73 -12.23
C SER P 30 -44.02 20.03 -12.16
N LEU P 31 -43.04 20.59 -12.88
CA LEU P 31 -41.69 20.02 -12.97
C LEU P 31 -40.88 20.36 -11.72
N GLN P 32 -41.32 21.39 -10.97
CA GLN P 32 -40.65 21.87 -9.77
C GLN P 32 -40.71 20.81 -8.68
N GLN P 33 -41.90 20.22 -8.48
CA GLN P 33 -42.18 19.31 -7.37
C GLN P 33 -41.52 17.96 -7.61
N ARG P 34 -41.44 17.55 -8.89
CA ARG P 34 -40.85 16.29 -9.29
C ARG P 34 -39.34 16.31 -9.08
N ALA P 35 -38.70 17.42 -9.47
CA ALA P 35 -37.25 17.58 -9.42
C ALA P 35 -36.76 17.70 -7.98
N THR P 36 -37.59 18.29 -7.11
CA THR P 36 -37.28 18.49 -5.70
C THR P 36 -37.35 17.16 -4.95
N SER P 37 -38.39 16.36 -5.26
CA SER P 37 -38.64 15.09 -4.60
C SER P 37 -37.62 14.03 -4.99
N THR P 38 -37.17 14.08 -6.25
CA THR P 38 -36.22 13.12 -6.81
C THR P 38 -34.86 13.28 -6.13
N GLY P 39 -34.46 14.54 -5.88
CA GLY P 39 -33.20 14.87 -5.26
C GLY P 39 -33.12 14.39 -3.80
N SER P 40 -34.23 14.55 -3.07
CA SER P 40 -34.31 14.23 -1.65
C SER P 40 -34.36 12.71 -1.45
N GLN P 41 -35.03 12.00 -2.37
CA GLN P 41 -35.22 10.57 -2.29
C GLN P 41 -33.92 9.83 -2.59
N THR P 42 -33.12 10.39 -3.51
CA THR P 42 -31.86 9.80 -3.95
C THR P 42 -30.80 9.95 -2.85
N THR P 43 -30.84 11.08 -2.14
CA THR P 43 -29.92 11.39 -1.04
C THR P 43 -30.10 10.39 0.09
N ASN P 44 -31.36 10.02 0.36
CA ASN P 44 -31.72 9.04 1.38
C ASN P 44 -31.35 7.63 0.91
N GLN P 45 -31.39 7.40 -0.40
CA GLN P 45 -31.18 6.09 -1.01
C GLN P 45 -29.71 5.67 -0.89
N VAL P 46 -28.80 6.63 -1.09
CA VAL P 46 -27.37 6.37 -1.13
C VAL P 46 -26.83 6.19 0.29
N SER P 47 -27.29 7.04 1.21
CA SER P 47 -26.74 7.15 2.55
C SER P 47 -27.16 5.97 3.44
N THR P 48 -28.37 5.46 3.23
CA THR P 48 -28.97 4.42 4.07
C THR P 48 -28.39 3.06 3.70
N GLY P 49 -28.19 2.23 4.73
CA GLY P 49 -27.70 0.86 4.56
C GLY P 49 -27.67 0.09 5.88
N LEU P 50 -27.62 -1.24 5.78
CA LEU P 50 -27.55 -2.14 6.92
C LEU P 50 -26.23 -2.91 6.87
N ILE P 51 -25.69 -3.22 8.06
CA ILE P 51 -24.42 -3.94 8.19
C ILE P 51 -24.58 -5.08 9.19
N VAL P 52 -23.96 -6.22 8.86
CA VAL P 52 -23.95 -7.43 9.68
C VAL P 52 -22.69 -7.40 10.54
N GLN P 53 -22.87 -7.61 11.85
CA GLN P 53 -21.79 -7.56 12.82
C GLN P 53 -21.16 -8.94 12.96
N SER P 54 -21.92 -9.90 13.49
CA SER P 54 -21.46 -11.25 13.76
C SER P 54 -22.63 -12.25 13.70
N ILE P 55 -22.31 -13.50 13.33
CA ILE P 55 -23.28 -14.57 13.23
C ILE P 55 -22.86 -15.72 14.14
N TYR P 56 -23.79 -16.19 14.97
CA TYR P 56 -23.58 -17.30 15.89
C TYR P 56 -24.59 -18.41 15.61
N GLY P 57 -24.16 -19.66 15.89
CA GLY P 57 -24.99 -20.84 15.72
C GLY P 57 -24.99 -21.73 16.96
N MET P 58 -26.03 -22.55 17.09
CA MET P 58 -26.22 -23.43 18.24
C MET P 58 -26.47 -24.86 17.75
N ASP P 59 -25.69 -25.80 18.31
CA ASP P 59 -25.79 -27.22 18.01
C ASP P 59 -26.98 -27.82 18.75
N ASN P 60 -27.56 -28.88 18.17
CA ASN P 60 -28.79 -29.48 18.66
C ASN P 60 -28.50 -30.61 19.65
N ASN P 61 -27.25 -31.07 19.69
CA ASN P 61 -26.81 -32.13 20.58
C ASN P 61 -25.87 -31.56 21.63
N ARG P 62 -26.20 -31.80 22.90
CA ARG P 62 -25.46 -31.28 24.04
C ARG P 62 -24.48 -32.34 24.55
N SER P 63 -24.93 -33.61 24.54
CA SER P 63 -24.17 -34.74 25.05
C SER P 63 -22.94 -35.01 24.19
N ASN P 64 -23.14 -34.98 22.86
CA ASN P 64 -22.07 -35.17 21.89
C ASN P 64 -22.29 -34.21 20.71
N PRO P 65 -21.63 -33.04 20.69
CA PRO P 65 -21.85 -32.04 19.63
C PRO P 65 -21.23 -32.39 18.28
N GLU P 66 -20.51 -33.52 18.23
CA GLU P 66 -19.78 -33.97 17.05
C GLU P 66 -20.75 -34.49 15.99
N SER P 67 -21.82 -35.16 16.45
CA SER P 67 -22.82 -35.75 15.59
C SER P 67 -24.10 -34.92 15.56
N GLY P 68 -23.94 -33.61 15.81
CA GLY P 68 -25.07 -32.69 15.88
C GLY P 68 -25.17 -31.78 14.66
N SER P 69 -26.26 -30.99 14.62
CA SER P 69 -26.52 -30.02 13.57
C SER P 69 -27.03 -28.72 14.20
N LEU P 70 -26.98 -27.63 13.42
CA LEU P 70 -27.39 -26.31 13.88
C LEU P 70 -28.91 -26.19 13.82
N ASN P 71 -29.52 -25.84 14.95
CA ASN P 71 -30.97 -25.74 15.06
C ASN P 71 -31.41 -24.28 15.11
N TRP P 72 -30.52 -23.40 15.58
CA TRP P 72 -30.79 -21.97 15.69
C TRP P 72 -29.59 -21.15 15.23
N THR P 73 -29.87 -19.99 14.62
CA THR P 73 -28.86 -19.07 14.11
C THR P 73 -29.24 -17.65 14.51
N ALA P 74 -28.25 -16.88 14.98
CA ALA P 74 -28.43 -15.51 15.44
C ALA P 74 -27.53 -14.56 14.66
N ILE P 75 -28.13 -13.48 14.13
CA ILE P 75 -27.44 -12.50 13.30
C ILE P 75 -27.57 -11.12 13.95
N TYR P 76 -26.42 -10.48 14.20
CA TYR P 76 -26.35 -9.14 14.78
C TYR P 76 -26.34 -8.10 13.66
N VAL P 77 -27.29 -7.16 13.74
CA VAL P 77 -27.53 -6.18 12.68
C VAL P 77 -27.58 -4.77 13.29
N THR P 78 -26.84 -3.84 12.65
CA THR P 78 -26.86 -2.42 12.97
C THR P 78 -27.05 -1.61 11.69
N LEU P 79 -27.37 -0.32 11.85
CA LEU P 79 -27.41 0.63 10.75
C LEU P 79 -26.01 1.14 10.43
N ASN P 80 -25.86 1.68 9.22
CA ASN P 80 -24.64 2.34 8.77
C ASN P 80 -24.60 3.76 9.34
N THR P 81 -23.41 4.39 9.27
CA THR P 81 -23.20 5.73 9.81
C THR P 81 -23.84 6.76 8.90
N GLY P 82 -24.68 7.62 9.52
CA GLY P 82 -25.40 8.68 8.83
C GLY P 82 -26.50 8.13 7.92
N SER P 83 -27.32 7.23 8.48
CA SER P 83 -28.37 6.55 7.73
C SER P 83 -29.75 6.96 8.24
N SER P 84 -30.72 6.97 7.33
CA SER P 84 -32.12 7.22 7.63
C SER P 84 -32.73 5.97 8.28
N PRO P 85 -33.77 6.10 9.15
CA PRO P 85 -34.40 4.95 9.79
C PRO P 85 -34.95 3.91 8.83
N VAL P 86 -34.88 2.63 9.25
CA VAL P 86 -35.32 1.48 8.46
C VAL P 86 -36.37 0.73 9.25
N ASP P 87 -37.51 0.47 8.59
CA ASP P 87 -38.58 -0.37 9.13
C ASP P 87 -38.29 -1.82 8.76
N LEU P 88 -38.29 -2.70 9.77
CA LEU P 88 -37.89 -4.09 9.63
C LEU P 88 -39.02 -4.94 9.09
N SER P 89 -40.24 -4.38 9.04
CA SER P 89 -41.43 -5.06 8.54
C SER P 89 -41.41 -5.16 7.01
N ASN P 90 -40.68 -4.23 6.37
CA ASN P 90 -40.55 -4.17 4.92
C ASN P 90 -39.21 -4.77 4.48
N VAL P 91 -38.54 -5.47 5.40
CA VAL P 91 -37.24 -6.07 5.15
C VAL P 91 -37.43 -7.56 4.83
N SER P 92 -36.78 -8.00 3.74
CA SER P 92 -36.79 -9.40 3.31
C SER P 92 -35.39 -9.99 3.45
N LEU P 93 -35.34 -11.23 3.95
CA LEU P 93 -34.09 -11.95 4.17
C LEU P 93 -34.01 -13.15 3.24
N SER P 94 -32.91 -13.23 2.47
CA SER P 94 -32.65 -14.31 1.54
C SER P 94 -31.52 -15.19 2.08
N LEU P 95 -31.65 -16.51 1.87
CA LEU P 95 -30.65 -17.49 2.27
C LEU P 95 -30.60 -18.61 1.23
N GLU P 96 -29.38 -19.07 0.94
CA GLU P 96 -29.13 -20.15 0.00
C GLU P 96 -28.30 -21.24 0.67
N TYR P 97 -28.84 -22.47 0.67
CA TYR P 97 -28.21 -23.61 1.29
C TYR P 97 -28.65 -24.90 0.59
N GLN P 98 -27.68 -25.61 0.01
CA GLN P 98 -27.81 -26.95 -0.56
C GLN P 98 -28.99 -27.02 -1.54
N GLY P 99 -29.03 -26.06 -2.48
CA GLY P 99 -30.02 -26.02 -3.53
C GLY P 99 -31.42 -25.69 -3.01
N GLN P 100 -31.47 -24.75 -2.06
CA GLN P 100 -32.72 -24.26 -1.49
C GLN P 100 -32.57 -22.76 -1.21
N LEU P 101 -33.39 -21.96 -1.91
CA LEU P 101 -33.36 -20.51 -1.80
C LEU P 101 -34.58 -20.05 -0.99
N ALA P 102 -34.32 -19.57 0.22
CA ALA P 102 -35.35 -19.17 1.16
C ALA P 102 -35.58 -17.66 1.09
N SER P 103 -36.81 -17.24 1.40
CA SER P 103 -37.18 -15.84 1.53
C SER P 103 -38.05 -15.66 2.78
N LEU P 104 -37.47 -15.06 3.81
CA LEU P 104 -38.09 -14.95 5.12
C LEU P 104 -38.58 -13.53 5.36
N LYS P 105 -39.68 -13.40 6.10
CA LYS P 105 -40.40 -12.14 6.28
C LYS P 105 -40.99 -12.08 7.68
N TYR P 106 -40.89 -10.90 8.30
CA TYR P 106 -41.47 -10.64 9.61
C TYR P 106 -42.88 -10.05 9.46
N THR P 107 -43.81 -10.54 10.29
CA THR P 107 -45.18 -10.07 10.31
C THR P 107 -45.45 -9.33 11.61
N PRO P 108 -45.79 -8.01 11.57
CA PRO P 108 -46.09 -7.23 12.78
C PRO P 108 -47.48 -7.56 13.35
N ALA P 109 -47.53 -7.66 14.68
CA ALA P 109 -48.75 -7.95 15.42
C ALA P 109 -48.66 -7.38 16.84
N THR P 110 -49.83 -7.17 17.45
CA THR P 110 -49.93 -6.70 18.83
C THR P 110 -49.65 -7.84 19.79
N THR P 111 -50.25 -9.01 19.51
CA THR P 111 -50.06 -10.23 20.27
C THR P 111 -49.67 -11.37 19.34
N ASN P 112 -48.95 -12.36 19.89
CA ASN P 112 -48.49 -13.56 19.20
C ASN P 112 -47.51 -13.19 18.09
N ALA P 113 -46.63 -12.21 18.37
CA ALA P 113 -45.61 -11.76 17.43
C ALA P 113 -44.24 -12.20 17.92
N SER P 114 -43.40 -12.63 16.97
CA SER P 114 -42.04 -13.07 17.26
C SER P 114 -41.15 -11.86 17.56
N PHE P 115 -41.25 -11.37 18.80
CA PHE P 115 -40.60 -10.15 19.25
C PHE P 115 -40.29 -10.27 20.74
N ALA P 116 -39.09 -9.82 21.13
CA ALA P 116 -38.64 -9.85 22.51
C ALA P 116 -37.76 -8.63 22.80
N VAL P 117 -37.89 -8.09 24.01
CA VAL P 117 -37.09 -6.95 24.48
C VAL P 117 -36.09 -7.46 25.51
N ASP P 118 -34.81 -7.15 25.28
CA ASP P 118 -33.72 -7.58 26.14
C ASP P 118 -32.65 -6.49 26.16
N THR P 119 -33.01 -5.32 26.73
CA THR P 119 -32.17 -4.15 26.75
C THR P 119 -31.45 -4.01 28.09
N ASN P 120 -31.95 -4.72 29.10
CA ASN P 120 -31.45 -4.64 30.47
C ASN P 120 -30.27 -5.59 30.67
N GLY P 121 -30.06 -6.49 29.70
CA GLY P 121 -28.97 -7.46 29.74
C GLY P 121 -29.48 -8.88 30.01
N THR P 122 -28.69 -9.86 29.58
CA THR P 122 -29.04 -11.27 29.72
C THR P 122 -27.79 -12.12 29.94
N SER P 123 -27.96 -13.23 30.67
CA SER P 123 -26.91 -14.20 30.91
C SER P 123 -26.81 -15.18 29.75
N ASN P 124 -27.93 -15.34 29.02
CA ASN P 124 -28.00 -16.18 27.84
C ASN P 124 -28.94 -15.55 26.82
N VAL P 125 -28.45 -15.43 25.57
CA VAL P 125 -29.22 -14.85 24.47
C VAL P 125 -30.24 -15.87 23.98
N PHE P 126 -29.84 -17.15 23.98
CA PHE P 126 -30.65 -18.25 23.47
C PHE P 126 -31.69 -18.70 24.51
N SER P 127 -31.93 -17.87 25.52
CA SER P 127 -32.91 -18.16 26.57
C SER P 127 -34.20 -17.38 26.35
N VAL P 128 -34.25 -16.61 25.25
CA VAL P 128 -35.40 -15.78 24.90
C VAL P 128 -36.43 -16.60 24.13
N LEU P 129 -36.12 -17.89 23.93
CA LEU P 129 -36.99 -18.83 23.24
C LEU P 129 -38.16 -19.23 24.14
N ASN P 130 -37.95 -19.12 25.45
CA ASN P 130 -38.92 -19.51 26.46
C ASN P 130 -39.73 -18.30 26.92
N ALA P 131 -39.44 -17.12 26.34
CA ALA P 131 -40.09 -15.87 26.70
C ALA P 131 -41.52 -15.83 26.16
N GLY P 132 -42.43 -15.26 26.97
CA GLY P 132 -43.84 -15.16 26.63
C GLY P 132 -44.12 -14.05 25.62
N VAL P 133 -44.99 -14.36 24.65
CA VAL P 133 -45.36 -13.42 23.60
C VAL P 133 -46.87 -13.19 23.59
N GLY P 134 -47.63 -14.20 24.05
CA GLY P 134 -49.08 -14.15 24.07
C GLY P 134 -49.69 -15.09 25.09
N TYR P 135 -51.03 -15.20 25.05
CA TYR P 135 -51.80 -16.03 25.96
C TYR P 135 -52.48 -17.16 25.18
N LYS P 136 -52.57 -18.33 25.80
CA LYS P 136 -53.23 -19.51 25.24
C LYS P 136 -54.72 -19.22 25.06
N ASN P 137 -55.34 -18.76 26.16
CA ASN P 137 -56.75 -18.41 26.20
C ASN P 137 -56.92 -17.16 27.06
N SER P 138 -58.16 -16.91 27.52
CA SER P 138 -58.50 -15.72 28.28
C SER P 138 -58.23 -15.93 29.77
N THR P 139 -58.01 -17.19 30.17
CA THR P 139 -57.92 -17.58 31.57
C THR P 139 -56.47 -17.49 32.06
N ALA P 140 -55.55 -17.18 31.15
CA ALA P 140 -54.12 -17.09 31.44
C ALA P 140 -53.83 -15.82 32.25
N THR P 141 -53.11 -15.99 33.35
CA THR P 141 -52.71 -14.90 34.23
C THR P 141 -51.46 -14.22 33.67
N PHE P 142 -50.52 -15.03 33.17
CA PHE P 142 -49.28 -14.56 32.58
C PHE P 142 -49.16 -15.06 31.14
N LYS P 143 -48.22 -14.46 30.39
CA LYS P 143 -47.95 -14.84 29.01
C LYS P 143 -47.30 -16.22 28.98
N ASN P 144 -48.01 -17.18 28.38
CA ASN P 144 -47.65 -18.59 28.47
C ASN P 144 -47.41 -19.19 27.08
N VAL P 145 -47.54 -18.35 26.04
CA VAL P 145 -47.18 -18.74 24.68
C VAL P 145 -45.72 -18.33 24.45
N GLU P 146 -44.88 -19.33 24.17
CA GLU P 146 -43.44 -19.15 24.04
C GLU P 146 -43.08 -18.70 22.63
N LEU P 147 -41.84 -18.22 22.47
CA LEU P 147 -41.33 -17.64 21.23
C LEU P 147 -41.03 -18.74 20.21
N LYS P 148 -40.84 -19.98 20.70
CA LYS P 148 -40.57 -21.15 19.88
C LYS P 148 -41.79 -21.51 19.03
N ASN P 149 -42.98 -21.28 19.59
CA ASN P 149 -44.23 -21.78 19.06
C ASN P 149 -44.72 -20.93 17.89
N VAL P 150 -44.12 -19.75 17.70
CA VAL P 150 -44.53 -18.81 16.67
C VAL P 150 -43.48 -18.74 15.56
N THR P 151 -42.21 -18.99 15.91
CA THR P 151 -41.11 -18.94 14.97
C THR P 151 -41.03 -20.26 14.21
N LYS P 152 -41.28 -20.18 12.89
CA LYS P 152 -41.40 -21.36 12.03
C LYS P 152 -40.41 -21.28 10.87
N SER P 153 -40.88 -21.69 9.67
CA SER P 153 -40.02 -21.90 8.52
C SER P 153 -40.13 -20.76 7.50
N THR P 154 -40.99 -19.78 7.80
CA THR P 154 -41.30 -18.70 6.86
C THR P 154 -40.94 -17.34 7.46
N ASN P 155 -40.76 -17.30 8.78
CA ASN P 155 -40.60 -16.04 9.51
C ASN P 155 -39.33 -16.07 10.37
N PHE P 156 -38.90 -14.88 10.80
CA PHE P 156 -37.79 -14.71 11.73
C PHE P 156 -38.25 -13.89 12.94
N ALA P 157 -37.49 -13.99 14.04
CA ALA P 157 -37.78 -13.27 15.28
C ALA P 157 -36.81 -12.10 15.43
N ILE P 158 -37.28 -11.04 16.12
CA ILE P 158 -36.47 -9.86 16.41
C ILE P 158 -36.29 -9.75 17.92
N VAL P 159 -35.02 -9.68 18.35
CA VAL P 159 -34.64 -9.49 19.74
C VAL P 159 -33.84 -8.20 19.84
N VAL P 160 -34.31 -7.28 20.69
CA VAL P 160 -33.70 -5.96 20.84
C VAL P 160 -32.58 -6.04 21.89
N ILE P 161 -31.42 -5.48 21.53
CA ILE P 161 -30.26 -5.42 22.41
C ILE P 161 -30.09 -4.00 22.91
N ARG P 162 -30.05 -3.04 21.98
CA ARG P 162 -29.94 -1.62 22.29
C ARG P 162 -31.07 -0.86 21.62
N ASP P 163 -31.66 0.08 22.36
CA ASP P 163 -32.71 0.96 21.87
C ASP P 163 -32.67 2.27 22.68
N PRO P 164 -31.88 3.28 22.25
CA PRO P 164 -31.72 4.52 23.00
C PRO P 164 -32.93 5.45 22.98
N SER P 165 -33.70 5.42 21.90
CA SER P 165 -34.77 6.38 21.66
C SER P 165 -36.16 5.74 21.75
N ASN P 166 -36.19 4.42 22.02
CA ASN P 166 -37.39 3.62 22.17
C ASN P 166 -38.23 3.68 20.88
N SER P 167 -37.65 3.14 19.81
CA SER P 167 -38.25 3.21 18.47
C SER P 167 -38.71 1.82 18.01
N LEU P 168 -38.31 0.78 18.74
CA LEU P 168 -38.59 -0.60 18.37
C LEU P 168 -39.76 -1.14 19.20
N THR P 169 -40.84 -1.52 18.49
CA THR P 169 -42.01 -2.17 19.07
C THR P 169 -42.40 -3.36 18.20
N SER P 170 -43.31 -4.20 18.72
CA SER P 170 -43.79 -5.39 18.03
C SER P 170 -44.66 -5.01 16.83
N SER P 171 -45.36 -3.88 16.94
CA SER P 171 -46.22 -3.35 15.88
C SER P 171 -45.40 -2.56 14.87
N HIS P 172 -44.44 -1.75 15.38
CA HIS P 172 -43.61 -0.91 14.55
C HIS P 172 -42.14 -1.11 14.91
N PRO P 173 -41.42 -2.08 14.27
CA PRO P 173 -39.99 -2.27 14.51
C PRO P 173 -39.12 -1.37 13.64
N VAL P 174 -38.93 -0.12 14.10
CA VAL P 174 -38.17 0.88 13.38
C VAL P 174 -36.78 0.98 14.02
N LEU P 175 -35.75 0.73 13.19
CA LEU P 175 -34.36 0.77 13.60
C LEU P 175 -33.81 2.17 13.38
N THR P 176 -33.25 2.76 14.45
CA THR P 176 -32.73 4.12 14.44
C THR P 176 -31.23 4.12 14.75
N THR P 177 -30.66 5.32 14.91
CA THR P 177 -29.25 5.52 15.16
C THR P 177 -28.90 5.10 16.59
N GLY P 178 -27.97 4.14 16.70
CA GLY P 178 -27.46 3.68 17.97
C GLY P 178 -28.13 2.40 18.46
N SER P 179 -29.07 1.88 17.67
CA SER P 179 -29.84 0.69 18.03
C SER P 179 -29.21 -0.57 17.43
N GLU P 180 -29.48 -1.71 18.07
CA GLU P 180 -28.94 -3.01 17.68
C GLU P 180 -29.98 -4.09 17.94
N VAL P 181 -30.15 -4.99 16.96
CA VAL P 181 -31.11 -6.08 17.03
C VAL P 181 -30.42 -7.40 16.68
N VAL P 182 -31.02 -8.51 17.16
CA VAL P 182 -30.61 -9.86 16.81
C VAL P 182 -31.78 -10.53 16.07
N ILE P 183 -31.47 -11.07 14.89
CA ILE P 183 -32.42 -11.81 14.07
C ILE P 183 -32.19 -13.30 14.30
N LEU P 184 -33.23 -13.99 14.79
CA LEU P 184 -33.20 -15.42 15.06
C LEU P 184 -33.94 -16.17 13.95
N VAL P 185 -33.28 -17.20 13.41
CA VAL P 185 -33.82 -18.04 12.36
C VAL P 185 -33.86 -19.48 12.89
N ASN P 186 -35.04 -20.11 12.79
CA ASN P 186 -35.22 -21.52 13.11
C ASN P 186 -34.67 -22.35 11.95
N THR P 187 -33.43 -22.82 12.13
CA THR P 187 -32.66 -23.49 11.09
C THR P 187 -33.19 -24.90 10.85
N SER P 188 -33.75 -25.50 11.90
CA SER P 188 -34.31 -26.85 11.86
C SER P 188 -35.65 -26.88 11.13
N ALA P 189 -36.26 -25.69 10.95
CA ALA P 189 -37.54 -25.55 10.29
C ALA P 189 -37.34 -25.24 8.80
N VAL P 190 -36.37 -24.37 8.50
CA VAL P 190 -36.15 -23.85 7.16
C VAL P 190 -35.42 -24.91 6.32
N PHE P 191 -34.25 -25.34 6.80
CA PHE P 191 -33.36 -26.22 6.05
C PHE P 191 -33.36 -27.63 6.63
N GLY P 192 -33.77 -27.75 7.89
CA GLY P 192 -33.79 -29.03 8.61
C GLY P 192 -32.42 -29.38 9.18
N GLY P 193 -31.70 -28.35 9.65
CA GLY P 193 -30.39 -28.50 10.27
C GLY P 193 -29.26 -28.33 9.25
N MET P 194 -28.33 -27.41 9.57
CA MET P 194 -27.13 -27.18 8.77
C MET P 194 -26.05 -28.17 9.18
N LYS P 195 -25.29 -28.63 8.18
CA LYS P 195 -24.31 -29.69 8.35
C LYS P 195 -22.89 -29.15 8.18
N GLN P 196 -21.90 -30.02 8.42
CA GLN P 196 -20.49 -29.66 8.45
C GLN P 196 -19.97 -29.42 7.04
N GLY P 197 -19.18 -28.34 6.89
CA GLY P 197 -18.46 -28.02 5.67
C GLY P 197 -19.39 -27.66 4.52
N GLN P 198 -20.35 -26.76 4.79
CA GLN P 198 -21.33 -26.33 3.80
C GLN P 198 -21.31 -24.80 3.71
N ALA P 199 -21.54 -24.30 2.48
CA ALA P 199 -21.49 -22.88 2.19
C ALA P 199 -22.88 -22.27 2.33
N VAL P 200 -22.95 -21.11 3.00
CA VAL P 200 -24.17 -20.36 3.21
C VAL P 200 -23.96 -18.95 2.65
N THR P 201 -24.87 -18.53 1.77
CA THR P 201 -24.83 -17.22 1.12
C THR P 201 -26.22 -16.60 1.16
N GLY P 202 -26.29 -15.31 1.51
CA GLY P 202 -27.56 -14.60 1.60
C GLY P 202 -27.40 -13.08 1.74
N GLN P 203 -28.54 -12.38 1.79
CA GLN P 203 -28.60 -10.92 1.87
C GLN P 203 -29.78 -10.50 2.74
N ILE P 204 -29.63 -9.33 3.39
CA ILE P 204 -30.72 -8.66 4.09
C ILE P 204 -31.08 -7.42 3.30
N ASN P 205 -32.23 -7.47 2.62
CA ASN P 205 -32.65 -6.43 1.68
C ASN P 205 -33.66 -5.50 2.33
N PRO P 206 -33.34 -4.20 2.52
CA PRO P 206 -34.34 -3.19 2.89
C PRO P 206 -35.11 -2.68 1.67
N SER P 207 -36.17 -1.91 1.93
CA SER P 207 -36.96 -1.29 0.88
C SER P 207 -36.18 -0.16 0.22
N VAL P 208 -35.54 0.67 1.05
CA VAL P 208 -34.67 1.76 0.61
C VAL P 208 -33.33 1.61 1.29
N GLY P 209 -32.26 1.53 0.49
CA GLY P 209 -30.89 1.48 0.98
C GLY P 209 -30.07 0.35 0.37
N SER P 210 -28.87 0.14 0.93
CA SER P 210 -27.93 -0.88 0.48
C SER P 210 -28.01 -2.10 1.39
N PRO P 211 -27.96 -3.34 0.84
CA PRO P 211 -28.13 -4.55 1.64
C PRO P 211 -26.92 -4.98 2.45
N GLY P 212 -27.17 -5.78 3.50
CA GLY P 212 -26.14 -6.42 4.29
C GLY P 212 -25.86 -7.83 3.80
N ILE P 213 -24.58 -8.20 3.77
CA ILE P 213 -24.11 -9.42 3.11
C ILE P 213 -23.84 -10.50 4.16
N ILE P 214 -24.36 -11.71 3.89
CA ILE P 214 -24.10 -12.90 4.68
C ILE P 214 -23.39 -13.92 3.80
N GLN P 215 -22.17 -14.30 4.21
CA GLN P 215 -21.38 -15.31 3.51
C GLN P 215 -20.41 -15.96 4.50
N PHE P 216 -20.62 -17.27 4.74
CA PHE P 216 -19.78 -18.07 5.62
C PHE P 216 -19.84 -19.54 5.22
N THR P 217 -18.79 -20.28 5.61
CA THR P 217 -18.74 -21.73 5.50
C THR P 217 -18.76 -22.31 6.91
N THR P 218 -19.64 -23.30 7.11
CA THR P 218 -19.80 -24.00 8.39
C THR P 218 -18.53 -24.79 8.71
N PRO P 219 -18.09 -24.84 9.99
CA PRO P 219 -16.87 -25.58 10.37
C PRO P 219 -16.88 -27.05 9.98
N SER P 220 -15.67 -27.61 9.83
CA SER P 220 -15.46 -28.98 9.38
C SER P 220 -15.95 -29.98 10.42
N ALA P 221 -15.82 -29.61 11.70
CA ALA P 221 -16.31 -30.42 12.81
C ALA P 221 -16.82 -29.50 13.93
N PHE P 222 -18.06 -29.77 14.37
CA PHE P 222 -18.67 -29.06 15.49
C PHE P 222 -18.15 -29.67 16.79
N THR P 223 -17.46 -28.85 17.59
CA THR P 223 -16.77 -29.30 18.79
C THR P 223 -17.41 -28.73 20.05
N GLU P 224 -18.07 -27.56 19.92
CA GLU P 224 -18.73 -26.90 21.03
C GLU P 224 -20.19 -26.61 20.67
N THR P 225 -20.98 -26.25 21.69
CA THR P 225 -22.42 -26.07 21.59
C THR P 225 -22.74 -24.78 20.81
N VAL P 226 -22.15 -23.66 21.24
CA VAL P 226 -22.31 -22.38 20.57
C VAL P 226 -21.01 -22.03 19.86
N MET P 227 -21.13 -21.72 18.55
CA MET P 227 -20.00 -21.46 17.69
C MET P 227 -20.18 -20.12 16.97
N GLU P 228 -19.05 -19.46 16.68
CA GLU P 228 -19.03 -18.25 15.87
C GLU P 228 -18.79 -18.66 14.42
N LEU P 229 -19.66 -18.15 13.52
CA LEU P 229 -19.66 -18.53 12.12
C LEU P 229 -19.03 -17.43 11.28
N GLN P 230 -19.44 -16.18 11.52
CA GLN P 230 -18.94 -15.02 10.79
C GLN P 230 -18.55 -13.93 11.80
N GLU Q 1 -58.86 46.31 -44.06
CA GLU Q 1 -58.80 46.26 -42.57
C GLU Q 1 -57.55 45.51 -42.13
N THR Q 2 -57.25 45.59 -40.83
CA THR Q 2 -56.06 45.01 -40.21
C THR Q 2 -56.18 43.48 -40.14
N GLY Q 3 -57.43 42.98 -40.22
CA GLY Q 3 -57.74 41.57 -40.11
C GLY Q 3 -57.10 40.71 -41.20
N ILE Q 4 -57.02 41.25 -42.41
CA ILE Q 4 -56.50 40.57 -43.58
C ILE Q 4 -54.98 40.42 -43.44
N GLY Q 5 -54.31 41.52 -43.07
CA GLY Q 5 -52.86 41.58 -42.96
C GLY Q 5 -52.30 40.72 -41.83
N THR Q 6 -53.10 40.56 -40.77
CA THR Q 6 -52.73 39.80 -39.57
C THR Q 6 -52.63 38.31 -39.91
N LEU Q 7 -53.55 37.82 -40.74
CA LEU Q 7 -53.66 36.42 -41.09
C LEU Q 7 -52.51 35.97 -41.99
N ILE Q 8 -52.05 36.88 -42.87
CA ILE Q 8 -51.01 36.60 -43.85
C ILE Q 8 -49.67 36.40 -43.13
N ILE Q 9 -49.39 37.28 -42.16
CA ILE Q 9 -48.14 37.26 -41.40
C ILE Q 9 -48.15 36.07 -40.43
N PHE Q 10 -49.35 35.70 -39.96
CA PHE Q 10 -49.55 34.59 -39.04
C PHE Q 10 -49.04 33.28 -39.64
N ILE Q 11 -49.34 33.05 -40.93
CA ILE Q 11 -48.94 31.86 -41.67
C ILE Q 11 -47.42 31.80 -41.74
N ALA Q 12 -46.79 32.96 -41.98
CA ALA Q 12 -45.35 33.09 -42.13
C ALA Q 12 -44.63 32.82 -40.80
N MET Q 13 -45.25 33.23 -39.69
CA MET Q 13 -44.70 33.09 -38.35
C MET Q 13 -44.63 31.62 -37.95
N VAL Q 14 -45.64 30.84 -38.38
CA VAL Q 14 -45.78 29.43 -38.04
C VAL Q 14 -44.70 28.64 -38.78
N LEU Q 15 -44.45 29.01 -40.05
CA LEU Q 15 -43.52 28.32 -40.93
C LEU Q 15 -42.08 28.53 -40.48
N VAL Q 16 -41.79 29.73 -39.94
CA VAL Q 16 -40.46 30.12 -39.50
C VAL Q 16 -40.10 29.35 -38.23
N ALA Q 17 -41.09 29.18 -37.33
CA ALA Q 17 -40.92 28.52 -36.05
C ALA Q 17 -40.67 27.02 -36.23
N ALA Q 18 -41.17 26.46 -37.34
CA ALA Q 18 -41.02 25.06 -37.68
C ALA Q 18 -39.58 24.77 -38.12
N VAL Q 19 -38.94 25.76 -38.76
CA VAL Q 19 -37.59 25.65 -39.30
C VAL Q 19 -36.59 25.50 -38.16
N ALA Q 20 -36.72 26.37 -37.14
CA ALA Q 20 -35.83 26.41 -35.99
C ALA Q 20 -35.97 25.16 -35.14
N ALA Q 21 -37.18 24.58 -35.15
CA ALA Q 21 -37.50 23.35 -34.44
C ALA Q 21 -36.77 22.17 -35.07
N THR Q 22 -36.68 22.18 -36.41
CA THR Q 22 -36.10 21.10 -37.20
C THR Q 22 -34.59 21.03 -36.99
N VAL Q 23 -33.95 22.20 -36.82
CA VAL Q 23 -32.51 22.33 -36.63
C VAL Q 23 -32.09 21.64 -35.34
N LEU Q 24 -32.85 21.88 -34.27
CA LEU Q 24 -32.53 21.43 -32.92
C LEU Q 24 -32.67 19.89 -32.81
N ILE Q 25 -33.66 19.34 -33.53
CA ILE Q 25 -33.93 17.91 -33.51
C ILE Q 25 -32.85 17.16 -34.29
N ASN Q 26 -32.49 17.70 -35.46
CA ASN Q 26 -31.53 17.08 -36.38
C ASN Q 26 -30.14 17.05 -35.78
N THR Q 27 -29.77 18.12 -35.05
CA THR Q 27 -28.46 18.28 -34.44
C THR Q 27 -28.31 17.30 -33.27
N ALA Q 28 -29.39 17.14 -32.49
CA ALA Q 28 -29.41 16.28 -31.31
C ALA Q 28 -29.32 14.81 -31.72
N GLY Q 29 -29.93 14.47 -32.87
CA GLY Q 29 -29.92 13.12 -33.42
C GLY Q 29 -28.53 12.73 -33.93
N SER Q 30 -27.79 13.71 -34.46
CA SER Q 30 -26.46 13.52 -35.00
C SER Q 30 -25.44 13.32 -33.87
N LEU Q 31 -25.62 14.05 -32.78
CA LEU Q 31 -24.72 14.03 -31.63
C LEU Q 31 -25.00 12.80 -30.76
N GLN Q 32 -26.19 12.21 -30.92
CA GLN Q 32 -26.63 11.05 -30.15
C GLN Q 32 -25.78 9.83 -30.49
N GLN Q 33 -25.56 9.60 -31.79
CA GLN Q 33 -24.91 8.41 -32.30
C GLN Q 33 -23.41 8.44 -32.02
N ARG Q 34 -22.84 9.66 -32.05
CA ARG Q 34 -21.41 9.86 -31.81
C ARG Q 34 -21.07 9.61 -30.35
N ALA Q 35 -21.92 10.12 -29.44
CA ALA Q 35 -21.69 10.03 -28.00
C ALA Q 35 -21.87 8.60 -27.50
N THR Q 36 -22.77 7.85 -28.15
CA THR Q 36 -23.07 6.46 -27.80
C THR Q 36 -21.90 5.55 -28.22
N SER Q 37 -21.37 5.80 -29.42
CA SER Q 37 -20.32 4.98 -30.02
C SER Q 37 -18.98 5.20 -29.31
N THR Q 38 -18.74 6.45 -28.85
CA THR Q 38 -17.50 6.84 -28.19
C THR Q 38 -17.40 6.14 -26.84
N GLY Q 39 -18.53 6.04 -26.12
CA GLY Q 39 -18.60 5.40 -24.81
C GLY Q 39 -18.31 3.90 -24.86
N SER Q 40 -18.85 3.23 -25.89
CA SER Q 40 -18.74 1.79 -26.07
C SER Q 40 -17.33 1.39 -26.52
N GLN Q 41 -16.71 2.25 -27.35
CA GLN Q 41 -15.39 2.00 -27.91
C GLN Q 41 -14.30 2.16 -26.84
N THR Q 42 -14.51 3.11 -25.92
CA THR Q 42 -13.57 3.41 -24.86
C THR Q 42 -13.59 2.31 -23.80
N THR Q 43 -14.77 1.75 -23.54
CA THR Q 43 -14.96 0.67 -22.58
C THR Q 43 -14.21 -0.58 -23.03
N ASN Q 44 -14.21 -0.83 -24.34
CA ASN Q 44 -13.51 -1.96 -24.95
C ASN Q 44 -12.00 -1.69 -24.95
N GLN Q 45 -11.62 -0.41 -25.06
CA GLN Q 45 -10.24 0.01 -25.20
C GLN Q 45 -9.46 -0.21 -23.90
N VAL Q 46 -10.12 0.07 -22.77
CA VAL Q 46 -9.49 0.03 -21.45
C VAL Q 46 -9.36 -1.42 -20.99
N SER Q 47 -10.42 -2.22 -21.20
CA SER Q 47 -10.55 -3.55 -20.64
C SER Q 47 -9.65 -4.56 -21.35
N THR Q 48 -9.46 -4.37 -22.67
CA THR Q 48 -8.73 -5.31 -23.52
C THR Q 48 -7.22 -5.14 -23.32
N GLY Q 49 -6.51 -6.28 -23.34
CA GLY Q 49 -5.06 -6.31 -23.23
C GLY Q 49 -4.49 -7.71 -23.40
N LEU Q 50 -3.19 -7.78 -23.72
CA LEU Q 50 -2.46 -9.03 -23.89
C LEU Q 50 -1.38 -9.12 -22.81
N ILE Q 51 -1.09 -10.36 -22.38
CA ILE Q 51 -0.09 -10.62 -21.35
C ILE Q 51 0.83 -11.76 -21.81
N VAL Q 52 2.13 -11.59 -21.51
CA VAL Q 52 3.17 -12.56 -21.81
C VAL Q 52 3.36 -13.46 -20.60
N GLN Q 53 3.34 -14.78 -20.82
CA GLN Q 53 3.45 -15.77 -19.77
C GLN Q 53 4.92 -16.11 -19.53
N SER Q 54 5.56 -16.73 -20.53
CA SER Q 54 6.95 -17.18 -20.44
C SER Q 54 7.59 -17.21 -21.82
N ILE Q 55 8.92 -17.01 -21.85
CA ILE Q 55 9.71 -17.01 -23.07
C ILE Q 55 10.80 -18.08 -22.96
N TYR Q 56 10.89 -18.92 -23.99
CA TYR Q 56 11.89 -19.98 -24.08
C TYR Q 56 12.73 -19.81 -25.34
N GLY Q 57 13.99 -20.26 -25.26
CA GLY Q 57 14.93 -20.20 -26.37
C GLY Q 57 15.62 -21.55 -26.61
N MET Q 58 16.12 -21.74 -27.84
CA MET Q 58 16.75 -22.98 -28.25
C MET Q 58 18.13 -22.67 -28.86
N ASP Q 59 19.16 -23.37 -28.37
CA ASP Q 59 20.53 -23.25 -28.83
C ASP Q 59 20.70 -24.01 -30.14
N ASN Q 60 21.63 -23.55 -30.98
CA ASN Q 60 21.81 -24.08 -32.33
C ASN Q 60 22.85 -25.21 -32.35
N ASN Q 61 23.61 -25.34 -31.25
CA ASN Q 61 24.62 -26.38 -31.12
C ASN Q 61 24.18 -27.39 -30.06
N ARG Q 62 24.14 -28.66 -30.45
CA ARG Q 62 23.70 -29.76 -29.60
C ARG Q 62 24.90 -30.43 -28.94
N SER Q 63 25.99 -30.57 -29.71
CA SER Q 63 27.20 -31.25 -29.27
C SER Q 63 27.90 -30.46 -28.15
N ASN Q 64 27.99 -29.14 -28.33
CA ASN Q 64 28.59 -28.24 -27.35
C ASN Q 64 27.78 -26.94 -27.32
N PRO Q 65 26.82 -26.80 -26.35
CA PRO Q 65 25.95 -25.61 -26.31
C PRO Q 65 26.62 -24.34 -25.80
N GLU Q 66 27.90 -24.46 -25.39
CA GLU Q 66 28.67 -23.37 -24.80
C GLU Q 66 29.06 -22.36 -25.88
N SER Q 67 29.35 -22.86 -27.09
CA SER Q 67 29.79 -22.03 -28.20
C SER Q 67 28.65 -21.86 -29.22
N GLY Q 68 27.40 -21.94 -28.73
CA GLY Q 68 26.22 -21.86 -29.57
C GLY Q 68 25.49 -20.53 -29.43
N SER Q 69 24.46 -20.35 -30.27
CA SER Q 69 23.59 -19.18 -30.26
C SER Q 69 22.14 -19.61 -30.42
N LEU Q 70 21.21 -18.71 -30.07
CA LEU Q 70 19.79 -18.98 -30.12
C LEU Q 70 19.29 -18.84 -31.55
N ASN Q 71 18.64 -19.90 -32.06
CA ASN Q 71 18.14 -19.94 -33.43
C ASN Q 71 16.62 -19.80 -33.47
N TRP Q 72 15.96 -20.19 -32.38
CA TRP Q 72 14.51 -20.10 -32.27
C TRP Q 72 14.09 -19.59 -30.88
N THR Q 73 13.00 -18.82 -30.85
CA THR Q 73 12.45 -18.24 -29.63
C THR Q 73 10.93 -18.44 -29.62
N ALA Q 74 10.40 -18.85 -28.47
CA ALA Q 74 8.98 -19.12 -28.29
C ALA Q 74 8.41 -18.26 -27.16
N ILE Q 75 7.29 -17.59 -27.45
CA ILE Q 75 6.64 -16.67 -26.52
C ILE Q 75 5.20 -17.13 -26.29
N TYR Q 76 4.85 -17.33 -25.02
CA TYR Q 76 3.52 -17.74 -24.59
C TYR Q 76 2.67 -16.51 -24.31
N VAL Q 77 1.51 -16.42 -24.98
CA VAL Q 77 0.65 -15.24 -24.96
C VAL Q 77 -0.78 -15.67 -24.62
N THR Q 78 -1.39 -14.94 -23.67
CA THR Q 78 -2.80 -15.08 -23.32
C THR Q 78 -3.46 -13.70 -23.27
N LEU Q 79 -4.80 -13.69 -23.24
CA LEU Q 79 -5.58 -12.48 -23.04
C LEU Q 79 -5.66 -12.15 -21.55
N ASN Q 80 -5.98 -10.88 -21.25
CA ASN Q 80 -6.22 -10.41 -19.90
C ASN Q 80 -7.65 -10.78 -19.49
N THR Q 81 -7.93 -10.69 -18.19
CA THR Q 81 -9.22 -11.06 -17.62
C THR Q 81 -10.27 -10.01 -17.97
N GLY Q 82 -11.38 -10.47 -18.56
CA GLY Q 82 -12.49 -9.63 -18.97
C GLY Q 82 -12.14 -8.76 -20.17
N SER Q 83 -11.57 -9.39 -21.20
CA SER Q 83 -11.09 -8.70 -22.39
C SER Q 83 -11.91 -9.11 -23.61
N SER Q 84 -12.05 -8.15 -24.55
CA SER Q 84 -12.69 -8.37 -25.83
C SER Q 84 -11.74 -9.16 -26.74
N PRO Q 85 -12.25 -9.95 -27.71
CA PRO Q 85 -11.40 -10.72 -28.63
C PRO Q 85 -10.42 -9.87 -29.44
N VAL Q 86 -9.24 -10.46 -29.70
CA VAL Q 86 -8.15 -9.80 -30.42
C VAL Q 86 -7.81 -10.64 -31.65
N ASP Q 87 -7.77 -9.98 -32.82
CA ASP Q 87 -7.32 -10.57 -34.06
C ASP Q 87 -5.81 -10.39 -34.17
N LEU Q 88 -5.10 -11.51 -34.39
CA LEU Q 88 -3.64 -11.56 -34.37
C LEU Q 88 -3.06 -11.09 -35.71
N SER Q 89 -3.91 -10.92 -36.72
CA SER Q 89 -3.49 -10.48 -38.05
C SER Q 89 -3.21 -8.98 -38.05
N ASN Q 90 -3.81 -8.25 -37.10
CA ASN Q 90 -3.64 -6.81 -36.96
C ASN Q 90 -2.66 -6.49 -35.82
N VAL Q 91 -1.93 -7.52 -35.37
CA VAL Q 91 -0.99 -7.41 -34.26
C VAL Q 91 0.42 -7.26 -34.84
N SER Q 92 1.16 -6.26 -34.33
CA SER Q 92 2.55 -6.01 -34.70
C SER Q 92 3.46 -6.28 -33.51
N LEU Q 93 4.60 -6.93 -33.79
CA LEU Q 93 5.58 -7.30 -32.78
C LEU Q 93 6.87 -6.53 -33.02
N SER Q 94 7.32 -5.82 -31.97
CA SER Q 94 8.55 -5.04 -32.00
C SER Q 94 9.62 -5.72 -31.14
N LEU Q 95 10.87 -5.67 -31.61
CA LEU Q 95 12.03 -6.23 -30.92
C LEU Q 95 13.24 -5.35 -31.15
N GLU Q 96 14.05 -5.16 -30.09
CA GLU Q 96 15.27 -4.37 -30.14
C GLU Q 96 16.43 -5.21 -29.62
N TYR Q 97 17.47 -5.35 -30.46
CA TYR Q 97 18.66 -6.13 -30.17
C TYR Q 97 19.85 -5.58 -30.93
N GLN Q 98 20.87 -5.13 -30.17
CA GLN Q 98 22.18 -4.73 -30.66
C GLN Q 98 22.08 -3.73 -31.80
N GLY Q 99 21.28 -2.67 -31.58
CA GLY Q 99 21.12 -1.59 -32.54
C GLY Q 99 20.36 -2.01 -33.79
N GLN Q 100 19.32 -2.84 -33.60
CA GLN Q 100 18.45 -3.29 -34.68
C GLN Q 100 17.02 -3.37 -34.14
N LEU Q 101 16.14 -2.54 -34.71
CA LEU Q 101 14.74 -2.48 -34.31
C LEU Q 101 13.89 -3.17 -35.36
N ALA Q 102 13.33 -4.33 -34.98
CA ALA Q 102 12.55 -5.17 -35.88
C ALA Q 102 11.06 -4.91 -35.70
N SER Q 103 10.29 -5.11 -36.79
CA SER Q 103 8.84 -5.05 -36.78
C SER Q 103 8.29 -6.23 -37.57
N LEU Q 104 7.72 -7.21 -36.84
CA LEU Q 104 7.28 -8.47 -37.42
C LEU Q 104 5.75 -8.49 -37.52
N LYS Q 105 5.24 -9.18 -38.55
CA LYS Q 105 3.84 -9.16 -38.91
C LYS Q 105 3.44 -10.53 -39.48
N TYR Q 106 2.25 -11.00 -39.08
CA TYR Q 106 1.67 -12.24 -39.57
C TYR Q 106 0.77 -11.97 -40.76
N THR Q 107 0.89 -12.81 -41.79
CA THR Q 107 0.08 -12.72 -43.00
C THR Q 107 -0.87 -13.91 -43.06
N PRO Q 108 -2.22 -13.68 -43.04
CA PRO Q 108 -3.19 -14.78 -43.14
C PRO Q 108 -3.33 -15.34 -44.55
N ALA Q 109 -3.41 -16.66 -44.64
CA ALA Q 109 -3.54 -17.39 -45.89
C ALA Q 109 -4.26 -18.72 -45.66
N THR Q 110 -4.85 -19.26 -46.74
CA THR Q 110 -5.51 -20.55 -46.71
C THR Q 110 -4.46 -21.66 -46.75
N THR Q 111 -3.46 -21.52 -47.64
CA THR Q 111 -2.35 -22.44 -47.77
C THR Q 111 -1.04 -21.66 -47.70
N ASN Q 112 0.02 -22.36 -47.26
CA ASN Q 112 1.38 -21.85 -47.13
C ASN Q 112 1.43 -20.73 -46.08
N ALA Q 113 0.68 -20.92 -44.99
CA ALA Q 113 0.64 -19.97 -43.88
C ALA Q 113 1.37 -20.57 -42.67
N SER Q 114 2.11 -19.72 -41.97
CA SER Q 114 2.86 -20.11 -40.78
C SER Q 114 1.89 -20.28 -39.60
N PHE Q 115 1.23 -21.45 -39.58
CA PHE Q 115 0.18 -21.77 -38.62
C PHE Q 115 0.18 -23.27 -38.37
N ALA Q 116 0.01 -23.65 -37.09
CA ALA Q 116 -0.04 -25.04 -36.66
C ALA Q 116 -1.00 -25.20 -35.49
N VAL Q 117 -1.71 -26.33 -35.47
CA VAL Q 117 -2.66 -26.68 -34.42
C VAL Q 117 -2.05 -27.80 -33.58
N ASP Q 118 -1.98 -27.58 -32.27
CA ASP Q 118 -1.40 -28.53 -31.33
C ASP Q 118 -2.17 -28.45 -30.01
N THR Q 119 -3.44 -28.85 -30.06
CA THR Q 119 -4.36 -28.75 -28.93
C THR Q 119 -4.48 -30.10 -28.20
N ASN Q 120 -4.06 -31.17 -28.88
CA ASN Q 120 -4.19 -32.53 -28.38
C ASN Q 120 -3.00 -32.89 -27.49
N GLY Q 121 -1.95 -32.06 -27.53
CA GLY Q 121 -0.75 -32.26 -26.74
C GLY Q 121 0.44 -32.69 -27.59
N THR Q 122 1.65 -32.42 -27.10
CA THR Q 122 2.89 -32.72 -27.80
C THR Q 122 3.99 -33.09 -26.81
N SER Q 123 4.91 -33.95 -27.28
CA SER Q 123 6.08 -34.36 -26.52
C SER Q 123 7.21 -33.33 -26.69
N ASN Q 124 7.16 -32.58 -27.80
CA ASN Q 124 8.10 -31.51 -28.08
C ASN Q 124 7.38 -30.39 -28.82
N VAL Q 125 7.55 -29.16 -28.31
CA VAL Q 125 6.95 -27.96 -28.89
C VAL Q 125 7.73 -27.56 -30.15
N PHE Q 126 9.06 -27.74 -30.11
CA PHE Q 126 9.95 -27.34 -31.18
C PHE Q 126 9.99 -28.39 -32.30
N SER Q 127 8.98 -29.29 -32.32
CA SER Q 127 8.88 -30.32 -33.33
C SER Q 127 7.82 -29.95 -34.38
N VAL Q 128 7.21 -28.77 -34.22
CA VAL Q 128 6.17 -28.28 -35.11
C VAL Q 128 6.79 -27.58 -36.31
N LEU Q 129 8.13 -27.55 -36.36
CA LEU Q 129 8.89 -26.95 -37.44
C LEU Q 129 8.85 -27.85 -38.67
N ASN Q 130 8.62 -29.15 -38.44
CA ASN Q 130 8.61 -30.16 -39.49
C ASN Q 130 7.18 -30.44 -39.96
N ALA Q 131 6.21 -29.72 -39.37
CA ALA Q 131 4.80 -29.90 -39.66
C ALA Q 131 4.45 -29.30 -41.02
N GLY Q 132 3.57 -29.98 -41.76
CA GLY Q 132 3.14 -29.60 -43.09
C GLY Q 132 2.14 -28.44 -43.06
N VAL Q 133 2.34 -27.49 -43.99
CA VAL Q 133 1.48 -26.31 -44.09
C VAL Q 133 0.88 -26.22 -45.49
N GLY Q 134 1.59 -26.76 -46.49
CA GLY Q 134 1.15 -26.72 -47.88
C GLY Q 134 1.77 -27.84 -48.72
N TYR Q 135 1.52 -27.76 -50.04
CA TYR Q 135 2.01 -28.74 -51.00
C TYR Q 135 3.00 -28.08 -51.95
N LYS Q 136 4.03 -28.84 -52.35
CA LYS Q 136 5.04 -28.41 -53.29
C LYS Q 136 4.41 -28.15 -54.65
N ASN Q 137 3.66 -29.15 -55.13
CA ASN Q 137 2.95 -29.10 -56.40
C ASN Q 137 1.59 -29.78 -56.25
N SER Q 138 0.97 -30.15 -57.38
CA SER Q 138 -0.35 -30.75 -57.40
C SER Q 138 -0.29 -32.26 -57.18
N THR Q 139 0.93 -32.83 -57.32
CA THR Q 139 1.14 -34.26 -57.33
C THR Q 139 1.37 -34.80 -55.91
N ALA Q 140 1.43 -33.88 -54.93
CA ALA Q 140 1.67 -34.22 -53.54
C ALA Q 140 0.43 -34.87 -52.92
N THR Q 141 0.64 -36.01 -52.27
CA THR Q 141 -0.41 -36.76 -51.61
C THR Q 141 -0.67 -36.17 -50.22
N PHE Q 142 0.42 -35.81 -49.53
CA PHE Q 142 0.37 -35.21 -48.20
C PHE Q 142 1.07 -33.85 -48.21
N LYS Q 143 0.85 -33.07 -47.16
CA LYS Q 143 1.46 -31.76 -46.99
C LYS Q 143 2.94 -31.92 -46.71
N ASN Q 144 3.76 -31.44 -47.65
CA ASN Q 144 5.20 -31.71 -47.67
C ASN Q 144 6.01 -30.41 -47.60
N VAL Q 145 5.31 -29.27 -47.50
CA VAL Q 145 5.96 -27.99 -47.25
C VAL Q 145 5.98 -27.77 -45.73
N GLU Q 146 7.19 -27.65 -45.19
CA GLU Q 146 7.41 -27.55 -43.75
C GLU Q 146 7.26 -26.10 -43.28
N LEU Q 147 7.14 -25.93 -41.96
CA LEU Q 147 6.89 -24.65 -41.31
C LEU Q 147 8.16 -23.79 -41.31
N LYS Q 148 9.33 -24.43 -41.46
CA LYS Q 148 10.62 -23.78 -41.49
C LYS Q 148 10.76 -22.93 -42.76
N ASN Q 149 10.15 -23.41 -43.85
CA ASN Q 149 10.38 -22.90 -45.20
C ASN Q 149 9.59 -21.62 -45.44
N VAL Q 150 8.64 -21.32 -44.55
CA VAL Q 150 7.78 -20.15 -44.69
C VAL Q 150 8.12 -19.08 -43.66
N THR Q 151 8.65 -19.52 -42.49
CA THR Q 151 9.01 -18.61 -41.42
C THR Q 151 10.40 -18.02 -41.69
N LYS Q 152 10.43 -16.70 -41.90
CA LYS Q 152 11.63 -16.00 -42.33
C LYS Q 152 11.97 -14.87 -41.35
N SER Q 153 12.39 -13.72 -41.90
CA SER Q 153 12.97 -12.63 -41.12
C SER Q 153 12.00 -11.48 -40.94
N THR Q 154 10.79 -11.61 -41.51
CA THR Q 154 9.80 -10.54 -41.52
C THR Q 154 8.51 -10.97 -40.82
N ASN Q 155 8.35 -12.29 -40.62
CA ASN Q 155 7.10 -12.85 -40.14
C ASN Q 155 7.34 -13.76 -38.93
N PHE Q 156 6.26 -14.05 -38.20
CA PHE Q 156 6.26 -15.00 -37.10
C PHE Q 156 5.19 -16.07 -37.32
N ALA Q 157 5.34 -17.21 -36.62
CA ALA Q 157 4.42 -18.33 -36.70
C ALA Q 157 3.52 -18.37 -35.47
N ILE Q 158 2.31 -18.90 -35.64
CA ILE Q 158 1.34 -19.06 -34.56
C ILE Q 158 1.09 -20.55 -34.35
N VAL Q 159 1.30 -21.02 -33.12
CA VAL Q 159 1.03 -22.39 -32.72
C VAL Q 159 0.00 -22.36 -31.58
N VAL Q 160 -1.13 -23.06 -31.79
CA VAL Q 160 -2.24 -23.08 -30.87
C VAL Q 160 -2.00 -24.16 -29.82
N ILE Q 161 -2.19 -23.79 -28.55
CA ILE Q 161 -2.06 -24.69 -27.42
C ILE Q 161 -3.45 -25.02 -26.87
N ARG Q 162 -4.24 -23.97 -26.58
CA ARG Q 162 -5.60 -24.11 -26.10
C ARG Q 162 -6.54 -23.29 -26.99
N ASP Q 163 -7.69 -23.90 -27.33
CA ASP Q 163 -8.74 -23.26 -28.09
C ASP Q 163 -10.08 -23.89 -27.72
N PRO Q 164 -10.79 -23.37 -26.68
CA PRO Q 164 -12.04 -23.96 -26.20
C PRO Q 164 -13.24 -23.79 -27.13
N SER Q 165 -13.26 -22.68 -27.88
CA SER Q 165 -14.43 -22.28 -28.65
C SER Q 165 -14.18 -22.41 -30.17
N ASN Q 166 -12.97 -22.84 -30.54
CA ASN Q 166 -12.54 -23.04 -31.92
C ASN Q 166 -12.65 -21.73 -32.69
N SER Q 167 -11.84 -20.74 -32.28
CA SER Q 167 -11.89 -19.40 -32.83
C SER Q 167 -10.63 -19.09 -33.65
N LEU Q 168 -9.62 -19.96 -33.54
CA LEU Q 168 -8.33 -19.76 -34.18
C LEU Q 168 -8.22 -20.61 -35.44
N THR Q 169 -8.04 -19.91 -36.58
CA THR Q 169 -7.81 -20.53 -37.87
C THR Q 169 -6.65 -19.80 -38.56
N SER Q 170 -6.16 -20.39 -39.67
CA SER Q 170 -5.05 -19.84 -40.44
C SER Q 170 -5.49 -18.57 -41.17
N SER Q 171 -6.76 -18.51 -41.55
CA SER Q 171 -7.35 -17.36 -42.24
C SER Q 171 -7.76 -16.29 -41.24
N HIS Q 172 -8.35 -16.72 -40.11
CA HIS Q 172 -8.83 -15.82 -39.07
C HIS Q 172 -8.29 -16.26 -37.71
N PRO Q 173 -7.10 -15.78 -37.27
CA PRO Q 173 -6.57 -16.10 -35.95
C PRO Q 173 -7.10 -15.15 -34.87
N VAL Q 174 -8.30 -15.45 -34.36
CA VAL Q 174 -8.96 -14.64 -33.35
C VAL Q 174 -8.79 -15.31 -31.99
N LEU Q 175 -8.18 -14.57 -31.06
CA LEU Q 175 -7.90 -15.03 -29.71
C LEU Q 175 -9.07 -14.65 -28.80
N THR Q 176 -9.62 -15.65 -28.11
CA THR Q 176 -10.80 -15.49 -27.26
C THR Q 176 -10.44 -15.85 -25.82
N THR Q 177 -11.47 -15.89 -24.95
CA THR Q 177 -11.31 -16.16 -23.53
C THR Q 177 -11.01 -17.64 -23.32
N GLY Q 178 -9.86 -17.91 -22.67
CA GLY Q 178 -9.45 -19.25 -22.30
C GLY Q 178 -8.47 -19.88 -23.29
N SER Q 179 -8.11 -19.13 -24.33
CA SER Q 179 -7.22 -19.60 -25.39
C SER Q 179 -5.78 -19.18 -25.11
N GLU Q 180 -4.84 -19.96 -25.67
CA GLU Q 180 -3.41 -19.76 -25.48
C GLU Q 180 -2.67 -20.11 -26.78
N VAL Q 181 -1.74 -19.23 -27.17
CA VAL Q 181 -0.95 -19.42 -28.39
C VAL Q 181 0.54 -19.26 -28.07
N VAL Q 182 1.38 -19.85 -28.94
CA VAL Q 182 2.82 -19.69 -28.91
C VAL Q 182 3.26 -18.99 -30.19
N ILE Q 183 4.01 -17.89 -30.05
CA ILE Q 183 4.57 -17.15 -31.16
C ILE Q 183 6.04 -17.58 -31.33
N LEU Q 184 6.35 -18.11 -32.52
CA LEU Q 184 7.69 -18.55 -32.86
C LEU Q 184 8.37 -17.53 -33.77
N VAL Q 185 9.59 -17.15 -33.40
CA VAL Q 185 10.40 -16.19 -34.15
C VAL Q 185 11.70 -16.89 -34.56
N ASN Q 186 12.00 -16.83 -35.87
CA ASN Q 186 13.26 -17.32 -36.42
C ASN Q 186 14.34 -16.30 -36.10
N THR Q 187 15.10 -16.57 -35.03
CA THR Q 187 16.07 -15.66 -34.45
C THR Q 187 17.32 -15.58 -35.34
N SER Q 188 17.61 -16.68 -36.05
CA SER Q 188 18.76 -16.78 -36.93
C SER Q 188 18.53 -16.02 -38.23
N ALA Q 189 17.26 -15.67 -38.50
CA ALA Q 189 16.87 -14.95 -39.70
C ALA Q 189 16.83 -13.44 -39.42
N VAL Q 190 16.29 -13.06 -38.26
CA VAL Q 190 16.04 -11.68 -37.91
C VAL Q 190 17.34 -11.01 -37.48
N PHE Q 191 18.00 -11.58 -36.46
CA PHE Q 191 19.17 -10.98 -35.84
C PHE Q 191 20.44 -11.73 -36.22
N GLY Q 192 20.28 -12.99 -36.64
CA GLY Q 192 21.40 -13.85 -37.00
C GLY Q 192 22.02 -14.52 -35.77
N GLY Q 193 21.16 -14.89 -34.80
CA GLY Q 193 21.57 -15.56 -33.59
C GLY Q 193 21.82 -14.57 -32.45
N MET Q 194 21.16 -14.81 -31.31
CA MET Q 194 21.35 -14.03 -30.10
C MET Q 194 22.53 -14.61 -29.31
N LYS Q 195 23.30 -13.70 -28.69
CA LYS Q 195 24.55 -14.04 -28.02
C LYS Q 195 24.41 -13.86 -26.51
N GLN Q 196 25.48 -14.24 -25.79
CA GLN Q 196 25.50 -14.28 -24.33
C GLN Q 196 25.60 -12.87 -23.76
N GLY Q 197 24.79 -12.62 -22.72
CA GLY Q 197 24.82 -11.39 -21.93
C GLY Q 197 24.40 -10.17 -22.73
N GLN Q 198 23.25 -10.29 -23.43
CA GLN Q 198 22.71 -9.23 -24.25
C GLN Q 198 21.27 -8.93 -23.84
N ALA Q 199 20.89 -7.65 -23.91
CA ALA Q 199 19.58 -7.18 -23.50
C ALA Q 199 18.61 -7.19 -24.67
N VAL Q 200 17.41 -7.71 -24.43
CA VAL Q 200 16.33 -7.77 -25.42
C VAL Q 200 15.11 -7.06 -24.84
N THR Q 201 14.59 -6.08 -25.61
CA THR Q 201 13.44 -5.28 -25.22
C THR Q 201 12.47 -5.18 -26.40
N GLY Q 202 11.18 -5.37 -26.13
CA GLY Q 202 10.16 -5.32 -27.16
C GLY Q 202 8.73 -5.27 -26.60
N GLN Q 203 7.76 -5.19 -27.52
CA GLN Q 203 6.34 -5.09 -27.20
C GLN Q 203 5.51 -5.85 -28.23
N ILE Q 204 4.35 -6.35 -27.78
CA ILE Q 204 3.33 -6.93 -28.65
C ILE Q 204 2.14 -5.96 -28.68
N ASN Q 205 1.98 -5.25 -29.80
CA ASN Q 205 1.00 -4.18 -29.92
C ASN Q 205 -0.24 -4.66 -30.66
N PRO Q 206 -1.43 -4.71 -30.00
CA PRO Q 206 -2.70 -4.91 -30.69
C PRO Q 206 -3.22 -3.61 -31.30
N SER Q 207 -4.27 -3.72 -32.12
CA SER Q 207 -4.93 -2.58 -32.73
C SER Q 207 -5.72 -1.80 -31.67
N VAL Q 208 -6.46 -2.55 -30.83
CA VAL Q 208 -7.22 -2.00 -29.72
C VAL Q 208 -6.80 -2.75 -28.45
N GLY Q 209 -6.35 -2.00 -27.44
CA GLY Q 209 -6.02 -2.55 -26.14
C GLY Q 209 -4.64 -2.12 -25.64
N SER Q 210 -4.20 -2.75 -24.55
CA SER Q 210 -2.92 -2.46 -23.90
C SER Q 210 -1.88 -3.52 -24.30
N PRO Q 211 -0.62 -3.13 -24.58
CA PRO Q 211 0.39 -4.07 -25.08
C PRO Q 211 1.02 -4.97 -24.00
N GLY Q 212 1.57 -6.10 -24.47
CA GLY Q 212 2.35 -7.02 -23.64
C GLY Q 212 3.84 -6.71 -23.75
N ILE Q 213 4.53 -6.78 -22.60
CA ILE Q 213 5.90 -6.30 -22.47
C ILE Q 213 6.87 -7.48 -22.50
N ILE Q 214 7.92 -7.35 -23.31
CA ILE Q 214 9.02 -8.29 -23.39
C ILE Q 214 10.31 -7.58 -22.97
N GLN Q 215 10.93 -8.08 -21.89
CA GLN Q 215 12.20 -7.55 -21.39
C GLN Q 215 12.94 -8.64 -20.63
N PHE Q 216 14.11 -9.04 -21.18
CA PHE Q 216 14.96 -10.04 -20.59
C PHE Q 216 16.41 -9.83 -21.03
N THR Q 217 17.35 -10.35 -20.21
CA THR Q 217 18.76 -10.42 -20.55
C THR Q 217 19.13 -11.90 -20.73
N THR Q 218 19.83 -12.19 -21.84
CA THR Q 218 20.28 -13.53 -22.18
C THR Q 218 21.32 -13.99 -21.16
N PRO Q 219 21.32 -15.30 -20.75
CA PRO Q 219 22.28 -15.81 -19.77
C PRO Q 219 23.75 -15.60 -20.17
N SER Q 220 24.62 -15.57 -19.14
CA SER Q 220 26.05 -15.30 -19.30
C SER Q 220 26.74 -16.45 -20.04
N ALA Q 221 26.25 -17.67 -19.82
CA ALA Q 221 26.74 -18.86 -20.51
C ALA Q 221 25.58 -19.83 -20.78
N PHE Q 222 25.46 -20.26 -22.03
CA PHE Q 222 24.48 -21.25 -22.44
C PHE Q 222 25.02 -22.64 -22.10
N THR Q 223 24.30 -23.36 -21.23
CA THR Q 223 24.76 -24.62 -20.68
C THR Q 223 23.88 -25.78 -21.15
N GLU Q 224 22.62 -25.47 -21.48
CA GLU Q 224 21.66 -26.46 -21.95
C GLU Q 224 21.05 -26.02 -23.28
N THR Q 225 20.37 -26.96 -23.95
CA THR Q 225 19.82 -26.78 -25.29
C THR Q 225 18.62 -25.83 -25.25
N VAL Q 226 17.65 -26.13 -24.39
CA VAL Q 226 16.47 -25.31 -24.21
C VAL Q 226 16.56 -24.61 -22.86
N MET Q 227 16.41 -23.28 -22.89
CA MET Q 227 16.57 -22.42 -21.72
C MET Q 227 15.34 -21.53 -21.56
N GLU Q 228 15.03 -21.22 -20.29
CA GLU Q 228 13.99 -20.25 -19.93
C GLU Q 228 14.63 -18.87 -19.82
N LEU Q 229 14.05 -17.89 -20.52
CA LEU Q 229 14.59 -16.54 -20.61
C LEU Q 229 13.81 -15.60 -19.71
N GLN Q 230 12.48 -15.65 -19.78
CA GLN Q 230 11.59 -14.81 -19.00
C GLN Q 230 10.52 -15.69 -18.33
N GLU R 1 -50.22 48.82 -41.17
CA GLU R 1 -50.37 47.33 -41.13
C GLU R 1 -49.36 46.75 -40.13
N THR R 2 -49.55 45.46 -39.82
CA THR R 2 -48.76 44.73 -38.83
C THR R 2 -47.34 44.47 -39.35
N GLY R 3 -47.18 44.54 -40.68
CA GLY R 3 -45.92 44.25 -41.35
C GLY R 3 -44.79 45.20 -40.96
N ILE R 4 -45.14 46.47 -40.74
CA ILE R 4 -44.18 47.52 -40.42
C ILE R 4 -43.66 47.31 -38.99
N GLY R 5 -44.58 47.05 -38.05
CA GLY R 5 -44.28 46.90 -36.64
C GLY R 5 -43.46 45.65 -36.33
N THR R 6 -43.66 44.60 -37.15
CA THR R 6 -43.00 43.32 -36.99
C THR R 6 -41.50 43.45 -37.28
N LEU R 7 -41.17 44.26 -38.30
CA LEU R 7 -39.80 44.43 -38.79
C LEU R 7 -38.96 45.21 -37.78
N ILE R 8 -39.59 46.19 -37.11
CA ILE R 8 -38.92 47.08 -36.16
C ILE R 8 -38.47 46.28 -34.93
N ILE R 9 -39.37 45.43 -34.42
CA ILE R 9 -39.13 44.63 -33.22
C ILE R 9 -38.12 43.52 -33.55
N PHE R 10 -38.14 43.04 -34.80
CA PHE R 10 -37.25 42.00 -35.30
C PHE R 10 -35.78 42.41 -35.15
N ILE R 11 -35.48 43.68 -35.49
CA ILE R 11 -34.14 44.25 -35.43
C ILE R 11 -33.67 44.26 -33.97
N ALA R 12 -34.58 44.61 -33.06
CA ALA R 12 -34.31 44.72 -31.63
C ALA R 12 -34.03 43.35 -31.02
N MET R 13 -34.75 42.32 -31.52
CA MET R 13 -34.64 40.96 -31.02
C MET R 13 -33.27 40.37 -31.35
N VAL R 14 -32.74 40.72 -32.52
CA VAL R 14 -31.47 40.23 -33.02
C VAL R 14 -30.33 40.82 -32.19
N LEU R 15 -30.45 42.11 -31.85
CA LEU R 15 -29.43 42.85 -31.13
C LEU R 15 -29.32 42.39 -29.68
N VAL R 16 -30.47 41.99 -29.09
CA VAL R 16 -30.54 41.56 -27.71
C VAL R 16 -29.88 40.17 -27.56
N ALA R 17 -30.10 39.32 -28.57
CA ALA R 17 -29.58 37.94 -28.58
C ALA R 17 -28.06 37.93 -28.73
N ALA R 18 -27.52 38.97 -29.37
CA ALA R 18 -26.09 39.13 -29.59
C ALA R 18 -25.38 39.48 -28.27
N VAL R 19 -26.08 40.21 -27.39
CA VAL R 19 -25.55 40.69 -26.12
C VAL R 19 -25.30 39.50 -25.19
N ALA R 20 -26.29 38.60 -25.09
CA ALA R 20 -26.26 37.44 -24.22
C ALA R 20 -25.22 36.43 -24.69
N ALA R 21 -24.96 36.41 -26.02
CA ALA R 21 -23.97 35.56 -26.64
C ALA R 21 -22.56 36.01 -26.25
N THR R 22 -22.37 37.34 -26.16
CA THR R 22 -21.09 37.97 -25.88
C THR R 22 -20.65 37.69 -24.44
N VAL R 23 -21.63 37.65 -23.52
CA VAL R 23 -21.39 37.43 -22.10
C VAL R 23 -20.80 36.04 -21.88
N LEU R 24 -21.38 35.03 -22.56
CA LEU R 24 -21.02 33.63 -22.37
C LEU R 24 -19.62 33.34 -22.90
N ILE R 25 -19.25 34.01 -24.00
CA ILE R 25 -17.95 33.82 -24.64
C ILE R 25 -16.86 34.47 -23.79
N ASN R 26 -17.12 35.68 -23.30
CA ASN R 26 -16.16 36.48 -22.55
C ASN R 26 -15.85 35.82 -21.20
N THR R 27 -16.87 35.22 -20.58
CA THR R 27 -16.76 34.59 -19.26
C THR R 27 -15.93 33.30 -19.38
N ALA R 28 -16.16 32.55 -20.46
CA ALA R 28 -15.51 31.27 -20.72
C ALA R 28 -14.03 31.49 -21.02
N GLY R 29 -13.72 32.61 -21.69
CA GLY R 29 -12.35 32.98 -22.03
C GLY R 29 -11.54 33.38 -20.80
N SER R 30 -12.22 34.01 -19.83
CA SER R 30 -11.61 34.47 -18.58
C SER R 30 -11.29 33.28 -17.66
N LEU R 31 -12.20 32.29 -17.64
CA LEU R 31 -12.09 31.12 -16.79
C LEU R 31 -11.10 30.12 -17.38
N GLN R 32 -10.83 30.24 -18.68
CA GLN R 32 -9.94 29.35 -19.42
C GLN R 32 -8.50 29.50 -18.91
N GLN R 33 -8.06 30.76 -18.76
CA GLN R 33 -6.68 31.08 -18.45
C GLN R 33 -6.36 30.76 -16.99
N ARG R 34 -7.36 30.91 -16.11
CA ARG R 34 -7.23 30.66 -14.69
C ARG R 34 -7.08 29.16 -14.43
N ALA R 35 -7.90 28.35 -15.12
CA ALA R 35 -7.96 26.92 -14.93
C ALA R 35 -6.69 26.24 -15.47
N THR R 36 -6.12 26.82 -16.54
CA THR R 36 -4.92 26.31 -17.19
C THR R 36 -3.70 26.56 -16.32
N SER R 37 -3.64 27.77 -15.73
CA SER R 37 -2.51 28.21 -14.92
C SER R 37 -2.46 27.49 -13.59
N THR R 38 -3.64 27.19 -13.02
CA THR R 38 -3.79 26.53 -11.73
C THR R 38 -3.26 25.10 -11.81
N GLY R 39 -3.56 24.43 -12.93
CA GLY R 39 -3.15 23.05 -13.17
C GLY R 39 -1.63 22.90 -13.28
N SER R 40 -1.00 23.86 -13.98
CA SER R 40 0.43 23.84 -14.25
C SER R 40 1.23 24.18 -13.00
N GLN R 41 0.70 25.09 -12.17
CA GLN R 41 1.35 25.57 -10.97
C GLN R 41 1.35 24.49 -9.88
N THR R 42 0.26 23.70 -9.84
CA THR R 42 0.07 22.65 -8.84
C THR R 42 0.99 21.47 -9.14
N THR R 43 1.18 21.19 -10.45
CA THR R 43 2.03 20.10 -10.92
C THR R 43 3.48 20.35 -10.51
N ASN R 44 3.90 21.63 -10.59
CA ASN R 44 5.24 22.05 -10.20
C ASN R 44 5.37 22.04 -8.67
N GLN R 45 4.27 22.29 -7.97
CA GLN R 45 4.24 22.43 -6.52
C GLN R 45 4.49 21.09 -5.84
N VAL R 46 3.90 20.02 -6.39
CA VAL R 46 3.92 18.69 -5.80
C VAL R 46 5.29 18.04 -6.06
N SER R 47 5.80 18.19 -7.30
CA SER R 47 6.96 17.48 -7.78
C SER R 47 8.26 18.03 -7.17
N THR R 48 8.30 19.35 -6.94
CA THR R 48 9.51 20.03 -6.48
C THR R 48 9.71 19.81 -4.98
N GLY R 49 10.98 19.66 -4.59
CA GLY R 49 11.38 19.49 -3.20
C GLY R 49 12.89 19.46 -3.02
N LEU R 50 13.33 19.72 -1.78
CA LEU R 50 14.74 19.70 -1.40
C LEU R 50 14.97 18.58 -0.39
N ILE R 51 16.18 17.98 -0.44
CA ILE R 51 16.55 16.90 0.45
C ILE R 51 17.94 17.16 1.05
N VAL R 52 18.08 16.85 2.34
CA VAL R 52 19.32 17.00 3.09
C VAL R 52 20.07 15.66 3.03
N GLN R 53 21.36 15.73 2.66
CA GLN R 53 22.19 14.54 2.50
C GLN R 53 22.86 14.21 3.84
N SER R 54 23.75 15.10 4.29
CA SER R 54 24.54 14.90 5.51
C SER R 54 24.91 16.24 6.13
N ILE R 55 25.07 16.24 7.46
CA ILE R 55 25.44 17.43 8.23
C ILE R 55 26.73 17.14 9.00
N TYR R 56 27.70 18.05 8.86
CA TYR R 56 28.99 17.97 9.55
C TYR R 56 29.21 19.21 10.41
N GLY R 57 29.96 19.03 11.51
CA GLY R 57 30.29 20.10 12.43
C GLY R 57 31.79 20.14 12.74
N MET R 58 32.28 21.31 13.17
CA MET R 58 33.67 21.54 13.46
C MET R 58 33.82 22.13 14.86
N ASP R 59 34.69 21.52 15.67
CA ASP R 59 34.99 21.94 17.03
C ASP R 59 35.95 23.14 16.99
N ASN R 60 35.86 23.98 18.02
CA ASN R 60 36.58 25.25 18.06
C ASN R 60 37.94 25.09 18.75
N ASN R 61 38.13 23.96 19.45
CA ASN R 61 39.37 23.66 20.15
C ASN R 61 40.07 22.50 19.45
N ARG R 62 41.33 22.73 19.09
CA ARG R 62 42.15 21.76 18.37
C ARG R 62 43.02 20.98 19.35
N SER R 63 43.54 21.68 20.38
CA SER R 63 44.45 21.12 21.36
C SER R 63 43.73 20.09 22.23
N ASN R 64 42.51 20.42 22.68
CA ASN R 64 41.68 19.55 23.48
C ASN R 64 40.22 19.70 23.04
N PRO R 65 39.70 18.81 22.16
CA PRO R 65 38.34 18.94 21.63
C PRO R 65 37.23 18.57 22.61
N GLU R 66 37.62 18.10 23.81
CA GLU R 66 36.71 17.64 24.84
C GLU R 66 35.99 18.81 25.49
N SER R 67 36.70 19.94 25.64
CA SER R 67 36.17 21.13 26.28
C SER R 67 35.84 22.21 25.23
N GLY R 68 35.53 21.75 24.01
CA GLY R 68 35.26 22.64 22.89
C GLY R 68 33.77 22.70 22.53
N SER R 69 33.44 23.59 21.59
CA SER R 69 32.10 23.76 21.06
C SER R 69 32.15 23.92 19.54
N LEU R 70 31.00 23.72 18.89
CA LEU R 70 30.90 23.79 17.44
C LEU R 70 30.81 25.25 16.99
N ASN R 71 31.74 25.64 16.10
CA ASN R 71 31.82 27.01 15.61
C ASN R 71 31.29 27.12 14.18
N TRP R 72 31.34 26.01 13.43
CA TRP R 72 30.87 25.97 12.06
C TRP R 72 30.09 24.68 11.79
N THR R 73 29.06 24.78 10.94
CA THR R 73 28.20 23.67 10.56
C THR R 73 28.00 23.69 9.04
N ALA R 74 28.09 22.52 8.42
CA ALA R 74 27.96 22.35 6.97
C ALA R 74 26.84 21.37 6.64
N ILE R 75 25.94 21.79 5.74
CA ILE R 75 24.77 21.01 5.36
C ILE R 75 24.81 20.78 3.85
N TYR R 76 24.75 19.49 3.46
CA TYR R 76 24.73 19.07 2.06
C TYR R 76 23.28 18.98 1.57
N VAL R 77 23.00 19.70 0.47
CA VAL R 77 21.64 19.85 -0.05
C VAL R 77 21.62 19.53 -1.54
N THR R 78 20.65 18.70 -1.94
CA THR R 78 20.36 18.39 -3.34
C THR R 78 18.87 18.54 -3.61
N LEU R 79 18.50 18.55 -4.90
CA LEU R 79 17.11 18.53 -5.33
C LEU R 79 16.59 17.10 -5.32
N ASN R 80 15.25 16.99 -5.29
CA ASN R 80 14.55 15.71 -5.41
C ASN R 80 14.49 15.31 -6.88
N THR R 81 14.15 14.04 -7.13
CA THR R 81 14.10 13.48 -8.48
C THR R 81 12.86 13.99 -9.22
N GLY R 82 13.09 14.56 -10.41
CA GLY R 82 12.05 15.12 -11.26
C GLY R 82 11.46 16.41 -10.68
N SER R 83 12.36 17.33 -10.29
CA SER R 83 11.98 18.58 -9.65
C SER R 83 12.31 19.77 -10.55
N SER R 84 11.49 20.82 -10.44
CA SER R 84 11.70 22.10 -11.09
C SER R 84 12.82 22.87 -10.39
N PRO R 85 13.57 23.74 -11.09
CA PRO R 85 14.65 24.53 -10.47
C PRO R 85 14.21 25.40 -9.30
N VAL R 86 15.11 25.54 -8.31
CA VAL R 86 14.86 26.29 -7.09
C VAL R 86 15.91 27.39 -6.98
N ASP R 87 15.44 28.63 -6.75
CA ASP R 87 16.30 29.77 -6.48
C ASP R 87 16.54 29.84 -4.97
N LEU R 88 17.82 29.91 -4.59
CA LEU R 88 18.25 29.82 -3.20
C LEU R 88 18.13 31.17 -2.50
N SER R 89 17.88 32.24 -3.28
CA SER R 89 17.73 33.59 -2.76
C SER R 89 16.37 33.77 -2.08
N ASN R 90 15.39 32.94 -2.47
CA ASN R 90 14.05 32.98 -1.93
C ASN R 90 13.85 31.86 -0.90
N VAL R 91 14.96 31.25 -0.48
CA VAL R 91 14.95 30.14 0.46
C VAL R 91 15.26 30.68 1.86
N SER R 92 14.42 30.27 2.83
CA SER R 92 14.60 30.61 4.24
C SER R 92 14.94 29.37 5.05
N LEU R 93 15.89 29.52 5.97
CA LEU R 93 16.37 28.43 6.82
C LEU R 93 16.00 28.72 8.28
N SER R 94 15.30 27.76 8.89
CA SER R 94 14.88 27.84 10.29
C SER R 94 15.70 26.86 11.13
N LEU R 95 16.04 27.29 12.35
CA LEU R 95 16.79 26.48 13.31
C LEU R 95 16.28 26.78 14.73
N GLU R 96 16.18 25.73 15.55
CA GLU R 96 15.75 25.83 16.93
C GLU R 96 16.79 25.17 17.83
N TYR R 97 17.30 25.96 18.80
CA TYR R 97 18.32 25.51 19.73
C TYR R 97 18.21 26.29 21.04
N GLN R 98 17.94 25.56 22.13
CA GLN R 98 17.96 26.04 23.50
C GLN R 98 17.13 27.32 23.67
N GLY R 99 15.88 27.26 23.18
CA GLY R 99 14.93 28.35 23.32
C GLY R 99 15.30 29.56 22.48
N GLN R 100 15.79 29.31 21.25
CA GLN R 100 16.14 30.35 20.30
C GLN R 100 15.78 29.86 18.90
N LEU R 101 14.84 30.57 18.26
CA LEU R 101 14.34 30.23 16.94
C LEU R 101 14.92 31.21 15.93
N ALA R 102 15.84 30.71 15.08
CA ALA R 102 16.56 31.52 14.12
C ALA R 102 15.90 31.43 12.75
N SER R 103 16.04 32.51 11.96
CA SER R 103 15.60 32.56 10.57
C SER R 103 16.68 33.22 9.73
N LEU R 104 17.37 32.40 8.92
CA LEU R 104 18.53 32.83 8.17
C LEU R 104 18.18 32.97 6.68
N LYS R 105 18.84 33.93 6.02
CA LYS R 105 18.50 34.34 4.67
C LYS R 105 19.78 34.74 3.92
N TYR R 106 19.86 34.33 2.65
CA TYR R 106 20.98 34.68 1.77
C TYR R 106 20.63 35.94 0.98
N THR R 107 21.61 36.85 0.86
CA THR R 107 21.46 38.08 0.11
C THR R 107 22.37 38.03 -1.13
N PRO R 108 21.79 38.09 -2.35
CA PRO R 108 22.60 38.07 -3.58
C PRO R 108 23.28 39.42 -3.86
N ALA R 109 24.54 39.34 -4.30
CA ALA R 109 25.36 40.50 -4.61
C ALA R 109 26.43 40.12 -5.65
N THR R 110 26.93 41.13 -6.37
CA THR R 110 27.99 40.97 -7.34
C THR R 110 29.33 40.83 -6.62
N THR R 111 29.56 41.69 -5.63
CA THR R 111 30.76 41.67 -4.79
C THR R 111 30.35 41.64 -3.31
N ASN R 112 31.24 41.08 -2.48
CA ASN R 112 31.08 40.96 -1.03
C ASN R 112 29.88 40.07 -0.69
N ALA R 113 29.73 38.98 -1.47
CA ALA R 113 28.67 38.01 -1.26
C ALA R 113 29.26 36.71 -0.72
N SER R 114 28.55 36.08 0.23
CA SER R 114 28.96 34.84 0.83
C SER R 114 28.72 33.68 -0.15
N PHE R 115 29.66 33.54 -1.09
CA PHE R 115 29.57 32.59 -2.19
C PHE R 115 30.98 32.14 -2.59
N ALA R 116 31.12 30.83 -2.86
CA ALA R 116 32.38 30.24 -3.26
C ALA R 116 32.12 29.09 -4.24
N VAL R 117 33.02 28.96 -5.23
CA VAL R 117 32.97 27.90 -6.23
C VAL R 117 34.09 26.91 -5.94
N ASP R 118 33.71 25.64 -5.81
CA ASP R 118 34.65 24.56 -5.51
C ASP R 118 34.20 23.29 -6.24
N THR R 119 34.26 23.33 -7.58
CA THR R 119 33.77 22.26 -8.43
C THR R 119 34.94 21.38 -8.90
N ASN R 120 36.17 21.90 -8.78
CA ASN R 120 37.36 21.23 -9.27
C ASN R 120 37.91 20.25 -8.21
N GLY R 121 37.39 20.36 -6.98
CA GLY R 121 37.78 19.50 -5.88
C GLY R 121 38.61 20.26 -4.85
N THR R 122 38.61 19.76 -3.60
CA THR R 122 39.31 20.37 -2.49
C THR R 122 39.83 19.30 -1.53
N SER R 123 40.95 19.62 -0.86
CA SER R 123 41.54 18.77 0.15
C SER R 123 40.88 19.03 1.52
N ASN R 124 40.30 20.23 1.67
CA ASN R 124 39.56 20.61 2.86
C ASN R 124 38.39 21.51 2.47
N VAL R 125 37.19 21.16 2.95
CA VAL R 125 35.97 21.91 2.69
C VAL R 125 35.96 23.18 3.55
N PHE R 126 36.47 23.06 4.79
CA PHE R 126 36.47 24.15 5.76
C PHE R 126 37.62 25.12 5.51
N SER R 127 38.22 25.06 4.31
CA SER R 127 39.31 25.94 3.93
C SER R 127 38.82 27.06 3.02
N VAL R 128 37.51 27.07 2.74
CA VAL R 128 36.89 28.06 1.86
C VAL R 128 36.54 29.32 2.65
N LEU R 129 36.87 29.31 3.95
CA LEU R 129 36.63 30.44 4.84
C LEU R 129 37.65 31.55 4.57
N ASN R 130 38.80 31.16 4.01
CA ASN R 130 39.91 32.07 3.73
C ASN R 130 39.86 32.56 2.28
N ALA R 131 38.85 32.09 1.53
CA ALA R 131 38.68 32.41 0.12
C ALA R 131 38.19 33.86 -0.05
N GLY R 132 38.72 34.53 -1.08
CA GLY R 132 38.42 35.91 -1.38
C GLY R 132 37.04 36.06 -2.04
N VAL R 133 36.31 37.10 -1.60
CA VAL R 133 34.98 37.38 -2.12
C VAL R 133 34.91 38.81 -2.67
N GLY R 134 35.75 39.70 -2.13
CA GLY R 134 35.78 41.09 -2.53
C GLY R 134 37.12 41.76 -2.24
N TYR R 135 37.16 43.09 -2.44
CA TYR R 135 38.34 43.91 -2.24
C TYR R 135 38.10 44.89 -1.10
N LYS R 136 39.15 45.16 -0.32
CA LYS R 136 39.12 46.10 0.79
C LYS R 136 38.89 47.52 0.24
N ASN R 137 39.72 47.90 -0.74
CA ASN R 137 39.65 49.18 -1.41
C ASN R 137 39.93 48.98 -2.91
N SER R 138 40.26 50.08 -3.59
CA SER R 138 40.49 50.07 -5.03
C SER R 138 41.93 49.67 -5.36
N THR R 139 42.81 49.68 -4.35
CA THR R 139 44.24 49.51 -4.52
C THR R 139 44.62 48.03 -4.44
N ALA R 140 43.63 47.17 -4.14
CA ALA R 140 43.84 45.74 -4.00
C ALA R 140 44.05 45.09 -5.37
N THR R 141 45.12 44.29 -5.47
CA THR R 141 45.46 43.57 -6.68
C THR R 141 44.65 42.28 -6.77
N PHE R 142 44.50 41.61 -5.63
CA PHE R 142 43.73 40.37 -5.52
C PHE R 142 42.62 40.53 -4.50
N LYS R 143 41.67 39.58 -4.51
CA LYS R 143 40.56 39.56 -3.58
C LYS R 143 41.07 39.21 -2.18
N ASN R 144 40.94 40.17 -1.26
CA ASN R 144 41.57 40.12 0.05
C ASN R 144 40.54 40.17 1.17
N VAL R 145 39.25 40.25 0.81
CA VAL R 145 38.16 40.13 1.76
C VAL R 145 37.75 38.66 1.83
N GLU R 146 37.88 38.09 3.04
CA GLU R 146 37.66 36.67 3.27
C GLU R 146 36.17 36.40 3.51
N LEU R 147 35.80 35.11 3.45
CA LEU R 147 34.43 34.64 3.53
C LEU R 147 33.93 34.71 4.98
N LYS R 148 34.88 34.73 5.93
CA LYS R 148 34.59 34.79 7.36
C LYS R 148 33.99 36.15 7.71
N ASN R 149 34.44 37.20 7.01
CA ASN R 149 34.18 38.59 7.37
C ASN R 149 32.78 39.02 6.94
N VAL R 150 32.12 38.20 6.10
CA VAL R 150 30.80 38.53 5.58
C VAL R 150 29.73 37.62 6.19
N THR R 151 30.13 36.40 6.58
CA THR R 151 29.22 35.43 7.17
C THR R 151 29.06 35.73 8.66
N LYS R 152 27.82 36.10 9.05
CA LYS R 152 27.53 36.58 10.39
C LYS R 152 26.40 35.74 11.01
N SER R 153 25.50 36.41 11.73
CA SER R 153 24.50 35.75 12.57
C SER R 153 23.11 35.76 11.93
N THR R 154 23.01 36.35 10.73
CA THR R 154 21.72 36.53 10.06
C THR R 154 21.71 35.83 8.71
N ASN R 155 22.90 35.47 8.19
CA ASN R 155 23.04 34.97 6.84
C ASN R 155 23.82 33.65 6.83
N PHE R 156 23.72 32.93 5.71
CA PHE R 156 24.48 31.71 5.46
C PHE R 156 25.25 31.83 4.14
N ALA R 157 26.29 31.00 3.99
CA ALA R 157 27.13 30.98 2.81
C ALA R 157 26.78 29.77 1.93
N ILE R 158 26.99 29.92 0.62
CA ILE R 158 26.75 28.86 -0.36
C ILE R 158 28.08 28.48 -1.00
N VAL R 159 28.41 27.19 -0.93
CA VAL R 159 29.60 26.62 -1.55
C VAL R 159 29.16 25.55 -2.53
N VAL R 160 29.56 25.71 -3.80
CA VAL R 160 29.15 24.84 -4.89
C VAL R 160 30.11 23.64 -4.95
N ILE R 161 29.54 22.44 -5.03
CA ILE R 161 30.29 21.19 -5.14
C ILE R 161 30.17 20.66 -6.57
N ARG R 162 28.93 20.54 -7.06
CA ARG R 162 28.64 20.10 -8.41
C ARG R 162 27.73 21.12 -9.10
N ASP R 163 28.05 21.41 -10.37
CA ASP R 163 27.27 22.29 -11.22
C ASP R 163 27.48 21.89 -12.68
N PRO R 164 26.65 20.96 -13.22
CA PRO R 164 26.84 20.45 -14.58
C PRO R 164 26.48 21.43 -15.69
N SER R 165 25.50 22.32 -15.42
CA SER R 165 24.93 23.18 -16.44
C SER R 165 25.32 24.65 -16.23
N ASN R 166 26.08 24.92 -15.17
CA ASN R 166 26.57 26.24 -14.81
C ASN R 166 25.39 27.20 -14.56
N SER R 167 24.61 26.88 -13.53
CA SER R 167 23.38 27.60 -13.22
C SER R 167 23.52 28.40 -11.92
N LEU R 168 24.61 28.14 -11.18
CA LEU R 168 24.84 28.75 -9.88
C LEU R 168 25.85 29.90 -9.99
N THR R 169 25.38 31.10 -9.63
CA THR R 169 26.20 32.31 -9.56
C THR R 169 25.89 33.03 -8.26
N SER R 170 26.73 34.04 -7.93
CA SER R 170 26.59 34.83 -6.73
C SER R 170 25.37 35.73 -6.80
N SER R 171 25.02 36.17 -8.02
CA SER R 171 23.86 37.01 -8.28
C SER R 171 22.60 36.17 -8.39
N HIS R 172 22.71 35.02 -9.08
CA HIS R 172 21.58 34.13 -9.31
C HIS R 172 21.97 32.70 -8.91
N PRO R 173 21.76 32.29 -7.64
CA PRO R 173 22.03 30.90 -7.22
C PRO R 173 20.84 29.98 -7.47
N VAL R 174 20.75 29.48 -8.71
CA VAL R 174 19.67 28.61 -9.13
C VAL R 174 20.17 27.17 -9.14
N LEU R 175 19.50 26.32 -8.36
CA LEU R 175 19.83 24.91 -8.22
C LEU R 175 19.05 24.10 -9.25
N THR R 176 19.77 23.32 -10.06
CA THR R 176 19.19 22.53 -11.15
C THR R 176 19.44 21.04 -10.90
N THR R 177 19.09 20.22 -11.90
CA THR R 177 19.21 18.77 -11.82
C THR R 177 20.67 18.36 -11.93
N GLY R 178 21.14 17.65 -10.89
CA GLY R 178 22.49 17.09 -10.85
C GLY R 178 23.47 17.95 -10.07
N SER R 179 22.98 19.06 -9.52
CA SER R 179 23.81 20.02 -8.79
C SER R 179 23.74 19.74 -7.28
N GLU R 180 24.81 20.17 -6.58
CA GLU R 180 24.96 19.95 -5.15
C GLU R 180 25.67 21.17 -4.53
N VAL R 181 25.13 21.63 -3.40
CA VAL R 181 25.66 22.78 -2.68
C VAL R 181 25.87 22.43 -1.20
N VAL R 182 26.75 23.19 -0.55
CA VAL R 182 26.98 23.13 0.89
C VAL R 182 26.60 24.48 1.50
N ILE R 183 25.73 24.43 2.50
CA ILE R 183 25.31 25.61 3.26
C ILE R 183 26.12 25.68 4.55
N LEU R 184 26.87 26.78 4.72
CA LEU R 184 27.69 27.01 5.90
C LEU R 184 27.00 28.02 6.82
N VAL R 185 26.92 27.65 8.10
CA VAL R 185 26.31 28.49 9.13
C VAL R 185 27.37 28.75 10.20
N ASN R 186 27.57 30.05 10.50
CA ASN R 186 28.44 30.48 11.59
C ASN R 186 27.70 30.25 12.91
N THR R 187 28.01 29.13 13.56
CA THR R 187 27.32 28.64 14.74
C THR R 187 27.69 29.49 15.97
N SER R 188 28.91 30.04 15.97
CA SER R 188 29.42 30.86 17.05
C SER R 188 28.80 32.25 17.02
N ALA R 189 28.18 32.62 15.89
CA ALA R 189 27.54 33.91 15.71
C ALA R 189 26.06 33.82 16.08
N VAL R 190 25.40 32.74 15.64
CA VAL R 190 23.96 32.58 15.76
C VAL R 190 23.60 32.18 17.20
N PHE R 191 24.19 31.07 17.68
CA PHE R 191 23.84 30.49 18.96
C PHE R 191 24.94 30.73 20.00
N GLY R 192 26.16 30.99 19.51
CA GLY R 192 27.32 31.20 20.37
C GLY R 192 27.96 29.88 20.78
N GLY R 193 27.96 28.91 19.86
CA GLY R 193 28.54 27.59 20.07
C GLY R 193 27.52 26.58 20.58
N MET R 194 27.42 25.44 19.87
CA MET R 194 26.57 24.33 20.25
C MET R 194 27.31 23.44 21.23
N LYS R 195 26.57 22.91 22.22
CA LYS R 195 27.13 22.16 23.33
C LYS R 195 26.73 20.69 23.25
N GLN R 196 27.27 19.89 24.17
CA GLN R 196 27.12 18.44 24.18
C GLN R 196 25.72 18.05 24.64
N GLY R 197 25.13 17.07 23.92
CA GLY R 197 23.87 16.45 24.28
C GLY R 197 22.69 17.42 24.19
N GLN R 198 22.60 18.13 23.05
CA GLN R 198 21.55 19.11 22.82
C GLN R 198 20.84 18.78 21.51
N ALA R 199 19.52 19.03 21.48
CA ALA R 199 18.68 18.72 20.33
C ALA R 199 18.59 19.94 19.40
N VAL R 200 18.73 19.67 18.10
CA VAL R 200 18.65 20.67 17.05
C VAL R 200 17.57 20.24 16.06
N THR R 201 16.61 21.15 15.82
CA THR R 201 15.49 20.91 14.91
C THR R 201 15.30 22.13 14.02
N GLY R 202 15.10 21.88 12.71
CA GLY R 202 14.93 22.95 11.74
C GLY R 202 14.43 22.45 10.39
N GLN R 203 14.23 23.41 9.47
CA GLN R 203 13.72 23.16 8.13
C GLN R 203 14.36 24.11 7.12
N ILE R 204 14.47 23.65 5.87
CA ILE R 204 14.88 24.47 4.73
C ILE R 204 13.64 24.66 3.85
N ASN R 205 13.07 25.87 3.88
CA ASN R 205 11.81 26.16 3.22
C ASN R 205 12.05 26.88 1.90
N PRO R 206 11.69 26.26 0.74
CA PRO R 206 11.65 26.98 -0.54
C PRO R 206 10.34 27.76 -0.70
N SER R 207 10.29 28.60 -1.74
CA SER R 207 9.10 29.38 -2.07
C SER R 207 8.01 28.46 -2.64
N VAL R 208 8.42 27.56 -3.55
CA VAL R 208 7.56 26.54 -4.13
C VAL R 208 8.21 25.18 -3.93
N GLY R 209 7.48 24.26 -3.29
CA GLY R 209 7.92 22.89 -3.13
C GLY R 209 7.80 22.40 -1.68
N SER R 210 8.37 21.21 -1.43
CA SER R 210 8.35 20.57 -0.13
C SER R 210 9.68 20.79 0.59
N PRO R 211 9.68 21.07 1.93
CA PRO R 211 10.90 21.40 2.65
C PRO R 211 11.79 20.21 3.01
N GLY R 212 13.08 20.50 3.25
CA GLY R 212 14.04 19.54 3.76
C GLY R 212 14.16 19.62 5.28
N ILE R 213 14.25 18.45 5.93
CA ILE R 213 14.13 18.33 7.38
C ILE R 213 15.52 18.18 7.99
N ILE R 214 15.77 18.96 9.06
CA ILE R 214 16.98 18.88 9.86
C ILE R 214 16.57 18.50 11.29
N GLN R 215 17.07 17.35 11.76
CA GLN R 215 16.82 16.88 13.12
C GLN R 215 17.96 15.96 13.54
N PHE R 216 18.72 16.41 14.56
CA PHE R 216 19.83 15.66 15.13
C PHE R 216 20.06 16.06 16.58
N THR R 217 20.68 15.16 17.34
CA THR R 217 21.17 15.43 18.69
C THR R 217 22.70 15.40 18.65
N THR R 218 23.32 16.44 19.25
CA THR R 218 24.76 16.59 19.33
C THR R 218 25.34 15.49 20.21
N PRO R 219 26.53 14.91 19.87
CA PRO R 219 27.14 13.84 20.66
C PRO R 219 27.39 14.20 22.12
N SER R 220 27.44 13.17 22.97
CA SER R 220 27.57 13.31 24.42
C SER R 220 28.95 13.87 24.78
N ALA R 221 29.98 13.51 23.99
CA ALA R 221 31.32 14.02 24.16
C ALA R 221 31.98 14.20 22.79
N PHE R 222 32.52 15.40 22.55
CA PHE R 222 33.27 15.71 21.35
C PHE R 222 34.70 15.18 21.50
N THR R 223 35.08 14.25 20.62
CA THR R 223 36.34 13.53 20.73
C THR R 223 37.28 13.89 19.58
N GLU R 224 36.70 14.30 18.44
CA GLU R 224 37.46 14.67 17.26
C GLU R 224 37.05 16.07 16.78
N THR R 225 37.86 16.64 15.88
CA THR R 225 37.71 18.01 15.41
C THR R 225 36.50 18.14 14.50
N VAL R 226 36.42 17.28 13.48
CA VAL R 226 35.30 17.26 12.55
C VAL R 226 34.47 16.00 12.83
N MET R 227 33.16 16.21 13.04
CA MET R 227 32.22 15.15 13.41
C MET R 227 31.05 15.14 12.46
N GLU R 228 30.48 13.93 12.25
CA GLU R 228 29.25 13.75 11.50
C GLU R 228 28.08 13.79 12.48
N LEU R 229 27.08 14.62 12.17
CA LEU R 229 25.95 14.87 13.05
C LEU R 229 24.72 14.11 12.55
N GLN R 230 24.44 14.23 11.25
CA GLN R 230 23.30 13.60 10.62
C GLN R 230 23.76 12.87 9.35
N GLU S 1 -50.76 45.97 -32.17
CA GLU S 1 -49.38 45.73 -32.71
C GLU S 1 -48.70 44.63 -31.90
N THR S 2 -47.55 44.17 -32.41
CA THR S 2 -46.77 43.07 -31.86
C THR S 2 -46.09 43.49 -30.55
N GLY S 3 -45.93 44.81 -30.37
CA GLY S 3 -45.24 45.41 -29.23
C GLY S 3 -45.91 45.10 -27.89
N ILE S 4 -47.24 45.04 -27.89
CA ILE S 4 -48.04 44.82 -26.69
C ILE S 4 -47.89 43.37 -26.24
N GLY S 5 -48.01 42.44 -27.21
CA GLY S 5 -47.97 41.01 -26.96
C GLY S 5 -46.60 40.51 -26.51
N THR S 6 -45.54 41.20 -26.97
CA THR S 6 -44.16 40.85 -26.67
C THR S 6 -43.87 41.10 -25.19
N LEU S 7 -44.41 42.20 -24.65
CA LEU S 7 -44.16 42.64 -23.28
C LEU S 7 -44.81 41.72 -22.27
N ILE S 8 -46.00 41.19 -22.62
CA ILE S 8 -46.81 40.35 -21.75
C ILE S 8 -46.09 39.01 -21.53
N ILE S 9 -45.58 38.43 -22.62
CA ILE S 9 -44.90 37.14 -22.60
C ILE S 9 -43.54 37.28 -21.93
N PHE S 10 -42.93 38.47 -22.05
CA PHE S 10 -41.63 38.79 -21.48
C PHE S 10 -41.66 38.64 -19.95
N ILE S 11 -42.74 39.12 -19.33
CA ILE S 11 -42.94 39.08 -17.89
C ILE S 11 -43.03 37.62 -17.43
N ALA S 12 -43.72 36.80 -18.22
CA ALA S 12 -43.95 35.39 -17.94
C ALA S 12 -42.64 34.59 -18.04
N MET S 13 -41.78 34.98 -18.98
CA MET S 13 -40.51 34.32 -19.25
C MET S 13 -39.54 34.51 -18.08
N VAL S 14 -39.59 35.70 -17.47
CA VAL S 14 -38.72 36.08 -16.38
C VAL S 14 -39.10 35.30 -15.12
N LEU S 15 -40.41 35.13 -14.90
CA LEU S 15 -40.96 34.48 -13.72
C LEU S 15 -40.67 32.97 -13.74
N VAL S 16 -40.68 32.38 -14.95
CA VAL S 16 -40.45 30.95 -15.15
C VAL S 16 -38.98 30.62 -14.88
N ALA S 17 -38.08 31.50 -15.30
CA ALA S 17 -36.64 31.33 -15.18
C ALA S 17 -36.20 31.43 -13.71
N ALA S 18 -36.97 32.16 -12.90
CA ALA S 18 -36.73 32.34 -11.49
C ALA S 18 -37.04 31.06 -10.71
N VAL S 19 -38.04 30.30 -11.20
CA VAL S 19 -38.52 29.08 -10.57
C VAL S 19 -37.45 28.00 -10.65
N ALA S 20 -36.87 27.83 -11.84
CA ALA S 20 -35.86 26.81 -12.11
C ALA S 20 -34.56 27.12 -11.36
N ALA S 21 -34.30 28.42 -11.13
CA ALA S 21 -33.15 28.90 -10.39
C ALA S 21 -33.26 28.52 -8.92
N THR S 22 -34.50 28.57 -8.38
CA THR S 22 -34.80 28.34 -6.98
C THR S 22 -34.60 26.86 -6.64
N VAL S 23 -34.94 25.97 -7.59
CA VAL S 23 -34.86 24.53 -7.43
C VAL S 23 -33.41 24.11 -7.22
N LEU S 24 -32.50 24.68 -8.03
CA LEU S 24 -31.10 24.30 -8.07
C LEU S 24 -30.38 24.74 -6.80
N ILE S 25 -30.78 25.90 -6.25
CA ILE S 25 -30.18 26.47 -5.05
C ILE S 25 -30.61 25.67 -3.82
N ASN S 26 -31.92 25.33 -3.76
CA ASN S 26 -32.53 24.65 -2.63
C ASN S 26 -32.00 23.22 -2.51
N THR S 27 -31.77 22.57 -3.65
CA THR S 27 -31.30 21.19 -3.71
C THR S 27 -29.85 21.10 -3.27
N ALA S 28 -29.05 22.09 -3.68
CA ALA S 28 -27.62 22.15 -3.38
C ALA S 28 -27.40 22.43 -1.89
N GLY S 29 -28.29 23.22 -1.29
CA GLY S 29 -28.26 23.55 0.13
C GLY S 29 -28.59 22.36 1.01
N SER S 30 -29.49 21.49 0.52
CA SER S 30 -29.94 20.30 1.22
C SER S 30 -28.85 19.22 1.21
N LEU S 31 -28.14 19.11 0.07
CA LEU S 31 -27.10 18.12 -0.13
C LEU S 31 -25.80 18.54 0.55
N GLN S 32 -25.68 19.84 0.86
CA GLN S 32 -24.49 20.42 1.48
C GLN S 32 -24.33 19.88 2.91
N GLN S 33 -25.44 19.87 3.66
CA GLN S 33 -25.43 19.55 5.09
C GLN S 33 -25.23 18.05 5.30
N ARG S 34 -25.75 17.24 4.37
CA ARG S 34 -25.67 15.80 4.43
C ARG S 34 -24.23 15.34 4.18
N ALA S 35 -23.58 15.95 3.17
CA ALA S 35 -22.24 15.58 2.74
C ALA S 35 -21.20 15.99 3.78
N THR S 36 -21.46 17.10 4.48
CA THR S 36 -20.58 17.63 5.51
C THR S 36 -20.61 16.75 6.76
N SER S 37 -21.83 16.32 7.14
CA SER S 37 -22.07 15.54 8.34
C SER S 37 -21.54 14.11 8.19
N THR S 38 -21.63 13.57 6.97
CA THR S 38 -21.21 12.21 6.65
C THR S 38 -19.70 12.09 6.78
N GLY S 39 -18.97 13.12 6.32
CA GLY S 39 -17.52 13.17 6.36
C GLY S 39 -16.98 13.21 7.78
N SER S 40 -17.63 13.99 8.65
CA SER S 40 -17.21 14.20 10.02
C SER S 40 -17.48 12.98 10.89
N GLN S 41 -18.60 12.29 10.60
CA GLN S 41 -19.05 11.14 11.35
C GLN S 41 -18.16 9.93 11.06
N THR S 42 -17.70 9.82 9.80
CA THR S 42 -16.88 8.71 9.33
C THR S 42 -15.47 8.83 9.91
N THR S 43 -14.97 10.07 10.03
CA THR S 43 -13.65 10.38 10.57
C THR S 43 -13.57 9.95 12.03
N ASN S 44 -14.67 10.16 12.77
CA ASN S 44 -14.78 9.78 14.17
C ASN S 44 -14.94 8.27 14.30
N GLN S 45 -15.55 7.64 13.29
CA GLN S 45 -15.89 6.22 13.30
C GLN S 45 -14.62 5.36 13.17
N VAL S 46 -13.69 5.81 12.33
CA VAL S 46 -12.49 5.05 12.00
C VAL S 46 -11.47 5.17 13.14
N SER S 47 -11.33 6.40 13.69
CA SER S 47 -10.27 6.74 14.63
C SER S 47 -10.54 6.15 16.02
N THR S 48 -11.82 6.08 16.40
CA THR S 48 -12.23 5.68 17.74
C THR S 48 -12.16 4.16 17.88
N GLY S 49 -11.73 3.69 19.06
CA GLY S 49 -11.64 2.29 19.39
C GLY S 49 -11.25 2.04 20.85
N LEU S 50 -11.54 0.83 21.34
CA LEU S 50 -11.20 0.41 22.69
C LEU S 50 -10.20 -0.75 22.61
N ILE S 51 -9.32 -0.82 23.62
CA ILE S 51 -8.30 -1.86 23.70
C ILE S 51 -8.27 -2.46 25.10
N VAL S 52 -8.10 -3.79 25.14
CA VAL S 52 -8.01 -4.56 26.38
C VAL S 52 -6.54 -4.70 26.74
N GLN S 53 -6.22 -4.37 28.00
CA GLN S 53 -4.85 -4.40 28.51
C GLN S 53 -4.53 -5.78 29.06
N SER S 54 -5.20 -6.16 30.16
CA SER S 54 -4.97 -7.42 30.85
C SER S 54 -6.24 -7.88 31.57
N ILE S 55 -6.36 -9.20 31.72
CA ILE S 55 -7.50 -9.83 32.38
C ILE S 55 -7.00 -10.68 33.54
N TYR S 56 -7.60 -10.47 34.73
CA TYR S 56 -7.28 -11.20 35.94
C TYR S 56 -8.52 -11.91 36.47
N GLY S 57 -8.30 -13.05 37.15
CA GLY S 57 -9.35 -13.85 37.76
C GLY S 57 -9.04 -14.20 39.21
N MET S 58 -10.09 -14.50 39.98
CA MET S 58 -9.98 -14.81 41.40
C MET S 58 -10.70 -16.13 41.68
N ASP S 59 -9.98 -17.05 42.36
CA ASP S 59 -10.50 -18.35 42.76
C ASP S 59 -11.38 -18.19 43.99
N ASN S 60 -12.36 -19.11 44.13
CA ASN S 60 -13.38 -19.02 45.16
C ASN S 60 -12.97 -19.77 46.42
N ASN S 61 -11.93 -20.61 46.30
CA ASN S 61 -11.42 -21.40 47.42
C ASN S 61 -10.02 -20.87 47.79
N ARG S 62 -9.86 -20.53 49.08
CA ARG S 62 -8.63 -19.97 49.60
C ARG S 62 -7.79 -21.08 50.24
N SER S 63 -8.46 -22.02 50.91
CA SER S 63 -7.81 -23.11 51.64
C SER S 63 -7.12 -24.08 50.68
N ASN S 64 -7.83 -24.43 49.59
CA ASN S 64 -7.30 -25.30 48.55
C ASN S 64 -7.78 -24.78 47.19
N PRO S 65 -6.95 -24.01 46.45
CA PRO S 65 -7.36 -23.42 45.18
C PRO S 65 -7.43 -24.40 44.01
N GLU S 66 -7.03 -25.65 44.26
CA GLU S 66 -6.96 -26.70 43.26
C GLU S 66 -8.35 -27.16 42.86
N SER S 67 -9.27 -27.20 43.83
CA SER S 67 -10.63 -27.66 43.65
C SER S 67 -11.60 -26.48 43.61
N GLY S 68 -11.09 -25.31 43.20
CA GLY S 68 -11.87 -24.08 43.17
C GLY S 68 -12.26 -23.67 41.75
N SER S 69 -13.07 -22.60 41.67
CA SER S 69 -13.52 -22.01 40.43
C SER S 69 -13.45 -20.49 40.53
N LEU S 70 -13.49 -19.82 39.36
CA LEU S 70 -13.39 -18.37 39.28
C LEU S 70 -14.74 -17.74 39.60
N ASN S 71 -14.76 -16.83 40.59
CA ASN S 71 -15.98 -16.19 41.04
C ASN S 71 -16.04 -14.73 40.57
N TRP S 72 -14.87 -14.13 40.32
CA TRP S 72 -14.77 -12.76 39.86
C TRP S 72 -13.71 -12.63 38.76
N THR S 73 -13.95 -11.73 37.81
CA THR S 73 -13.07 -11.45 36.69
C THR S 73 -12.94 -9.94 36.49
N ALA S 74 -11.70 -9.47 36.28
CA ALA S 74 -11.40 -8.06 36.12
C ALA S 74 -10.71 -7.82 34.78
N ILE S 75 -11.22 -6.83 34.02
CA ILE S 75 -10.73 -6.51 32.69
C ILE S 75 -10.30 -5.04 32.66
N TYR S 76 -9.04 -4.81 32.27
CA TYR S 76 -8.46 -3.49 32.15
C TYR S 76 -8.68 -2.95 30.73
N VAL S 77 -9.30 -1.77 30.64
CA VAL S 77 -9.73 -1.19 29.38
C VAL S 77 -9.22 0.25 29.29
N THR S 78 -8.64 0.60 28.13
CA THR S 78 -8.22 1.94 27.77
C THR S 78 -8.73 2.29 26.38
N LEU S 79 -8.66 3.59 26.03
CA LEU S 79 -8.96 4.06 24.69
C LEU S 79 -7.73 3.89 23.79
N ASN S 80 -7.97 3.90 22.48
CA ASN S 80 -6.92 3.88 21.47
C ASN S 80 -6.36 5.30 21.31
N THR S 81 -5.20 5.40 20.64
CA THR S 81 -4.50 6.66 20.45
C THR S 81 -5.22 7.50 19.40
N GLY S 82 -5.53 8.74 19.77
CA GLY S 82 -6.23 9.70 18.93
C GLY S 82 -7.68 9.32 18.69
N SER S 83 -8.39 9.01 19.80
CA SER S 83 -9.77 8.55 19.76
C SER S 83 -10.70 9.57 20.40
N SER S 84 -11.94 9.62 19.88
CA SER S 84 -13.01 10.43 20.42
C SER S 84 -13.54 9.79 21.70
N PRO S 85 -14.10 10.56 22.67
CA PRO S 85 -14.64 10.01 23.91
C PRO S 85 -15.75 8.97 23.71
N VAL S 86 -15.78 7.97 24.60
CA VAL S 86 -16.73 6.87 24.56
C VAL S 86 -17.52 6.86 25.87
N ASP S 87 -18.85 6.82 25.73
CA ASP S 87 -19.76 6.65 26.86
C ASP S 87 -19.97 5.16 27.11
N LEU S 88 -19.74 4.74 28.35
CA LEU S 88 -19.74 3.33 28.74
C LEU S 88 -21.15 2.81 28.98
N SER S 89 -22.13 3.73 29.02
CA SER S 89 -23.53 3.39 29.24
C SER S 89 -24.15 2.79 27.97
N ASN S 90 -23.56 3.12 26.81
CA ASN S 90 -24.02 2.63 25.52
C ASN S 90 -23.14 1.48 25.03
N VAL S 91 -22.32 0.94 25.93
CA VAL S 91 -21.38 -0.13 25.63
C VAL S 91 -22.00 -1.46 26.07
N SER S 92 -21.97 -2.45 25.15
CA SER S 92 -22.43 -3.80 25.42
C SER S 92 -21.25 -4.77 25.40
N LEU S 93 -21.27 -5.71 26.36
CA LEU S 93 -20.22 -6.71 26.53
C LEU S 93 -20.78 -8.10 26.24
N SER S 94 -20.13 -8.81 25.31
CA SER S 94 -20.49 -10.16 24.93
C SER S 94 -19.46 -11.15 25.45
N LEU S 95 -19.94 -12.32 25.89
CA LEU S 95 -19.10 -13.41 26.39
C LEU S 95 -19.70 -14.75 25.99
N GLU S 96 -18.83 -15.69 25.61
CA GLU S 96 -19.22 -17.03 25.22
C GLU S 96 -18.44 -18.05 26.04
N TYR S 97 -19.18 -18.93 26.73
CA TYR S 97 -18.61 -19.95 27.60
C TYR S 97 -19.57 -21.14 27.70
N GLN S 98 -19.07 -22.31 27.24
CA GLN S 98 -19.71 -23.61 27.39
C GLN S 98 -21.17 -23.58 26.91
N GLY S 99 -21.37 -23.06 25.70
CA GLY S 99 -22.68 -23.01 25.06
C GLY S 99 -23.64 -22.04 25.75
N GLN S 100 -23.11 -20.88 26.16
CA GLN S 100 -23.88 -19.82 26.77
C GLN S 100 -23.32 -18.47 26.30
N LEU S 101 -24.16 -17.73 25.58
CA LEU S 101 -23.79 -16.43 25.02
C LEU S 101 -24.45 -15.32 25.85
N ALA S 102 -23.62 -14.59 26.58
CA ALA S 102 -24.08 -13.55 27.51
C ALA S 102 -23.99 -12.18 26.85
N SER S 103 -24.88 -11.27 27.27
CA SER S 103 -24.86 -9.88 26.86
C SER S 103 -25.10 -9.00 28.08
N LEU S 104 -24.02 -8.32 28.54
CA LEU S 104 -24.03 -7.57 29.78
C LEU S 104 -24.07 -6.06 29.48
N LYS S 105 -24.72 -5.31 30.37
CA LYS S 105 -25.02 -3.90 30.16
C LYS S 105 -24.97 -3.17 31.49
N TYR S 106 -24.39 -1.96 31.48
CA TYR S 106 -24.32 -1.08 32.64
C TYR S 106 -25.52 -0.13 32.64
N THR S 107 -26.11 0.06 33.82
CA THR S 107 -27.23 0.97 34.01
C THR S 107 -26.78 2.16 34.87
N PRO S 108 -26.82 3.40 34.34
CA PRO S 108 -26.44 4.59 35.12
C PRO S 108 -27.52 5.01 36.13
N ALA S 109 -27.05 5.38 37.33
CA ALA S 109 -27.90 5.81 38.43
C ALA S 109 -27.13 6.75 39.36
N THR S 110 -27.88 7.56 40.11
CA THR S 110 -27.32 8.48 41.10
C THR S 110 -26.92 7.68 42.35
N THR S 111 -27.83 6.80 42.79
CA THR S 111 -27.59 5.92 43.94
C THR S 111 -27.87 4.47 43.53
N ASN S 112 -27.21 3.54 44.24
CA ASN S 112 -27.33 2.10 44.05
C ASN S 112 -26.83 1.70 42.66
N ALA S 113 -25.74 2.33 42.23
CA ALA S 113 -25.10 2.05 40.95
C ALA S 113 -23.78 1.33 41.18
N SER S 114 -23.49 0.34 40.32
CA SER S 114 -22.27 -0.43 40.39
C SER S 114 -21.10 0.40 39.86
N PHE S 115 -20.59 1.28 40.73
CA PHE S 115 -19.57 2.25 40.40
C PHE S 115 -18.72 2.54 41.63
N ALA S 116 -17.40 2.62 41.42
CA ALA S 116 -16.44 2.91 42.48
C ALA S 116 -15.28 3.75 41.93
N VAL S 117 -14.79 4.67 42.77
CA VAL S 117 -13.66 5.54 42.44
C VAL S 117 -12.47 5.08 43.27
N ASP S 118 -11.35 4.80 42.57
CA ASP S 118 -10.12 4.34 43.19
C ASP S 118 -8.92 4.91 42.42
N THR S 119 -8.78 6.25 42.50
CA THR S 119 -7.77 6.97 41.75
C THR S 119 -6.56 7.28 42.64
N ASN S 120 -6.75 7.19 43.96
CA ASN S 120 -5.74 7.54 44.94
C ASN S 120 -4.80 6.35 45.21
N GLY S 121 -5.20 5.16 44.72
CA GLY S 121 -4.42 3.94 44.88
C GLY S 121 -5.06 2.99 45.88
N THR S 122 -4.75 1.69 45.73
CA THR S 122 -5.30 0.64 46.58
C THR S 122 -4.27 -0.46 46.78
N SER S 123 -4.36 -1.13 47.94
CA SER S 123 -3.54 -2.28 48.29
C SER S 123 -4.13 -3.56 47.71
N ASN S 124 -5.46 -3.54 47.47
CA ASN S 124 -6.17 -4.65 46.85
C ASN S 124 -7.28 -4.10 45.97
N VAL S 125 -7.33 -4.58 44.72
CA VAL S 125 -8.32 -4.17 43.73
C VAL S 125 -9.64 -4.86 44.06
N PHE S 126 -9.57 -6.13 44.51
CA PHE S 126 -10.73 -6.95 44.79
C PHE S 126 -11.33 -6.64 46.17
N SER S 127 -10.96 -5.47 46.73
CA SER S 127 -11.47 -5.02 48.01
C SER S 127 -12.55 -3.96 47.84
N VAL S 128 -12.86 -3.63 46.59
CA VAL S 128 -13.86 -2.62 46.24
C VAL S 128 -15.25 -3.22 46.24
N LEU S 129 -15.33 -4.53 46.55
CA LEU S 129 -16.59 -5.26 46.62
C LEU S 129 -17.34 -4.89 47.89
N ASN S 130 -16.60 -4.42 48.91
CA ASN S 130 -17.15 -4.08 50.21
C ASN S 130 -17.44 -2.57 50.29
N ALA S 131 -17.16 -1.86 49.19
CA ALA S 131 -17.33 -0.42 49.13
C ALA S 131 -18.80 -0.05 49.04
N GLY S 132 -19.18 1.05 49.73
CA GLY S 132 -20.55 1.53 49.80
C GLY S 132 -20.96 2.26 48.52
N VAL S 133 -22.19 1.98 48.08
CA VAL S 133 -22.75 2.57 46.87
C VAL S 133 -24.05 3.31 47.18
N GLY S 134 -24.75 2.86 48.23
CA GLY S 134 -26.03 3.43 48.63
C GLY S 134 -26.36 3.17 50.09
N TYR S 135 -27.59 3.54 50.48
CA TYR S 135 -28.09 3.40 51.83
C TYR S 135 -29.25 2.40 51.86
N LYS S 136 -29.33 1.62 52.94
CA LYS S 136 -30.39 0.64 53.16
C LYS S 136 -31.73 1.37 53.31
N ASN S 137 -31.75 2.36 54.21
CA ASN S 137 -32.91 3.19 54.49
C ASN S 137 -32.45 4.63 54.70
N SER S 138 -33.32 5.44 55.32
CA SER S 138 -33.07 6.85 55.55
C SER S 138 -32.26 7.07 56.83
N THR S 139 -32.18 6.04 57.67
CA THR S 139 -31.61 6.14 59.01
C THR S 139 -30.11 5.86 58.99
N ALA S 140 -29.58 5.49 57.80
CA ALA S 140 -28.18 5.16 57.63
C ALA S 140 -27.33 6.42 57.66
N THR S 141 -26.27 6.39 58.48
CA THR S 141 -25.33 7.49 58.63
C THR S 141 -24.30 7.45 57.50
N PHE S 142 -23.84 6.24 57.17
CA PHE S 142 -22.86 6.01 56.12
C PHE S 142 -23.45 5.04 55.08
N LYS S 143 -22.79 4.97 53.91
CA LYS S 143 -23.18 4.08 52.83
C LYS S 143 -22.90 2.64 53.23
N ASN S 144 -23.98 1.85 53.35
CA ASN S 144 -23.93 0.53 53.95
C ASN S 144 -24.40 -0.54 52.96
N VAL S 145 -24.75 -0.12 51.74
CA VAL S 145 -25.05 -1.04 50.66
C VAL S 145 -23.77 -1.29 49.87
N GLU S 146 -23.34 -2.56 49.84
CA GLU S 146 -22.08 -2.96 49.25
C GLU S 146 -22.24 -3.17 47.74
N LEU S 147 -21.09 -3.25 47.05
CA LEU S 147 -21.00 -3.34 45.60
C LEU S 147 -21.39 -4.75 45.14
N LYS S 148 -21.29 -5.73 46.04
CA LYS S 148 -21.62 -7.13 45.78
C LYS S 148 -23.12 -7.28 45.56
N ASN S 149 -23.91 -6.47 46.27
CA ASN S 149 -25.35 -6.64 46.39
C ASN S 149 -26.08 -6.11 45.15
N VAL S 150 -25.36 -5.36 44.30
CA VAL S 150 -25.95 -4.75 43.12
C VAL S 150 -25.44 -5.43 41.84
N THR S 151 -24.22 -5.99 41.91
CA THR S 151 -23.61 -6.66 40.77
C THR S 151 -24.13 -8.09 40.69
N LYS S 152 -24.85 -8.38 39.59
CA LYS S 152 -25.56 -9.64 39.43
C LYS S 152 -25.13 -10.32 38.13
N SER S 153 -26.11 -10.91 37.41
CA SER S 153 -25.86 -11.80 36.29
C SER S 153 -26.13 -11.10 34.95
N THR S 154 -26.57 -9.83 35.01
CA THR S 154 -26.99 -9.10 33.82
C THR S 154 -26.15 -7.85 33.62
N ASN S 155 -25.43 -7.42 34.69
CA ASN S 155 -24.73 -6.15 34.70
C ASN S 155 -23.27 -6.34 35.09
N PHE S 156 -22.45 -5.31 34.81
CA PHE S 156 -21.06 -5.24 35.23
C PHE S 156 -20.81 -3.95 36.01
N ALA S 157 -19.71 -3.94 36.78
CA ALA S 157 -19.31 -2.81 37.59
C ALA S 157 -18.14 -2.09 36.94
N ILE S 158 -18.05 -0.77 37.18
CA ILE S 158 -16.97 0.08 36.68
C ILE S 158 -16.18 0.62 37.87
N VAL S 159 -14.86 0.35 37.85
CA VAL S 159 -13.93 0.86 38.85
C VAL S 159 -12.89 1.72 38.14
N VAL S 160 -12.78 2.98 38.58
CA VAL S 160 -11.89 3.96 37.96
C VAL S 160 -10.50 3.84 38.58
N ILE S 161 -9.49 3.79 37.70
CA ILE S 161 -8.09 3.71 38.10
C ILE S 161 -7.43 5.07 37.85
N ARG S 162 -7.57 5.58 36.61
CA ARG S 162 -7.04 6.87 36.22
C ARG S 162 -8.15 7.72 35.62
N ASP S 163 -8.18 9.01 36.01
CA ASP S 163 -9.13 9.98 35.49
C ASP S 163 -8.50 11.37 35.59
N PRO S 164 -7.75 11.82 34.55
CA PRO S 164 -7.04 13.10 34.60
C PRO S 164 -7.92 14.35 34.51
N SER S 165 -9.06 14.22 33.81
CA SER S 165 -9.90 15.36 33.48
C SER S 165 -11.23 15.33 34.24
N ASN S 166 -11.44 14.29 35.06
CA ASN S 166 -12.62 14.07 35.87
C ASN S 166 -13.86 13.99 34.98
N SER S 167 -13.90 12.95 34.14
CA SER S 167 -14.96 12.78 33.15
C SER S 167 -15.85 11.60 33.48
N LEU S 168 -15.42 10.79 34.46
CA LEU S 168 -16.11 9.56 34.83
C LEU S 168 -16.93 9.78 36.11
N THR S 169 -18.25 9.60 35.99
CA THR S 169 -19.20 9.65 37.08
C THR S 169 -20.15 8.46 36.98
N SER S 170 -20.93 8.23 38.05
CA SER S 170 -21.88 7.14 38.13
C SER S 170 -23.06 7.38 37.18
N SER S 171 -23.41 8.66 36.96
CA SER S 171 -24.48 9.06 36.07
C SER S 171 -23.99 9.12 34.63
N HIS S 172 -22.77 9.65 34.44
CA HIS S 172 -22.17 9.80 33.12
C HIS S 172 -20.76 9.22 33.11
N PRO S 173 -20.59 7.91 32.80
CA PRO S 173 -19.26 7.31 32.69
C PRO S 173 -18.65 7.49 31.30
N VAL S 174 -18.03 8.65 31.09
CA VAL S 174 -17.43 9.01 29.81
C VAL S 174 -15.91 8.82 29.92
N LEU S 175 -15.38 7.96 29.04
CA LEU S 175 -13.97 7.63 28.99
C LEU S 175 -13.26 8.58 28.03
N THR S 176 -12.21 9.24 28.52
CA THR S 176 -11.47 10.24 27.76
C THR S 176 -10.01 9.81 27.61
N THR S 177 -9.18 10.71 27.06
CA THR S 177 -7.78 10.45 26.79
C THR S 177 -6.99 10.44 28.10
N GLY S 178 -6.32 9.31 28.35
CA GLY S 178 -5.44 9.15 29.50
C GLY S 178 -6.11 8.44 30.67
N SER S 179 -7.38 8.06 30.50
CA SER S 179 -8.17 7.42 31.54
C SER S 179 -8.13 5.91 31.41
N GLU S 180 -8.34 5.22 32.54
CA GLU S 180 -8.29 3.76 32.63
C GLU S 180 -9.34 3.28 33.62
N VAL S 181 -10.09 2.23 33.23
CA VAL S 181 -11.14 1.64 34.04
C VAL S 181 -10.94 0.13 34.14
N VAL S 182 -11.52 -0.46 35.19
CA VAL S 182 -11.59 -1.90 35.39
C VAL S 182 -13.07 -2.31 35.38
N ILE S 183 -13.38 -3.28 34.52
CA ILE S 183 -14.72 -3.86 34.43
C ILE S 183 -14.74 -5.17 35.22
N LEU S 184 -15.62 -5.23 36.23
CA LEU S 184 -15.78 -6.40 37.08
C LEU S 184 -17.05 -7.16 36.68
N VAL S 185 -16.89 -8.47 36.49
CA VAL S 185 -17.98 -9.37 36.13
C VAL S 185 -18.11 -10.44 37.22
N ASN S 186 -19.32 -10.57 37.74
CA ASN S 186 -19.66 -11.63 38.70
C ASN S 186 -19.81 -12.94 37.92
N THR S 187 -18.74 -13.75 37.94
CA THR S 187 -18.60 -14.95 37.13
C THR S 187 -19.48 -16.07 37.69
N SER S 188 -19.69 -16.04 39.03
CA SER S 188 -20.48 -17.04 39.73
C SER S 188 -21.98 -16.81 39.50
N ALA S 189 -22.33 -15.62 39.00
CA ALA S 189 -23.71 -15.26 38.72
C ALA S 189 -24.07 -15.57 37.27
N VAL S 190 -23.15 -15.25 36.35
CA VAL S 190 -23.37 -15.34 34.92
C VAL S 190 -23.28 -16.79 34.47
N PHE S 191 -22.13 -17.43 34.74
CA PHE S 191 -21.84 -18.77 34.24
C PHE S 191 -21.91 -19.80 35.36
N GLY S 192 -21.79 -19.34 36.61
CA GLY S 192 -21.79 -20.20 37.78
C GLY S 192 -20.40 -20.81 38.05
N GLY S 193 -19.36 -20.01 37.79
CA GLY S 193 -17.98 -20.41 38.01
C GLY S 193 -17.35 -21.00 36.76
N MET S 194 -16.19 -20.44 36.36
CA MET S 194 -15.41 -20.93 35.25
C MET S 194 -14.48 -22.04 35.73
N LYS S 195 -14.30 -23.05 34.87
CA LYS S 195 -13.59 -24.27 35.21
C LYS S 195 -12.27 -24.35 34.43
N GLN S 196 -11.48 -25.39 34.74
CA GLN S 196 -10.14 -25.59 34.22
C GLN S 196 -10.19 -26.04 32.76
N GLY S 197 -9.32 -25.43 31.94
CA GLY S 197 -9.10 -25.80 30.56
C GLY S 197 -10.33 -25.55 29.67
N GLN S 198 -10.87 -24.34 29.78
CA GLN S 198 -12.06 -23.93 29.02
C GLN S 198 -11.75 -22.65 28.25
N ALA S 199 -12.33 -22.54 27.05
CA ALA S 199 -12.11 -21.42 26.15
C ALA S 199 -13.16 -20.34 26.39
N VAL S 200 -12.70 -19.08 26.47
CA VAL S 200 -13.55 -17.91 26.65
C VAL S 200 -13.29 -16.95 25.50
N THR S 201 -14.37 -16.55 24.81
CA THR S 201 -14.32 -15.65 23.67
C THR S 201 -15.42 -14.59 23.82
N GLY S 202 -15.06 -13.33 23.57
CA GLY S 202 -15.99 -12.22 23.68
C GLY S 202 -15.47 -10.92 23.08
N GLN S 203 -16.31 -9.88 23.13
CA GLN S 203 -16.04 -8.56 22.58
C GLN S 203 -16.65 -7.48 23.46
N ILE S 204 -16.01 -6.29 23.45
CA ILE S 204 -16.54 -5.09 24.05
C ILE S 204 -16.93 -4.13 22.92
N ASN S 205 -18.24 -3.98 22.69
CA ASN S 205 -18.76 -3.25 21.55
C ASN S 205 -19.21 -1.86 21.98
N PRO S 206 -18.56 -0.78 21.46
CA PRO S 206 -19.09 0.58 21.62
C PRO S 206 -20.15 0.89 20.57
N SER S 207 -20.84 2.03 20.74
CA SER S 207 -21.84 2.51 19.80
C SER S 207 -21.18 2.99 18.51
N VAL S 208 -20.09 3.76 18.67
CA VAL S 208 -19.27 4.25 17.57
C VAL S 208 -17.81 3.85 17.85
N GLY S 209 -17.21 3.13 16.89
CA GLY S 209 -15.80 2.78 16.95
C GLY S 209 -15.56 1.29 16.70
N SER S 210 -14.31 0.86 16.94
CA SER S 210 -13.87 -0.50 16.75
C SER S 210 -13.83 -1.25 18.08
N PRO S 211 -14.27 -2.53 18.15
CA PRO S 211 -14.37 -3.26 19.42
C PRO S 211 -13.04 -3.79 19.96
N GLY S 212 -13.01 -4.04 21.28
CA GLY S 212 -11.91 -4.70 21.95
C GLY S 212 -12.16 -6.20 22.07
N ILE S 213 -11.11 -7.00 21.86
CA ILE S 213 -11.22 -8.44 21.71
C ILE S 213 -10.78 -9.13 23.01
N ILE S 214 -11.60 -10.08 23.45
CA ILE S 214 -11.31 -10.95 24.59
C ILE S 214 -11.26 -12.39 24.09
N GLN S 215 -10.09 -13.03 24.27
CA GLN S 215 -9.87 -14.42 23.91
C GLN S 215 -8.75 -15.00 24.77
N PHE S 216 -9.12 -15.98 25.60
CA PHE S 216 -8.18 -16.68 26.48
C PHE S 216 -8.71 -18.08 26.81
N THR S 217 -7.78 -18.97 27.17
CA THR S 217 -8.09 -20.29 27.70
C THR S 217 -7.66 -20.33 29.17
N THR S 218 -8.58 -20.80 30.03
CA THR S 218 -8.34 -20.92 31.46
C THR S 218 -7.26 -21.95 31.73
N PRO S 219 -6.35 -21.73 32.72
CA PRO S 219 -5.28 -22.67 33.03
C PRO S 219 -5.75 -24.09 33.36
N SER S 220 -4.86 -25.06 33.14
CA SER S 220 -5.14 -26.48 33.30
C SER S 220 -5.37 -26.83 34.77
N ALA S 221 -4.66 -26.13 35.66
CA ALA S 221 -4.81 -26.28 37.11
C ALA S 221 -4.64 -24.92 37.78
N PHE S 222 -5.61 -24.56 38.63
CA PHE S 222 -5.55 -23.35 39.43
C PHE S 222 -4.70 -23.63 40.67
N THR S 223 -3.60 -22.88 40.80
CA THR S 223 -2.59 -23.13 41.82
C THR S 223 -2.53 -21.98 42.83
N GLU S 224 -2.93 -20.78 42.38
CA GLU S 224 -2.92 -19.58 43.22
C GLU S 224 -4.31 -18.93 43.19
N THR S 225 -4.53 -17.98 44.13
CA THR S 225 -5.81 -17.35 44.36
C THR S 225 -6.14 -16.38 43.21
N VAL S 226 -5.20 -15.47 42.91
CA VAL S 226 -5.35 -14.52 41.82
C VAL S 226 -4.40 -14.91 40.69
N MET S 227 -4.96 -15.04 39.49
CA MET S 227 -4.25 -15.52 38.31
C MET S 227 -4.41 -14.53 37.16
N GLU S 228 -3.38 -14.45 36.31
CA GLU S 228 -3.43 -13.68 35.07
C GLU S 228 -3.90 -14.61 33.94
N LEU S 229 -4.92 -14.15 33.21
CA LEU S 229 -5.57 -14.96 32.18
C LEU S 229 -5.10 -14.50 30.79
N GLN S 230 -5.12 -13.19 30.56
CA GLN S 230 -4.72 -12.60 29.29
C GLN S 230 -3.73 -11.46 29.55
N GLU T 1 -49.36 36.67 -33.47
CA GLU T 1 -48.72 37.13 -32.19
C GLU T 1 -47.59 36.15 -31.83
N THR T 2 -46.78 36.56 -30.84
CA THR T 2 -45.60 35.84 -30.39
C THR T 2 -46.00 34.58 -29.62
N GLY T 3 -47.24 34.56 -29.12
CA GLY T 3 -47.78 33.48 -28.30
C GLY T 3 -47.83 32.13 -29.03
N ILE T 4 -48.13 32.17 -30.33
CA ILE T 4 -48.28 30.99 -31.16
C ILE T 4 -46.91 30.36 -31.40
N GLY T 5 -45.93 31.21 -31.76
CA GLY T 5 -44.59 30.77 -32.10
C GLY T 5 -43.81 30.21 -30.91
N THR T 6 -44.13 30.71 -29.71
CA THR T 6 -43.48 30.33 -28.47
C THR T 6 -43.84 28.87 -28.12
N LEU T 7 -45.10 28.50 -28.36
CA LEU T 7 -45.64 27.20 -27.99
C LEU T 7 -45.06 26.11 -28.89
N ILE T 8 -44.83 26.43 -30.17
CA ILE T 8 -44.34 25.48 -31.17
C ILE T 8 -42.90 25.07 -30.84
N ILE T 9 -42.06 26.06 -30.48
CA ILE T 9 -40.65 25.85 -30.18
C ILE T 9 -40.52 25.15 -28.83
N PHE T 10 -41.48 25.41 -27.92
CA PHE T 10 -41.53 24.83 -26.58
C PHE T 10 -41.59 23.30 -26.66
N ILE T 11 -42.43 22.78 -27.58
CA ILE T 11 -42.62 21.35 -27.78
C ILE T 11 -41.31 20.72 -28.25
N ALA T 12 -40.59 21.42 -29.14
CA ALA T 12 -39.35 20.97 -29.73
C ALA T 12 -38.23 20.92 -28.68
N MET T 13 -38.25 21.87 -27.74
CA MET T 13 -37.25 22.01 -26.69
C MET T 13 -37.34 20.84 -25.71
N VAL T 14 -38.57 20.39 -25.44
CA VAL T 14 -38.86 19.31 -24.50
C VAL T 14 -38.37 17.98 -25.08
N LEU T 15 -38.57 17.79 -26.39
CA LEU T 15 -38.24 16.56 -27.09
C LEU T 15 -36.73 16.39 -27.21
N VAL T 16 -36.01 17.51 -27.37
CA VAL T 16 -34.55 17.52 -27.53
C VAL T 16 -33.89 17.15 -26.21
N ALA T 17 -34.45 17.66 -25.10
CA ALA T 17 -33.92 17.45 -23.76
C ALA T 17 -34.08 15.99 -23.32
N ALA T 18 -35.10 15.32 -23.87
CA ALA T 18 -35.40 13.92 -23.59
C ALA T 18 -34.35 13.00 -24.22
N VAL T 19 -33.83 13.42 -25.40
CA VAL T 19 -32.88 12.67 -26.19
C VAL T 19 -31.55 12.57 -25.43
N ALA T 20 -31.07 13.71 -24.91
CA ALA T 20 -29.80 13.81 -24.20
C ALA T 20 -29.85 13.06 -22.86
N ALA T 21 -31.06 12.98 -22.29
CA ALA T 21 -31.32 12.27 -21.05
C ALA T 21 -31.17 10.76 -21.27
N THR T 22 -31.62 10.29 -22.43
CA THR T 22 -31.66 8.88 -22.79
C THR T 22 -30.24 8.35 -22.99
N VAL T 23 -29.36 9.18 -23.55
CA VAL T 23 -27.98 8.84 -23.86
C VAL T 23 -27.22 8.53 -22.56
N LEU T 24 -27.42 9.38 -21.55
CA LEU T 24 -26.69 9.32 -20.28
C LEU T 24 -27.09 8.07 -19.49
N ILE T 25 -28.38 7.70 -19.56
CA ILE T 25 -28.92 6.56 -18.83
C ILE T 25 -28.43 5.25 -19.47
N ASN T 26 -28.46 5.20 -20.81
CA ASN T 26 -28.11 4.02 -21.59
C ASN T 26 -26.63 3.68 -21.46
N THR T 27 -25.79 4.74 -21.41
CA THR T 27 -24.34 4.60 -21.32
C THR T 27 -23.94 4.09 -19.94
N ALA T 28 -24.62 4.60 -18.90
CA ALA T 28 -24.35 4.25 -17.51
C ALA T 28 -24.75 2.81 -17.22
N GLY T 29 -25.81 2.35 -17.88
CA GLY T 29 -26.31 0.98 -17.77
C GLY T 29 -25.37 -0.03 -18.41
N SER T 30 -24.71 0.39 -19.50
CA SER T 30 -23.78 -0.45 -20.25
C SER T 30 -22.47 -0.61 -19.48
N LEU T 31 -22.04 0.47 -18.83
CA LEU T 31 -20.77 0.51 -18.09
C LEU T 31 -20.93 -0.17 -16.73
N GLN T 32 -22.18 -0.31 -16.27
CA GLN T 32 -22.51 -0.90 -14.97
C GLN T 32 -22.14 -2.38 -14.95
N GLN T 33 -22.52 -3.10 -16.03
CA GLN T 33 -22.40 -4.54 -16.11
C GLN T 33 -20.94 -4.96 -16.31
N ARG T 34 -20.18 -4.11 -17.03
CA ARG T 34 -18.78 -4.36 -17.33
C ARG T 34 -17.94 -4.22 -16.06
N ALA T 35 -18.22 -3.17 -15.27
CA ALA T 35 -17.46 -2.84 -14.08
C ALA T 35 -17.72 -3.85 -12.96
N THR T 36 -18.94 -4.41 -12.92
CA THR T 36 -19.35 -5.39 -11.93
C THR T 36 -18.68 -6.74 -12.21
N SER T 37 -18.63 -7.12 -13.50
CA SER T 37 -18.11 -8.40 -13.94
C SER T 37 -16.59 -8.45 -13.80
N THR T 38 -15.93 -7.30 -14.04
CA THR T 38 -14.48 -7.18 -13.98
C THR T 38 -13.98 -7.37 -12.55
N GLY T 39 -14.72 -6.82 -11.59
CA GLY T 39 -14.39 -6.90 -10.17
C GLY T 39 -14.47 -8.33 -9.63
N SER T 40 -15.51 -9.07 -10.06
CA SER T 40 -15.79 -10.42 -9.59
C SER T 40 -14.80 -11.42 -10.19
N GLN T 41 -14.40 -11.18 -11.45
CA GLN T 41 -13.50 -12.06 -12.19
C GLN T 41 -12.08 -11.94 -11.66
N THR T 42 -11.69 -10.74 -11.23
CA THR T 42 -10.35 -10.44 -10.73
C THR T 42 -10.18 -11.05 -9.35
N THR T 43 -11.25 -11.04 -8.54
CA THR T 43 -11.26 -11.58 -7.18
C THR T 43 -11.03 -13.08 -7.22
N ASN T 44 -11.62 -13.75 -8.22
CA ASN T 44 -11.47 -15.18 -8.44
C ASN T 44 -10.07 -15.49 -8.99
N GLN T 45 -9.50 -14.55 -9.75
CA GLN T 45 -8.24 -14.72 -10.44
C GLN T 45 -7.08 -14.76 -9.45
N VAL T 46 -7.14 -13.90 -8.43
CA VAL T 46 -6.06 -13.71 -7.47
C VAL T 46 -6.07 -14.87 -6.46
N SER T 47 -7.27 -15.25 -6.01
CA SER T 47 -7.44 -16.19 -4.90
C SER T 47 -7.13 -17.63 -5.31
N THR T 48 -7.45 -17.97 -6.57
CA THR T 48 -7.36 -19.34 -7.07
C THR T 48 -5.89 -19.65 -7.40
N GLY T 49 -5.50 -20.91 -7.12
CA GLY T 49 -4.17 -21.42 -7.41
C GLY T 49 -4.03 -22.91 -7.10
N LEU T 50 -3.01 -23.53 -7.70
CA LEU T 50 -2.69 -24.93 -7.49
C LEU T 50 -1.32 -25.05 -6.84
N ILE T 51 -1.15 -26.08 -6.00
CA ILE T 51 0.10 -26.33 -5.29
C ILE T 51 0.49 -27.80 -5.42
N VAL T 52 1.81 -28.02 -5.62
CA VAL T 52 2.40 -29.34 -5.73
C VAL T 52 2.87 -29.79 -4.35
N GLN T 53 2.48 -31.01 -3.95
CA GLN T 53 2.80 -31.55 -2.65
C GLN T 53 4.14 -32.29 -2.71
N SER T 54 4.17 -33.40 -3.46
CA SER T 54 5.34 -34.25 -3.57
C SER T 54 5.36 -34.98 -4.91
N ILE T 55 6.57 -35.29 -5.39
CA ILE T 55 6.78 -35.99 -6.65
C ILE T 55 7.58 -37.27 -6.39
N TYR T 56 7.06 -38.38 -6.91
CA TYR T 56 7.69 -39.69 -6.80
C TYR T 56 7.97 -40.27 -8.19
N GLY T 57 9.03 -41.08 -8.28
CA GLY T 57 9.43 -41.75 -9.50
C GLY T 57 9.66 -43.24 -9.30
N MET T 58 9.57 -44.00 -10.40
CA MET T 58 9.71 -45.46 -10.38
C MET T 58 10.75 -45.89 -11.42
N ASP T 59 11.71 -46.70 -10.97
CA ASP T 59 12.78 -47.23 -11.81
C ASP T 59 12.24 -48.40 -12.63
N ASN T 60 12.83 -48.61 -13.81
CA ASN T 60 12.35 -49.59 -14.78
C ASN T 60 13.02 -50.96 -14.58
N ASN T 61 14.11 -50.98 -13.80
CA ASN T 61 14.84 -52.21 -13.51
C ASN T 61 14.66 -52.56 -12.04
N ARG T 62 14.20 -53.79 -11.79
CA ARG T 62 13.92 -54.30 -10.46
C ARG T 62 15.12 -55.09 -9.94
N SER T 63 15.75 -55.86 -10.84
CA SER T 63 16.86 -56.74 -10.50
C SER T 63 18.09 -55.93 -10.09
N ASN T 64 18.39 -54.88 -10.86
CA ASN T 64 19.49 -53.97 -10.58
C ASN T 64 19.06 -52.54 -10.90
N PRO T 65 18.63 -51.74 -9.89
CA PRO T 65 18.12 -50.39 -10.13
C PRO T 65 19.21 -49.36 -10.46
N GLU T 66 20.47 -49.78 -10.41
CA GLU T 66 21.63 -48.91 -10.61
C GLU T 66 21.75 -48.52 -12.08
N SER T 67 21.43 -49.47 -12.97
CA SER T 67 21.53 -49.29 -14.41
C SER T 67 20.15 -49.06 -15.03
N GLY T 68 19.22 -48.54 -14.23
CA GLY T 68 17.85 -48.32 -14.65
C GLY T 68 17.53 -46.85 -14.91
N SER T 69 16.32 -46.61 -15.41
CA SER T 69 15.79 -45.27 -15.69
C SER T 69 14.34 -45.19 -15.22
N LEU T 70 13.85 -43.94 -15.08
CA LEU T 70 12.50 -43.69 -14.60
C LEU T 70 11.51 -43.87 -15.74
N ASN T 71 10.51 -44.73 -15.52
CA ASN T 71 9.50 -45.05 -16.53
C ASN T 71 8.16 -44.40 -16.20
N TRP T 72 7.93 -44.12 -14.90
CA TRP T 72 6.69 -43.49 -14.45
C TRP T 72 7.00 -42.43 -13.38
N THR T 73 6.20 -41.36 -13.39
CA THR T 73 6.32 -40.25 -12.46
C THR T 73 4.93 -39.87 -11.94
N ALA T 74 4.83 -39.65 -10.62
CA ALA T 74 3.58 -39.32 -9.95
C ALA T 74 3.72 -37.98 -9.22
N ILE T 75 2.74 -37.09 -9.45
CA ILE T 75 2.73 -35.75 -8.89
C ILE T 75 1.44 -35.56 -8.08
N TYR T 76 1.60 -35.18 -6.81
CA TYR T 76 0.50 -34.92 -5.89
C TYR T 76 0.12 -33.44 -5.97
N VAL T 77 -1.17 -33.17 -6.25
CA VAL T 77 -1.67 -31.83 -6.51
C VAL T 77 -2.90 -31.57 -5.64
N THR T 78 -2.91 -30.41 -4.98
CA THR T 78 -4.06 -29.91 -4.22
C THR T 78 -4.33 -28.45 -4.62
N LEU T 79 -5.51 -27.94 -4.21
CA LEU T 79 -5.86 -26.54 -4.36
C LEU T 79 -5.26 -25.72 -3.22
N ASN T 80 -5.17 -24.41 -3.44
CA ASN T 80 -4.73 -23.46 -2.44
C ASN T 80 -5.91 -23.13 -1.52
N THR T 81 -5.63 -22.51 -0.37
CA THR T 81 -6.62 -22.18 0.64
C THR T 81 -7.48 -21.00 0.17
N GLY T 82 -8.80 -21.21 0.19
CA GLY T 82 -9.79 -20.22 -0.23
C GLY T 82 -9.76 -19.98 -1.74
N SER T 83 -9.81 -21.09 -2.50
CA SER T 83 -9.71 -21.06 -3.94
C SER T 83 -11.02 -21.53 -4.58
N SER T 84 -11.32 -20.96 -5.75
CA SER T 84 -12.45 -21.36 -6.58
C SER T 84 -12.15 -22.70 -7.27
N PRO T 85 -13.16 -23.52 -7.60
CA PRO T 85 -12.94 -24.81 -8.28
C PRO T 85 -12.21 -24.69 -9.61
N VAL T 86 -11.38 -25.71 -9.91
CA VAL T 86 -10.56 -25.77 -11.12
C VAL T 86 -10.93 -27.04 -11.88
N ASP T 87 -11.22 -26.87 -13.18
CA ASP T 87 -11.45 -27.97 -14.10
C ASP T 87 -10.11 -28.39 -14.70
N LEU T 88 -9.82 -29.70 -14.59
CA LEU T 88 -8.51 -30.25 -14.96
C LEU T 88 -8.43 -30.50 -16.47
N SER T 89 -9.56 -30.40 -17.16
CA SER T 89 -9.63 -30.60 -18.61
C SER T 89 -9.06 -29.39 -19.35
N ASN T 90 -9.06 -28.23 -18.70
CA ASN T 90 -8.54 -26.99 -19.27
C ASN T 90 -7.15 -26.69 -18.71
N VAL T 91 -6.53 -27.68 -18.08
CA VAL T 91 -5.22 -27.55 -17.45
C VAL T 91 -4.17 -28.13 -18.41
N SER T 92 -3.10 -27.35 -18.62
CA SER T 92 -1.96 -27.76 -19.44
C SER T 92 -0.72 -27.91 -18.56
N LEU T 93 0.05 -28.98 -18.82
CA LEU T 93 1.25 -29.31 -18.07
C LEU T 93 2.47 -29.18 -18.98
N SER T 94 3.44 -28.38 -18.53
CA SER T 94 4.69 -28.16 -19.24
C SER T 94 5.83 -28.84 -18.51
N LEU T 95 6.77 -29.40 -19.29
CA LEU T 95 7.96 -30.07 -18.76
C LEU T 95 9.14 -29.81 -19.70
N GLU T 96 10.32 -29.59 -19.10
CA GLU T 96 11.55 -29.36 -19.84
C GLU T 96 12.62 -30.33 -19.36
N TYR T 97 13.17 -31.10 -20.30
CA TYR T 97 14.19 -32.11 -20.02
C TYR T 97 15.06 -32.32 -21.26
N GLN T 98 16.37 -32.03 -21.10
CA GLN T 98 17.43 -32.32 -22.05
C GLN T 98 17.08 -31.79 -23.44
N GLY T 99 16.68 -30.51 -23.50
CA GLY T 99 16.39 -29.83 -24.76
C GLY T 99 15.11 -30.36 -25.42
N GLN T 100 14.09 -30.63 -24.60
CA GLN T 100 12.80 -31.08 -25.07
C GLN T 100 11.72 -30.46 -24.17
N LEU T 101 10.88 -29.62 -24.78
CA LEU T 101 9.81 -28.92 -24.09
C LEU T 101 8.47 -29.57 -24.44
N ALA T 102 7.89 -30.25 -23.44
CA ALA T 102 6.65 -31.01 -23.60
C ALA T 102 5.45 -30.18 -23.15
N SER T 103 4.30 -30.45 -23.77
CA SER T 103 3.02 -29.87 -23.39
C SER T 103 1.95 -30.96 -23.39
N LEU T 104 1.53 -31.37 -22.18
CA LEU T 104 0.64 -32.50 -21.98
C LEU T 104 -0.76 -32.01 -21.62
N LYS T 105 -1.77 -32.78 -22.06
CA LYS T 105 -3.17 -32.38 -21.98
C LYS T 105 -4.04 -33.61 -21.74
N TYR T 106 -5.04 -33.46 -20.86
CA TYR T 106 -6.02 -34.50 -20.56
C TYR T 106 -7.24 -34.34 -21.46
N THR T 107 -7.73 -35.47 -21.98
CA THR T 107 -8.92 -35.50 -22.83
C THR T 107 -10.04 -36.22 -22.08
N PRO T 108 -11.18 -35.53 -21.79
CA PRO T 108 -12.31 -36.16 -21.11
C PRO T 108 -13.13 -37.08 -22.04
N ALA T 109 -13.52 -38.23 -21.49
CA ALA T 109 -14.30 -39.24 -22.21
C ALA T 109 -15.12 -40.07 -21.22
N THR T 110 -16.19 -40.69 -21.72
CA THR T 110 -17.05 -41.57 -20.95
C THR T 110 -16.36 -42.93 -20.78
N THR T 111 -15.80 -43.45 -21.88
CA THR T 111 -15.05 -44.70 -21.90
C THR T 111 -13.68 -44.47 -22.54
N ASN T 112 -12.72 -45.31 -22.15
CA ASN T 112 -11.35 -45.31 -22.65
C ASN T 112 -10.65 -44.00 -22.27
N ALA T 113 -10.91 -43.53 -21.05
CA ALA T 113 -10.30 -42.32 -20.51
C ALA T 113 -9.30 -42.69 -19.42
N SER T 114 -8.16 -41.97 -19.41
CA SER T 114 -7.11 -42.18 -18.43
C SER T 114 -7.54 -41.59 -17.09
N PHE T 115 -8.36 -42.36 -16.36
CA PHE T 115 -8.98 -41.95 -15.11
C PHE T 115 -9.19 -43.17 -14.22
N ALA T 116 -8.91 -43.00 -12.92
CA ALA T 116 -9.06 -44.05 -11.93
C ALA T 116 -9.49 -43.45 -10.59
N VAL T 117 -10.36 -44.17 -9.87
CA VAL T 117 -10.84 -43.78 -8.56
C VAL T 117 -10.21 -44.71 -7.52
N ASP T 118 -9.56 -44.09 -6.53
CA ASP T 118 -8.87 -44.81 -5.45
C ASP T 118 -9.01 -44.03 -4.15
N THR T 119 -10.25 -43.93 -3.66
CA THR T 119 -10.58 -43.14 -2.49
C THR T 119 -10.68 -44.02 -1.25
N ASN T 120 -10.81 -45.34 -1.46
CA ASN T 120 -11.01 -46.30 -0.39
C ASN T 120 -9.67 -46.75 0.20
N GLY T 121 -8.57 -46.41 -0.50
CA GLY T 121 -7.22 -46.75 -0.07
C GLY T 121 -6.61 -47.83 -0.95
N THR T 122 -5.27 -47.87 -0.99
CA THR T 122 -4.52 -48.81 -1.80
C THR T 122 -3.22 -49.20 -1.10
N SER T 123 -2.76 -50.43 -1.37
CA SER T 123 -1.50 -50.95 -0.87
C SER T 123 -0.35 -50.52 -1.78
N ASN T 124 -0.68 -50.23 -3.05
CA ASN T 124 0.26 -49.72 -4.03
C ASN T 124 -0.43 -48.74 -4.95
N VAL T 125 0.18 -47.56 -5.12
CA VAL T 125 -0.33 -46.49 -5.97
C VAL T 125 -0.06 -46.85 -7.44
N PHE T 126 1.10 -47.47 -7.68
CA PHE T 126 1.55 -47.81 -9.04
C PHE T 126 0.90 -49.10 -9.53
N SER T 127 -0.18 -49.52 -8.87
CA SER T 127 -0.91 -50.73 -9.25
C SER T 127 -2.19 -50.38 -10.00
N VAL T 128 -2.42 -49.07 -10.22
CA VAL T 128 -3.60 -48.57 -10.91
C VAL T 128 -3.38 -48.60 -12.42
N LEU T 129 -2.20 -49.07 -12.84
CA LEU T 129 -1.84 -49.18 -14.25
C LEU T 129 -2.56 -50.37 -14.88
N ASN T 130 -2.94 -51.34 -14.04
CA ASN T 130 -3.59 -52.57 -14.47
C ASN T 130 -5.11 -52.45 -14.35
N ALA T 131 -5.58 -51.28 -13.90
CA ALA T 131 -6.99 -51.03 -13.68
C ALA T 131 -7.72 -50.84 -15.01
N GLY T 132 -8.95 -51.37 -15.08
CA GLY T 132 -9.79 -51.33 -16.27
C GLY T 132 -10.42 -49.95 -16.48
N VAL T 133 -10.42 -49.50 -17.74
CA VAL T 133 -10.97 -48.20 -18.11
C VAL T 133 -12.06 -48.38 -19.18
N GLY T 134 -11.94 -49.44 -19.98
CA GLY T 134 -12.88 -49.72 -21.06
C GLY T 134 -12.91 -51.19 -21.45
N TYR T 135 -13.64 -51.49 -22.54
CA TYR T 135 -13.82 -52.83 -23.06
C TYR T 135 -13.16 -52.93 -24.44
N LYS T 136 -12.58 -54.11 -24.72
CA LYS T 136 -11.95 -54.40 -26.01
C LYS T 136 -13.01 -54.41 -27.10
N ASN T 137 -14.09 -55.17 -26.86
CA ASN T 137 -15.21 -55.30 -27.77
C ASN T 137 -16.51 -55.35 -26.94
N SER T 138 -17.60 -55.83 -27.57
CA SER T 138 -18.92 -55.89 -26.95
C SER T 138 -19.08 -57.15 -26.13
N THR T 139 -18.18 -58.13 -26.32
CA THR T 139 -18.30 -59.46 -25.76
C THR T 139 -17.63 -59.53 -24.37
N ALA T 140 -17.00 -58.43 -23.97
CA ALA T 140 -16.29 -58.34 -22.69
C ALA T 140 -17.28 -58.25 -21.54
N THR T 141 -17.07 -59.11 -20.53
CA THR T 141 -17.90 -59.15 -19.34
C THR T 141 -17.44 -58.08 -18.34
N PHE T 142 -16.12 -57.92 -18.23
CA PHE T 142 -15.50 -56.95 -17.35
C PHE T 142 -14.60 -56.01 -18.16
N LYS T 143 -14.21 -54.89 -17.55
CA LYS T 143 -13.32 -53.91 -18.15
C LYS T 143 -11.91 -54.50 -18.27
N ASN T 144 -11.46 -54.69 -19.51
CA ASN T 144 -10.26 -55.44 -19.81
C ASN T 144 -9.23 -54.58 -20.55
N VAL T 145 -9.57 -53.31 -20.77
CA VAL T 145 -8.61 -52.33 -21.31
C VAL T 145 -7.95 -51.64 -20.12
N GLU T 146 -6.62 -51.78 -20.04
CA GLU T 146 -5.83 -51.30 -18.93
C GLU T 146 -5.46 -49.82 -19.14
N LEU T 147 -4.99 -49.19 -18.05
CA LEU T 147 -4.68 -47.76 -17.99
C LEU T 147 -3.38 -47.47 -18.73
N LYS T 148 -2.54 -48.50 -18.90
CA LYS T 148 -1.26 -48.40 -19.59
C LYS T 148 -1.47 -48.14 -21.07
N ASN T 149 -2.55 -48.71 -21.63
CA ASN T 149 -2.78 -48.80 -23.06
C ASN T 149 -3.31 -47.49 -23.61
N VAL T 150 -3.73 -46.57 -22.72
CA VAL T 150 -4.31 -45.30 -23.12
C VAL T 150 -3.36 -44.14 -22.81
N THR T 151 -2.52 -44.32 -21.78
CA THR T 151 -1.56 -43.30 -21.36
C THR T 151 -0.33 -43.38 -22.25
N LYS T 152 -0.09 -42.31 -23.02
CA LYS T 152 0.95 -42.28 -24.04
C LYS T 152 1.88 -41.08 -23.79
N SER T 153 2.29 -40.42 -24.89
CA SER T 153 3.35 -39.42 -24.88
C SER T 153 2.79 -38.00 -24.96
N THR T 154 1.46 -37.87 -25.05
CA THR T 154 0.80 -36.60 -25.25
C THR T 154 -0.15 -36.28 -24.10
N ASN T 155 -0.51 -37.29 -23.31
CA ASN T 155 -1.55 -37.18 -22.30
C ASN T 155 -1.03 -37.64 -20.94
N PHE T 156 -1.76 -37.26 -19.88
CA PHE T 156 -1.52 -37.72 -18.52
C PHE T 156 -2.78 -38.34 -17.94
N ALA T 157 -2.61 -39.15 -16.88
CA ALA T 157 -3.70 -39.82 -16.20
C ALA T 157 -4.00 -39.12 -14.87
N ILE T 158 -5.27 -39.21 -14.44
CA ILE T 158 -5.73 -38.65 -13.18
C ILE T 158 -6.19 -39.78 -12.27
N VAL T 159 -5.60 -39.84 -11.07
CA VAL T 159 -5.97 -40.81 -10.04
C VAL T 159 -6.43 -40.03 -8.81
N VAL T 160 -7.66 -40.31 -8.36
CA VAL T 160 -8.29 -39.60 -7.25
C VAL T 160 -7.88 -40.28 -5.94
N ILE T 161 -7.45 -39.45 -4.97
CA ILE T 161 -7.07 -39.91 -3.64
C ILE T 161 -8.16 -39.52 -2.65
N ARG T 162 -8.52 -38.23 -2.65
CA ARG T 162 -9.57 -37.69 -1.80
C ARG T 162 -10.60 -36.94 -2.65
N ASP T 163 -11.88 -37.17 -2.35
CA ASP T 163 -13.00 -36.50 -2.99
C ASP T 163 -14.17 -36.44 -2.01
N PRO T 164 -14.27 -35.38 -1.17
CA PRO T 164 -15.32 -35.30 -0.14
C PRO T 164 -16.72 -35.03 -0.67
N SER T 165 -16.81 -34.30 -1.80
CA SER T 165 -18.08 -33.80 -2.31
C SER T 165 -18.50 -34.50 -3.61
N ASN T 166 -17.65 -35.43 -4.07
CA ASN T 166 -17.87 -36.23 -5.28
C ASN T 166 -18.00 -35.31 -6.50
N SER T 167 -16.91 -34.61 -6.81
CA SER T 167 -16.89 -33.60 -7.86
C SER T 167 -16.03 -34.06 -9.04
N LEU T 168 -15.28 -35.15 -8.85
CA LEU T 168 -14.33 -35.65 -9.84
C LEU T 168 -14.93 -36.85 -10.57
N THR T 169 -15.08 -36.69 -11.89
CA THR T 169 -15.52 -37.75 -12.79
C THR T 169 -14.61 -37.76 -14.03
N SER T 170 -14.75 -38.82 -14.85
CA SER T 170 -13.96 -38.99 -16.06
C SER T 170 -14.36 -37.98 -17.12
N SER T 171 -15.66 -37.60 -17.11
CA SER T 171 -16.20 -36.63 -18.04
C SER T 171 -15.94 -35.20 -17.55
N HIS T 172 -16.10 -34.99 -16.23
CA HIS T 172 -15.92 -33.69 -15.62
C HIS T 172 -14.99 -33.80 -14.41
N PRO T 173 -13.66 -33.66 -14.59
CA PRO T 173 -12.72 -33.69 -13.46
C PRO T 173 -12.54 -32.31 -12.82
N VAL T 174 -13.47 -31.97 -11.92
CA VAL T 174 -13.48 -30.69 -11.24
C VAL T 174 -12.92 -30.88 -9.83
N LEU T 175 -11.85 -30.14 -9.53
CA LEU T 175 -11.15 -30.18 -8.26
C LEU T 175 -11.74 -29.12 -7.33
N THR T 176 -12.18 -29.57 -6.14
CA THR T 176 -12.84 -28.72 -5.16
C THR T 176 -12.02 -28.67 -3.87
N THR T 177 -12.60 -28.05 -2.83
CA THR T 177 -11.95 -27.86 -1.54
C THR T 177 -11.90 -29.19 -0.79
N GLY T 178 -10.68 -29.61 -0.44
CA GLY T 178 -10.44 -30.81 0.36
C GLY T 178 -10.10 -32.04 -0.48
N SER T 179 -10.04 -31.86 -1.81
CA SER T 179 -9.78 -32.94 -2.74
C SER T 179 -8.29 -33.01 -3.09
N GLU T 180 -7.84 -34.21 -3.48
CA GLU T 180 -6.45 -34.48 -3.82
C GLU T 180 -6.40 -35.49 -4.97
N VAL T 181 -5.53 -35.20 -5.96
CA VAL T 181 -5.35 -36.05 -7.13
C VAL T 181 -3.87 -36.33 -7.34
N VAL T 182 -3.60 -37.44 -8.06
CA VAL T 182 -2.27 -37.81 -8.50
C VAL T 182 -2.26 -37.80 -10.03
N ILE T 183 -1.29 -37.06 -10.59
CA ILE T 183 -1.08 -36.99 -12.04
C ILE T 183 0.07 -37.94 -12.40
N LEU T 184 -0.24 -38.92 -13.27
CA LEU T 184 0.71 -39.90 -13.74
C LEU T 184 1.17 -39.55 -15.15
N VAL T 185 2.49 -39.54 -15.36
CA VAL T 185 3.11 -39.25 -16.63
C VAL T 185 3.95 -40.46 -17.04
N ASN T 186 3.70 -40.96 -18.26
CA ASN T 186 4.50 -42.01 -18.87
C ASN T 186 5.81 -41.41 -19.36
N THR T 187 6.86 -41.56 -18.53
CA THR T 187 8.15 -40.92 -18.72
C THR T 187 8.92 -41.60 -19.85
N SER T 188 8.67 -42.90 -20.05
CA SER T 188 9.32 -43.70 -21.09
C SER T 188 8.74 -43.38 -22.46
N ALA T 189 7.58 -42.72 -22.49
CA ALA T 189 6.90 -42.35 -23.73
C ALA T 189 7.29 -40.94 -24.15
N VAL T 190 7.36 -40.02 -23.17
CA VAL T 190 7.57 -38.60 -23.42
C VAL T 190 9.05 -38.34 -23.71
N PHE T 191 9.92 -38.74 -22.78
CA PHE T 191 11.33 -38.42 -22.84
C PHE T 191 12.16 -39.66 -23.19
N GLY T 192 11.58 -40.85 -22.95
CA GLY T 192 12.25 -42.11 -23.19
C GLY T 192 13.16 -42.51 -22.01
N GLY T 193 12.71 -42.19 -20.79
CA GLY T 193 13.42 -42.51 -19.57
C GLY T 193 14.32 -41.36 -19.10
N MET T 194 14.13 -40.95 -17.85
CA MET T 194 14.94 -39.93 -17.21
C MET T 194 16.20 -40.59 -16.62
N LYS T 195 17.32 -39.86 -16.71
CA LYS T 195 18.63 -40.39 -16.33
C LYS T 195 19.16 -39.67 -15.10
N GLN T 196 20.31 -40.14 -14.61
CA GLN T 196 20.92 -39.70 -13.35
C GLN T 196 21.52 -38.31 -13.52
N GLY T 197 21.28 -37.45 -12.52
CA GLY T 197 21.88 -36.13 -12.40
C GLY T 197 21.44 -35.18 -13.51
N GLN T 198 20.12 -35.11 -13.72
CA GLN T 198 19.52 -34.26 -14.76
C GLN T 198 18.48 -33.35 -14.12
N ALA T 199 18.38 -32.13 -14.65
CA ALA T 199 17.48 -31.11 -14.14
C ALA T 199 16.14 -31.17 -14.87
N VAL T 200 15.05 -31.10 -14.09
CA VAL T 200 13.69 -31.10 -14.61
C VAL T 200 12.98 -29.85 -14.09
N THR T 201 12.41 -29.08 -15.03
CA THR T 201 11.72 -27.84 -14.74
C THR T 201 10.40 -27.80 -15.52
N GLY T 202 9.31 -27.41 -14.83
CA GLY T 202 8.00 -27.34 -15.44
C GLY T 202 6.97 -26.60 -14.59
N GLN T 203 5.74 -26.49 -15.14
CA GLN T 203 4.63 -25.79 -14.51
C GLN T 203 3.32 -26.51 -14.82
N ILE T 204 2.36 -26.36 -13.90
CA ILE T 204 0.98 -26.79 -14.09
C ILE T 204 0.12 -25.54 -14.21
N ASN T 205 -0.33 -25.24 -15.43
CA ASN T 205 -1.02 -24.00 -15.74
C ASN T 205 -2.53 -24.22 -15.81
N PRO T 206 -3.32 -23.61 -14.90
CA PRO T 206 -4.79 -23.56 -15.04
C PRO T 206 -5.22 -22.45 -15.99
N SER T 207 -6.51 -22.45 -16.35
CA SER T 207 -7.10 -21.41 -17.19
C SER T 207 -7.21 -20.11 -16.41
N VAL T 208 -7.69 -20.21 -15.16
CA VAL T 208 -7.80 -19.08 -14.24
C VAL T 208 -7.08 -19.46 -12.94
N GLY T 209 -6.11 -18.63 -12.55
CA GLY T 209 -5.40 -18.79 -11.28
C GLY T 209 -3.88 -18.74 -11.44
N SER T 210 -3.18 -19.08 -10.35
CA SER T 210 -1.74 -19.07 -10.29
C SER T 210 -1.19 -20.49 -10.44
N PRO T 211 -0.09 -20.70 -11.21
CA PRO T 211 0.42 -22.05 -11.50
C PRO T 211 1.20 -22.70 -10.37
N GLY T 212 1.28 -24.04 -10.41
CA GLY T 212 2.11 -24.84 -9.52
C GLY T 212 3.46 -25.14 -10.16
N ILE T 213 4.52 -25.06 -9.35
CA ILE T 213 5.90 -25.09 -9.84
C ILE T 213 6.49 -26.48 -9.60
N ILE T 214 7.13 -27.01 -10.65
CA ILE T 214 7.89 -28.26 -10.60
C ILE T 214 9.34 -27.95 -10.92
N GLN T 215 10.23 -28.25 -9.96
CA GLN T 215 11.67 -28.07 -10.13
C GLN T 215 12.41 -29.04 -9.20
N PHE T 216 13.14 -29.98 -9.81
CA PHE T 216 13.93 -30.98 -9.10
C PHE T 216 15.09 -31.45 -9.98
N THR T 217 16.14 -31.96 -9.32
CA THR T 217 17.24 -32.65 -9.96
C THR T 217 17.20 -34.13 -9.57
N THR T 218 17.31 -35.00 -10.57
CA THR T 218 17.29 -36.44 -10.39
C THR T 218 18.53 -36.88 -9.61
N PRO T 219 18.42 -37.87 -8.69
CA PRO T 219 19.57 -38.34 -7.90
C PRO T 219 20.75 -38.82 -8.73
N SER T 220 21.95 -38.76 -8.12
CA SER T 220 23.20 -39.10 -8.77
C SER T 220 23.28 -40.58 -9.09
N ALA T 221 22.68 -41.41 -8.22
CA ALA T 221 22.59 -42.85 -8.41
C ALA T 221 21.25 -43.36 -7.88
N PHE T 222 20.54 -44.11 -8.73
CA PHE T 222 19.29 -44.75 -8.35
C PHE T 222 19.62 -46.05 -7.60
N THR T 223 19.18 -46.13 -6.35
CA THR T 223 19.55 -47.21 -5.44
C THR T 223 18.32 -48.06 -5.09
N GLU T 224 17.13 -47.46 -5.15
CA GLU T 224 15.88 -48.13 -4.85
C GLU T 224 14.90 -47.97 -6.00
N THR T 225 13.82 -48.77 -5.96
CA THR T 225 12.84 -48.86 -7.03
C THR T 225 11.98 -47.60 -7.08
N VAL T 226 11.39 -47.22 -5.94
CA VAL T 226 10.59 -46.02 -5.82
C VAL T 226 11.37 -44.98 -5.01
N MET T 227 11.50 -43.78 -5.58
CA MET T 227 12.29 -42.70 -5.02
C MET T 227 11.45 -41.43 -4.93
N GLU T 228 11.75 -40.61 -3.90
CA GLU T 228 11.18 -39.29 -3.74
C GLU T 228 12.09 -38.28 -4.44
N LEU T 229 11.48 -37.45 -5.30
CA LEU T 229 12.21 -36.50 -6.13
C LEU T 229 12.09 -35.09 -5.56
N GLN T 230 10.86 -34.69 -5.23
CA GLN T 230 10.56 -33.38 -4.69
C GLN T 230 9.70 -33.53 -3.43
N GLU U 1 -39.95 36.74 -34.58
CA GLU U 1 -40.38 35.51 -33.85
C GLU U 1 -39.21 34.98 -33.02
N THR U 2 -39.52 34.02 -32.13
CA THR U 2 -38.58 33.44 -31.18
C THR U 2 -37.58 32.54 -31.90
N GLY U 3 -37.95 32.08 -33.11
CA GLY U 3 -37.17 31.15 -33.91
C GLY U 3 -35.79 31.71 -34.32
N ILE U 4 -35.74 33.02 -34.60
CA ILE U 4 -34.53 33.70 -35.05
C ILE U 4 -33.54 33.80 -33.89
N GLY U 5 -34.05 34.23 -32.72
CA GLY U 5 -33.25 34.46 -31.53
C GLY U 5 -32.66 33.18 -30.93
N THR U 6 -33.38 32.06 -31.12
CA THR U 6 -33.01 30.76 -30.60
C THR U 6 -31.76 30.24 -31.33
N LEU U 7 -31.70 30.48 -32.65
CA LEU U 7 -30.64 29.98 -33.50
C LEU U 7 -29.32 30.71 -33.24
N ILE U 8 -29.41 32.00 -32.92
CA ILE U 8 -28.24 32.86 -32.70
C ILE U 8 -27.51 32.42 -31.42
N ILE U 9 -28.28 32.17 -30.35
CA ILE U 9 -27.76 31.78 -29.05
C ILE U 9 -27.24 30.35 -29.11
N PHE U 10 -27.85 29.52 -29.97
CA PHE U 10 -27.48 28.12 -30.17
C PHE U 10 -26.03 28.00 -30.64
N ILE U 11 -25.63 28.89 -31.57
CA ILE U 11 -24.29 28.92 -32.14
C ILE U 11 -23.28 29.25 -31.04
N ALA U 12 -23.66 30.20 -30.16
CA ALA U 12 -22.81 30.67 -29.07
C ALA U 12 -22.61 29.58 -28.02
N MET U 13 -23.66 28.78 -27.79
CA MET U 13 -23.67 27.72 -26.79
C MET U 13 -22.70 26.60 -27.19
N VAL U 14 -22.62 26.33 -28.49
CA VAL U 14 -21.78 25.27 -29.06
C VAL U 14 -20.32 25.66 -28.92
N LEU U 15 -20.02 26.94 -29.18
CA LEU U 15 -18.66 27.47 -29.18
C LEU U 15 -18.08 27.51 -27.78
N VAL U 16 -18.95 27.77 -26.78
CA VAL U 16 -18.55 27.88 -25.38
C VAL U 16 -18.20 26.49 -24.83
N ALA U 17 -18.98 25.48 -25.24
CA ALA U 17 -18.81 24.10 -24.79
C ALA U 17 -17.52 23.49 -25.34
N ALA U 18 -17.07 24.00 -26.49
CA ALA U 18 -15.85 23.55 -27.14
C ALA U 18 -14.62 24.03 -26.38
N VAL U 19 -14.73 25.22 -25.76
CA VAL U 19 -13.65 25.87 -25.03
C VAL U 19 -13.31 25.05 -23.79
N ALA U 20 -14.34 24.66 -23.02
CA ALA U 20 -14.20 23.93 -21.78
C ALA U 20 -13.67 22.52 -22.02
N ALA U 21 -13.99 21.97 -23.21
CA ALA U 21 -13.54 20.67 -23.65
C ALA U 21 -12.03 20.69 -23.90
N THR U 22 -11.54 21.80 -24.47
CA THR U 22 -10.16 21.99 -24.87
C THR U 22 -9.25 22.06 -23.63
N VAL U 23 -9.76 22.69 -22.56
CA VAL U 23 -9.02 22.89 -21.32
C VAL U 23 -8.70 21.54 -20.68
N LEU U 24 -9.70 20.65 -20.65
CA LEU U 24 -9.60 19.37 -19.97
C LEU U 24 -8.63 18.43 -20.69
N ILE U 25 -8.59 18.51 -22.02
CA ILE U 25 -7.74 17.66 -22.84
C ILE U 25 -6.29 18.12 -22.72
N ASN U 26 -6.06 19.43 -22.76
CA ASN U 26 -4.74 20.04 -22.74
C ASN U 26 -4.06 19.81 -21.38
N THR U 27 -4.84 19.87 -20.30
CA THR U 27 -4.35 19.71 -18.94
C THR U 27 -3.94 18.26 -18.70
N ALA U 28 -4.75 17.32 -19.22
CA ALA U 28 -4.52 15.88 -19.05
C ALA U 28 -3.28 15.43 -19.82
N GLY U 29 -3.03 16.07 -20.97
CA GLY U 29 -1.87 15.80 -21.80
C GLY U 29 -0.57 16.27 -21.17
N SER U 30 -0.66 17.38 -20.42
CA SER U 30 0.48 17.98 -19.74
C SER U 30 0.88 17.16 -18.52
N LEU U 31 -0.13 16.63 -17.81
CA LEU U 31 0.06 15.85 -16.59
C LEU U 31 0.49 14.42 -16.93
N GLN U 32 0.25 14.00 -18.17
CA GLN U 32 0.54 12.65 -18.65
C GLN U 32 2.06 12.43 -18.69
N GLN U 33 2.78 13.42 -19.23
CA GLN U 33 4.22 13.31 -19.50
C GLN U 33 5.02 13.41 -18.20
N ARG U 34 4.50 14.19 -17.24
CA ARG U 34 5.14 14.41 -15.95
C ARG U 34 5.06 13.14 -15.11
N ALA U 35 3.88 12.50 -15.10
CA ALA U 35 3.61 11.32 -14.29
C ALA U 35 4.36 10.11 -14.80
N THR U 36 4.57 10.05 -16.13
CA THR U 36 5.26 8.95 -16.79
C THR U 36 6.77 9.03 -16.50
N SER U 37 7.31 10.25 -16.55
CA SER U 37 8.73 10.51 -16.38
C SER U 37 9.16 10.31 -14.92
N THR U 38 8.27 10.66 -13.99
CA THR U 38 8.52 10.57 -12.55
C THR U 38 8.65 9.11 -12.14
N GLY U 39 7.80 8.25 -12.70
CA GLY U 39 7.77 6.83 -12.42
C GLY U 39 9.04 6.11 -12.87
N SER U 40 9.54 6.48 -14.06
CA SER U 40 10.70 5.86 -14.69
C SER U 40 11.99 6.29 -14.00
N GLN U 41 12.03 7.55 -13.54
CA GLN U 41 13.20 8.15 -12.92
C GLN U 41 13.40 7.58 -11.51
N THR U 42 12.29 7.29 -10.82
CA THR U 42 12.30 6.78 -9.46
C THR U 42 12.73 5.31 -9.45
N THR U 43 12.34 4.57 -10.48
CA THR U 43 12.67 3.16 -10.64
C THR U 43 14.18 3.00 -10.81
N ASN U 44 14.79 3.92 -11.55
CA ASN U 44 16.23 3.96 -11.78
C ASN U 44 16.96 4.41 -10.52
N GLN U 45 16.31 5.25 -9.72
CA GLN U 45 16.90 5.88 -8.54
C GLN U 45 17.11 4.84 -7.43
N VAL U 46 16.13 3.94 -7.27
CA VAL U 46 16.11 2.97 -6.19
C VAL U 46 17.08 1.83 -6.49
N SER U 47 17.07 1.37 -7.75
CA SER U 47 17.78 0.16 -8.18
C SER U 47 19.28 0.38 -8.25
N THR U 48 19.69 1.59 -8.65
CA THR U 48 21.10 1.92 -8.91
C THR U 48 21.83 2.14 -7.59
N GLY U 49 23.09 1.69 -7.54
CA GLY U 49 23.97 1.87 -6.39
C GLY U 49 25.38 1.36 -6.65
N LEU U 50 26.32 1.84 -5.83
CA LEU U 50 27.73 1.45 -5.89
C LEU U 50 28.11 0.73 -4.60
N ILE U 51 29.03 -0.24 -4.71
CA ILE U 51 29.50 -1.02 -3.57
C ILE U 51 31.02 -1.08 -3.58
N VAL U 52 31.60 -0.98 -2.37
CA VAL U 52 33.03 -1.05 -2.14
C VAL U 52 33.40 -2.49 -1.81
N GLN U 53 34.41 -3.01 -2.51
CA GLN U 53 34.84 -4.40 -2.35
C GLN U 53 35.90 -4.49 -1.26
N SER U 54 37.08 -3.88 -1.51
CA SER U 54 38.21 -3.92 -0.61
C SER U 54 39.09 -2.68 -0.78
N ILE U 55 39.77 -2.29 0.30
CA ILE U 55 40.65 -1.14 0.34
C ILE U 55 42.05 -1.59 0.77
N TYR U 56 43.05 -1.19 -0.03
CA TYR U 56 44.45 -1.49 0.23
C TYR U 56 45.26 -0.20 0.36
N GLY U 57 46.32 -0.26 1.16
CA GLY U 57 47.23 0.87 1.38
C GLY U 57 48.69 0.47 1.20
N MET U 58 49.54 1.46 0.92
CA MET U 58 50.96 1.25 0.68
C MET U 58 51.78 2.19 1.57
N ASP U 59 52.75 1.61 2.28
CA ASP U 59 53.64 2.33 3.17
C ASP U 59 54.74 3.02 2.35
N ASN U 60 55.25 4.14 2.87
CA ASN U 60 56.19 4.99 2.14
C ASN U 60 57.64 4.60 2.43
N ASN U 61 57.84 3.78 3.47
CA ASN U 61 59.16 3.32 3.85
C ASN U 61 59.27 1.82 3.57
N ARG U 62 60.30 1.43 2.81
CA ARG U 62 60.53 0.06 2.41
C ARG U 62 61.53 -0.61 3.35
N SER U 63 62.55 0.16 3.76
CA SER U 63 63.64 -0.32 4.60
C SER U 63 63.13 -0.67 6.00
N ASN U 64 62.29 0.22 6.56
CA ASN U 64 61.69 0.01 7.86
C ASN U 64 60.25 0.53 7.84
N PRO U 65 59.24 -0.36 7.62
CA PRO U 65 57.84 0.07 7.49
C PRO U 65 57.17 0.47 8.80
N GLU U 66 57.91 0.33 9.92
CA GLU U 66 57.41 0.59 11.26
C GLU U 66 57.27 2.10 11.49
N SER U 67 58.20 2.87 10.93
CA SER U 67 58.24 4.31 11.08
C SER U 67 57.75 5.01 9.81
N GLY U 68 56.89 4.32 9.06
CA GLY U 68 56.39 4.82 7.78
C GLY U 68 54.93 5.28 7.87
N SER U 69 54.45 5.85 6.76
CA SER U 69 53.08 6.32 6.61
C SER U 69 52.55 5.91 5.23
N LEU U 70 51.22 5.94 5.08
CA LEU U 70 50.55 5.55 3.85
C LEU U 70 50.62 6.70 2.84
N ASN U 71 51.15 6.41 1.65
CA ASN U 71 51.33 7.41 0.61
C ASN U 71 50.32 7.22 -0.52
N TRP U 72 49.81 5.97 -0.68
CA TRP U 72 48.83 5.65 -1.70
C TRP U 72 47.76 4.72 -1.13
N THR U 73 46.53 4.88 -1.63
CA THR U 73 45.37 4.09 -1.22
C THR U 73 44.59 3.68 -2.46
N ALA U 74 44.17 2.41 -2.50
CA ALA U 74 43.44 1.83 -3.62
C ALA U 74 42.10 1.27 -3.15
N ILE U 75 41.03 1.65 -3.85
CA ILE U 75 39.65 1.27 -3.51
C ILE U 75 39.03 0.54 -4.70
N TYR U 76 38.55 -0.68 -4.45
CA TYR U 76 37.89 -1.52 -5.45
C TYR U 76 36.38 -1.24 -5.42
N VAL U 77 35.83 -0.88 -6.60
CA VAL U 77 34.45 -0.43 -6.72
C VAL U 77 33.77 -1.22 -7.85
N THR U 78 32.57 -1.73 -7.55
CA THR U 78 31.68 -2.37 -8.52
C THR U 78 30.28 -1.78 -8.41
N LEU U 79 29.43 -2.07 -9.40
CA LEU U 79 28.02 -1.73 -9.39
C LEU U 79 27.25 -2.79 -8.59
N ASN U 80 26.04 -2.41 -8.15
CA ASN U 80 25.11 -3.30 -7.49
C ASN U 80 24.37 -4.12 -8.54
N THR U 81 23.70 -5.19 -8.10
CA THR U 81 22.99 -6.11 -8.98
C THR U 81 21.70 -5.46 -9.49
N GLY U 82 21.55 -5.46 -10.83
CA GLY U 82 20.40 -4.89 -11.51
C GLY U 82 20.39 -3.36 -11.43
N SER U 83 21.53 -2.75 -11.75
CA SER U 83 21.72 -1.31 -11.65
C SER U 83 21.91 -0.69 -13.04
N SER U 84 21.45 0.55 -13.18
CA SER U 84 21.64 1.37 -14.36
C SER U 84 23.08 1.87 -14.41
N PRO U 85 23.66 2.14 -15.62
CA PRO U 85 25.04 2.64 -15.73
C PRO U 85 25.29 3.95 -15.00
N VAL U 86 26.52 4.08 -14.47
CA VAL U 86 26.94 5.23 -13.69
C VAL U 86 28.17 5.85 -14.38
N ASP U 87 28.09 7.17 -14.61
CA ASP U 87 29.21 7.95 -15.11
C ASP U 87 30.05 8.44 -13.94
N LEU U 88 31.36 8.16 -13.99
CA LEU U 88 32.28 8.40 -12.88
C LEU U 88 32.73 9.86 -12.86
N SER U 89 32.42 10.61 -13.93
CA SER U 89 32.79 12.02 -14.04
C SER U 89 31.89 12.89 -13.16
N ASN U 90 30.69 12.38 -12.86
CA ASN U 90 29.71 13.08 -12.04
C ASN U 90 29.70 12.53 -10.62
N VAL U 91 30.74 11.74 -10.28
CA VAL U 91 30.87 11.10 -8.99
C VAL U 91 31.82 11.92 -8.12
N SER U 92 31.39 12.19 -6.88
CA SER U 92 32.18 12.90 -5.89
C SER U 92 32.54 11.97 -4.74
N LEU U 93 33.80 12.06 -4.28
CA LEU U 93 34.33 11.24 -3.21
C LEU U 93 34.64 12.11 -2.00
N SER U 94 34.06 11.73 -0.85
CA SER U 94 34.27 12.41 0.42
C SER U 94 35.13 11.55 1.34
N LEU U 95 36.01 12.21 2.10
CA LEU U 95 36.90 11.57 3.07
C LEU U 95 37.08 12.49 4.28
N GLU U 96 37.10 11.88 5.48
CA GLU U 96 37.29 12.59 6.73
C GLU U 96 38.44 11.95 7.50
N TYR U 97 39.45 12.77 7.83
CA TYR U 97 40.64 12.33 8.54
C TYR U 97 41.23 13.49 9.34
N GLN U 98 41.28 13.32 10.67
CA GLN U 98 41.95 14.20 11.62
C GLN U 98 41.54 15.65 11.43
N GLY U 99 40.22 15.88 11.38
CA GLY U 99 39.66 17.22 11.28
C GLY U 99 39.91 17.87 9.93
N GLN U 100 39.80 17.06 8.86
CA GLN U 100 39.95 17.52 7.49
C GLN U 100 38.96 16.75 6.61
N LEU U 101 38.01 17.49 6.02
CA LEU U 101 36.97 16.92 5.18
C LEU U 101 37.30 17.24 3.71
N ALA U 102 37.66 16.19 2.96
CA ALA U 102 38.09 16.31 1.58
C ALA U 102 36.92 16.01 0.64
N SER U 103 36.96 16.63 -0.55
CA SER U 103 36.02 16.37 -1.63
C SER U 103 36.79 16.27 -2.95
N LEU U 104 36.91 15.04 -3.46
CA LEU U 104 37.74 14.73 -4.62
C LEU U 104 36.85 14.49 -5.84
N LYS U 105 37.38 14.87 -7.02
CA LYS U 105 36.63 14.89 -8.27
C LYS U 105 37.55 14.53 -9.43
N TYR U 106 37.02 13.71 -10.36
CA TYR U 106 37.72 13.33 -11.57
C TYR U 106 37.36 14.28 -12.71
N THR U 107 38.39 14.69 -13.48
CA THR U 107 38.22 15.56 -14.62
C THR U 107 38.51 14.76 -15.90
N PRO U 108 37.52 14.62 -16.82
CA PRO U 108 37.75 13.90 -18.08
C PRO U 108 38.53 14.73 -19.11
N ALA U 109 39.46 14.07 -19.79
CA ALA U 109 40.31 14.67 -20.81
C ALA U 109 40.76 13.62 -21.82
N THR U 110 41.14 14.09 -23.01
CA THR U 110 41.66 13.23 -24.08
C THR U 110 43.11 12.86 -23.77
N THR U 111 43.90 13.87 -23.37
CA THR U 111 45.30 13.71 -22.97
C THR U 111 45.52 14.32 -21.60
N ASN U 112 46.52 13.79 -20.89
CA ASN U 112 46.94 14.23 -19.56
C ASN U 112 45.82 14.00 -18.54
N ALA U 113 45.14 12.85 -18.67
CA ALA U 113 44.08 12.45 -17.77
C ALA U 113 44.55 11.29 -16.90
N SER U 114 44.16 11.32 -15.63
CA SER U 114 44.50 10.29 -14.66
C SER U 114 43.65 9.04 -14.92
N PHE U 115 44.07 8.26 -15.92
CA PHE U 115 43.35 7.09 -16.41
C PHE U 115 44.35 6.07 -16.94
N ALA U 116 44.09 4.79 -16.63
CA ALA U 116 44.93 3.67 -17.06
C ALA U 116 44.06 2.44 -17.31
N VAL U 117 44.43 1.67 -18.35
CA VAL U 117 43.76 0.44 -18.71
C VAL U 117 44.67 -0.73 -18.35
N ASP U 118 44.12 -1.67 -17.57
CA ASP U 118 44.85 -2.84 -17.10
C ASP U 118 43.90 -4.03 -17.03
N THR U 119 43.42 -4.46 -18.20
CA THR U 119 42.41 -5.51 -18.31
C THR U 119 43.07 -6.85 -18.65
N ASN U 120 44.32 -6.79 -19.12
CA ASN U 120 45.05 -7.97 -19.57
C ASN U 120 45.75 -8.66 -18.39
N GLY U 121 45.80 -7.96 -17.25
CA GLY U 121 46.42 -8.49 -16.04
C GLY U 121 47.73 -7.78 -15.73
N THR U 122 48.11 -7.80 -14.44
CA THR U 122 49.32 -7.15 -13.97
C THR U 122 49.95 -7.93 -12.81
N SER U 123 51.28 -7.84 -12.70
CA SER U 123 52.04 -8.44 -11.62
C SER U 123 52.04 -7.53 -10.40
N ASN U 124 51.85 -6.22 -10.63
CA ASN U 124 51.74 -5.22 -9.58
C ASN U 124 50.74 -4.15 -10.00
N VAL U 125 49.79 -3.86 -9.09
CA VAL U 125 48.75 -2.87 -9.31
C VAL U 125 49.36 -1.47 -9.13
N PHE U 126 50.29 -1.34 -8.16
CA PHE U 126 50.90 -0.07 -7.82
C PHE U 126 52.04 0.29 -8.78
N SER U 127 52.08 -0.39 -9.95
CA SER U 127 53.08 -0.14 -10.96
C SER U 127 52.52 0.71 -12.10
N VAL U 128 51.23 1.10 -11.98
CA VAL U 128 50.54 1.89 -12.98
C VAL U 128 50.82 3.37 -12.77
N LEU U 129 51.63 3.69 -11.76
CA LEU U 129 52.02 5.06 -11.43
C LEU U 129 53.04 5.56 -12.44
N ASN U 130 53.77 4.62 -13.07
CA ASN U 130 54.83 4.92 -14.01
C ASN U 130 54.31 4.88 -15.45
N ALA U 131 53.01 4.58 -15.60
CA ALA U 131 52.37 4.45 -16.89
C ALA U 131 52.18 5.82 -17.55
N GLY U 132 52.37 5.87 -18.87
CA GLY U 132 52.27 7.09 -19.66
C GLY U 132 50.81 7.49 -19.91
N VAL U 133 50.55 8.80 -19.79
CA VAL U 133 49.21 9.36 -19.97
C VAL U 133 49.24 10.43 -21.07
N GLY U 134 50.39 11.09 -21.23
CA GLY U 134 50.55 12.16 -22.20
C GLY U 134 52.01 12.36 -22.62
N TYR U 135 52.24 13.43 -23.40
CA TYR U 135 53.55 13.78 -23.92
C TYR U 135 54.00 15.12 -23.32
N LYS U 136 55.31 15.23 -23.05
CA LYS U 136 55.93 16.44 -22.53
C LYS U 136 55.80 17.56 -23.55
N ASN U 137 56.22 17.27 -24.79
CA ASN U 137 56.17 18.19 -25.91
C ASN U 137 55.77 17.42 -27.17
N SER U 138 56.03 18.02 -28.34
CA SER U 138 55.65 17.45 -29.63
C SER U 138 56.71 16.47 -30.13
N THR U 139 57.90 16.52 -29.51
CA THR U 139 59.08 15.78 -29.98
C THR U 139 59.13 14.39 -29.36
N ALA U 140 58.19 14.10 -28.46
CA ALA U 140 58.13 12.82 -27.76
C ALA U 140 57.62 11.73 -28.69
N THR U 141 58.37 10.61 -28.72
CA THR U 141 58.04 9.45 -29.53
C THR U 141 57.00 8.58 -28.82
N PHE U 142 57.18 8.43 -27.50
CA PHE U 142 56.29 7.67 -26.65
C PHE U 142 55.74 8.55 -25.53
N LYS U 143 54.69 8.07 -24.85
CA LYS U 143 54.06 8.76 -23.74
C LYS U 143 55.01 8.74 -22.54
N ASN U 144 55.47 9.94 -22.14
CA ASN U 144 56.54 10.10 -21.19
C ASN U 144 56.09 10.90 -19.96
N VAL U 145 54.80 11.30 -19.95
CA VAL U 145 54.19 11.91 -18.78
C VAL U 145 53.55 10.80 -17.96
N GLU U 146 54.03 10.66 -16.71
CA GLU U 146 53.61 9.58 -15.82
C GLU U 146 52.33 9.95 -15.08
N LEU U 147 51.71 8.94 -14.47
CA LEU U 147 50.42 9.05 -13.79
C LEU U 147 50.57 9.78 -12.45
N LYS U 148 51.80 9.78 -11.92
CA LYS U 148 52.13 10.42 -10.66
C LYS U 148 52.02 11.94 -10.78
N ASN U 149 52.36 12.45 -11.98
CA ASN U 149 52.58 13.87 -12.21
C ASN U 149 51.25 14.61 -12.38
N VAL U 150 50.15 13.85 -12.55
CA VAL U 150 48.83 14.43 -12.77
C VAL U 150 47.93 14.23 -11.55
N THR U 151 48.19 13.16 -10.78
CA THR U 151 47.40 12.83 -9.60
C THR U 151 47.92 13.67 -8.42
N LYS U 152 47.06 14.55 -7.91
CA LYS U 152 47.43 15.52 -6.89
C LYS U 152 46.51 15.40 -5.67
N SER U 153 46.13 16.56 -5.11
CA SER U 153 45.44 16.63 -3.83
C SER U 153 43.94 16.90 -3.99
N THR U 154 43.49 17.06 -5.24
CA THR U 154 42.12 17.45 -5.53
C THR U 154 41.41 16.39 -6.37
N ASN U 155 42.19 15.49 -6.98
CA ASN U 155 41.67 14.54 -7.96
C ASN U 155 42.08 13.11 -7.58
N PHE U 156 41.38 12.15 -8.20
CA PHE U 156 41.71 10.73 -8.09
C PHE U 156 41.89 10.11 -9.48
N ALA U 157 42.57 8.96 -9.53
CA ALA U 157 42.85 8.24 -10.76
C ALA U 157 41.92 7.03 -10.86
N ILE U 158 41.61 6.64 -12.12
CA ILE U 158 40.79 5.48 -12.41
C ILE U 158 41.64 4.45 -13.16
N VAL U 159 41.69 3.23 -12.61
CA VAL U 159 42.38 2.10 -13.22
C VAL U 159 41.35 1.00 -13.47
N VAL U 160 41.24 0.56 -14.73
CA VAL U 160 40.26 -0.42 -15.16
C VAL U 160 40.84 -1.82 -14.95
N ILE U 161 40.04 -2.69 -14.32
CA ILE U 161 40.40 -4.09 -14.07
C ILE U 161 39.60 -4.98 -15.03
N ARG U 162 38.28 -4.81 -15.03
CA ARG U 162 37.38 -5.54 -15.91
C ARG U 162 36.51 -4.56 -16.70
N ASP U 163 36.35 -4.84 -18.00
CA ASP U 163 35.50 -4.08 -18.90
C ASP U 163 35.01 -5.00 -20.02
N PRO U 164 33.86 -5.70 -19.84
CA PRO U 164 33.37 -6.66 -20.82
C PRO U 164 32.81 -6.04 -22.10
N SER U 165 32.24 -4.84 -21.99
CA SER U 165 31.50 -4.22 -23.08
C SER U 165 32.23 -3.01 -23.67
N ASN U 166 33.41 -2.70 -23.10
CA ASN U 166 34.27 -1.60 -23.51
C ASN U 166 33.52 -0.27 -23.40
N SER U 167 33.17 0.10 -22.15
CA SER U 167 32.36 1.26 -21.87
C SER U 167 33.18 2.35 -21.16
N LEU U 168 34.39 1.98 -20.72
CA LEU U 168 35.24 2.86 -19.93
C LEU U 168 36.33 3.46 -20.83
N THR U 169 36.32 4.80 -20.92
CA THR U 169 37.33 5.58 -21.63
C THR U 169 37.74 6.76 -20.75
N SER U 170 38.82 7.44 -21.15
CA SER U 170 39.35 8.59 -20.44
C SER U 170 38.42 9.79 -20.56
N SER U 171 37.71 9.88 -21.70
CA SER U 171 36.77 10.95 -21.97
C SER U 171 35.41 10.63 -21.34
N HIS U 172 34.99 9.36 -21.44
CA HIS U 172 33.71 8.90 -20.93
C HIS U 172 33.91 7.65 -20.07
N PRO U 173 34.14 7.80 -18.74
CA PRO U 173 34.26 6.64 -17.84
C PRO U 173 32.90 6.17 -17.32
N VAL U 174 32.23 5.36 -18.13
CA VAL U 174 30.90 4.84 -17.80
C VAL U 174 31.05 3.40 -17.32
N LEU U 175 30.57 3.17 -16.08
CA LEU U 175 30.63 1.87 -15.43
C LEU U 175 29.34 1.10 -15.73
N THR U 176 29.50 -0.11 -16.27
CA THR U 176 28.38 -0.95 -16.68
C THR U 176 28.39 -2.26 -15.89
N THR U 177 27.50 -3.19 -16.28
CA THR U 177 27.32 -4.46 -15.61
C THR U 177 28.51 -5.38 -15.92
N GLY U 178 29.18 -5.83 -14.85
CA GLY U 178 30.28 -6.78 -14.94
C GLY U 178 31.66 -6.12 -14.93
N SER U 179 31.67 -4.78 -14.82
CA SER U 179 32.90 -4.00 -14.85
C SER U 179 33.40 -3.72 -13.43
N GLU U 180 34.71 -3.49 -13.31
CA GLU U 180 35.39 -3.25 -12.05
C GLU U 180 36.51 -2.24 -12.25
N VAL U 181 36.59 -1.25 -11.34
CA VAL U 181 37.61 -0.21 -11.39
C VAL U 181 38.29 -0.09 -10.03
N VAL U 182 39.51 0.47 -10.06
CA VAL U 182 40.28 0.81 -8.87
C VAL U 182 40.47 2.33 -8.85
N ILE U 183 40.09 2.95 -7.73
CA ILE U 183 40.27 4.38 -7.50
C ILE U 183 41.52 4.57 -6.64
N LEU U 184 42.49 5.32 -7.19
CA LEU U 184 43.74 5.63 -6.52
C LEU U 184 43.72 7.05 -6.00
N VAL U 185 44.07 7.21 -4.72
CA VAL U 185 44.13 8.49 -4.03
C VAL U 185 45.56 8.71 -3.54
N ASN U 186 46.13 9.86 -3.90
CA ASN U 186 47.43 10.30 -3.42
C ASN U 186 47.26 10.81 -1.99
N THR U 187 47.57 9.93 -1.02
CA THR U 187 47.32 10.15 0.40
C THR U 187 48.32 11.16 0.96
N SER U 188 49.51 11.20 0.37
CA SER U 188 50.59 12.10 0.79
C SER U 188 50.32 13.53 0.33
N ALA U 189 49.38 13.69 -0.63
CA ALA U 189 49.01 14.98 -1.17
C ALA U 189 47.82 15.56 -0.42
N VAL U 190 46.83 14.71 -0.12
CA VAL U 190 45.56 15.12 0.46
C VAL U 190 45.75 15.39 1.95
N PHE U 191 46.23 14.38 2.68
CA PHE U 191 46.30 14.43 4.14
C PHE U 191 47.75 14.59 4.61
N GLY U 192 48.70 14.22 3.74
CA GLY U 192 50.11 14.27 4.05
C GLY U 192 50.57 13.02 4.82
N GLY U 193 49.99 11.87 4.47
CA GLY U 193 50.32 10.59 5.05
C GLY U 193 49.40 10.25 6.22
N MET U 194 48.79 9.06 6.15
CA MET U 194 47.94 8.52 7.21
C MET U 194 48.82 7.80 8.23
N LYS U 195 48.43 7.95 9.51
CA LYS U 195 49.23 7.47 10.63
C LYS U 195 48.52 6.30 11.32
N GLN U 196 49.20 5.71 12.32
CA GLN U 196 48.77 4.51 13.01
C GLN U 196 47.62 4.82 13.96
N GLY U 197 46.61 3.95 13.96
CA GLY U 197 45.49 3.98 14.89
C GLY U 197 44.60 5.21 14.71
N GLN U 198 44.22 5.48 13.45
CA GLN U 198 43.40 6.63 13.10
C GLN U 198 42.17 6.16 12.33
N ALA U 199 41.04 6.84 12.56
CA ALA U 199 39.76 6.49 11.96
C ALA U 199 39.57 7.26 10.66
N VAL U 200 39.12 6.54 9.62
CA VAL U 200 38.83 7.10 8.30
C VAL U 200 37.38 6.78 7.96
N THR U 201 36.61 7.82 7.62
CA THR U 201 35.20 7.72 7.26
C THR U 201 34.93 8.55 6.01
N GLY U 202 34.18 7.96 5.07
CA GLY U 202 33.86 8.63 3.82
C GLY U 202 32.77 7.92 3.02
N GLN U 203 32.42 8.51 1.86
CA GLN U 203 31.38 8.03 0.98
C GLN U 203 31.75 8.29 -0.47
N ILE U 204 31.25 7.43 -1.37
CA ILE U 204 31.33 7.63 -2.82
C ILE U 204 29.91 7.93 -3.31
N ASN U 205 29.67 9.20 -3.67
CA ASN U 205 28.35 9.68 -4.00
C ASN U 205 28.18 9.78 -5.52
N PRO U 206 27.26 8.98 -6.13
CA PRO U 206 26.86 9.19 -7.52
C PRO U 206 25.80 10.28 -7.63
N SER U 207 25.51 10.69 -8.88
CA SER U 207 24.48 11.68 -9.18
C SER U 207 23.10 11.07 -8.94
N VAL U 208 22.90 9.84 -9.44
CA VAL U 208 21.69 9.07 -9.25
C VAL U 208 22.06 7.71 -8.66
N GLY U 209 21.46 7.38 -7.50
CA GLY U 209 21.63 6.09 -6.87
C GLY U 209 22.00 6.19 -5.40
N SER U 210 22.36 5.03 -4.81
CA SER U 210 22.73 4.92 -3.41
C SER U 210 24.25 4.88 -3.26
N PRO U 211 24.84 5.57 -2.25
CA PRO U 211 26.30 5.67 -2.12
C PRO U 211 26.98 4.43 -1.54
N GLY U 212 28.29 4.30 -1.82
CA GLY U 212 29.14 3.30 -1.23
C GLY U 212 29.87 3.84 -0.01
N ILE U 213 29.97 3.01 1.05
CA ILE U 213 30.42 3.43 2.36
C ILE U 213 31.87 3.01 2.57
N ILE U 214 32.69 3.95 3.05
CA ILE U 214 34.07 3.71 3.44
C ILE U 214 34.20 4.02 4.94
N GLN U 215 34.59 2.99 5.71
CA GLN U 215 34.81 3.12 7.16
C GLN U 215 35.81 2.05 7.61
N PHE U 216 36.98 2.51 8.06
CA PHE U 216 38.05 1.65 8.57
C PHE U 216 38.92 2.42 9.55
N THR U 217 39.60 1.66 10.43
CA THR U 217 40.62 2.17 11.32
C THR U 217 41.97 1.59 10.88
N THR U 218 42.97 2.47 10.76
CA THR U 218 44.32 2.11 10.36
C THR U 218 44.96 1.24 11.44
N PRO U 219 45.76 0.20 11.07
CA PRO U 219 46.39 -0.69 12.04
C PRO U 219 47.28 0.04 13.06
N SER U 220 47.45 -0.60 14.23
CA SER U 220 48.18 -0.05 15.36
C SER U 220 49.67 0.07 15.04
N ALA U 221 50.19 -0.87 14.24
CA ALA U 221 51.57 -0.85 13.78
C ALA U 221 51.63 -1.39 12.35
N PHE U 222 52.29 -0.62 11.47
CA PHE U 222 52.53 -1.03 10.09
C PHE U 222 53.75 -1.95 10.06
N THR U 223 53.54 -3.18 9.62
CA THR U 223 54.56 -4.23 9.69
C THR U 223 55.00 -4.64 8.28
N GLU U 224 54.12 -4.47 7.29
CA GLU U 224 54.40 -4.81 5.90
C GLU U 224 54.14 -3.60 5.00
N THR U 225 54.62 -3.70 3.75
CA THR U 225 54.60 -2.61 2.78
C THR U 225 53.17 -2.37 2.29
N VAL U 226 52.51 -3.44 1.82
CA VAL U 226 51.12 -3.36 1.36
C VAL U 226 50.24 -4.07 2.38
N MET U 227 49.19 -3.34 2.83
CA MET U 227 48.29 -3.81 3.88
C MET U 227 46.84 -3.72 3.40
N GLU U 228 46.01 -4.63 3.90
CA GLU U 228 44.58 -4.60 3.69
C GLU U 228 43.92 -3.82 4.84
N LEU U 229 43.09 -2.83 4.48
CA LEU U 229 42.49 -1.92 5.44
C LEU U 229 41.03 -2.31 5.69
N GLN U 230 40.29 -2.54 4.60
CA GLN U 230 38.88 -2.90 4.67
C GLN U 230 38.63 -4.13 3.78
N GLU V 1 -37.40 37.53 -25.46
CA GLU V 1 -36.44 36.65 -26.21
C GLU V 1 -35.74 35.72 -25.22
N THR V 2 -35.02 34.73 -25.77
CA THR V 2 -34.34 33.68 -25.02
C THR V 2 -33.12 34.24 -24.28
N GLY V 3 -32.62 35.39 -24.76
CA GLY V 3 -31.42 36.05 -24.25
C GLY V 3 -31.55 36.46 -22.78
N ILE V 4 -32.74 36.90 -22.38
CA ILE V 4 -33.02 37.39 -21.04
C ILE V 4 -33.02 36.22 -20.06
N GLY V 5 -33.71 35.13 -20.44
CA GLY V 5 -33.88 33.96 -19.60
C GLY V 5 -32.58 33.18 -19.38
N THR V 6 -31.68 33.25 -20.37
CA THR V 6 -30.39 32.55 -20.35
C THR V 6 -29.49 33.16 -19.28
N LEU V 7 -29.53 34.49 -19.16
CA LEU V 7 -28.65 35.25 -18.27
C LEU V 7 -29.03 35.02 -16.80
N ILE V 8 -30.34 34.87 -16.54
CA ILE V 8 -30.88 34.71 -15.20
C ILE V 8 -30.45 33.37 -14.62
N ILE V 9 -30.55 32.31 -15.43
CA ILE V 9 -30.21 30.95 -15.03
C ILE V 9 -28.69 30.80 -14.90
N PHE V 10 -27.95 31.58 -15.71
CA PHE V 10 -26.49 31.59 -15.72
C PHE V 10 -25.94 31.98 -14.35
N ILE V 11 -26.55 33.00 -13.74
CA ILE V 11 -26.16 33.52 -12.43
C ILE V 11 -26.36 32.43 -11.36
N ALA V 12 -27.48 31.69 -11.48
CA ALA V 12 -27.85 30.64 -10.55
C ALA V 12 -26.90 29.45 -10.65
N MET V 13 -26.43 29.16 -11.88
CA MET V 13 -25.55 28.04 -12.16
C MET V 13 -24.18 28.25 -11.52
N VAL V 14 -23.72 29.51 -11.51
CA VAL V 14 -22.42 29.90 -10.99
C VAL V 14 -22.42 29.77 -9.47
N LEU V 15 -23.54 30.17 -8.83
CA LEU V 15 -23.69 30.19 -7.39
C LEU V 15 -23.76 28.77 -6.83
N VAL V 16 -24.37 27.85 -7.59
CA VAL V 16 -24.56 26.46 -7.19
C VAL V 16 -23.21 25.73 -7.22
N ALA V 17 -22.39 26.04 -8.23
CA ALA V 17 -21.09 25.41 -8.44
C ALA V 17 -20.09 25.83 -7.36
N ALA V 18 -20.30 27.02 -6.78
CA ALA V 18 -19.47 27.56 -5.72
C ALA V 18 -19.71 26.82 -4.41
N VAL V 19 -20.96 26.36 -4.20
CA VAL V 19 -21.40 25.68 -2.99
C VAL V 19 -20.69 24.33 -2.88
N ALA V 20 -20.70 23.56 -3.98
CA ALA V 20 -20.12 22.23 -4.05
C ALA V 20 -18.60 22.28 -3.91
N ALA V 21 -18.01 23.40 -4.36
CA ALA V 21 -16.57 23.65 -4.25
C ALA V 21 -16.17 23.84 -2.80
N THR V 22 -17.04 24.53 -2.03
CA THR V 22 -16.80 24.90 -0.64
C THR V 22 -16.79 23.65 0.25
N VAL V 23 -17.66 22.69 -0.08
CA VAL V 23 -17.84 21.46 0.67
C VAL V 23 -16.55 20.64 0.63
N LEU V 24 -15.95 20.53 -0.57
CA LEU V 24 -14.79 19.68 -0.82
C LEU V 24 -13.55 20.24 -0.13
N ILE V 25 -13.44 21.57 -0.06
CA ILE V 25 -12.30 22.26 0.54
C ILE V 25 -12.37 22.13 2.07
N ASN V 26 -13.57 22.33 2.63
CA ASN V 26 -13.80 22.33 4.06
C ASN V 26 -13.59 20.94 4.65
N THR V 27 -13.98 19.90 3.90
CA THR V 27 -13.88 18.52 4.33
C THR V 27 -12.42 18.06 4.34
N ALA V 28 -11.66 18.51 3.32
CA ALA V 28 -10.26 18.15 3.15
C ALA V 28 -9.41 18.81 4.24
N GLY V 29 -9.80 20.02 4.64
CA GLY V 29 -9.12 20.77 5.70
C GLY V 29 -9.32 20.14 7.08
N SER V 30 -10.50 19.55 7.29
CA SER V 30 -10.87 18.90 8.55
C SER V 30 -10.13 17.57 8.71
N LEU V 31 -9.98 16.85 7.59
CA LEU V 31 -9.35 15.53 7.56
C LEU V 31 -7.82 15.66 7.61
N GLN V 32 -7.32 16.85 7.26
CA GLN V 32 -5.89 17.15 7.19
C GLN V 32 -5.28 17.10 8.60
N GLN V 33 -5.97 17.74 9.56
CA GLN V 33 -5.46 17.94 10.91
C GLN V 33 -5.51 16.63 11.70
N ARG V 34 -6.53 15.79 11.41
CA ARG V 34 -6.73 14.52 12.08
C ARG V 34 -5.64 13.53 11.67
N ALA V 35 -5.34 13.49 10.36
CA ALA V 35 -4.40 12.55 9.78
C ALA V 35 -2.96 12.88 10.20
N THR V 36 -2.68 14.17 10.38
CA THR V 36 -1.36 14.66 10.76
C THR V 36 -1.09 14.33 12.23
N SER V 37 -2.11 14.51 13.08
CA SER V 37 -2.00 14.32 14.52
C SER V 37 -1.90 12.84 14.87
N THR V 38 -2.59 11.99 14.10
CA THR V 38 -2.63 10.55 14.31
C THR V 38 -1.25 9.94 14.06
N GLY V 39 -0.57 10.44 13.01
CA GLY V 39 0.74 9.96 12.61
C GLY V 39 1.82 10.28 13.66
N SER V 40 1.74 11.49 14.22
CA SER V 40 2.72 11.99 15.18
C SER V 40 2.55 11.30 16.54
N GLN V 41 1.30 11.01 16.91
CA GLN V 41 0.96 10.42 18.20
C GLN V 41 1.38 8.94 18.23
N THR V 42 1.27 8.27 17.08
CA THR V 42 1.58 6.85 16.95
C THR V 42 3.09 6.63 16.99
N THR V 43 3.84 7.58 16.41
CA THR V 43 5.30 7.55 16.35
C THR V 43 5.87 7.64 17.77
N ASN V 44 5.24 8.47 18.61
CA ASN V 44 5.61 8.65 20.01
C ASN V 44 5.21 7.43 20.82
N GLN V 45 4.12 6.76 20.42
CA GLN V 45 3.53 5.65 21.15
C GLN V 45 4.42 4.42 21.07
N VAL V 46 5.01 4.18 19.89
CA VAL V 46 5.78 2.98 19.61
C VAL V 46 7.17 3.10 20.25
N SER V 47 7.78 4.29 20.12
CA SER V 47 9.17 4.54 20.48
C SER V 47 9.36 4.60 22.00
N THR V 48 8.37 5.12 22.72
CA THR V 48 8.45 5.36 24.16
C THR V 48 8.25 4.05 24.92
N GLY V 49 9.00 3.90 26.02
CA GLY V 49 8.91 2.75 26.89
C GLY V 49 9.80 2.89 28.13
N LEU V 50 9.49 2.10 29.17
CA LEU V 50 10.24 2.06 30.42
C LEU V 50 10.85 0.67 30.59
N ILE V 51 12.03 0.62 31.22
CA ILE V 51 12.76 -0.62 31.46
C ILE V 51 13.21 -0.68 32.92
N VAL V 52 13.10 -1.88 33.50
CA VAL V 52 13.51 -2.17 34.87
C VAL V 52 14.94 -2.70 34.84
N GLN V 53 15.81 -2.11 35.67
CA GLN V 53 17.22 -2.45 35.73
C GLN V 53 17.43 -3.59 36.73
N SER V 54 17.20 -3.30 38.01
CA SER V 54 17.41 -4.25 39.10
C SER V 54 16.47 -3.96 40.27
N ILE V 55 16.14 -5.02 41.02
CA ILE V 55 15.26 -4.94 42.17
C ILE V 55 16.00 -5.47 43.40
N TYR V 56 15.99 -4.67 44.48
CA TYR V 56 16.61 -5.01 45.75
C TYR V 56 15.56 -5.01 46.88
N GLY V 57 15.79 -5.85 47.88
CA GLY V 57 14.93 -5.96 49.05
C GLY V 57 15.71 -5.90 50.35
N MET V 58 15.02 -5.52 51.43
CA MET V 58 15.63 -5.36 52.75
C MET V 58 14.82 -6.16 53.79
N ASP V 59 15.54 -6.98 54.57
CA ASP V 59 14.97 -7.81 55.62
C ASP V 59 14.70 -6.94 56.85
N ASN V 60 13.69 -7.33 57.64
CA ASN V 60 13.22 -6.54 58.77
C ASN V 60 13.93 -6.93 60.06
N ASN V 61 14.63 -8.07 60.05
CA ASN V 61 15.37 -8.57 61.20
C ASN V 61 16.87 -8.48 60.89
N ARG V 62 17.60 -7.81 61.80
CA ARG V 62 19.03 -7.59 61.66
C ARG V 62 19.80 -8.65 62.45
N SER V 63 19.28 -9.00 63.63
CA SER V 63 19.91 -9.93 64.55
C SER V 63 19.94 -11.34 63.96
N ASN V 64 18.80 -11.76 63.39
CA ASN V 64 18.66 -13.06 62.74
C ASN V 64 17.80 -12.90 61.49
N PRO V 65 18.41 -12.76 60.29
CA PRO V 65 17.66 -12.53 59.05
C PRO V 65 16.92 -13.75 58.51
N GLU V 66 17.10 -14.90 59.17
CA GLU V 66 16.55 -16.18 58.76
C GLU V 66 15.03 -16.22 59.02
N SER V 67 14.62 -15.59 60.13
CA SER V 67 13.23 -15.56 60.54
C SER V 67 12.59 -14.20 60.26
N GLY V 68 13.14 -13.50 59.26
CA GLY V 68 12.69 -12.16 58.89
C GLY V 68 11.86 -12.14 57.61
N SER V 69 11.34 -10.95 57.31
CA SER V 69 10.56 -10.68 56.10
C SER V 69 10.98 -9.35 55.50
N LEU V 70 10.62 -9.14 54.22
CA LEU V 70 10.99 -7.95 53.47
C LEU V 70 10.04 -6.81 53.85
N ASN V 71 10.61 -5.68 54.29
CA ASN V 71 9.84 -4.53 54.73
C ASN V 71 9.91 -3.40 53.70
N TRP V 72 10.98 -3.37 52.89
CA TRP V 72 11.17 -2.37 51.86
C TRP V 72 11.71 -3.01 50.59
N THR V 73 11.29 -2.46 49.44
CA THR V 73 11.69 -2.91 48.12
C THR V 73 12.04 -1.70 47.25
N ALA V 74 13.16 -1.82 46.51
CA ALA V 74 13.67 -0.74 45.67
C ALA V 74 13.79 -1.23 44.23
N ILE V 75 13.24 -0.45 43.29
CA ILE V 75 13.20 -0.78 41.87
C ILE V 75 13.90 0.33 41.08
N TYR V 76 14.90 -0.05 40.29
CA TYR V 76 15.66 0.85 39.44
C TYR V 76 15.00 0.93 38.06
N VAL V 77 14.67 2.15 37.62
CA VAL V 77 13.91 2.39 36.40
C VAL V 77 14.61 3.44 35.55
N THR V 78 14.75 3.12 34.25
CA THR V 78 15.26 4.04 33.24
C THR V 78 14.32 4.04 32.03
N LEU V 79 14.52 5.03 31.15
CA LEU V 79 13.82 5.11 29.87
C LEU V 79 14.52 4.22 28.84
N ASN V 80 13.77 3.87 27.78
CA ASN V 80 14.30 3.15 26.64
C ASN V 80 15.03 4.12 25.72
N THR V 81 15.83 3.57 24.78
CA THR V 81 16.63 4.36 23.86
C THR V 81 15.75 4.99 22.79
N GLY V 82 15.88 6.32 22.65
CA GLY V 82 15.13 7.10 21.70
C GLY V 82 13.65 7.22 22.09
N SER V 83 13.41 7.58 23.35
CA SER V 83 12.06 7.65 23.91
C SER V 83 11.70 9.09 24.26
N SER V 84 10.41 9.41 24.14
CA SER V 84 9.84 10.68 24.55
C SER V 84 9.74 10.74 26.08
N PRO V 85 9.80 11.94 26.71
CA PRO V 85 9.70 12.06 28.16
C PRO V 85 8.41 11.49 28.76
N VAL V 86 8.54 10.94 29.97
CA VAL V 86 7.43 10.30 30.69
C VAL V 86 7.25 11.01 32.03
N ASP V 87 6.00 11.40 32.31
CA ASP V 87 5.61 11.96 33.59
C ASP V 87 5.21 10.82 34.52
N LEU V 88 5.83 10.80 35.72
CA LEU V 88 5.69 9.69 36.66
C LEU V 88 4.41 9.83 37.49
N SER V 89 3.75 11.00 37.39
CA SER V 89 2.52 11.27 38.12
C SER V 89 1.33 10.55 37.47
N ASN V 90 1.47 10.23 36.18
CA ASN V 90 0.43 9.55 35.42
C ASN V 90 0.78 8.06 35.26
N VAL V 91 1.76 7.59 36.05
CA VAL V 91 2.24 6.23 36.00
C VAL V 91 1.58 5.44 37.14
N SER V 92 1.05 4.26 36.79
CA SER V 92 0.44 3.33 37.73
C SER V 92 1.28 2.06 37.83
N LEU V 93 1.45 1.57 39.06
CA LEU V 93 2.25 0.38 39.35
C LEU V 93 1.33 -0.73 39.88
N SER V 94 1.39 -1.88 39.22
CA SER V 94 0.63 -3.07 39.59
C SER V 94 1.55 -4.12 40.19
N LEU V 95 1.06 -4.83 41.22
CA LEU V 95 1.76 -5.90 41.90
C LEU V 95 0.79 -6.99 42.31
N GLU V 96 1.21 -8.25 42.16
CA GLU V 96 0.41 -9.41 42.54
C GLU V 96 1.23 -10.30 43.47
N TYR V 97 0.66 -10.56 44.66
CA TYR V 97 1.30 -11.37 45.69
C TYR V 97 0.24 -12.04 46.55
N GLN V 98 0.25 -13.38 46.56
CA GLN V 98 -0.54 -14.24 47.44
C GLN V 98 -2.02 -13.85 47.42
N GLY V 99 -2.58 -13.72 46.20
CA GLY V 99 -4.00 -13.43 46.02
C GLY V 99 -4.37 -12.01 46.44
N GLN V 100 -3.49 -11.06 46.13
CA GLN V 100 -3.69 -9.64 46.40
C GLN V 100 -3.11 -8.84 45.24
N LEU V 101 -3.99 -8.12 44.53
CA LEU V 101 -3.60 -7.32 43.37
C LEU V 101 -3.63 -5.83 43.77
N ALA V 102 -2.43 -5.24 43.85
CA ALA V 102 -2.25 -3.87 44.30
C ALA V 102 -2.15 -2.93 43.10
N SER V 103 -2.57 -1.68 43.31
CA SER V 103 -2.43 -0.61 42.34
C SER V 103 -1.97 0.66 43.05
N LEU V 104 -0.69 1.01 42.84
CA LEU V 104 -0.03 2.09 43.57
C LEU V 104 0.14 3.31 42.66
N LYS V 105 0.07 4.50 43.27
CA LYS V 105 0.02 5.76 42.55
C LYS V 105 0.75 6.84 43.35
N TYR V 106 1.52 7.68 42.64
CA TYR V 106 2.23 8.81 43.21
C TYR V 106 1.38 10.06 43.12
N THR V 107 1.36 10.84 44.22
CA THR V 107 0.62 12.10 44.29
C THR V 107 1.63 13.25 44.37
N PRO V 108 1.64 14.18 43.38
CA PRO V 108 2.54 15.33 43.41
C PRO V 108 2.09 16.42 44.38
N ALA V 109 3.06 16.98 45.11
CA ALA V 109 2.84 18.04 46.09
C ALA V 109 4.10 18.88 46.25
N THR V 110 3.90 20.12 46.74
CA THR V 110 4.99 21.04 47.03
C THR V 110 5.68 20.63 48.33
N THR V 111 4.86 20.33 49.35
CA THR V 111 5.35 19.87 50.65
C THR V 111 4.63 18.58 51.02
N ASN V 112 5.30 17.76 51.85
CA ASN V 112 4.82 16.48 52.36
C ASN V 112 4.61 15.48 51.22
N ALA V 113 5.55 15.50 50.27
CA ALA V 113 5.54 14.60 49.13
C ALA V 113 6.66 13.57 49.27
N SER V 114 6.36 12.32 48.90
CA SER V 114 7.31 11.23 48.96
C SER V 114 8.32 11.36 47.81
N PHE V 115 9.31 12.23 48.02
CA PHE V 115 10.29 12.61 47.01
C PHE V 115 11.61 12.96 47.70
N ALA V 116 12.72 12.50 47.12
CA ALA V 116 14.06 12.75 47.64
C ALA V 116 15.05 12.89 46.47
N VAL V 117 16.02 13.80 46.64
CA VAL V 117 17.07 14.04 45.66
C VAL V 117 18.37 13.48 46.23
N ASP V 118 19.02 12.61 45.45
CA ASP V 118 20.27 11.97 45.84
C ASP V 118 21.16 11.80 44.60
N THR V 119 21.60 12.92 44.03
CA THR V 119 22.35 12.94 42.79
C THR V 119 23.85 13.08 43.06
N ASN V 120 24.19 13.50 44.29
CA ASN V 120 25.56 13.77 44.69
C ASN V 120 26.25 12.50 45.18
N GLY V 121 25.45 11.44 45.41
CA GLY V 121 25.94 10.16 45.87
C GLY V 121 25.58 9.88 47.32
N THR V 122 25.53 8.60 47.68
CA THR V 122 25.15 8.16 49.02
C THR V 122 25.92 6.89 49.40
N SER V 123 26.16 6.74 50.71
CA SER V 123 26.80 5.57 51.28
C SER V 123 25.76 4.47 51.51
N ASN V 124 24.49 4.87 51.68
CA ASN V 124 23.36 3.96 51.84
C ASN V 124 22.14 4.55 51.14
N VAL V 125 21.50 3.72 50.31
CA VAL V 125 20.30 4.10 49.57
C VAL V 125 19.10 4.07 50.52
N PHE V 126 19.08 3.11 51.44
CA PHE V 126 17.99 2.90 52.38
C PHE V 126 18.07 3.85 53.57
N SER V 127 18.87 4.92 53.44
CA SER V 127 19.04 5.92 54.47
C SER V 127 18.23 7.18 54.15
N VAL V 128 17.51 7.16 53.02
CA VAL V 128 16.71 8.28 52.56
C VAL V 128 15.32 8.24 53.22
N LEU V 129 15.10 7.24 54.09
CA LEU V 129 13.85 7.08 54.81
C LEU V 129 13.77 8.10 55.95
N ASN V 130 14.94 8.58 56.40
CA ASN V 130 15.06 9.52 57.51
C ASN V 130 15.15 10.96 56.99
N ALA V 131 15.10 11.11 55.66
CA ALA V 131 15.23 12.41 55.01
C ALA V 131 13.95 13.23 55.19
N GLY V 132 14.14 14.54 55.39
CA GLY V 132 13.05 15.48 55.63
C GLY V 132 12.32 15.84 54.33
N VAL V 133 10.99 15.89 54.41
CA VAL V 133 10.13 16.20 53.28
C VAL V 133 9.25 17.41 53.59
N GLY V 134 8.94 17.62 54.88
CA GLY V 134 8.09 18.71 55.31
C GLY V 134 8.33 19.10 56.77
N TYR V 135 7.47 19.99 57.28
CA TYR V 135 7.55 20.50 58.65
C TYR V 135 6.31 20.05 59.42
N LYS V 136 6.51 19.75 60.71
CA LYS V 136 5.45 19.36 61.63
C LYS V 136 4.47 20.52 61.80
N ASN V 137 5.02 21.69 62.14
CA ASN V 137 4.28 22.93 62.33
C ASN V 137 5.08 24.09 61.75
N SER V 138 4.72 25.32 62.16
CA SER V 138 5.33 26.54 61.66
C SER V 138 6.61 26.87 62.42
N THR V 139 6.81 26.23 63.58
CA THR V 139 7.88 26.56 64.52
C THR V 139 9.14 25.76 64.21
N ALA V 140 9.05 24.86 63.21
CA ALA V 140 10.16 24.01 62.81
C ALA V 140 11.20 24.82 62.04
N THR V 141 12.47 24.68 62.47
CA THR V 141 13.61 25.36 61.85
C THR V 141 14.06 24.57 60.62
N PHE V 142 14.08 23.23 60.74
CA PHE V 142 14.47 22.33 59.68
C PHE V 142 13.33 21.36 59.38
N LYS V 143 13.43 20.67 58.23
CA LYS V 143 12.46 19.67 57.81
C LYS V 143 12.56 18.45 58.72
N ASN V 144 11.49 18.18 59.47
CA ASN V 144 11.50 17.21 60.55
C ASN V 144 10.45 16.12 60.31
N VAL V 145 9.73 16.21 59.18
CA VAL V 145 8.83 15.15 58.75
C VAL V 145 9.61 14.21 57.84
N GLU V 146 9.71 12.94 58.25
CA GLU V 146 10.52 11.94 57.57
C GLU V 146 9.73 11.31 56.42
N LEU V 147 10.45 10.59 55.55
CA LEU V 147 9.92 9.99 54.34
C LEU V 147 9.09 8.75 54.67
N LYS V 148 9.34 8.16 55.85
CA LYS V 148 8.65 6.98 56.33
C LYS V 148 7.19 7.31 56.63
N ASN V 149 6.94 8.54 57.10
CA ASN V 149 5.67 8.94 57.68
C ASN V 149 4.64 9.25 56.59
N VAL V 150 5.09 9.36 55.34
CA VAL V 150 4.23 9.71 54.22
C VAL V 150 4.02 8.51 53.29
N THR V 151 5.02 7.60 53.26
CA THR V 151 4.97 6.42 52.41
C THR V 151 4.16 5.33 53.12
N LYS V 152 3.01 4.97 52.53
CA LYS V 152 2.05 4.07 53.14
C LYS V 152 1.76 2.89 52.21
N SER V 153 0.48 2.48 52.14
CA SER V 153 0.07 1.25 51.49
C SER V 153 -0.56 1.51 50.13
N THR V 154 -0.67 2.78 49.74
CA THR V 154 -1.36 3.17 48.52
C THR V 154 -0.42 3.89 47.55
N ASN V 155 0.72 4.36 48.07
CA ASN V 155 1.63 5.23 47.33
C ASN V 155 3.05 4.66 47.34
N PHE V 156 3.87 5.18 46.41
CA PHE V 156 5.31 4.87 46.35
C PHE V 156 6.12 6.17 46.38
N ALA V 157 7.40 6.04 46.73
CA ALA V 157 8.33 7.17 46.80
C ALA V 157 9.27 7.15 45.59
N ILE V 158 9.71 8.36 45.20
CA ILE V 158 10.65 8.53 44.10
C ILE V 158 11.96 9.11 44.65
N VAL V 159 13.06 8.41 44.38
CA VAL V 159 14.40 8.85 44.74
C VAL V 159 15.22 8.99 43.46
N VAL V 160 15.78 10.19 43.25
CA VAL V 160 16.52 10.53 42.04
C VAL V 160 17.97 10.12 42.23
N ILE V 161 18.52 9.42 41.23
CA ILE V 161 19.90 8.99 41.21
C ILE V 161 20.68 9.84 40.21
N ARG V 162 20.16 9.93 38.97
CA ARG V 162 20.76 10.74 37.92
C ARG V 162 19.69 11.68 37.34
N ASP V 163 20.10 12.94 37.11
CA ASP V 163 19.26 13.95 36.50
C ASP V 163 20.16 14.97 35.80
N PRO V 164 20.51 14.75 34.50
CA PRO V 164 21.42 15.63 33.77
C PRO V 164 20.86 17.00 33.40
N SER V 165 19.54 17.06 33.17
CA SER V 165 18.90 18.25 32.62
C SER V 165 18.01 18.95 33.66
N ASN V 166 17.94 18.38 34.87
CA ASN V 166 17.17 18.90 35.99
C ASN V 166 15.69 18.97 35.62
N SER V 167 15.09 17.80 35.37
CA SER V 167 13.72 17.69 34.89
C SER V 167 12.81 17.09 35.96
N LEU V 168 13.41 16.56 37.03
CA LEU V 168 12.69 15.87 38.09
C LEU V 168 12.52 16.78 39.30
N THR V 169 11.25 17.06 39.64
CA THR V 169 10.86 17.82 40.82
C THR V 169 9.72 17.08 41.52
N SER V 170 9.40 17.51 42.75
CA SER V 170 8.35 16.94 43.57
C SER V 170 6.97 17.25 42.98
N SER V 171 6.86 18.41 42.33
CA SER V 171 5.63 18.85 41.70
C SER V 171 5.49 18.25 40.30
N HIS V 172 6.61 18.20 39.56
CA HIS V 172 6.65 17.68 38.20
C HIS V 172 7.78 16.66 38.06
N PRO V 173 7.53 15.36 38.32
CA PRO V 173 8.54 14.32 38.12
C PRO V 173 8.57 13.78 36.69
N VAL V 174 9.29 14.51 35.82
CA VAL V 174 9.38 14.18 34.41
C VAL V 174 10.73 13.50 34.17
N LEU V 175 10.68 12.27 33.65
CA LEU V 175 11.84 11.45 33.36
C LEU V 175 12.28 11.71 31.92
N THR V 176 13.55 12.08 31.75
CA THR V 176 14.13 12.43 30.45
C THR V 176 15.26 11.48 30.10
N THR V 177 15.98 11.78 29.01
CA THR V 177 17.07 10.96 28.50
C THR V 177 18.29 11.10 29.41
N GLY V 178 18.75 9.97 29.94
CA GLY V 178 19.95 9.90 30.74
C GLY V 178 19.68 9.92 32.24
N SER V 179 18.40 9.98 32.61
CA SER V 179 17.98 10.05 34.01
C SER V 179 17.64 8.67 34.55
N GLU V 180 17.76 8.53 35.88
CA GLU V 180 17.54 7.27 36.58
C GLU V 180 16.89 7.56 37.94
N VAL V 181 15.85 6.79 38.27
CA VAL V 181 15.11 6.92 39.52
C VAL V 181 15.01 5.57 40.22
N VAL V 182 14.80 5.62 41.55
CA VAL V 182 14.51 4.46 42.36
C VAL V 182 13.11 4.62 42.95
N ILE V 183 12.27 3.60 42.74
CA ILE V 183 10.92 3.54 43.28
C ILE V 183 10.95 2.67 44.55
N LEU V 184 10.55 3.27 45.68
CA LEU V 184 10.50 2.61 46.97
C LEU V 184 9.06 2.26 47.31
N VAL V 185 8.84 1.00 47.70
CA VAL V 185 7.54 0.48 48.09
C VAL V 185 7.63 -0.03 49.52
N ASN V 186 6.73 0.45 50.38
CA ASN V 186 6.59 -0.03 51.74
C ASN V 186 5.87 -1.38 51.71
N THR V 187 6.66 -2.45 51.77
CA THR V 187 6.20 -3.82 51.58
C THR V 187 5.41 -4.29 52.81
N SER V 188 5.77 -3.75 53.99
CA SER V 188 5.13 -4.10 55.25
C SER V 188 3.76 -3.44 55.37
N ALA V 189 3.49 -2.45 54.52
CA ALA V 189 2.23 -1.72 54.50
C ALA V 189 1.25 -2.35 53.50
N VAL V 190 1.78 -2.72 52.32
CA VAL V 190 0.97 -3.19 51.20
C VAL V 190 0.58 -4.64 51.44
N PHE V 191 1.57 -5.52 51.64
CA PHE V 191 1.35 -6.96 51.72
C PHE V 191 1.51 -7.45 53.15
N GLY V 192 2.22 -6.68 53.98
CA GLY V 192 2.51 -7.04 55.36
C GLY V 192 3.71 -7.97 55.47
N GLY V 193 4.72 -7.74 54.61
CA GLY V 193 5.95 -8.51 54.59
C GLY V 193 5.89 -9.67 53.60
N MET V 194 6.87 -9.72 52.69
CA MET V 194 7.02 -10.80 51.74
C MET V 194 7.81 -11.95 52.38
N LYS V 195 7.40 -13.18 52.05
CA LYS V 195 7.92 -14.38 52.68
C LYS V 195 8.76 -15.19 51.69
N GLN V 196 9.37 -16.27 52.19
CA GLN V 196 10.32 -17.10 51.45
C GLN V 196 9.59 -17.96 50.42
N GLY V 197 10.17 -18.02 49.22
CA GLY V 197 9.72 -18.89 48.14
C GLY V 197 8.33 -18.53 47.62
N GLN V 198 8.14 -17.24 47.32
CA GLN V 198 6.87 -16.71 46.83
C GLN V 198 7.10 -15.96 45.53
N ALA V 199 6.13 -16.07 44.61
CA ALA V 199 6.20 -15.46 43.29
C ALA V 199 5.59 -14.07 43.31
N VAL V 200 6.30 -13.12 42.69
CA VAL V 200 5.86 -11.73 42.56
C VAL V 200 5.83 -11.37 41.08
N THR V 201 4.68 -10.87 40.62
CA THR V 201 4.46 -10.48 39.23
C THR V 201 3.77 -9.12 39.20
N GLY V 202 4.25 -8.23 38.32
CA GLY V 202 3.70 -6.90 38.19
C GLY V 202 4.20 -6.15 36.95
N GLN V 203 3.68 -4.92 36.78
CA GLN V 203 3.99 -4.06 35.64
C GLN V 203 4.03 -2.60 36.09
N ILE V 204 4.84 -1.80 35.38
CA ILE V 204 4.86 -0.35 35.50
C ILE V 204 4.27 0.24 34.22
N ASN V 205 3.04 0.75 34.32
CA ASN V 205 2.27 1.20 33.17
C ASN V 205 2.34 2.72 33.05
N PRO V 206 2.94 3.26 31.96
CA PRO V 206 2.82 4.68 31.63
C PRO V 206 1.51 4.98 30.89
N SER V 207 1.21 6.27 30.72
CA SER V 207 0.04 6.73 29.99
C SER V 207 0.22 6.48 28.49
N VAL V 208 1.42 6.82 27.99
CA VAL V 208 1.81 6.58 26.61
C VAL V 208 3.13 5.81 26.61
N GLY V 209 3.13 4.64 25.95
CA GLY V 209 4.33 3.85 25.76
C GLY V 209 4.14 2.38 26.14
N SER V 210 5.25 1.64 26.18
CA SER V 210 5.28 0.22 26.50
C SER V 210 5.70 0.01 27.96
N PRO V 211 5.06 -0.92 28.71
CA PRO V 211 5.32 -1.09 30.14
C PRO V 211 6.61 -1.85 30.47
N GLY V 212 7.11 -1.63 31.69
CA GLY V 212 8.23 -2.38 32.25
C GLY V 212 7.74 -3.56 33.09
N ILE V 213 8.42 -4.71 32.96
CA ILE V 213 7.96 -5.98 33.51
C ILE V 213 8.72 -6.29 34.79
N ILE V 214 7.96 -6.68 35.82
CA ILE V 214 8.50 -7.16 37.10
C ILE V 214 8.05 -8.60 37.29
N GLN V 215 9.02 -9.51 37.40
CA GLN V 215 8.78 -10.93 37.64
C GLN V 215 9.99 -11.55 38.33
N PHE V 216 9.79 -11.98 39.58
CA PHE V 216 10.83 -12.64 40.37
C PHE V 216 10.20 -13.55 41.42
N THR V 217 10.99 -14.55 41.86
CA THR V 217 10.65 -15.40 42.99
C THR V 217 11.61 -15.09 44.13
N THR V 218 11.04 -14.90 45.33
CA THR V 218 11.80 -14.60 46.54
C THR V 218 12.65 -15.80 46.92
N PRO V 219 13.91 -15.60 47.42
CA PRO V 219 14.78 -16.70 47.80
C PRO V 219 14.20 -17.65 48.83
N SER V 220 14.70 -18.90 48.84
CA SER V 220 14.21 -19.98 49.67
C SER V 220 14.53 -19.71 51.15
N ALA V 221 15.67 -19.05 51.39
CA ALA V 221 16.07 -18.64 52.74
C ALA V 221 16.80 -17.30 52.67
N PHE V 222 16.34 -16.34 53.50
CA PHE V 222 16.97 -15.04 53.63
C PHE V 222 18.17 -15.17 54.57
N THR V 223 19.37 -14.88 54.04
CA THR V 223 20.62 -15.12 54.74
C THR V 223 21.32 -13.79 55.07
N GLU V 224 21.04 -12.76 54.27
CA GLU V 224 21.63 -11.43 54.45
C GLU V 224 20.52 -10.38 54.52
N THR V 225 20.91 -9.17 54.96
CA THR V 225 19.99 -8.07 55.23
C THR V 225 19.45 -7.50 53.93
N VAL V 226 20.35 -7.15 53.01
CA VAL V 226 19.98 -6.62 51.70
C VAL V 226 20.29 -7.69 50.64
N MET V 227 19.28 -8.00 49.82
CA MET V 227 19.35 -9.07 48.83
C MET V 227 18.94 -8.52 47.47
N GLU V 228 19.53 -9.11 46.42
CA GLU V 228 19.15 -8.85 45.03
C GLU V 228 18.09 -9.86 44.61
N LEU V 229 16.98 -9.35 44.08
CA LEU V 229 15.82 -10.16 43.73
C LEU V 229 15.78 -10.39 42.22
N GLN V 230 15.95 -9.32 41.45
CA GLN V 230 15.91 -9.38 39.99
C GLN V 230 17.14 -8.64 39.43
N GLU W 1 -38.67 28.46 -22.82
CA GLU W 1 -37.48 29.05 -22.13
C GLU W 1 -36.54 27.93 -21.70
N THR W 2 -35.34 28.32 -21.27
CA THR W 2 -34.25 27.42 -20.89
C THR W 2 -34.57 26.73 -19.56
N GLY W 3 -35.48 27.32 -18.78
CA GLY W 3 -35.86 26.85 -17.45
C GLY W 3 -36.47 25.45 -17.47
N ILE W 4 -37.27 25.16 -18.51
CA ILE W 4 -37.99 23.89 -18.65
C ILE W 4 -36.99 22.78 -18.96
N GLY W 5 -36.08 23.04 -19.90
CA GLY W 5 -35.11 22.07 -20.39
C GLY W 5 -34.06 21.70 -19.33
N THR W 6 -33.76 22.65 -18.45
CA THR W 6 -32.77 22.50 -17.40
C THR W 6 -33.24 21.49 -16.36
N LEU W 7 -34.55 21.54 -16.04
CA LEU W 7 -35.15 20.71 -15.01
C LEU W 7 -35.23 19.25 -15.45
N ILE W 8 -35.47 19.02 -16.74
CA ILE W 8 -35.63 17.69 -17.31
C ILE W 8 -34.31 16.92 -17.25
N ILE W 9 -33.22 17.60 -17.62
CA ILE W 9 -31.88 17.02 -17.66
C ILE W 9 -31.37 16.82 -16.23
N PHE W 10 -31.80 17.69 -15.31
CA PHE W 10 -31.43 17.64 -13.90
C PHE W 10 -31.84 16.31 -13.26
N ILE W 11 -33.07 15.85 -13.59
CA ILE W 11 -33.62 14.61 -13.07
C ILE W 11 -32.78 13.44 -13.56
N ALA W 12 -32.36 13.49 -14.83
CA ALA W 12 -31.56 12.45 -15.47
C ALA W 12 -30.16 12.36 -14.87
N MET W 13 -29.61 13.52 -14.49
CA MET W 13 -28.26 13.63 -13.95
C MET W 13 -28.18 12.97 -12.56
N VAL W 14 -29.28 13.10 -11.79
CA VAL W 14 -29.38 12.59 -10.42
C VAL W 14 -29.46 11.06 -10.47
N LEU W 15 -30.20 10.53 -11.44
CA LEU W 15 -30.46 9.11 -11.59
C LEU W 15 -29.19 8.37 -12.04
N VAL W 16 -28.38 9.03 -12.87
CA VAL W 16 -27.15 8.47 -13.42
C VAL W 16 -26.10 8.35 -12.30
N ALA W 17 -26.04 9.36 -11.44
CA ALA W 17 -25.08 9.44 -10.34
C ALA W 17 -25.36 8.38 -9.28
N ALA W 18 -26.63 7.97 -9.17
CA ALA W 18 -27.07 6.96 -8.22
C ALA W 18 -26.59 5.57 -8.65
N VAL W 19 -26.50 5.36 -9.98
CA VAL W 19 -26.13 4.09 -10.58
C VAL W 19 -24.67 3.78 -10.27
N ALA W 20 -23.79 4.78 -10.46
CA ALA W 20 -22.35 4.65 -10.26
C ALA W 20 -22.02 4.46 -8.78
N ALA W 21 -22.88 5.03 -7.91
CA ALA W 21 -22.76 4.91 -6.47
C ALA W 21 -23.04 3.47 -6.02
N THR W 22 -24.02 2.83 -6.68
CA THR W 22 -24.48 1.49 -6.36
C THR W 22 -23.42 0.45 -6.69
N VAL W 23 -22.67 0.68 -7.78
CA VAL W 23 -21.64 -0.22 -8.28
C VAL W 23 -20.52 -0.32 -7.25
N LEU W 24 -20.11 0.83 -6.70
CA LEU W 24 -18.96 0.93 -5.80
C LEU W 24 -19.25 0.27 -4.46
N ILE W 25 -20.51 0.37 -4.00
CA ILE W 25 -20.95 -0.18 -2.72
C ILE W 25 -21.04 -1.71 -2.82
N ASN W 26 -21.62 -2.19 -3.93
CA ASN W 26 -21.87 -3.61 -4.16
C ASN W 26 -20.56 -4.38 -4.32
N THR W 27 -19.58 -3.75 -4.98
CA THR W 27 -18.28 -4.37 -5.25
C THR W 27 -17.48 -4.48 -3.96
N ALA W 28 -17.55 -3.45 -3.11
CA ALA W 28 -16.83 -3.38 -1.84
C ALA W 28 -17.37 -4.40 -0.85
N GLY W 29 -18.69 -4.64 -0.91
CA GLY W 29 -19.37 -5.61 -0.06
C GLY W 29 -19.01 -7.05 -0.43
N SER W 30 -18.78 -7.29 -1.72
CA SER W 30 -18.42 -8.60 -2.25
C SER W 30 -16.98 -8.95 -1.90
N LEU W 31 -16.10 -7.95 -1.94
CA LEU W 31 -14.67 -8.12 -1.67
C LEU W 31 -14.41 -8.19 -0.17
N GLN W 32 -15.37 -7.72 0.63
CA GLN W 32 -15.26 -7.68 2.09
C GLN W 32 -15.25 -9.10 2.66
N GLN W 33 -16.16 -9.94 2.16
CA GLN W 33 -16.40 -11.27 2.70
C GLN W 33 -15.26 -12.22 2.30
N ARG W 34 -14.70 -12.00 1.11
CA ARG W 34 -13.62 -12.82 0.58
C ARG W 34 -12.33 -12.57 1.36
N ALA W 35 -12.04 -11.30 1.64
CA ALA W 35 -10.81 -10.87 2.31
C ALA W 35 -10.81 -11.29 3.77
N THR W 36 -12.00 -11.32 4.39
CA THR W 36 -12.18 -11.69 5.79
C THR W 36 -11.97 -13.20 5.96
N SER W 37 -12.53 -13.99 5.02
CA SER W 37 -12.51 -15.44 5.07
C SER W 37 -11.11 -15.98 4.78
N THR W 38 -10.38 -15.30 3.89
CA THR W 38 -9.04 -15.69 3.47
C THR W 38 -8.07 -15.56 4.64
N GLY W 39 -8.22 -14.48 5.43
CA GLY W 39 -7.37 -14.21 6.58
C GLY W 39 -7.53 -15.23 7.69
N SER W 40 -8.78 -15.65 7.94
CA SER W 40 -9.13 -16.57 9.01
C SER W 40 -8.70 -18.00 8.67
N GLN W 41 -8.80 -18.36 7.38
CA GLN W 41 -8.48 -19.69 6.89
C GLN W 41 -6.97 -19.93 6.90
N THR W 42 -6.21 -18.86 6.61
CA THR W 42 -4.75 -18.92 6.54
C THR W 42 -4.16 -19.05 7.95
N THR W 43 -4.79 -18.38 8.92
CA THR W 43 -4.38 -18.39 10.32
C THR W 43 -4.50 -19.80 10.88
N ASN W 44 -5.57 -20.50 10.50
CA ASN W 44 -5.82 -21.88 10.90
C ASN W 44 -4.87 -22.84 10.19
N GLN W 45 -4.47 -22.47 8.96
CA GLN W 45 -3.65 -23.31 8.09
C GLN W 45 -2.23 -23.43 8.63
N VAL W 46 -1.70 -22.31 9.14
CA VAL W 46 -0.30 -22.21 9.57
C VAL W 46 -0.15 -22.88 10.94
N SER W 47 -1.11 -22.63 11.84
CA SER W 47 -1.02 -23.01 13.24
C SER W 47 -1.23 -24.51 13.45
N THR W 48 -2.08 -25.12 12.62
CA THR W 48 -2.49 -26.52 12.76
C THR W 48 -1.39 -27.43 12.22
N GLY W 49 -1.18 -28.56 12.91
CA GLY W 49 -0.23 -29.59 12.51
C GLY W 49 -0.29 -30.82 13.40
N LEU W 50 0.24 -31.93 12.88
CA LEU W 50 0.32 -33.21 13.60
C LEU W 50 1.77 -33.58 13.81
N ILE W 51 2.05 -34.25 14.94
CA ILE W 51 3.39 -34.68 15.31
C ILE W 51 3.38 -36.15 15.74
N VAL W 52 4.43 -36.88 15.30
CA VAL W 52 4.63 -38.27 15.62
C VAL W 52 5.51 -38.36 16.86
N GLN W 53 5.06 -39.15 17.85
CA GLN W 53 5.76 -39.31 19.12
C GLN W 53 6.77 -40.44 19.02
N SER W 54 6.26 -41.68 18.86
CA SER W 54 7.08 -42.89 18.82
C SER W 54 6.40 -43.96 17.99
N ILE W 55 7.22 -44.83 17.39
CA ILE W 55 6.75 -45.94 16.56
C ILE W 55 7.30 -47.25 17.12
N TYR W 56 6.39 -48.22 17.32
CA TYR W 56 6.73 -49.54 17.82
C TYR W 56 6.29 -50.61 16.82
N GLY W 57 7.03 -51.74 16.81
CA GLY W 57 6.75 -52.87 15.94
C GLY W 57 6.73 -54.19 16.71
N MET W 58 6.03 -55.18 16.15
CA MET W 58 5.86 -56.49 16.76
C MET W 58 6.28 -57.59 15.78
N ASP W 59 7.14 -58.49 16.25
CA ASP W 59 7.65 -59.62 15.48
C ASP W 59 6.59 -60.72 15.45
N ASN W 60 6.59 -61.51 14.37
CA ASN W 60 5.57 -62.51 14.12
C ASN W 60 5.96 -63.87 14.70
N ASN W 61 7.23 -64.03 15.07
CA ASN W 61 7.75 -65.25 15.66
C ASN W 61 8.10 -65.01 17.12
N ARG W 62 7.53 -65.84 18.01
CA ARG W 62 7.71 -65.73 19.45
C ARG W 62 8.81 -66.67 19.90
N SER W 63 8.86 -67.87 19.31
CA SER W 63 9.79 -68.92 19.67
C SER W 63 11.23 -68.53 19.32
N ASN W 64 11.40 -67.97 18.11
CA ASN W 64 12.69 -67.49 17.63
C ASN W 64 12.49 -66.19 16.85
N PRO W 65 12.68 -65.00 17.49
CA PRO W 65 12.42 -63.72 16.83
C PRO W 65 13.47 -63.31 15.78
N GLU W 66 14.53 -64.12 15.66
CA GLU W 66 15.66 -63.84 14.78
C GLU W 66 15.26 -64.06 13.32
N SER W 67 14.41 -65.05 13.08
CA SER W 67 13.96 -65.42 11.73
C SER W 67 12.53 -64.94 11.49
N GLY W 68 12.14 -63.87 12.20
CA GLY W 68 10.80 -63.33 12.13
C GLY W 68 10.71 -62.02 11.34
N SER W 69 9.48 -61.55 11.14
CA SER W 69 9.18 -60.29 10.46
C SER W 69 8.10 -59.54 11.23
N LEU W 70 7.98 -58.24 10.94
CA LEU W 70 7.03 -57.37 11.61
C LEU W 70 5.64 -57.55 10.99
N ASN W 71 4.66 -57.87 11.85
CA ASN W 71 3.29 -58.13 11.40
C ASN W 71 2.37 -56.97 11.76
N TRP W 72 2.73 -56.21 12.81
CA TRP W 72 1.96 -55.07 13.27
C TRP W 72 2.88 -53.89 13.62
N THR W 73 2.39 -52.68 13.37
CA THR W 73 3.11 -51.44 13.63
C THR W 73 2.16 -50.44 14.30
N ALA W 74 2.65 -49.76 15.34
CA ALA W 74 1.87 -48.81 16.12
C ALA W 74 2.56 -47.44 16.12
N ILE W 75 1.79 -46.39 15.79
CA ILE W 75 2.29 -45.03 15.68
C ILE W 75 1.51 -44.13 16.64
N TYR W 76 2.25 -43.43 17.51
CA TYR W 76 1.69 -42.50 18.48
C TYR W 76 1.63 -41.11 17.87
N VAL W 77 0.44 -40.50 17.88
CA VAL W 77 0.17 -39.24 17.21
C VAL W 77 -0.54 -38.29 18.17
N THR W 78 -0.03 -37.04 18.22
CA THR W 78 -0.64 -35.94 18.96
C THR W 78 -0.73 -34.70 18.05
N LEU W 79 -1.52 -33.72 18.50
CA LEU W 79 -1.59 -32.42 17.85
C LEU W 79 -0.43 -31.54 18.30
N ASN W 80 -0.14 -30.50 17.50
CA ASN W 80 0.84 -29.48 17.81
C ASN W 80 0.22 -28.48 18.78
N THR W 81 1.07 -27.64 19.39
CA THR W 81 0.66 -26.66 20.38
C THR W 81 -0.03 -25.49 19.71
N GLY W 82 -1.26 -25.19 20.18
CA GLY W 82 -2.09 -24.11 19.66
C GLY W 82 -2.63 -24.42 18.27
N SER W 83 -3.20 -25.63 18.12
CA SER W 83 -3.70 -26.12 16.85
C SER W 83 -5.22 -26.27 16.88
N SER W 84 -5.83 -26.07 15.71
CA SER W 84 -7.26 -26.29 15.50
C SER W 84 -7.55 -27.79 15.42
N PRO W 85 -8.76 -28.26 15.79
CA PRO W 85 -9.10 -29.68 15.72
C PRO W 85 -8.97 -30.30 14.32
N VAL W 86 -8.56 -31.57 14.30
CA VAL W 86 -8.33 -32.33 13.07
C VAL W 86 -9.24 -33.56 13.07
N ASP W 87 -9.98 -33.74 11.98
CA ASP W 87 -10.79 -34.93 11.74
C ASP W 87 -9.91 -35.98 11.05
N LEU W 88 -9.90 -37.19 11.64
CA LEU W 88 -9.01 -38.26 11.21
C LEU W 88 -9.57 -39.01 10.01
N SER W 89 -10.85 -38.75 9.68
CA SER W 89 -11.54 -39.38 8.57
C SER W 89 -11.07 -38.79 7.23
N ASN W 90 -10.56 -37.55 7.28
CA ASN W 90 -10.07 -36.85 6.10
C ASN W 90 -8.54 -36.90 6.04
N VAL W 91 -7.95 -37.77 6.86
CA VAL W 91 -6.50 -37.92 6.97
C VAL W 91 -6.06 -39.12 6.12
N SER W 92 -5.03 -38.90 5.29
CA SER W 92 -4.43 -39.93 4.46
C SER W 92 -3.00 -40.22 4.94
N LEU W 93 -2.65 -41.51 4.97
CA LEU W 93 -1.36 -41.98 5.41
C LEU W 93 -0.61 -42.61 4.25
N SER W 94 0.62 -42.10 4.00
CA SER W 94 1.49 -42.59 2.95
C SER W 94 2.66 -43.36 3.56
N LEU W 95 3.07 -44.45 2.89
CA LEU W 95 4.18 -45.27 3.29
C LEU W 95 4.92 -45.79 2.05
N GLU W 96 6.26 -45.82 2.13
CA GLU W 96 7.11 -46.30 1.06
C GLU W 96 8.05 -47.37 1.60
N TYR W 97 8.00 -48.56 0.99
CA TYR W 97 8.80 -49.71 1.39
C TYR W 97 9.04 -50.62 0.18
N GLN W 98 10.33 -50.79 -0.17
CA GLN W 98 10.83 -51.74 -1.16
C GLN W 98 10.07 -51.62 -2.48
N GLY W 99 9.96 -50.38 -2.99
CA GLY W 99 9.34 -50.10 -4.27
C GLY W 99 7.83 -50.32 -4.25
N GLN W 100 7.19 -49.92 -3.15
CA GLN W 100 5.75 -50.01 -2.98
C GLN W 100 5.27 -48.79 -2.20
N LEU W 101 4.47 -47.95 -2.85
CA LEU W 101 3.94 -46.72 -2.27
C LEU W 101 2.47 -46.93 -1.90
N ALA W 102 2.21 -46.97 -0.59
CA ALA W 102 0.88 -47.25 -0.06
C ALA W 102 0.17 -45.95 0.29
N SER W 103 -1.17 -45.98 0.21
CA SER W 103 -2.02 -44.88 0.64
C SER W 103 -3.21 -45.45 1.43
N LEU W 104 -3.19 -45.25 2.75
CA LEU W 104 -4.15 -45.86 3.66
C LEU W 104 -5.14 -44.81 4.15
N LYS W 105 -6.38 -45.25 4.39
CA LYS W 105 -7.51 -44.38 4.68
C LYS W 105 -8.45 -45.06 5.67
N TYR W 106 -8.95 -44.29 6.64
CA TYR W 106 -9.92 -44.74 7.62
C TYR W 106 -11.33 -44.45 7.13
N THR W 107 -12.23 -45.44 7.31
CA THR W 107 -13.63 -45.32 6.94
C THR W 107 -14.49 -45.29 8.21
N PRO W 108 -15.24 -44.20 8.47
CA PRO W 108 -16.11 -44.11 9.64
C PRO W 108 -17.39 -44.93 9.49
N ALA W 109 -17.78 -45.61 10.58
CA ALA W 109 -18.96 -46.45 10.63
C ALA W 109 -19.48 -46.54 12.07
N THR W 110 -20.76 -46.86 12.21
CA THR W 110 -21.40 -47.07 13.51
C THR W 110 -21.00 -48.44 14.06
N THR W 111 -21.07 -49.46 13.20
CA THR W 111 -20.67 -50.83 13.53
C THR W 111 -19.66 -51.33 12.49
N ASN W 112 -18.82 -52.28 12.92
CA ASN W 112 -17.80 -52.94 12.12
C ASN W 112 -16.74 -51.92 11.67
N ALA W 113 -16.38 -51.01 12.58
CA ALA W 113 -15.38 -49.99 12.33
C ALA W 113 -14.12 -50.31 13.14
N SER W 114 -12.95 -50.08 12.51
CA SER W 114 -11.66 -50.31 13.15
C SER W 114 -11.38 -49.20 14.16
N PHE W 115 -11.98 -49.33 15.34
CA PHE W 115 -11.95 -48.33 16.39
C PHE W 115 -12.04 -49.02 17.75
N ALA W 116 -11.23 -48.53 18.70
CA ALA W 116 -11.19 -49.06 20.06
C ALA W 116 -10.90 -47.94 21.06
N VAL W 117 -11.54 -48.01 22.22
CA VAL W 117 -11.36 -47.05 23.30
C VAL W 117 -10.58 -47.74 24.42
N ASP W 118 -9.47 -47.10 24.82
CA ASP W 118 -8.58 -47.61 25.85
C ASP W 118 -8.01 -46.45 26.65
N THR W 119 -8.89 -45.75 27.38
CA THR W 119 -8.56 -44.55 28.12
C THR W 119 -8.34 -44.86 29.60
N ASN W 120 -8.81 -46.03 30.04
CA ASN W 120 -8.76 -46.45 31.44
C ASN W 120 -7.43 -47.12 31.75
N GLY W 121 -6.66 -47.44 30.71
CA GLY W 121 -5.36 -48.08 30.84
C GLY W 121 -5.39 -49.55 30.41
N THR W 122 -4.21 -50.07 30.01
CA THR W 122 -4.08 -51.43 29.54
C THR W 122 -2.71 -52.00 29.94
N SER W 123 -2.69 -53.33 30.13
CA SER W 123 -1.46 -54.06 30.43
C SER W 123 -0.72 -54.40 29.14
N ASN W 124 -1.46 -54.46 28.02
CA ASN W 124 -0.90 -54.69 26.70
C ASN W 124 -1.69 -53.89 25.67
N VAL W 125 -0.96 -53.14 24.84
CA VAL W 125 -1.54 -52.32 23.78
C VAL W 125 -1.96 -53.21 22.62
N PHE W 126 -1.15 -54.25 22.35
CA PHE W 126 -1.37 -55.16 21.23
C PHE W 126 -2.40 -56.22 21.56
N SER W 127 -3.20 -55.98 22.62
CA SER W 127 -4.26 -56.90 23.04
C SER W 127 -5.63 -56.39 22.59
N VAL W 128 -5.64 -55.24 21.89
CA VAL W 128 -6.87 -54.62 21.41
C VAL W 128 -7.29 -55.22 20.07
N LEU W 129 -6.50 -56.19 19.59
CA LEU W 129 -6.76 -56.89 18.34
C LEU W 129 -7.91 -57.88 18.53
N ASN W 130 -8.12 -58.31 19.78
CA ASN W 130 -9.13 -59.30 20.14
C ASN W 130 -10.42 -58.61 20.61
N ALA W 131 -10.40 -57.27 20.62
CA ALA W 131 -11.53 -56.46 21.08
C ALA W 131 -12.67 -56.48 20.07
N GLY W 132 -13.90 -56.54 20.59
CA GLY W 132 -15.11 -56.60 19.79
C GLY W 132 -15.47 -55.25 19.18
N VAL W 133 -15.88 -55.27 17.91
CA VAL W 133 -16.26 -54.07 17.16
C VAL W 133 -17.68 -54.20 16.64
N GLY W 134 -18.13 -55.43 16.39
CA GLY W 134 -19.45 -55.70 15.86
C GLY W 134 -19.96 -57.10 16.19
N TYR W 135 -21.10 -57.46 15.59
CA TYR W 135 -21.75 -58.75 15.79
C TYR W 135 -21.75 -59.53 14.48
N LYS W 136 -21.59 -60.86 14.59
CA LYS W 136 -21.61 -61.77 13.46
C LYS W 136 -23.00 -61.76 12.82
N ASN W 137 -24.02 -61.97 13.66
CA ASN W 137 -25.42 -61.97 13.27
C ASN W 137 -26.25 -61.28 14.36
N SER W 138 -27.57 -61.52 14.34
CA SER W 138 -28.50 -60.89 15.25
C SER W 138 -28.59 -61.65 16.57
N THR W 139 -28.07 -62.89 16.58
CA THR W 139 -28.23 -63.81 17.69
C THR W 139 -27.10 -63.66 18.70
N ALA W 140 -26.13 -62.79 18.39
CA ALA W 140 -24.97 -62.54 19.23
C ALA W 140 -25.38 -61.71 20.46
N THR W 141 -24.97 -62.20 21.64
CA THR W 141 -25.23 -61.54 22.91
C THR W 141 -24.20 -60.43 23.15
N PHE W 142 -22.93 -60.73 22.81
CA PHE W 142 -21.83 -59.81 22.96
C PHE W 142 -21.16 -59.59 21.60
N LYS W 143 -20.32 -58.54 21.52
CA LYS W 143 -19.56 -58.22 20.31
C LYS W 143 -18.49 -59.27 20.09
N ASN W 144 -18.62 -60.00 18.98
CA ASN W 144 -17.83 -61.20 18.73
C ASN W 144 -17.02 -61.07 17.44
N VAL W 145 -17.14 -59.91 16.76
CA VAL W 145 -16.32 -59.58 15.62
C VAL W 145 -15.09 -58.82 16.13
N GLU W 146 -13.91 -59.40 15.88
CA GLU W 146 -12.65 -58.89 16.41
C GLU W 146 -12.09 -57.80 15.48
N LEU W 147 -11.11 -57.04 15.99
CA LEU W 147 -10.52 -55.90 15.32
C LEU W 147 -9.58 -56.36 14.20
N LYS W 148 -9.11 -57.62 14.28
CA LYS W 148 -8.23 -58.22 13.30
C LYS W 148 -8.96 -58.42 11.96
N ASN W 149 -10.27 -58.71 12.05
CA ASN W 149 -11.06 -59.19 10.93
C ASN W 149 -11.48 -58.04 10.02
N VAL W 150 -11.30 -56.79 10.50
CA VAL W 150 -11.72 -55.61 9.75
C VAL W 150 -10.50 -54.84 9.25
N THR W 151 -9.38 -54.95 9.96
CA THR W 151 -8.13 -54.27 9.60
C THR W 151 -7.41 -55.07 8.53
N LYS W 152 -7.28 -54.48 7.33
CA LYS W 152 -6.75 -55.16 6.17
C LYS W 152 -5.58 -54.39 5.58
N SER W 153 -5.52 -54.32 4.24
CA SER W 153 -4.36 -53.83 3.52
C SER W 153 -4.59 -52.41 2.98
N THR W 154 -5.78 -51.86 3.21
CA THR W 154 -6.18 -50.58 2.65
C THR W 154 -6.49 -49.57 3.75
N ASN W 155 -6.71 -50.07 4.98
CA ASN W 155 -7.21 -49.25 6.08
C ASN W 155 -6.30 -49.38 7.31
N PHE W 156 -6.44 -48.44 8.24
CA PHE W 156 -5.78 -48.46 9.54
C PHE W 156 -6.80 -48.35 10.66
N ALA W 157 -6.39 -48.76 11.86
CA ALA W 157 -7.23 -48.73 13.05
C ALA W 157 -6.82 -47.57 13.95
N ILE W 158 -7.80 -47.04 14.72
CA ILE W 158 -7.58 -45.96 15.66
C ILE W 158 -7.86 -46.48 17.07
N VAL W 159 -6.86 -46.35 17.96
CA VAL W 159 -6.99 -46.70 19.36
C VAL W 159 -6.74 -45.45 20.20
N VAL W 160 -7.71 -45.10 21.04
CA VAL W 160 -7.68 -43.89 21.86
C VAL W 160 -6.93 -44.19 23.15
N ILE W 161 -5.99 -43.30 23.50
CA ILE W 161 -5.21 -43.39 24.73
C ILE W 161 -5.70 -42.32 25.70
N ARG W 162 -5.74 -41.06 25.23
CA ARG W 162 -6.23 -39.93 26.01
C ARG W 162 -7.32 -39.21 25.24
N ASP W 163 -8.39 -38.85 25.96
CA ASP W 163 -9.51 -38.07 25.42
C ASP W 163 -10.15 -37.27 26.56
N PRO W 164 -9.67 -36.03 26.84
CA PRO W 164 -10.18 -35.23 27.96
C PRO W 164 -11.59 -34.67 27.78
N SER W 165 -11.96 -34.38 26.52
CA SER W 165 -13.19 -33.67 26.22
C SER W 165 -14.23 -34.57 25.55
N ASN W 166 -13.86 -35.85 25.33
CA ASN W 166 -14.71 -36.86 24.72
C ASN W 166 -15.12 -36.42 23.31
N SER W 167 -14.12 -36.31 22.42
CA SER W 167 -14.32 -35.79 21.08
C SER W 167 -14.12 -36.89 20.04
N LEU W 168 -13.60 -38.05 20.48
CA LEU W 168 -13.26 -39.15 19.59
C LEU W 168 -14.34 -40.22 19.66
N THR W 169 -14.98 -40.48 18.51
CA THR W 169 -15.96 -41.55 18.32
C THR W 169 -15.65 -42.30 17.03
N SER W 170 -16.31 -43.45 16.84
CA SER W 170 -16.14 -44.29 15.67
C SER W 170 -16.72 -43.62 14.43
N SER W 171 -17.78 -42.82 14.63
CA SER W 171 -18.44 -42.09 13.55
C SER W 171 -17.71 -40.78 13.27
N HIS W 172 -17.27 -40.09 14.33
CA HIS W 172 -16.58 -38.81 14.24
C HIS W 172 -15.30 -38.84 15.06
N PRO W 173 -14.15 -39.26 14.47
CA PRO W 173 -12.87 -39.23 15.18
C PRO W 173 -12.16 -37.88 15.06
N VAL W 174 -12.56 -36.95 15.95
CA VAL W 174 -12.02 -35.60 15.96
C VAL W 174 -10.99 -35.49 17.09
N LEU W 175 -9.76 -35.14 16.70
CA LEU W 175 -8.64 -34.99 17.62
C LEU W 175 -8.58 -33.55 18.11
N THR W 176 -8.57 -33.38 19.44
CA THR W 176 -8.59 -32.07 20.08
C THR W 176 -7.33 -31.90 20.94
N THR W 177 -7.29 -30.79 21.70
CA THR W 177 -6.16 -30.44 22.54
C THR W 177 -6.10 -31.36 23.75
N GLY W 178 -4.96 -32.04 23.90
CA GLY W 178 -4.68 -32.90 25.04
C GLY W 178 -4.97 -34.37 24.77
N SER W 179 -5.41 -34.69 23.55
CA SER W 179 -5.78 -36.04 23.16
C SER W 179 -4.61 -36.74 22.48
N GLU W 180 -4.62 -38.09 22.54
CA GLU W 180 -3.58 -38.93 21.99
C GLU W 180 -4.20 -40.22 21.45
N VAL W 181 -3.77 -40.60 20.24
CA VAL W 181 -4.26 -41.80 19.56
C VAL W 181 -3.09 -42.67 19.10
N VAL W 182 -3.37 -43.95 18.90
CA VAL W 182 -2.44 -44.91 18.31
C VAL W 182 -3.04 -45.41 17.00
N ILE W 183 -2.25 -45.31 15.92
CA ILE W 183 -2.62 -45.81 14.61
C ILE W 183 -1.95 -47.17 14.39
N LEU W 184 -2.78 -48.19 14.18
CA LEU W 184 -2.32 -49.56 13.95
C LEU W 184 -2.42 -49.89 12.47
N VAL W 185 -1.32 -50.42 11.92
CA VAL W 185 -1.22 -50.82 10.52
C VAL W 185 -0.88 -52.32 10.48
N ASN W 186 -1.71 -53.07 9.73
CA ASN W 186 -1.46 -54.48 9.47
C ASN W 186 -0.35 -54.58 8.41
N THR W 187 0.87 -54.81 8.89
CA THR W 187 2.08 -54.78 8.09
C THR W 187 2.17 -56.03 7.20
N SER W 188 1.59 -57.14 7.68
CA SER W 188 1.58 -58.41 6.98
C SER W 188 0.57 -58.40 5.82
N ALA W 189 -0.33 -57.41 5.83
CA ALA W 189 -1.35 -57.26 4.80
C ALA W 189 -0.87 -56.32 3.71
N VAL W 190 -0.23 -55.21 4.11
CA VAL W 190 0.16 -54.13 3.21
C VAL W 190 1.42 -54.53 2.44
N PHE W 191 2.49 -54.88 3.18
CA PHE W 191 3.80 -55.13 2.58
C PHE W 191 4.12 -56.62 2.61
N GLY W 192 3.46 -57.37 3.50
CA GLY W 192 3.70 -58.80 3.67
C GLY W 192 4.89 -59.06 4.58
N GLY W 193 5.04 -58.22 5.61
CA GLY W 193 6.10 -58.34 6.60
C GLY W 193 7.33 -57.51 6.23
N MET W 194 7.75 -56.65 7.17
CA MET W 194 8.95 -55.85 7.03
C MET W 194 10.17 -56.66 7.48
N LYS W 195 11.29 -56.48 6.77
CA LYS W 195 12.49 -57.28 6.96
C LYS W 195 13.61 -56.42 7.54
N GLN W 196 14.73 -57.08 7.85
CA GLN W 196 15.87 -56.50 8.55
C GLN W 196 16.64 -55.56 7.62
N GLY W 197 17.01 -54.38 8.17
CA GLY W 197 17.87 -53.41 7.51
C GLY W 197 17.23 -52.79 6.27
N GLN W 198 15.98 -52.33 6.43
CA GLN W 198 15.22 -51.73 5.34
C GLN W 198 14.73 -50.35 5.76
N ALA W 199 14.70 -49.42 4.80
CA ALA W 199 14.31 -48.04 5.03
C ALA W 199 12.81 -47.86 4.81
N VAL W 200 12.17 -47.15 5.75
CA VAL W 200 10.74 -46.83 5.69
C VAL W 200 10.59 -45.31 5.77
N THR W 201 9.87 -44.75 4.79
CA THR W 201 9.62 -43.32 4.69
C THR W 201 8.16 -43.09 4.38
N GLY W 202 7.54 -42.13 5.08
CA GLY W 202 6.14 -41.80 4.90
C GLY W 202 5.71 -40.50 5.57
N GLN W 203 4.43 -40.15 5.41
CA GLN W 203 3.83 -38.93 5.94
C GLN W 203 2.40 -39.18 6.36
N ILE W 204 1.94 -38.41 7.35
CA ILE W 204 0.54 -38.35 7.76
C ILE W 204 -0.01 -36.99 7.35
N ASN W 205 -0.83 -36.98 6.30
CA ASN W 205 -1.31 -35.76 5.67
C ASN W 205 -2.73 -35.43 6.14
N PRO W 206 -2.95 -34.31 6.87
CA PRO W 206 -4.29 -33.80 7.13
C PRO W 206 -4.82 -32.99 5.95
N SER W 207 -6.11 -32.65 6.01
CA SER W 207 -6.76 -31.82 5.00
C SER W 207 -6.28 -30.37 5.11
N VAL W 208 -6.21 -29.86 6.35
CA VAL W 208 -5.71 -28.54 6.67
C VAL W 208 -4.63 -28.70 7.74
N GLY W 209 -3.43 -28.18 7.43
CA GLY W 209 -2.32 -28.15 8.39
C GLY W 209 -1.02 -28.71 7.81
N SER W 210 -0.03 -28.88 8.70
CA SER W 210 1.29 -29.38 8.34
C SER W 210 1.40 -30.86 8.68
N PRO W 211 2.03 -31.70 7.81
CA PRO W 211 2.08 -33.14 8.03
C PRO W 211 3.10 -33.61 9.06
N GLY W 212 2.86 -34.82 9.60
CA GLY W 212 3.79 -35.52 10.48
C GLY W 212 4.68 -36.49 9.69
N ILE W 213 5.97 -36.52 10.04
CA ILE W 213 6.99 -37.20 9.27
C ILE W 213 7.32 -38.55 9.91
N ILE W 214 7.36 -39.59 9.07
CA ILE W 214 7.78 -40.93 9.46
C ILE W 214 9.02 -41.29 8.65
N GLN W 215 10.13 -41.55 9.34
CA GLN W 215 11.39 -41.96 8.73
C GLN W 215 12.21 -42.77 9.74
N PHE W 216 12.42 -44.05 9.43
CA PHE W 216 13.21 -44.96 10.25
C PHE W 216 13.79 -46.09 9.40
N THR W 217 14.88 -46.68 9.90
CA THR W 217 15.46 -47.89 9.34
C THR W 217 15.26 -49.03 10.34
N THR W 218 14.76 -50.17 9.84
CA THR W 218 14.51 -51.36 10.65
C THR W 218 15.85 -51.92 11.16
N PRO W 219 15.91 -52.43 12.42
CA PRO W 219 17.15 -52.99 12.98
C PRO W 219 17.76 -54.11 12.15
N SER W 220 19.09 -54.28 12.31
CA SER W 220 19.88 -55.24 11.55
C SER W 220 19.51 -56.68 11.92
N ALA W 221 19.14 -56.88 13.19
CA ALA W 221 18.68 -58.17 13.69
C ALA W 221 17.59 -57.96 14.74
N PHE W 222 16.45 -58.65 14.55
CA PHE W 222 15.36 -58.64 15.51
C PHE W 222 15.68 -59.63 16.63
N THR W 223 15.78 -59.12 17.86
CA THR W 223 16.24 -59.88 19.01
C THR W 223 15.11 -60.07 20.03
N GLU W 224 14.16 -59.13 20.03
CA GLU W 224 13.01 -59.17 20.95
C GLU W 224 11.71 -59.07 20.16
N THR W 225 10.60 -59.36 20.85
CA THR W 225 9.27 -59.45 20.25
C THR W 225 8.75 -58.06 19.88
N VAL W 226 8.77 -57.14 20.85
CA VAL W 226 8.36 -55.76 20.64
C VAL W 226 9.59 -54.87 20.67
N MET W 227 9.74 -54.07 19.60
CA MET W 227 10.90 -53.21 19.39
C MET W 227 10.46 -51.77 19.14
N GLU W 228 11.31 -50.83 19.56
CA GLU W 228 11.15 -49.42 19.27
C GLU W 228 11.89 -49.09 17.98
N LEU W 229 11.18 -48.45 17.05
CA LEU W 229 11.71 -48.16 15.72
C LEU W 229 12.12 -46.70 15.61
N GLN W 230 11.23 -45.80 16.06
CA GLN W 230 11.47 -44.36 16.02
C GLN W 230 11.16 -43.76 17.40
N GLU X 1 -24.59 27.60 -19.75
CA GLU X 1 -24.21 26.25 -20.26
C GLU X 1 -23.38 25.52 -19.20
N THR X 2 -23.17 24.21 -19.43
CA THR X 2 -22.49 23.31 -18.52
C THR X 2 -20.99 23.60 -18.50
N GLY X 3 -20.50 24.27 -19.54
CA GLY X 3 -19.08 24.58 -19.73
C GLY X 3 -18.52 25.48 -18.63
N ILE X 4 -19.32 26.42 -18.15
CA ILE X 4 -18.93 27.40 -17.15
C ILE X 4 -18.78 26.71 -15.79
N GLY X 5 -19.78 25.89 -15.44
CA GLY X 5 -19.85 25.20 -14.16
C GLY X 5 -18.76 24.14 -13.99
N THR X 6 -18.35 23.53 -15.11
CA THR X 6 -17.35 22.48 -15.15
C THR X 6 -15.97 23.04 -14.76
N LEU X 7 -15.67 24.26 -15.23
CA LEU X 7 -14.38 24.90 -15.04
C LEU X 7 -14.18 25.32 -13.59
N ILE X 8 -15.27 25.76 -12.94
CA ILE X 8 -15.25 26.26 -11.58
C ILE X 8 -14.91 25.13 -10.60
N ILE X 9 -15.55 23.97 -10.80
CA ILE X 9 -15.38 22.80 -9.95
C ILE X 9 -14.01 22.18 -10.20
N PHE X 10 -13.50 22.31 -11.44
CA PHE X 10 -12.21 21.79 -11.86
C PHE X 10 -11.08 22.40 -11.02
N ILE X 11 -11.16 23.71 -10.78
CA ILE X 11 -10.17 24.45 -10.01
C ILE X 11 -10.16 23.93 -8.56
N ALA X 12 -11.35 23.66 -8.02
CA ALA X 12 -11.55 23.19 -6.66
C ALA X 12 -10.99 21.78 -6.48
N MET X 13 -11.12 20.95 -7.52
CA MET X 13 -10.69 19.55 -7.51
C MET X 13 -9.16 19.46 -7.45
N VAL X 14 -8.49 20.40 -8.12
CA VAL X 14 -7.04 20.45 -8.22
C VAL X 14 -6.45 20.85 -6.86
N LEU X 15 -7.11 21.81 -6.19
CA LEU X 15 -6.66 22.36 -4.92
C LEU X 15 -6.80 21.34 -3.79
N VAL X 16 -7.85 20.50 -3.86
CA VAL X 16 -8.14 19.49 -2.86
C VAL X 16 -7.11 18.37 -2.94
N ALA X 17 -6.72 18.00 -4.16
CA ALA X 17 -5.78 16.93 -4.42
C ALA X 17 -4.38 17.29 -3.96
N ALA X 18 -4.08 18.59 -3.94
CA ALA X 18 -2.79 19.12 -3.51
C ALA X 18 -2.63 19.01 -2.00
N VAL X 19 -3.76 19.12 -1.27
CA VAL X 19 -3.81 19.09 0.19
C VAL X 19 -3.42 17.70 0.68
N ALA X 20 -4.03 16.67 0.08
CA ALA X 20 -3.83 15.27 0.46
C ALA X 20 -2.40 14.81 0.12
N ALA X 21 -1.82 15.43 -0.91
CA ALA X 21 -0.45 15.16 -1.34
C ALA X 21 0.54 15.68 -0.30
N THR X 22 0.21 16.84 0.29
CA THR X 22 1.07 17.55 1.25
C THR X 22 1.17 16.76 2.55
N VAL X 23 0.05 16.12 2.95
CA VAL X 23 -0.06 15.36 4.18
C VAL X 23 0.89 14.17 4.15
N LEU X 24 0.93 13.47 3.01
CA LEU X 24 1.68 12.23 2.84
C LEU X 24 3.18 12.50 2.84
N ILE X 25 3.59 13.64 2.28
CA ILE X 25 4.99 14.03 2.17
C ILE X 25 5.51 14.45 3.55
N ASN X 26 4.71 15.25 4.26
CA ASN X 26 5.08 15.82 5.56
C ASN X 26 5.22 14.73 6.61
N THR X 27 4.35 13.71 6.55
CA THR X 27 4.31 12.61 7.50
C THR X 27 5.53 11.71 7.31
N ALA X 28 5.87 11.47 6.04
CA ALA X 28 6.99 10.60 5.65
C ALA X 28 8.32 11.23 6.05
N GLY X 29 8.39 12.56 5.97
CA GLY X 29 9.58 13.33 6.34
C GLY X 29 9.83 13.32 7.85
N SER X 30 8.73 13.30 8.62
CA SER X 30 8.77 13.28 10.08
C SER X 30 9.20 11.92 10.60
N LEU X 31 8.74 10.85 9.93
CA LEU X 31 9.02 9.47 10.31
C LEU X 31 10.42 9.05 9.87
N GLN X 32 10.98 9.79 8.90
CA GLN X 32 12.29 9.52 8.32
C GLN X 32 13.38 9.72 9.37
N GLN X 33 13.29 10.85 10.09
CA GLN X 33 14.33 11.29 11.01
C GLN X 33 14.33 10.44 12.28
N ARG X 34 13.14 9.98 12.69
CA ARG X 34 12.95 9.17 13.88
C ARG X 34 13.54 7.78 13.67
N ALA X 35 13.27 7.19 12.49
CA ALA X 35 13.68 5.84 12.14
C ALA X 35 15.19 5.75 11.95
N THR X 36 15.80 6.84 11.45
CA THR X 36 17.23 6.92 11.20
C THR X 36 17.98 7.03 12.52
N SER X 37 17.46 7.85 13.45
CA SER X 37 18.10 8.12 14.73
C SER X 37 18.02 6.91 15.66
N THR X 38 16.92 6.15 15.57
CA THR X 38 16.66 4.99 16.40
C THR X 38 17.66 3.88 16.07
N GLY X 39 17.93 3.71 14.77
CA GLY X 39 18.85 2.70 14.27
C GLY X 39 20.29 2.93 14.72
N SER X 40 20.71 4.20 14.69
CA SER X 40 22.07 4.61 15.01
C SER X 40 22.33 4.53 16.52
N GLN X 41 21.30 4.86 17.32
CA GLN X 41 21.38 4.88 18.77
C GLN X 41 21.45 3.47 19.34
N THR X 42 20.75 2.53 18.69
CA THR X 42 20.67 1.14 19.12
C THR X 42 22.00 0.43 18.82
N THR X 43 22.63 0.79 17.69
CA THR X 43 23.90 0.21 17.26
C THR X 43 25.00 0.57 18.27
N ASN X 44 24.95 1.80 18.79
CA ASN X 44 25.88 2.28 19.80
C ASN X 44 25.59 1.65 21.15
N GLN X 45 24.31 1.32 21.41
CA GLN X 45 23.85 0.81 22.68
C GLN X 45 24.35 -0.61 22.91
N VAL X 46 24.35 -1.43 21.85
CA VAL X 46 24.67 -2.84 21.93
C VAL X 46 26.19 -3.02 22.03
N SER X 47 26.93 -2.24 21.23
CA SER X 47 28.37 -2.41 21.03
C SER X 47 29.16 -1.92 22.24
N THR X 48 28.67 -0.87 22.90
CA THR X 48 29.38 -0.21 23.99
C THR X 48 29.23 -1.01 25.28
N GLY X 49 30.31 -1.05 26.07
CA GLY X 49 30.35 -1.73 27.36
C GLY X 49 31.65 -1.50 28.10
N LEU X 50 31.62 -1.73 29.43
CA LEU X 50 32.78 -1.61 30.30
C LEU X 50 33.10 -2.99 30.89
N ILE X 51 34.40 -3.24 31.12
CA ILE X 51 34.88 -4.50 31.67
C ILE X 51 35.86 -4.23 32.81
N VAL X 52 35.74 -5.04 33.87
CA VAL X 52 36.59 -4.98 35.05
C VAL X 52 37.74 -5.97 34.85
N GLN X 53 38.97 -5.48 35.07
CA GLN X 53 40.18 -6.27 34.87
C GLN X 53 40.53 -7.01 36.17
N SER X 54 40.90 -6.23 37.21
CA SER X 54 41.32 -6.78 38.49
C SER X 54 41.02 -5.79 39.62
N ILE X 55 40.81 -6.34 40.82
CA ILE X 55 40.50 -5.56 42.02
C ILE X 55 41.54 -5.88 43.09
N TYR X 56 42.13 -4.82 43.66
CA TYR X 56 43.12 -4.91 44.72
C TYR X 56 42.65 -4.16 45.96
N GLY X 57 43.07 -4.64 47.13
CA GLY X 57 42.75 -4.03 48.42
C GLY X 57 43.99 -3.81 49.28
N MET X 58 43.89 -2.87 50.23
CA MET X 58 44.99 -2.51 51.11
C MET X 58 44.52 -2.57 52.56
N ASP X 59 45.30 -3.28 53.39
CA ASP X 59 45.04 -3.44 54.82
C ASP X 59 45.48 -2.18 55.56
N ASN X 60 44.82 -1.89 56.68
CA ASN X 60 45.02 -0.65 57.43
C ASN X 60 46.09 -0.81 58.51
N ASN X 61 46.46 -2.07 58.80
CA ASN X 61 47.49 -2.37 59.80
C ASN X 61 48.72 -2.94 59.09
N ARG X 62 49.87 -2.31 59.34
CA ARG X 62 51.14 -2.67 58.73
C ARG X 62 51.91 -3.61 59.66
N SER X 63 51.85 -3.33 60.97
CA SER X 63 52.59 -4.06 61.98
C SER X 63 52.07 -5.49 62.10
N ASN X 64 50.74 -5.65 62.13
CA ASN X 64 50.08 -6.94 62.19
C ASN X 64 48.84 -6.92 61.29
N PRO X 65 48.93 -7.43 60.03
CA PRO X 65 47.81 -7.37 59.08
C PRO X 65 46.68 -8.35 59.38
N GLU X 66 46.87 -9.18 60.40
CA GLU X 66 45.93 -10.24 60.76
C GLU X 66 44.69 -9.65 61.42
N SER X 67 44.89 -8.58 62.21
CA SER X 67 43.82 -7.92 62.94
C SER X 67 43.43 -6.59 62.28
N GLY X 68 43.65 -6.51 60.95
CA GLY X 68 43.41 -5.31 60.18
C GLY X 68 42.16 -5.42 59.31
N SER X 69 41.82 -4.30 58.67
CA SER X 69 40.69 -4.19 57.74
C SER X 69 41.11 -3.39 56.51
N LEU X 70 40.32 -3.52 55.43
CA LEU X 70 40.60 -2.85 54.17
C LEU X 70 40.15 -1.40 54.24
N ASN X 71 41.08 -0.47 53.96
CA ASN X 71 40.81 0.96 54.04
C ASN X 71 40.70 1.57 52.64
N TRP X 72 41.34 0.94 51.65
CA TRP X 72 41.30 1.40 50.26
C TRP X 72 41.13 0.21 49.31
N THR X 73 40.42 0.46 48.20
CA THR X 73 40.15 -0.52 47.17
C THR X 73 40.37 0.11 45.80
N ALA X 74 41.04 -0.63 44.91
CA ALA X 74 41.38 -0.17 43.57
C ALA X 74 40.81 -1.13 42.52
N ILE X 75 40.11 -0.55 41.53
CA ILE X 75 39.44 -1.31 40.48
C ILE X 75 39.96 -0.85 39.13
N TYR X 76 40.47 -1.81 38.33
CA TYR X 76 40.99 -1.58 37.00
C TYR X 76 39.86 -1.75 35.98
N VAL X 77 39.65 -0.71 35.15
CA VAL X 77 38.53 -0.63 34.23
C VAL X 77 39.04 -0.27 32.84
N THR X 78 38.57 -1.02 31.83
CA THR X 78 38.81 -0.75 30.42
C THR X 78 37.49 -0.81 29.65
N LEU X 79 37.52 -0.31 28.40
CA LEU X 79 36.40 -0.43 27.48
C LEU X 79 36.43 -1.80 26.80
N ASN X 80 35.27 -2.19 26.26
CA ASN X 80 35.12 -3.40 25.47
C ASN X 80 35.60 -3.13 24.04
N THR X 81 35.82 -4.20 23.27
CA THR X 81 36.34 -4.12 21.92
C THR X 81 35.25 -3.60 20.97
N GLY X 82 35.59 -2.55 20.23
CA GLY X 82 34.70 -1.91 19.27
C GLY X 82 33.58 -1.14 19.96
N SER X 83 33.94 -0.32 20.94
CA SER X 83 32.98 0.41 21.77
C SER X 83 33.12 1.92 21.53
N SER X 84 31.97 2.61 21.64
CA SER X 84 31.90 4.06 21.58
C SER X 84 32.44 4.66 22.89
N PRO X 85 33.00 5.90 22.87
CA PRO X 85 33.52 6.53 24.09
C PRO X 85 32.49 6.70 25.20
N VAL X 86 32.97 6.58 26.45
CA VAL X 86 32.15 6.65 27.65
C VAL X 86 32.68 7.79 28.53
N ASP X 87 31.76 8.68 28.94
CA ASP X 87 32.05 9.73 29.89
C ASP X 87 31.83 9.19 31.31
N LEU X 88 32.85 9.35 32.16
CA LEU X 88 32.87 8.76 33.49
C LEU X 88 32.09 9.62 34.49
N SER X 89 31.72 10.83 34.08
CA SER X 89 30.97 11.77 34.91
C SER X 89 29.49 11.35 35.02
N ASN X 90 29.02 10.58 34.02
CA ASN X 90 27.65 10.10 33.97
C ASN X 90 27.58 8.64 34.40
N VAL X 91 28.67 8.14 35.01
CA VAL X 91 28.79 6.76 35.44
C VAL X 91 28.49 6.69 36.94
N SER X 92 27.63 5.74 37.31
CA SER X 92 27.28 5.47 38.69
C SER X 92 27.79 4.09 39.11
N LEU X 93 28.34 4.02 40.32
CA LEU X 93 28.91 2.79 40.88
C LEU X 93 28.07 2.34 42.08
N SER X 94 27.61 1.08 42.02
CA SER X 94 26.83 0.46 43.07
C SER X 94 27.67 -0.59 43.79
N LEU X 95 27.49 -0.68 45.11
CA LEU X 95 28.17 -1.64 45.97
C LEU X 95 27.23 -2.11 47.08
N GLU X 96 27.28 -3.40 47.39
CA GLU X 96 26.47 -4.00 48.44
C GLU X 96 27.39 -4.76 49.41
N TYR X 97 27.30 -4.39 50.69
CA TYR X 97 28.12 -4.97 51.75
C TYR X 97 27.39 -4.87 53.09
N GLN X 98 27.10 -6.04 53.68
CA GLN X 98 26.57 -6.22 55.02
C GLN X 98 25.33 -5.35 55.26
N GLY X 99 24.37 -5.45 54.33
CA GLY X 99 23.10 -4.75 54.43
C GLY X 99 23.23 -3.24 54.26
N GLN X 100 24.10 -2.83 53.32
CA GLN X 100 24.31 -1.43 52.98
C GLN X 100 24.55 -1.33 51.48
N LEU X 101 23.63 -0.63 50.80
CA LEU X 101 23.67 -0.45 49.35
C LEU X 101 24.13 0.98 49.04
N ALA X 102 25.36 1.09 48.51
CA ALA X 102 25.99 2.37 48.23
C ALA X 102 25.80 2.75 46.77
N SER X 103 25.76 4.07 46.50
CA SER X 103 25.73 4.63 45.17
C SER X 103 26.71 5.79 45.08
N LEU X 104 27.83 5.57 44.39
CA LEU X 104 28.94 6.52 44.34
C LEU X 104 28.98 7.21 42.99
N LYS X 105 29.41 8.48 42.99
CA LYS X 105 29.35 9.36 41.84
C LYS X 105 30.55 10.30 41.83
N TYR X 106 31.12 10.51 40.64
CA TYR X 106 32.24 11.43 40.44
C TYR X 106 31.70 12.80 40.04
N THR X 107 32.29 13.85 40.63
CA THR X 107 31.93 15.23 40.34
C THR X 107 33.10 15.91 39.61
N PRO X 108 32.92 16.37 38.35
CA PRO X 108 33.98 17.08 37.62
C PRO X 108 34.20 18.51 38.09
N ALA X 109 35.47 18.90 38.19
CA ALA X 109 35.89 20.21 38.63
C ALA X 109 37.25 20.56 38.03
N THR X 110 37.54 21.87 37.95
CA THR X 110 38.82 22.37 37.49
C THR X 110 39.88 22.21 38.58
N THR X 111 39.50 22.58 39.81
CA THR X 111 40.35 22.44 40.99
C THR X 111 39.58 21.70 42.08
N ASN X 112 40.35 21.02 42.96
CA ASN X 112 39.85 20.26 44.10
C ASN X 112 39.00 19.08 43.63
N ALA X 113 39.46 18.44 42.55
CA ALA X 113 38.79 17.27 41.98
C ALA X 113 39.63 16.02 42.25
N SER X 114 38.94 14.92 42.57
CA SER X 114 39.59 13.64 42.83
C SER X 114 40.05 13.01 41.52
N PHE X 115 41.20 13.49 41.04
CA PHE X 115 41.75 13.12 39.74
C PHE X 115 43.28 13.19 39.80
N ALA X 116 43.93 12.20 39.19
CA ALA X 116 45.38 12.11 39.15
C ALA X 116 45.83 11.47 37.83
N VAL X 117 46.94 11.98 37.30
CA VAL X 117 47.54 11.48 36.06
C VAL X 117 48.82 10.73 36.42
N ASP X 118 48.90 9.47 35.96
CA ASP X 118 50.03 8.59 36.23
C ASP X 118 50.28 7.70 35.01
N THR X 119 50.69 8.33 33.91
CA THR X 119 50.87 7.67 32.63
C THR X 119 52.34 7.35 32.38
N ASN X 120 53.23 7.99 33.15
CA ASN X 120 54.66 7.87 32.99
C ASN X 120 55.20 6.69 33.78
N GLY X 121 54.35 6.13 34.66
CA GLY X 121 54.71 4.98 35.47
C GLY X 121 54.91 5.37 36.94
N THR X 122 54.73 4.38 37.84
CA THR X 122 54.84 4.59 39.28
C THR X 122 55.41 3.34 39.95
N SER X 123 56.11 3.56 41.06
CA SER X 123 56.67 2.50 41.90
C SER X 123 55.60 1.99 42.87
N ASN X 124 54.62 2.86 43.18
CA ASN X 124 53.50 2.52 44.04
C ASN X 124 52.25 3.24 43.53
N VAL X 125 51.16 2.47 43.37
CA VAL X 125 49.88 2.98 42.90
C VAL X 125 49.19 3.71 44.05
N PHE X 126 49.35 3.18 45.28
CA PHE X 126 48.69 3.71 46.47
C PHE X 126 49.46 4.90 47.03
N SER X 127 50.35 5.50 46.22
CA SER X 127 51.12 6.67 46.62
C SER X 127 50.54 7.94 46.01
N VAL X 128 49.43 7.80 45.27
CA VAL X 128 48.77 8.91 44.60
C VAL X 128 47.80 9.60 45.55
N LEU X 129 47.74 9.10 46.79
CA LEU X 129 46.89 9.65 47.84
C LEU X 129 47.49 10.96 48.38
N ASN X 130 48.81 11.10 48.22
CA ASN X 130 49.56 12.25 48.72
C ASN X 130 49.74 13.29 47.61
N ALA X 131 49.20 13.00 46.42
CA ALA X 131 49.33 13.87 45.26
C ALA X 131 48.43 15.10 45.40
N GLY X 132 48.96 16.25 44.95
CA GLY X 132 48.28 17.53 45.02
C GLY X 132 47.18 17.66 43.97
N VAL X 133 46.04 18.22 44.39
CA VAL X 133 44.89 18.41 43.53
C VAL X 133 44.49 19.89 43.50
N GLY X 134 44.77 20.61 44.58
CA GLY X 134 44.42 22.01 44.71
C GLY X 134 45.31 22.75 45.71
N TYR X 135 44.93 24.02 45.99
CA TYR X 135 45.65 24.88 46.91
C TYR X 135 44.77 25.21 48.11
N LYS X 136 45.40 25.30 49.29
CA LYS X 136 44.74 25.66 50.53
C LYS X 136 44.19 27.07 50.44
N ASN X 137 45.07 28.01 50.06
CA ASN X 137 44.74 29.42 49.89
C ASN X 137 45.47 29.95 48.65
N SER X 138 45.58 31.29 48.55
CA SER X 138 46.18 31.96 47.40
C SER X 138 47.71 32.04 47.56
N THR X 139 48.20 31.80 48.77
CA THR X 139 49.59 32.01 49.14
C THR X 139 50.42 30.76 48.86
N ALA X 140 49.77 29.68 48.44
CA ALA X 140 50.41 28.40 48.17
C ALA X 140 51.20 28.48 46.87
N THR X 141 52.46 28.05 46.93
CA THR X 141 53.37 28.01 45.79
C THR X 141 53.12 26.76 44.96
N PHE X 142 52.90 25.63 45.66
CA PHE X 142 52.63 24.35 45.04
C PHE X 142 51.29 23.80 45.53
N LYS X 143 50.78 22.78 44.84
CA LYS X 143 49.52 22.12 45.20
C LYS X 143 49.72 21.33 46.48
N ASN X 144 49.01 21.74 47.54
CA ASN X 144 49.24 21.25 48.89
C ASN X 144 47.98 20.59 49.46
N VAL X 145 46.91 20.54 48.66
CA VAL X 145 45.71 19.80 49.01
C VAL X 145 45.83 18.39 48.43
N GLU X 146 45.82 17.40 49.32
CA GLU X 146 46.06 16.00 48.96
C GLU X 146 44.75 15.35 48.49
N LEU X 147 44.89 14.18 47.86
CA LEU X 147 43.81 13.44 47.24
C LEU X 147 42.94 12.76 48.31
N LYS X 148 43.52 12.56 49.50
CA LYS X 148 42.84 11.94 50.64
C LYS X 148 41.73 12.85 51.15
N ASN X 149 41.95 14.17 51.07
CA ASN X 149 41.14 15.17 51.74
C ASN X 149 39.86 15.45 50.97
N VAL X 150 39.78 14.96 49.71
CA VAL X 150 38.63 15.20 48.85
C VAL X 150 37.82 13.92 48.65
N THR X 151 38.50 12.76 48.75
CA THR X 151 37.86 11.46 48.56
C THR X 151 37.20 11.05 49.88
N LYS X 152 35.86 10.94 49.85
CA LYS X 152 35.06 10.71 51.04
C LYS X 152 34.18 9.47 50.85
N SER X 153 32.93 9.56 51.32
CA SER X 153 32.04 8.41 51.44
C SER X 153 30.97 8.40 50.34
N THR X 154 31.00 9.42 49.47
CA THR X 154 29.97 9.60 48.46
C THR X 154 30.58 9.57 47.06
N ASN X 155 31.90 9.74 46.97
CA ASN X 155 32.59 9.91 45.69
C ASN X 155 33.74 8.92 45.56
N PHE X 156 34.22 8.75 44.31
CA PHE X 156 35.40 7.96 44.00
C PHE X 156 36.41 8.81 43.21
N ALA X 157 37.66 8.35 43.21
CA ALA X 157 38.76 9.02 42.52
C ALA X 157 39.10 8.27 41.24
N ILE X 158 39.60 9.02 40.24
CA ILE X 158 40.03 8.47 38.96
C ILE X 158 41.53 8.69 38.81
N VAL X 159 42.27 7.59 38.58
CA VAL X 159 43.70 7.62 38.32
C VAL X 159 43.95 7.01 36.94
N VAL X 160 44.60 7.79 36.07
CA VAL X 160 44.85 7.41 34.69
C VAL X 160 46.14 6.59 34.62
N ILE X 161 46.07 5.46 33.92
CA ILE X 161 47.21 4.57 33.71
C ILE X 161 47.68 4.70 32.26
N ARG X 162 46.74 4.54 31.32
CA ARG X 162 47.01 4.68 29.89
C ARG X 162 46.04 5.68 29.29
N ASP X 163 46.57 6.56 28.42
CA ASP X 163 45.79 7.55 27.68
C ASP X 163 46.52 7.87 26.37
N PRO X 164 46.27 7.11 25.27
CA PRO X 164 46.98 7.31 24.02
C PRO X 164 46.62 8.58 23.25
N SER X 165 45.36 9.02 23.39
CA SER X 165 44.82 10.10 22.58
C SER X 165 44.60 11.38 23.39
N ASN X 166 44.90 11.32 24.70
CA ASN X 166 44.77 12.43 25.64
C ASN X 166 43.33 12.90 25.70
N SER X 167 42.44 12.01 26.18
CA SER X 167 41.01 12.24 26.20
C SER X 167 40.50 12.41 27.63
N LEU X 168 41.36 12.10 28.61
CA LEU X 168 40.99 12.10 30.02
C LEU X 168 41.51 13.37 30.69
N THR X 169 40.57 14.18 31.21
CA THR X 169 40.86 15.37 32.00
C THR X 169 39.98 15.38 33.25
N SER X 170 40.29 16.29 34.18
CA SER X 170 39.56 16.43 35.42
C SER X 170 38.16 17.00 35.17
N SER X 171 38.04 17.84 34.14
CA SER X 171 36.77 18.45 33.74
C SER X 171 35.97 17.50 32.85
N HIS X 172 36.66 16.81 31.93
CA HIS X 172 36.04 15.89 31.00
C HIS X 172 36.77 14.55 31.01
N PRO X 173 36.38 13.59 31.89
CA PRO X 173 36.98 12.25 31.90
C PRO X 173 36.32 11.30 30.91
N VAL X 174 36.75 11.39 29.64
CA VAL X 174 36.20 10.58 28.56
C VAL X 174 37.16 9.43 28.28
N LEU X 175 36.64 8.20 28.40
CA LEU X 175 37.40 6.98 28.18
C LEU X 175 37.26 6.56 26.72
N THR X 176 38.41 6.36 26.06
CA THR X 176 38.46 6.03 24.64
C THR X 176 39.14 4.67 24.45
N THR X 177 39.40 4.32 23.18
CA THR X 177 39.98 3.04 22.81
C THR X 177 41.47 3.03 23.17
N GLY X 178 41.85 2.05 24.00
CA GLY X 178 43.24 1.82 24.38
C GLY X 178 43.60 2.44 25.73
N SER X 179 42.62 3.08 26.38
CA SER X 179 42.82 3.77 27.64
C SER X 179 42.45 2.87 28.82
N GLU X 180 43.06 3.15 29.98
CA GLU X 180 42.87 2.37 31.20
C GLU X 180 42.91 3.31 32.41
N VAL X 181 41.95 3.12 33.32
CA VAL X 181 41.83 3.93 34.54
C VAL X 181 41.72 3.02 35.76
N VAL X 182 42.07 3.58 36.92
CA VAL X 182 41.90 2.95 38.22
C VAL X 182 40.92 3.79 39.04
N ILE X 183 39.88 3.13 39.55
CA ILE X 183 38.89 3.75 40.41
C ILE X 183 39.23 3.40 41.86
N LEU X 184 39.46 4.45 42.67
CA LEU X 184 39.79 4.33 44.08
C LEU X 184 38.58 4.66 44.93
N VAL X 185 38.27 3.76 45.88
CA VAL X 185 37.15 3.91 46.80
C VAL X 185 37.71 3.91 48.21
N ASN X 186 37.35 4.95 48.99
CA ASN X 186 37.66 5.04 50.41
C ASN X 186 36.73 4.12 51.17
N THR X 187 37.23 2.92 51.48
CA THR X 187 36.45 1.82 52.06
C THR X 187 36.15 2.11 53.53
N SER X 188 37.05 2.85 54.19
CA SER X 188 36.92 3.20 55.60
C SER X 188 35.88 4.30 55.80
N ALA X 189 35.51 4.98 54.70
CA ALA X 189 34.53 6.06 54.72
C ALA X 189 33.13 5.52 54.42
N VAL X 190 33.05 4.62 53.43
CA VAL X 190 31.78 4.13 52.92
C VAL X 190 31.21 3.08 53.88
N PHE X 191 31.99 2.03 54.15
CA PHE X 191 31.52 0.89 54.92
C PHE X 191 32.14 0.87 56.31
N GLY X 192 33.27 1.57 56.47
CA GLY X 192 34.00 1.62 57.73
C GLY X 192 34.93 0.41 57.90
N GLY X 193 35.52 -0.04 56.79
CA GLY X 193 36.44 -1.15 56.76
C GLY X 193 35.74 -2.48 56.45
N MET X 194 36.25 -3.18 55.44
CA MET X 194 35.77 -4.50 55.06
C MET X 194 36.47 -5.56 55.90
N LYS X 195 35.72 -6.60 56.28
CA LYS X 195 36.18 -7.63 57.20
C LYS X 195 36.36 -8.96 56.48
N GLN X 196 36.88 -9.95 57.22
CA GLN X 196 37.25 -11.25 56.69
C GLN X 196 36.00 -12.09 56.40
N GLY X 197 36.02 -12.76 55.23
CA GLY X 197 35.01 -13.72 54.83
C GLY X 197 33.64 -13.09 54.61
N GLN X 198 33.62 -11.98 53.84
CA GLN X 198 32.40 -11.25 53.55
C GLN X 198 32.25 -11.11 52.04
N ALA X 199 30.98 -11.15 51.57
CA ALA X 199 30.64 -11.10 50.16
C ALA X 199 30.40 -9.65 49.73
N VAL X 200 30.98 -9.29 48.58
CA VAL X 200 30.85 -7.97 47.98
C VAL X 200 30.30 -8.14 46.57
N THR X 201 29.19 -7.45 46.27
CA THR X 201 28.53 -7.50 44.98
C THR X 201 28.18 -6.08 44.54
N GLY X 202 28.44 -5.77 43.26
CA GLY X 202 28.18 -4.45 42.71
C GLY X 202 28.29 -4.40 41.19
N GLN X 203 28.03 -3.20 40.64
CA GLN X 203 28.02 -2.94 39.20
C GLN X 203 28.55 -1.53 38.92
N ILE X 204 29.15 -1.38 37.73
CA ILE X 204 29.53 -0.08 37.19
C ILE X 204 28.61 0.22 36.01
N ASN X 205 27.67 1.15 36.21
CA ASN X 205 26.61 1.42 35.25
C ASN X 205 26.95 2.68 34.45
N PRO X 206 27.16 2.57 33.11
CA PRO X 206 27.22 3.74 32.23
C PRO X 206 25.82 4.22 31.84
N SER X 207 25.77 5.39 31.20
CA SER X 207 24.53 5.97 30.70
C SER X 207 24.04 5.18 29.48
N VAL X 208 24.97 4.88 28.57
CA VAL X 208 24.71 4.06 27.39
C VAL X 208 25.72 2.93 27.37
N GLY X 209 25.21 1.68 27.32
CA GLY X 209 26.03 0.50 27.19
C GLY X 209 25.71 -0.58 28.22
N SER X 210 26.56 -1.61 28.26
CA SER X 210 26.41 -2.75 29.16
C SER X 210 27.32 -2.59 30.38
N PRO X 211 26.85 -2.93 31.60
CA PRO X 211 27.63 -2.69 32.82
C PRO X 211 28.75 -3.71 33.09
N GLY X 212 29.73 -3.28 33.89
CA GLY X 212 30.79 -4.15 34.39
C GLY X 212 30.44 -4.71 35.77
N ILE X 213 30.76 -6.00 35.97
CA ILE X 213 30.29 -6.75 37.12
C ILE X 213 31.42 -6.87 38.15
N ILE X 214 31.08 -6.59 39.42
CA ILE X 214 31.96 -6.77 40.56
C ILE X 214 31.33 -7.80 41.49
N GLN X 215 32.05 -8.91 41.72
CA GLN X 215 31.63 -9.97 42.62
C GLN X 215 32.86 -10.72 43.13
N PHE X 216 33.10 -10.61 44.45
CA PHE X 216 34.20 -11.28 45.12
C PHE X 216 33.86 -11.51 46.60
N THR X 217 34.53 -12.50 47.20
CA THR X 217 34.50 -12.74 48.63
C THR X 217 35.88 -12.43 49.21
N THR X 218 35.90 -11.66 50.30
CA THR X 218 37.12 -11.27 50.99
C THR X 218 37.79 -12.49 51.60
N PRO X 219 39.14 -12.59 51.59
CA PRO X 219 39.85 -13.75 52.15
C PRO X 219 39.54 -14.02 53.63
N SER X 220 39.72 -15.28 54.03
CA SER X 220 39.39 -15.76 55.37
C SER X 220 40.32 -15.15 56.41
N ALA X 221 41.58 -14.90 56.01
CA ALA X 221 42.56 -14.24 56.86
C ALA X 221 43.46 -13.34 56.01
N PHE X 222 43.59 -12.08 56.42
CA PHE X 222 44.49 -11.13 55.78
C PHE X 222 45.90 -11.36 56.30
N THR X 223 46.82 -11.71 55.39
CA THR X 223 48.17 -12.13 55.74
C THR X 223 49.20 -11.11 55.24
N GLU X 224 48.86 -10.39 54.18
CA GLU X 224 49.73 -9.38 53.58
C GLU X 224 49.00 -8.04 53.48
N THR X 225 49.77 -6.99 53.21
CA THR X 225 49.30 -5.60 53.21
C THR X 225 48.41 -5.35 51.99
N VAL X 226 48.92 -5.68 50.80
CA VAL X 226 48.19 -5.53 49.55
C VAL X 226 47.81 -6.92 49.04
N MET X 227 46.52 -7.11 48.77
CA MET X 227 45.94 -8.39 48.38
C MET X 227 45.15 -8.23 47.09
N GLU X 228 45.13 -9.30 46.28
CA GLU X 228 44.29 -9.41 45.09
C GLU X 228 42.96 -10.04 45.49
N LEU X 229 41.86 -9.38 45.10
CA LEU X 229 40.52 -9.79 45.50
C LEU X 229 39.82 -10.49 44.34
N GLN X 230 39.89 -9.88 43.15
CA GLN X 230 39.27 -10.40 41.95
C GLN X 230 40.28 -10.39 40.80
N GLU Y 1 -26.61 21.06 -13.11
CA GLU Y 1 -25.15 21.38 -13.11
C GLU Y 1 -24.37 20.21 -12.50
N THR Y 2 -23.05 20.27 -12.65
CA THR Y 2 -22.11 19.22 -12.23
C THR Y 2 -22.01 19.17 -10.71
N GLY Y 3 -22.38 20.28 -10.05
CA GLY Y 3 -22.29 20.44 -8.60
C GLY Y 3 -23.14 19.45 -7.82
N ILE Y 4 -24.33 19.13 -8.36
CA ILE Y 4 -25.28 18.24 -7.72
C ILE Y 4 -24.76 16.81 -7.76
N GLY Y 5 -24.28 16.39 -8.95
CA GLY Y 5 -23.81 15.03 -9.19
C GLY Y 5 -22.53 14.69 -8.43
N THR Y 6 -21.70 15.71 -8.17
CA THR Y 6 -20.43 15.58 -7.49
C THR Y 6 -20.66 15.20 -6.02
N LEU Y 7 -21.69 15.82 -5.41
CA LEU Y 7 -21.98 15.67 -4.00
C LEU Y 7 -22.53 14.28 -3.70
N ILE Y 8 -23.32 13.73 -4.63
CA ILE Y 8 -23.97 12.44 -4.48
C ILE Y 8 -22.93 11.32 -4.45
N ILE Y 9 -21.96 11.39 -5.38
CA ILE Y 9 -20.90 10.39 -5.53
C ILE Y 9 -19.92 10.51 -4.37
N PHE Y 10 -19.75 11.73 -3.85
CA PHE Y 10 -18.86 12.04 -2.73
C PHE Y 10 -19.25 11.24 -1.49
N ILE Y 11 -20.57 11.17 -1.21
CA ILE Y 11 -21.12 10.46 -0.07
C ILE Y 11 -20.81 8.97 -0.20
N ALA Y 12 -20.93 8.43 -1.43
CA ALA Y 12 -20.72 7.04 -1.73
C ALA Y 12 -19.24 6.65 -1.57
N MET Y 13 -18.35 7.59 -1.92
CA MET Y 13 -16.90 7.39 -1.87
C MET Y 13 -16.42 7.25 -0.42
N VAL Y 14 -17.05 8.01 0.48
CA VAL Y 14 -16.71 8.07 1.89
C VAL Y 14 -17.12 6.75 2.56
N LEU Y 15 -18.29 6.22 2.17
CA LEU Y 15 -18.87 5.02 2.75
C LEU Y 15 -18.08 3.78 2.35
N VAL Y 16 -17.56 3.79 1.12
CA VAL Y 16 -16.79 2.67 0.56
C VAL Y 16 -15.44 2.56 1.25
N ALA Y 17 -14.82 3.73 1.53
CA ALA Y 17 -13.51 3.82 2.16
C ALA Y 17 -13.55 3.35 3.61
N ALA Y 18 -14.72 3.48 4.25
CA ALA Y 18 -14.95 3.07 5.62
C ALA Y 18 -14.99 1.55 5.74
N VAL Y 19 -15.50 0.89 4.68
CA VAL Y 19 -15.67 -0.55 4.63
C VAL Y 19 -14.31 -1.24 4.62
N ALA Y 20 -13.40 -0.76 3.77
CA ALA Y 20 -12.06 -1.31 3.59
C ALA Y 20 -11.21 -1.10 4.85
N ALA Y 21 -11.51 -0.01 5.58
CA ALA Y 21 -10.85 0.33 6.83
C ALA Y 21 -11.22 -0.67 7.91
N THR Y 22 -12.49 -1.10 7.91
CA THR Y 22 -13.06 -1.99 8.92
C THR Y 22 -12.46 -3.40 8.80
N VAL Y 23 -12.19 -3.82 7.56
CA VAL Y 23 -11.66 -5.14 7.24
C VAL Y 23 -10.26 -5.29 7.85
N LEU Y 24 -9.43 -4.24 7.70
CA LEU Y 24 -8.03 -4.26 8.10
C LEU Y 24 -7.90 -4.29 9.62
N ILE Y 25 -8.81 -3.61 10.31
CA ILE Y 25 -8.80 -3.49 11.76
C ILE Y 25 -9.25 -4.83 12.38
N ASN Y 26 -10.31 -5.40 11.81
CA ASN Y 26 -10.93 -6.63 12.32
C ASN Y 26 -9.99 -7.83 12.16
N THR Y 27 -9.24 -7.85 11.05
CA THR Y 27 -8.33 -8.94 10.72
C THR Y 27 -7.12 -8.90 11.65
N ALA Y 28 -6.63 -7.68 11.94
CA ALA Y 28 -5.45 -7.46 12.77
C ALA Y 28 -5.76 -7.82 14.23
N GLY Y 29 -7.01 -7.57 14.66
CA GLY Y 29 -7.48 -7.89 16.00
C GLY Y 29 -7.60 -9.40 16.23
N SER Y 30 -7.97 -10.12 15.16
CA SER Y 30 -8.14 -11.57 15.19
C SER Y 30 -6.79 -12.28 15.25
N LEU Y 31 -5.80 -11.73 14.53
CA LEU Y 31 -4.46 -12.30 14.43
C LEU Y 31 -3.64 -11.96 15.67
N GLN Y 32 -4.07 -10.93 16.41
CA GLN Y 32 -3.38 -10.44 17.60
C GLN Y 32 -3.44 -11.49 18.70
N GLN Y 33 -4.63 -12.07 18.92
CA GLN Y 33 -4.91 -12.96 20.03
C GLN Y 33 -4.26 -14.32 19.79
N ARG Y 34 -4.19 -14.74 18.53
CA ARG Y 34 -3.62 -16.02 18.13
C ARG Y 34 -2.10 -16.00 18.33
N ALA Y 35 -1.46 -14.89 17.92
CA ALA Y 35 -0.02 -14.75 17.96
C ALA Y 35 0.49 -14.63 19.40
N THR Y 36 -0.32 -14.01 20.27
CA THR Y 36 0.00 -13.81 21.67
C THR Y 36 -0.07 -15.13 22.43
N SER Y 37 -1.11 -15.93 22.13
CA SER Y 37 -1.38 -17.18 22.80
C SER Y 37 -0.37 -18.25 22.42
N THR Y 38 0.07 -18.22 21.15
CA THR Y 38 1.02 -19.19 20.59
C THR Y 38 2.39 -19.04 21.26
N GLY Y 39 2.79 -17.78 21.49
CA GLY Y 39 4.06 -17.45 22.11
C GLY Y 39 4.15 -17.92 23.57
N SER Y 40 3.06 -17.73 24.31
CA SER Y 40 2.98 -18.06 25.72
C SER Y 40 2.92 -19.57 25.95
N GLN Y 41 2.24 -20.28 25.04
CA GLN Y 41 2.04 -21.72 25.12
C GLN Y 41 3.34 -22.47 24.81
N THR Y 42 4.13 -21.91 23.89
CA THR Y 42 5.39 -22.52 23.45
C THR Y 42 6.46 -22.36 24.54
N THR Y 43 6.43 -21.22 25.24
CA THR Y 43 7.36 -20.91 26.32
C THR Y 43 7.18 -21.91 27.47
N ASN Y 44 5.91 -22.26 27.74
CA ASN Y 44 5.57 -23.24 28.77
C ASN Y 44 5.92 -24.65 28.32
N GLN Y 45 5.86 -24.89 27.00
CA GLN Y 45 6.06 -26.21 26.41
C GLN Y 45 7.52 -26.63 26.52
N VAL Y 46 8.44 -25.68 26.30
CA VAL Y 46 9.87 -25.94 26.24
C VAL Y 46 10.42 -26.12 27.66
N SER Y 47 9.98 -25.26 28.59
CA SER Y 47 10.54 -25.15 29.92
C SER Y 47 10.12 -26.32 30.82
N THR Y 48 8.89 -26.82 30.62
CA THR Y 48 8.31 -27.84 31.48
C THR Y 48 8.87 -29.21 31.11
N GLY Y 49 9.08 -30.04 32.15
CA GLY Y 49 9.56 -31.41 31.99
C GLY Y 49 9.60 -32.17 33.32
N LEU Y 50 9.63 -33.51 33.22
CA LEU Y 50 9.72 -34.40 34.37
C LEU Y 50 11.04 -35.17 34.32
N ILE Y 51 11.58 -35.48 35.50
CA ILE Y 51 12.84 -36.21 35.62
C ILE Y 51 12.69 -37.34 36.64
N VAL Y 52 13.29 -38.49 36.31
CA VAL Y 52 13.31 -39.68 37.14
C VAL Y 52 14.57 -39.66 37.99
N GLN Y 53 14.39 -39.85 39.30
CA GLN Y 53 15.49 -39.81 40.26
C GLN Y 53 16.12 -41.19 40.40
N SER Y 54 15.34 -42.13 40.96
CA SER Y 54 15.80 -43.49 41.23
C SER Y 54 14.63 -44.47 41.19
N ILE Y 55 14.93 -45.73 40.83
CA ILE Y 55 13.95 -46.81 40.74
C ILE Y 55 14.39 -47.95 41.66
N TYR Y 56 13.45 -48.40 42.50
CA TYR Y 56 13.67 -49.50 43.43
C TYR Y 56 12.66 -50.61 43.16
N GLY Y 57 13.07 -51.86 43.44
CA GLY Y 57 12.24 -53.04 43.29
C GLY Y 57 12.24 -53.92 44.54
N MET Y 58 11.19 -54.73 44.69
CA MET Y 58 11.01 -55.60 45.84
C MET Y 58 10.75 -57.03 45.37
N ASP Y 59 11.53 -57.98 45.93
CA ASP Y 59 11.42 -59.40 45.64
C ASP Y 59 10.23 -59.99 46.39
N ASN Y 60 9.63 -61.04 45.83
CA ASN Y 60 8.41 -61.64 46.34
C ASN Y 60 8.70 -62.76 47.33
N ASN Y 61 9.95 -63.23 47.36
CA ASN Y 61 10.38 -64.29 48.26
C ASN Y 61 11.35 -63.71 49.29
N ARG Y 62 11.02 -63.93 50.58
CA ARG Y 62 11.77 -63.41 51.70
C ARG Y 62 12.75 -64.48 52.20
N SER Y 63 12.29 -65.74 52.21
CA SER Y 63 13.05 -66.87 52.73
C SER Y 63 14.27 -67.15 51.86
N ASN Y 64 14.06 -67.13 50.53
CA ASN Y 64 15.11 -67.34 49.55
C ASN Y 64 14.89 -66.40 48.37
N PRO Y 65 15.57 -65.21 48.32
CA PRO Y 65 15.35 -64.23 47.27
C PRO Y 65 15.94 -64.60 45.91
N GLU Y 66 16.66 -65.72 45.87
CA GLU Y 66 17.38 -66.18 44.68
C GLU Y 66 16.40 -66.71 43.63
N SER Y 67 15.33 -67.37 44.11
CA SER Y 67 14.31 -67.97 43.26
C SER Y 67 13.05 -67.12 43.23
N GLY Y 68 13.21 -65.81 43.47
CA GLY Y 68 12.09 -64.88 43.55
C GLY Y 68 11.98 -63.98 42.32
N SER Y 69 10.90 -63.20 42.29
CA SER Y 69 10.62 -62.23 41.23
C SER Y 69 10.13 -60.92 41.85
N LEU Y 70 10.18 -59.84 41.06
CA LEU Y 70 9.80 -58.51 41.52
C LEU Y 70 8.27 -58.38 41.46
N ASN Y 71 7.66 -58.03 42.60
CA ASN Y 71 6.22 -57.91 42.72
C ASN Y 71 5.79 -56.44 42.78
N TRP Y 72 6.70 -55.56 43.23
CA TRP Y 72 6.43 -54.14 43.32
C TRP Y 72 7.63 -53.33 42.85
N THR Y 73 7.36 -52.18 42.22
CA THR Y 73 8.36 -51.27 41.70
C THR Y 73 8.00 -49.83 42.09
N ALA Y 74 9.00 -49.07 42.55
CA ALA Y 74 8.82 -47.70 43.00
C ALA Y 74 9.73 -46.75 42.20
N ILE Y 75 9.13 -45.68 41.68
CA ILE Y 75 9.81 -44.71 40.83
C ILE Y 75 9.70 -43.32 41.47
N TYR Y 76 10.85 -42.68 41.70
CA TYR Y 76 10.94 -41.34 42.28
C TYR Y 76 10.94 -40.32 41.15
N VAL Y 77 9.99 -39.36 41.22
CA VAL Y 77 9.75 -38.39 40.16
C VAL Y 77 9.72 -36.98 40.76
N THR Y 78 10.45 -36.07 40.11
CA THR Y 78 10.45 -34.63 40.42
C THR Y 78 10.26 -33.84 39.13
N LEU Y 79 9.95 -32.54 39.29
CA LEU Y 79 9.90 -31.60 38.17
C LEU Y 79 11.30 -31.10 37.84
N ASN Y 80 11.45 -30.56 36.62
CA ASN Y 80 12.67 -29.93 36.16
C ASN Y 80 12.72 -28.50 36.71
N THR Y 81 13.90 -27.87 36.64
CA THR Y 81 14.14 -26.54 37.16
C THR Y 81 13.49 -25.50 36.25
N GLY Y 82 12.67 -24.64 36.87
CA GLY Y 82 11.95 -23.58 36.18
C GLY Y 82 10.83 -24.12 35.29
N SER Y 83 10.01 -25.01 35.85
CA SER Y 83 8.95 -25.69 35.12
C SER Y 83 7.58 -25.27 35.65
N SER Y 84 6.60 -25.25 34.73
CA SER Y 84 5.20 -25.01 35.04
C SER Y 84 4.60 -26.25 35.72
N PRO Y 85 3.57 -26.09 36.58
CA PRO Y 85 2.92 -27.24 37.25
C PRO Y 85 2.36 -28.29 36.30
N VAL Y 86 2.44 -29.56 36.72
CA VAL Y 86 1.98 -30.71 35.95
C VAL Y 86 0.92 -31.46 36.75
N ASP Y 87 -0.22 -31.72 36.10
CA ASP Y 87 -1.28 -32.54 36.66
C ASP Y 87 -1.02 -34.00 36.29
N LEU Y 88 -1.01 -34.87 37.32
CA LEU Y 88 -0.61 -36.26 37.17
C LEU Y 88 -1.76 -37.12 36.65
N SER Y 89 -2.97 -36.53 36.61
CA SER Y 89 -4.17 -37.22 36.13
C SER Y 89 -4.16 -37.32 34.61
N ASN Y 90 -3.43 -36.42 33.95
CA ASN Y 90 -3.32 -36.37 32.50
C ASN Y 90 -1.99 -36.97 32.05
N VAL Y 91 -1.31 -37.68 32.96
CA VAL Y 91 -0.01 -38.29 32.71
C VAL Y 91 -0.22 -39.77 32.40
N SER Y 92 0.42 -40.23 31.31
CA SER Y 92 0.40 -41.62 30.90
C SER Y 92 1.79 -42.22 31.02
N LEU Y 93 1.84 -43.46 31.53
CA LEU Y 93 3.09 -44.19 31.76
C LEU Y 93 3.15 -45.40 30.83
N SER Y 94 4.24 -45.48 30.05
CA SER Y 94 4.50 -46.57 29.13
C SER Y 94 5.62 -47.45 29.66
N LEU Y 95 5.48 -48.77 29.47
CA LEU Y 95 6.47 -49.76 29.86
C LEU Y 95 6.51 -50.89 28.84
N GLU Y 96 7.73 -51.36 28.54
CA GLU Y 96 7.96 -52.45 27.60
C GLU Y 96 8.79 -53.54 28.28
N TYR Y 97 8.24 -54.77 28.29
CA TYR Y 97 8.88 -55.91 28.92
C TYR Y 97 8.42 -57.20 28.23
N GLN Y 98 9.39 -57.92 27.64
CA GLN Y 98 9.24 -59.25 27.08
C GLN Y 98 8.05 -59.34 26.12
N GLY Y 99 8.02 -58.38 25.17
CA GLY Y 99 7.01 -58.35 24.12
C GLY Y 99 5.62 -58.00 24.66
N GLN Y 100 5.58 -57.05 25.60
CA GLN Y 100 4.34 -56.54 26.17
C GLN Y 100 4.50 -55.05 26.44
N LEU Y 101 3.68 -54.25 25.73
CA LEU Y 101 3.72 -52.80 25.84
C LEU Y 101 2.51 -52.33 26.65
N ALA Y 102 2.78 -51.83 27.86
CA ALA Y 102 1.77 -51.42 28.81
C ALA Y 102 1.54 -49.91 28.73
N SER Y 103 0.32 -49.49 29.05
CA SER Y 103 -0.05 -48.08 29.16
C SER Y 103 -0.91 -47.89 30.41
N LEU Y 104 -0.31 -47.28 31.45
CA LEU Y 104 -0.92 -47.16 32.76
C LEU Y 104 -1.39 -45.72 32.99
N LYS Y 105 -2.49 -45.58 33.74
CA LYS Y 105 -3.20 -44.32 33.91
C LYS Y 105 -3.79 -44.25 35.32
N TYR Y 106 -3.68 -43.06 35.93
CA TYR Y 106 -4.24 -42.78 37.25
C TYR Y 106 -5.64 -42.20 37.10
N THR Y 107 -6.57 -42.67 37.94
CA THR Y 107 -7.95 -42.20 37.97
C THR Y 107 -8.19 -41.43 39.27
N PRO Y 108 -8.52 -40.12 39.22
CA PRO Y 108 -8.81 -39.34 40.42
C PRO Y 108 -10.19 -39.64 41.01
N ALA Y 109 -10.23 -39.73 42.35
CA ALA Y 109 -11.45 -40.02 43.10
C ALA Y 109 -11.35 -39.43 44.50
N THR Y 110 -12.51 -39.21 45.13
CA THR Y 110 -12.60 -38.72 46.49
C THR Y 110 -12.31 -39.87 47.47
N THR Y 111 -12.93 -41.03 47.20
CA THR Y 111 -12.73 -42.25 47.97
C THR Y 111 -12.36 -43.39 47.04
N ASN Y 112 -11.63 -44.38 47.59
CA ASN Y 112 -11.18 -45.59 46.91
C ASN Y 112 -10.22 -45.24 45.78
N ALA Y 113 -9.34 -44.26 46.06
CA ALA Y 113 -8.32 -43.82 45.11
C ALA Y 113 -6.94 -44.27 45.59
N SER Y 114 -6.11 -44.71 44.64
CA SER Y 114 -4.75 -45.16 44.92
C SER Y 114 -3.86 -43.95 45.20
N PHE Y 115 -3.95 -43.45 46.44
CA PHE Y 115 -3.28 -42.23 46.88
C PHE Y 115 -2.96 -42.34 48.37
N ALA Y 116 -1.75 -41.90 48.73
CA ALA Y 116 -1.29 -41.92 50.12
C ALA Y 116 -0.40 -40.70 50.38
N VAL Y 117 -0.52 -40.15 51.59
CA VAL Y 117 0.28 -39.01 52.04
C VAL Y 117 1.30 -39.52 53.08
N ASP Y 118 2.58 -39.22 52.82
CA ASP Y 118 3.68 -39.64 53.68
C ASP Y 118 4.75 -38.56 53.69
N THR Y 119 4.40 -37.40 54.25
CA THR Y 119 5.25 -36.22 54.25
C THR Y 119 5.98 -36.07 55.58
N ASN Y 120 5.48 -36.78 56.61
CA ASN Y 120 6.00 -36.69 57.97
C ASN Y 120 7.17 -37.65 58.17
N GLY Y 121 7.37 -38.55 57.20
CA GLY Y 121 8.45 -39.53 57.24
C GLY Y 121 7.94 -40.93 57.53
N THR Y 122 8.71 -41.94 57.09
CA THR Y 122 8.36 -43.34 57.25
C THR Y 122 9.61 -44.19 57.47
N SER Y 123 9.43 -45.30 58.20
CA SER Y 123 10.49 -46.27 58.46
C SER Y 123 10.56 -47.27 57.29
N ASN Y 124 9.44 -47.43 56.58
CA ASN Y 124 9.36 -48.27 55.40
C ASN Y 124 8.41 -47.64 54.39
N VAL Y 125 8.88 -47.53 53.14
CA VAL Y 125 8.12 -46.96 52.03
C VAL Y 125 7.08 -47.98 51.56
N PHE Y 126 7.48 -49.26 51.56
CA PHE Y 126 6.64 -50.35 51.07
C PHE Y 126 5.62 -50.80 52.12
N SER Y 127 5.39 -49.95 53.14
CA SER Y 127 4.43 -50.22 54.19
C SER Y 127 3.14 -49.44 53.97
N VAL Y 128 3.09 -48.67 52.87
CA VAL Y 128 1.94 -47.84 52.52
C VAL Y 128 0.89 -48.67 51.76
N LEU Y 129 1.19 -49.96 51.57
CA LEU Y 129 0.31 -50.90 50.89
C LEU Y 129 -0.85 -51.29 51.81
N ASN Y 130 -0.62 -51.16 53.13
CA ASN Y 130 -1.59 -51.54 54.15
C ASN Y 130 -2.40 -50.32 54.60
N ALA Y 131 -2.11 -49.16 54.01
CA ALA Y 131 -2.74 -47.89 54.36
C ALA Y 131 -4.18 -47.85 53.83
N GLY Y 132 -5.07 -47.27 54.64
CA GLY Y 132 -6.49 -47.17 54.32
C GLY Y 132 -6.77 -46.06 53.31
N VAL Y 133 -7.65 -46.37 52.35
CA VAL Y 133 -8.02 -45.44 51.29
C VAL Y 133 -9.54 -45.21 51.29
N GLY Y 134 -10.29 -46.21 51.75
CA GLY Y 134 -11.75 -46.14 51.79
C GLY Y 134 -12.36 -47.07 52.83
N TYR Y 135 -13.69 -47.18 52.80
CA TYR Y 135 -14.46 -48.01 53.72
C TYR Y 135 -15.16 -49.12 52.95
N LYS Y 136 -15.24 -50.30 53.59
CA LYS Y 136 -15.91 -51.48 53.04
C LYS Y 136 -17.40 -51.18 52.88
N ASN Y 137 -18.02 -50.70 53.98
CA ASN Y 137 -19.43 -50.34 54.03
C ASN Y 137 -19.58 -49.08 54.88
N SER Y 138 -20.81 -48.82 55.34
CA SER Y 138 -21.15 -47.62 56.09
C SER Y 138 -20.85 -47.82 57.58
N THR Y 139 -20.65 -49.08 57.99
CA THR Y 139 -20.55 -49.46 59.40
C THR Y 139 -19.10 -49.38 59.87
N ALA Y 140 -18.17 -49.07 58.95
CA ALA Y 140 -16.74 -48.99 59.23
C ALA Y 140 -16.44 -47.72 60.02
N THR Y 141 -15.71 -47.88 61.13
CA THR Y 141 -15.28 -46.79 62.00
C THR Y 141 -14.04 -46.12 61.41
N PHE Y 142 -13.11 -46.94 60.90
CA PHE Y 142 -11.87 -46.49 60.31
C PHE Y 142 -11.78 -46.99 58.87
N LYS Y 143 -10.84 -46.41 58.11
CA LYS Y 143 -10.58 -46.79 56.72
C LYS Y 143 -9.93 -48.19 56.71
N ASN Y 144 -10.65 -49.15 56.13
CA ASN Y 144 -10.30 -50.56 56.21
C ASN Y 144 -10.08 -51.16 54.83
N VAL Y 145 -10.21 -50.33 53.79
CA VAL Y 145 -9.86 -50.74 52.43
C VAL Y 145 -8.40 -50.33 52.18
N GLU Y 146 -7.57 -51.35 51.90
CA GLU Y 146 -6.13 -51.17 51.76
C GLU Y 146 -5.79 -50.74 50.34
N LEU Y 147 -4.54 -50.27 50.17
CA LEU Y 147 -4.04 -49.72 48.92
C LEU Y 147 -3.75 -50.81 47.91
N LYS Y 148 -3.57 -52.05 48.40
CA LYS Y 148 -3.31 -53.23 47.59
C LYS Y 148 -4.53 -53.58 46.75
N ASN Y 149 -5.73 -53.34 47.31
CA ASN Y 149 -6.99 -53.85 46.80
C ASN Y 149 -7.48 -53.00 45.62
N VAL Y 150 -6.87 -51.82 45.43
CA VAL Y 150 -7.29 -50.88 44.39
C VAL Y 150 -6.24 -50.83 43.27
N THR Y 151 -4.98 -51.09 43.62
CA THR Y 151 -3.87 -51.06 42.66
C THR Y 151 -3.82 -52.38 41.91
N LYS Y 152 -4.07 -52.31 40.58
CA LYS Y 152 -4.22 -53.49 39.75
C LYS Y 152 -3.24 -53.43 38.57
N SER Y 153 -3.70 -53.83 37.39
CA SER Y 153 -2.86 -54.07 36.23
C SER Y 153 -2.98 -52.93 35.20
N THR Y 154 -3.83 -51.95 35.50
CA THR Y 154 -4.14 -50.88 34.56
C THR Y 154 -3.76 -49.51 35.14
N ASN Y 155 -3.57 -49.46 36.47
CA ASN Y 155 -3.40 -48.20 37.18
C ASN Y 155 -2.12 -48.23 38.03
N PHE Y 156 -1.68 -47.04 38.45
CA PHE Y 156 -0.57 -46.87 39.37
C PHE Y 156 -1.01 -46.02 40.57
N ALA Y 157 -0.24 -46.13 41.66
CA ALA Y 157 -0.51 -45.40 42.90
C ALA Y 157 0.47 -44.23 43.04
N ILE Y 158 0.02 -43.17 43.72
CA ILE Y 158 0.82 -41.98 43.99
C ILE Y 158 1.02 -41.86 45.50
N VAL Y 159 2.30 -41.81 45.91
CA VAL Y 159 2.67 -41.60 47.31
C VAL Y 159 3.50 -40.32 47.39
N VAL Y 160 3.05 -39.38 48.23
CA VAL Y 160 3.65 -38.07 48.37
C VAL Y 160 4.78 -38.15 49.40
N ILE Y 161 5.94 -37.60 49.04
CA ILE Y 161 7.11 -37.55 49.91
C ILE Y 161 7.30 -36.11 50.40
N ARG Y 162 7.33 -35.16 49.46
CA ARG Y 162 7.46 -33.74 49.76
C ARG Y 162 6.33 -32.98 49.09
N ASP Y 163 5.74 -32.03 49.84
CA ASP Y 163 4.69 -31.14 49.34
C ASP Y 163 4.75 -29.83 50.13
N PRO Y 164 5.55 -28.83 49.69
CA PRO Y 164 5.71 -27.58 50.44
C PRO Y 164 4.51 -26.65 50.42
N SER Y 165 3.73 -26.68 49.33
CA SER Y 165 2.66 -25.72 49.09
C SER Y 165 1.28 -26.36 49.21
N ASN Y 166 1.24 -27.67 49.49
CA ASN Y 166 0.03 -28.46 49.65
C ASN Y 166 -0.81 -28.40 48.38
N SER Y 167 -0.25 -28.95 47.29
CA SER Y 167 -0.86 -28.89 45.97
C SER Y 167 -1.34 -30.27 45.51
N LEU Y 168 -0.94 -31.32 46.26
CA LEU Y 168 -1.23 -32.70 45.90
C LEU Y 168 -2.39 -33.22 46.74
N THR Y 169 -3.47 -33.61 46.05
CA THR Y 169 -4.64 -34.24 46.64
C THR Y 169 -5.04 -35.44 45.78
N SER Y 170 -5.96 -36.27 46.32
CA SER Y 170 -6.46 -37.46 45.64
C SER Y 170 -7.33 -37.08 44.44
N SER Y 171 -8.02 -35.94 44.56
CA SER Y 171 -8.89 -35.43 43.50
C SER Y 171 -8.07 -34.64 42.47
N HIS Y 172 -7.11 -33.84 42.96
CA HIS Y 172 -6.27 -33.01 42.12
C HIS Y 172 -4.80 -33.22 42.48
N PRO Y 173 -4.09 -34.19 41.84
CA PRO Y 173 -2.67 -34.39 42.07
C PRO Y 173 -1.80 -33.51 41.18
N VAL Y 174 -1.60 -32.26 41.63
CA VAL Y 174 -0.83 -31.27 40.89
C VAL Y 174 0.56 -31.17 41.51
N LEU Y 175 1.58 -31.42 40.69
CA LEU Y 175 2.98 -31.40 41.09
C LEU Y 175 3.54 -30.00 40.85
N THR Y 176 4.10 -29.40 41.91
CA THR Y 176 4.63 -28.04 41.88
C THR Y 176 6.13 -28.05 42.18
N THR Y 177 6.70 -26.85 42.33
CA THR Y 177 8.13 -26.66 42.56
C THR Y 177 8.48 -27.07 43.99
N GLY Y 178 9.41 -28.03 44.10
CA GLY Y 178 9.93 -28.50 45.38
C GLY Y 178 9.25 -29.76 45.89
N SER Y 179 8.30 -30.29 45.10
CA SER Y 179 7.53 -31.47 45.48
C SER Y 179 8.15 -32.73 44.88
N GLU Y 180 7.88 -33.87 45.53
CA GLU Y 180 8.41 -35.17 45.15
C GLU Y 180 7.37 -36.24 45.42
N VAL Y 181 7.18 -37.15 44.45
CA VAL Y 181 6.22 -38.24 44.54
C VAL Y 181 6.89 -39.56 44.20
N VAL Y 182 6.29 -40.66 44.69
CA VAL Y 182 6.68 -42.02 44.35
C VAL Y 182 5.51 -42.68 43.62
N ILE Y 183 5.81 -43.23 42.43
CA ILE Y 183 4.84 -43.97 41.64
C ILE Y 183 5.07 -45.47 41.87
N LEU Y 184 4.02 -46.14 42.38
CA LEU Y 184 4.05 -47.57 42.66
C LEU Y 184 3.30 -48.33 41.57
N VAL Y 185 3.95 -49.37 41.03
CA VAL Y 185 3.39 -50.23 39.98
C VAL Y 185 3.35 -51.65 40.51
N ASN Y 186 2.16 -52.27 40.44
CA ASN Y 186 1.98 -53.68 40.78
C ASN Y 186 2.51 -54.52 39.62
N THR Y 187 3.75 -55.00 39.78
CA THR Y 187 4.51 -55.68 38.75
C THR Y 187 3.97 -57.08 38.53
N SER Y 188 3.41 -57.68 39.59
CA SER Y 188 2.85 -59.03 39.55
C SER Y 188 1.49 -59.05 38.84
N ALA Y 189 0.90 -57.86 38.67
CA ALA Y 189 -0.39 -57.71 38.00
C ALA Y 189 -0.19 -57.42 36.52
N VAL Y 190 0.77 -56.55 36.20
CA VAL Y 190 0.98 -56.06 34.85
C VAL Y 190 1.71 -57.12 34.01
N PHE Y 191 2.88 -57.55 34.49
CA PHE Y 191 3.75 -58.43 33.73
C PHE Y 191 3.74 -59.85 34.32
N GLY Y 192 3.34 -59.96 35.60
CA GLY Y 192 3.33 -61.23 36.32
C GLY Y 192 4.70 -61.59 36.88
N GLY Y 193 5.43 -60.56 37.34
CA GLY Y 193 6.74 -60.72 37.94
C GLY Y 193 7.87 -60.55 36.92
N MET Y 194 8.80 -59.65 37.22
CA MET Y 194 9.98 -59.42 36.41
C MET Y 194 11.08 -60.42 36.81
N LYS Y 195 11.82 -60.89 35.81
CA LYS Y 195 12.80 -61.95 35.98
C LYS Y 195 14.22 -61.41 35.81
N GLN Y 196 15.21 -62.29 36.04
CA GLN Y 196 16.62 -61.95 36.05
C GLN Y 196 17.13 -61.72 34.63
N GLY Y 197 17.93 -60.64 34.47
CA GLY Y 197 18.63 -60.33 33.24
C GLY Y 197 17.70 -59.99 32.09
N GLN Y 198 16.75 -59.07 32.37
CA GLN Y 198 15.76 -58.65 31.39
C GLN Y 198 15.79 -57.13 31.28
N ALA Y 199 15.56 -56.63 30.05
CA ALA Y 199 15.60 -55.21 29.74
C ALA Y 199 14.22 -54.59 29.89
N VAL Y 200 14.17 -53.42 30.55
CA VAL Y 200 12.95 -52.66 30.77
C VAL Y 200 13.17 -51.25 30.21
N THR Y 201 12.25 -50.84 29.32
CA THR Y 201 12.29 -49.54 28.66
C THR Y 201 10.90 -48.91 28.71
N GLY Y 202 10.84 -47.61 29.05
CA GLY Y 202 9.59 -46.89 29.14
C GLY Y 202 9.77 -45.38 29.27
N GLN Y 203 8.62 -44.68 29.33
CA GLN Y 203 8.57 -43.22 29.40
C GLN Y 203 7.40 -42.79 30.28
N ILE Y 204 7.55 -41.61 30.91
CA ILE Y 204 6.49 -40.92 31.62
C ILE Y 204 6.12 -39.67 30.81
N ASN Y 205 4.96 -39.72 30.14
CA ASN Y 205 4.54 -38.69 29.20
C ASN Y 205 3.53 -37.75 29.86
N PRO Y 206 3.87 -36.45 30.04
CA PRO Y 206 2.88 -35.43 30.41
C PRO Y 206 2.11 -34.92 29.19
N SER Y 207 1.05 -34.15 29.45
CA SER Y 207 0.25 -33.54 28.40
C SER Y 207 1.03 -32.41 27.72
N VAL Y 208 1.69 -31.57 28.55
CA VAL Y 208 2.55 -30.50 28.09
C VAL Y 208 3.91 -30.65 28.76
N GLY Y 209 4.97 -30.75 27.95
CA GLY Y 209 6.34 -30.79 28.43
C GLY Y 209 7.15 -31.94 27.82
N SER Y 210 8.35 -32.15 28.37
CA SER Y 210 9.28 -33.18 27.92
C SER Y 210 9.21 -34.40 28.84
N PRO Y 211 9.24 -35.64 28.29
CA PRO Y 211 9.07 -36.84 29.10
C PRO Y 211 10.29 -37.28 29.91
N GLY Y 212 10.04 -38.06 30.97
CA GLY Y 212 11.07 -38.70 31.77
C GLY Y 212 11.35 -40.12 31.28
N ILE Y 213 12.63 -40.50 31.24
CA ILE Y 213 13.08 -41.72 30.59
C ILE Y 213 13.35 -42.80 31.64
N ILE Y 214 12.83 -44.01 31.39
CA ILE Y 214 13.07 -45.19 32.18
C ILE Y 214 13.77 -46.22 31.31
N GLN Y 215 15.00 -46.61 31.71
CA GLN Y 215 15.78 -47.63 31.01
C GLN Y 215 16.74 -48.28 32.00
N PHE Y 216 16.53 -49.58 32.25
CA PHE Y 216 17.37 -50.38 33.14
C PHE Y 216 17.31 -51.85 32.75
N THR Y 217 18.35 -52.59 33.12
CA THR Y 217 18.39 -54.04 33.03
C THR Y 217 18.37 -54.62 34.44
N THR Y 218 17.50 -55.61 34.67
CA THR Y 218 17.35 -56.29 35.95
C THR Y 218 18.61 -57.08 36.26
N PRO Y 219 19.06 -57.14 37.54
CA PRO Y 219 20.28 -57.86 37.92
C PRO Y 219 20.26 -59.35 37.54
N SER Y 220 21.46 -59.91 37.37
CA SER Y 220 21.66 -61.28 36.93
C SER Y 220 21.17 -62.28 37.99
N ALA Y 221 21.32 -61.90 39.27
CA ALA Y 221 20.83 -62.70 40.40
C ALA Y 221 20.33 -61.76 41.50
N PHE Y 222 19.10 -62.02 41.96
CA PHE Y 222 18.51 -61.29 43.07
C PHE Y 222 19.03 -61.90 44.38
N THR Y 223 19.73 -61.08 45.17
CA THR Y 223 20.43 -61.53 46.36
C THR Y 223 19.80 -60.94 47.62
N GLU Y 224 19.15 -59.78 47.48
CA GLU Y 224 18.50 -59.09 48.60
C GLU Y 224 17.04 -58.80 48.25
N THR Y 225 16.26 -58.42 49.28
CA THR Y 225 14.82 -58.23 49.18
C THR Y 225 14.51 -56.96 48.40
N VAL Y 226 15.11 -55.84 48.81
CA VAL Y 226 14.94 -54.56 48.13
C VAL Y 226 16.24 -54.22 47.41
N MET Y 227 16.11 -53.92 46.10
CA MET Y 227 17.24 -53.67 45.22
C MET Y 227 17.06 -52.34 44.50
N GLU Y 228 18.18 -51.69 44.19
CA GLU Y 228 18.21 -50.48 43.37
C GLU Y 228 18.42 -50.90 41.92
N LEU Y 229 17.56 -50.40 41.03
CA LEU Y 229 17.55 -50.79 39.63
C LEU Y 229 18.19 -49.70 38.77
N GLN Y 230 17.77 -48.45 39.00
CA GLN Y 230 18.27 -47.30 38.27
C GLN Y 230 18.67 -46.20 39.26
N GLU Z 1 -21.78 13.72 -16.82
CA GLU Z 1 -21.71 13.69 -15.32
C GLU Z 1 -20.47 12.93 -14.88
N THR Z 2 -20.15 13.02 -13.59
CA THR Z 2 -18.97 12.45 -12.97
C THR Z 2 -19.09 10.92 -12.89
N GLY Z 3 -20.34 10.42 -12.96
CA GLY Z 3 -20.66 9.01 -12.82
C GLY Z 3 -20.03 8.13 -13.91
N ILE Z 4 -19.96 8.68 -15.13
CA ILE Z 4 -19.45 7.96 -16.30
C ILE Z 4 -17.93 7.81 -16.17
N GLY Z 5 -17.26 8.90 -15.81
CA GLY Z 5 -15.80 8.97 -15.72
C GLY Z 5 -15.25 8.12 -14.58
N THR Z 6 -16.04 7.97 -13.50
CA THR Z 6 -15.66 7.22 -12.31
C THR Z 6 -15.56 5.73 -12.63
N LEU Z 7 -16.50 5.24 -13.46
CA LEU Z 7 -16.62 3.82 -13.79
C LEU Z 7 -15.47 3.38 -14.69
N ILE Z 8 -15.02 4.27 -15.59
CA ILE Z 8 -13.98 3.98 -16.57
C ILE Z 8 -12.64 3.77 -15.85
N ILE Z 9 -12.34 4.66 -14.89
CA ILE Z 9 -11.09 4.65 -14.15
C ILE Z 9 -11.09 3.47 -13.17
N PHE Z 10 -12.29 3.10 -12.68
CA PHE Z 10 -12.49 2.00 -11.75
C PHE Z 10 -11.99 0.68 -12.35
N ILE Z 11 -12.32 0.45 -13.63
CA ILE Z 11 -11.93 -0.75 -14.36
C ILE Z 11 -10.40 -0.82 -14.45
N ALA Z 12 -9.77 0.33 -14.70
CA ALA Z 12 -8.32 0.45 -14.86
C ALA Z 12 -7.60 0.18 -13.54
N MET Z 13 -8.22 0.62 -12.43
CA MET Z 13 -7.66 0.48 -11.09
C MET Z 13 -7.59 -0.98 -10.67
N VAL Z 14 -8.60 -1.76 -11.08
CA VAL Z 14 -8.74 -3.17 -10.73
C VAL Z 14 -7.67 -3.98 -11.48
N LEU Z 15 -7.43 -3.61 -12.75
CA LEU Z 15 -6.51 -4.32 -13.63
C LEU Z 15 -5.07 -4.11 -13.19
N VAL Z 16 -4.77 -2.90 -12.67
CA VAL Z 16 -3.43 -2.51 -12.24
C VAL Z 16 -3.07 -3.28 -10.96
N ALA Z 17 -4.05 -3.43 -10.06
CA ALA Z 17 -3.87 -4.08 -8.77
C ALA Z 17 -3.63 -5.59 -8.94
N ALA Z 18 -4.16 -6.15 -10.04
CA ALA Z 18 -4.00 -7.57 -10.37
C ALA Z 18 -2.57 -7.87 -10.82
N VAL Z 19 -1.93 -6.88 -11.47
CA VAL Z 19 -0.59 -7.00 -12.02
C VAL Z 19 0.42 -7.14 -10.88
N ALA Z 20 0.31 -6.26 -9.87
CA ALA Z 20 1.21 -6.21 -8.73
C ALA Z 20 1.06 -7.46 -7.86
N ALA Z 21 -0.15 -8.03 -7.86
CA ALA Z 21 -0.47 -9.25 -7.13
C ALA Z 21 0.25 -10.44 -7.76
N THR Z 22 0.33 -10.45 -9.10
CA THR Z 22 0.90 -11.53 -9.89
C THR Z 22 2.42 -11.61 -9.67
N VAL Z 23 3.06 -10.45 -9.53
CA VAL Z 23 4.50 -10.32 -9.36
C VAL Z 23 4.93 -11.00 -8.06
N LEU Z 24 4.17 -10.74 -6.99
CA LEU Z 24 4.50 -11.20 -5.64
C LEU Z 24 4.36 -12.71 -5.52
N ILE Z 25 3.37 -13.28 -6.21
CA ILE Z 25 3.07 -14.71 -6.18
C ILE Z 25 4.15 -15.47 -6.96
N ASN Z 26 4.51 -14.94 -8.15
CA ASN Z 26 5.45 -15.57 -9.07
C ASN Z 26 6.85 -15.60 -8.48
N THR Z 27 7.23 -14.53 -7.76
CA THR Z 27 8.55 -14.38 -7.16
C THR Z 27 8.70 -15.34 -5.98
N ALA Z 28 7.63 -15.49 -5.19
CA ALA Z 28 7.61 -16.33 -4.01
C ALA Z 28 7.68 -17.81 -4.39
N GLY Z 29 7.07 -18.15 -5.54
CA GLY Z 29 7.07 -19.50 -6.08
C GLY Z 29 8.45 -19.92 -6.60
N SER Z 30 9.19 -18.94 -7.14
CA SER Z 30 10.52 -19.15 -7.69
C SER Z 30 11.54 -19.34 -6.57
N LEU Z 31 11.38 -18.59 -5.47
CA LEU Z 31 12.28 -18.62 -4.33
C LEU Z 31 12.02 -19.83 -3.45
N GLN Z 32 10.82 -20.42 -3.59
CA GLN Z 32 10.37 -21.56 -2.81
C GLN Z 32 11.21 -22.79 -3.15
N GLN Z 33 11.42 -23.03 -4.45
CA GLN Z 33 12.06 -24.24 -4.95
C GLN Z 33 13.56 -24.20 -4.69
N ARG Z 34 14.15 -23.00 -4.72
CA ARG Z 34 15.58 -22.79 -4.51
C ARG Z 34 15.92 -23.04 -3.04
N ALA Z 35 15.09 -22.52 -2.13
CA ALA Z 35 15.32 -22.60 -0.70
C ALA Z 35 15.15 -24.02 -0.18
N THR Z 36 14.24 -24.78 -0.81
CA THR Z 36 13.94 -26.15 -0.45
C THR Z 36 15.08 -27.07 -0.87
N SER Z 37 15.61 -26.84 -2.08
CA SER Z 37 16.66 -27.66 -2.67
C SER Z 37 18.00 -27.44 -1.97
N THR Z 38 18.24 -26.20 -1.53
CA THR Z 38 19.49 -25.80 -0.88
C THR Z 38 19.61 -26.50 0.48
N GLY Z 39 18.49 -26.58 1.20
CA GLY Z 39 18.42 -27.20 2.52
C GLY Z 39 18.70 -28.70 2.47
N SER Z 40 18.15 -29.38 1.45
CA SER Z 40 18.25 -30.82 1.29
C SER Z 40 19.65 -31.23 0.84
N GLN Z 41 20.27 -30.39 0.00
CA GLN Z 41 21.58 -30.65 -0.57
C GLN Z 41 22.68 -30.49 0.48
N THR Z 42 22.48 -29.53 1.40
CA THR Z 42 23.43 -29.22 2.46
C THR Z 42 23.43 -30.31 3.52
N THR Z 43 22.23 -30.87 3.79
CA THR Z 43 22.04 -31.93 4.77
C THR Z 43 22.79 -33.20 4.32
N ASN Z 44 22.77 -33.46 3.01
CA ASN Z 44 23.48 -34.59 2.41
C ASN Z 44 24.98 -34.32 2.39
N GLN Z 45 25.37 -33.05 2.28
CA GLN Z 45 26.75 -32.63 2.11
C GLN Z 45 27.53 -32.85 3.42
N VAL Z 46 26.89 -32.56 4.55
CA VAL Z 46 27.53 -32.58 5.86
C VAL Z 46 27.65 -34.03 6.34
N SER Z 47 26.59 -34.83 6.14
CA SER Z 47 26.46 -36.16 6.70
C SER Z 47 27.34 -37.17 5.99
N THR Z 48 27.53 -37.00 4.68
CA THR Z 48 28.24 -37.95 3.84
C THR Z 48 29.75 -37.79 4.02
N GLY Z 49 30.46 -38.92 4.00
CA GLY Z 49 31.91 -38.96 4.10
C GLY Z 49 32.47 -40.37 3.94
N LEU Z 50 33.78 -40.44 3.62
CA LEU Z 50 34.50 -41.70 3.45
C LEU Z 50 35.59 -41.79 4.52
N ILE Z 51 35.87 -43.03 4.97
CA ILE Z 51 36.88 -43.29 5.99
C ILE Z 51 37.79 -44.43 5.54
N VAL Z 52 39.09 -44.27 5.82
CA VAL Z 52 40.12 -45.25 5.51
C VAL Z 52 40.32 -46.13 6.74
N GLN Z 53 40.28 -47.46 6.52
CA GLN Z 53 40.40 -48.44 7.58
C GLN Z 53 41.87 -48.78 7.82
N SER Z 54 42.50 -49.42 6.82
CA SER Z 54 43.88 -49.87 6.91
C SER Z 54 44.52 -49.91 5.52
N ILE Z 55 45.84 -49.73 5.48
CA ILE Z 55 46.63 -49.74 4.25
C ILE Z 55 47.72 -50.81 4.37
N TYR Z 56 47.79 -51.67 3.35
CA TYR Z 56 48.78 -52.73 3.25
C TYR Z 56 49.62 -52.58 1.98
N GLY Z 57 50.88 -53.02 2.05
CA GLY Z 57 51.81 -52.99 0.94
C GLY Z 57 52.48 -54.34 0.72
N MET Z 58 52.97 -54.55 -0.52
CA MET Z 58 53.60 -55.79 -0.92
C MET Z 58 54.97 -55.50 -1.55
N ASP Z 59 56.00 -56.21 -1.06
CA ASP Z 59 57.37 -56.09 -1.53
C ASP Z 59 57.52 -56.87 -2.83
N ASN Z 60 58.45 -56.42 -3.69
CA ASN Z 60 58.63 -56.95 -5.02
C ASN Z 60 59.65 -58.09 -5.05
N ASN Z 61 60.42 -58.22 -3.95
CA ASN Z 61 61.43 -59.26 -3.82
C ASN Z 61 60.99 -60.26 -2.75
N ARG Z 62 60.95 -61.54 -3.13
CA ARG Z 62 60.50 -62.62 -2.26
C ARG Z 62 61.71 -63.30 -1.61
N SER Z 63 62.79 -63.44 -2.38
CA SER Z 63 64.00 -64.12 -1.95
C SER Z 63 64.71 -63.34 -0.84
N ASN Z 64 64.81 -62.01 -1.04
CA ASN Z 64 65.41 -61.11 -0.06
C ASN Z 64 64.61 -59.81 -0.03
N PRO Z 65 63.66 -59.64 0.93
CA PRO Z 65 62.80 -58.45 0.98
C PRO Z 65 63.49 -57.18 1.47
N GLU Z 66 64.76 -57.30 1.86
CA GLU Z 66 65.55 -56.22 2.43
C GLU Z 66 65.93 -55.21 1.35
N SER Z 67 66.21 -55.73 0.14
CA SER Z 67 66.64 -54.91 -0.99
C SER Z 67 65.50 -54.73 -1.99
N GLY Z 68 64.26 -54.82 -1.49
CA GLY Z 68 63.07 -54.74 -2.33
C GLY Z 68 62.34 -53.40 -2.19
N SER Z 69 61.31 -53.22 -3.02
CA SER Z 69 60.44 -52.05 -3.02
C SER Z 69 58.99 -52.48 -3.16
N LEU Z 70 58.07 -51.56 -2.82
CA LEU Z 70 56.64 -51.83 -2.86
C LEU Z 70 56.13 -51.70 -4.29
N ASN Z 71 55.48 -52.77 -4.77
CA ASN Z 71 54.97 -52.81 -6.15
C ASN Z 71 53.45 -52.67 -6.18
N TRP Z 72 52.79 -53.03 -5.07
CA TRP Z 72 51.34 -52.95 -4.95
C TRP Z 72 50.94 -52.41 -3.57
N THR Z 73 49.85 -51.64 -3.53
CA THR Z 73 49.31 -51.05 -2.31
C THR Z 73 47.80 -51.24 -2.30
N ALA Z 74 47.26 -51.63 -1.12
CA ALA Z 74 45.84 -51.90 -0.94
C ALA Z 74 45.29 -51.02 0.18
N ILE Z 75 44.17 -50.34 -0.10
CA ILE Z 75 43.53 -49.41 0.82
C ILE Z 75 42.09 -49.87 1.06
N TYR Z 76 41.76 -50.06 2.35
CA TYR Z 76 40.42 -50.45 2.79
C TYR Z 76 39.59 -49.21 3.05
N VAL Z 77 38.42 -49.13 2.40
CA VAL Z 77 37.56 -47.94 2.42
C VAL Z 77 36.13 -48.35 2.77
N THR Z 78 35.53 -47.62 3.72
CA THR Z 78 34.12 -47.75 4.08
C THR Z 78 33.47 -46.37 4.11
N LEU Z 79 32.14 -46.34 4.16
CA LEU Z 79 31.36 -45.13 4.35
C LEU Z 79 31.30 -44.78 5.84
N ASN Z 80 30.98 -43.52 6.13
CA ASN Z 80 30.76 -43.02 7.48
C ASN Z 80 29.33 -43.39 7.90
N THR Z 81 29.05 -43.28 9.21
CA THR Z 81 27.77 -43.65 9.78
C THR Z 81 26.72 -42.59 9.44
N GLY Z 82 25.61 -43.06 8.86
CA GLY Z 82 24.49 -42.21 8.45
C GLY Z 82 24.84 -41.35 7.24
N SER Z 83 25.40 -41.99 6.22
CA SER Z 83 25.87 -41.32 5.02
C SER Z 83 25.04 -41.74 3.80
N SER Z 84 24.90 -40.79 2.86
CA SER Z 84 24.25 -41.01 1.58
C SER Z 84 25.19 -41.81 0.67
N PRO Z 85 24.66 -42.62 -0.30
CA PRO Z 85 25.51 -43.40 -1.21
C PRO Z 85 26.48 -42.56 -2.04
N VAL Z 86 27.66 -43.16 -2.30
CA VAL Z 86 28.74 -42.51 -3.03
C VAL Z 86 29.07 -43.36 -4.25
N ASP Z 87 29.11 -42.71 -5.42
CA ASP Z 87 29.55 -43.32 -6.67
C ASP Z 87 31.06 -43.16 -6.79
N LEU Z 88 31.75 -44.28 -7.02
CA LEU Z 88 33.21 -44.33 -7.00
C LEU Z 88 33.80 -43.87 -8.34
N SER Z 89 32.94 -43.72 -9.35
CA SER Z 89 33.34 -43.29 -10.68
C SER Z 89 33.64 -41.78 -10.70
N ASN Z 90 33.04 -41.05 -9.75
CA ASN Z 90 33.22 -39.61 -9.63
C ASN Z 90 34.21 -39.29 -8.51
N VAL Z 91 34.94 -40.31 -8.05
CA VAL Z 91 35.89 -40.19 -6.95
C VAL Z 91 37.29 -40.06 -7.54
N SER Z 92 38.05 -39.06 -7.05
CA SER Z 92 39.43 -38.83 -7.43
C SER Z 92 40.35 -39.08 -6.24
N LEU Z 93 41.48 -39.74 -6.52
CA LEU Z 93 42.47 -40.11 -5.51
C LEU Z 93 43.77 -39.34 -5.77
N SER Z 94 44.23 -38.62 -4.73
CA SER Z 94 45.46 -37.85 -4.78
C SER Z 94 46.53 -38.53 -3.92
N LEU Z 95 47.78 -38.49 -4.40
CA LEU Z 95 48.94 -39.05 -3.71
C LEU Z 95 50.15 -38.17 -3.96
N GLU Z 96 50.97 -37.99 -2.91
CA GLU Z 96 52.19 -37.20 -2.98
C GLU Z 96 53.36 -38.04 -2.47
N TYR Z 97 54.39 -38.19 -3.31
CA TYR Z 97 55.57 -38.98 -3.01
C TYR Z 97 56.77 -38.44 -3.80
N GLN Z 98 57.78 -37.99 -3.05
CA GLN Z 98 59.11 -37.60 -3.54
C GLN Z 98 58.99 -36.60 -4.71
N GLY Z 99 58.20 -35.54 -4.49
CA GLY Z 99 58.04 -34.47 -5.45
C GLY Z 99 57.27 -34.90 -6.70
N GLN Z 100 56.23 -35.71 -6.49
CA GLN Z 100 55.35 -36.18 -7.55
C GLN Z 100 53.92 -36.25 -7.00
N LEU Z 101 53.05 -35.42 -7.58
CA LEU Z 101 51.65 -35.34 -7.16
C LEU Z 101 50.78 -36.04 -8.20
N ALA Z 102 50.22 -37.19 -7.81
CA ALA Z 102 49.43 -38.03 -8.69
C ALA Z 102 47.94 -37.77 -8.50
N SER Z 103 47.17 -37.98 -9.58
CA SER Z 103 45.71 -37.90 -9.55
C SER Z 103 45.14 -39.09 -10.34
N LEU Z 104 44.58 -40.06 -9.60
CA LEU Z 104 44.13 -41.32 -10.16
C LEU Z 104 42.60 -41.34 -10.24
N LYS Z 105 42.09 -42.03 -11.27
CA LYS Z 105 40.67 -42.01 -11.61
C LYS Z 105 40.26 -43.38 -12.17
N TYR Z 106 39.07 -43.85 -11.75
CA TYR Z 106 38.49 -45.09 -12.22
C TYR Z 106 37.58 -44.82 -13.42
N THR Z 107 37.68 -45.68 -14.45
CA THR Z 107 36.86 -45.59 -15.64
C THR Z 107 35.90 -46.77 -15.68
N PRO Z 108 34.57 -46.55 -15.66
CA PRO Z 108 33.59 -47.64 -15.73
C PRO Z 108 33.44 -48.20 -17.15
N ALA Z 109 33.34 -49.53 -17.22
CA ALA Z 109 33.19 -50.26 -18.47
C ALA Z 109 32.48 -51.60 -18.22
N THR Z 110 31.87 -52.14 -19.28
CA THR Z 110 31.21 -53.44 -19.24
C THR Z 110 32.26 -54.55 -19.27
N THR Z 111 33.23 -54.41 -20.17
CA THR Z 111 34.35 -55.34 -20.30
C THR Z 111 35.67 -54.57 -20.24
N ASN Z 112 36.73 -55.27 -19.81
CA ASN Z 112 38.09 -54.77 -19.70
C ASN Z 112 38.15 -53.63 -18.66
N ALA Z 113 37.41 -53.81 -17.56
CA ALA Z 113 37.39 -52.85 -16.46
C ALA Z 113 38.11 -53.44 -15.25
N SER Z 114 38.87 -52.58 -14.56
CA SER Z 114 39.61 -52.97 -13.36
C SER Z 114 38.66 -53.13 -12.19
N PHE Z 115 38.00 -54.29 -12.15
CA PHE Z 115 36.95 -54.60 -11.18
C PHE Z 115 36.94 -56.11 -10.91
N ALA Z 116 36.78 -56.46 -9.63
CA ALA Z 116 36.74 -57.85 -9.18
C ALA Z 116 35.78 -57.99 -8.00
N VAL Z 117 35.06 -59.12 -7.98
CA VAL Z 117 34.13 -59.45 -6.91
C VAL Z 117 34.74 -60.57 -6.07
N ASP Z 118 34.82 -60.34 -4.76
CA ASP Z 118 35.40 -61.28 -3.81
C ASP Z 118 34.64 -61.19 -2.49
N THR Z 119 33.37 -61.59 -2.52
CA THR Z 119 32.46 -61.47 -1.39
C THR Z 119 32.33 -62.80 -0.65
N ASN Z 120 32.75 -63.89 -1.32
CA ASN Z 120 32.61 -65.25 -0.80
C ASN Z 120 33.81 -65.61 0.08
N GLY Z 121 34.86 -64.77 0.03
CA GLY Z 121 36.06 -64.97 0.82
C GLY Z 121 37.24 -65.41 -0.05
N THR Z 122 38.46 -65.14 0.43
CA THR Z 122 39.69 -65.46 -0.28
C THR Z 122 40.80 -65.83 0.70
N SER Z 123 41.71 -66.70 0.24
CA SER Z 123 42.89 -67.10 1.00
C SER Z 123 44.01 -66.08 0.81
N ASN Z 124 43.96 -65.35 -0.31
CA ASN Z 124 44.91 -64.29 -0.61
C ASN Z 124 44.19 -63.17 -1.36
N VAL Z 125 44.37 -61.93 -0.86
CA VAL Z 125 43.77 -60.74 -1.44
C VAL Z 125 44.54 -60.36 -2.71
N PHE Z 126 45.87 -60.54 -2.68
CA PHE Z 126 46.76 -60.15 -3.76
C PHE Z 126 46.77 -61.21 -4.87
N SER Z 127 45.77 -62.10 -4.88
CA SER Z 127 45.65 -63.15 -5.87
C SER Z 127 44.58 -62.78 -6.92
N VAL Z 128 43.99 -61.59 -6.76
CA VAL Z 128 42.94 -61.11 -7.65
C VAL Z 128 43.55 -60.41 -8.87
N LEU Z 129 44.89 -60.40 -8.92
CA LEU Z 129 45.64 -59.81 -10.02
C LEU Z 129 45.59 -60.73 -11.23
N ASN Z 130 45.36 -62.02 -11.00
CA ASN Z 130 45.33 -63.04 -12.03
C ASN Z 130 43.90 -63.31 -12.49
N ALA Z 131 42.94 -62.58 -11.90
CA ALA Z 131 41.52 -62.76 -12.18
C ALA Z 131 41.17 -62.17 -13.54
N GLY Z 132 40.28 -62.87 -14.26
CA GLY Z 132 39.85 -62.49 -15.59
C GLY Z 132 38.85 -61.33 -15.57
N VAL Z 133 39.05 -60.38 -16.50
CA VAL Z 133 38.19 -59.20 -16.62
C VAL Z 133 37.58 -59.12 -18.01
N GLY Z 134 38.28 -59.68 -19.01
CA GLY Z 134 37.83 -59.65 -20.40
C GLY Z 134 38.43 -60.77 -21.23
N TYR Z 135 38.18 -60.70 -22.54
CA TYR Z 135 38.64 -61.69 -23.51
C TYR Z 135 39.64 -61.05 -24.47
N LYS Z 136 40.66 -61.82 -24.86
CA LYS Z 136 41.67 -61.40 -25.82
C LYS Z 136 41.03 -61.15 -27.18
N ASN Z 137 40.27 -62.16 -27.65
CA ASN Z 137 39.55 -62.11 -28.91
C ASN Z 137 38.19 -62.78 -28.73
N SER Z 138 37.55 -63.16 -29.86
CA SER Z 138 36.23 -63.75 -29.86
C SER Z 138 36.29 -65.26 -29.63
N THR Z 139 37.50 -65.83 -29.77
CA THR Z 139 37.70 -67.28 -29.77
C THR Z 139 37.94 -67.79 -28.36
N ALA Z 140 38.02 -66.87 -27.39
CA ALA Z 140 38.27 -67.20 -25.99
C ALA Z 140 37.03 -67.83 -25.36
N THR Z 141 37.23 -68.98 -24.70
CA THR Z 141 36.18 -69.72 -24.01
C THR Z 141 35.94 -69.10 -22.63
N PHE Z 142 37.03 -68.74 -21.95
CA PHE Z 142 37.00 -68.13 -20.63
C PHE Z 142 37.71 -66.78 -20.66
N LYS Z 143 37.50 -65.98 -19.60
CA LYS Z 143 38.12 -64.66 -19.46
C LYS Z 143 39.61 -64.84 -19.20
N ASN Z 144 40.42 -64.37 -20.14
CA ASN Z 144 41.85 -64.65 -20.19
C ASN Z 144 42.67 -63.36 -20.12
N VAL Z 145 41.98 -62.21 -20.02
CA VAL Z 145 42.63 -60.92 -19.79
C VAL Z 145 42.67 -60.69 -18.28
N GLU Z 146 43.88 -60.57 -17.74
CA GLU Z 146 44.11 -60.46 -16.31
C GLU Z 146 43.98 -59.01 -15.86
N LEU Z 147 43.87 -58.83 -14.53
CA LEU Z 147 43.63 -57.54 -13.88
C LEU Z 147 44.89 -56.69 -13.91
N LYS Z 148 46.06 -57.34 -14.07
CA LYS Z 148 47.36 -56.69 -14.11
C LYS Z 148 47.49 -55.85 -15.39
N ASN Z 149 46.88 -56.35 -16.47
CA ASN Z 149 47.10 -55.86 -17.82
C ASN Z 149 46.31 -54.56 -18.07
N VAL Z 150 45.37 -54.25 -17.17
CA VAL Z 150 44.51 -53.08 -17.32
C VAL Z 150 44.87 -52.00 -16.30
N THR Z 151 45.40 -52.42 -15.14
CA THR Z 151 45.78 -51.52 -14.07
C THR Z 151 47.16 -50.93 -14.36
N LYS Z 152 47.20 -49.61 -14.59
CA LYS Z 152 48.41 -48.93 -15.03
C LYS Z 152 48.75 -47.79 -14.07
N SER Z 153 49.19 -46.65 -14.63
CA SER Z 153 49.78 -45.55 -13.86
C SER Z 153 48.80 -44.39 -13.68
N THR Z 154 47.59 -44.53 -14.24
CA THR Z 154 46.61 -43.45 -14.25
C THR Z 154 45.33 -43.87 -13.54
N ASN Z 155 45.15 -45.18 -13.33
CA ASN Z 155 43.90 -45.73 -12.84
C ASN Z 155 44.16 -46.62 -11.62
N PHE Z 156 43.07 -46.91 -10.88
CA PHE Z 156 43.08 -47.85 -9.77
C PHE Z 156 42.00 -48.91 -9.98
N ALA Z 157 42.15 -50.04 -9.26
CA ALA Z 157 41.22 -51.16 -9.34
C ALA Z 157 40.34 -51.19 -8.08
N ILE Z 158 39.12 -51.71 -8.24
CA ILE Z 158 38.16 -51.86 -7.16
C ILE Z 158 37.90 -53.36 -6.93
N VAL Z 159 38.12 -53.80 -5.69
CA VAL Z 159 37.85 -55.17 -5.27
C VAL Z 159 36.82 -55.12 -4.13
N VAL Z 160 35.70 -55.82 -4.33
CA VAL Z 160 34.58 -55.82 -3.40
C VAL Z 160 34.82 -56.89 -2.34
N ILE Z 161 34.65 -56.51 -1.06
CA ILE Z 161 34.79 -57.41 0.08
C ILE Z 161 33.39 -57.72 0.63
N ARG Z 162 32.62 -56.66 0.92
CA ARG Z 162 31.26 -56.78 1.41
C ARG Z 162 30.31 -55.98 0.52
N ASP Z 163 29.16 -56.59 0.20
CA ASP Z 163 28.11 -55.94 -0.57
C ASP Z 163 26.76 -56.57 -0.18
N PRO Z 164 26.07 -56.03 0.86
CA PRO Z 164 24.82 -56.62 1.35
C PRO Z 164 23.61 -56.44 0.43
N SER Z 165 23.59 -55.34 -0.32
CA SER Z 165 22.42 -54.94 -1.10
C SER Z 165 22.65 -55.09 -2.60
N ASN Z 166 23.86 -55.52 -2.98
CA ASN Z 166 24.28 -55.75 -4.36
C ASN Z 166 24.17 -54.44 -5.16
N SER Z 167 24.99 -53.46 -4.76
CA SER Z 167 24.95 -52.11 -5.32
C SER Z 167 26.19 -51.82 -6.15
N LEU Z 168 27.20 -52.70 -6.04
CA LEU Z 168 28.49 -52.50 -6.69
C LEU Z 168 28.58 -53.37 -7.94
N THR Z 169 28.76 -52.69 -9.09
CA THR Z 169 28.98 -53.31 -10.39
C THR Z 169 30.14 -52.59 -11.09
N SER Z 170 30.62 -53.20 -12.18
CA SER Z 170 31.71 -52.67 -12.98
C SER Z 170 31.29 -51.39 -13.72
N SER Z 171 30.00 -51.33 -14.09
CA SER Z 171 29.42 -50.19 -14.78
C SER Z 171 29.02 -49.10 -13.79
N HIS Z 172 28.44 -49.53 -12.65
CA HIS Z 172 27.97 -48.61 -11.62
C HIS Z 172 28.51 -49.05 -10.25
N PRO Z 173 29.71 -48.56 -9.83
CA PRO Z 173 30.25 -48.86 -8.51
C PRO Z 173 29.74 -47.90 -7.44
N VAL Z 174 28.54 -48.20 -6.91
CA VAL Z 174 27.90 -47.38 -5.91
C VAL Z 174 28.07 -48.03 -4.55
N LEU Z 175 28.70 -47.28 -3.62
CA LEU Z 175 28.98 -47.73 -2.26
C LEU Z 175 27.82 -47.34 -1.36
N THR Z 176 27.26 -48.33 -0.65
CA THR Z 176 26.10 -48.16 0.21
C THR Z 176 26.46 -48.50 1.65
N THR Z 177 25.45 -48.53 2.52
CA THR Z 177 25.61 -48.79 3.95
C THR Z 177 25.91 -50.27 4.17
N GLY Z 178 27.06 -50.54 4.81
CA GLY Z 178 27.46 -51.88 5.19
C GLY Z 178 28.43 -52.51 4.20
N SER Z 179 28.79 -51.77 3.15
CA SER Z 179 29.66 -52.27 2.09
C SER Z 179 31.11 -51.85 2.35
N GLU Z 180 32.04 -52.64 1.79
CA GLU Z 180 33.48 -52.44 1.97
C GLU Z 180 34.20 -52.81 0.67
N VAL Z 181 35.13 -51.95 0.25
CA VAL Z 181 35.92 -52.14 -0.95
C VAL Z 181 37.41 -51.99 -0.65
N VAL Z 182 38.23 -52.59 -1.52
CA VAL Z 182 39.68 -52.44 -1.50
C VAL Z 182 40.11 -51.76 -2.80
N ILE Z 183 40.87 -50.66 -2.67
CA ILE Z 183 41.43 -49.93 -3.79
C ILE Z 183 42.89 -50.36 -3.97
N LEU Z 184 43.19 -50.91 -5.16
CA LEU Z 184 44.53 -51.36 -5.51
C LEU Z 184 45.19 -50.36 -6.43
N VAL Z 185 46.43 -49.98 -6.08
CA VAL Z 185 47.24 -49.03 -6.83
C VAL Z 185 48.53 -49.73 -7.26
N ASN Z 186 48.81 -49.70 -8.56
CA ASN Z 186 50.07 -50.20 -9.11
C ASN Z 186 51.17 -49.18 -8.81
N THR Z 187 51.93 -49.44 -7.75
CA THR Z 187 52.91 -48.53 -7.19
C THR Z 187 54.15 -48.47 -8.09
N SER Z 188 54.43 -49.57 -8.78
CA SER Z 188 55.58 -49.69 -9.67
C SER Z 188 55.33 -48.94 -10.99
N ALA Z 189 54.07 -48.59 -11.25
CA ALA Z 189 53.67 -47.87 -12.45
C ALA Z 189 53.64 -46.36 -12.19
N VAL Z 190 53.11 -45.98 -11.02
CA VAL Z 190 52.87 -44.58 -10.68
C VAL Z 190 54.17 -43.92 -10.27
N PHE Z 191 54.84 -44.49 -9.25
CA PHE Z 191 56.01 -43.88 -8.64
C PHE Z 191 57.28 -44.65 -9.03
N GLY Z 192 57.12 -45.91 -9.44
CA GLY Z 192 58.23 -46.77 -9.79
C GLY Z 192 58.85 -47.44 -8.56
N GLY Z 193 58.01 -47.78 -7.59
CA GLY Z 193 58.41 -48.45 -6.37
C GLY Z 193 58.68 -47.46 -5.24
N MET Z 194 58.03 -47.68 -4.10
CA MET Z 194 58.23 -46.89 -2.89
C MET Z 194 59.41 -47.45 -2.11
N LYS Z 195 60.19 -46.55 -1.50
CA LYS Z 195 61.44 -46.90 -0.84
C LYS Z 195 61.32 -46.69 0.66
N GLN Z 196 62.38 -47.07 1.39
CA GLN Z 196 62.43 -47.10 2.84
C GLN Z 196 62.52 -45.68 3.40
N GLY Z 197 61.73 -45.42 4.45
CA GLY Z 197 61.77 -44.20 5.22
C GLY Z 197 61.34 -42.97 4.41
N GLN Z 198 60.20 -43.10 3.73
CA GLN Z 198 59.65 -42.03 2.89
C GLN Z 198 58.22 -41.73 3.32
N ALA Z 199 57.86 -40.45 3.24
CA ALA Z 199 56.54 -39.97 3.66
C ALA Z 199 55.57 -39.98 2.48
N VAL Z 200 54.36 -40.49 2.75
CA VAL Z 200 53.28 -40.56 1.78
C VAL Z 200 52.06 -39.83 2.34
N THR Z 201 51.54 -38.86 1.57
CA THR Z 201 50.40 -38.06 1.97
C THR Z 201 49.42 -37.96 0.79
N GLY Z 202 48.13 -38.14 1.07
CA GLY Z 202 47.09 -38.10 0.05
C GLY Z 202 45.68 -38.03 0.62
N GLN Z 203 44.70 -37.96 -0.30
CA GLN Z 203 43.28 -37.84 0.03
C GLN Z 203 42.44 -38.62 -0.98
N ILE Z 204 41.28 -39.11 -0.52
CA ILE Z 204 40.25 -39.68 -1.37
C ILE Z 204 39.07 -38.70 -1.39
N ASN Z 205 38.90 -38.01 -2.53
CA ASN Z 205 37.93 -36.93 -2.65
C ASN Z 205 36.68 -37.42 -3.37
N PRO Z 206 35.50 -37.45 -2.70
CA PRO Z 206 34.22 -37.66 -3.39
C PRO Z 206 33.70 -36.35 -4.00
N SER Z 207 32.64 -36.47 -4.81
CA SER Z 207 31.98 -35.33 -5.43
C SER Z 207 31.20 -34.54 -4.38
N VAL Z 208 30.47 -35.27 -3.53
CA VAL Z 208 29.72 -34.71 -2.40
C VAL Z 208 30.14 -35.45 -1.14
N GLY Z 209 30.62 -34.69 -0.14
CA GLY Z 209 30.95 -35.23 1.17
C GLY Z 209 32.34 -34.80 1.65
N SER Z 210 32.78 -35.42 2.75
CA SER Z 210 34.06 -35.14 3.38
C SER Z 210 35.09 -36.21 2.99
N PRO Z 211 36.35 -35.82 2.69
CA PRO Z 211 37.36 -36.77 2.19
C PRO Z 211 37.98 -37.67 3.27
N GLY Z 212 38.53 -38.80 2.81
CA GLY Z 212 39.31 -39.71 3.64
C GLY Z 212 40.81 -39.42 3.52
N ILE Z 213 41.51 -39.48 4.66
CA ILE Z 213 42.88 -39.00 4.78
C ILE Z 213 43.83 -40.20 4.75
N ILE Z 214 44.89 -40.07 3.93
CA ILE Z 214 45.98 -41.03 3.85
C ILE Z 214 47.27 -40.31 4.26
N GLN Z 215 47.90 -40.80 5.33
CA GLN Z 215 49.17 -40.27 5.82
C GLN Z 215 49.92 -41.37 6.58
N PHE Z 216 51.07 -41.78 6.03
CA PHE Z 216 51.94 -42.78 6.63
C PHE Z 216 53.38 -42.58 6.17
N THR Z 217 54.32 -43.09 6.99
CA THR Z 217 55.73 -43.18 6.64
C THR Z 217 56.09 -44.65 6.48
N THR Z 218 56.77 -44.96 5.36
CA THR Z 218 57.22 -46.30 5.04
C THR Z 218 58.27 -46.76 6.05
N PRO Z 219 58.26 -48.06 6.47
CA PRO Z 219 59.23 -48.57 7.45
C PRO Z 219 60.69 -48.38 7.03
N SER Z 220 61.58 -48.34 8.05
CA SER Z 220 63.00 -48.08 7.87
C SER Z 220 63.68 -49.24 7.14
N ALA Z 221 63.18 -50.46 7.38
CA ALA Z 221 63.67 -51.65 6.70
C ALA Z 221 62.50 -52.62 6.46
N PHE Z 222 62.37 -53.06 5.20
CA PHE Z 222 61.37 -54.05 4.81
C PHE Z 222 61.92 -55.44 5.16
N THR Z 223 61.20 -56.14 6.04
CA THR Z 223 61.66 -57.41 6.60
C THR Z 223 60.77 -58.56 6.14
N GLU Z 224 59.51 -58.26 5.82
CA GLU Z 224 58.54 -59.24 5.37
C GLU Z 224 57.92 -58.81 4.04
N THR Z 225 57.23 -59.75 3.39
CA THR Z 225 56.67 -59.58 2.05
C THR Z 225 55.48 -58.63 2.08
N VAL Z 226 54.51 -58.91 2.96
CA VAL Z 226 53.33 -58.08 3.14
C VAL Z 226 53.44 -57.37 4.48
N MET Z 227 53.30 -56.04 4.45
CA MET Z 227 53.47 -55.17 5.59
C MET Z 227 52.24 -54.28 5.77
N GLU Z 228 51.95 -53.94 7.04
CA GLU Z 228 50.92 -52.97 7.38
C GLU Z 228 51.57 -51.59 7.48
N LEU Z 229 50.97 -50.62 6.78
CA LEU Z 229 51.53 -49.27 6.67
C LEU Z 229 50.76 -48.32 7.58
N GLN Z 230 49.43 -48.37 7.51
CA GLN Z 230 48.55 -47.52 8.29
C GLN Z 230 47.48 -48.37 8.97
N GLU AA 1 -13.49 13.59 -4.92
CA GLU AA 1 -12.11 13.34 -5.46
C GLU AA 1 -11.43 12.25 -4.65
N THR AA 2 -10.29 11.77 -5.17
CA THR AA 2 -9.53 10.66 -4.61
C THR AA 2 -8.83 11.10 -3.31
N GLY AA 3 -8.66 12.42 -3.14
CA GLY AA 3 -7.95 13.01 -2.01
C GLY AA 3 -8.61 12.71 -0.67
N ILE AA 4 -9.96 12.67 -0.65
CA ILE AA 4 -10.74 12.47 0.55
C ILE AA 4 -10.60 11.01 1.01
N GLY AA 5 -10.72 10.07 0.05
CA GLY AA 5 -10.69 8.64 0.31
C GLY AA 5 -9.32 8.15 0.75
N THR AA 6 -8.27 8.83 0.28
CA THR AA 6 -6.88 8.47 0.58
C THR AA 6 -6.57 8.73 2.05
N LEU AA 7 -7.12 9.84 2.59
CA LEU AA 7 -6.84 10.28 3.94
C LEU AA 7 -7.51 9.37 4.97
N ILE AA 8 -8.70 8.85 4.63
CA ILE AA 8 -9.50 8.02 5.52
C ILE AA 8 -8.79 6.68 5.75
N ILE AA 9 -8.28 6.08 4.65
CA ILE AA 9 -7.62 4.79 4.67
C ILE AA 9 -6.25 4.93 5.34
N PHE AA 10 -5.62 6.11 5.19
CA PHE AA 10 -4.32 6.43 5.76
C PHE AA 10 -4.35 6.29 7.29
N ILE AA 11 -5.43 6.80 7.92
CA ILE AA 11 -5.61 6.75 9.35
C ILE AA 11 -5.70 5.30 9.82
N ALA AA 12 -6.41 4.48 9.05
CA ALA AA 12 -6.64 3.06 9.34
C ALA AA 12 -5.34 2.27 9.24
N MET AA 13 -4.48 2.64 8.28
CA MET AA 13 -3.22 1.97 8.01
C MET AA 13 -2.24 2.16 9.17
N VAL AA 14 -2.28 3.36 9.77
CA VAL AA 14 -1.40 3.74 10.86
C VAL AA 14 -1.77 2.96 12.13
N LEU AA 15 -3.08 2.81 12.36
CA LEU AA 15 -3.62 2.17 13.54
C LEU AA 15 -3.35 0.66 13.52
N VAL AA 16 -3.36 0.06 12.32
CA VAL AA 16 -3.15 -1.37 12.13
C VAL AA 16 -1.68 -1.72 12.40
N ALA AA 17 -0.77 -0.83 11.95
CA ALA AA 17 0.67 -1.02 12.08
C ALA AA 17 1.11 -0.92 13.53
N ALA AA 18 0.34 -0.17 14.35
CA ALA AA 18 0.61 0.02 15.76
C ALA AA 18 0.30 -1.25 16.55
N VAL AA 19 -0.72 -2.00 16.07
CA VAL AA 19 -1.21 -3.22 16.72
C VAL AA 19 -0.13 -4.31 16.64
N ALA AA 20 0.44 -4.49 15.45
CA ALA AA 20 1.43 -5.52 15.17
C ALA AA 20 2.74 -5.21 15.90
N ALA AA 21 3.01 -3.92 16.13
CA ALA AA 21 4.17 -3.44 16.86
C ALA AA 21 4.06 -3.81 18.34
N THR AA 22 2.84 -3.74 18.88
CA THR AA 22 2.55 -3.96 20.28
C THR AA 22 2.73 -5.44 20.63
N VAL AA 23 2.38 -6.32 19.69
CA VAL AA 23 2.45 -7.78 19.86
C VAL AA 23 3.91 -8.20 20.06
N LEU AA 24 4.81 -7.64 19.23
CA LEU AA 24 6.22 -8.03 19.19
C LEU AA 24 6.94 -7.59 20.45
N ILE AA 25 6.55 -6.42 21.00
CA ILE AA 25 7.17 -5.85 22.18
C ILE AA 25 6.74 -6.64 23.43
N ASN AA 26 5.44 -6.96 23.50
CA ASN AA 26 4.83 -7.64 24.64
C ASN AA 26 5.35 -9.06 24.78
N THR AA 27 5.56 -9.73 23.62
CA THR AA 27 6.01 -11.11 23.58
C THR AA 27 7.48 -11.21 24.01
N ALA AA 28 8.29 -10.22 23.58
CA ALA AA 28 9.71 -10.17 23.88
C ALA AA 28 9.95 -9.88 25.35
N GLY AA 29 9.07 -9.08 25.95
CA GLY AA 29 9.11 -8.74 27.37
C GLY AA 29 8.78 -9.93 28.27
N SER AA 30 7.87 -10.79 27.78
CA SER AA 30 7.41 -11.97 28.50
C SER AA 30 8.50 -13.05 28.48
N LEU AA 31 9.20 -13.17 27.35
CA LEU AA 31 10.23 -14.19 27.14
C LEU AA 31 11.54 -13.76 27.82
N GLN AA 32 11.67 -12.46 28.11
CA GLN AA 32 12.86 -11.88 28.72
C GLN AA 32 13.03 -12.41 30.15
N GLN AA 33 11.93 -12.42 30.91
CA GLN AA 33 11.95 -12.72 32.33
C GLN AA 33 12.14 -14.22 32.56
N ARG AA 34 11.60 -15.03 31.64
CA ARG AA 34 11.68 -16.48 31.71
C ARG AA 34 13.12 -16.94 31.45
N ALA AA 35 13.76 -16.35 30.44
CA ALA AA 35 15.10 -16.73 30.00
C ALA AA 35 16.15 -16.32 31.02
N THR AA 36 15.90 -15.20 31.72
CA THR AA 36 16.80 -14.67 32.74
C THR AA 36 16.76 -15.54 33.99
N SER AA 37 15.55 -15.96 34.38
CA SER AA 37 15.31 -16.73 35.59
C SER AA 37 15.83 -18.16 35.44
N THR AA 38 15.72 -18.71 34.23
CA THR AA 38 16.14 -20.08 33.92
C THR AA 38 17.65 -20.21 34.04
N GLY AA 39 18.37 -19.19 33.57
CA GLY AA 39 19.83 -19.15 33.59
C GLY AA 39 20.39 -19.10 35.01
N SER AA 40 19.74 -18.30 35.88
CA SER AA 40 20.18 -18.08 37.24
C SER AA 40 19.90 -19.30 38.12
N GLN AA 41 18.78 -19.98 37.85
CA GLN AA 41 18.33 -21.14 38.61
C GLN AA 41 19.21 -22.36 38.32
N THR AA 42 19.66 -22.47 37.06
CA THR AA 42 20.47 -23.58 36.60
C THR AA 42 21.89 -23.47 37.17
N THR AA 43 22.39 -22.23 37.27
CA THR AA 43 23.72 -21.94 37.79
C THR AA 43 23.80 -22.35 39.26
N ASN AA 44 22.71 -22.12 40.00
CA ASN AA 44 22.61 -22.50 41.41
C ASN AA 44 22.45 -24.01 41.55
N GLN AA 45 21.81 -24.64 40.55
CA GLN AA 45 21.47 -26.05 40.57
C GLN AA 45 22.73 -26.92 40.45
N VAL AA 46 23.66 -26.49 39.58
CA VAL AA 46 24.86 -27.25 39.26
C VAL AA 46 25.88 -27.13 40.39
N SER AA 47 26.04 -25.91 40.92
CA SER AA 47 27.10 -25.56 41.86
C SER AA 47 26.84 -26.13 43.25
N THR AA 48 25.56 -26.19 43.65
CA THR AA 48 25.16 -26.58 44.99
C THR AA 48 25.23 -28.11 45.13
N GLY AA 49 25.65 -28.56 46.32
CA GLY AA 49 25.73 -29.97 46.66
C GLY AA 49 26.13 -30.21 48.12
N LEU AA 50 25.84 -31.40 48.62
CA LEU AA 50 26.19 -31.83 49.97
C LEU AA 50 27.18 -32.99 49.89
N ILE AA 51 28.08 -33.06 50.88
CA ILE AA 51 29.09 -34.11 50.96
C ILE AA 51 29.13 -34.70 52.37
N VAL AA 52 29.29 -36.03 52.43
CA VAL AA 52 29.37 -36.79 53.67
C VAL AA 52 30.86 -36.94 54.03
N GLN AA 53 31.18 -36.61 55.28
CA GLN AA 53 32.56 -36.64 55.78
C GLN AA 53 32.87 -38.03 56.34
N SER AA 54 32.21 -38.38 57.44
CA SER AA 54 32.44 -39.64 58.14
C SER AA 54 31.17 -40.08 58.87
N ILE AA 55 31.02 -41.41 59.03
CA ILE AA 55 29.89 -42.02 59.71
C ILE AA 55 30.40 -42.87 60.87
N TYR AA 56 29.81 -42.64 62.05
CA TYR AA 56 30.14 -43.37 63.28
C TYR AA 56 28.90 -44.07 63.82
N GLY AA 57 29.13 -45.20 64.50
CA GLY AA 57 28.06 -45.98 65.12
C GLY AA 57 28.39 -46.33 66.58
N MET AA 58 27.34 -46.62 67.36
CA MET AA 58 27.46 -46.92 68.78
C MET AA 58 26.73 -48.23 69.08
N ASP AA 59 27.45 -49.14 69.76
CA ASP AA 59 26.93 -50.44 70.16
C ASP AA 59 26.05 -50.27 71.40
N ASN AA 60 25.07 -51.18 71.56
CA ASN AA 60 24.06 -51.07 72.60
C ASN AA 60 24.47 -51.82 73.86
N ASN AA 61 25.51 -52.67 73.73
CA ASN AA 61 26.03 -53.45 74.86
C ASN AA 61 27.42 -52.94 75.22
N ARG AA 62 27.60 -52.58 76.50
CA ARG AA 62 28.84 -52.03 77.01
C ARG AA 62 29.68 -53.14 77.65
N SER AA 63 29.01 -54.07 78.34
CA SER AA 63 29.66 -55.15 79.07
C SER AA 63 30.32 -56.13 78.11
N ASN AA 64 29.61 -56.49 77.02
CA ASN AA 64 30.11 -57.37 75.99
C ASN AA 64 29.64 -56.87 74.63
N PRO AA 65 30.47 -56.09 73.88
CA PRO AA 65 30.06 -55.51 72.60
C PRO AA 65 29.97 -56.51 71.43
N GLU AA 66 30.35 -57.76 71.70
CA GLU AA 66 30.42 -58.81 70.70
C GLU AA 66 29.01 -59.27 70.32
N SER AA 67 28.11 -59.30 71.31
CA SER AA 67 26.74 -59.75 71.13
C SER AA 67 25.77 -58.56 71.09
N GLY AA 68 26.29 -57.40 70.67
CA GLY AA 68 25.52 -56.16 70.63
C GLY AA 68 25.12 -55.75 69.22
N SER AA 69 24.32 -54.69 69.14
CA SER AA 69 23.86 -54.10 67.89
C SER AA 69 23.94 -52.57 67.98
N LEU AA 70 23.90 -51.92 66.81
CA LEU AA 70 24.01 -50.47 66.72
C LEU AA 70 22.66 -49.83 67.04
N ASN AA 71 22.66 -48.92 68.02
CA ASN AA 71 21.44 -48.26 68.47
C ASN AA 71 21.39 -46.80 68.00
N TRP AA 72 22.57 -46.21 67.73
CA TRP AA 72 22.67 -44.84 67.26
C TRP AA 72 23.73 -44.73 66.15
N THR AA 73 23.47 -43.84 65.20
CA THR AA 73 24.35 -43.57 64.07
C THR AA 73 24.49 -42.07 63.86
N ALA AA 74 25.72 -41.61 63.64
CA ALA AA 74 26.04 -40.20 63.46
C ALA AA 74 26.72 -39.97 62.11
N ILE AA 75 26.21 -38.99 61.35
CA ILE AA 75 26.69 -38.68 60.01
C ILE AA 75 27.13 -37.21 59.98
N TYR AA 76 28.39 -37.00 59.57
CA TYR AA 76 28.99 -35.67 59.44
C TYR AA 76 28.75 -35.15 58.02
N VAL AA 77 28.14 -33.96 57.93
CA VAL AA 77 27.71 -33.38 56.66
C VAL AA 77 28.22 -31.94 56.55
N THR AA 78 28.80 -31.62 55.39
CA THR AA 78 29.22 -30.28 55.02
C THR AA 78 28.71 -29.94 53.62
N LEU AA 79 28.78 -28.65 53.26
CA LEU AA 79 28.47 -28.18 51.92
C LEU AA 79 29.69 -28.36 51.02
N ASN AA 80 29.45 -28.35 49.71
CA ASN AA 80 30.49 -28.39 48.68
C ASN AA 80 31.06 -26.98 48.51
N THR AA 81 32.22 -26.89 47.84
CA THR AA 81 32.92 -25.64 47.63
C THR AA 81 32.20 -24.80 46.57
N GLY AA 82 31.89 -23.55 46.95
CA GLY AA 82 31.20 -22.60 46.10
C GLY AA 82 29.74 -22.97 45.88
N SER AA 83 29.04 -23.26 46.99
CA SER AA 83 27.65 -23.72 46.96
C SER AA 83 26.74 -22.69 47.60
N SER AA 84 25.50 -22.63 47.09
CA SER AA 84 24.43 -21.81 47.65
C SER AA 84 23.90 -22.45 48.93
N PRO AA 85 23.36 -21.65 49.90
CA PRO AA 85 22.82 -22.20 51.14
C PRO AA 85 21.71 -23.23 50.95
N VAL AA 86 21.68 -24.22 51.86
CA VAL AA 86 20.72 -25.32 51.84
C VAL AA 86 19.94 -25.32 53.15
N ASP AA 87 18.61 -25.35 53.03
CA ASP AA 87 17.70 -25.51 54.16
C ASP AA 87 17.49 -26.99 54.42
N LEU AA 88 17.72 -27.41 55.68
CA LEU AA 88 17.73 -28.81 56.07
C LEU AA 88 16.31 -29.31 56.32
N SER AA 89 15.33 -28.39 56.36
CA SER AA 89 13.93 -28.72 56.59
C SER AA 89 13.30 -29.32 55.34
N ASN AA 90 13.89 -29.01 54.18
CA ASN AA 90 13.41 -29.49 52.88
C ASN AA 90 14.28 -30.66 52.40
N VAL AA 91 15.10 -31.20 53.30
CA VAL AA 91 16.03 -32.28 53.00
C VAL AA 91 15.41 -33.61 53.44
N SER AA 92 15.43 -34.60 52.54
CA SER AA 92 14.96 -35.94 52.81
C SER AA 92 16.13 -36.93 52.80
N LEU AA 93 16.12 -37.86 53.77
CA LEU AA 93 17.16 -38.85 53.93
C LEU AA 93 16.58 -40.24 53.66
N SER AA 94 17.23 -40.96 52.73
CA SER AA 94 16.86 -42.32 52.35
C SER AA 94 17.89 -43.31 52.88
N LEU AA 95 17.40 -44.47 53.33
CA LEU AA 95 18.23 -45.57 53.84
C LEU AA 95 17.62 -46.90 53.45
N GLU AA 96 18.48 -47.85 53.06
CA GLU AA 96 18.07 -49.20 52.68
C GLU AA 96 18.85 -50.21 53.51
N TYR AA 97 18.12 -51.09 54.22
CA TYR AA 97 18.69 -52.11 55.09
C TYR AA 97 17.73 -53.28 55.20
N GLN AA 98 18.21 -54.46 54.75
CA GLN AA 98 17.57 -55.75 54.91
C GLN AA 98 16.10 -55.72 54.45
N GLY AA 99 15.89 -55.20 53.23
CA GLY AA 99 14.57 -55.16 52.61
C GLY AA 99 13.63 -54.17 53.29
N GLN AA 100 14.17 -53.02 53.68
CA GLN AA 100 13.41 -51.94 54.30
C GLN AA 100 13.97 -50.61 53.81
N LEU AA 101 13.14 -49.86 53.09
CA LEU AA 101 13.51 -48.57 52.52
C LEU AA 101 12.86 -47.46 53.34
N ALA AA 102 13.70 -46.72 54.08
CA ALA AA 102 13.26 -45.67 54.99
C ALA AA 102 13.36 -44.30 54.32
N SER AA 103 12.47 -43.39 54.74
CA SER AA 103 12.50 -41.99 54.32
C SER AA 103 12.27 -41.10 55.54
N LEU AA 104 13.35 -40.44 55.98
CA LEU AA 104 13.37 -39.66 57.21
C LEU AA 104 13.34 -38.17 56.90
N LYS AA 105 12.69 -37.41 57.79
CA LYS AA 105 12.39 -35.99 57.58
C LYS AA 105 12.46 -35.25 58.91
N TYR AA 106 13.05 -34.05 58.88
CA TYR AA 106 13.13 -33.16 60.03
C TYR AA 106 11.95 -32.20 60.03
N THR AA 107 11.36 -31.99 61.22
CA THR AA 107 10.26 -31.08 61.41
C THR AA 107 10.72 -29.89 62.26
N PRO AA 108 10.67 -28.64 61.72
CA PRO AA 108 11.08 -27.46 62.48
C PRO AA 108 10.02 -27.03 63.51
N ALA AA 109 10.49 -26.64 64.70
CA ALA AA 109 9.65 -26.21 65.80
C ALA AA 109 10.43 -25.26 66.71
N THR AA 110 9.69 -24.44 67.46
CA THR AA 110 10.27 -23.52 68.45
C THR AA 110 10.67 -24.30 69.70
N THR AA 111 9.77 -25.18 70.16
CA THR AA 111 10.00 -26.05 71.31
C THR AA 111 9.71 -27.49 70.91
N ASN AA 112 10.36 -28.43 71.62
CA ASN AA 112 10.24 -29.87 71.44
C ASN AA 112 10.72 -30.30 70.05
N ALA AA 113 11.83 -29.67 69.61
CA ALA AA 113 12.43 -29.97 68.32
C ALA AA 113 13.77 -30.69 68.55
N SER AA 114 14.04 -31.69 67.70
CA SER AA 114 15.26 -32.47 67.75
C SER AA 114 16.43 -31.66 67.21
N PHE AA 115 16.95 -30.77 68.07
CA PHE AA 115 17.98 -29.80 67.73
C PHE AA 115 18.84 -29.51 68.96
N ALA AA 116 20.16 -29.43 68.73
CA ALA AA 116 21.13 -29.15 69.78
C ALA AA 116 22.29 -28.33 69.23
N VAL AA 117 22.78 -27.40 70.05
CA VAL AA 117 23.91 -26.54 69.70
C VAL AA 117 25.12 -27.00 70.52
N ASP AA 118 26.23 -27.28 69.82
CA ASP AA 118 27.46 -27.75 70.43
C ASP AA 118 28.65 -27.20 69.66
N THR AA 119 28.81 -25.87 69.72
CA THR AA 119 29.82 -25.14 68.95
C THR AA 119 31.04 -24.84 69.83
N ASN AA 120 30.85 -24.93 71.15
CA ASN AA 120 31.88 -24.57 72.12
C ASN AA 120 32.80 -25.77 72.40
N GLY AA 121 32.40 -26.96 71.92
CA GLY AA 121 33.17 -28.18 72.09
C GLY AA 121 32.53 -29.12 73.09
N THR AA 122 32.83 -30.42 72.96
CA THR AA 122 32.28 -31.47 73.81
C THR AA 122 33.31 -32.58 74.02
N SER AA 123 33.22 -33.23 75.19
CA SER AA 123 34.04 -34.38 75.53
C SER AA 123 33.43 -35.65 74.97
N ASN AA 124 32.11 -35.64 74.74
CA ASN AA 124 31.38 -36.74 74.14
C ASN AA 124 30.26 -36.19 73.25
N VAL AA 125 30.21 -36.67 72.01
CA VAL AA 125 29.20 -36.27 71.03
C VAL AA 125 27.88 -36.95 71.36
N PHE AA 126 27.95 -38.21 71.83
CA PHE AA 126 26.78 -39.03 72.13
C PHE AA 126 26.20 -38.70 73.50
N SER AA 127 26.58 -37.54 74.05
CA SER AA 127 26.09 -37.07 75.34
C SER AA 127 25.01 -36.01 75.17
N VAL AA 128 24.68 -35.69 73.90
CA VAL AA 128 23.70 -34.67 73.57
C VAL AA 128 22.29 -35.27 73.57
N LEU AA 129 22.21 -36.57 73.89
CA LEU AA 129 20.95 -37.29 73.98
C LEU AA 129 20.21 -36.90 75.26
N ASN AA 130 20.96 -36.43 76.26
CA ASN AA 130 20.43 -36.07 77.57
C ASN AA 130 20.15 -34.57 77.64
N ALA AA 131 20.43 -33.86 76.53
CA ALA AA 131 20.26 -32.41 76.46
C ALA AA 131 18.79 -32.04 76.38
N GLY AA 132 18.44 -30.94 77.06
CA GLY AA 132 17.07 -30.44 77.15
C GLY AA 132 16.64 -29.73 75.86
N VAL AA 133 15.41 -30.00 75.43
CA VAL AA 133 14.85 -29.41 74.22
C VAL AA 133 13.55 -28.66 74.54
N GLY AA 134 12.85 -29.11 75.59
CA GLY AA 134 11.58 -28.52 76.00
C GLY AA 134 11.26 -28.77 77.47
N TYR AA 135 10.04 -28.38 77.86
CA TYR AA 135 9.56 -28.52 79.22
C TYR AA 135 8.38 -29.50 79.26
N LYS AA 136 8.31 -30.28 80.35
CA LYS AA 136 7.24 -31.24 80.58
C LYS AA 136 5.91 -30.51 80.73
N ASN AA 137 5.91 -29.51 81.63
CA ASN AA 137 4.75 -28.68 81.91
C ASN AA 137 5.22 -27.23 82.12
N SER AA 138 4.36 -26.41 82.74
CA SER AA 138 4.63 -25.00 82.95
C SER AA 138 5.45 -24.77 84.22
N THR AA 139 5.52 -25.81 85.07
CA THR AA 139 6.09 -25.70 86.40
C THR AA 139 7.60 -25.99 86.37
N ALA AA 140 8.11 -26.37 85.19
CA ALA AA 140 9.52 -26.71 85.01
C ALA AA 140 10.37 -25.45 85.02
N THR AA 141 11.44 -25.49 85.83
CA THR AA 141 12.39 -24.39 85.97
C THR AA 141 13.41 -24.45 84.84
N PHE AA 142 13.85 -25.67 84.50
CA PHE AA 142 14.83 -25.91 83.45
C PHE AA 142 14.23 -26.88 82.42
N LYS AA 143 14.88 -26.96 81.26
CA LYS AA 143 14.47 -27.85 80.17
C LYS AA 143 14.75 -29.30 80.59
N ASN AA 144 13.66 -30.07 80.73
CA ASN AA 144 13.71 -31.40 81.33
C ASN AA 144 13.23 -32.47 80.35
N VAL AA 145 12.86 -32.05 79.13
CA VAL AA 145 12.54 -32.98 78.05
C VAL AA 145 13.82 -33.24 77.27
N GLU AA 146 14.24 -34.51 77.24
CA GLU AA 146 15.51 -34.92 76.64
C GLU AA 146 15.34 -35.15 75.14
N LEU AA 147 16.47 -35.24 74.43
CA LEU AA 147 16.53 -35.36 72.98
C LEU AA 147 16.14 -36.76 72.53
N LYS AA 148 16.24 -37.73 73.45
CA LYS AA 148 15.91 -39.13 73.20
C LYS AA 148 14.41 -39.28 72.99
N ASN AA 149 13.63 -38.45 73.70
CA ASN AA 149 12.19 -38.61 73.83
C ASN AA 149 11.44 -38.09 72.60
N VAL AA 150 12.16 -37.34 71.74
CA VAL AA 150 11.57 -36.74 70.55
C VAL AA 150 12.07 -37.43 69.28
N THR AA 151 13.28 -38.00 69.34
CA THR AA 151 13.88 -38.68 68.20
C THR AA 151 13.35 -40.10 68.13
N LYS AA 152 12.62 -40.40 67.05
CA LYS AA 152 11.90 -41.67 66.90
C LYS AA 152 12.31 -42.36 65.60
N SER AA 153 11.32 -42.94 64.90
CA SER AA 153 11.57 -43.83 63.77
C SER AA 153 11.28 -43.15 62.43
N THR AA 154 10.85 -41.88 62.48
CA THR AA 154 10.43 -41.15 61.29
C THR AA 154 11.28 -39.91 61.08
N ASN AA 155 12.01 -39.48 62.13
CA ASN AA 155 12.72 -38.21 62.13
C ASN AA 155 14.18 -38.40 62.52
N PHE AA 156 15.00 -37.38 62.22
CA PHE AA 156 16.39 -37.33 62.62
C PHE AA 156 16.66 -36.03 63.39
N ALA AA 157 17.76 -36.02 64.15
CA ALA AA 157 18.18 -34.89 64.96
C ALA AA 157 19.35 -34.17 64.29
N ILE AA 158 19.45 -32.86 64.53
CA ILE AA 158 20.52 -32.03 64.01
C ILE AA 158 21.33 -31.48 65.19
N VAL AA 159 22.65 -31.75 65.16
CA VAL AA 159 23.59 -31.24 66.15
C VAL AA 159 24.63 -30.39 65.42
N VAL AA 160 24.76 -29.13 65.85
CA VAL AA 160 25.64 -28.15 65.22
C VAL AA 160 27.04 -28.29 65.82
N ILE AA 161 28.05 -28.34 64.94
CA ILE AA 161 29.45 -28.43 65.32
C ILE AA 161 30.11 -27.08 65.06
N ARG AA 162 29.97 -26.58 63.82
CA ARG AA 162 30.50 -25.30 63.42
C ARG AA 162 29.39 -24.44 62.82
N ASP AA 163 29.36 -23.16 63.21
CA ASP AA 163 28.42 -22.17 62.69
C ASP AA 163 29.07 -20.78 62.77
N PRO AA 164 29.81 -20.35 61.72
CA PRO AA 164 30.54 -19.07 61.75
C PRO AA 164 29.65 -17.82 61.66
N SER AA 165 28.51 -17.95 60.97
CA SER AA 165 27.67 -16.80 60.63
C SER AA 165 26.34 -16.82 61.41
N ASN AA 166 26.15 -17.86 62.24
CA ASN AA 166 24.97 -18.06 63.06
C ASN AA 166 23.72 -18.13 62.18
N SER AA 167 23.66 -19.18 61.34
CA SER AA 167 22.60 -19.35 60.37
C SER AA 167 21.70 -20.54 60.72
N LEU AA 168 22.13 -21.34 61.70
CA LEU AA 168 21.44 -22.55 62.09
C LEU AA 168 20.64 -22.32 63.37
N THR AA 169 19.31 -22.49 63.25
CA THR AA 169 18.36 -22.43 64.36
C THR AA 169 17.41 -23.61 64.27
N SER AA 170 16.63 -23.83 65.35
CA SER AA 170 15.67 -24.91 65.44
C SER AA 170 14.49 -24.68 64.49
N SER AA 171 14.15 -23.40 64.28
CA SER AA 171 13.07 -22.99 63.40
C SER AA 171 13.55 -22.94 61.94
N HIS AA 172 14.78 -22.43 61.74
CA HIS AA 172 15.36 -22.28 60.42
C HIS AA 172 16.77 -22.88 60.40
N PRO AA 173 16.93 -24.19 60.10
CA PRO AA 173 18.26 -24.81 59.98
C PRO AA 173 18.86 -24.64 58.59
N VAL AA 174 19.48 -23.48 58.36
CA VAL AA 174 20.09 -23.13 57.08
C VAL AA 174 21.59 -23.33 57.18
N LEU AA 175 22.11 -24.20 56.30
CA LEU AA 175 23.53 -24.54 56.24
C LEU AA 175 24.23 -23.61 55.26
N THR AA 176 25.29 -22.94 55.74
CA THR AA 176 26.02 -21.95 54.97
C THR AA 176 27.48 -22.40 54.81
N THR AA 177 28.31 -21.50 54.25
CA THR AA 177 29.71 -21.77 53.96
C THR AA 177 30.51 -21.78 55.27
N GLY AA 178 31.17 -22.92 55.53
CA GLY AA 178 32.06 -23.07 56.67
C GLY AA 178 31.39 -23.77 57.85
N SER AA 179 30.12 -24.15 57.70
CA SER AA 179 29.33 -24.77 58.75
C SER AA 179 29.37 -26.29 58.63
N GLU AA 180 29.16 -26.97 59.76
CA GLU AA 180 29.20 -28.42 59.86
C GLU AA 180 28.15 -28.89 60.87
N VAL AA 181 27.40 -29.93 60.49
CA VAL AA 181 26.35 -30.51 61.31
C VAL AA 181 26.53 -32.02 61.42
N VAL AA 182 25.96 -32.60 62.49
CA VAL AA 182 25.89 -34.04 62.69
C VAL AA 182 24.41 -34.44 62.69
N ILE AA 183 24.07 -35.43 61.84
CA ILE AA 183 22.74 -35.99 61.76
C ILE AA 183 22.72 -37.29 62.56
N LEU AA 184 21.85 -37.34 63.59
CA LEU AA 184 21.68 -38.50 64.45
C LEU AA 184 20.41 -39.25 64.06
N VAL AA 185 20.55 -40.57 63.88
CA VAL AA 185 19.45 -41.46 63.53
C VAL AA 185 19.33 -42.52 64.63
N ASN AA 186 18.11 -42.65 65.17
CA ASN AA 186 17.78 -43.70 66.13
C ASN AA 186 17.62 -45.01 65.36
N THR AA 187 18.68 -45.82 65.37
CA THR AA 187 18.80 -47.03 64.57
C THR AA 187 17.93 -48.14 65.17
N SER AA 188 17.73 -48.11 66.49
CA SER AA 188 16.93 -49.09 67.21
C SER AA 188 15.44 -48.85 66.99
N ALA AA 189 15.09 -47.67 66.48
CA ALA AA 189 13.70 -47.29 66.21
C ALA AA 189 13.33 -47.61 64.76
N VAL AA 190 14.26 -47.31 63.84
CA VAL AA 190 14.01 -47.41 62.40
C VAL AA 190 14.10 -48.86 61.97
N PHE AA 191 15.24 -49.50 62.24
CA PHE AA 191 15.52 -50.84 61.75
C PHE AA 191 15.45 -51.88 62.87
N GLY AA 192 15.59 -51.40 64.12
CA GLY AA 192 15.59 -52.25 65.29
C GLY AA 192 16.96 -52.87 65.56
N GLY AA 193 18.01 -52.09 65.28
CA GLY AA 193 19.39 -52.49 65.49
C GLY AA 193 20.01 -53.09 64.24
N MET AA 194 21.17 -52.54 63.84
CA MET AA 194 21.94 -53.04 62.71
C MET AA 194 22.86 -54.16 63.19
N LYS AA 195 23.03 -55.18 62.34
CA LYS AA 195 23.74 -56.40 62.69
C LYS AA 195 25.05 -56.51 61.90
N GLN AA 196 25.84 -57.54 62.21
CA GLN AA 196 27.17 -57.74 61.68
C GLN AA 196 27.11 -58.20 60.22
N GLY AA 197 27.97 -57.61 59.40
CA GLY AA 197 28.18 -58.00 58.01
C GLY AA 197 26.95 -57.74 57.14
N GLN AA 198 26.41 -56.53 57.24
CA GLN AA 198 25.23 -56.12 56.49
C GLN AA 198 25.53 -54.84 55.71
N ALA AA 199 24.95 -54.74 54.51
CA ALA AA 199 25.17 -53.62 53.60
C ALA AA 199 24.12 -52.54 53.84
N VAL AA 200 24.59 -51.28 53.91
CA VAL AA 200 23.75 -50.11 54.09
C VAL AA 200 24.01 -49.15 52.93
N THR AA 201 22.93 -48.75 52.24
CA THR AA 201 22.98 -47.86 51.09
C THR AA 201 21.89 -46.80 51.24
N GLY AA 202 22.25 -45.53 50.98
CA GLY AA 202 21.32 -44.42 51.09
C GLY AA 202 21.85 -43.12 50.48
N GLN AA 203 21.02 -42.08 50.53
CA GLN AA 203 21.30 -40.77 49.96
C GLN AA 203 20.70 -39.67 50.85
N ILE AA 204 21.35 -38.49 50.81
CA ILE AA 204 20.82 -37.27 51.41
C ILE AA 204 20.44 -36.33 50.28
N ASN AA 205 19.13 -36.18 50.06
CA ASN AA 205 18.60 -35.45 48.91
C ASN AA 205 18.16 -34.04 49.33
N PRO AA 206 18.81 -32.98 48.81
CA PRO AA 206 18.30 -31.61 48.96
C PRO AA 206 17.22 -31.31 47.92
N SER AA 207 16.55 -30.15 48.08
CA SER AA 207 15.54 -29.69 47.14
C SER AA 207 16.21 -29.22 45.85
N VAL AA 208 17.30 -28.45 46.00
CA VAL AA 208 18.11 -27.97 44.89
C VAL AA 208 19.56 -28.37 45.16
N GLY AA 209 20.15 -29.11 44.20
CA GLY AA 209 21.56 -29.48 44.26
C GLY AA 209 21.80 -30.97 44.02
N SER AA 210 23.05 -31.40 44.24
CA SER AA 210 23.47 -32.77 44.05
C SER AA 210 23.51 -33.50 45.40
N PRO AA 211 23.07 -34.78 45.47
CA PRO AA 211 22.98 -35.50 46.75
C PRO AA 211 24.30 -36.04 47.29
N GLY AA 212 24.33 -36.28 48.61
CA GLY AA 212 25.44 -36.94 49.28
C GLY AA 212 25.18 -38.44 49.42
N ILE AA 213 26.23 -39.24 49.19
CA ILE AA 213 26.11 -40.69 49.05
C ILE AA 213 26.55 -41.36 50.35
N ILE AA 214 25.73 -42.32 50.81
CA ILE AA 214 26.02 -43.17 51.96
C ILE AA 214 26.07 -44.62 51.47
N GLN AA 215 27.23 -45.26 51.64
CA GLN AA 215 27.43 -46.65 51.28
C GLN AA 215 28.55 -47.24 52.14
N PHE AA 216 28.19 -48.21 52.99
CA PHE AA 216 29.12 -48.91 53.86
C PHE AA 216 28.59 -50.30 54.20
N THR AA 217 29.52 -51.19 54.56
CA THR AA 217 29.22 -52.50 55.11
C THR AA 217 29.64 -52.53 56.57
N THR AA 218 28.74 -53.01 57.45
CA THR AA 218 28.97 -53.11 58.88
C THR AA 218 30.06 -54.15 59.15
N PRO AA 219 30.98 -53.92 60.13
CA PRO AA 219 32.05 -54.87 60.44
C PRO AA 219 31.57 -56.28 60.78
N SER AA 220 32.45 -57.26 60.56
CA SER AA 220 32.16 -58.68 60.74
C SER AA 220 31.94 -59.02 62.21
N ALA AA 221 32.66 -58.31 63.10
CA ALA AA 221 32.51 -58.44 64.53
C ALA AA 221 32.71 -57.08 65.20
N PHE AA 222 31.74 -56.72 66.05
CA PHE AA 222 31.81 -55.50 66.84
C PHE AA 222 32.68 -55.78 68.08
N THR AA 223 33.79 -55.04 68.19
CA THR AA 223 34.80 -55.28 69.21
C THR AA 223 34.87 -54.12 70.20
N GLU AA 224 34.48 -52.93 69.75
CA GLU AA 224 34.49 -51.73 70.58
C GLU AA 224 33.11 -51.06 70.55
N THR AA 225 32.92 -50.11 71.48
CA THR AA 225 31.64 -49.46 71.72
C THR AA 225 31.30 -48.50 70.57
N VAL AA 226 32.24 -47.60 70.26
CA VAL AA 226 32.09 -46.65 69.17
C VAL AA 226 33.04 -47.06 68.04
N MET AA 227 32.46 -47.20 66.83
CA MET AA 227 33.16 -47.68 65.65
C MET AA 227 32.99 -46.71 64.50
N GLU AA 228 34.02 -46.64 63.64
CA GLU AA 228 33.97 -45.88 62.39
C GLU AA 228 33.48 -46.81 61.28
N LEU AA 229 32.46 -46.36 60.55
CA LEU AA 229 31.80 -47.16 59.53
C LEU AA 229 32.25 -46.72 58.13
N GLN AA 230 32.24 -45.41 57.90
CA GLN AA 230 32.64 -44.83 56.62
C GLN AA 230 33.64 -43.69 56.87
N GLU BA 1 -12.24 4.19 -6.14
CA GLU BA 1 -11.57 4.65 -4.89
C GLU BA 1 -10.45 3.68 -4.51
N THR BA 2 -9.63 4.08 -3.54
CA THR BA 2 -8.45 3.36 -3.09
C THR BA 2 -8.85 2.12 -2.31
N GLY BA 3 -10.09 2.10 -1.80
CA GLY BA 3 -10.63 1.04 -0.97
C GLY BA 3 -10.69 -0.32 -1.68
N ILE BA 4 -11.01 -0.29 -2.98
CA ILE BA 4 -11.17 -1.47 -3.80
C ILE BA 4 -9.80 -2.11 -4.05
N GLY BA 5 -8.82 -1.28 -4.43
CA GLY BA 5 -7.48 -1.72 -4.77
C GLY BA 5 -6.70 -2.28 -3.58
N THR BA 6 -7.00 -1.76 -2.38
CA THR BA 6 -6.36 -2.15 -1.14
C THR BA 6 -6.71 -3.59 -0.78
N LEU BA 7 -7.97 -3.96 -1.00
CA LEU BA 7 -8.52 -5.25 -0.63
C LEU BA 7 -7.95 -6.37 -1.51
N ILE BA 8 -7.72 -6.06 -2.80
CA ILE BA 8 -7.25 -7.01 -3.79
C ILE BA 8 -5.82 -7.43 -3.47
N ILE BA 9 -4.97 -6.44 -3.14
CA ILE BA 9 -3.56 -6.65 -2.84
C ILE BA 9 -3.43 -7.34 -1.47
N PHE BA 10 -4.37 -7.07 -0.57
CA PHE BA 10 -4.41 -7.64 0.78
C PHE BA 10 -4.49 -9.17 0.72
N ILE BA 11 -5.33 -9.69 -0.19
CA ILE BA 11 -5.54 -11.12 -0.39
C ILE BA 11 -4.23 -11.76 -0.86
N ALA BA 12 -3.52 -11.07 -1.76
CA ALA BA 12 -2.28 -11.53 -2.35
C ALA BA 12 -1.15 -11.59 -1.32
N MET BA 13 -1.16 -10.61 -0.38
CA MET BA 13 -0.15 -10.48 0.66
C MET BA 13 -0.23 -11.64 1.65
N VAL BA 14 -1.47 -12.09 1.93
CA VAL BA 14 -1.76 -13.15 2.87
C VAL BA 14 -1.27 -14.49 2.30
N LEU BA 15 -1.49 -14.68 1.00
CA LEU BA 15 -1.18 -15.92 0.30
C LEU BA 15 0.33 -16.11 0.18
N VAL BA 16 1.07 -15.00 0.00
CA VAL BA 16 2.51 -15.00 -0.16
C VAL BA 16 3.18 -15.36 1.15
N ALA BA 17 2.64 -14.84 2.26
CA ALA BA 17 3.17 -15.04 3.60
C ALA BA 17 3.01 -16.48 4.05
N ALA BA 18 1.98 -17.17 3.52
CA ALA BA 18 1.69 -18.56 3.81
C ALA BA 18 2.72 -19.48 3.17
N VAL BA 19 3.23 -19.07 2.00
CA VAL BA 19 4.18 -19.84 1.21
C VAL BA 19 5.51 -19.95 1.96
N ALA BA 20 6.00 -18.81 2.46
CA ALA BA 20 7.28 -18.70 3.16
C ALA BA 20 7.23 -19.44 4.50
N ALA BA 21 6.03 -19.50 5.09
CA ALA BA 21 5.78 -20.22 6.33
C ALA BA 21 5.91 -21.72 6.13
N THR BA 22 5.44 -22.20 4.96
CA THR BA 22 5.40 -23.62 4.61
C THR BA 22 6.82 -24.16 4.41
N VAL BA 23 7.70 -23.32 3.83
CA VAL BA 23 9.07 -23.68 3.52
C VAL BA 23 9.83 -23.98 4.82
N LEU BA 24 9.66 -23.13 5.83
CA LEU BA 24 10.39 -23.19 7.08
C LEU BA 24 9.99 -24.42 7.89
N ILE BA 25 8.71 -24.79 7.83
CA ILE BA 25 8.16 -25.92 8.57
C ILE BA 25 8.64 -27.23 7.93
N ASN BA 26 8.59 -27.29 6.60
CA ASN BA 26 8.93 -28.49 5.84
C ASN BA 26 10.41 -28.81 5.96
N THR BA 27 11.26 -27.78 5.99
CA THR BA 27 12.71 -27.92 6.07
C THR BA 27 13.11 -28.41 7.45
N ALA BA 28 12.44 -27.90 8.49
CA ALA BA 28 12.73 -28.23 9.87
C ALA BA 28 12.32 -29.67 10.18
N GLY BA 29 11.25 -30.13 9.53
CA GLY BA 29 10.74 -31.49 9.67
C GLY BA 29 11.68 -32.52 9.03
N SER BA 30 12.32 -32.12 7.92
CA SER BA 30 13.24 -32.96 7.17
C SER BA 30 14.56 -33.12 7.92
N LEU BA 31 15.02 -32.04 8.58
CA LEU BA 31 16.27 -32.00 9.31
C LEU BA 31 16.13 -32.67 10.68
N GLN BA 32 14.89 -32.80 11.15
CA GLN BA 32 14.56 -33.37 12.44
C GLN BA 32 14.91 -34.86 12.47
N GLN BA 33 14.53 -35.57 11.41
CA GLN BA 33 14.64 -37.03 11.33
C GLN BA 33 16.09 -37.45 11.13
N ARG BA 34 16.84 -36.62 10.40
CA ARG BA 34 18.26 -36.88 10.08
C ARG BA 34 19.10 -36.73 11.35
N ALA BA 35 18.84 -35.67 12.13
CA ALA BA 35 19.60 -35.34 13.32
C ALA BA 35 19.35 -36.35 14.44
N THR BA 36 18.13 -36.89 14.50
CA THR BA 36 17.71 -37.85 15.50
C THR BA 36 18.37 -39.20 15.23
N SER BA 37 18.41 -39.60 13.94
CA SER BA 37 18.92 -40.90 13.51
C SER BA 37 20.44 -40.95 13.64
N THR BA 38 21.11 -39.80 13.39
CA THR BA 38 22.56 -39.69 13.42
C THR BA 38 23.07 -39.88 14.85
N GLY BA 39 22.33 -39.32 15.82
CA GLY BA 39 22.68 -39.38 17.23
C GLY BA 39 22.59 -40.81 17.79
N SER BA 40 21.54 -41.54 17.37
CA SER BA 40 21.27 -42.88 17.84
C SER BA 40 22.25 -43.89 17.24
N GLN BA 41 22.64 -43.67 15.98
CA GLN BA 41 23.52 -44.56 15.25
C GLN BA 41 24.96 -44.46 15.77
N THR BA 42 25.35 -43.24 16.18
CA THR BA 42 26.69 -42.96 16.67
C THR BA 42 26.88 -43.56 18.07
N THR BA 43 25.80 -43.52 18.87
CA THR BA 43 25.80 -44.05 20.23
C THR BA 43 26.03 -45.57 20.20
N ASN BA 44 25.43 -46.23 19.22
CA ASN BA 44 25.58 -47.66 19.01
C ASN BA 44 26.96 -47.98 18.45
N GLN BA 45 27.52 -47.05 17.68
CA GLN BA 45 28.78 -47.24 16.97
C GLN BA 45 29.95 -47.28 17.96
N VAL BA 46 29.90 -46.40 18.97
CA VAL BA 46 30.99 -46.22 19.92
C VAL BA 46 30.99 -47.36 20.94
N SER BA 47 29.80 -47.73 21.42
CA SER BA 47 29.62 -48.66 22.53
C SER BA 47 29.91 -50.10 22.12
N THR BA 48 29.58 -50.46 20.88
CA THR BA 48 29.68 -51.83 20.39
C THR BA 48 31.12 -52.17 20.04
N GLY BA 49 31.52 -53.42 20.33
CA GLY BA 49 32.84 -53.94 20.03
C GLY BA 49 32.97 -55.42 20.36
N LEU BA 50 33.98 -56.06 19.75
CA LEU BA 50 34.30 -57.46 19.98
C LEU BA 50 35.68 -57.57 20.62
N ILE BA 51 35.85 -58.61 21.47
CA ILE BA 51 37.10 -58.85 22.16
C ILE BA 51 37.49 -60.33 22.04
N VAL BA 52 38.80 -60.56 21.84
CA VAL BA 52 39.38 -61.88 21.72
C VAL BA 52 39.87 -62.31 23.11
N GLN BA 53 39.47 -63.53 23.51
CA GLN BA 53 39.79 -64.07 24.83
C GLN BA 53 41.13 -64.81 24.77
N SER BA 54 41.15 -65.93 24.03
CA SER BA 54 42.32 -66.79 23.91
C SER BA 54 42.32 -67.52 22.57
N ILE BA 55 43.52 -67.85 22.08
CA ILE BA 55 43.72 -68.55 20.82
C ILE BA 55 44.52 -69.83 21.09
N TYR BA 56 43.99 -70.95 20.57
CA TYR BA 56 44.61 -72.27 20.70
C TYR BA 56 44.87 -72.86 19.32
N GLY BA 57 45.93 -73.68 19.23
CA GLY BA 57 46.31 -74.36 18.00
C GLY BA 57 46.54 -75.85 18.21
N MET BA 58 46.43 -76.62 17.12
CA MET BA 58 46.57 -78.07 17.16
C MET BA 58 47.60 -78.51 16.11
N ASP BA 59 48.56 -79.32 16.56
CA ASP BA 59 49.62 -79.88 15.72
C ASP BA 59 49.06 -81.05 14.91
N ASN BA 60 49.65 -81.27 13.72
CA ASN BA 60 49.15 -82.26 12.77
C ASN BA 60 49.81 -83.63 12.97
N ASN BA 61 50.91 -83.64 13.75
CA ASN BA 61 51.64 -84.87 14.04
C ASN BA 61 51.46 -85.22 15.52
N ARG BA 62 51.00 -86.44 15.77
CA ARG BA 62 50.72 -86.94 17.11
C ARG BA 62 51.92 -87.74 17.63
N SER BA 63 52.54 -88.52 16.74
CA SER BA 63 53.66 -89.39 17.07
C SER BA 63 54.89 -88.59 17.46
N ASN BA 64 55.19 -87.54 16.69
CA ASN BA 64 56.30 -86.65 16.94
C ASN BA 64 55.88 -85.21 16.62
N PRO BA 65 55.46 -84.40 17.63
CA PRO BA 65 54.96 -83.05 17.38
C PRO BA 65 56.04 -82.02 17.03
N GLU BA 66 57.30 -82.45 17.08
CA GLU BA 66 58.47 -81.59 16.87
C GLU BA 66 58.58 -81.22 15.39
N SER BA 67 58.23 -82.17 14.51
CA SER BA 67 58.34 -82.00 13.06
C SER BA 67 56.95 -81.77 12.44
N GLY BA 68 56.03 -81.23 13.25
CA GLY BA 68 54.66 -81.01 12.84
C GLY BA 68 54.35 -79.54 12.57
N SER BA 69 53.13 -79.30 12.07
CA SER BA 69 52.61 -77.97 11.79
C SER BA 69 51.16 -77.86 12.27
N LEU BA 70 50.68 -76.62 12.42
CA LEU BA 70 49.33 -76.35 12.90
C LEU BA 70 48.33 -76.54 11.77
N ASN BA 71 47.32 -77.39 12.00
CA ASN BA 71 46.31 -77.71 11.00
C ASN BA 71 44.98 -77.05 11.34
N TRP BA 72 44.76 -76.77 12.63
CA TRP BA 72 43.53 -76.13 13.10
C TRP BA 72 43.85 -75.05 14.15
N THR BA 73 43.05 -73.98 14.14
CA THR BA 73 43.19 -72.86 15.06
C THR BA 73 41.81 -72.47 15.59
N ALA BA 74 41.72 -72.24 16.90
CA ALA BA 74 40.48 -71.89 17.58
C ALA BA 74 40.62 -70.56 18.30
N ILE BA 75 39.65 -69.66 18.07
CA ILE BA 75 39.65 -68.31 18.62
C ILE BA 75 38.37 -68.11 19.43
N TYR BA 76 38.55 -67.72 20.70
CA TYR BA 76 37.45 -67.44 21.62
C TYR BA 76 37.07 -65.96 21.54
N VAL BA 77 35.79 -65.70 21.27
CA VAL BA 77 35.29 -64.35 21.01
C VAL BA 77 34.07 -64.08 21.88
N THR BA 78 34.07 -62.91 22.53
CA THR BA 78 32.94 -62.39 23.29
C THR BA 78 32.67 -60.94 22.88
N LEU BA 79 31.49 -60.43 23.30
CA LEU BA 79 31.14 -59.03 23.13
C LEU BA 79 31.76 -58.21 24.26
N ASN BA 80 31.86 -56.89 24.04
CA ASN BA 80 32.30 -55.93 25.03
C ASN BA 80 31.13 -55.59 25.96
N THR BA 81 31.43 -54.96 27.09
CA THR BA 81 30.45 -54.62 28.10
C THR BA 81 29.60 -53.44 27.63
N GLY BA 82 28.27 -53.64 27.67
CA GLY BA 82 27.29 -52.65 27.25
C GLY BA 82 27.30 -52.43 25.74
N SER BA 83 27.25 -53.53 24.99
CA SER BA 83 27.33 -53.52 23.54
C SER BA 83 26.01 -53.99 22.92
N SER BA 84 25.71 -53.43 21.74
CA SER BA 84 24.57 -53.82 20.93
C SER BA 84 24.87 -55.16 20.25
N PRO BA 85 23.84 -55.99 19.93
CA PRO BA 85 24.05 -57.28 19.27
C PRO BA 85 24.77 -57.19 17.91
N VAL BA 86 25.59 -58.21 17.62
CA VAL BA 86 26.39 -58.28 16.42
C VAL BA 86 26.01 -59.55 15.65
N ASP BA 87 25.72 -59.39 14.37
CA ASP BA 87 25.48 -60.50 13.45
C ASP BA 87 26.81 -60.93 12.85
N LEU BA 88 27.10 -62.25 12.96
CA LEU BA 88 28.39 -62.81 12.60
C LEU BA 88 28.47 -63.07 11.09
N SER BA 89 27.32 -62.96 10.40
CA SER BA 89 27.25 -63.18 8.95
C SER BA 89 27.82 -61.98 8.19
N ASN BA 90 27.83 -60.81 8.83
CA ASN BA 90 28.34 -59.58 8.26
C ASN BA 90 29.75 -59.27 8.79
N VAL BA 91 30.36 -60.27 9.44
CA VAL BA 91 31.68 -60.15 10.04
C VAL BA 91 32.73 -60.73 9.10
N SER BA 92 33.79 -59.96 8.87
CA SER BA 92 34.92 -60.38 8.05
C SER BA 92 36.17 -60.54 8.91
N LEU BA 93 36.92 -61.61 8.65
CA LEU BA 93 38.13 -61.94 9.40
C LEU BA 93 39.35 -61.83 8.47
N SER BA 94 40.33 -61.02 8.91
CA SER BA 94 41.57 -60.81 8.19
C SER BA 94 42.72 -61.50 8.93
N LEU BA 95 43.65 -62.07 8.15
CA LEU BA 95 44.84 -62.75 8.66
C LEU BA 95 46.01 -62.51 7.72
N GLU BA 96 47.19 -62.28 8.30
CA GLU BA 96 48.42 -62.05 7.55
C GLU BA 96 49.48 -63.04 8.03
N TYR BA 97 50.04 -63.82 7.09
CA TYR BA 97 51.04 -64.83 7.37
C TYR BA 97 51.91 -65.05 6.13
N GLN BA 98 53.21 -64.78 6.28
CA GLN BA 98 54.26 -65.07 5.31
C GLN BA 98 53.92 -64.55 3.92
N GLY BA 99 53.52 -63.28 3.85
CA GLY BA 99 53.22 -62.60 2.60
C GLY BA 99 51.94 -63.12 1.95
N GLN BA 100 50.92 -63.39 2.77
CA GLN BA 100 49.61 -63.83 2.32
C GLN BA 100 48.55 -63.20 3.21
N LEU BA 101 47.71 -62.36 2.62
CA LEU BA 101 46.65 -61.64 3.31
C LEU BA 101 45.31 -62.29 2.98
N ALA BA 102 44.72 -62.96 3.99
CA ALA BA 102 43.48 -63.71 3.83
C ALA BA 102 42.29 -62.87 4.28
N SER BA 103 41.13 -63.15 3.67
CA SER BA 103 39.86 -62.55 4.07
C SER BA 103 38.79 -63.64 4.09
N LEU BA 104 38.37 -64.03 5.31
CA LEU BA 104 37.48 -65.16 5.52
C LEU BA 104 36.09 -64.66 5.88
N LYS BA 105 35.07 -65.42 5.46
CA LYS BA 105 33.67 -65.02 5.55
C LYS BA 105 32.79 -66.24 5.80
N TYR BA 106 31.80 -66.08 6.69
CA TYR BA 106 30.83 -67.12 7.00
C TYR BA 106 29.60 -66.95 6.12
N THR BA 107 29.09 -68.08 5.60
CA THR BA 107 27.90 -68.11 4.77
C THR BA 107 26.77 -68.81 5.54
N PRO BA 108 25.64 -68.12 5.82
CA PRO BA 108 24.52 -68.75 6.52
C PRO BA 108 23.69 -69.66 5.61
N ALA BA 109 23.29 -70.82 6.16
CA ALA BA 109 22.50 -71.82 5.46
C ALA BA 109 21.68 -72.64 6.47
N THR BA 110 20.60 -73.25 5.97
CA THR BA 110 19.75 -74.13 6.76
C THR BA 110 20.43 -75.48 6.94
N THR BA 111 20.98 -76.02 5.84
CA THR BA 111 21.71 -77.27 5.83
C THR BA 111 23.08 -77.05 5.17
N ASN BA 112 24.05 -77.90 5.55
CA ASN BA 112 25.42 -77.90 5.05
C ASN BA 112 26.13 -76.59 5.41
N ALA BA 113 25.87 -76.12 6.64
CA ALA BA 113 26.49 -74.91 7.16
C ALA BA 113 27.50 -75.27 8.24
N SER BA 114 28.64 -74.56 8.23
CA SER BA 114 29.70 -74.77 9.21
C SER BA 114 29.29 -74.17 10.55
N PHE BA 115 28.47 -74.92 11.29
CA PHE BA 115 27.87 -74.50 12.54
C PHE BA 115 27.65 -75.71 13.44
N ALA BA 116 27.95 -75.53 14.73
CA ALA BA 116 27.79 -76.58 15.74
C ALA BA 116 27.38 -75.96 17.08
N VAL BA 117 26.51 -76.67 17.80
CA VAL BA 117 26.04 -76.27 19.12
C VAL BA 117 26.68 -77.19 20.16
N ASP BA 118 27.34 -76.57 21.15
CA ASP BA 118 28.03 -77.28 22.21
C ASP BA 118 27.91 -76.49 23.51
N THR BA 119 26.67 -76.39 24.01
CA THR BA 119 26.34 -75.58 25.18
C THR BA 119 26.25 -76.45 26.44
N ASN BA 120 26.12 -77.76 26.23
CA ASN BA 120 25.92 -78.72 27.31
C ASN BA 120 27.26 -79.17 27.89
N GLY BA 121 28.36 -78.83 27.18
CA GLY BA 121 29.70 -79.18 27.60
C GLY BA 121 30.31 -80.29 26.74
N THR BA 122 31.65 -80.32 26.69
CA THR BA 122 32.39 -81.28 25.88
C THR BA 122 33.69 -81.67 26.57
N SER BA 123 34.14 -82.90 26.31
CA SER BA 123 35.40 -83.43 26.80
C SER BA 123 36.55 -83.00 25.87
N ASN BA 124 36.20 -82.72 24.60
CA ASN BA 124 37.15 -82.23 23.62
C ASN BA 124 36.45 -81.26 22.68
N VAL BA 125 37.07 -80.07 22.50
CA VAL BA 125 36.55 -79.02 21.65
C VAL BA 125 36.81 -79.39 20.19
N PHE BA 126 37.96 -80.01 19.92
CA PHE BA 126 38.41 -80.36 18.59
C PHE BA 126 37.75 -81.66 18.10
N SER BA 127 36.67 -82.08 18.77
CA SER BA 127 35.93 -83.27 18.41
C SER BA 127 34.64 -82.93 17.67
N VAL BA 128 34.43 -81.63 17.44
CA VAL BA 128 33.24 -81.12 16.76
C VAL BA 128 33.44 -81.16 15.25
N LEU BA 129 34.62 -81.64 14.82
CA LEU BA 129 34.97 -81.76 13.41
C LEU BA 129 34.23 -82.95 12.79
N ASN BA 130 33.86 -83.92 13.64
CA ASN BA 130 33.20 -85.14 13.22
C ASN BA 130 31.68 -85.02 13.35
N ALA BA 131 31.22 -83.84 13.80
CA ALA BA 131 29.81 -83.57 14.03
C ALA BA 131 29.07 -83.40 12.70
N GLY BA 132 27.84 -83.93 12.65
CA GLY BA 132 27.00 -83.89 11.47
C GLY BA 132 26.37 -82.51 11.25
N VAL BA 133 26.36 -82.06 9.99
CA VAL BA 133 25.81 -80.77 9.61
C VAL BA 133 24.71 -80.94 8.55
N GLY BA 134 24.82 -82.01 7.75
CA GLY BA 134 23.87 -82.29 6.68
C GLY BA 134 23.82 -83.77 6.30
N TYR BA 135 23.10 -84.07 5.23
CA TYR BA 135 22.91 -85.42 4.72
C TYR BA 135 23.54 -85.53 3.33
N LYS BA 136 24.12 -86.71 3.05
CA LYS BA 136 24.74 -87.03 1.77
C LYS BA 136 23.66 -87.03 0.69
N ASN BA 137 22.59 -87.79 0.94
CA ASN BA 137 21.45 -87.92 0.04
C ASN BA 137 20.17 -87.96 0.87
N SER BA 138 19.07 -88.44 0.26
CA SER BA 138 17.77 -88.48 0.89
C SER BA 138 17.60 -89.74 1.73
N THR BA 139 18.49 -90.72 1.54
CA THR BA 139 18.36 -92.04 2.11
C THR BA 139 19.04 -92.11 3.49
N ALA BA 140 19.69 -91.00 3.89
CA ALA BA 140 20.41 -90.91 5.14
C ALA BA 140 19.42 -90.81 6.31
N THR BA 141 19.63 -91.66 7.32
CA THR BA 141 18.82 -91.69 8.53
C THR BA 141 19.29 -90.61 9.51
N PHE BA 142 20.62 -90.46 9.61
CA PHE BA 142 21.24 -89.48 10.48
C PHE BA 142 22.14 -88.56 9.65
N LYS BA 143 22.54 -87.43 10.26
CA LYS BA 143 23.44 -86.46 9.64
C LYS BA 143 24.83 -87.06 9.52
N ASN BA 144 25.27 -87.26 8.26
CA ASN BA 144 26.48 -88.02 7.96
C ASN BA 144 27.50 -87.17 7.22
N VAL BA 145 27.17 -85.89 6.97
CA VAL BA 145 28.12 -84.94 6.42
C VAL BA 145 28.80 -84.23 7.60
N GLU BA 146 30.14 -84.38 7.66
CA GLU BA 146 30.93 -83.89 8.78
C GLU BA 146 31.31 -82.42 8.55
N LEU BA 147 31.79 -81.79 9.63
CA LEU BA 147 32.10 -80.36 9.67
C LEU BA 147 33.40 -80.08 8.92
N LYS BA 148 34.23 -81.12 8.76
CA LYS BA 148 35.51 -81.04 8.06
C LYS BA 148 35.30 -80.78 6.57
N ASN BA 149 34.20 -81.35 6.03
CA ASN BA 149 33.96 -81.45 4.61
C ASN BA 149 33.43 -80.14 4.04
N VAL BA 150 33.03 -79.22 4.93
CA VAL BA 150 32.44 -77.94 4.52
C VAL BA 150 33.41 -76.79 4.82
N THR BA 151 34.26 -76.96 5.84
CA THR BA 151 35.22 -75.94 6.24
C THR BA 151 36.45 -76.04 5.35
N LYS BA 152 36.69 -74.97 4.56
CA LYS BA 152 37.72 -74.96 3.54
C LYS BA 152 38.66 -73.76 3.76
N SER BA 153 39.07 -73.12 2.66
CA SER BA 153 40.13 -72.13 2.66
C SER BA 153 39.57 -70.70 2.57
N THR BA 154 38.24 -70.57 2.50
CA THR BA 154 37.60 -69.28 2.28
C THR BA 154 36.65 -68.95 3.43
N ASN BA 155 36.30 -69.95 4.23
CA ASN BA 155 35.26 -69.82 5.26
C ASN BA 155 35.79 -70.29 6.61
N PHE BA 156 35.07 -69.89 7.68
CA PHE BA 156 35.32 -70.34 9.04
C PHE BA 156 34.05 -70.95 9.63
N ALA BA 157 34.22 -71.75 10.70
CA ALA BA 157 33.13 -72.41 11.39
C ALA BA 157 32.85 -71.70 12.71
N ILE BA 158 31.58 -71.77 13.16
CA ILE BA 158 31.15 -71.20 14.42
C ILE BA 158 30.68 -72.32 15.34
N VAL BA 159 31.28 -72.38 16.54
CA VAL BA 159 30.92 -73.33 17.58
C VAL BA 159 30.47 -72.54 18.81
N VAL BA 160 29.24 -72.81 19.26
CA VAL BA 160 28.62 -72.10 20.37
C VAL BA 160 29.04 -72.76 21.69
N ILE BA 161 29.47 -71.93 22.64
CA ILE BA 161 29.87 -72.38 23.97
C ILE BA 161 28.79 -71.96 24.97
N ARG BA 162 28.44 -70.67 24.97
CA ARG BA 162 27.39 -70.13 25.82
C ARG BA 162 26.37 -69.39 24.97
N ASP BA 163 25.09 -69.60 25.28
CA ASP BA 163 23.96 -68.93 24.64
C ASP BA 163 22.80 -68.86 25.63
N PRO BA 164 22.71 -67.80 26.46
CA PRO BA 164 21.68 -67.69 27.50
C PRO BA 164 20.27 -67.41 26.97
N SER BA 165 20.18 -66.70 25.85
CA SER BA 165 18.91 -66.20 25.34
C SER BA 165 18.48 -66.91 24.05
N ASN BA 166 19.31 -67.85 23.59
CA ASN BA 166 19.08 -68.65 22.39
C ASN BA 166 18.94 -67.74 21.17
N SER BA 167 20.04 -67.04 20.84
CA SER BA 167 20.06 -66.05 19.78
C SER BA 167 20.91 -66.53 18.60
N LEU BA 168 21.65 -67.62 18.80
CA LEU BA 168 22.58 -68.13 17.81
C LEU BA 168 21.97 -69.33 17.09
N THR BA 169 21.81 -69.18 15.76
CA THR BA 169 21.36 -70.24 14.87
C THR BA 169 22.25 -70.27 13.63
N SER BA 170 22.11 -71.35 12.83
CA SER BA 170 22.89 -71.53 11.61
C SER BA 170 22.48 -70.52 10.54
N SER BA 171 21.19 -70.13 10.55
CA SER BA 171 20.64 -69.16 9.62
C SER BA 171 20.91 -67.73 10.10
N HIS BA 172 20.77 -67.51 11.41
CA HIS BA 172 20.96 -66.20 12.02
C HIS BA 172 21.89 -66.32 13.22
N PRO BA 173 23.23 -66.19 13.03
CA PRO BA 173 24.19 -66.20 14.15
C PRO BA 173 24.37 -64.82 14.78
N VAL BA 174 23.44 -64.48 15.69
CA VAL BA 174 23.45 -63.18 16.36
C VAL BA 174 24.02 -63.36 17.76
N LEU BA 175 25.10 -62.62 18.04
CA LEU BA 175 25.81 -62.66 19.31
C LEU BA 175 25.22 -61.60 20.24
N THR BA 176 24.80 -62.02 21.43
CA THR BA 176 24.15 -61.16 22.41
C THR BA 176 24.98 -61.12 23.69
N THR BA 177 24.42 -60.47 24.73
CA THR BA 177 25.08 -60.29 26.02
C THR BA 177 25.12 -61.61 26.78
N GLY BA 178 26.35 -62.04 27.13
CA GLY BA 178 26.58 -63.22 27.93
C GLY BA 178 26.91 -64.46 27.09
N SER BA 179 26.96 -64.30 25.77
CA SER BA 179 27.21 -65.39 24.84
C SER BA 179 28.69 -65.47 24.47
N GLU BA 180 29.13 -66.67 24.09
CA GLU BA 180 30.52 -66.95 23.75
C GLU BA 180 30.56 -67.96 22.60
N VAL BA 181 31.41 -67.70 21.61
CA VAL BA 181 31.58 -68.54 20.44
C VAL BA 181 33.06 -68.86 20.22
N VAL BA 182 33.32 -69.96 19.52
CA VAL BA 182 34.65 -70.35 19.06
C VAL BA 182 34.65 -70.34 17.53
N ILE BA 183 35.61 -69.61 16.95
CA ILE BA 183 35.82 -69.56 15.50
C ILE BA 183 36.95 -70.52 15.14
N LEU BA 184 36.62 -71.50 14.29
CA LEU BA 184 37.58 -72.49 13.82
C LEU BA 184 38.02 -72.16 12.39
N VAL BA 185 39.35 -72.15 12.19
CA VAL BA 185 39.96 -71.87 10.90
C VAL BA 185 40.78 -73.09 10.49
N ASN BA 186 40.53 -73.60 9.28
CA ASN BA 186 41.31 -74.67 8.67
C ASN BA 186 42.62 -74.07 8.17
N THR BA 187 43.68 -74.23 8.99
CA THR BA 187 44.97 -73.60 8.78
C THR BA 187 45.73 -74.29 7.66
N SER BA 188 45.45 -75.59 7.47
CA SER BA 188 46.09 -76.39 6.44
C SER BA 188 45.51 -76.10 5.06
N ALA BA 189 44.35 -75.42 5.03
CA ALA BA 189 43.67 -75.06 3.81
C ALA BA 189 44.07 -73.65 3.37
N VAL BA 190 44.14 -72.72 4.34
CA VAL BA 190 44.36 -71.31 4.08
C VAL BA 190 45.84 -71.06 3.77
N PHE BA 191 46.71 -71.46 4.71
CA PHE BA 191 48.13 -71.15 4.62
C PHE BA 191 48.95 -72.40 4.28
N GLY BA 192 48.37 -73.58 4.54
CA GLY BA 192 49.04 -74.85 4.31
C GLY BA 192 49.94 -75.24 5.47
N GLY BA 193 49.50 -74.91 6.69
CA GLY BA 193 50.22 -75.23 7.91
C GLY BA 193 51.12 -74.08 8.36
N MET BA 194 50.96 -73.65 9.62
CA MET BA 194 51.78 -72.63 10.24
C MET BA 194 53.03 -73.28 10.83
N LYS BA 195 54.16 -72.58 10.72
CA LYS BA 195 55.47 -73.10 11.09
C LYS BA 195 56.01 -72.38 12.31
N GLN BA 196 57.16 -72.85 12.80
CA GLN BA 196 57.78 -72.40 14.04
C GLN BA 196 58.40 -71.02 13.86
N GLY BA 197 58.17 -70.15 14.86
CA GLY BA 197 58.77 -68.84 14.96
C GLY BA 197 58.33 -67.88 13.85
N GLN BA 198 57.01 -67.81 13.64
CA GLN BA 198 56.41 -66.97 12.61
C GLN BA 198 55.37 -66.05 13.24
N ALA BA 199 55.28 -64.83 12.71
CA ALA BA 199 54.38 -63.79 13.22
C ALA BA 199 53.04 -63.86 12.49
N VAL BA 200 51.96 -63.77 13.28
CA VAL BA 200 50.59 -63.77 12.79
C VAL BA 200 49.90 -62.52 13.29
N THR BA 201 49.32 -61.74 12.34
CA THR BA 201 48.64 -60.50 12.64
C THR BA 201 47.32 -60.47 11.87
N GLY BA 202 46.23 -60.05 12.56
CA GLY BA 202 44.91 -59.99 11.95
C GLY BA 202 43.90 -59.23 12.81
N GLN BA 203 42.67 -59.13 12.27
CA GLN BA 203 41.57 -58.41 12.89
C GLN BA 203 40.25 -59.12 12.61
N ILE BA 204 39.30 -58.97 13.53
CA ILE BA 204 37.91 -59.39 13.35
C ILE BA 204 37.06 -58.12 13.23
N ASN BA 205 36.60 -57.84 12.01
CA ASN BA 205 35.91 -56.60 11.70
C ASN BA 205 34.40 -56.82 11.64
N PRO BA 206 33.62 -56.18 12.56
CA PRO BA 206 32.16 -56.14 12.42
C PRO BA 206 31.73 -55.02 11.47
N SER BA 207 30.43 -55.02 11.13
CA SER BA 207 29.83 -53.99 10.28
C SER BA 207 29.73 -52.68 11.05
N VAL BA 208 29.27 -52.76 12.30
CA VAL BA 208 29.17 -51.63 13.21
C VAL BA 208 29.90 -52.00 14.51
N GLY BA 209 30.87 -51.17 14.89
CA GLY BA 209 31.60 -51.33 16.15
C GLY BA 209 33.12 -51.29 15.97
N SER BA 210 33.82 -51.62 17.07
CA SER BA 210 35.27 -51.62 17.13
C SER BA 210 35.80 -53.05 16.97
N PRO BA 211 36.89 -53.27 16.20
CA PRO BA 211 37.39 -54.62 15.92
C PRO BA 211 38.19 -55.27 17.05
N GLY BA 212 38.25 -56.61 17.01
CA GLY BA 212 39.08 -57.41 17.91
C GLY BA 212 40.42 -57.72 17.25
N ILE BA 213 41.50 -57.64 18.05
CA ILE BA 213 42.87 -57.68 17.56
C ILE BA 213 43.46 -59.07 17.79
N ILE BA 214 44.09 -59.61 16.75
CA ILE BA 214 44.84 -60.87 16.81
C ILE BA 214 46.30 -60.57 16.47
N GLN BA 215 47.19 -60.87 17.43
CA GLN BA 215 48.63 -60.69 17.25
C GLN BA 215 49.36 -61.66 18.18
N PHE BA 216 50.08 -62.61 17.57
CA PHE BA 216 50.88 -63.60 18.28
C PHE BA 216 52.03 -64.10 17.40
N THR BA 217 53.08 -64.60 18.06
CA THR BA 217 54.17 -65.30 17.41
C THR BA 217 54.12 -66.77 17.82
N THR BA 218 54.22 -67.66 16.82
CA THR BA 218 54.19 -69.10 17.01
C THR BA 218 55.44 -69.53 17.78
N PRO BA 219 55.33 -70.52 18.71
CA PRO BA 219 56.48 -70.98 19.51
C PRO BA 219 57.66 -71.49 18.67
N SER BA 220 58.85 -71.43 19.26
CA SER BA 220 60.11 -71.77 18.61
C SER BA 220 60.18 -73.26 18.30
N ALA BA 221 59.57 -74.07 19.17
CA ALA BA 221 59.47 -75.51 19.00
C ALA BA 221 58.14 -76.02 19.54
N PHE BA 222 57.42 -76.77 18.71
CA PHE BA 222 56.17 -77.41 19.10
C PHE BA 222 56.50 -78.70 19.85
N THR BA 223 56.06 -78.77 21.12
CA THR BA 223 56.43 -79.84 22.03
C THR BA 223 55.21 -80.68 22.40
N GLU BA 224 54.02 -80.07 22.34
CA GLU BA 224 52.76 -80.73 22.67
C GLU BA 224 51.78 -80.57 21.51
N THR BA 225 50.69 -81.37 21.57
CA THR BA 225 49.69 -81.47 20.51
C THR BA 225 48.85 -80.20 20.45
N VAL BA 226 48.27 -79.81 21.59
CA VAL BA 226 47.48 -78.60 21.70
C VAL BA 226 48.27 -77.56 22.50
N MET BA 227 48.41 -76.37 21.92
CA MET BA 227 49.20 -75.28 22.47
C MET BA 227 48.37 -74.01 22.56
N GLU BA 228 48.69 -73.19 23.58
CA GLU BA 228 48.12 -71.86 23.73
C GLU BA 228 49.03 -70.85 23.02
N LEU BA 229 48.43 -70.03 22.15
CA LEU BA 229 49.16 -69.11 21.31
C LEU BA 229 49.04 -67.68 21.87
N GLN BA 230 47.81 -67.27 22.21
CA GLN BA 230 47.54 -65.95 22.74
C GLN BA 230 46.67 -66.09 24.00
N GLU CA 1 -2.80 4.15 -7.41
CA GLU CA 1 -3.23 2.93 -6.65
C GLU CA 1 -2.05 2.40 -5.83
N THR CA 2 -2.36 1.45 -4.93
CA THR CA 2 -1.42 0.87 -3.98
C THR CA 2 -0.42 -0.05 -4.70
N GLY CA 3 -0.81 -0.51 -5.90
CA GLY CA 3 -0.04 -1.45 -6.70
C GLY CA 3 1.33 -0.91 -7.12
N ILE CA 4 1.38 0.40 -7.41
CA ILE CA 4 2.60 1.06 -7.88
C ILE CA 4 3.60 1.18 -6.72
N GLY CA 5 3.10 1.62 -5.55
CA GLY CA 5 3.93 1.85 -4.38
C GLY CA 5 4.50 0.57 -3.77
N THR CA 6 3.77 -0.54 -3.94
CA THR CA 6 4.15 -1.84 -3.42
C THR CA 6 5.39 -2.37 -4.14
N LEU CA 7 5.43 -2.14 -5.46
CA LEU CA 7 6.49 -2.66 -6.32
C LEU CA 7 7.81 -1.94 -6.08
N ILE CA 8 7.74 -0.64 -5.77
CA ILE CA 8 8.91 0.21 -5.56
C ILE CA 8 9.64 -0.22 -4.29
N ILE CA 9 8.87 -0.45 -3.22
CA ILE CA 9 9.40 -0.83 -1.91
C ILE CA 9 9.92 -2.27 -1.96
N PHE CA 10 9.30 -3.11 -2.81
CA PHE CA 10 9.66 -4.50 -3.00
C PHE CA 10 11.11 -4.64 -3.48
N ILE CA 11 11.50 -3.77 -4.43
CA ILE CA 11 12.84 -3.75 -5.00
C ILE CA 11 13.85 -3.41 -3.91
N ALA CA 12 13.50 -2.45 -3.04
CA ALA CA 12 14.35 -1.97 -1.96
C ALA CA 12 14.55 -3.05 -0.90
N MET CA 13 13.50 -3.85 -0.65
CA MET CA 13 13.49 -4.91 0.36
C MET CA 13 14.45 -6.02 -0.04
N VAL CA 14 14.52 -6.31 -1.34
CA VAL CA 14 15.34 -7.38 -1.90
C VAL CA 14 16.82 -7.01 -1.78
N LEU CA 15 17.11 -5.72 -2.04
CA LEU CA 15 18.48 -5.20 -2.07
C LEU CA 15 19.07 -5.15 -0.66
N VAL CA 16 18.22 -4.87 0.35
CA VAL CA 16 18.61 -4.76 1.74
C VAL CA 16 18.97 -6.14 2.29
N ALA CA 17 18.18 -7.15 1.90
CA ALA CA 17 18.34 -8.52 2.36
C ALA CA 17 19.62 -9.15 1.81
N ALA CA 18 20.07 -8.66 0.65
CA ALA CA 18 21.28 -9.12 -0.01
C ALA CA 18 22.52 -8.64 0.74
N VAL CA 19 22.42 -7.44 1.35
CA VAL CA 19 23.51 -6.79 2.06
C VAL CA 19 23.86 -7.60 3.32
N ALA CA 20 22.82 -7.97 4.09
CA ALA CA 20 22.97 -8.70 5.34
C ALA CA 20 23.49 -10.11 5.10
N ALA CA 21 23.16 -10.66 3.93
CA ALA CA 21 23.60 -11.98 3.49
C ALA CA 21 25.11 -11.98 3.22
N THR CA 22 25.60 -10.87 2.65
CA THR CA 22 26.98 -10.69 2.24
C THR CA 22 27.90 -10.61 3.46
N VAL CA 23 27.40 -9.97 4.54
CA VAL CA 23 28.14 -9.76 5.77
C VAL CA 23 28.47 -11.11 6.42
N LEU CA 24 27.46 -12.00 6.47
CA LEU CA 24 27.55 -13.28 7.16
C LEU CA 24 28.52 -14.22 6.45
N ILE CA 25 28.55 -14.15 5.10
CA ILE CA 25 29.38 -15.01 4.28
C ILE CA 25 30.85 -14.57 4.39
N ASN CA 26 31.07 -13.25 4.34
CA ASN CA 26 32.40 -12.65 4.35
C ASN CA 26 33.09 -12.88 5.70
N THR CA 27 32.32 -12.80 6.79
CA THR CA 27 32.82 -12.95 8.14
C THR CA 27 33.22 -14.41 8.40
N ALA CA 28 32.41 -15.34 7.89
CA ALA CA 28 32.61 -16.77 8.07
C ALA CA 28 33.85 -17.24 7.30
N GLY CA 29 34.10 -16.61 6.14
CA GLY CA 29 35.25 -16.90 5.31
C GLY CA 29 36.55 -16.43 5.93
N SER CA 30 36.49 -15.31 6.66
CA SER CA 30 37.63 -14.71 7.34
C SER CA 30 38.04 -15.53 8.56
N LEU CA 31 37.03 -16.05 9.28
CA LEU CA 31 37.23 -16.82 10.49
C LEU CA 31 37.64 -18.25 10.18
N GLN CA 32 37.38 -18.69 8.93
CA GLN CA 32 37.67 -20.03 8.47
C GLN CA 32 39.19 -20.26 8.43
N GLN CA 33 39.91 -19.28 7.86
CA GLN CA 33 41.34 -19.40 7.59
C GLN CA 33 42.15 -19.30 8.89
N ARG CA 34 41.65 -18.50 9.83
CA ARG CA 34 42.30 -18.28 11.12
C ARG CA 34 42.22 -19.54 11.98
N ALA CA 35 41.03 -20.17 12.00
CA ALA CA 35 40.76 -21.35 12.82
C ALA CA 35 41.50 -22.57 12.30
N THR CA 36 41.70 -22.64 10.98
CA THR CA 36 42.38 -23.74 10.32
C THR CA 36 43.89 -23.67 10.61
N SER CA 37 44.45 -22.45 10.54
CA SER CA 37 45.86 -22.20 10.70
C SER CA 37 46.31 -22.39 12.15
N THR CA 38 45.42 -22.03 13.09
CA THR CA 38 45.68 -22.09 14.52
C THR CA 38 45.80 -23.56 14.96
N GLY CA 39 44.94 -24.42 14.39
CA GLY CA 39 44.91 -25.84 14.70
C GLY CA 39 46.18 -26.57 14.24
N SER CA 40 46.67 -26.21 13.04
CA SER CA 40 47.82 -26.84 12.42
C SER CA 40 49.12 -26.41 13.10
N GLN CA 41 49.17 -25.14 13.54
CA GLN CA 41 50.34 -24.56 14.16
C GLN CA 41 50.55 -25.12 15.57
N THR CA 42 49.44 -25.39 16.27
CA THR CA 42 49.46 -25.89 17.63
C THR CA 42 49.89 -27.35 17.66
N THR CA 43 49.47 -28.11 16.64
CA THR CA 43 49.80 -29.52 16.48
C THR CA 43 51.31 -29.69 16.30
N ASN CA 44 51.92 -28.78 15.54
CA ASN CA 44 53.36 -28.75 15.31
C ASN CA 44 54.09 -28.30 16.56
N GLN CA 45 53.46 -27.44 17.36
CA GLN CA 45 54.06 -26.81 18.53
C GLN CA 45 54.26 -27.83 19.64
N VAL CA 46 53.28 -28.73 19.83
CA VAL CA 46 53.27 -29.69 20.91
C VAL CA 46 54.23 -30.85 20.61
N SER CA 47 54.21 -31.32 19.35
CA SER CA 47 54.90 -32.53 18.94
C SER CA 47 56.42 -32.32 18.84
N THR CA 48 56.84 -31.11 18.43
CA THR CA 48 58.23 -30.79 18.16
C THR CA 48 58.98 -30.56 19.48
N GLY CA 49 60.23 -31.02 19.51
CA GLY CA 49 61.11 -30.84 20.66
C GLY CA 49 62.52 -31.35 20.39
N LEU CA 50 63.48 -30.88 21.21
CA LEU CA 50 64.88 -31.27 21.14
C LEU CA 50 65.26 -31.99 22.44
N ILE CA 51 66.18 -32.96 22.33
CA ILE CA 51 66.65 -33.73 23.47
C ILE CA 51 68.18 -33.81 23.46
N VAL CA 52 68.77 -33.69 24.66
CA VAL CA 52 70.20 -33.76 24.87
C VAL CA 52 70.56 -35.21 25.22
N GLN CA 53 71.56 -35.75 24.52
CA GLN CA 53 71.99 -37.13 24.67
C GLN CA 53 73.06 -37.22 25.77
N SER CA 54 74.23 -36.62 25.50
CA SER CA 54 75.37 -36.66 26.40
C SER CA 54 76.25 -35.42 26.20
N ILE CA 55 76.94 -35.02 27.29
CA ILE CA 55 77.83 -33.88 27.30
C ILE CA 55 79.23 -34.33 27.72
N TYR CA 56 80.23 -33.94 26.92
CA TYR CA 56 81.63 -34.26 27.18
C TYR CA 56 82.45 -32.97 27.28
N GLY CA 57 83.52 -33.03 28.08
CA GLY CA 57 84.43 -31.90 28.28
C GLY CA 57 85.89 -32.31 28.10
N MET CA 58 86.74 -31.32 27.80
CA MET CA 58 88.16 -31.55 27.55
C MET CA 58 88.99 -30.61 28.42
N ASP CA 59 89.96 -31.19 29.14
CA ASP CA 59 90.86 -30.46 30.02
C ASP CA 59 91.95 -29.78 29.17
N ASN CA 60 92.48 -28.67 29.68
CA ASN CA 60 93.41 -27.82 28.94
C ASN CA 60 94.87 -28.22 29.22
N ASN CA 61 95.07 -29.04 30.27
CA ASN CA 61 96.39 -29.51 30.64
C ASN CA 61 96.48 -31.01 30.39
N ARG CA 62 97.51 -31.40 29.61
CA ARG CA 62 97.73 -32.78 29.22
C ARG CA 62 98.73 -33.45 30.16
N SER CA 63 99.76 -32.68 30.56
CA SER CA 63 100.86 -33.16 31.39
C SER CA 63 100.35 -33.49 32.80
N ASN CA 64 99.53 -32.60 33.36
CA ASN CA 64 98.93 -32.79 34.67
C ASN CA 64 97.49 -32.27 34.64
N PRO CA 65 96.48 -33.15 34.45
CA PRO CA 65 95.08 -32.71 34.33
C PRO CA 65 94.42 -32.28 35.64
N GLU CA 66 95.16 -32.43 36.74
CA GLU CA 66 94.68 -32.16 38.09
C GLU CA 66 94.54 -30.65 38.31
N SER CA 67 95.48 -29.88 37.73
CA SER CA 67 95.52 -28.43 37.88
C SER CA 67 95.03 -27.74 36.60
N GLY CA 68 94.16 -28.43 35.86
CA GLY CA 68 93.65 -27.95 34.58
C GLY CA 68 92.20 -27.48 34.67
N SER CA 69 91.71 -26.91 33.57
CA SER CA 69 90.35 -26.45 33.42
C SER CA 69 89.80 -26.85 32.04
N LEU CA 70 88.47 -26.82 31.90
CA LEU CA 70 87.79 -27.22 30.68
C LEU CA 70 87.86 -26.09 29.67
N ASN CA 71 88.38 -26.38 28.47
CA ASN CA 71 88.56 -25.39 27.42
C ASN CA 71 87.54 -25.60 26.30
N TRP CA 72 87.03 -26.83 26.16
CA TRP CA 72 86.03 -27.16 25.14
C TRP CA 72 84.96 -28.09 25.73
N THR CA 73 83.72 -27.92 25.24
CA THR CA 73 82.57 -28.69 25.67
C THR CA 73 81.77 -29.11 24.43
N ALA CA 74 81.35 -30.38 24.41
CA ALA CA 74 80.61 -30.96 23.30
C ALA CA 74 79.26 -31.51 23.78
N ILE CA 75 78.19 -31.13 23.08
CA ILE CA 75 76.82 -31.51 23.44
C ILE CA 75 76.19 -32.24 22.26
N TYR CA 76 75.70 -33.46 22.53
CA TYR CA 76 75.03 -34.30 21.54
C TYR CA 76 73.53 -34.01 21.57
N VAL CA 77 72.96 -33.66 20.41
CA VAL CA 77 71.59 -33.21 20.28
C VAL CA 77 70.89 -34.00 19.17
N THR CA 78 69.69 -34.50 19.47
CA THR CA 78 68.80 -35.14 18.51
C THR CA 78 67.39 -34.55 18.64
N LEU CA 79 66.54 -34.84 17.64
CA LEU CA 79 65.12 -34.49 17.67
C LEU CA 79 64.36 -35.53 18.48
N ASN CA 80 63.16 -35.14 18.93
CA ASN CA 80 62.22 -36.03 19.61
C ASN CA 80 61.47 -36.85 18.56
N THR CA 81 60.80 -37.91 19.02
CA THR CA 81 60.07 -38.84 18.14
C THR CA 81 58.79 -38.19 17.64
N GLY CA 82 58.63 -38.20 16.31
CA GLY CA 82 57.49 -37.63 15.63
C GLY CA 82 57.47 -36.09 15.70
N SER CA 83 58.62 -35.50 15.36
CA SER CA 83 58.82 -34.05 15.44
C SER CA 83 59.00 -33.45 14.05
N SER CA 84 58.54 -32.20 13.91
CA SER CA 84 58.73 -31.40 12.71
C SER CA 84 60.17 -30.91 12.64
N PRO CA 85 60.75 -30.65 11.43
CA PRO CA 85 62.12 -30.17 11.31
C PRO CA 85 62.40 -28.85 12.02
N VAL CA 86 63.62 -28.72 12.55
CA VAL CA 86 64.07 -27.56 13.30
C VAL CA 86 65.29 -26.95 12.61
N ASP CA 87 65.22 -25.64 12.37
CA ASP CA 87 66.34 -24.86 11.85
C ASP CA 87 67.18 -24.37 13.02
N LEU CA 88 68.50 -24.66 12.95
CA LEU CA 88 69.41 -24.41 14.05
C LEU CA 88 69.88 -22.96 14.06
N SER CA 89 69.58 -22.22 12.99
CA SER CA 89 69.95 -20.81 12.86
C SER CA 89 69.06 -19.92 13.73
N ASN CA 90 67.85 -20.42 14.05
CA ASN CA 90 66.89 -19.71 14.87
C ASN CA 90 66.89 -20.25 16.30
N VAL CA 91 67.92 -21.04 16.63
CA VAL CA 91 68.06 -21.68 17.93
C VAL CA 91 69.02 -20.86 18.79
N SER CA 92 68.59 -20.56 20.03
CA SER CA 92 69.40 -19.85 21.01
C SER CA 92 69.76 -20.78 22.16
N LEU CA 93 71.02 -20.68 22.60
CA LEU CA 93 71.56 -21.51 23.68
C LEU CA 93 71.89 -20.62 24.89
N SER CA 94 71.31 -20.99 26.04
CA SER CA 94 71.52 -20.30 27.31
C SER CA 94 72.39 -21.15 28.23
N LEU CA 95 73.28 -20.49 28.98
CA LEU CA 95 74.17 -21.13 29.94
C LEU CA 95 74.36 -20.20 31.14
N GLU CA 96 74.39 -20.79 32.34
CA GLU CA 96 74.59 -20.08 33.59
C GLU CA 96 75.74 -20.72 34.36
N TYR CA 97 76.76 -19.90 34.67
CA TYR CA 97 77.95 -20.35 35.39
C TYR CA 97 78.56 -19.17 36.17
N GLN CA 98 78.61 -19.34 37.49
CA GLN CA 98 79.30 -18.46 38.43
C GLN CA 98 78.90 -17.00 38.23
N GLY CA 99 77.57 -16.76 38.20
CA GLY CA 99 77.02 -15.42 38.08
C GLY CA 99 77.26 -14.78 36.71
N GLN CA 100 77.15 -15.60 35.66
CA GLN CA 100 77.28 -15.16 34.29
C GLN CA 100 76.29 -15.92 33.42
N LEU CA 101 75.34 -15.19 32.82
CA LEU CA 101 74.30 -15.76 32.00
C LEU CA 101 74.60 -15.46 30.53
N ALA CA 102 74.96 -16.52 29.79
CA ALA CA 102 75.37 -16.41 28.40
C ALA CA 102 74.20 -16.71 27.47
N SER CA 103 74.24 -16.10 26.27
CA SER CA 103 73.29 -16.37 25.21
C SER CA 103 74.05 -16.48 23.89
N LEU CA 104 74.15 -17.73 23.38
CA LEU CA 104 74.97 -18.04 22.22
C LEU CA 104 74.08 -18.28 21.01
N LYS CA 105 74.60 -17.93 19.82
CA LYS CA 105 73.84 -17.91 18.58
C LYS CA 105 74.75 -18.28 17.41
N TYR CA 106 74.22 -19.11 16.49
CA TYR CA 106 74.91 -19.51 15.28
C TYR CA 106 74.54 -18.56 14.14
N THR CA 107 75.56 -18.17 13.36
CA THR CA 107 75.39 -17.31 12.20
C THR CA 107 75.67 -18.11 10.92
N PRO CA 108 74.68 -18.27 10.02
CA PRO CA 108 74.88 -18.99 8.76
C PRO CA 108 75.66 -18.18 7.73
N ALA CA 109 76.59 -18.86 7.04
CA ALA CA 109 77.44 -18.26 6.02
C ALA CA 109 77.87 -19.33 5.00
N THR CA 110 78.24 -18.87 3.81
CA THR CA 110 78.75 -19.75 2.75
C THR CA 110 80.20 -20.11 3.05
N THR CA 111 81.00 -19.10 3.44
CA THR CA 111 82.39 -19.28 3.82
C THR CA 111 82.63 -18.65 5.19
N ASN CA 112 83.64 -19.18 5.91
CA ASN CA 112 84.07 -18.73 7.22
C ASN CA 112 82.96 -18.95 8.26
N ALA CA 113 82.27 -20.09 8.14
CA ALA CA 113 81.21 -20.48 9.04
C ALA CA 113 81.67 -21.64 9.93
N SER CA 114 81.29 -21.59 11.21
CA SER CA 114 81.64 -22.63 12.17
C SER CA 114 80.78 -23.86 11.93
N PHE CA 115 81.20 -24.65 10.94
CA PHE CA 115 80.46 -25.82 10.46
C PHE CA 115 81.45 -26.85 9.93
N ALA CA 116 81.19 -28.13 10.26
CA ALA CA 116 82.01 -29.25 9.83
C ALA CA 116 81.14 -30.48 9.59
N VAL CA 117 81.50 -31.26 8.56
CA VAL CA 117 80.82 -32.49 8.21
C VAL CA 117 81.72 -33.66 8.58
N ASP CA 118 81.17 -34.60 9.38
CA ASP CA 118 81.90 -35.76 9.86
C ASP CA 118 80.93 -36.95 9.95
N THR CA 119 80.45 -37.39 8.77
CA THR CA 119 79.43 -38.43 8.67
C THR CA 119 80.08 -39.78 8.35
N ASN CA 120 81.33 -39.74 7.87
CA ASN CA 120 82.05 -40.92 7.42
C ASN CA 120 82.76 -41.60 8.60
N GLY CA 121 82.82 -40.90 9.75
CA GLY CA 121 83.45 -41.41 10.96
C GLY CA 121 84.77 -40.71 11.25
N THR CA 122 85.16 -40.72 12.53
CA THR CA 122 86.38 -40.06 13.00
C THR CA 122 86.99 -40.85 14.16
N SER CA 123 88.33 -40.76 14.25
CA SER CA 123 89.09 -41.36 15.34
C SER CA 123 89.11 -40.44 16.55
N ASN CA 124 88.92 -39.13 16.30
CA ASN CA 124 88.83 -38.12 17.35
C ASN CA 124 87.83 -37.05 16.93
N VAL CA 125 86.89 -36.75 17.83
CA VAL CA 125 85.86 -35.74 17.62
C VAL CA 125 86.47 -34.35 17.78
N PHE CA 126 87.40 -34.21 18.73
CA PHE CA 126 88.03 -32.94 19.07
C PHE CA 126 89.16 -32.61 18.10
N SER CA 127 89.19 -33.29 16.93
CA SER CA 127 90.19 -33.06 15.91
C SER CA 127 89.62 -32.22 14.76
N VAL CA 128 88.34 -31.82 14.89
CA VAL CA 128 87.65 -31.04 13.88
C VAL CA 128 87.93 -29.55 14.08
N LEU CA 129 88.75 -29.23 15.08
CA LEU CA 129 89.15 -27.86 15.40
C LEU CA 129 90.18 -27.37 14.38
N ASN CA 130 90.89 -28.32 13.76
CA ASN CA 130 91.95 -28.03 12.80
C ASN CA 130 91.42 -28.09 11.37
N ALA CA 131 90.11 -28.37 11.22
CA ALA CA 131 89.45 -28.52 9.93
C ALA CA 131 89.26 -27.15 9.28
N GLY CA 132 89.46 -27.12 7.95
CA GLY CA 132 89.35 -25.90 7.15
C GLY CA 132 87.91 -25.49 6.91
N VAL CA 133 87.64 -24.18 7.02
CA VAL CA 133 86.31 -23.63 6.83
C VAL CA 133 86.33 -22.56 5.73
N GLY CA 134 87.49 -21.91 5.55
CA GLY CA 134 87.65 -20.85 4.57
C GLY CA 134 89.11 -20.65 4.14
N TYR CA 135 89.33 -19.60 3.35
CA TYR CA 135 90.65 -19.26 2.82
C TYR CA 135 91.10 -17.92 3.41
N LYS CA 136 92.41 -17.81 3.66
CA LYS CA 136 93.05 -16.60 4.17
C LYS CA 136 92.92 -15.49 3.13
N ASN CA 137 93.33 -15.79 1.90
CA ASN CA 137 93.27 -14.88 0.76
C ASN CA 137 92.86 -15.66 -0.48
N SER CA 138 93.12 -15.07 -1.66
CA SER CA 138 92.73 -15.65 -2.94
C SER CA 138 93.79 -16.64 -3.43
N THR CA 139 94.98 -16.60 -2.82
CA THR CA 139 96.14 -17.34 -3.30
C THR CA 139 96.19 -18.73 -2.67
N ALA CA 140 95.26 -19.01 -1.75
CA ALA CA 140 95.19 -20.28 -1.04
C ALA CA 140 94.68 -21.38 -1.96
N THR CA 141 95.42 -22.51 -1.99
CA THR CA 141 95.07 -23.67 -2.79
C THR CA 141 94.04 -24.52 -2.06
N PHE CA 142 94.23 -24.65 -0.73
CA PHE CA 142 93.33 -25.42 0.12
C PHE CA 142 92.80 -24.51 1.24
N LYS CA 143 91.74 -24.99 1.93
CA LYS CA 143 91.13 -24.28 3.04
C LYS CA 143 92.09 -24.29 4.23
N ASN CA 144 92.56 -23.09 4.61
CA ASN CA 144 93.64 -22.93 5.56
C ASN CA 144 93.20 -22.12 6.78
N VAL CA 145 91.92 -21.71 6.80
CA VAL CA 145 91.31 -21.08 7.96
C VAL CA 145 90.67 -22.19 8.81
N GLU CA 146 91.15 -22.32 10.06
CA GLU CA 146 90.75 -23.39 10.95
C GLU CA 146 89.47 -23.00 11.70
N LEU CA 147 88.84 -24.00 12.33
CA LEU CA 147 87.55 -23.87 13.00
C LEU CA 147 87.73 -23.14 14.34
N LYS CA 148 88.96 -23.14 14.87
CA LYS CA 148 89.30 -22.49 16.13
C LYS CA 148 89.21 -20.97 15.99
N ASN CA 149 89.53 -20.48 14.79
CA ASN CA 149 89.76 -19.06 14.53
C ASN CA 149 88.43 -18.31 14.37
N VAL CA 150 87.33 -19.06 14.21
CA VAL CA 150 86.01 -18.47 14.00
C VAL CA 150 85.12 -18.66 15.22
N THR CA 151 85.37 -19.72 16.00
CA THR CA 151 84.59 -20.04 17.19
C THR CA 151 85.12 -19.20 18.36
N LYS CA 152 84.27 -18.31 18.87
CA LYS CA 152 84.66 -17.33 19.87
C LYS CA 152 83.74 -17.43 21.09
N SER CA 153 83.36 -16.27 21.66
CA SER CA 153 82.69 -16.19 22.94
C SER CA 153 81.20 -15.90 22.79
N THR CA 154 80.74 -15.75 21.53
CA THR CA 154 79.36 -15.36 21.25
C THR CA 154 78.64 -16.42 20.42
N ASN CA 155 79.42 -17.33 19.81
CA ASN CA 155 78.89 -18.29 18.85
C ASN CA 155 79.29 -19.71 19.23
N PHE CA 156 78.59 -20.69 18.63
CA PHE CA 156 78.89 -22.11 18.76
C PHE CA 156 79.07 -22.73 17.37
N ALA CA 157 79.74 -23.88 17.33
CA ALA CA 157 80.00 -24.62 16.10
C ALA CA 157 79.07 -25.83 16.01
N ILE CA 158 78.75 -26.22 14.77
CA ILE CA 158 77.91 -27.38 14.49
C ILE CA 158 78.75 -28.43 13.75
N VAL CA 159 78.80 -29.64 14.30
CA VAL CA 159 79.48 -30.78 13.69
C VAL CA 159 78.45 -31.88 13.47
N VAL CA 160 78.32 -32.32 12.21
CA VAL CA 160 77.33 -33.31 11.81
C VAL CA 160 77.90 -34.71 12.03
N ILE CA 161 77.10 -35.57 12.66
CA ILE CA 161 77.46 -36.96 12.92
C ILE CA 161 76.65 -37.86 11.99
N ARG CA 162 75.32 -37.67 11.98
CA ARG CA 162 74.42 -38.42 11.12
C ARG CA 162 73.56 -37.44 10.32
N ASP CA 163 73.38 -37.73 9.03
CA ASP CA 163 72.53 -36.97 8.13
C ASP CA 163 72.03 -37.89 7.02
N PRO CA 164 70.87 -38.58 7.22
CA PRO CA 164 70.37 -39.56 6.24
C PRO CA 164 69.80 -38.95 4.96
N SER CA 165 69.24 -37.74 5.07
CA SER CA 165 68.50 -37.12 3.98
C SER CA 165 69.24 -35.93 3.37
N ASN CA 166 70.42 -35.61 3.93
CA ASN CA 166 71.29 -34.52 3.50
C ASN CA 166 70.54 -33.19 3.61
N SER CA 167 70.20 -32.81 4.85
CA SER CA 167 69.39 -31.64 5.13
C SER CA 167 70.23 -30.55 5.83
N LEU CA 168 71.44 -30.92 6.26
CA LEU CA 168 72.30 -30.04 7.03
C LEU CA 168 73.39 -29.45 6.13
N THR CA 169 73.38 -28.12 6.01
CA THR CA 169 74.39 -27.34 5.30
C THR CA 169 74.82 -26.15 6.16
N SER CA 170 75.91 -25.49 5.75
CA SER CA 170 76.45 -24.34 6.44
C SER CA 170 75.52 -23.13 6.32
N SER CA 171 74.80 -23.04 5.19
CA SER CA 171 73.86 -21.98 4.91
C SER CA 171 72.51 -22.28 5.55
N HIS CA 172 72.08 -23.55 5.46
CA HIS CA 172 70.80 -23.99 5.99
C HIS CA 172 70.99 -25.24 6.86
N PRO CA 173 71.25 -25.09 8.18
CA PRO CA 173 71.36 -26.23 9.10
C PRO CA 173 70.00 -26.69 9.63
N VAL CA 174 69.31 -27.51 8.83
CA VAL CA 174 67.99 -28.01 9.17
C VAL CA 174 68.12 -29.44 9.68
N LEU CA 175 67.67 -29.67 10.91
CA LEU CA 175 67.72 -30.96 11.57
C LEU CA 175 66.43 -31.72 11.29
N THR CA 176 66.57 -32.95 10.76
CA THR CA 176 65.45 -33.78 10.36
C THR CA 176 65.45 -35.07 11.17
N THR CA 177 64.56 -36.01 10.80
CA THR CA 177 64.37 -37.28 11.48
C THR CA 177 65.55 -38.20 11.17
N GLY CA 178 66.23 -38.65 12.24
CA GLY CA 178 67.32 -39.60 12.15
C GLY CA 178 68.70 -38.95 12.15
N SER CA 179 68.73 -37.61 12.24
CA SER CA 179 69.97 -36.84 12.19
C SER CA 179 70.46 -36.54 13.61
N GLU CA 180 71.78 -36.33 13.72
CA GLU CA 180 72.46 -36.08 14.97
C GLU CA 180 73.60 -35.08 14.75
N VAL CA 181 73.69 -34.08 15.66
CA VAL CA 181 74.71 -33.04 15.59
C VAL CA 181 75.41 -32.91 16.94
N VAL CA 182 76.63 -32.36 16.90
CA VAL CA 182 77.41 -32.01 18.08
C VAL CA 182 77.61 -30.49 18.09
N ILE CA 183 77.24 -29.86 19.21
CA ILE CA 183 77.42 -28.44 19.43
C ILE CA 183 78.68 -28.24 20.27
N LEU CA 184 79.65 -27.51 19.70
CA LEU CA 184 80.92 -27.20 20.36
C LEU CA 184 80.90 -25.76 20.87
N VAL CA 185 81.27 -25.61 22.15
CA VAL CA 185 81.34 -24.32 22.81
C VAL CA 185 82.76 -24.10 23.30
N ASN CA 186 83.34 -22.95 22.92
CA ASN CA 186 84.65 -22.52 23.39
C ASN CA 186 84.49 -22.00 24.82
N THR CA 187 84.80 -22.87 25.79
CA THR CA 187 84.56 -22.63 27.21
C THR CA 187 85.57 -21.61 27.75
N SER CA 188 86.77 -21.59 27.16
CA SER CA 188 87.84 -20.70 27.56
C SER CA 188 87.58 -19.27 27.08
N ALA CA 189 86.64 -19.12 26.14
CA ALA CA 189 86.28 -17.82 25.59
C ALA CA 189 85.09 -17.23 26.34
N VAL CA 190 84.10 -18.07 26.66
CA VAL CA 190 82.84 -17.65 27.23
C VAL CA 190 83.03 -17.37 28.73
N PHE CA 191 83.50 -18.38 29.47
CA PHE CA 191 83.60 -18.32 30.92
C PHE CA 191 85.04 -18.16 31.38
N GLY CA 192 85.99 -18.53 30.51
CA GLY CA 192 87.41 -18.50 30.82
C GLY CA 192 87.86 -19.74 31.58
N GLY CA 193 87.27 -20.89 31.24
CA GLY CA 193 87.61 -22.17 31.85
C GLY CA 193 86.68 -22.50 33.03
N MET CA 194 86.07 -23.68 32.96
CA MET CA 194 85.23 -24.19 34.03
C MET CA 194 86.10 -24.92 35.06
N LYS CA 195 85.73 -24.76 36.34
CA LYS CA 195 86.52 -25.24 37.46
C LYS CA 195 85.81 -26.39 38.17
N GLN CA 196 86.50 -26.97 39.16
CA GLN CA 196 86.07 -28.17 39.87
C GLN CA 196 84.93 -27.84 40.82
N GLY CA 197 83.92 -28.71 40.83
CA GLY CA 197 82.81 -28.66 41.76
C GLY CA 197 81.93 -27.43 41.58
N GLN CA 198 81.53 -27.16 40.33
CA GLN CA 198 80.71 -26.01 39.98
C GLN CA 198 79.47 -26.48 39.22
N ALA CA 199 78.35 -25.79 39.45
CA ALA CA 199 77.07 -26.14 38.86
C ALA CA 199 76.87 -25.38 37.55
N VAL CA 200 76.41 -26.11 36.53
CA VAL CA 200 76.12 -25.56 35.21
C VAL CA 200 74.65 -25.87 34.87
N THR CA 201 73.90 -24.82 34.52
CA THR CA 201 72.48 -24.94 34.19
C THR CA 201 72.22 -24.11 32.92
N GLY CA 202 71.45 -24.70 31.99
CA GLY CA 202 71.12 -24.04 30.73
C GLY CA 202 70.03 -24.76 29.95
N GLN CA 203 69.67 -24.17 28.80
CA GLN CA 203 68.61 -24.65 27.92
C GLN CA 203 68.99 -24.41 26.46
N ILE CA 204 68.47 -25.28 25.58
CA ILE CA 204 68.53 -25.10 24.13
C ILE CA 204 67.12 -24.79 23.65
N ASN CA 205 66.89 -23.53 23.28
CA ASN CA 205 65.56 -23.03 22.95
C ASN CA 205 65.38 -22.94 21.43
N PRO CA 206 64.45 -23.74 20.84
CA PRO CA 206 64.05 -23.54 19.45
C PRO CA 206 62.99 -22.45 19.33
N SER CA 207 62.69 -22.05 18.08
CA SER CA 207 61.67 -21.06 17.78
C SER CA 207 60.28 -21.65 18.03
N VAL CA 208 60.08 -22.89 17.55
CA VAL CA 208 58.85 -23.64 17.75
C VAL CA 208 59.23 -25.00 18.35
N GLY CA 209 58.64 -25.32 19.51
CA GLY CA 209 58.81 -26.61 20.16
C GLY CA 209 59.19 -26.50 21.63
N SER CA 210 59.55 -27.64 22.22
CA SER CA 210 59.92 -27.75 23.63
C SER CA 210 61.44 -27.80 23.76
N PRO CA 211 62.04 -27.11 24.76
CA PRO CA 211 63.50 -27.01 24.88
C PRO CA 211 64.17 -28.25 25.47
N GLY CA 212 65.48 -28.39 25.18
CA GLY CA 212 66.34 -29.40 25.78
C GLY CA 212 67.08 -28.85 27.00
N ILE CA 213 67.18 -29.67 28.04
CA ILE CA 213 67.64 -29.23 29.36
C ILE CA 213 69.10 -29.67 29.56
N ILE CA 214 69.92 -28.72 30.02
CA ILE CA 214 71.30 -28.97 30.41
C ILE CA 214 71.44 -28.65 31.90
N GLN CA 215 71.83 -29.67 32.68
CA GLN CA 215 72.06 -29.53 34.11
C GLN CA 215 73.06 -30.59 34.56
N PHE CA 216 74.24 -30.13 35.02
CA PHE CA 216 75.29 -31.00 35.52
C PHE CA 216 76.19 -30.23 36.50
N THR CA 217 76.86 -30.99 37.37
CA THR CA 217 77.90 -30.47 38.25
C THR CA 217 79.24 -31.06 37.81
N THR CA 218 80.24 -30.18 37.67
CA THR CA 218 81.59 -30.56 37.27
C THR CA 218 82.23 -31.43 38.35
N PRO CA 219 83.02 -32.47 37.98
CA PRO CA 219 83.66 -33.35 38.97
C PRO CA 219 84.56 -32.63 39.98
N SER CA 220 84.73 -33.26 41.14
CA SER CA 220 85.48 -32.70 42.26
C SER CA 220 86.96 -32.59 41.94
N ALA CA 221 87.46 -33.54 41.14
CA ALA CA 221 88.84 -33.54 40.67
C ALA CA 221 88.90 -34.09 39.24
N PHE CA 222 89.54 -33.33 38.34
CA PHE CA 222 89.77 -33.76 36.97
C PHE CA 222 91.00 -34.67 36.94
N THR CA 223 90.77 -35.92 36.51
CA THR CA 223 91.79 -36.98 36.57
C THR CA 223 92.22 -37.39 35.17
N GLU CA 224 91.33 -37.22 34.19
CA GLU CA 224 91.60 -37.58 32.80
C GLU CA 224 91.34 -36.38 31.89
N THR CA 225 91.80 -36.50 30.64
CA THR CA 225 91.78 -35.42 29.66
C THR CA 225 90.36 -35.16 29.18
N VAL CA 226 89.69 -36.23 28.72
CA VAL CA 226 88.30 -36.16 28.27
C VAL CA 226 87.42 -36.85 29.30
N MET CA 227 86.38 -36.12 29.75
CA MET CA 227 85.48 -36.56 30.81
C MET CA 227 84.04 -36.46 30.33
N GLU CA 228 83.20 -37.37 30.86
CA GLU CA 228 81.75 -37.34 30.67
C GLU CA 228 81.13 -36.55 31.80
N LEU CA 229 80.30 -35.56 31.44
CA LEU CA 229 79.71 -34.63 32.40
C LEU CA 229 78.25 -35.01 32.67
N GLN CA 230 77.49 -35.24 31.58
CA GLN CA 230 76.08 -35.59 31.66
C GLN CA 230 75.82 -36.83 30.79
N GLU DA 1 -0.12 5.05 1.67
CA GLU DA 1 0.84 4.17 0.93
C GLU DA 1 1.53 3.23 1.92
N THR DA 2 2.25 2.24 1.38
CA THR DA 2 2.93 1.20 2.13
C THR DA 2 4.16 1.75 2.84
N GLY DA 3 4.65 2.90 2.36
CA GLY DA 3 5.86 3.54 2.86
C GLY DA 3 5.76 3.97 4.32
N ILE DA 4 4.56 4.42 4.72
CA ILE DA 4 4.29 4.93 6.06
C ILE DA 4 4.30 3.76 7.05
N GLY DA 5 3.60 2.68 6.69
CA GLY DA 5 3.42 1.50 7.54
C GLY DA 5 4.72 0.73 7.76
N THR DA 6 5.62 0.78 6.76
CA THR DA 6 6.89 0.08 6.78
C THR DA 6 7.82 0.69 7.83
N LEU DA 7 7.79 2.02 7.95
CA LEU DA 7 8.67 2.78 8.82
C LEU DA 7 8.30 2.56 10.29
N ILE DA 8 7.00 2.43 10.57
CA ILE DA 8 6.46 2.28 11.92
C ILE DA 8 6.88 0.93 12.51
N ILE DA 9 6.77 -0.13 11.70
CA ILE DA 9 7.10 -1.48 12.11
C ILE DA 9 8.62 -1.63 12.23
N PHE DA 10 9.36 -0.88 11.41
CA PHE DA 10 10.82 -0.88 11.39
C PHE DA 10 11.38 -0.48 12.75
N ILE DA 11 10.79 0.56 13.37
CA ILE DA 11 11.19 1.08 14.67
C ILE DA 11 10.99 0.00 15.73
N ALA DA 12 9.87 -0.73 15.64
CA ALA DA 12 9.49 -1.76 16.58
C ALA DA 12 10.43 -2.97 16.49
N MET DA 13 10.89 -3.27 15.26
CA MET DA 13 11.76 -4.40 14.98
C MET DA 13 13.14 -4.19 15.60
N VAL DA 14 13.60 -2.94 15.60
CA VAL DA 14 14.91 -2.55 16.11
C VAL DA 14 14.92 -2.67 17.63
N LEU DA 15 13.81 -2.26 18.26
CA LEU DA 15 13.67 -2.23 19.71
C LEU DA 15 13.60 -3.64 20.29
N VAL DA 16 12.97 -4.57 19.54
CA VAL DA 16 12.77 -5.94 19.95
C VAL DA 16 14.12 -6.68 19.93
N ALA DA 17 14.94 -6.39 18.90
CA ALA DA 17 16.22 -7.02 18.69
C ALA DA 17 17.23 -6.62 19.76
N ALA DA 18 17.03 -5.42 20.33
CA ALA DA 18 17.88 -4.87 21.38
C ALA DA 18 17.64 -5.60 22.70
N VAL DA 19 16.39 -6.05 22.91
CA VAL DA 19 15.96 -6.71 24.13
C VAL DA 19 16.66 -8.06 24.25
N ALA DA 20 16.64 -8.84 23.16
CA ALA DA 20 17.21 -10.18 23.10
C ALA DA 20 18.73 -10.14 23.23
N ALA DA 21 19.33 -9.03 22.77
CA ALA DA 21 20.76 -8.78 22.85
C ALA DA 21 21.18 -8.58 24.31
N THR DA 22 20.32 -7.88 25.07
CA THR DA 22 20.57 -7.51 26.46
C THR DA 22 20.57 -8.75 27.36
N VAL DA 23 19.69 -9.71 27.05
CA VAL DA 23 19.51 -10.93 27.82
C VAL DA 23 20.80 -11.76 27.77
N LEU DA 24 21.39 -11.88 26.57
CA LEU DA 24 22.54 -12.73 26.31
C LEU DA 24 23.79 -12.18 26.99
N ILE DA 25 23.91 -10.85 27.05
CA ILE DA 25 25.06 -10.17 27.63
C ILE DA 25 25.00 -10.29 29.16
N ASN DA 26 23.80 -10.07 29.72
CA ASN DA 26 23.58 -10.05 31.16
C ASN DA 26 23.79 -11.44 31.76
N THR DA 27 23.38 -12.48 31.02
CA THR DA 27 23.47 -13.87 31.47
C THR DA 27 24.93 -14.32 31.48
N ALA DA 28 25.68 -13.90 30.45
CA ALA DA 28 27.08 -14.27 30.28
C ALA DA 28 27.95 -13.61 31.34
N GLY DA 29 27.57 -12.39 31.74
CA GLY DA 29 28.26 -11.63 32.78
C GLY DA 29 28.07 -12.25 34.17
N SER DA 30 26.88 -12.83 34.40
CA SER DA 30 26.52 -13.46 35.66
C SER DA 30 27.25 -14.80 35.82
N LEU DA 31 27.39 -15.54 34.71
CA LEU DA 31 28.01 -16.85 34.70
C LEU DA 31 29.53 -16.73 34.72
N GLN DA 32 30.04 -15.55 34.37
CA GLN DA 32 31.48 -15.26 34.29
C GLN DA 32 32.09 -15.31 35.69
N GLN DA 33 31.42 -14.66 36.65
CA GLN DA 33 31.93 -14.45 37.99
C GLN DA 33 31.88 -15.74 38.80
N ARG DA 34 30.86 -16.58 38.52
CA ARG DA 34 30.65 -17.85 39.21
C ARG DA 34 31.72 -18.85 38.79
N ALA DA 35 32.01 -18.90 37.48
CA ALA DA 35 32.95 -19.86 36.90
C ALA DA 35 34.39 -19.54 37.31
N THR DA 36 34.68 -18.24 37.48
CA THR DA 36 36.00 -17.75 37.85
C THR DA 36 36.28 -18.08 39.32
N SER DA 37 35.27 -17.87 40.18
CA SER DA 37 35.38 -18.06 41.61
C SER DA 37 35.49 -19.53 41.98
N THR DA 38 34.78 -20.39 41.22
CA THR DA 38 34.74 -21.82 41.45
C THR DA 38 36.11 -22.45 41.18
N GLY DA 39 36.78 -21.98 40.13
CA GLY DA 39 38.10 -22.45 39.73
C GLY DA 39 39.18 -22.14 40.75
N SER DA 40 39.11 -20.92 41.32
CA SER DA 40 40.10 -20.42 42.26
C SER DA 40 39.95 -21.09 43.63
N GLN DA 41 38.69 -21.37 44.02
CA GLN DA 41 38.35 -21.96 45.31
C GLN DA 41 38.76 -23.43 45.35
N THR DA 42 38.63 -24.12 44.20
CA THR DA 42 38.93 -25.53 44.08
C THR DA 42 40.45 -25.76 44.12
N THR DA 43 41.19 -24.82 43.52
CA THR DA 43 42.65 -24.87 43.46
C THR DA 43 43.23 -24.76 44.86
N ASN DA 44 42.61 -23.92 45.70
CA ASN DA 44 43.01 -23.74 47.09
C ASN DA 44 42.60 -24.95 47.93
N GLN DA 45 41.50 -25.61 47.53
CA GLN DA 45 40.90 -26.70 48.28
C GLN DA 45 41.79 -27.95 48.20
N VAL DA 46 42.36 -28.20 47.02
CA VAL DA 46 43.13 -29.41 46.75
C VAL DA 46 44.53 -29.28 47.37
N SER DA 47 45.14 -28.10 47.24
CA SER DA 47 46.53 -27.87 47.58
C SER DA 47 46.74 -27.80 49.10
N THR DA 48 45.75 -27.26 49.82
CA THR DA 48 45.84 -27.01 51.25
C THR DA 48 45.64 -28.31 52.03
N GLY DA 49 46.40 -28.46 53.13
CA GLY DA 49 46.32 -29.60 54.02
C GLY DA 49 47.21 -29.45 55.25
N LEU DA 50 46.89 -30.23 56.29
CA LEU DA 50 47.65 -30.27 57.53
C LEU DA 50 48.26 -31.66 57.71
N ILE DA 51 49.44 -31.71 58.34
CA ILE DA 51 50.15 -32.95 58.59
C ILE DA 51 50.62 -33.01 60.04
N VAL DA 52 50.50 -34.21 60.63
CA VAL DA 52 50.92 -34.49 62.00
C VAL DA 52 52.35 -35.02 61.96
N GLN DA 53 53.22 -34.43 62.78
CA GLN DA 53 54.63 -34.79 62.83
C GLN DA 53 54.85 -35.92 63.84
N SER DA 54 54.62 -35.62 65.13
CA SER DA 54 54.84 -36.56 66.22
C SER DA 54 53.92 -36.25 67.39
N ILE DA 55 53.58 -37.30 68.16
CA ILE DA 55 52.70 -37.19 69.32
C ILE DA 55 53.45 -37.72 70.54
N TYR DA 56 53.44 -36.92 71.62
CA TYR DA 56 54.07 -37.26 72.88
C TYR DA 56 53.04 -37.23 74.00
N GLY DA 57 53.27 -38.08 75.02
CA GLY DA 57 52.40 -38.16 76.20
C GLY DA 57 53.21 -38.09 77.50
N MET DA 58 52.52 -37.70 78.58
CA MET DA 58 53.13 -37.54 79.89
C MET DA 58 52.34 -38.32 80.94
N ASP DA 59 53.05 -39.13 81.73
CA ASP DA 59 52.48 -39.94 82.79
C ASP DA 59 52.23 -39.06 84.01
N ASN DA 60 51.23 -39.44 84.82
CA ASN DA 60 50.76 -38.64 85.94
C ASN DA 60 51.49 -39.03 87.24
N ASN DA 61 52.17 -40.17 87.22
CA ASN DA 61 52.92 -40.66 88.37
C ASN DA 61 54.41 -40.60 88.06
N ARG DA 62 55.16 -39.92 88.94
CA ARG DA 62 56.59 -39.71 88.80
C ARG DA 62 57.37 -40.76 89.59
N SER DA 63 56.85 -41.10 90.78
CA SER DA 63 57.48 -42.03 91.71
C SER DA 63 57.48 -43.44 91.14
N ASN DA 64 56.34 -43.86 90.57
CA ASN DA 64 56.19 -45.16 89.94
C ASN DA 64 55.32 -45.00 88.69
N PRO DA 65 55.93 -44.89 87.48
CA PRO DA 65 55.16 -44.66 86.25
C PRO DA 65 54.41 -45.88 85.72
N GLU DA 66 54.59 -47.03 86.39
CA GLU DA 66 54.03 -48.30 85.99
C GLU DA 66 52.52 -48.33 86.26
N SER DA 67 52.11 -47.69 87.36
CA SER DA 67 50.72 -47.65 87.79
C SER DA 67 50.09 -46.29 87.50
N GLY DA 68 50.63 -45.60 86.49
CA GLY DA 68 50.20 -44.26 86.13
C GLY DA 68 49.36 -44.24 84.84
N SER DA 69 48.84 -43.04 84.53
CA SER DA 69 48.05 -42.79 83.33
C SER DA 69 48.48 -41.46 82.71
N LEU DA 70 48.12 -41.27 81.44
CA LEU DA 70 48.49 -40.08 80.68
C LEU DA 70 47.55 -38.93 81.04
N ASN DA 71 48.13 -37.81 81.47
CA ASN DA 71 47.37 -36.64 81.91
C ASN DA 71 47.44 -35.52 80.87
N TRP DA 72 48.50 -35.51 80.06
CA TRP DA 72 48.70 -34.52 79.01
C TRP DA 72 49.23 -35.17 77.73
N THR DA 73 48.80 -34.62 76.59
CA THR DA 73 49.20 -35.09 75.26
C THR DA 73 49.55 -33.90 74.38
N ALA DA 74 50.65 -34.02 73.64
CA ALA DA 74 51.17 -32.96 72.78
C ALA DA 74 51.28 -33.46 71.34
N ILE DA 75 50.72 -32.68 70.40
CA ILE DA 75 50.67 -33.03 68.99
C ILE DA 75 51.37 -31.92 68.18
N TYR DA 76 52.37 -32.33 67.39
CA TYR DA 76 53.13 -31.44 66.52
C TYR DA 76 52.46 -31.37 65.16
N VAL DA 77 52.13 -30.15 64.70
CA VAL DA 77 51.36 -29.91 63.49
C VAL DA 77 52.08 -28.88 62.63
N THR DA 78 52.20 -29.20 61.32
CA THR DA 78 52.71 -28.30 60.30
C THR DA 78 51.76 -28.29 59.10
N LEU DA 79 51.95 -27.32 58.20
CA LEU DA 79 51.25 -27.26 56.94
C LEU DA 79 51.94 -28.15 55.92
N ASN DA 80 51.19 -28.51 54.86
CA ASN DA 80 51.69 -29.25 53.72
C ASN DA 80 52.43 -28.29 52.78
N THR DA 81 53.21 -28.85 51.85
CA THR DA 81 54.02 -28.08 50.92
C THR DA 81 53.13 -27.44 49.85
N GLY DA 82 53.28 -26.12 49.69
CA GLY DA 82 52.51 -25.34 48.74
C GLY DA 82 51.05 -25.21 49.13
N SER DA 83 50.80 -24.84 50.40
CA SER DA 83 49.47 -24.75 50.96
C SER DA 83 49.13 -23.31 51.31
N SER DA 84 47.83 -22.98 51.19
CA SER DA 84 47.27 -21.70 51.59
C SER DA 84 47.19 -21.63 53.12
N PRO DA 85 47.26 -20.42 53.74
CA PRO DA 85 47.17 -20.28 55.20
C PRO DA 85 45.88 -20.84 55.80
N VAL DA 86 46.01 -21.39 57.01
CA VAL DA 86 44.91 -22.01 57.74
C VAL DA 86 44.74 -21.29 59.09
N ASP DA 87 43.50 -20.88 59.37
CA ASP DA 87 43.12 -20.31 60.65
C ASP DA 87 42.72 -21.44 61.59
N LEU DA 88 43.34 -21.46 62.79
CA LEU DA 88 43.20 -22.55 63.74
C LEU DA 88 41.93 -22.40 64.57
N SER DA 89 41.28 -21.23 64.47
CA SER DA 89 40.06 -20.94 65.20
C SER DA 89 38.86 -21.65 64.58
N ASN DA 90 38.97 -21.98 63.28
CA ASN DA 90 37.93 -22.67 62.53
C ASN DA 90 38.27 -24.16 62.39
N VAL DA 91 39.24 -24.62 63.18
CA VAL DA 91 39.72 -26.00 63.14
C VAL DA 91 39.07 -26.78 64.28
N SER DA 92 38.52 -27.95 63.94
CA SER DA 92 37.91 -28.86 64.91
C SER DA 92 38.74 -30.14 65.00
N LEU DA 93 38.92 -30.62 66.24
CA LEU DA 93 39.71 -31.81 66.54
C LEU DA 93 38.79 -32.91 67.09
N SER DA 94 38.84 -34.07 66.43
CA SER DA 94 38.06 -35.25 66.82
C SER DA 94 38.99 -36.30 67.42
N LEU DA 95 38.49 -36.99 68.46
CA LEU DA 95 39.21 -38.07 69.14
C LEU DA 95 38.21 -39.14 69.57
N GLU DA 96 38.64 -40.41 69.43
CA GLU DA 96 37.83 -41.56 69.81
C GLU DA 96 38.64 -42.45 70.75
N TYR DA 97 38.08 -42.70 71.95
CA TYR DA 97 38.73 -43.51 72.98
C TYR DA 97 37.66 -44.15 73.87
N GLN DA 98 37.65 -45.49 73.87
CA GLN DA 98 36.87 -46.34 74.76
C GLN DA 98 35.39 -45.94 74.75
N GLY DA 99 34.83 -45.82 73.55
CA GLY DA 99 33.42 -45.52 73.37
C GLY DA 99 33.05 -44.10 73.77
N GLN DA 100 33.95 -43.15 73.45
CA GLN DA 100 33.74 -41.73 73.71
C GLN DA 100 34.33 -40.94 72.55
N LEU DA 101 33.45 -40.22 71.82
CA LEU DA 101 33.83 -39.43 70.67
C LEU DA 101 33.82 -37.95 71.05
N ALA DA 102 35.02 -37.36 71.12
CA ALA DA 102 35.22 -35.98 71.55
C ALA DA 102 35.32 -35.06 70.34
N SER DA 103 34.90 -33.80 70.54
CA SER DA 103 35.05 -32.74 69.57
C SER DA 103 35.53 -31.47 70.27
N LEU DA 104 36.81 -31.13 70.04
CA LEU DA 104 37.48 -30.05 70.75
C LEU DA 104 37.65 -28.84 69.83
N LYS DA 105 37.59 -27.64 70.43
CA LYS DA 105 37.54 -26.38 69.71
C LYS DA 105 38.29 -25.31 70.48
N TYR DA 106 39.05 -24.48 69.75
CA TYR DA 106 39.79 -23.36 70.32
C TYR DA 106 38.94 -22.09 70.22
N THR DA 107 38.94 -21.30 71.31
CA THR DA 107 38.21 -20.04 71.38
C THR DA 107 39.22 -18.89 71.45
N PRO DA 108 39.24 -17.97 70.44
CA PRO DA 108 40.14 -16.82 70.45
C PRO DA 108 39.70 -15.73 71.43
N ALA DA 109 40.69 -15.16 72.15
CA ALA DA 109 40.47 -14.11 73.12
C ALA DA 109 41.73 -13.26 73.25
N THR DA 110 41.56 -12.03 73.74
CA THR DA 110 42.66 -11.10 74.01
C THR DA 110 43.35 -11.51 75.31
N THR DA 111 42.55 -11.79 76.34
CA THR DA 111 43.03 -12.25 77.64
C THR DA 111 42.30 -13.53 78.03
N ASN DA 112 42.98 -14.35 78.87
CA ASN DA 112 42.49 -15.61 79.39
C ASN DA 112 42.28 -16.62 78.26
N ALA DA 113 43.21 -16.62 77.30
CA ALA DA 113 43.18 -17.53 76.17
C ALA DA 113 44.29 -18.57 76.31
N SER DA 114 43.98 -19.82 75.95
CA SER DA 114 44.93 -20.92 76.01
C SER DA 114 45.92 -20.80 74.85
N PHE DA 115 46.92 -19.93 75.05
CA PHE DA 115 47.91 -19.58 74.04
C PHE DA 115 49.22 -19.23 74.71
N ALA DA 116 50.32 -19.70 74.13
CA ALA DA 116 51.67 -19.45 74.62
C ALA DA 116 52.65 -19.34 73.46
N VAL DA 117 53.62 -18.43 73.61
CA VAL DA 117 54.67 -18.21 72.63
C VAL DA 117 55.98 -18.76 73.19
N ASP DA 118 56.62 -19.65 72.41
CA ASP DA 118 57.86 -20.30 72.80
C ASP DA 118 58.74 -20.49 71.55
N THR DA 119 59.19 -19.37 70.97
CA THR DA 119 59.93 -19.37 69.73
C THR DA 119 61.43 -19.24 69.99
N ASN DA 120 61.78 -18.81 71.21
CA ASN DA 120 63.16 -18.54 71.59
C ASN DA 120 63.84 -19.82 72.10
N GLY DA 121 63.04 -20.87 72.33
CA GLY DA 121 63.53 -22.15 72.80
C GLY DA 121 63.16 -22.41 74.26
N THR DA 122 63.10 -23.70 74.63
CA THR DA 122 62.74 -24.12 75.97
C THR DA 122 63.50 -25.39 76.36
N SER DA 123 63.74 -25.52 77.67
CA SER DA 123 64.37 -26.71 78.25
C SER DA 123 63.33 -27.79 78.51
N ASN DA 124 62.07 -27.37 78.67
CA ASN DA 124 60.95 -28.27 78.84
C ASN DA 124 59.71 -27.69 78.17
N VAL DA 125 59.06 -28.51 77.33
CA VAL DA 125 57.86 -28.14 76.60
C VAL DA 125 56.66 -28.14 77.56
N PHE DA 126 56.65 -29.10 78.49
CA PHE DA 126 55.56 -29.30 79.43
C PHE DA 126 55.66 -28.33 80.61
N SER DA 127 56.46 -27.28 80.47
CA SER DA 127 56.64 -26.26 81.50
C SER DA 127 55.84 -25.00 81.17
N VAL DA 128 55.11 -25.03 80.04
CA VAL DA 128 54.32 -23.90 79.57
C VAL DA 128 52.94 -23.93 80.25
N LEU DA 129 52.71 -24.91 81.12
CA LEU DA 129 51.47 -25.06 81.86
C LEU DA 129 51.40 -24.03 82.98
N ASN DA 130 52.58 -23.56 83.42
CA ASN DA 130 52.71 -22.61 84.52
C ASN DA 130 52.81 -21.18 83.99
N ALA DA 131 52.76 -21.03 82.66
CA ALA DA 131 52.90 -19.74 82.01
C ALA DA 131 51.63 -18.91 82.18
N GLY DA 132 51.82 -17.60 82.38
CA GLY DA 132 50.74 -16.65 82.59
C GLY DA 132 50.00 -16.30 81.31
N VAL DA 133 48.67 -16.23 81.41
CA VAL DA 133 47.81 -15.93 80.27
C VAL DA 133 46.94 -14.71 80.57
N GLY DA 134 46.65 -14.49 81.86
CA GLY DA 134 45.80 -13.39 82.30
C GLY DA 134 46.05 -12.99 83.76
N TYR DA 135 45.20 -12.08 84.26
CA TYR DA 135 45.29 -11.56 85.61
C TYR DA 135 44.06 -11.99 86.41
N LYS DA 136 44.26 -12.28 87.70
CA LYS DA 136 43.20 -12.66 88.62
C LYS DA 136 42.24 -11.49 88.79
N ASN DA 137 42.80 -10.32 89.11
CA ASN DA 137 42.06 -9.07 89.30
C ASN DA 137 42.87 -7.92 88.71
N SER DA 138 42.53 -6.69 89.11
CA SER DA 138 43.15 -5.48 88.59
C SER DA 138 44.43 -5.15 89.34
N THR DA 139 44.63 -5.79 90.50
CA THR DA 139 45.70 -5.45 91.43
C THR DA 139 46.96 -6.26 91.12
N ALA DA 140 46.86 -7.17 90.14
CA ALA DA 140 47.96 -8.04 89.73
C ALA DA 140 49.00 -7.24 88.95
N THR DA 141 50.27 -7.38 89.37
CA THR DA 141 51.41 -6.72 88.73
C THR DA 141 51.85 -7.52 87.50
N PHE DA 142 51.86 -8.85 87.64
CA PHE DA 142 52.23 -9.78 86.58
C PHE DA 142 51.08 -10.74 86.30
N LYS DA 143 51.18 -11.44 85.17
CA LYS DA 143 50.19 -12.43 84.75
C LYS DA 143 50.29 -13.65 85.67
N ASN DA 144 49.22 -13.90 86.43
CA ASN DA 144 49.22 -14.87 87.52
C ASN DA 144 48.17 -15.95 87.30
N VAL DA 145 47.45 -15.87 86.18
CA VAL DA 145 46.54 -16.92 85.76
C VAL DA 145 47.30 -17.88 84.85
N GLU DA 146 47.39 -19.14 85.27
CA GLU DA 146 48.19 -20.15 84.59
C GLU DA 146 47.39 -20.79 83.46
N LEU DA 147 48.10 -21.52 82.59
CA LEU DA 147 47.55 -22.13 81.38
C LEU DA 147 46.72 -23.36 81.73
N LYS DA 148 46.98 -23.93 82.92
CA LYS DA 148 46.28 -25.11 83.41
C LYS DA 148 44.82 -24.78 83.72
N ASN DA 149 44.58 -23.53 84.18
CA ASN DA 149 43.32 -23.11 84.77
C ASN DA 149 42.29 -22.81 83.68
N VAL DA 150 42.73 -22.71 82.43
CA VAL DA 150 41.86 -22.37 81.31
C VAL DA 150 41.64 -23.57 80.40
N THR DA 151 42.62 -24.48 80.35
CA THR DA 151 42.56 -25.68 79.53
C THR DA 151 41.75 -26.75 80.25
N LYS DA 152 40.60 -27.11 79.67
CA LYS DA 152 39.64 -28.00 80.30
C LYS DA 152 39.33 -29.19 79.38
N SER DA 153 38.05 -29.58 79.31
CA SER DA 153 37.62 -30.82 78.69
C SER DA 153 36.98 -30.57 77.32
N THR DA 154 36.88 -29.30 76.92
CA THR DA 154 36.18 -28.92 75.70
C THR DA 154 37.13 -28.20 74.73
N ASN DA 155 38.28 -27.74 75.23
CA ASN DA 155 39.18 -26.89 74.47
C ASN DA 155 40.60 -27.47 74.48
N PHE DA 156 41.43 -26.97 73.55
CA PHE DA 156 42.85 -27.28 73.48
C PHE DA 156 43.67 -25.99 73.48
N ALA DA 157 44.95 -26.12 73.83
CA ALA DA 157 45.88 -25.01 73.88
C ALA DA 157 46.82 -25.03 72.67
N ILE DA 158 47.27 -23.84 72.26
CA ILE DA 158 48.20 -23.68 71.15
C ILE DA 158 49.52 -23.10 71.69
N VAL DA 159 50.62 -23.82 71.41
CA VAL DA 159 51.96 -23.38 71.77
C VAL DA 159 52.78 -23.27 70.48
N VAL DA 160 53.33 -22.06 70.26
CA VAL DA 160 54.07 -21.75 69.04
C VAL DA 160 55.53 -22.16 69.22
N ILE DA 161 56.07 -22.87 68.22
CA ILE DA 161 57.45 -23.31 68.19
C ILE DA 161 58.23 -22.47 67.18
N ARG DA 162 57.70 -22.40 65.95
CA ARG DA 162 58.29 -21.60 64.88
C ARG DA 162 57.23 -20.66 64.30
N ASP DA 163 57.64 -19.41 64.07
CA ASP DA 163 56.80 -18.39 63.45
C ASP DA 163 57.70 -17.38 62.73
N PRO DA 164 58.04 -17.62 61.43
CA PRO DA 164 58.96 -16.76 60.69
C PRO DA 164 58.40 -15.39 60.31
N SER DA 165 57.08 -15.31 60.09
CA SER DA 165 56.45 -14.13 59.53
C SER DA 165 55.58 -13.41 60.57
N ASN DA 166 55.50 -13.97 61.78
CA ASN DA 166 54.75 -13.44 62.91
C ASN DA 166 53.26 -13.35 62.54
N SER DA 167 52.65 -14.53 62.31
CA SER DA 167 51.28 -14.62 61.84
C SER DA 167 50.37 -15.21 62.93
N LEU DA 168 50.98 -15.73 64.00
CA LEU DA 168 50.25 -16.41 65.06
C LEU DA 168 50.10 -15.48 66.26
N THR DA 169 48.84 -15.20 66.61
CA THR DA 169 48.46 -14.43 67.79
C THR DA 169 47.32 -15.15 68.51
N SER DA 170 47.02 -14.70 69.74
CA SER DA 170 45.97 -15.26 70.57
C SER DA 170 44.59 -14.95 69.99
N SER DA 171 44.47 -13.79 69.33
CA SER DA 171 43.23 -13.35 68.69
C SER DA 171 43.10 -13.97 67.30
N HIS DA 172 44.21 -14.02 66.56
CA HIS DA 172 44.23 -14.56 65.21
C HIS DA 172 45.35 -15.58 65.06
N PRO DA 173 45.10 -16.89 65.34
CA PRO DA 173 46.10 -17.94 65.15
C PRO DA 173 46.11 -18.48 63.72
N VAL DA 174 46.82 -17.77 62.84
CA VAL DA 174 46.91 -18.11 61.43
C VAL DA 174 48.25 -18.80 61.18
N LEU DA 175 48.18 -20.04 60.67
CA LEU DA 175 49.35 -20.86 60.38
C LEU DA 175 49.77 -20.62 58.94
N THR DA 176 51.05 -20.26 58.76
CA THR DA 176 51.61 -19.93 57.45
C THR DA 176 52.75 -20.90 57.11
N THR DA 177 53.45 -20.60 56.00
CA THR DA 177 54.52 -21.44 55.49
C THR DA 177 55.76 -21.29 56.38
N GLY DA 178 56.22 -22.43 56.92
CA GLY DA 178 57.44 -22.50 57.71
C GLY DA 178 57.17 -22.46 59.23
N SER DA 179 55.88 -22.39 59.60
CA SER DA 179 55.48 -22.30 60.99
C SER DA 179 55.14 -23.68 61.56
N GLU DA 180 55.25 -23.81 62.89
CA GLU DA 180 55.03 -25.06 63.61
C GLU DA 180 54.40 -24.75 64.96
N VAL DA 181 53.35 -25.52 65.31
CA VAL DA 181 52.63 -25.37 66.56
C VAL DA 181 52.51 -26.71 67.28
N VAL DA 182 52.31 -26.65 68.60
CA VAL DA 182 52.02 -27.80 69.43
C VAL DA 182 50.62 -27.63 70.02
N ILE DA 183 49.77 -28.64 69.83
CA ILE DA 183 48.43 -28.69 70.39
C ILE DA 183 48.46 -29.54 71.65
N LEU DA 184 48.08 -28.92 72.78
CA LEU DA 184 48.03 -29.59 74.08
C LEU DA 184 46.59 -29.91 74.44
N VAL DA 185 46.37 -31.18 74.83
CA VAL DA 185 45.06 -31.68 75.23
C VAL DA 185 45.17 -32.18 76.67
N ASN DA 186 44.27 -31.68 77.54
CA ASN DA 186 44.13 -32.15 78.90
C ASN DA 186 43.40 -33.49 78.88
N THR DA 187 44.19 -34.57 78.95
CA THR DA 187 43.72 -35.93 78.78
C THR DA 187 42.93 -36.39 80.01
N SER DA 188 43.31 -35.84 81.18
CA SER DA 188 42.68 -36.16 82.46
C SER DA 188 41.30 -35.50 82.58
N ALA DA 189 41.04 -34.52 81.71
CA ALA DA 189 39.78 -33.78 81.70
C ALA DA 189 38.80 -34.41 80.71
N VAL DA 190 39.31 -34.80 79.54
CA VAL DA 190 38.49 -35.27 78.43
C VAL DA 190 38.08 -36.72 78.69
N PHE DA 191 39.07 -37.60 78.87
CA PHE DA 191 38.84 -39.03 78.97
C PHE DA 191 39.01 -39.52 80.42
N GLY DA 192 39.74 -38.74 81.23
CA GLY DA 192 40.03 -39.09 82.60
C GLY DA 192 41.23 -40.03 82.72
N GLY DA 193 42.22 -39.82 81.84
CA GLY DA 193 43.46 -40.59 81.82
C GLY DA 193 43.38 -41.77 80.84
N MET DA 194 44.35 -41.83 79.93
CA MET DA 194 44.49 -42.92 78.99
C MET DA 194 45.27 -44.07 79.64
N LYS DA 195 44.85 -45.30 79.31
CA LYS DA 195 45.37 -46.51 79.96
C LYS DA 195 46.19 -47.32 78.96
N GLN DA 196 46.80 -48.40 79.47
CA GLN DA 196 47.74 -49.24 78.74
C GLN DA 196 46.99 -50.10 77.72
N GLY DA 197 47.56 -50.18 76.51
CA GLY DA 197 47.11 -51.06 75.44
C GLY DA 197 45.72 -50.69 74.93
N GLN DA 198 45.53 -49.41 74.63
CA GLN DA 198 44.26 -48.88 74.13
C GLN DA 198 44.49 -48.14 72.82
N ALA DA 199 43.50 -48.25 71.92
CA ALA DA 199 43.57 -47.65 70.59
C ALA DA 199 42.97 -46.25 70.61
N VAL DA 200 43.68 -45.31 69.96
CA VAL DA 200 43.26 -43.92 69.84
C VAL DA 200 43.23 -43.57 68.35
N THR DA 201 42.06 -43.07 67.89
CA THR DA 201 41.85 -42.69 66.50
C THR DA 201 41.16 -41.33 66.46
N GLY DA 202 41.64 -40.44 65.57
CA GLY DA 202 41.10 -39.10 65.43
C GLY DA 202 41.60 -38.37 64.19
N GLN DA 203 41.09 -37.14 64.00
CA GLN DA 203 41.39 -36.30 62.86
C GLN DA 203 41.45 -34.84 63.28
N ILE DA 204 42.26 -34.04 62.56
CA ILE DA 204 42.30 -32.60 62.67
C ILE DA 204 41.69 -32.02 61.40
N ASN DA 205 40.47 -31.49 61.50
CA ASN DA 205 39.70 -31.05 60.36
C ASN DA 205 39.77 -29.53 60.21
N PRO DA 206 40.37 -29.00 59.11
CA PRO DA 206 40.26 -27.59 58.77
C PRO DA 206 38.95 -27.29 58.04
N SER DA 207 38.67 -25.99 57.87
CA SER DA 207 37.48 -25.54 57.14
C SER DA 207 37.66 -25.79 55.65
N VAL DA 208 38.85 -25.47 55.12
CA VAL DA 208 39.23 -25.72 53.74
C VAL DA 208 40.55 -26.50 53.74
N GLY DA 209 40.54 -27.67 53.09
CA GLY DA 209 41.73 -28.47 52.90
C GLY DA 209 41.53 -29.94 53.30
N SER DA 210 42.63 -30.68 53.34
CA SER DA 210 42.66 -32.10 53.67
C SER DA 210 43.08 -32.30 55.13
N PRO DA 211 42.43 -33.22 55.89
CA PRO DA 211 42.72 -33.39 57.31
C PRO DA 211 44.00 -34.16 57.64
N GLY DA 212 44.51 -33.94 58.86
CA GLY DA 212 45.62 -34.68 59.42
C GLY DA 212 45.13 -35.85 60.28
N ILE DA 213 45.81 -37.00 60.15
CA ILE DA 213 45.34 -38.26 60.70
C ILE DA 213 46.10 -38.57 62.00
N ILE DA 214 45.35 -38.94 63.04
CA ILE DA 214 45.89 -39.41 64.31
C ILE DA 214 45.43 -40.86 64.52
N GLN DA 215 46.40 -41.77 64.62
CA GLN DA 215 46.14 -43.19 64.88
C GLN DA 215 47.36 -43.81 65.56
N PHE DA 216 47.17 -44.23 66.83
CA PHE DA 216 48.20 -44.88 67.61
C PHE DA 216 47.57 -45.79 68.67
N THR DA 217 48.36 -46.78 69.11
CA THR DA 217 48.02 -47.62 70.26
C THR DA 217 48.98 -47.31 71.39
N THR DA 218 48.44 -47.11 72.59
CA THR DA 218 49.19 -46.79 73.79
C THR DA 218 50.05 -48.00 74.17
N PRO DA 219 51.30 -47.81 74.67
CA PRO DA 219 52.19 -48.91 75.04
C PRO DA 219 51.60 -49.85 76.10
N SER DA 220 52.09 -51.09 76.10
CA SER DA 220 51.60 -52.17 76.96
C SER DA 220 51.93 -51.88 78.42
N ALA DA 221 53.06 -51.23 78.66
CA ALA DA 221 53.49 -50.81 80.00
C ALA DA 221 54.22 -49.47 79.90
N PHE DA 222 53.77 -48.52 80.73
CA PHE DA 222 54.42 -47.22 80.85
C PHE DA 222 55.62 -47.35 81.78
N THR DA 223 56.82 -47.06 81.24
CA THR DA 223 58.08 -47.31 81.94
C THR DA 223 58.78 -45.98 82.25
N GLU DA 224 58.52 -44.96 81.44
CA GLU DA 224 59.11 -43.64 81.60
C GLU DA 224 58.02 -42.57 81.68
N THR DA 225 58.41 -41.36 82.10
CA THR DA 225 57.50 -40.25 82.37
C THR DA 225 56.95 -39.69 81.06
N VAL DA 226 57.85 -39.35 80.13
CA VAL DA 226 57.48 -38.84 78.82
C VAL DA 226 57.77 -39.92 77.77
N MET DA 227 56.76 -40.23 76.97
CA MET DA 227 56.80 -41.30 75.98
C MET DA 227 56.39 -40.77 74.62
N GLU DA 228 56.98 -41.37 73.57
CA GLU DA 228 56.59 -41.11 72.19
C GLU DA 228 55.52 -42.12 71.79
N LEU DA 229 54.41 -41.60 71.25
CA LEU DA 229 53.24 -42.41 70.92
C LEU DA 229 53.18 -42.67 69.42
N GLN DA 230 53.35 -41.59 68.62
CA GLN DA 230 53.31 -41.66 67.17
C GLN DA 230 54.54 -40.94 66.59
N GLU EA 1 -1.46 -3.94 4.50
CA GLU EA 1 -0.27 -3.35 5.18
C GLU EA 1 0.67 -4.49 5.61
N THR EA 2 1.89 -4.09 6.03
CA THR EA 2 2.96 -4.99 6.41
C THR EA 2 2.65 -5.68 7.74
N GLY EA 3 1.75 -5.07 8.53
CA GLY EA 3 1.39 -5.54 9.86
C GLY EA 3 0.76 -6.93 9.87
N ILE EA 4 -0.04 -7.22 8.83
CA ILE EA 4 -0.78 -8.48 8.71
C ILE EA 4 0.21 -9.61 8.40
N GLY EA 5 1.11 -9.36 7.44
CA GLY EA 5 2.08 -10.34 6.96
C GLY EA 5 3.13 -10.71 8.00
N THR EA 6 3.45 -9.75 8.88
CA THR EA 6 4.45 -9.90 9.92
C THR EA 6 3.97 -10.90 10.97
N LEU EA 7 2.67 -10.85 11.30
CA LEU EA 7 2.07 -11.66 12.34
C LEU EA 7 1.98 -13.12 11.93
N ILE EA 8 1.73 -13.37 10.63
CA ILE EA 8 1.54 -14.70 10.07
C ILE EA 8 2.87 -15.47 10.13
N ILE EA 9 3.97 -14.80 9.74
CA ILE EA 9 5.29 -15.38 9.70
C ILE EA 9 5.82 -15.59 11.12
N PHE EA 10 5.40 -14.70 12.04
CA PHE EA 10 5.79 -14.74 13.44
C PHE EA 10 5.36 -16.06 14.10
N ILE EA 11 4.14 -16.52 13.80
CA ILE EA 11 3.58 -17.75 14.31
C ILE EA 11 4.41 -18.93 13.84
N ALA EA 12 4.82 -18.89 12.56
CA ALA EA 12 5.60 -19.95 11.91
C ALA EA 12 7.01 -20.04 12.51
N MET EA 13 7.57 -18.88 12.87
CA MET EA 13 8.93 -18.78 13.41
C MET EA 13 9.01 -19.43 14.79
N VAL EA 14 7.92 -19.28 15.58
CA VAL EA 14 7.82 -19.78 16.94
C VAL EA 14 7.74 -21.31 16.91
N LEU EA 15 6.98 -21.84 15.95
CA LEU EA 15 6.71 -23.27 15.81
C LEU EA 15 7.97 -24.02 15.37
N VAL EA 16 8.79 -23.36 14.52
CA VAL EA 16 10.00 -23.94 13.97
C VAL EA 16 11.07 -24.06 15.06
N ALA EA 17 11.13 -23.04 15.93
CA ALA EA 17 12.11 -22.96 17.01
C ALA EA 17 11.84 -24.00 18.09
N ALA EA 18 10.55 -24.40 18.22
CA ALA EA 18 10.12 -25.42 19.17
C ALA EA 18 10.59 -26.81 18.74
N VAL EA 19 10.66 -27.03 17.43
CA VAL EA 19 11.02 -28.31 16.82
C VAL EA 19 12.48 -28.62 17.14
N ALA EA 20 13.37 -27.63 16.92
CA ALA EA 20 14.80 -27.76 17.12
C ALA EA 20 15.14 -27.95 18.60
N ALA EA 21 14.29 -27.38 19.46
CA ALA EA 21 14.43 -27.48 20.90
C ALA EA 21 14.15 -28.91 21.36
N THR EA 22 13.16 -29.55 20.72
CA THR EA 22 12.68 -30.88 21.06
C THR EA 22 13.74 -31.93 20.73
N VAL EA 23 14.47 -31.71 19.62
CA VAL EA 23 15.49 -32.62 19.12
C VAL EA 23 16.64 -32.73 20.15
N LEU EA 24 17.05 -31.57 20.69
CA LEU EA 24 18.21 -31.47 21.58
C LEU EA 24 17.92 -32.13 22.92
N ILE EA 25 16.67 -32.01 23.39
CA ILE EA 25 16.24 -32.55 24.68
C ILE EA 25 16.14 -34.07 24.59
N ASN EA 26 15.55 -34.57 23.49
CA ASN EA 26 15.27 -35.98 23.27
C ASN EA 26 16.59 -36.77 23.11
N THR EA 27 17.57 -36.14 22.44
CA THR EA 27 18.85 -36.77 22.16
C THR EA 27 19.68 -36.88 23.45
N ALA EA 28 19.61 -35.84 24.28
CA ALA EA 28 20.35 -35.77 25.54
C ALA EA 28 19.80 -36.78 26.55
N GLY EA 29 18.49 -37.01 26.50
CA GLY EA 29 17.80 -37.97 27.36
C GLY EA 29 18.16 -39.41 27.00
N SER EA 30 18.38 -39.66 25.72
CA SER EA 30 18.72 -40.98 25.20
C SER EA 30 20.16 -41.35 25.54
N LEU EA 31 21.05 -40.34 25.48
CA LEU EA 31 22.47 -40.51 25.73
C LEU EA 31 22.75 -40.58 27.24
N GLN EA 32 21.81 -40.09 28.04
CA GLN EA 32 21.92 -40.04 29.50
C GLN EA 32 21.93 -41.46 30.07
N GLN EA 33 21.01 -42.30 29.60
CA GLN EA 33 20.77 -43.63 30.15
C GLN EA 33 21.89 -44.58 29.75
N ARG EA 34 22.45 -44.37 28.55
CA ARG EA 34 23.52 -45.21 28.00
C ARG EA 34 24.82 -44.97 28.78
N ALA EA 35 25.11 -43.69 29.05
CA ALA EA 35 26.35 -43.27 29.71
C ALA EA 35 26.36 -43.67 31.17
N THR EA 36 25.17 -43.69 31.80
CA THR EA 36 25.01 -44.06 33.20
C THR EA 36 25.20 -45.56 33.38
N SER EA 37 24.63 -46.35 32.46
CA SER EA 37 24.64 -47.80 32.51
C SER EA 37 26.04 -48.36 32.22
N THR EA 38 26.77 -47.68 31.32
CA THR EA 38 28.09 -48.08 30.89
C THR EA 38 29.09 -47.96 32.05
N GLY EA 39 28.95 -46.88 32.83
CA GLY EA 39 29.80 -46.59 33.97
C GLY EA 39 29.65 -47.61 35.09
N SER EA 40 28.40 -48.01 35.36
CA SER EA 40 28.05 -48.93 36.43
C SER EA 40 28.47 -50.35 36.10
N GLN EA 41 28.36 -50.72 34.81
CA GLN EA 41 28.66 -52.06 34.33
C GLN EA 41 30.16 -52.31 34.33
N THR EA 42 30.94 -51.26 34.03
CA THR EA 42 32.39 -51.33 33.95
C THR EA 42 33.00 -51.44 35.35
N THR EA 43 32.38 -50.76 36.32
CA THR EA 43 32.81 -50.76 37.72
C THR EA 43 32.68 -52.17 38.30
N ASN EA 44 31.60 -52.87 37.92
CA ASN EA 44 31.34 -54.24 38.34
C ASN EA 44 32.29 -55.21 37.62
N GLN EA 45 32.67 -54.86 36.39
CA GLN EA 45 33.48 -55.71 35.52
C GLN EA 45 34.90 -55.83 36.05
N VAL EA 46 35.46 -54.71 36.54
CA VAL EA 46 36.85 -54.62 36.96
C VAL EA 46 37.01 -55.28 38.34
N SER EA 47 36.06 -55.02 39.24
CA SER EA 47 36.15 -55.38 40.65
C SER EA 47 35.95 -56.88 40.86
N THR EA 48 35.07 -57.49 40.05
CA THR EA 48 34.67 -58.88 40.20
C THR EA 48 35.75 -59.81 39.66
N GLY EA 49 35.95 -60.94 40.36
CA GLY EA 49 36.90 -61.97 39.96
C GLY EA 49 36.83 -63.20 40.86
N LEU EA 50 37.35 -64.33 40.34
CA LEU EA 50 37.43 -65.59 41.06
C LEU EA 50 38.89 -65.97 41.28
N ILE EA 51 39.17 -66.64 42.41
CA ILE EA 51 40.51 -67.07 42.76
C ILE EA 51 40.49 -68.53 43.20
N VAL EA 52 41.53 -69.27 42.77
CA VAL EA 52 41.72 -70.67 43.09
C VAL EA 52 42.62 -70.76 44.33
N GLN EA 53 42.17 -71.53 45.33
CA GLN EA 53 42.87 -71.68 46.59
C GLN EA 53 43.88 -72.82 46.50
N SER EA 54 43.36 -74.06 46.35
CA SER EA 54 44.17 -75.27 46.31
C SER EA 54 43.48 -76.35 45.49
N ILE EA 55 44.29 -77.23 44.89
CA ILE EA 55 43.81 -78.34 44.07
C ILE EA 55 44.35 -79.66 44.65
N TYR EA 56 43.43 -80.61 44.86
CA TYR EA 56 43.76 -81.93 45.37
C TYR EA 56 43.32 -83.01 44.37
N GLY EA 57 44.04 -84.13 44.36
CA GLY EA 57 43.75 -85.27 43.51
C GLY EA 57 43.72 -86.58 44.29
N MET EA 58 43.03 -87.58 43.74
CA MET EA 58 42.84 -88.88 44.37
C MET EA 58 43.25 -89.99 43.39
N ASP EA 59 44.11 -90.89 43.86
CA ASP EA 59 44.60 -92.03 43.09
C ASP EA 59 43.54 -93.13 43.08
N ASN EA 60 43.52 -93.93 42.01
CA ASN EA 60 42.48 -94.93 41.77
C ASN EA 60 42.88 -96.28 42.36
N ASN EA 61 44.16 -96.44 42.72
CA ASN EA 61 44.66 -97.67 43.31
C ASN EA 61 45.03 -97.41 44.77
N ARG EA 62 44.46 -98.23 45.66
CA ARG EA 62 44.65 -98.10 47.11
C ARG EA 62 45.76 -99.06 47.56
N SER EA 63 45.79 -100.26 46.98
CA SER EA 63 46.72 -101.32 47.33
C SER EA 63 48.16 -100.93 46.96
N ASN EA 64 48.32 -100.38 45.76
CA ASN EA 64 49.62 -99.91 45.27
C ASN EA 64 49.40 -98.62 44.48
N PRO EA 65 49.61 -97.43 45.09
CA PRO EA 65 49.35 -96.15 44.42
C PRO EA 65 50.39 -95.76 43.37
N GLU EA 66 51.45 -96.58 43.24
CA GLU EA 66 52.58 -96.32 42.36
C GLU EA 66 52.16 -96.53 40.90
N SER EA 67 51.30 -97.53 40.67
CA SER EA 67 50.85 -97.91 39.34
C SER EA 67 49.41 -97.42 39.11
N GLY EA 68 49.04 -96.34 39.80
CA GLY EA 68 47.69 -95.80 39.74
C GLY EA 68 47.61 -94.49 38.95
N SER EA 69 46.38 -94.01 38.76
CA SER EA 69 46.10 -92.76 38.07
C SER EA 69 45.02 -91.99 38.83
N LEU EA 70 44.91 -90.69 38.54
CA LEU EA 70 43.96 -89.80 39.21
C LEU EA 70 42.57 -89.99 38.62
N ASN EA 71 41.59 -90.29 39.47
CA ASN EA 71 40.22 -90.55 39.04
C ASN EA 71 39.31 -89.38 39.41
N TRP EA 72 39.69 -88.61 40.44
CA TRP EA 72 38.92 -87.46 40.90
C TRP EA 72 39.86 -86.29 41.23
N THR EA 73 39.37 -85.06 40.97
CA THR EA 73 40.10 -83.83 41.23
C THR EA 73 39.16 -82.82 41.88
N ALA EA 74 39.67 -82.15 42.92
CA ALA EA 74 38.90 -81.18 43.70
C ALA EA 74 39.60 -79.82 43.68
N ILE EA 75 38.84 -78.77 43.36
CA ILE EA 75 39.35 -77.40 43.22
C ILE EA 75 38.58 -76.49 44.18
N TYR EA 76 39.33 -75.79 45.05
CA TYR EA 76 38.79 -74.86 46.02
C TYR EA 76 38.72 -73.46 45.39
N VAL EA 77 37.53 -72.85 45.40
CA VAL EA 77 37.27 -71.60 44.72
C VAL EA 77 36.59 -70.62 45.69
N THR EA 78 37.10 -69.39 45.72
CA THR EA 78 36.50 -68.27 46.45
C THR EA 78 36.40 -67.05 45.55
N LEU EA 79 35.64 -66.04 45.99
CA LEU EA 79 35.56 -64.75 45.33
C LEU EA 79 36.74 -63.88 45.77
N ASN EA 80 37.02 -62.85 44.95
CA ASN EA 80 38.01 -61.83 45.25
C ASN EA 80 37.40 -60.81 46.21
N THR EA 81 38.28 -59.98 46.82
CA THR EA 81 37.87 -59.00 47.80
C THR EA 81 37.17 -57.82 47.12
N GLY EA 82 35.96 -57.51 47.61
CA GLY EA 82 35.14 -56.43 47.08
C GLY EA 82 34.58 -56.75 45.70
N SER EA 83 34.00 -57.95 45.57
CA SER EA 83 33.49 -58.45 44.30
C SER EA 83 31.97 -58.59 44.36
N SER EA 84 31.34 -58.39 43.18
CA SER EA 84 29.92 -58.60 42.99
C SER EA 84 29.62 -60.10 42.92
N PRO EA 85 28.41 -60.56 43.30
CA PRO EA 85 28.06 -61.98 43.25
C PRO EA 85 28.17 -62.61 41.85
N VAL EA 86 28.57 -63.89 41.83
CA VAL EA 86 28.78 -64.65 40.61
C VAL EA 86 27.87 -65.88 40.64
N ASP EA 87 27.12 -66.07 39.54
CA ASP EA 87 26.30 -67.25 39.32
C ASP EA 87 27.15 -68.31 38.63
N LEU EA 88 27.17 -69.52 39.22
CA LEU EA 88 28.05 -70.59 38.80
C LEU EA 88 27.47 -71.36 37.61
N SER EA 89 26.20 -71.08 37.30
CA SER EA 89 25.49 -71.72 36.18
C SER EA 89 25.96 -71.15 34.85
N ASN EA 90 26.48 -69.91 34.88
CA ASN EA 90 26.96 -69.22 33.69
C ASN EA 90 28.48 -69.28 33.62
N VAL EA 91 29.08 -70.15 34.44
CA VAL EA 91 30.52 -70.31 34.53
C VAL EA 91 30.95 -71.51 33.69
N SER EA 92 31.97 -71.30 32.85
CA SER EA 92 32.56 -72.35 32.03
C SER EA 92 33.98 -72.65 32.49
N LEU EA 93 34.33 -73.94 32.53
CA LEU EA 93 35.62 -74.41 32.97
C LEU EA 93 36.36 -75.05 31.80
N SER EA 94 37.57 -74.56 31.54
CA SER EA 94 38.44 -75.06 30.48
C SER EA 94 39.62 -75.82 31.09
N LEU EA 95 40.01 -76.92 30.43
CA LEU EA 95 41.13 -77.77 30.83
C LEU EA 95 41.85 -78.29 29.58
N GLU EA 96 43.19 -78.32 29.65
CA GLU EA 96 44.02 -78.82 28.58
C GLU EA 96 44.97 -79.89 29.12
N TYR EA 97 44.90 -81.08 28.51
CA TYR EA 97 45.70 -82.24 28.92
C TYR EA 97 45.92 -83.16 27.72
N GLN EA 98 47.21 -83.34 27.36
CA GLN EA 98 47.69 -84.30 26.37
C GLN EA 98 46.92 -84.19 25.05
N GLY EA 99 46.82 -82.96 24.54
CA GLY EA 99 46.18 -82.68 23.26
C GLY EA 99 44.67 -82.89 23.28
N GLN EA 100 44.04 -82.48 24.39
CA GLN EA 100 42.60 -82.55 24.58
C GLN EA 100 42.16 -81.32 25.35
N LEU EA 101 41.33 -80.49 24.70
CA LEU EA 101 40.83 -79.25 25.28
C LEU EA 101 39.36 -79.44 25.66
N ALA EA 102 39.10 -79.48 26.98
CA ALA EA 102 37.78 -79.74 27.52
C ALA EA 102 37.08 -78.43 27.87
N SER EA 103 35.74 -78.46 27.80
CA SER EA 103 34.89 -77.35 28.22
C SER EA 103 33.72 -77.91 29.02
N LEU EA 104 33.75 -77.69 30.35
CA LEU EA 104 32.80 -78.28 31.27
C LEU EA 104 31.82 -77.22 31.76
N LYS EA 105 30.57 -77.66 32.02
CA LYS EA 105 29.45 -76.78 32.31
C LYS EA 105 28.52 -77.44 33.31
N TYR EA 106 28.03 -76.65 34.28
CA TYR EA 106 27.06 -77.10 35.27
C TYR EA 106 25.64 -76.80 34.79
N THR EA 107 24.75 -77.78 34.98
CA THR EA 107 23.35 -77.66 34.62
C THR EA 107 22.50 -77.62 35.90
N PRO EA 108 21.76 -76.51 36.16
CA PRO EA 108 20.90 -76.41 37.34
C PRO EA 108 19.61 -77.22 37.21
N ALA EA 109 19.23 -77.89 38.30
CA ALA EA 109 18.03 -78.72 38.37
C ALA EA 109 17.54 -78.80 39.81
N THR EA 110 16.25 -79.12 39.97
CA THR EA 110 15.62 -79.30 41.27
C THR EA 110 16.01 -80.67 41.83
N THR EA 111 15.94 -81.70 40.97
CA THR EA 111 16.33 -83.06 41.31
C THR EA 111 17.32 -83.58 40.28
N ASN EA 112 18.16 -84.53 40.71
CA ASN EA 112 19.17 -85.21 39.90
C ASN EA 112 20.23 -84.19 39.43
N ALA EA 113 20.60 -83.28 40.33
CA ALA EA 113 21.61 -82.27 40.06
C ALA EA 113 22.88 -82.58 40.86
N SER EA 114 24.04 -82.39 40.23
CA SER EA 114 25.33 -82.61 40.85
C SER EA 114 25.63 -81.50 41.85
N PHE EA 115 25.04 -81.62 43.04
CA PHE EA 115 25.09 -80.60 44.08
C PHE EA 115 25.01 -81.28 45.45
N ALA EA 116 25.83 -80.80 46.39
CA ALA EA 116 25.87 -81.31 47.75
C ALA EA 116 26.18 -80.18 48.73
N VAL EA 117 25.54 -80.25 49.91
CA VAL EA 117 25.74 -79.28 50.98
C VAL EA 117 26.54 -79.96 52.10
N ASP EA 118 27.65 -79.32 52.49
CA ASP EA 118 28.54 -79.84 53.51
C ASP EA 118 29.12 -78.67 54.30
N THR EA 119 28.25 -77.96 55.03
CA THR EA 119 28.60 -76.75 55.76
C THR EA 119 28.83 -77.06 57.24
N ASN EA 120 28.36 -78.23 57.69
CA ASN EA 120 28.42 -78.63 59.08
C ASN EA 120 29.75 -79.30 59.40
N GLY EA 121 30.51 -79.64 58.35
CA GLY EA 121 31.80 -80.29 58.48
C GLY EA 121 31.75 -81.76 58.06
N THR EA 122 32.92 -82.29 57.66
CA THR EA 122 33.05 -83.66 57.19
C THR EA 122 34.41 -84.24 57.58
N SER EA 123 34.43 -85.55 57.78
CA SER EA 123 35.66 -86.30 58.07
C SER EA 123 36.38 -86.66 56.78
N ASN EA 124 35.63 -86.71 55.67
CA ASN EA 124 36.18 -86.96 54.35
C ASN EA 124 35.39 -86.17 53.32
N VAL EA 125 36.11 -85.42 52.47
CA VAL EA 125 35.54 -84.60 51.42
C VAL EA 125 35.10 -85.51 50.26
N PHE EA 126 35.89 -86.56 49.99
CA PHE EA 126 35.67 -87.47 48.88
C PHE EA 126 34.62 -88.53 49.23
N SER EA 127 33.83 -88.27 50.30
CA SER EA 127 32.78 -89.17 50.73
C SER EA 127 31.41 -88.66 50.29
N VAL EA 128 31.40 -87.52 49.58
CA VAL EA 128 30.17 -86.88 49.11
C VAL EA 128 29.74 -87.49 47.78
N LEU EA 129 30.51 -88.48 47.30
CA LEU EA 129 30.23 -89.18 46.06
C LEU EA 129 29.08 -90.17 46.27
N ASN EA 130 28.87 -90.59 47.52
CA ASN EA 130 27.86 -91.56 47.89
C ASN EA 130 26.59 -90.86 48.37
N ALA EA 131 26.60 -89.53 48.37
CA ALA EA 131 25.49 -88.70 48.84
C ALA EA 131 24.34 -88.72 47.84
N GLY EA 132 23.12 -88.77 48.36
CA GLY EA 132 21.90 -88.83 47.57
C GLY EA 132 21.54 -87.47 46.96
N VAL EA 133 21.12 -87.51 45.69
CA VAL EA 133 20.76 -86.31 44.94
C VAL EA 133 19.32 -86.43 44.43
N GLY EA 134 18.86 -87.67 44.20
CA GLY EA 134 17.53 -87.93 43.67
C GLY EA 134 17.02 -89.33 44.01
N TYR EA 135 15.86 -89.69 43.44
CA TYR EA 135 15.22 -90.96 43.65
C TYR EA 135 15.19 -91.75 42.35
N LYS EA 136 15.36 -93.08 42.46
CA LYS EA 136 15.31 -94.00 41.34
C LYS EA 136 13.92 -94.00 40.72
N ASN EA 137 12.91 -94.18 41.57
CA ASN EA 137 11.50 -94.19 41.19
C ASN EA 137 10.69 -93.48 42.27
N SER EA 138 9.37 -93.71 42.26
CA SER EA 138 8.44 -93.06 43.18
C SER EA 138 8.36 -93.82 44.51
N THR EA 139 8.88 -95.05 44.52
CA THR EA 139 8.71 -95.98 45.64
C THR EA 139 9.86 -95.81 46.66
N ALA EA 140 10.83 -94.95 46.32
CA ALA EA 140 11.99 -94.70 47.15
C ALA EA 140 11.61 -93.86 48.37
N THR EA 141 12.03 -94.34 49.55
CA THR EA 141 11.77 -93.67 50.82
C THR EA 141 12.81 -92.57 51.04
N PHE EA 142 14.07 -92.88 50.69
CA PHE EA 142 15.19 -91.96 50.82
C PHE EA 142 15.85 -91.76 49.46
N LYS EA 143 16.70 -90.72 49.36
CA LYS EA 143 17.44 -90.40 48.15
C LYS EA 143 18.51 -91.47 47.93
N ASN EA 144 18.36 -92.22 46.82
CA ASN EA 144 19.14 -93.42 46.57
C ASN EA 144 19.93 -93.30 45.26
N VAL EA 145 19.82 -92.15 44.60
CA VAL EA 145 20.65 -91.83 43.44
C VAL EA 145 21.88 -91.07 43.93
N GLU EA 146 23.05 -91.67 43.68
CA GLU EA 146 24.32 -91.15 44.19
C GLU EA 146 24.87 -90.08 43.24
N LEU EA 147 25.87 -89.33 43.74
CA LEU EA 147 26.46 -88.20 43.06
C LEU EA 147 27.38 -88.67 41.93
N LYS EA 148 27.84 -89.92 42.02
CA LYS EA 148 28.71 -90.55 41.03
C LYS EA 148 27.97 -90.75 39.71
N ASN EA 149 26.67 -91.03 39.81
CA ASN EA 149 25.86 -91.52 38.71
C ASN EA 149 25.43 -90.36 37.78
N VAL EA 150 25.62 -89.11 38.25
CA VAL EA 150 25.21 -87.94 37.50
C VAL EA 150 26.42 -87.18 36.98
N THR EA 151 27.56 -87.29 37.68
CA THR EA 151 28.80 -86.62 37.32
C THR EA 151 29.52 -87.44 36.24
N LYS EA 152 29.63 -86.86 35.04
CA LYS EA 152 30.15 -87.56 33.87
C LYS EA 152 31.33 -86.79 33.27
N SER EA 153 31.38 -86.73 31.93
CA SER EA 153 32.53 -86.25 31.19
C SER EA 153 32.31 -84.83 30.64
N THR EA 154 31.12 -84.28 30.89
CA THR EA 154 30.73 -82.99 30.31
C THR EA 154 30.42 -81.97 31.41
N ASN EA 155 30.21 -82.46 32.64
CA ASN EA 155 29.74 -81.63 33.74
C ASN EA 155 30.66 -81.76 34.96
N PHE EA 156 30.53 -80.81 35.89
CA PHE EA 156 31.20 -80.83 37.17
C PHE EA 156 30.18 -80.71 38.30
N ALA EA 157 30.60 -81.12 39.52
CA ALA EA 157 29.77 -81.06 40.71
C ALA EA 157 30.20 -79.90 41.60
N ILE EA 158 29.23 -79.36 42.37
CA ILE EA 158 29.47 -78.27 43.30
C ILE EA 158 29.19 -78.78 44.72
N VAL EA 159 30.19 -78.64 45.60
CA VAL EA 159 30.09 -78.99 47.00
C VAL EA 159 30.36 -77.73 47.82
N VAL EA 160 29.38 -77.37 48.68
CA VAL EA 160 29.43 -76.16 49.48
C VAL EA 160 30.19 -76.44 50.78
N ILE EA 161 31.14 -75.57 51.11
CA ILE EA 161 31.93 -75.64 52.32
C ILE EA 161 31.46 -74.56 53.30
N ARG EA 162 31.42 -73.31 52.82
CA ARG EA 162 30.95 -72.17 53.59
C ARG EA 162 29.85 -71.44 52.82
N ASP EA 163 28.79 -71.07 53.55
CA ASP EA 163 27.67 -70.30 53.02
C ASP EA 163 27.05 -69.49 54.15
N PRO EA 164 27.54 -68.24 54.42
CA PRO EA 164 27.05 -67.44 55.54
C PRO EA 164 25.64 -66.86 55.36
N SER EA 165 25.26 -66.58 54.11
CA SER EA 165 24.03 -65.86 53.81
C SER EA 165 22.98 -66.76 53.15
N ASN EA 166 23.33 -68.04 52.94
CA ASN EA 166 22.48 -69.05 52.34
C ASN EA 166 22.05 -68.63 50.94
N SER EA 167 23.05 -68.52 50.04
CA SER EA 167 22.84 -68.02 48.68
C SER EA 167 23.02 -69.13 47.65
N LEU EA 168 23.54 -70.28 48.10
CA LEU EA 168 23.86 -71.39 47.22
C LEU EA 168 22.78 -72.47 47.32
N THR EA 169 22.13 -72.72 46.17
CA THR EA 169 21.14 -73.78 46.00
C THR EA 169 21.43 -74.54 44.71
N SER EA 170 20.76 -75.70 44.54
CA SER EA 170 20.91 -76.55 43.38
C SER EA 170 20.33 -75.88 42.13
N SER EA 171 19.28 -75.06 42.32
CA SER EA 171 18.62 -74.34 41.26
C SER EA 171 19.35 -73.04 40.95
N HIS EA 172 19.80 -72.35 42.02
CA HIS EA 172 20.48 -71.08 41.89
C HIS EA 172 21.79 -71.10 42.71
N PRO EA 173 22.93 -71.53 42.11
CA PRO EA 173 24.22 -71.52 42.81
C PRO EA 173 24.93 -70.17 42.68
N VAL EA 174 24.55 -69.23 43.55
CA VAL EA 174 25.09 -67.88 43.56
C VAL EA 174 26.14 -67.77 44.67
N LEU EA 175 27.36 -67.42 44.28
CA LEU EA 175 28.49 -67.28 45.18
C LEU EA 175 28.57 -65.83 45.66
N THR EA 176 28.59 -65.66 46.99
CA THR EA 176 28.59 -64.34 47.62
C THR EA 176 29.85 -64.17 48.46
N THR EA 177 29.90 -63.07 49.22
CA THR EA 177 31.04 -62.70 50.04
C THR EA 177 31.12 -63.62 51.27
N GLY EA 178 32.25 -64.31 51.40
CA GLY EA 178 32.53 -65.16 52.55
C GLY EA 178 32.23 -66.63 52.30
N SER EA 179 31.77 -66.95 51.08
CA SER EA 179 31.39 -68.31 50.71
C SER EA 179 32.55 -69.03 50.02
N GLU EA 180 32.53 -70.36 50.09
CA GLU EA 180 33.57 -71.23 49.54
C GLU EA 180 32.93 -72.51 49.01
N VAL EA 181 33.35 -72.91 47.80
CA VAL EA 181 32.85 -74.11 47.14
C VAL EA 181 34.01 -74.97 46.67
N VAL EA 182 33.72 -76.27 46.49
CA VAL EA 182 34.64 -77.23 45.90
C VAL EA 182 34.03 -77.75 44.60
N ILE EA 183 34.80 -77.65 43.51
CA ILE EA 183 34.42 -78.16 42.20
C ILE EA 183 35.07 -79.53 42.00
N LEU EA 184 34.23 -80.55 41.80
CA LEU EA 184 34.68 -81.91 41.57
C LEU EA 184 34.56 -82.26 40.09
N VAL EA 185 35.67 -82.80 39.54
CA VAL EA 185 35.74 -83.22 38.15
C VAL EA 185 36.07 -84.71 38.11
N ASN EA 186 35.24 -85.46 37.38
CA ASN EA 186 35.47 -86.87 37.12
C ASN EA 186 36.56 -87.00 36.05
N THR EA 187 37.80 -87.24 36.53
CA THR EA 187 39.00 -87.22 35.71
C THR EA 187 39.07 -88.47 34.83
N SER EA 188 38.49 -89.57 35.32
CA SER EA 188 38.46 -90.85 34.64
C SER EA 188 37.45 -90.84 33.49
N ALA EA 189 36.55 -89.85 33.49
CA ALA EA 189 35.52 -89.70 32.47
C ALA EA 189 36.01 -88.76 31.37
N VAL EA 190 36.66 -87.66 31.77
CA VAL EA 190 37.04 -86.59 30.85
C VAL EA 190 38.30 -87.01 30.07
N PHE EA 191 39.37 -87.35 30.79
CA PHE EA 191 40.66 -87.62 30.19
C PHE EA 191 40.98 -89.11 30.23
N GLY EA 192 40.32 -89.84 31.13
CA GLY EA 192 40.55 -91.27 31.31
C GLY EA 192 41.75 -91.54 32.22
N GLY EA 193 41.92 -90.69 33.24
CA GLY EA 193 42.99 -90.81 34.22
C GLY EA 193 44.22 -89.99 33.83
N MET EA 194 44.65 -89.13 34.76
CA MET EA 194 45.86 -88.34 34.61
C MET EA 194 47.07 -89.15 35.06
N LYS EA 195 48.18 -88.98 34.33
CA LYS EA 195 49.37 -89.78 34.51
C LYS EA 195 50.51 -88.94 35.09
N GLN EA 196 51.64 -89.60 35.39
CA GLN EA 196 52.78 -89.01 36.08
C GLN EA 196 53.55 -88.08 35.13
N GLY EA 197 53.93 -86.92 35.67
CA GLY EA 197 54.79 -85.96 34.99
C GLY EA 197 54.14 -85.35 33.75
N GLN EA 198 52.91 -84.87 33.91
CA GLN EA 198 52.13 -84.27 32.83
C GLN EA 198 51.66 -82.88 33.24
N ALA EA 199 51.63 -81.97 32.27
CA ALA EA 199 51.25 -80.57 32.51
C ALA EA 199 49.74 -80.39 32.29
N VAL EA 200 49.12 -79.67 33.23
CA VAL EA 200 47.70 -79.35 33.18
C VAL EA 200 47.55 -77.83 33.25
N THR EA 201 46.83 -77.27 32.28
CA THR EA 201 46.59 -75.83 32.16
C THR EA 201 45.12 -75.59 31.86
N GLY EA 202 44.51 -74.61 32.56
CA GLY EA 202 43.11 -74.29 32.38
C GLY EA 202 42.71 -72.98 33.06
N GLN EA 203 41.42 -72.62 32.90
CA GLN EA 203 40.85 -71.39 33.42
C GLN EA 203 39.40 -71.63 33.86
N ILE EA 204 38.96 -70.85 34.86
CA ILE EA 204 37.57 -70.78 35.28
C ILE EA 204 37.03 -69.41 34.85
N ASN EA 205 36.18 -69.41 33.80
CA ASN EA 205 35.71 -68.18 33.18
C ASN EA 205 34.30 -67.86 33.66
N PRO EA 206 34.10 -66.71 34.38
CA PRO EA 206 32.76 -66.20 34.64
C PRO EA 206 32.23 -65.39 33.47
N SER EA 207 30.93 -65.04 33.53
CA SER EA 207 30.28 -64.21 32.51
C SER EA 207 30.78 -62.77 32.62
N VAL EA 208 30.85 -62.27 33.85
CA VAL EA 208 31.37 -60.94 34.15
C VAL EA 208 32.46 -61.09 35.22
N GLY EA 209 33.66 -60.59 34.90
CA GLY EA 209 34.78 -60.55 35.84
C GLY EA 209 36.07 -61.12 35.26
N SER EA 210 37.07 -61.29 36.13
CA SER EA 210 38.38 -61.80 35.77
C SER EA 210 38.49 -63.29 36.12
N PRO EA 211 39.10 -64.14 35.26
CA PRO EA 211 39.15 -65.59 35.48
C PRO EA 211 40.17 -66.05 36.51
N GLY EA 212 39.93 -67.25 37.07
CA GLY EA 212 40.86 -67.94 37.93
C GLY EA 212 41.73 -68.92 37.15
N ILE EA 213 43.02 -68.97 37.50
CA ILE EA 213 44.03 -69.66 36.71
C ILE EA 213 44.36 -71.01 37.36
N ILE EA 214 44.39 -72.06 36.55
CA ILE EA 214 44.81 -73.39 36.93
C ILE EA 214 46.04 -73.77 36.11
N GLN EA 215 47.16 -74.02 36.80
CA GLN EA 215 48.40 -74.45 36.18
C GLN EA 215 49.23 -75.25 37.18
N PHE EA 216 49.42 -76.55 36.89
CA PHE EA 216 50.21 -77.46 37.71
C PHE EA 216 50.77 -78.59 36.86
N THR EA 217 51.87 -79.19 37.36
CA THR EA 217 52.44 -80.41 36.80
C THR EA 217 52.24 -81.53 37.81
N THR EA 218 51.74 -82.67 37.33
CA THR EA 218 51.48 -83.86 38.14
C THR EA 218 52.81 -84.42 38.64
N PRO EA 219 52.88 -84.93 39.90
CA PRO EA 219 54.12 -85.48 40.46
C PRO EA 219 54.73 -86.62 39.63
N SER EA 220 56.04 -86.79 39.78
CA SER EA 220 56.82 -87.77 39.03
C SER EA 220 56.45 -89.19 39.41
N ALA EA 221 56.09 -89.39 40.69
CA ALA EA 221 55.63 -90.67 41.20
C ALA EA 221 54.55 -90.44 42.26
N PHE EA 222 53.41 -91.13 42.09
CA PHE EA 222 52.32 -91.10 43.05
C PHE EA 222 52.64 -92.08 44.17
N THR EA 223 52.75 -91.56 45.40
CA THR EA 223 53.22 -92.32 46.55
C THR EA 223 52.10 -92.50 47.58
N GLU EA 224 51.15 -91.55 47.59
CA GLU EA 224 50.02 -91.58 48.52
C GLU EA 224 48.71 -91.48 47.74
N THR EA 225 47.59 -91.75 48.44
CA THR EA 225 46.27 -91.85 47.86
C THR EA 225 45.76 -90.45 47.48
N VAL EA 226 45.79 -89.53 48.44
CA VAL EA 226 45.38 -88.15 48.23
C VAL EA 226 46.62 -87.26 48.23
N MET EA 227 46.76 -86.46 47.15
CA MET EA 227 47.93 -85.62 46.92
C MET EA 227 47.50 -84.18 46.67
N GLU EA 228 48.35 -83.24 47.07
CA GLU EA 228 48.20 -81.82 46.78
C GLU EA 228 48.92 -81.51 45.48
N LEU EA 229 48.22 -80.87 44.54
CA LEU EA 229 48.73 -80.61 43.20
C LEU EA 229 49.15 -79.14 43.09
N GLN EA 230 48.28 -78.23 43.54
CA GLN EA 230 48.53 -76.80 43.49
C GLN EA 230 48.24 -76.19 44.86
N GLU FA 1 6.39 -7.85 0.79
CA GLU FA 1 6.05 -8.50 2.09
C GLU FA 1 7.32 -9.11 2.70
N THR FA 2 7.20 -9.52 3.98
CA THR FA 2 8.30 -10.04 4.78
C THR FA 2 8.70 -11.44 4.30
N GLY FA 3 7.78 -12.11 3.58
CA GLY FA 3 7.95 -13.47 3.11
C GLY FA 3 9.12 -13.63 2.13
N ILE FA 4 9.32 -12.62 1.28
CA ILE FA 4 10.35 -12.62 0.26
C ILE FA 4 11.73 -12.50 0.91
N GLY FA 5 11.85 -11.54 1.84
CA GLY FA 5 13.11 -11.23 2.51
C GLY FA 5 13.59 -12.35 3.43
N THR FA 6 12.64 -13.11 3.99
CA THR FA 6 12.91 -14.21 4.91
C THR FA 6 13.62 -15.35 4.18
N LEU FA 7 13.18 -15.62 2.94
CA LEU FA 7 13.66 -16.74 2.14
C LEU FA 7 15.09 -16.50 1.67
N ILE FA 8 15.42 -15.24 1.37
CA ILE FA 8 16.73 -14.85 0.84
C ILE FA 8 17.80 -15.05 1.91
N ILE FA 9 17.49 -14.63 3.15
CA ILE FA 9 18.42 -14.71 4.28
C ILE FA 9 18.55 -16.16 4.73
N PHE FA 10 17.48 -16.94 4.55
CA PHE FA 10 17.44 -18.36 4.91
C PHE FA 10 18.51 -19.15 4.16
N ILE FA 11 18.65 -18.86 2.86
CA ILE FA 11 19.62 -19.51 1.99
C ILE FA 11 21.04 -19.22 2.49
N ALA FA 12 21.27 -17.96 2.90
CA ALA FA 12 22.56 -17.49 3.36
C ALA FA 12 22.94 -18.14 4.69
N MET FA 13 21.94 -18.38 5.55
CA MET FA 13 22.12 -18.95 6.88
C MET FA 13 22.58 -20.41 6.77
N VAL FA 14 22.05 -21.12 5.77
CA VAL FA 14 22.33 -22.53 5.54
C VAL FA 14 23.77 -22.69 5.05
N LEU FA 15 24.21 -21.77 4.18
CA LEU FA 15 25.52 -21.81 3.56
C LEU FA 15 26.62 -21.51 4.57
N VAL FA 16 26.32 -20.61 5.53
CA VAL FA 16 27.27 -20.19 6.55
C VAL FA 16 27.51 -21.34 7.55
N ALA FA 17 26.43 -22.07 7.88
CA ALA FA 17 26.47 -23.16 8.83
C ALA FA 17 27.26 -24.35 8.28
N ALA FA 18 27.29 -24.49 6.96
CA ALA FA 18 28.02 -25.54 6.26
C ALA FA 18 29.53 -25.31 6.34
N VAL FA 19 29.93 -24.03 6.36
CA VAL FA 19 31.32 -23.61 6.38
C VAL FA 19 31.97 -24.01 7.70
N ALA FA 20 31.28 -23.71 8.81
CA ALA FA 20 31.76 -23.97 10.16
C ALA FA 20 31.83 -25.47 10.44
N ALA FA 21 30.94 -26.23 9.77
CA ALA FA 21 30.89 -27.68 9.87
C ALA FA 21 32.12 -28.30 9.21
N THR FA 22 32.56 -27.70 8.10
CA THR FA 22 33.67 -28.19 7.29
C THR FA 22 34.99 -28.04 8.04
N VAL FA 23 35.12 -26.95 8.80
CA VAL FA 23 36.33 -26.60 9.55
C VAL FA 23 36.59 -27.67 10.61
N LEU FA 24 35.52 -28.08 11.32
CA LEU FA 24 35.60 -28.98 12.46
C LEU FA 24 35.98 -30.39 12.00
N ILE FA 25 35.48 -30.80 10.83
CA ILE FA 25 35.72 -32.13 10.27
C ILE FA 25 37.16 -32.22 9.76
N ASN FA 26 37.62 -31.17 9.07
CA ASN FA 26 38.93 -31.12 8.44
C ASN FA 26 40.04 -31.11 9.50
N THR FA 27 39.80 -30.40 10.60
CA THR FA 27 40.76 -30.26 11.68
C THR FA 27 40.92 -31.57 12.44
N ALA FA 28 39.79 -32.28 12.64
CA ALA FA 28 39.75 -33.53 13.38
C ALA FA 28 40.44 -34.64 12.58
N GLY FA 29 40.32 -34.58 11.25
CA GLY FA 29 40.95 -35.52 10.34
C GLY FA 29 42.48 -35.37 10.30
N SER FA 30 42.94 -34.12 10.45
CA SER FA 30 44.35 -33.79 10.43
C SER FA 30 45.03 -34.24 11.73
N LEU FA 31 44.32 -34.08 12.84
CA LEU FA 31 44.82 -34.41 14.17
C LEU FA 31 44.76 -35.92 14.42
N GLN FA 32 43.94 -36.62 13.64
CA GLN FA 32 43.73 -38.06 13.75
C GLN FA 32 45.01 -38.81 13.39
N GLN FA 33 45.64 -38.41 12.28
CA GLN FA 33 46.77 -39.11 11.70
C GLN FA 33 48.03 -38.88 12.52
N ARG FA 34 48.14 -37.68 13.12
CA ARG FA 34 49.28 -37.29 13.94
C ARG FA 34 49.28 -38.08 15.25
N ALA FA 35 48.11 -38.19 15.87
CA ALA FA 35 47.95 -38.83 17.17
C ALA FA 35 48.15 -40.35 17.07
N THR FA 36 47.78 -40.92 15.93
CA THR FA 36 47.89 -42.35 15.66
C THR FA 36 49.35 -42.73 15.45
N SER FA 37 50.08 -41.88 14.70
CA SER FA 37 51.46 -42.13 14.32
C SER FA 37 52.39 -41.96 15.53
N THR FA 38 52.06 -41.00 16.41
CA THR FA 38 52.85 -40.68 17.59
C THR FA 38 52.83 -41.86 18.57
N GLY FA 39 51.66 -42.48 18.72
CA GLY FA 39 51.46 -43.62 19.62
C GLY FA 39 52.25 -44.85 19.19
N SER FA 40 52.27 -45.11 17.88
CA SER FA 40 52.91 -46.28 17.30
C SER FA 40 54.44 -46.14 17.33
N GLN FA 41 54.93 -44.92 17.13
CA GLN FA 41 56.35 -44.62 17.07
C GLN FA 41 56.98 -44.70 18.46
N THR FA 42 56.21 -44.31 19.48
CA THR FA 42 56.67 -44.29 20.87
C THR FA 42 56.75 -45.71 21.41
N THR FA 43 55.82 -46.57 20.99
CA THR FA 43 55.75 -47.96 21.41
C THR FA 43 56.99 -48.72 20.91
N ASN FA 44 57.41 -48.39 19.68
CA ASN FA 44 58.60 -48.96 19.07
C ASN FA 44 59.87 -48.42 19.72
N GLN FA 45 59.80 -47.16 20.20
CA GLN FA 45 60.94 -46.44 20.75
C GLN FA 45 61.35 -47.03 22.10
N VAL FA 46 60.36 -47.40 22.92
CA VAL FA 46 60.59 -47.86 24.28
C VAL FA 46 61.08 -49.31 24.26
N SER FA 47 60.46 -50.14 23.41
CA SER FA 47 60.65 -51.58 23.41
C SER FA 47 62.00 -51.97 22.81
N THR FA 48 62.46 -51.21 21.80
CA THR FA 48 63.67 -51.52 21.05
C THR FA 48 64.91 -51.14 21.85
N GLY FA 49 65.95 -51.98 21.74
CA GLY FA 49 67.24 -51.76 22.39
C GLY FA 49 68.27 -52.80 21.99
N LEU FA 50 69.55 -52.45 22.21
CA LEU FA 50 70.69 -53.32 21.94
C LEU FA 50 71.41 -53.64 23.25
N ILE FA 51 71.96 -54.86 23.34
CA ILE FA 51 72.69 -55.31 24.52
C ILE FA 51 74.02 -55.93 24.11
N VAL FA 52 75.05 -55.64 24.92
CA VAL FA 52 76.41 -56.15 24.74
C VAL FA 52 76.56 -57.41 25.58
N GLN FA 53 77.05 -58.47 24.93
CA GLN FA 53 77.21 -59.78 25.57
C GLN FA 53 78.58 -59.87 26.24
N SER FA 54 79.64 -59.86 25.42
CA SER FA 54 81.01 -60.00 25.88
C SER FA 54 81.98 -59.30 24.92
N ILE FA 55 83.11 -58.85 25.47
CA ILE FA 55 84.16 -58.15 24.72
C ILE FA 55 85.47 -58.91 24.90
N TYR FA 56 86.12 -59.21 23.77
CA TYR FA 56 87.41 -59.89 23.72
C TYR FA 56 88.45 -59.02 23.02
N GLY FA 57 89.71 -59.18 23.42
CA GLY FA 57 90.84 -58.47 22.84
C GLY FA 57 91.99 -59.41 22.47
N MET FA 58 92.83 -58.95 21.53
CA MET FA 58 93.95 -59.74 21.02
C MET FA 58 95.23 -58.92 21.12
N ASP FA 59 96.26 -59.53 21.72
CA ASP FA 59 97.58 -58.93 21.88
C ASP FA 59 98.35 -59.03 20.57
N ASN FA 60 99.26 -58.06 20.35
CA ASN FA 60 99.97 -57.91 19.09
C ASN FA 60 101.29 -58.68 19.10
N ASN FA 61 101.73 -59.11 20.29
CA ASN FA 61 102.96 -59.87 20.46
C ASN FA 61 102.62 -61.30 20.87
N ARG FA 62 103.14 -62.27 20.11
CA ARG FA 62 102.88 -63.68 20.32
C ARG FA 62 104.02 -64.30 21.14
N SER FA 63 105.26 -63.86 20.85
CA SER FA 63 106.46 -64.40 21.47
C SER FA 63 106.51 -64.03 22.96
N ASN FA 64 106.20 -62.77 23.27
CA ASN FA 64 106.14 -62.28 24.63
C ASN FA 64 104.96 -61.32 24.78
N PRO FA 65 103.79 -61.79 25.29
CA PRO FA 65 102.59 -60.96 25.38
C PRO FA 65 102.63 -59.90 26.49
N GLU FA 66 103.70 -59.92 27.29
CA GLU FA 66 103.86 -59.05 28.45
C GLU FA 66 104.15 -57.62 28.01
N SER FA 67 104.91 -57.48 26.91
CA SER FA 67 105.32 -56.19 26.37
C SER FA 67 104.52 -55.84 25.13
N GLY FA 68 103.29 -56.38 25.04
CA GLY FA 68 102.43 -56.21 23.88
C GLY FA 68 101.27 -55.25 24.16
N SER FA 69 100.51 -54.95 23.10
CA SER FA 69 99.33 -54.10 23.14
C SER FA 69 98.21 -54.73 22.31
N LEU FA 70 96.98 -54.26 22.55
CA LEU FA 70 95.80 -54.79 21.87
C LEU FA 70 95.68 -54.16 20.48
N ASN FA 71 95.61 -55.01 19.45
CA ASN FA 71 95.55 -54.57 18.07
C ASN FA 71 94.15 -54.76 17.49
N TRP FA 72 93.38 -55.69 18.05
CA TRP FA 72 92.01 -55.96 17.62
C TRP FA 72 91.10 -56.19 18.82
N THR FA 73 89.84 -55.76 18.67
CA THR FA 73 88.81 -55.88 19.70
C THR FA 73 87.52 -56.37 19.07
N ALA FA 74 86.87 -57.34 19.73
CA ALA FA 74 85.64 -57.95 19.25
C ALA FA 74 84.52 -57.80 20.28
N ILE FA 75 83.36 -57.31 19.82
CA ILE FA 75 82.21 -57.03 20.67
C ILE FA 75 81.01 -57.84 20.16
N TYR FA 76 80.42 -58.63 21.07
CA TYR FA 76 79.26 -59.46 20.79
C TYR FA 76 77.99 -58.66 21.11
N VAL FA 77 77.09 -58.55 20.11
CA VAL FA 77 75.91 -57.70 20.19
C VAL FA 77 74.68 -58.51 19.79
N THR FA 78 73.62 -58.41 20.61
CA THR FA 78 72.31 -58.97 20.32
C THR FA 78 71.22 -57.92 20.55
N LEU FA 79 70.02 -58.20 20.08
CA LEU FA 79 68.84 -57.38 20.35
C LEU FA 79 68.26 -57.74 21.71
N ASN FA 80 67.45 -56.82 22.25
CA ASN FA 80 66.70 -57.03 23.48
C ASN FA 80 65.44 -57.83 23.17
N THR FA 81 64.80 -58.36 24.21
CA THR FA 81 63.61 -59.20 24.09
C THR FA 81 62.40 -58.34 23.73
N GLY FA 82 61.72 -58.74 22.63
CA GLY FA 82 60.54 -58.06 22.14
C GLY FA 82 60.88 -56.70 21.51
N SER FA 83 61.90 -56.70 20.64
CA SER FA 83 62.41 -55.49 20.02
C SER FA 83 62.14 -55.50 18.51
N SER FA 84 61.94 -54.29 17.96
CA SER FA 84 61.80 -54.06 16.53
C SER FA 84 63.16 -54.18 15.85
N PRO FA 85 63.23 -54.58 14.56
CA PRO FA 85 64.51 -54.68 13.84
C PRO FA 85 65.32 -53.39 13.80
N VAL FA 86 66.65 -53.54 13.84
CA VAL FA 86 67.60 -52.43 13.85
C VAL FA 86 68.53 -52.58 12.65
N ASP FA 87 68.65 -51.48 11.88
CA ASP FA 87 69.60 -51.39 10.77
C ASP FA 87 70.93 -50.87 11.32
N LEU FA 88 72.01 -51.61 11.03
CA LEU FA 88 73.33 -51.36 11.58
C LEU FA 88 74.06 -50.25 10.83
N SER FA 89 73.51 -49.85 9.67
CA SER FA 89 74.08 -48.82 8.83
C SER FA 89 73.83 -47.43 9.42
N ASN FA 90 72.78 -47.32 10.25
CA ASN FA 90 72.40 -46.07 10.90
C ASN FA 90 72.86 -46.07 12.36
N VAL FA 91 73.75 -47.02 12.71
CA VAL FA 91 74.25 -47.18 14.06
C VAL FA 91 75.63 -46.52 14.15
N SER FA 92 75.81 -45.70 15.19
CA SER FA 92 77.07 -45.04 15.49
C SER FA 92 77.66 -45.58 16.79
N LEU FA 93 78.98 -45.80 16.77
CA LEU FA 93 79.72 -46.35 17.91
C LEU FA 93 80.68 -45.29 18.45
N SER FA 94 80.56 -45.01 19.75
CA SER FA 94 81.41 -44.06 20.46
C SER FA 94 82.37 -44.81 21.39
N LEU FA 95 83.61 -44.31 21.48
CA LEU FA 95 84.64 -44.85 22.34
C LEU FA 95 85.50 -43.71 22.90
N GLU FA 96 85.87 -43.83 24.17
CA GLU FA 96 86.71 -42.85 24.86
C GLU FA 96 87.91 -43.57 25.47
N TYR FA 97 89.11 -43.11 25.11
CA TYR FA 97 90.37 -43.69 25.57
C TYR FA 97 91.46 -42.63 25.55
N GLN FA 98 92.01 -42.34 26.73
CA GLN FA 98 93.19 -41.50 26.95
C GLN FA 98 93.06 -40.16 26.25
N GLY FA 99 91.92 -39.49 26.47
CA GLY FA 99 91.66 -38.16 25.94
C GLY FA 99 91.46 -38.16 24.42
N GLN FA 100 90.76 -39.18 23.93
CA GLN FA 100 90.42 -39.31 22.52
C GLN FA 100 89.03 -39.91 22.40
N LEU FA 101 88.10 -39.12 21.84
CA LEU FA 101 86.71 -39.53 21.67
C LEU FA 101 86.47 -39.87 20.20
N ALA FA 102 86.26 -41.16 19.94
CA ALA FA 102 86.10 -41.70 18.59
C ALA FA 102 84.61 -41.85 18.27
N SER FA 103 84.29 -41.73 16.96
CA SER FA 103 82.96 -41.99 16.44
C SER FA 103 83.07 -42.80 15.15
N LEU FA 104 82.72 -44.09 15.24
CA LEU FA 104 82.91 -45.05 14.17
C LEU FA 104 81.57 -45.35 13.49
N LYS FA 105 81.64 -45.62 12.18
CA LYS FA 105 80.46 -45.75 11.33
C LYS FA 105 80.72 -46.80 10.24
N TYR FA 106 79.71 -47.63 9.98
CA TYR FA 106 79.75 -48.64 8.93
C TYR FA 106 79.17 -48.07 7.63
N THR FA 107 79.84 -48.36 6.52
CA THR FA 107 79.41 -47.93 5.19
C THR FA 107 78.98 -49.16 4.39
N PRO FA 108 77.69 -49.25 3.96
CA PRO FA 108 77.21 -50.38 3.16
C PRO FA 108 77.67 -50.30 1.70
N ALA FA 109 78.07 -51.44 1.15
CA ALA FA 109 78.54 -51.58 -0.22
C ALA FA 109 78.30 -53.00 -0.72
N THR FA 110 78.24 -53.14 -2.05
CA THR FA 110 78.09 -54.43 -2.72
C THR FA 110 79.43 -55.17 -2.69
N THR FA 111 80.50 -54.46 -3.04
CA THR FA 111 81.87 -54.98 -3.02
C THR FA 111 82.75 -54.06 -2.20
N ASN FA 112 83.83 -54.63 -1.64
CA ASN FA 112 84.84 -53.95 -0.83
C ASN FA 112 84.22 -53.40 0.45
N ALA FA 113 83.32 -54.18 1.04
CA ALA FA 113 82.65 -53.83 2.29
C ALA FA 113 83.18 -54.72 3.42
N SER FA 114 83.37 -54.11 4.60
CA SER FA 114 83.84 -54.81 5.78
C SER FA 114 82.72 -55.66 6.37
N PHE FA 115 82.52 -56.84 5.76
CA PHE FA 115 81.44 -57.75 6.08
C PHE FA 115 81.88 -59.18 5.81
N ALA FA 116 81.51 -60.08 6.73
CA ALA FA 116 81.83 -61.50 6.63
C ALA FA 116 80.70 -62.34 7.22
N VAL FA 117 80.45 -63.50 6.59
CA VAL FA 117 79.44 -64.45 7.02
C VAL FA 117 80.14 -65.66 7.61
N ASP FA 118 79.78 -66.01 8.85
CA ASP FA 118 80.37 -67.13 9.57
C ASP FA 118 79.30 -67.78 10.45
N THR FA 119 78.30 -68.38 9.78
CA THR FA 119 77.14 -68.96 10.43
C THR FA 119 77.30 -70.48 10.58
N ASN FA 120 78.23 -71.05 9.81
CA ASN FA 120 78.44 -72.48 9.75
C ASN FA 120 79.40 -72.94 10.85
N GLY FA 121 80.05 -71.96 11.50
CA GLY FA 121 80.99 -72.22 12.59
C GLY FA 121 82.44 -72.00 12.15
N THR FA 122 83.31 -71.71 13.14
CA THR FA 122 84.70 -71.42 12.91
C THR FA 122 85.56 -71.93 14.06
N SER FA 123 86.81 -72.30 13.74
CA SER FA 123 87.80 -72.73 14.71
C SER FA 123 88.51 -71.53 15.33
N ASN FA 124 88.51 -70.40 14.60
CA ASN FA 124 89.06 -69.14 15.06
C ASN FA 124 88.23 -67.98 14.51
N VAL FA 125 87.81 -67.08 15.41
CA VAL FA 125 87.02 -65.91 15.07
C VAL FA 125 87.93 -64.87 14.41
N PHE FA 126 89.17 -64.75 14.91
CA PHE FA 126 90.13 -63.77 14.45
C PHE FA 126 90.82 -64.21 13.16
N SER FA 127 90.23 -65.19 12.47
CA SER FA 127 90.76 -65.70 11.21
C SER FA 127 89.97 -65.15 10.03
N VAL FA 128 88.97 -64.30 10.31
CA VAL FA 128 88.10 -63.71 9.30
C VAL FA 128 88.75 -62.46 8.73
N LEU FA 129 89.96 -62.12 9.22
CA LEU FA 129 90.72 -60.97 8.76
C LEU FA 129 91.34 -61.26 7.39
N ASN FA 130 91.52 -62.55 7.08
CA ASN FA 130 92.14 -63.00 5.84
C ASN FA 130 91.07 -63.34 4.80
N ALA FA 131 89.79 -63.17 5.17
CA ALA FA 131 88.67 -63.49 4.31
C ALA FA 131 88.52 -62.46 3.21
N GLY FA 132 88.16 -62.94 2.01
CA GLY FA 132 88.01 -62.11 0.81
C GLY FA 132 86.70 -61.32 0.83
N VAL FA 133 86.80 -60.05 0.41
CA VAL FA 133 85.65 -59.15 0.38
C VAL FA 133 85.45 -58.60 -1.03
N GLY FA 134 86.55 -58.51 -1.80
CA GLY FA 134 86.52 -57.98 -3.15
C GLY FA 134 87.68 -58.47 -4.01
N TYR FA 135 87.80 -57.89 -5.21
CA TYR FA 135 88.82 -58.25 -6.19
C TYR FA 135 89.74 -57.05 -6.41
N LYS FA 136 91.04 -57.34 -6.60
CA LYS FA 136 92.07 -56.35 -6.88
C LYS FA 136 91.76 -55.67 -8.22
N ASN FA 137 91.57 -56.51 -9.25
CA ASN FA 137 91.26 -56.07 -10.61
C ASN FA 137 90.23 -57.03 -11.21
N SER FA 138 90.11 -57.00 -12.54
CA SER FA 138 89.12 -57.80 -13.27
C SER FA 138 89.65 -59.20 -13.55
N THR FA 139 90.96 -59.39 -13.38
CA THR FA 139 91.66 -60.61 -13.78
C THR FA 139 91.67 -61.63 -12.64
N ALA FA 140 91.14 -61.22 -11.48
CA ALA FA 140 91.10 -62.06 -10.29
C ALA FA 140 90.04 -63.16 -10.44
N THR FA 141 90.45 -64.41 -10.17
CA THR FA 141 89.58 -65.57 -10.24
C THR FA 141 88.77 -65.69 -8.95
N PHE FA 142 89.43 -65.43 -7.81
CA PHE FA 142 88.82 -65.48 -6.49
C PHE FA 142 88.99 -64.13 -5.79
N LYS FA 143 88.23 -63.94 -4.71
CA LYS FA 143 88.28 -62.72 -3.91
C LYS FA 143 89.60 -62.67 -3.15
N ASN FA 144 90.43 -61.67 -3.49
CA ASN FA 144 91.81 -61.60 -3.05
C ASN FA 144 92.08 -60.33 -2.24
N VAL FA 145 91.03 -59.51 -2.05
CA VAL FA 145 91.10 -58.35 -1.18
C VAL FA 145 90.63 -58.79 0.21
N GLU FA 146 91.53 -58.66 1.19
CA GLU FA 146 91.31 -59.14 2.55
C GLU FA 146 90.55 -58.10 3.36
N LEU FA 147 90.03 -58.53 4.52
CA LEU FA 147 89.19 -57.74 5.40
C LEU FA 147 90.02 -56.71 6.17
N LYS FA 148 91.33 -56.98 6.27
CA LYS FA 148 92.29 -56.11 6.96
C LYS FA 148 92.46 -54.80 6.20
N ASN FA 149 92.38 -54.89 4.86
CA ASN FA 149 92.78 -53.82 3.95
C ASN FA 149 91.68 -52.74 3.85
N VAL FA 150 90.48 -53.06 4.35
CA VAL FA 150 89.34 -52.15 4.28
C VAL FA 150 89.00 -51.58 5.65
N THR FA 151 89.32 -52.34 6.72
CA THR FA 151 89.04 -51.93 8.08
C THR FA 151 90.16 -50.99 8.56
N LYS FA 152 89.79 -49.74 8.84
CA LYS FA 152 90.74 -48.68 9.15
C LYS FA 152 90.39 -48.03 10.49
N SER FA 153 90.53 -46.70 10.56
CA SER FA 153 90.47 -45.96 11.80
C SER FA 153 89.13 -45.22 11.96
N THR FA 154 88.25 -45.35 10.96
CA THR FA 154 87.00 -44.61 10.92
C THR FA 154 85.80 -45.55 10.90
N ASN FA 155 86.05 -46.83 10.57
CA ASN FA 155 84.99 -47.80 10.32
C ASN FA 155 85.20 -49.06 11.17
N PHE FA 156 84.12 -49.85 11.29
CA PHE FA 156 84.16 -51.15 11.93
C PHE FA 156 83.62 -52.23 10.97
N ALA FA 157 83.95 -53.49 11.27
CA ALA FA 157 83.54 -54.64 10.48
C ALA FA 157 82.42 -55.39 11.19
N ILE FA 158 81.55 -56.04 10.40
CA ILE FA 158 80.45 -56.84 10.92
C ILE FA 158 80.68 -58.30 10.51
N VAL FA 159 80.69 -59.18 11.51
CA VAL FA 159 80.81 -60.63 11.30
C VAL FA 159 79.57 -61.29 11.89
N VAL FA 160 78.87 -62.05 11.05
CA VAL FA 160 77.60 -62.69 11.41
C VAL FA 160 77.91 -64.04 12.07
N ILE FA 161 77.27 -64.29 13.21
CA ILE FA 161 77.40 -65.54 13.95
C ILE FA 161 76.11 -66.35 13.78
N ARG FA 162 74.97 -65.71 14.07
CA ARG FA 162 73.65 -66.32 13.92
C ARG FA 162 72.77 -65.43 13.05
N ASP FA 163 72.03 -66.06 12.12
CA ASP FA 163 71.07 -65.40 11.26
C ASP FA 163 69.99 -66.39 10.86
N PRO FA 164 68.90 -66.52 11.66
CA PRO FA 164 67.85 -67.52 11.39
C PRO FA 164 66.96 -67.21 10.19
N SER FA 165 66.75 -65.93 9.90
CA SER FA 165 65.78 -65.49 8.90
C SER FA 165 66.45 -64.92 7.66
N ASN FA 166 67.79 -64.87 7.66
CA ASN FA 166 68.62 -64.38 6.57
C ASN FA 166 68.28 -62.92 6.28
N SER FA 167 68.56 -62.05 7.27
CA SER FA 167 68.20 -60.64 7.21
C SER FA 167 69.45 -59.76 7.09
N LEU FA 168 70.63 -60.38 7.29
CA LEU FA 168 71.89 -59.65 7.30
C LEU FA 168 72.62 -59.83 5.98
N THR FA 169 72.85 -58.70 5.29
CA THR FA 169 73.63 -58.64 4.05
C THR FA 169 74.60 -57.47 4.15
N SER FA 170 75.54 -57.42 3.19
CA SER FA 170 76.56 -56.37 3.12
C SER FA 170 75.93 -55.03 2.74
N SER FA 171 74.85 -55.08 1.93
CA SER FA 171 74.13 -53.90 1.49
C SER FA 171 73.11 -53.47 2.54
N HIS FA 172 72.43 -54.45 3.15
CA HIS FA 172 71.41 -54.20 4.16
C HIS FA 172 71.67 -55.06 5.39
N PRO FA 173 72.46 -54.57 6.39
CA PRO FA 173 72.68 -55.30 7.63
C PRO FA 173 71.60 -55.03 8.67
N VAL FA 174 70.48 -55.77 8.55
CA VAL FA 174 69.33 -55.62 9.43
C VAL FA 174 69.36 -56.75 10.47
N LEU FA 175 69.40 -56.37 11.74
CA LEU FA 175 69.44 -57.28 12.87
C LEU FA 175 68.00 -57.58 13.32
N THR FA 176 67.67 -58.87 13.37
CA THR FA 176 66.33 -59.33 13.72
C THR FA 176 66.38 -60.19 14.98
N THR FA 177 65.25 -60.81 15.32
CA THR FA 177 65.08 -61.62 16.52
C THR FA 177 65.82 -62.95 16.34
N GLY FA 178 66.76 -63.22 17.25
CA GLY FA 178 67.49 -64.48 17.30
C GLY FA 178 68.86 -64.41 16.62
N SER FA 179 69.20 -63.22 16.09
CA SER FA 179 70.45 -63.00 15.37
C SER FA 179 71.53 -62.45 16.30
N GLU FA 180 72.79 -62.70 15.93
CA GLU FA 180 73.96 -62.30 16.70
C GLU FA 180 75.09 -61.90 15.75
N VAL FA 181 75.74 -60.77 16.06
CA VAL FA 181 76.84 -60.25 15.25
C VAL FA 181 78.03 -59.94 16.15
N VAL FA 182 79.23 -59.90 15.53
CA VAL FA 182 80.46 -59.48 16.17
C VAL FA 182 80.97 -58.23 15.44
N ILE FA 183 81.22 -57.17 16.22
CA ILE FA 183 81.78 -55.93 15.72
C ILE FA 183 83.28 -55.91 16.00
N LEU FA 184 84.07 -55.81 14.92
CA LEU FA 184 85.52 -55.78 14.99
C LEU FA 184 86.02 -54.35 14.79
N VAL FA 185 86.90 -53.91 15.71
CA VAL FA 185 87.49 -52.59 15.69
C VAL FA 185 89.00 -52.75 15.60
N ASN FA 186 89.61 -52.09 14.61
CA ASN FA 186 91.06 -52.02 14.46
C ASN FA 186 91.60 -51.03 15.48
N THR FA 187 92.08 -51.56 16.61
CA THR FA 187 92.50 -50.80 17.78
C THR FA 187 93.82 -50.10 17.51
N SER FA 188 94.66 -50.70 16.66
CA SER FA 188 95.96 -50.17 16.31
C SER FA 188 95.84 -49.00 15.34
N ALA FA 189 94.66 -48.85 14.73
CA ALA FA 189 94.38 -47.78 13.78
C ALA FA 189 93.75 -46.57 14.49
N VAL FA 190 92.81 -46.85 15.41
CA VAL FA 190 92.02 -45.84 16.07
C VAL FA 190 92.84 -45.16 17.16
N PHE FA 191 93.36 -45.96 18.11
CA PHE FA 191 94.03 -45.44 19.29
C PHE FA 191 95.54 -45.68 19.21
N GLY FA 192 95.95 -46.64 18.37
CA GLY FA 192 97.35 -47.01 18.21
C GLY FA 192 97.80 -47.99 19.29
N GLY FA 193 96.89 -48.89 19.68
CA GLY FA 193 97.16 -49.93 20.67
C GLY FA 193 96.75 -49.48 22.08
N MET FA 194 95.93 -50.32 22.72
CA MET FA 194 95.50 -50.11 24.10
C MET FA 194 96.53 -50.70 25.05
N LYS FA 195 96.75 -50.01 26.17
CA LYS FA 195 97.81 -50.33 27.11
C LYS FA 195 97.22 -50.84 28.43
N GLN FA 196 98.10 -51.26 29.34
CA GLN FA 196 97.75 -51.90 30.60
C GLN FA 196 97.19 -50.88 31.59
N GLY FA 197 96.10 -51.28 32.25
CA GLY FA 197 95.50 -50.52 33.34
C GLY FA 197 94.91 -49.20 32.88
N GLN FA 198 94.11 -49.25 31.81
CA GLN FA 198 93.48 -48.07 31.22
C GLN FA 198 91.98 -48.29 31.14
N ALA FA 199 91.21 -47.21 31.34
CA ALA FA 199 89.75 -47.25 31.35
C ALA FA 199 89.21 -46.95 29.95
N VAL FA 200 88.24 -47.77 29.53
CA VAL FA 200 87.56 -47.63 28.25
C VAL FA 200 86.06 -47.50 28.50
N THR FA 201 85.46 -46.43 27.96
CA THR FA 201 84.05 -46.13 28.11
C THR FA 201 83.47 -45.75 26.75
N GLY FA 202 82.29 -46.30 26.43
CA GLY FA 202 81.63 -46.03 25.16
C GLY FA 202 80.19 -46.53 25.11
N GLN FA 203 79.53 -46.27 23.97
CA GLN FA 203 78.13 -46.61 23.74
C GLN FA 203 77.93 -47.02 22.28
N ILE FA 204 76.94 -47.89 22.06
CA ILE FA 204 76.45 -48.24 20.73
C ILE FA 204 75.06 -47.63 20.56
N ASN FA 205 74.97 -46.57 19.75
CA ASN FA 205 73.76 -45.78 19.63
C ASN FA 205 73.01 -46.15 18.36
N PRO FA 206 71.78 -46.72 18.46
CA PRO FA 206 70.90 -46.86 17.30
C PRO FA 206 70.13 -45.57 17.00
N SER FA 207 69.46 -45.54 15.85
CA SER FA 207 68.63 -44.41 15.44
C SER FA 207 67.37 -44.35 16.30
N VAL FA 208 66.74 -45.51 16.50
CA VAL FA 208 65.56 -45.66 17.35
C VAL FA 208 65.85 -46.78 18.36
N GLY FA 209 65.73 -46.44 19.65
CA GLY FA 209 65.86 -47.42 20.73
C GLY FA 209 66.83 -46.96 21.83
N SER FA 210 67.14 -47.88 22.74
CA SER FA 210 68.02 -47.64 23.88
C SER FA 210 69.41 -48.18 23.59
N PRO FA 211 70.50 -47.45 23.96
CA PRO FA 211 71.87 -47.86 23.62
C PRO FA 211 72.44 -48.98 24.48
N GLY FA 212 73.45 -49.67 23.93
CA GLY FA 212 74.25 -50.65 24.64
C GLY FA 212 75.51 -50.03 25.23
N ILE FA 213 75.85 -50.43 26.46
CA ILE FA 213 76.88 -49.77 27.26
C ILE FA 213 78.16 -50.60 27.22
N ILE FA 214 79.28 -49.91 26.97
CA ILE FA 214 80.62 -50.49 27.02
C ILE FA 214 81.41 -49.77 28.11
N GLN FA 215 81.86 -50.53 29.11
CA GLN FA 215 82.68 -50.01 30.21
C GLN FA 215 83.53 -51.14 30.79
N PHE FA 216 84.84 -51.01 30.64
CA PHE FA 216 85.81 -51.97 31.15
C PHE FA 216 87.15 -51.30 31.40
N THR FA 217 87.95 -51.90 32.29
CA THR FA 217 89.34 -51.52 32.52
C THR FA 217 90.23 -52.67 32.03
N THR FA 218 91.25 -52.31 31.25
CA THR FA 218 92.21 -53.26 30.69
C THR FA 218 93.03 -53.88 31.83
N PRO FA 219 93.37 -55.19 31.75
CA PRO FA 219 94.15 -55.87 32.80
C PRO FA 219 95.50 -55.21 33.09
N SER FA 220 96.00 -55.43 34.31
CA SER FA 220 97.23 -54.82 34.81
C SER FA 220 98.45 -55.37 34.07
N ALA FA 221 98.37 -56.65 33.67
CA ALA FA 221 99.41 -57.30 32.88
C ALA FA 221 98.77 -58.28 31.91
N PHE FA 222 99.15 -58.15 30.62
CA PHE FA 222 98.71 -59.07 29.58
C PHE FA 222 99.59 -60.32 29.62
N THR FA 223 98.95 -61.46 29.87
CA THR FA 223 99.66 -62.73 30.11
C THR FA 223 99.40 -63.72 28.97
N GLU FA 224 98.25 -63.58 28.31
CA GLU FA 224 97.86 -64.45 27.22
C GLU FA 224 97.51 -63.62 25.97
N THR FA 225 97.39 -64.31 24.83
CA THR FA 225 97.21 -63.70 23.52
C THR FA 225 95.80 -63.13 23.41
N VAL FA 226 94.80 -63.97 23.67
CA VAL FA 226 93.39 -63.56 23.64
C VAL FA 226 92.87 -63.50 25.07
N MET FA 227 92.28 -62.34 25.43
CA MET FA 227 91.82 -62.05 26.78
C MET FA 227 90.36 -61.61 26.73
N GLU FA 228 89.63 -61.92 27.81
CA GLU FA 228 88.27 -61.44 28.03
C GLU FA 228 88.34 -60.14 28.83
N LEU FA 229 87.66 -59.10 28.31
CA LEU FA 229 87.72 -57.76 28.88
C LEU FA 229 86.45 -57.47 29.68
N GLN FA 230 85.29 -57.78 29.07
CA GLN FA 230 83.99 -57.55 29.69
C GLN FA 230 83.14 -58.83 29.57
N GLU GA 1 12.64 -4.98 7.34
CA GLU GA 1 13.00 -6.34 6.83
C GLU GA 1 13.83 -7.07 7.89
N THR GA 2 14.03 -8.38 7.67
CA THR GA 2 14.71 -9.28 8.59
C THR GA 2 16.21 -8.98 8.61
N GLY GA 3 16.72 -8.33 7.55
CA GLY GA 3 18.12 -8.04 7.35
C GLY GA 3 18.70 -7.13 8.44
N ILE GA 4 17.89 -6.17 8.91
CA ILE GA 4 18.31 -5.19 9.91
C ILE GA 4 18.46 -5.87 11.26
N GLY GA 5 17.46 -6.69 11.63
CA GLY GA 5 17.39 -7.36 12.92
C GLY GA 5 18.47 -8.43 13.09
N THR GA 6 18.88 -9.03 11.97
CA THR GA 6 19.88 -10.10 11.95
C THR GA 6 21.25 -9.55 12.32
N LEU GA 7 21.55 -8.33 11.83
CA LEU GA 7 22.86 -7.70 12.00
C LEU GA 7 23.07 -7.26 13.45
N ILE GA 8 21.99 -6.82 14.10
CA ILE GA 8 22.02 -6.30 15.47
C ILE GA 8 22.35 -7.42 16.44
N ILE GA 9 21.71 -8.58 16.26
CA ILE GA 9 21.87 -9.74 17.12
C ILE GA 9 23.24 -10.38 16.87
N PHE GA 10 23.73 -10.26 15.63
CA PHE GA 10 25.03 -10.79 15.21
C PHE GA 10 26.16 -10.19 16.04
N ILE GA 11 26.09 -8.86 16.26
CA ILE GA 11 27.09 -8.11 17.02
C ILE GA 11 27.11 -8.63 18.47
N ALA GA 12 25.92 -8.89 19.01
CA ALA GA 12 25.74 -9.34 20.38
C ALA GA 12 26.28 -10.76 20.58
N MET GA 13 26.14 -11.60 19.54
CA MET GA 13 26.56 -13.00 19.56
C MET GA 13 28.08 -13.09 19.62
N VAL GA 14 28.76 -12.17 18.93
CA VAL GA 14 30.21 -12.12 18.83
C VAL GA 14 30.80 -11.72 20.18
N LEU GA 15 30.16 -10.75 20.84
CA LEU GA 15 30.62 -10.18 22.10
C LEU GA 15 30.48 -11.20 23.25
N VAL GA 16 29.43 -12.02 23.18
CA VAL GA 16 29.13 -13.02 24.20
C VAL GA 16 30.16 -14.16 24.14
N ALA GA 17 30.53 -14.54 22.90
CA ALA GA 17 31.47 -15.63 22.64
C ALA GA 17 32.88 -15.26 23.09
N ALA GA 18 33.19 -13.96 23.11
CA ALA GA 18 34.48 -13.43 23.52
C ALA GA 18 34.65 -13.54 25.04
N VAL GA 19 33.52 -13.42 25.77
CA VAL GA 19 33.49 -13.42 27.22
C VAL GA 19 33.87 -14.82 27.72
N ALA GA 20 33.25 -15.85 27.15
CA ALA GA 20 33.44 -17.24 27.53
C ALA GA 20 34.86 -17.71 27.20
N ALA GA 21 35.44 -17.11 26.16
CA ALA GA 21 36.80 -17.38 25.71
C ALA GA 21 37.81 -16.86 26.75
N THR GA 22 37.50 -15.69 27.33
CA THR GA 22 38.36 -14.99 28.27
C THR GA 22 38.45 -15.76 29.59
N VAL GA 23 37.34 -16.39 29.99
CA VAL GA 23 37.23 -17.14 31.24
C VAL GA 23 38.19 -18.33 31.21
N LEU GA 24 38.20 -19.05 30.07
CA LEU GA 24 38.94 -20.29 29.92
C LEU GA 24 40.45 -20.03 29.90
N ILE GA 25 40.86 -18.89 29.32
CA ILE GA 25 42.26 -18.51 29.20
C ILE GA 25 42.80 -18.09 30.57
N ASN GA 26 42.01 -17.28 31.29
CA ASN GA 26 42.38 -16.70 32.57
C ASN GA 26 42.52 -17.78 33.64
N THR GA 27 41.64 -18.79 33.59
CA THR GA 27 41.61 -19.88 34.55
C THR GA 27 42.81 -20.80 34.36
N ALA GA 28 43.16 -21.05 33.09
CA ALA GA 28 44.26 -21.93 32.71
C ALA GA 28 45.60 -21.31 33.09
N GLY GA 29 45.69 -19.97 33.00
CA GLY GA 29 46.88 -19.21 33.35
C GLY GA 29 47.13 -19.20 34.86
N SER GA 30 46.04 -19.21 35.64
CA SER GA 30 46.09 -19.21 37.10
C SER GA 30 46.51 -20.58 37.63
N LEU GA 31 46.04 -21.65 36.97
CA LEU GA 31 46.31 -23.02 37.37
C LEU GA 31 47.71 -23.45 36.92
N GLN GA 32 48.27 -22.73 35.93
CA GLN GA 32 49.57 -23.02 35.36
C GLN GA 32 50.67 -22.81 36.39
N GLN GA 33 50.59 -21.67 37.11
CA GLN GA 33 51.64 -21.23 38.02
C GLN GA 33 51.64 -22.06 39.30
N ARG GA 34 50.44 -22.51 39.71
CA ARG GA 34 50.26 -23.32 40.92
C ARG GA 34 50.85 -24.72 40.71
N ALA GA 35 50.57 -25.31 39.53
CA ALA GA 35 50.97 -26.67 39.21
C ALA GA 35 52.48 -26.76 39.01
N THR GA 36 53.08 -25.68 38.50
CA THR GA 36 54.51 -25.61 38.23
C THR GA 36 55.28 -25.51 39.55
N SER GA 37 54.77 -24.67 40.47
CA SER GA 37 55.41 -24.39 41.74
C SER GA 37 55.32 -25.59 42.68
N THR GA 38 54.21 -26.33 42.61
CA THR GA 38 53.96 -27.49 43.45
C THR GA 38 54.95 -28.61 43.13
N GLY GA 39 55.21 -28.80 41.82
CA GLY GA 39 56.13 -29.81 41.33
C GLY GA 39 57.58 -29.59 41.77
N SER GA 40 58.01 -28.32 41.73
CA SER GA 40 59.37 -27.91 42.04
C SER GA 40 59.63 -27.98 43.53
N GLN GA 41 58.61 -27.65 44.34
CA GLN GA 41 58.71 -27.60 45.79
C GLN GA 41 58.77 -29.02 46.37
N THR GA 42 58.05 -29.95 45.74
CA THR GA 42 57.98 -31.34 46.18
C THR GA 42 59.29 -32.06 45.88
N THR GA 43 59.92 -31.71 44.75
CA THR GA 43 61.18 -32.30 44.31
C THR GA 43 62.28 -31.94 45.31
N ASN GA 44 62.25 -30.70 45.83
CA ASN GA 44 63.19 -30.22 46.81
C ASN GA 44 62.90 -30.85 48.18
N GLN GA 45 61.62 -31.15 48.44
CA GLN GA 45 61.16 -31.66 49.73
C GLN GA 45 61.66 -33.08 49.97
N VAL GA 46 61.64 -33.90 48.91
CA VAL GA 46 61.97 -35.32 49.00
C VAL GA 46 63.48 -35.49 49.09
N SER GA 47 64.23 -34.74 48.27
CA SER GA 47 65.66 -34.91 48.08
C SER GA 47 66.46 -34.42 49.29
N THR GA 48 65.98 -33.35 49.94
CA THR GA 48 66.70 -32.68 51.01
C THR GA 48 66.55 -33.48 52.31
N GLY GA 49 67.64 -33.52 53.10
CA GLY GA 49 67.67 -34.18 54.40
C GLY GA 49 69.00 -33.96 55.13
N LEU GA 50 68.96 -34.18 56.45
CA LEU GA 50 70.13 -34.06 57.32
C LEU GA 50 70.45 -35.43 57.91
N ILE GA 51 71.75 -35.69 58.14
CA ILE GA 51 72.22 -36.94 58.71
C ILE GA 51 73.21 -36.67 59.84
N VAL GA 52 73.09 -37.47 60.91
CA VAL GA 52 73.95 -37.41 62.07
C VAL GA 52 75.10 -38.40 61.89
N GLN GA 53 76.33 -37.91 62.09
CA GLN GA 53 77.53 -38.72 61.89
C GLN GA 53 77.89 -39.43 63.19
N SER GA 54 78.27 -38.66 64.22
CA SER GA 54 78.70 -39.19 65.51
C SER GA 54 78.41 -38.19 66.63
N ILE GA 55 78.19 -38.73 67.84
CA ILE GA 55 77.90 -37.94 69.03
C ILE GA 55 78.94 -38.25 70.10
N TYR GA 56 79.55 -37.19 70.65
CA TYR GA 56 80.54 -37.29 71.71
C TYR GA 56 80.07 -36.51 72.94
N GLY GA 57 80.50 -36.99 74.13
CA GLY GA 57 80.19 -36.36 75.40
C GLY GA 57 81.44 -36.15 76.25
N MET GA 58 81.35 -35.20 77.19
CA MET GA 58 82.45 -34.82 78.06
C MET GA 58 81.99 -34.88 79.52
N ASP GA 59 82.77 -35.58 80.36
CA ASP GA 59 82.52 -35.72 81.78
C ASP GA 59 82.97 -34.45 82.50
N ASN GA 60 82.32 -34.16 83.64
CA ASN GA 60 82.53 -32.91 84.37
C ASN GA 60 83.61 -33.07 85.44
N ASN GA 61 83.97 -34.32 85.74
CA ASN GA 61 85.00 -34.63 86.73
C ASN GA 61 86.22 -35.21 86.02
N ARG GA 62 87.39 -34.59 86.27
CA ARG GA 62 88.65 -34.97 85.65
C ARG GA 62 89.43 -35.89 86.59
N SER GA 63 89.37 -35.60 87.89
CA SER GA 63 90.11 -36.33 88.91
C SER GA 63 89.58 -37.76 89.05
N ASN GA 64 88.25 -37.90 89.07
CA ASN GA 64 87.58 -39.19 89.15
C ASN GA 64 86.35 -39.16 88.26
N PRO GA 65 86.42 -39.69 87.01
CA PRO GA 65 85.30 -39.63 86.07
C PRO GA 65 84.16 -40.60 86.37
N GLU GA 66 84.35 -41.44 87.40
CA GLU GA 66 83.41 -42.48 87.79
C GLU GA 66 82.17 -41.86 88.44
N SER GA 67 82.39 -40.80 89.21
CA SER GA 67 81.33 -40.12 89.96
C SER GA 67 80.94 -38.81 89.27
N GLY GA 68 81.16 -38.74 87.95
CA GLY GA 68 80.91 -37.54 87.17
C GLY GA 68 79.65 -37.65 86.30
N SER GA 69 79.32 -36.53 85.65
CA SER GA 69 78.19 -36.43 84.73
C SER GA 69 78.60 -35.64 83.49
N LEU GA 70 77.81 -35.77 82.42
CA LEU GA 70 78.09 -35.12 81.15
C LEU GA 70 77.64 -33.66 81.22
N ASN GA 71 78.57 -32.74 80.92
CA ASN GA 71 78.32 -31.31 80.98
C ASN GA 71 78.20 -30.71 79.58
N TRP GA 72 78.83 -31.36 78.59
CA TRP GA 72 78.79 -30.92 77.20
C TRP GA 72 78.61 -32.10 76.26
N THR GA 73 77.88 -31.85 75.16
CA THR GA 73 77.60 -32.85 74.13
C THR GA 73 77.81 -32.23 72.76
N ALA GA 74 78.48 -32.99 71.87
CA ALA GA 74 78.81 -32.54 70.52
C ALA GA 74 78.23 -33.50 69.48
N ILE GA 75 77.52 -32.93 68.50
CA ILE GA 75 76.84 -33.70 67.45
C ILE GA 75 77.37 -33.26 66.09
N TYR GA 76 77.87 -34.23 65.31
CA TYR GA 76 78.38 -34.01 63.97
C TYR GA 76 77.24 -34.18 62.95
N VAL GA 77 77.04 -33.14 62.13
CA VAL GA 77 75.91 -33.07 61.20
C VAL GA 77 76.42 -32.72 59.81
N THR GA 78 75.94 -33.49 58.81
CA THR GA 78 76.17 -33.23 57.40
C THR GA 78 74.85 -33.28 56.63
N LEU GA 79 74.87 -32.80 55.38
CA LEU GA 79 73.74 -32.92 54.47
C LEU GA 79 73.76 -34.30 53.80
N ASN GA 80 72.59 -34.69 53.27
CA ASN GA 80 72.43 -35.90 52.49
C ASN GA 80 72.91 -35.64 51.06
N THR GA 81 73.11 -36.73 50.30
CA THR GA 81 73.62 -36.66 48.93
C THR GA 81 72.54 -36.15 47.99
N GLY GA 82 72.88 -35.09 47.23
CA GLY GA 82 71.99 -34.46 46.28
C GLY GA 82 70.86 -33.69 46.96
N SER GA 83 71.25 -32.86 47.95
CA SER GA 83 70.29 -32.12 48.77
C SER GA 83 70.43 -30.61 48.51
N SER GA 84 69.30 -29.91 48.63
CA SER GA 84 69.23 -28.46 48.56
C SER GA 84 69.78 -27.85 49.85
N PRO GA 85 70.35 -26.62 49.82
CA PRO GA 85 70.88 -25.97 51.03
C PRO GA 85 69.86 -25.79 52.15
N VAL GA 86 70.34 -25.91 53.39
CA VAL GA 86 69.53 -25.81 54.60
C VAL GA 86 70.06 -24.67 55.46
N ASP GA 87 69.16 -23.77 55.87
CA ASP GA 87 69.46 -22.71 56.81
C ASP GA 87 69.24 -23.23 58.24
N LEU GA 88 70.27 -23.08 59.08
CA LEU GA 88 70.29 -23.66 60.42
C LEU GA 88 69.53 -22.78 61.41
N SER GA 89 69.16 -21.57 60.99
CA SER GA 89 68.42 -20.62 61.82
C SER GA 89 66.95 -21.04 61.94
N ASN GA 90 66.46 -21.81 60.95
CA ASN GA 90 65.09 -22.28 60.90
C ASN GA 90 65.01 -23.74 61.35
N VAL GA 91 66.10 -24.23 61.95
CA VAL GA 91 66.22 -25.61 62.40
C VAL GA 91 65.94 -25.67 63.91
N SER GA 92 65.06 -26.61 64.29
CA SER GA 92 64.72 -26.87 65.68
C SER GA 92 65.22 -28.25 66.10
N LEU GA 93 65.78 -28.31 67.32
CA LEU GA 93 66.35 -29.53 67.88
C LEU GA 93 65.51 -29.97 69.08
N SER GA 94 65.05 -31.22 69.04
CA SER GA 94 64.27 -31.83 70.10
C SER GA 94 65.11 -32.89 70.82
N LEU GA 95 64.93 -32.96 72.16
CA LEU GA 95 65.61 -33.92 73.01
C LEU GA 95 64.67 -34.36 74.13
N GLU GA 96 64.72 -35.66 74.46
CA GLU GA 96 63.91 -36.25 75.51
C GLU GA 96 64.84 -36.99 76.48
N TYR GA 97 64.76 -36.61 77.77
CA TYR GA 97 65.57 -37.19 78.82
C TYR GA 97 64.84 -37.08 80.17
N GLN GA 98 64.56 -38.24 80.76
CA GLN GA 98 64.03 -38.40 82.12
C GLN GA 98 62.81 -37.53 82.35
N GLY GA 99 61.84 -37.62 81.43
CA GLY GA 99 60.57 -36.92 81.53
C GLY GA 99 60.71 -35.41 81.34
N GLN GA 100 61.58 -35.02 80.40
CA GLN GA 100 61.79 -33.62 80.05
C GLN GA 100 62.03 -33.53 78.54
N LEU GA 101 61.11 -32.84 77.86
CA LEU GA 101 61.15 -32.67 76.41
C LEU GA 101 61.61 -31.25 76.08
N ALA GA 102 62.82 -31.15 75.55
CA ALA GA 102 63.46 -29.86 75.25
C ALA GA 102 63.28 -29.50 73.78
N SER GA 103 63.24 -28.19 73.51
CA SER GA 103 63.20 -27.65 72.16
C SER GA 103 64.19 -26.48 72.07
N LEU GA 104 65.31 -26.71 71.37
CA LEU GA 104 66.41 -25.78 71.31
C LEU GA 104 66.45 -25.09 69.94
N LYS GA 105 66.89 -23.83 69.93
CA LYS GA 105 66.83 -22.96 68.77
C LYS GA 105 68.03 -22.03 68.75
N TYR GA 106 68.60 -21.83 67.56
CA TYR GA 106 69.72 -20.92 67.33
C TYR GA 106 69.18 -19.55 66.93
N THR GA 107 69.78 -18.50 67.51
CA THR GA 107 69.44 -17.11 67.20
C THR GA 107 70.60 -16.45 66.46
N PRO GA 108 70.41 -15.99 65.20
CA PRO GA 108 71.48 -15.32 64.45
C PRO GA 108 71.70 -13.88 64.92
N ALA GA 109 72.99 -13.49 65.00
CA ALA GA 109 73.41 -12.17 65.43
C ALA GA 109 74.77 -11.84 64.82
N THR GA 110 75.07 -10.54 64.73
CA THR GA 110 76.35 -10.04 64.25
C THR GA 110 77.40 -10.20 65.34
N THR GA 111 77.04 -9.81 66.57
CA THR GA 111 77.90 -9.95 67.74
C THR GA 111 77.13 -10.68 68.84
N ASN GA 112 77.89 -11.34 69.73
CA ASN GA 112 77.40 -12.09 70.88
C ASN GA 112 76.55 -13.27 70.42
N ALA GA 113 76.99 -13.93 69.34
CA ALA GA 113 76.32 -15.10 68.78
C ALA GA 113 77.15 -16.35 69.06
N SER GA 114 76.46 -17.45 69.39
CA SER GA 114 77.10 -18.72 69.67
C SER GA 114 77.54 -19.38 68.36
N PHE GA 115 78.69 -18.91 67.86
CA PHE GA 115 79.24 -19.29 66.56
C PHE GA 115 80.76 -19.22 66.62
N ALA GA 116 81.41 -20.23 66.02
CA ALA GA 116 82.86 -20.33 65.97
C ALA GA 116 83.29 -20.97 64.65
N VAL GA 117 84.41 -20.48 64.10
CA VAL GA 117 85.00 -20.99 62.88
C VAL GA 117 86.27 -21.76 63.23
N ASP GA 118 86.34 -23.02 62.78
CA ASP GA 118 87.47 -23.90 63.05
C ASP GA 118 87.71 -24.80 61.84
N THR GA 119 88.11 -24.18 60.73
CA THR GA 119 88.28 -24.86 59.46
C THR GA 119 89.74 -25.20 59.21
N ASN GA 120 90.65 -24.54 59.96
CA ASN GA 120 92.08 -24.67 59.79
C ASN GA 120 92.61 -25.86 60.59
N GLY GA 121 91.77 -26.41 61.48
CA GLY GA 121 92.13 -27.54 62.31
C GLY GA 121 92.33 -27.14 63.77
N THR GA 122 92.15 -28.12 64.67
CA THR GA 122 92.28 -27.90 66.10
C THR GA 122 92.84 -29.15 66.79
N SER GA 123 93.55 -28.92 67.89
CA SER GA 123 94.11 -29.98 68.73
C SER GA 123 93.05 -30.46 69.72
N ASN GA 124 92.07 -29.59 70.03
CA ASN GA 124 90.94 -29.91 70.89
C ASN GA 124 89.70 -29.19 70.40
N VAL GA 125 88.61 -29.96 70.24
CA VAL GA 125 87.33 -29.44 69.78
C VAL GA 125 86.64 -28.70 70.93
N PHE GA 126 86.81 -29.22 72.15
CA PHE GA 126 86.16 -28.68 73.34
C PHE GA 126 86.93 -27.48 73.89
N SER GA 127 87.82 -26.89 73.07
CA SER GA 127 88.61 -25.73 73.46
C SER GA 127 88.03 -24.45 72.84
N VAL GA 128 86.92 -24.60 72.10
CA VAL GA 128 86.27 -23.49 71.42
C VAL GA 128 85.30 -22.79 72.38
N LEU GA 129 85.24 -23.27 73.63
CA LEU GA 129 84.40 -22.71 74.67
C LEU GA 129 85.01 -21.41 75.19
N ASN GA 130 86.34 -21.27 75.04
CA ASN GA 130 87.10 -20.12 75.51
C ASN GA 130 87.27 -19.09 74.40
N ALA GA 131 86.73 -19.38 73.21
CA ALA GA 131 86.86 -18.54 72.03
C ALA GA 131 85.96 -17.30 72.17
N GLY GA 132 86.50 -16.16 71.70
CA GLY GA 132 85.82 -14.87 71.77
C GLY GA 132 84.72 -14.73 70.73
N VAL GA 133 83.59 -14.17 71.15
CA VAL GA 133 82.42 -13.98 70.29
C VAL GA 133 82.04 -12.50 70.25
N GLY GA 134 82.33 -11.77 71.33
CA GLY GA 134 81.99 -10.36 71.44
C GLY GA 134 82.88 -9.62 72.43
N TYR GA 135 82.51 -8.35 72.70
CA TYR GA 135 83.25 -7.48 73.61
C TYR GA 135 82.38 -7.14 74.81
N LYS GA 136 83.02 -7.03 75.98
CA LYS GA 136 82.37 -6.67 77.23
C LYS GA 136 81.82 -5.25 77.13
N ASN GA 137 82.69 -4.32 76.73
CA ASN GA 137 82.38 -2.91 76.54
C ASN GA 137 83.11 -2.39 75.30
N SER GA 138 83.22 -1.07 75.19
CA SER GA 138 83.82 -0.41 74.04
C SER GA 138 85.34 -0.33 74.17
N THR GA 139 85.84 -0.57 75.40
CA THR GA 139 87.24 -0.35 75.74
C THR GA 139 88.07 -1.61 75.48
N ALA GA 140 87.39 -2.70 75.07
CA ALA GA 140 88.03 -3.97 74.81
C ALA GA 140 88.82 -3.92 73.50
N THR GA 141 90.07 -4.35 73.57
CA THR GA 141 90.98 -4.41 72.41
C THR GA 141 90.71 -5.67 71.60
N PHE GA 142 90.49 -6.79 72.31
CA PHE GA 142 90.21 -8.08 71.70
C PHE GA 142 88.87 -8.60 72.21
N LYS GA 143 88.34 -9.63 71.53
CA LYS GA 143 87.09 -10.28 71.89
C LYS GA 143 87.29 -11.07 73.18
N ASN GA 144 86.59 -10.64 74.24
CA ASN GA 144 86.83 -11.13 75.60
C ASN GA 144 85.57 -11.76 76.19
N VAL GA 145 84.48 -11.81 75.39
CA VAL GA 145 83.28 -12.54 75.76
C VAL GA 145 83.40 -13.95 75.19
N GLU GA 146 83.38 -14.95 76.09
CA GLU GA 146 83.61 -16.34 75.73
C GLU GA 146 82.31 -17.00 75.28
N LEU GA 147 82.44 -18.17 74.65
CA LEU GA 147 81.34 -18.91 74.05
C LEU GA 147 80.47 -19.57 75.13
N LYS GA 148 81.06 -19.76 76.32
CA LYS GA 148 80.38 -20.37 77.47
C LYS GA 148 79.28 -19.45 77.98
N ASN GA 149 79.51 -18.14 77.89
CA ASN GA 149 78.71 -17.12 78.56
C ASN GA 149 77.42 -16.85 77.79
N VAL GA 150 77.34 -17.34 76.54
CA VAL GA 150 76.18 -17.10 75.68
C VAL GA 150 75.37 -18.39 75.50
N THR GA 151 76.03 -19.55 75.60
CA THR GA 151 75.39 -20.84 75.44
C THR GA 151 74.73 -21.24 76.75
N LYS GA 152 73.39 -21.34 76.73
CA LYS GA 152 72.59 -21.56 77.93
C LYS GA 152 71.71 -22.79 77.75
N SER GA 153 70.46 -22.70 78.24
CA SER GA 153 69.57 -23.83 78.37
C SER GA 153 68.49 -23.85 77.28
N THR GA 154 68.52 -22.84 76.40
CA THR GA 154 67.49 -22.66 75.38
C THR GA 154 68.09 -22.70 73.98
N ASN GA 155 69.41 -22.55 73.88
CA ASN GA 155 70.10 -22.39 72.60
C ASN GA 155 71.24 -23.39 72.47
N PHE GA 156 71.71 -23.57 71.23
CA PHE GA 156 72.88 -24.37 70.91
C PHE GA 156 73.88 -23.54 70.11
N ALA GA 157 75.14 -24.00 70.11
CA ALA GA 157 76.24 -23.35 69.41
C ALA GA 157 76.57 -24.11 68.13
N ILE GA 158 77.07 -23.37 67.12
CA ILE GA 158 77.48 -23.94 65.84
C ILE GA 158 78.99 -23.72 65.68
N VAL GA 159 79.71 -24.83 65.45
CA VAL GA 159 81.14 -24.82 65.20
C VAL GA 159 81.38 -25.44 63.82
N VAL GA 160 82.04 -24.67 62.93
CA VAL GA 160 82.28 -25.06 61.55
C VAL GA 160 83.56 -25.89 61.49
N ILE GA 161 83.49 -27.03 60.80
CA ILE GA 161 84.62 -27.92 60.59
C ILE GA 161 85.08 -27.80 59.13
N ARG GA 162 84.13 -27.97 58.20
CA ARG GA 162 84.40 -27.85 56.78
C ARG GA 162 83.42 -26.85 56.16
N ASP GA 163 83.96 -25.97 55.29
CA ASP GA 163 83.17 -25.00 54.54
C ASP GA 163 83.90 -24.69 53.24
N PRO GA 164 83.64 -25.45 52.14
CA PRO GA 164 84.34 -25.28 50.87
C PRO GA 164 83.98 -24.02 50.09
N SER GA 165 82.73 -23.55 50.24
CA SER GA 165 82.19 -22.48 49.42
C SER GA 165 81.98 -21.20 50.22
N ASN GA 166 82.29 -21.24 51.53
CA ASN GA 166 82.18 -20.13 52.46
C ASN GA 166 80.73 -19.65 52.52
N SER GA 167 79.84 -20.53 53.01
CA SER GA 167 78.40 -20.28 53.04
C SER GA 167 77.91 -20.10 54.47
N LEU GA 168 78.77 -20.41 55.45
CA LEU GA 168 78.41 -20.38 56.86
C LEU GA 168 78.96 -19.12 57.52
N THR GA 169 78.03 -18.31 58.04
CA THR GA 169 78.32 -17.11 58.81
C THR GA 169 77.45 -17.08 60.05
N SER GA 170 77.76 -16.16 60.99
CA SER GA 170 77.03 -16.00 62.23
C SER GA 170 75.63 -15.43 61.99
N SER GA 171 75.52 -14.60 60.94
CA SER GA 171 74.25 -13.99 60.54
C SER GA 171 73.45 -14.94 59.68
N HIS GA 172 74.12 -15.63 58.76
CA HIS GA 172 73.48 -16.57 57.83
C HIS GA 172 74.21 -17.91 57.86
N PRO GA 173 73.82 -18.86 58.75
CA PRO GA 173 74.42 -20.20 58.76
C PRO GA 173 73.74 -21.16 57.78
N VAL GA 174 74.17 -21.09 56.52
CA VAL GA 174 73.62 -21.90 55.45
C VAL GA 174 74.56 -23.06 55.17
N LEU GA 175 74.03 -24.28 55.31
CA LEU GA 175 74.79 -25.51 55.09
C LEU GA 175 74.63 -25.94 53.65
N THR GA 176 75.77 -26.15 52.97
CA THR GA 176 75.82 -26.50 51.56
C THR GA 176 76.49 -27.87 51.38
N THR GA 177 76.74 -28.23 50.11
CA THR GA 177 77.31 -29.51 49.74
C THR GA 177 78.80 -29.53 50.09
N GLY GA 178 79.19 -30.50 50.93
CA GLY GA 178 80.57 -30.74 51.31
C GLY GA 178 80.95 -30.10 52.65
N SER GA 179 79.97 -29.45 53.30
CA SER GA 179 80.18 -28.75 54.56
C SER GA 179 79.82 -29.64 55.74
N GLU GA 180 80.44 -29.35 56.90
CA GLU GA 180 80.25 -30.12 58.12
C GLU GA 180 80.30 -29.16 59.32
N VAL GA 181 79.34 -29.35 60.24
CA VAL GA 181 79.24 -28.53 61.44
C VAL GA 181 79.13 -29.43 62.69
N VAL GA 182 79.49 -28.85 63.84
CA VAL GA 182 79.32 -29.48 65.14
C VAL GA 182 78.36 -28.62 65.96
N ILE GA 183 77.30 -29.26 66.48
CA ILE GA 183 76.32 -28.63 67.35
C ILE GA 183 76.67 -28.97 68.80
N LEU GA 184 76.92 -27.91 69.59
CA LEU GA 184 77.26 -28.03 70.99
C LEU GA 184 76.04 -27.68 71.85
N VAL GA 185 75.74 -28.57 72.81
CA VAL GA 185 74.62 -28.40 73.74
C VAL GA 185 75.19 -28.39 75.16
N ASN GA 186 74.84 -27.35 75.92
CA ASN GA 186 75.17 -27.25 77.33
C ASN GA 186 74.23 -28.16 78.12
N THR GA 187 74.73 -29.36 78.44
CA THR GA 187 73.95 -30.44 79.02
C THR GA 187 73.65 -30.14 80.50
N SER GA 188 74.56 -29.40 81.15
CA SER GA 188 74.45 -29.03 82.55
C SER GA 188 73.41 -27.92 82.74
N ALA GA 189 73.04 -27.25 81.64
CA ALA GA 189 72.07 -26.17 81.66
C ALA GA 189 70.67 -26.70 81.37
N VAL GA 190 70.57 -27.61 80.39
CA VAL GA 190 69.29 -28.11 79.88
C VAL GA 190 68.72 -29.13 80.86
N PHE GA 191 69.50 -30.19 81.13
CA PHE GA 191 69.02 -31.33 81.92
C PHE GA 191 69.65 -31.33 83.31
N GLY GA 192 70.79 -30.64 83.46
CA GLY GA 192 71.53 -30.58 84.71
C GLY GA 192 72.44 -31.79 84.89
N GLY GA 193 73.03 -32.25 83.77
CA GLY GA 193 73.94 -33.37 83.75
C GLY GA 193 73.23 -34.69 83.46
N MET GA 194 73.73 -35.41 82.44
CA MET GA 194 73.25 -36.73 82.09
C MET GA 194 73.95 -37.79 82.92
N LYS GA 195 73.20 -38.82 83.32
CA LYS GA 195 73.66 -39.84 84.25
C LYS GA 195 73.82 -41.17 83.54
N GLN GA 196 74.33 -42.17 84.28
CA GLN GA 196 74.70 -43.48 83.77
C GLN GA 196 73.45 -44.31 83.49
N GLY GA 197 73.45 -44.99 82.33
CA GLY GA 197 72.43 -45.95 81.95
C GLY GA 197 71.07 -45.30 81.73
N GLN GA 198 71.04 -44.21 80.95
CA GLN GA 198 69.83 -43.47 80.66
C GLN GA 198 69.67 -43.35 79.14
N ALA GA 199 68.40 -43.39 78.69
CA ALA GA 199 68.06 -43.35 77.28
C ALA GA 199 67.83 -41.90 76.84
N VAL GA 200 68.40 -41.55 75.68
CA VAL GA 200 68.26 -40.23 75.06
C VAL GA 200 67.71 -40.42 73.65
N THR GA 201 66.60 -39.72 73.37
CA THR GA 201 65.93 -39.78 72.08
C THR GA 201 65.59 -38.36 71.63
N GLY GA 202 65.85 -38.07 70.35
CA GLY GA 202 65.59 -36.75 69.78
C GLY GA 202 65.69 -36.71 68.26
N GLN GA 203 65.42 -35.52 67.70
CA GLN GA 203 65.42 -35.27 66.26
C GLN GA 203 65.95 -33.88 65.96
N ILE GA 204 66.54 -33.73 64.77
CA ILE GA 204 66.94 -32.44 64.22
C ILE GA 204 66.00 -32.16 63.03
N ASN GA 205 65.07 -31.22 63.24
CA ASN GA 205 64.02 -30.94 62.27
C ASN GA 205 64.34 -29.69 61.45
N PRO GA 206 64.55 -29.82 60.12
CA PRO GA 206 64.61 -28.66 59.23
C PRO GA 206 63.22 -28.17 58.84
N SER GA 207 63.16 -27.00 58.19
CA SER GA 207 61.92 -26.42 57.70
C SER GA 207 61.42 -27.23 56.50
N VAL GA 208 62.35 -27.54 55.58
CA VAL GA 208 62.07 -28.36 54.41
C VAL GA 208 63.08 -29.50 54.38
N GLY GA 209 62.56 -30.75 54.36
CA GLY GA 209 63.38 -31.94 54.22
C GLY GA 209 63.05 -33.01 55.27
N SER GA 210 63.90 -34.04 55.31
CA SER GA 210 63.75 -35.16 56.23
C SER GA 210 64.67 -35.01 57.43
N PRO GA 211 64.21 -35.32 58.67
CA PRO GA 211 64.99 -35.08 59.88
C PRO GA 211 66.10 -36.10 60.14
N GLY GA 212 67.10 -35.68 60.94
CA GLY GA 212 68.15 -36.55 61.45
C GLY GA 212 67.81 -37.09 62.82
N ILE GA 213 68.12 -38.37 63.04
CA ILE GA 213 67.66 -39.12 64.20
C ILE GA 213 68.79 -39.23 65.23
N ILE GA 214 68.46 -38.94 66.49
CA ILE GA 214 69.35 -39.11 67.62
C ILE GA 214 68.72 -40.13 68.57
N GLN GA 215 69.43 -41.24 68.80
CA GLN GA 215 69.00 -42.29 69.73
C GLN GA 215 70.23 -43.04 70.24
N PHE GA 216 70.47 -42.93 71.55
CA PHE GA 216 71.58 -43.60 72.23
C PHE GA 216 71.24 -43.80 73.71
N THR GA 217 71.92 -44.80 74.31
CA THR GA 217 71.90 -45.03 75.74
C THR GA 217 73.28 -44.72 76.31
N THR GA 218 73.31 -43.93 77.39
CA THR GA 218 74.53 -43.54 78.07
C THR GA 218 75.20 -44.77 78.69
N PRO GA 219 76.55 -44.87 78.67
CA PRO GA 219 77.25 -46.03 79.24
C PRO GA 219 76.94 -46.28 80.72
N SER GA 220 77.13 -47.55 81.14
CA SER GA 220 76.80 -48.00 82.48
C SER GA 220 77.74 -47.38 83.51
N ALA GA 221 79.00 -47.15 83.10
CA ALA GA 221 80.00 -46.49 83.94
C ALA GA 221 80.90 -45.62 83.06
N PHE GA 222 81.03 -44.34 83.47
CA PHE GA 222 81.94 -43.41 82.82
C PHE GA 222 83.35 -43.64 83.33
N THR GA 223 84.26 -44.00 82.42
CA THR GA 223 85.60 -44.43 82.76
C THR GA 223 86.64 -43.43 82.25
N GLU GA 224 86.29 -42.70 81.17
CA GLU GA 224 87.17 -41.71 80.58
C GLU GA 224 86.45 -40.36 80.46
N THR GA 225 87.23 -39.31 80.17
CA THR GA 225 86.76 -37.93 80.17
C THR GA 225 85.87 -37.68 78.95
N VAL GA 226 86.37 -38.02 77.76
CA VAL GA 226 85.63 -37.89 76.51
C VAL GA 226 85.24 -39.28 76.02
N MET GA 227 83.93 -39.46 75.76
CA MET GA 227 83.36 -40.74 75.38
C MET GA 227 82.56 -40.60 74.09
N GLU GA 228 82.53 -41.67 73.31
CA GLU GA 228 81.68 -41.78 72.12
C GLU GA 228 80.35 -42.41 72.52
N LEU GA 229 79.26 -41.74 72.15
CA LEU GA 229 77.91 -42.14 72.55
C LEU GA 229 77.20 -42.84 71.40
N GLN GA 230 77.27 -42.24 70.20
CA GLN GA 230 76.63 -42.77 69.01
C GLN GA 230 77.65 -42.78 67.85
#